data_7TQL
#
_entry.id   7TQL
#
_cell.length_a   1.00
_cell.length_b   1.00
_cell.length_c   1.00
_cell.angle_alpha   90.00
_cell.angle_beta   90.00
_cell.angle_gamma   90.00
#
_symmetry.space_group_name_H-M   'P 1'
#
loop_
_entity.id
_entity.type
_entity.pdbx_description
1 polymer 'Eukaryotic translation initiation factor 5B'
2 polymer '18S ribosomal RNA'
3 polymer 'Human Met-tRNAiMet'
4 polymer 'Translation initiation factor eIF1A'
5 polymer 'ribosomal protein uS2'
6 polymer '40S ribosomal protein S2'
7 polymer '40S ribosomal protein S4, X isoform'
8 polymer '40S ribosomal protein S3'
9 polymer '40S ribosomal protein S6'
10 polymer '40S ribosomal protein S7'
11 polymer '40S ribosomal protein S8'
12 polymer '40S ribosomal protein S9'
13 polymer '40S ribosomal protein S5'
14 polymer '40S ribosomal protein S11'
15 polymer '40S ribosomal protein S10'
16 polymer 'ribosomal protein uS15'
17 polymer 'ribosomal protein eS12'
18 polymer 'ribosomal protein uS11'
19 polymer '40S ribosomal protein S15'
20 polymer '40S ribosomal protein S16'
21 polymer 'ribosomal protein eS17'
22 polymer 'ribosomal protein uS13'
23 polymer '40S ribosomal protein S19'
24 polymer 'ribosomal protein uS10'
25 polymer '40S ribosomal protein S15a'
26 polymer '40S ribosomal protein S23'
27 polymer 'Isoform 3 of 40S ribosomal protein S24'
28 polymer '40S ribosomal protein S21'
29 polymer 'ribosomal protein eS25'
30 polymer '40S ribosomal protein S27'
31 polymer '40S ribosomal protein S26'
32 polymer 'ribosomal protein eS28'
33 polymer 'ribosomal protein eS30'
34 polymer 'ribosomal protein uS14'
35 polymer '40S ribosomal protein S27a'
36 polymer 'ribosomal protein eL41'
37 polymer 'Receptor of activated protein C kinase 1'
38 non-polymer 'PHOSPHOAMINOPHOSPHONIC ACID-GUANYLATE ESTER'
39 non-polymer "GUANOSINE-5'-MONOPHOSPHATE"
40 non-polymer 'ZINC ION'
#
loop_
_entity_poly.entity_id
_entity_poly.type
_entity_poly.pdbx_seq_one_letter_code
_entity_poly.pdbx_strand_id
1 'polypeptide(L)'
;EERAYDKAKRRIEKRRLEHSKNVTEKDKLRAPIICVLGHVDTGKTKILDKLRHTHVQDGEAGGITQQIGATNVPLEAINE
QTKMIKNFDRENVRIPGMLIIDTPGHESFSNLRNRGSSLCDIAILVVDIMHGLEPQTIESINLLKSKKCPFIVALNKIDR
LYDWKKSPDSDVAATLKKQKKNTKDEFEERAKAIIVEFAQQGLNAALFYENKDPRTFVSLVPTSAHTGDGMGSLIYLLVE
LTQTMLSKRLAHCEELRAQVMEVKALPGMGTTIDVILINGRLKEGDTIIVPGVEGPIVTQIRGLLTPPPMKELRVKNQYE
KHKEVEAAQGVKILGKDLEKTLAGLPLLVAYKEDEIPVLKDELIHELKQTLNAIKLEEKGVYVQASTLGSLEALLEFLKT
SEVPYAGINIGPVHKKDVMKASVMLEHDPQYAVILAFDVRIERDAQEMADSLGVRIFSAEIIYHLFDAFTKYRQDYKKQK
QEEFKHIAVFPCKIKILPQYIFNSRDPIVMGVTVEAGQVKQGTPMCVPSKNFVDIGIVTSIEINHKQVDVAKKGQEVCVK
IEPIPGESPKMFGRHFEATDILVSKISRQSIDALKDWFRDEMQKSDWQLIVELKKVFEI
;
1
2 'polyribonucleotide'
;UACCUGGUUGAUCCUGCCAGUAGCAUAUGCUUGUCUCAAAGAUUAAGCCAUGCAUGUCUAAGUACGCACGGCCGGUACAG
UGAAACUGCGAAUGGCUCAUUAAAUCAGUUAUGGUUCCUUUGGUCGCUCGUACUUGGAUAACUGUGGUAAUUCUAGAGCU
AAUACAUGCCGACGGGCGCUGACCCCCUUCGCGGGGGGGAUGCGUGCAUUUAUCAGUGGUGACUCUAGAUAACCUCGGGC
CGAUCGCACGCCGGCGGCGACGACCCAUUCGAACGUCUGCCCUAUCAACUUUCGAUGGUAGUCGCCGUGCCUACCAUGGU
GACCACGGGUGACGGGGAAUCAGGGUUCGAUUCCGGAGAGGGAGCCUGAGAAACGGCUACCACAUCCAAGGAAGGCAGCA
GGCGCGCAAAUUACCCACUCCCGACCCGGGGAGGUAGUGACGAAAAAUAACAAUACAGGACUCUUUCGAGGCCCUGUAAU
UGGAAUGAGUCCACUUUAAAUCCUUUAACGAGGAUCCAUUGGAGGGCAAGUCUGGUGCCAGCAGCCGCGGUAAUUCCAGC
UCCAAUAGCGUAUAUUAAAGUUGCUGCAGUUAAAAAGCUCGUAGUUGGAUCUCUAGCGUUUACUUUGAAAAAAUUAGAGU
GUUCAAAGCAGGCCGCCUGGAUACCGCAGCUAGGAAUAAUGGAAUAGGACCGCGGUUCUAUUUUGUUGGUUUUCGGAACU
GAGGCCAUGAUUAAGAGGGACGGCCGGGGGCAUUCGUAUUGCGCCGCUAGAGGUGAAAUUCUUGGACCGGCGCAAGACGG
ACCAGAGCGAAAGCAUUUGCCAAGAAUGUUUUCAUUAAUCAAGAACGAAAGUCGGAGGUUCGAAGACGAUCAGAUACCGU
CGUAGUUCCGACCAUAAACGAUGCCGACCGGCGAUGCGGCGGCGUUAUUCCCAUGACCCGCCGGGCAGCUUCCGGGAAAC
CAAAGUCUUUGGGUUCCGGGGGGAGUAUGGUUGCAAAGCUGAAACUUAAAGGAAUUGACGGAAGGGCACCACCAGGAGUG
GAGCCUGCGGCUUAAUUUGACUCAACACGGGAAACCUCACCCGGCCCGGACACGGACAGGAUUGACAGAUUGAUAGCUCU
UUCUCGAUUCCGUGGGUGGUGGUGCAUGGCCGUUCUUAGUUGGUGGAGCGAUUUGUCUGGUUAAUUCCGAUAACGAACGA
GACUCUGGCAUGCUAACUAGUUACGCGACCGGUCGGCGUAACUUCUUAGAGGGACAAGUGGCGUUCAGCCACCCGAGAUU
GAGCAAUAACAGGUCUGUGAUGCCCUUAGAUGUCCGGGGCUGCACGCGCGCUACACUGACUGGCUCAGCGUGUCCUACGC
CGGCAGGCGCGGGUAACCCGUUGAACCCCAUUCGUGAUGGGGAUCGGGGAUUGCAAUUAUUCCCCAUGAACGAGGAAUUC
CCAGUAAGUGCGGGUCAUAAGCUUGCGUUGAUUAAGUCCCUGCCCUUUGUACACACCGCCCGUCGCUACUACCGAUUGGA
UGGUUUAGUGAGGCCCUCGGAUCGGCCCCGCCGGGGUGCCCUGGCGGAGCGCUGAGAAGACGGUCGAACUUGACUAUCUA
GAGGAAGUAAAAGUCGUAACAAGGUUUCCGUAGGUGAACCUGCGGAAGGAUCAUUA
;
2
3 'polyribonucleotide' AGCAGAGUGGCGCAGCGGAAGCGUGCUGGGCCCAUAACCCAGAGGUCGAUGGAUCGAAACCAUCCUCUGCUACCA 3
4 'polypeptide(L)'
;RELVFKEDGQEYAQVIKMLGNGRLEAMCFDGVKRLCHIRGKLRKKVWINTSDIILVGLRDYQDNKADVILKYNADEARSL
KAYGELPEHA
;
4
5 'polypeptide(L)'
;SGALDVLQMKEEDVLKFLAAGTHLGGTNLDFQMEQYIYKRKSDGIYIINLKRTWEKLLLAARAIVAIENPADVSVISSRN
TGQRAVLKFAAATGATPIAGRFTPGTFTNQIQAAFREPRLLVVTDPRADHQPLTEASYVNLPTIALCNTDSPLRYVDIAI
PCNNKGAHSVGLMWWMLAREVLRMRGTISREHPWEVMPDLYFYRDPVVDPFSKKDWYDVKAPAMFNIRNIGKTLVTRTQG
TKIASDGLKGRVFEVSLADLQNDEVAFRKFKLITEDVQGKNCLTNFHGMDLTRDKMCSMVKKWQTMIEAHVDVKTTDGYL
LRLFCVGFTKKRNNQIRKTSYAQHQQVRQIRKKMMEIMTREVQTNDLKEVVNKLIPDSIGKDIEKACQSIYPLHDVFVRK
VKMLKKPKFELGKLMELHG
;
B,C
6 'polypeptide(L)'
;EWMPVTKLGRLVKDMKIKSLEEIYLFSLPIKESEIIDFFLGASLKDEVLKIMPVQKQTRAGQRTRFKAFVAIGDYNGHVG
LGVKCSKEVATAIRGAIILAKLSIVPVRRGYWGNKIGKPHTVPCKVTGRCGSVLVRLIPAPRGTGIVSAPVPKKLLMMAG
IDDCYTSARGCTATLGNFAKATFDAISKTYSYLTPDLWKETVFTKSPYQEFTDHLVKT
;
D
7 'polypeptide(L)'
;ARGPKKHLKRVAAPKHWMLDKLTGVFAPRPSTGPHKLRECLPLIIFLRNRLKYALTGDEVKKICMQRFIKIDGKVRTDIT
YPAGFMDVISIDKTGENFRLIYDTKGRFAVHRITPEEAKYKLCKVRKIFVGTKGIPHLVTHDARTIRYPDPLIKVNDTIQ
IDLETGKITDFIKFDTGNLCMVTGGANLGRIGVITNRERHPGSFDVVHVKDANGNSFATRLSNIFVIGKGNKPWISLPRG
KGIRLTIAEERDKRLAAK
;
E
8 'polypeptide(L)'
;VQISKKRKFVADGIFKAELNEFLTRELAEDGYSGVEVRVTPTRTEIIILATRTQNVLGEKGRRIRELTAVVQKRFGFPEG
SVELYAEKVATRGLCAIAQAESLRYKLLGGLAVRRACYGVLRFIMESGAKGCEVVVSGKLRGQRAKSMKFVDGLMIHSGD
PVNYYVDTAVRHVLLRQGVLGIKVKIMLPWDPTGKIGPKKPLPDHVSIVEPKDEILPTTPISEQK
;
F
9 'polypeptide(L)'
;MKLNISFPATGCQKLIEVDDERKLRTFYEKRMATEVAADALGEEWKGYVVRISGGNDKQGFPMKQGVLTHGRVRLLLSKG
HSCYRPRRTGERKRKSVRGCIVDANLSVLNLVIVKKGEKDIPGLTDTTVPRRLGPKRASRIRKLFNLSKEDDVRQYVVRK
PLNKEGKKPRTKAPKIQRLVTPRVLQHKRRRIALKKQRTKKNKEEAAEYAKLLAKRMKEAKEKRQE
;
G
10 'polypeptide(L)'
;IVKPNGEKPDEFESGISQALLELEMNSDLKAQLRELNITAAKEIEVGGGRKAIIIFVPVPQLKSFQKIQVRLVRELEKKF
SGKHVVFIAQRRILPKPTRKSRTKNKQKRPRSRTLTAVHDAILEDLVFPSEIVGKRIRVKLDGSRLIKVHLDKAQQNNVE
HKVETFSGVYKKLTGKDVNFEFPEF
;
H
11 'polypeptide(L)'
;GISRDNWHKRRKTGGKRKPYHKKRKYELGRPAANTKIGPRRIHTVRVRGGNKKYRALRLDVGNFSWGSECCTRKTRIIDV
VYNASNNELVRTKTLVKNCIVLIDSTPYRQWYESHYALPLGRKKGAKLTPEEEEILNKKRSKKIQKKYDERKKNAKISSL
LEEQFQQGKLLACIASRPGQCGRADGYVLEGKELEFYLRKIKARK
;
I
12 'polypeptide(L)'
;PVARSWVCRKTYVTPRRPFEKSRLDQELKLIGEYGLRNKREVWRVKFTLAKIRKAARELLTLDEKDPRRLFEGNALLRRL
VRIGVLDEGKMKLDYILGLKIEDFLERRLQTQVFKLGLAKSIHHARVLIRQRHIRVRKQVVNIPSFIVRLDSQKHIDFSL
RSPYGGGRPGRVKRKNAKKG
;
J
13 'polypeptide(L)'
;DIKLFGKWSTDDVQINDISLQDYIAVKEKYAKYLPHSAGRYAAKRFRKAQCPIVERLTNSMMMHGRNNGKKLMTVRIVKH
AFEIIHLLTGENPLQVLVNAIINSGPREDSTRIGRAGTVRRQAVDVSPLRRVNQAIWLLCTGAREAAFRNIKTIAECLAD
ELINAAKGSSNSYAIKKKDELERVAKSNR
;
K
14 'polypeptide(L)'
;ADIQTERAYQKQPTIFQNKKRVLLGETGKEKLPRYYKNIGLGFKTPKEAIEGTYIDKKCPFTGNVSIRGRILSGVVTKMK
MQRTIVIRRDYLHYIRKYNRFEKRHKNMSVHLSPCFRDVQIGDIVTVGECRPLSKTVRFNVLKVTKA
;
L
15 'polypeptide(L)'
;MLMPKKNRIAIYELLFKEGVMVAKKDVHMPKHPELADKNVPNLHVMKAMQSLKSRGYVKEQFAWRHFYWYLTNEGIQYLR
DYLHLPPEIVPATLRRS
;
M
16 'polypeptide(L)'
;GRMHAPGKGLSQSALPYRRSVPTWLKLTSDDVKEQIYKLAKKGLTPSQIGVILRDSHGVAQVRFVTGNKILRILKSKGLA
PDLPEDLYHLIKKAVAVRKHLERNRKDKDAKFRLILIESRIHRLARYYKTKRVLPPNWKYE
;
N
17 'polypeptide(L)'
;GVMDVNTALQEVLKTALIHDGLARGIREAAKALDKRQAHLCVLASNCDEPMYVKLVEALCAEHQINLIKVDDNKKLGEWV
GLCKIDREGKPRKVVGCSCVVVKDYGKESQAKDVIEEYFK
;
O
18 'polypeptide(L)'
;GPQVAEGENVFGVCHIFASFNDTFVHVTDLSGKETICRVTGGMKVKADRDESSPYAAMLAAQDVAQRCKELGITALHIKL
RATGGNRTKTPGPGAQSALRALARSGMKIGRIEDVTPIPSDSTRRKGGRRGRRL
;
P
19 'polypeptide(L)'
;FTYRGVDLDQLLDMSYEQLMQLYSARQRRRLNRGLRRKQHSLLKRLRKAKKEAPPMEKPEVVKTHLRDMIILPEMVGSMV
GVYNGKTFNQVEIKPEMIGHYLGEFSITYKPVKHG
;
Q
20 'polypeptide(L)'
;QSVQVFGRKKTATAVAHCKRGNGLIKVNGRPLEMIEPRTLQYKLLEPVLLLGKERFAGVDIRVRVKGGGHVAQIYAIRQS
ISKALVAYYQKYVDEASKKEIKDILIQYDRTLLVADPRRCESKKFGGPGARARYQKSYR
;
R
21 'polypeptide(L)'
;GRVRTKTVKKAARVIIEKYYTRLGNDFHTNKRVCEEIAIIPSKKLRNKIAGYVTHLMKRIQRGPVRGISIKLQEEERERR
DNYVPEVSALDQEIIEVDPDTKEMLKLLDFGSLSNLQVTQPTVGMNFKTPRG
;
S
22 'polypeptide(L)'
;LVIPEKFQHILRVLNTNIDGRRKIAFAITAIKGVGRRYAHVVLRKADIDLTKRAGELTEDEVERVITIMQNPRQYKIPDW
FLNRQKDVKDGKYSQVLANGLDNKLREDLERLKKIRAHRGLRHFWGLRVRGQHTKTTGRR
;
T
23 'polypeptide(L)'
;VTVKDVNQQEFVRALAAFLKKSGKLKVPEWVDTVKLAKHKELAPYDENWFYTRAASTARHLYLRGGAGVGSMTKIYGGRQ
RNGVMPSHFSRGSKSVARRVLQALEGLKMVEKDQDGGRKLTPQGQRDLDRIAGQVAAAN
;
U
24 'polypeptide(L)'
;IHRIRITLTSRNVKSLEKVCADLIRGAKEKNLKVKGPVRMPTKTLRITTRKTPCGEGSKTWDRFQMRIHKRLIDLHSPSE
IVKQITSISIEPGVEVEVTIA
;
V
25 'polypeptide(L)'
;VRMNVLADALKSINNAEKRGKRQVLIRPCSKVIVRFLTVMMKHGYIGEFEIIDDHRAGKIVVNLTGRLNKCGVISPRFDV
QLKDLEKWQNNLLPSRQFGFIVLTTSAGIMDHEEARRKHTGGKILGFFF
;
W
26 'polypeptide(L)'
;GKCRGLRTARKLRSHRRDQKWHDKQYKKAHLGTALKANPFGGASHAKGIVLEKVGVEAKQPNSAIRKCVRVQLIKNGKKI
TAFVPNDGCLNFIEENDEVLVAGFGRKGHAVGDIPGVRFKVVKVANVSLLALYKGKKERPR
;
X
27 'polypeptide(L)'
;TVTIRTRKFMTNRLLQRKQMVIDVLHPGKATVPKTEIREKLAKMYKTTPDVIFVFGFRTHFGGGKTTGFGMIYDSLDYAK
KNEPKHRLARHGLYEKKKTSRKQRKERKNRMKKVRGTAKANVG
;
Y
28 'polypeptide(L)'
;MQNDAGEFVDLYVPRKCSASNRIIGAKDHASIQMNVAEVDKVTGRFNGQFKTYAICGAIRRMGESDDSILRLAKADGIVS
KN
;
Z
29 'polypeptide(L)' DKLNNLVLFDKATYDKLCKEVPNYKLITPAVVSERLKIRGSLARAALQELLSKGLIKLVSKHRAQVIYTRNT a
30 'polypeptide(L)'
;PLAKDLLHPSPEEEKRKHKKKRLVQSPNSYFMDVKCPGCYKITTVFSHAQTVVLCVGCSTVLCQPTGGKARLTEGCSFRR
KQ
;
b
31 'polypeptide(L)'
;TKKRRNNGRAKKGRGHVQPIRCTNCARCVPKDKAIKKFVIRNIVEAAAVRDISEASVFDAYVLPKLYVKLHYCVSCAIHS
KVVRNRSREARKDRTPPPR
;
c
32 'polypeptide(L)' PIKLARVTKVLGRTGSQGQCTQVRVEFMDDTSRSIIRNVKGPVREGDVLTLLESEREA d
33 'polypeptide(L)' AAAAAARAGKVRGQTPKVAKQEKKKKKTGRAKRRMQYNRRFVNVKGPNANS e
34 'polypeptide(L)' HQQLYWSHPRKFGQGSRSCRVCSNRHGLIRKYGLNMCRQCFRQYAKDIGFIKLD f
35 'polypeptide(L)' YTTPKKNKHKRKKVKLAVLKYYKVDENGKISRLRRECPSDECGAGVFMASHFDRHYCGKCCLTYC g
36 'polypeptide(L)' MRAKWRKKRMRRLKRKRRK h
37 'polypeptide(L)'
;TEQMTLRGTLKGHNGWVTQIATTPQFPDMILSASRDKTIIMWKLTRDETNYGIPQRALRGHSHFVSDVVISSDGQFALSG
SWDGTLRLWDLTTGTTTRRFVGHTKDVLSVAFSSDNRQIVSGSRDKTIKLWNTLGVCKYTVQDESHSEWVSCVRFSPNSS
NPIIVSCGWDKLVKVWNLANCKLKTNHIGHTGYLNTVTVSPDGSLCASGGKDGQAMLWDLNEGKHLYTLDGGDIINALCF
SPNRYWLCAATGPSIKIWDLEGKIIVDELKQEVISTSSKAEPPQCTSLAWSADGQTLFAGYTDNLVRVWQVTIG
;
j
#
loop_
_chem_comp.id
_chem_comp.type
_chem_comp.name
_chem_comp.formula
5GP non-polymer GUANOSINE-5'-MONOPHOSPHATE 'C10 H14 N5 O8 P'
A RNA linking ADENOSINE-5'-MONOPHOSPHATE 'C10 H14 N5 O7 P'
C RNA linking CYTIDINE-5'-MONOPHOSPHATE 'C9 H14 N3 O8 P'
G RNA linking GUANOSINE-5'-MONOPHOSPHATE 'C10 H14 N5 O8 P'
GNP non-polymer 'PHOSPHOAMINOPHOSPHONIC ACID-GUANYLATE ESTER' 'C10 H17 N6 O13 P3'
U RNA linking URIDINE-5'-MONOPHOSPHATE 'C9 H13 N2 O9 P'
ZN non-polymer 'ZINC ION' 'Zn 2'
#
# COMPACT_ATOMS: atom_id res chain seq x y z
N GLU A 1 -33.36 16.47 51.10
CA GLU A 1 -33.93 16.73 49.74
C GLU A 1 -35.45 16.96 49.86
N GLU A 2 -36.26 15.90 49.70
CA GLU A 2 -37.74 15.97 49.73
C GLU A 2 -38.21 16.34 51.15
N ARG A 3 -37.48 15.88 52.17
CA ARG A 3 -37.76 16.15 53.62
C ARG A 3 -37.40 17.61 53.92
N ALA A 4 -36.34 18.13 53.30
CA ALA A 4 -35.94 19.57 53.36
C ALA A 4 -37.00 20.42 52.65
N TYR A 5 -37.48 19.95 51.49
CA TYR A 5 -38.58 20.56 50.68
C TYR A 5 -39.86 20.62 51.51
N ASP A 6 -40.21 19.52 52.19
CA ASP A 6 -41.44 19.38 53.03
C ASP A 6 -41.38 20.37 54.19
N LYS A 7 -40.28 20.39 54.96
CA LYS A 7 -40.11 21.29 56.14
C LYS A 7 -39.97 22.75 55.66
N ALA A 8 -39.37 22.97 54.48
CA ALA A 8 -39.29 24.30 53.82
C ALA A 8 -40.69 24.84 53.55
N LYS A 9 -41.60 24.00 53.03
CA LYS A 9 -43.01 24.37 52.76
C LYS A 9 -43.74 24.65 54.09
N ARG A 10 -43.49 23.83 55.13
CA ARG A 10 -44.17 23.93 56.44
C ARG A 10 -43.68 25.16 57.22
N ARG A 11 -42.38 25.50 57.14
CA ARG A 11 -41.82 26.72 57.80
C ARG A 11 -42.29 27.97 57.05
N ILE A 12 -42.45 27.89 55.71
CA ILE A 12 -43.11 28.96 54.90
C ILE A 12 -44.53 29.17 55.45
N GLU A 13 -45.30 28.09 55.67
CA GLU A 13 -46.69 28.13 56.21
C GLU A 13 -46.68 28.77 57.60
N LYS A 14 -45.76 28.37 58.49
CA LYS A 14 -45.56 28.97 59.84
C LYS A 14 -45.38 30.49 59.70
N ARG A 15 -44.41 30.91 58.88
CA ARG A 15 -44.03 32.34 58.69
C ARG A 15 -45.24 33.18 58.25
N ARG A 16 -45.99 32.74 57.23
CA ARG A 16 -47.16 33.49 56.70
C ARG A 16 -48.30 33.50 57.74
N LEU A 17 -48.46 32.43 58.53
CA LEU A 17 -49.43 32.37 59.66
C LEU A 17 -49.04 33.39 60.74
N GLU A 18 -47.75 33.47 61.09
CA GLU A 18 -47.20 34.49 62.04
C GLU A 18 -47.43 35.90 61.47
N HIS A 19 -47.20 36.07 60.16
CA HIS A 19 -47.37 37.37 59.43
C HIS A 19 -48.85 37.69 59.20
N SER A 20 -49.76 36.71 59.39
CA SER A 20 -51.24 36.91 59.40
C SER A 20 -51.73 37.21 60.82
N LYS A 21 -51.17 36.54 61.85
CA LYS A 21 -51.62 36.67 63.27
C LYS A 21 -50.90 37.81 64.00
N ASN A 22 -50.02 38.47 63.27
CA ASN A 22 -49.25 39.57 63.74
C ASN A 22 -50.32 40.64 63.70
N VAL A 23 -50.69 41.05 62.49
CA VAL A 23 -51.81 41.96 62.21
C VAL A 23 -52.03 43.27 62.98
N THR A 24 -51.06 44.17 63.03
CA THR A 24 -51.29 45.43 63.76
C THR A 24 -52.42 46.33 63.25
N GLU A 25 -53.37 46.57 64.15
CA GLU A 25 -54.58 47.42 64.06
C GLU A 25 -54.39 48.66 64.95
N LYS A 26 -55.47 49.40 65.23
CA LYS A 26 -55.49 50.64 66.05
C LYS A 26 -54.59 51.70 65.40
N ASP A 27 -55.04 52.27 64.28
CA ASP A 27 -54.43 53.45 63.62
C ASP A 27 -53.10 53.03 62.97
N LYS A 28 -52.18 53.98 62.73
CA LYS A 28 -50.91 53.83 61.95
C LYS A 28 -51.17 52.94 60.72
N LEU A 29 -51.94 53.46 59.77
CA LEU A 29 -52.36 52.76 58.52
C LEU A 29 -51.28 52.94 57.43
N ARG A 30 -51.46 52.26 56.30
CA ARG A 30 -50.57 52.29 55.11
C ARG A 30 -50.97 53.44 54.18
N ALA A 31 -49.99 54.03 53.48
CA ALA A 31 -50.18 55.09 52.46
C ALA A 31 -50.94 54.52 51.26
N PRO A 32 -52.08 55.12 50.86
CA PRO A 32 -52.83 54.64 49.69
C PRO A 32 -52.11 54.95 48.37
N ILE A 33 -52.34 54.12 47.35
CA ILE A 33 -51.71 54.21 45.99
C ILE A 33 -52.71 54.91 45.06
N ILE A 34 -52.64 56.25 44.98
CA ILE A 34 -53.60 57.12 44.24
C ILE A 34 -53.23 57.08 42.75
N CYS A 35 -54.06 56.45 41.92
CA CYS A 35 -53.88 56.33 40.44
C CYS A 35 -54.56 57.52 39.74
N VAL A 36 -54.02 57.95 38.60
CA VAL A 36 -54.56 59.09 37.78
C VAL A 36 -54.60 58.65 36.30
N LEU A 37 -55.80 58.59 35.71
CA LEU A 37 -56.04 58.22 34.29
C LEU A 37 -56.57 59.44 33.52
N GLY A 38 -56.55 59.37 32.18
CA GLY A 38 -57.11 60.40 31.28
C GLY A 38 -57.20 59.89 29.84
N HIS A 39 -57.40 60.80 28.88
CA HIS A 39 -57.61 60.49 27.44
C HIS A 39 -56.28 60.63 26.66
N VAL A 40 -55.85 61.86 26.36
CA VAL A 40 -54.63 62.15 25.54
C VAL A 40 -53.93 63.44 26.05
N ASP A 41 -54.65 64.57 26.08
CA ASP A 41 -54.12 65.90 26.46
C ASP A 41 -55.14 66.59 27.39
N THR A 42 -55.67 65.83 28.35
CA THR A 42 -56.71 66.27 29.32
C THR A 42 -56.06 67.09 30.44
N GLY A 43 -54.96 66.57 31.01
CA GLY A 43 -54.26 67.14 32.18
C GLY A 43 -54.16 66.16 33.34
N LYS A 44 -53.90 64.87 33.04
CA LYS A 44 -53.72 63.78 34.05
C LYS A 44 -52.39 63.98 34.78
N THR A 45 -51.34 64.43 34.06
CA THR A 45 -50.04 64.88 34.63
C THR A 45 -49.98 66.41 34.59
N LYS A 46 -48.93 66.99 35.18
CA LYS A 46 -48.66 68.45 35.30
C LYS A 46 -49.52 69.06 36.42
N ILE A 47 -50.72 68.52 36.67
CA ILE A 47 -51.49 68.71 37.94
C ILE A 47 -50.67 68.14 39.11
N LEU A 48 -49.96 67.03 38.89
CA LEU A 48 -49.07 66.39 39.90
C LEU A 48 -47.88 67.31 40.17
N ASP A 49 -47.27 67.86 39.11
CA ASP A 49 -46.20 68.89 39.17
C ASP A 49 -46.70 70.11 39.95
N LYS A 50 -47.98 70.48 39.79
CA LYS A 50 -48.62 71.60 40.53
C LYS A 50 -48.83 71.20 42.00
N LEU A 51 -49.18 69.94 42.28
CA LEU A 51 -49.28 69.41 43.66
C LEU A 51 -47.90 69.47 44.34
N ARG A 52 -46.88 68.91 43.70
CA ARG A 52 -45.50 68.80 44.27
C ARG A 52 -44.73 70.12 44.10
N HIS A 53 -45.20 71.04 43.24
CA HIS A 53 -44.57 72.35 42.95
C HIS A 53 -43.21 72.14 42.26
N THR A 54 -43.24 71.46 41.11
CA THR A 54 -42.06 71.20 40.22
C THR A 54 -42.16 72.11 38.99
N HIS A 55 -41.07 72.82 38.67
CA HIS A 55 -40.99 73.81 37.56
C HIS A 55 -40.93 73.11 36.20
N VAL A 56 -40.31 71.93 36.13
CA VAL A 56 -40.09 71.15 34.87
C VAL A 56 -41.29 70.22 34.63
N GLN A 57 -42.19 70.62 33.72
CA GLN A 57 -43.32 69.80 33.22
C GLN A 57 -43.13 69.54 31.71
N ASP A 58 -42.90 70.60 30.93
CA ASP A 58 -42.83 70.60 29.44
C ASP A 58 -41.61 69.79 28.94
N GLY A 59 -40.59 69.57 29.78
CA GLY A 59 -39.40 68.77 29.43
C GLY A 59 -39.72 67.28 29.30
N GLU A 60 -40.52 66.91 28.29
CA GLU A 60 -40.88 65.51 27.93
C GLU A 60 -40.59 65.21 26.45
N ALA A 61 -40.18 66.21 25.66
CA ALA A 61 -39.99 66.15 24.19
C ALA A 61 -41.29 65.67 23.52
N GLY A 62 -42.42 66.30 23.89
CA GLY A 62 -43.78 65.95 23.42
C GLY A 62 -44.82 66.21 24.50
N GLY A 63 -46.06 66.46 24.09
CA GLY A 63 -47.21 66.71 24.98
C GLY A 63 -47.64 65.48 25.74
N ILE A 64 -47.30 64.28 25.24
CA ILE A 64 -47.68 62.95 25.82
C ILE A 64 -46.53 62.40 26.67
N THR A 65 -46.85 61.53 27.63
CA THR A 65 -45.91 60.80 28.53
C THR A 65 -45.98 59.29 28.20
N GLN A 66 -44.87 58.56 28.36
CA GLN A 66 -44.75 57.12 28.00
C GLN A 66 -43.95 56.37 29.09
N GLN A 67 -44.50 56.30 30.31
CA GLN A 67 -43.99 55.46 31.43
C GLN A 67 -44.93 55.56 32.64
N ILE A 68 -44.69 54.73 33.66
CA ILE A 68 -45.35 54.78 35.00
C ILE A 68 -44.32 55.34 36.00
N GLY A 69 -44.79 56.03 37.04
CA GLY A 69 -43.93 56.61 38.10
C GLY A 69 -44.74 57.06 39.31
N ALA A 70 -44.14 57.05 40.49
CA ALA A 70 -44.84 57.51 41.68
C ALA A 70 -44.17 58.74 42.29
N THR A 71 -44.89 59.83 42.35
CA THR A 71 -44.38 61.09 42.87
C THR A 71 -43.97 61.10 44.33
N ASN A 72 -44.55 60.23 45.15
CA ASN A 72 -44.23 60.09 46.58
C ASN A 72 -44.39 61.23 47.57
N VAL A 73 -45.49 61.98 47.47
CA VAL A 73 -45.71 63.06 48.41
C VAL A 73 -45.88 62.49 49.80
N PRO A 74 -45.22 63.11 50.79
CA PRO A 74 -45.12 62.85 52.22
C PRO A 74 -45.68 63.98 53.05
N LEU A 75 -46.47 63.63 54.04
CA LEU A 75 -47.13 64.58 54.95
C LEU A 75 -46.78 66.07 55.10
N GLU A 76 -45.50 66.50 55.15
CA GLU A 76 -45.18 67.95 55.24
C GLU A 76 -45.93 68.72 54.14
N ALA A 77 -45.92 68.19 52.90
CA ALA A 77 -46.57 68.79 51.72
C ALA A 77 -48.09 68.81 51.89
N ILE A 78 -48.67 67.73 52.44
CA ILE A 78 -50.13 67.60 52.74
C ILE A 78 -50.49 68.71 53.74
N ASN A 79 -49.74 68.80 54.84
CA ASN A 79 -49.92 69.80 55.93
C ASN A 79 -49.76 71.22 55.38
N GLU A 80 -48.73 71.45 54.55
CA GLU A 80 -48.39 72.77 53.94
C GLU A 80 -49.57 73.28 53.09
N GLN A 81 -50.09 72.44 52.20
CA GLN A 81 -51.25 72.78 51.32
C GLN A 81 -52.56 72.77 52.12
N THR A 82 -52.61 72.00 53.22
CA THR A 82 -53.80 71.90 54.13
C THR A 82 -53.95 73.22 54.90
N LYS A 83 -52.87 73.70 55.53
CA LYS A 83 -52.84 74.95 56.35
C LYS A 83 -53.28 76.17 55.53
N MET A 84 -53.20 76.11 54.19
CA MET A 84 -53.62 77.19 53.25
C MET A 84 -55.12 77.47 53.40
N ILE A 85 -55.97 76.43 53.35
CA ILE A 85 -57.46 76.55 53.48
C ILE A 85 -57.91 76.08 54.89
N LYS A 86 -57.16 75.16 55.52
CA LYS A 86 -57.37 74.63 56.90
C LYS A 86 -58.83 74.22 57.12
N ASN A 87 -59.19 72.99 56.73
CA ASN A 87 -60.56 72.41 56.84
C ASN A 87 -60.73 71.74 58.21
N PHE A 88 -60.09 70.58 58.41
CA PHE A 88 -60.33 69.66 59.57
C PHE A 88 -59.00 69.07 60.09
N ASP A 89 -58.97 68.75 61.39
CA ASP A 89 -58.00 67.84 62.06
C ASP A 89 -56.57 68.35 61.87
N ARG A 90 -56.21 69.44 62.56
CA ARG A 90 -54.85 70.05 62.55
C ARG A 90 -53.85 69.08 63.18
N GLU A 91 -52.79 68.72 62.45
CA GLU A 91 -51.77 67.69 62.82
C GLU A 91 -52.51 66.38 63.16
N ASN A 92 -53.18 65.80 62.16
CA ASN A 92 -53.88 64.50 62.26
C ASN A 92 -52.83 63.39 62.40
N VAL A 93 -52.93 62.59 63.47
CA VAL A 93 -52.04 61.42 63.74
C VAL A 93 -52.46 60.25 62.84
N ARG A 94 -53.74 60.18 62.47
CA ARG A 94 -54.39 59.03 61.81
C ARG A 94 -53.97 58.90 60.33
N ILE A 95 -53.39 59.95 59.73
CA ILE A 95 -52.98 59.97 58.29
C ILE A 95 -51.66 59.21 58.12
N PRO A 96 -51.64 58.08 57.35
CA PRO A 96 -50.40 57.53 56.83
C PRO A 96 -49.54 58.51 56.00
N GLY A 97 -50.16 59.14 54.99
CA GLY A 97 -49.49 59.97 53.97
C GLY A 97 -49.86 59.52 52.56
N MET A 98 -49.68 60.38 51.56
CA MET A 98 -50.16 60.18 50.16
C MET A 98 -49.05 59.54 49.32
N LEU A 99 -49.43 58.66 48.38
CA LEU A 99 -48.54 58.09 47.32
C LEU A 99 -49.31 58.12 45.99
N ILE A 100 -48.99 59.07 45.11
CA ILE A 100 -49.67 59.25 43.78
C ILE A 100 -48.82 58.55 42.71
N ILE A 101 -49.46 57.72 41.87
CA ILE A 101 -48.83 57.02 40.71
C ILE A 101 -49.41 57.62 39.42
N ASP A 102 -48.56 58.06 38.50
CA ASP A 102 -48.96 58.66 37.20
C ASP A 102 -49.00 57.55 36.14
N THR A 103 -50.05 57.56 35.30
CA THR A 103 -50.30 56.58 34.21
C THR A 103 -50.38 57.32 32.89
N PRO A 104 -49.75 56.82 31.79
CA PRO A 104 -49.83 57.46 30.49
C PRO A 104 -51.12 57.06 29.75
N GLY A 105 -51.86 58.04 29.23
CA GLY A 105 -53.15 57.86 28.54
C GLY A 105 -53.02 58.12 27.06
N HIS A 106 -53.50 57.19 26.22
CA HIS A 106 -53.45 57.29 24.74
C HIS A 106 -54.38 56.27 24.07
N GLU A 107 -54.88 56.63 22.88
CA GLU A 107 -55.66 55.76 21.95
C GLU A 107 -54.81 54.54 21.57
N SER A 108 -53.68 54.76 20.90
CA SER A 108 -52.69 53.70 20.54
C SER A 108 -52.00 53.20 21.82
N PHE A 109 -51.47 51.97 21.77
CA PHE A 109 -51.10 51.10 22.91
C PHE A 109 -52.18 51.19 24.02
N SER A 110 -53.46 51.17 23.61
CA SER A 110 -54.69 51.18 24.44
C SER A 110 -54.42 51.57 25.90
N ASN A 111 -54.16 52.86 26.15
CA ASN A 111 -53.95 53.43 27.51
C ASN A 111 -53.00 52.52 28.30
N LEU A 112 -51.78 52.32 27.78
CA LEU A 112 -50.72 51.45 28.37
C LEU A 112 -51.24 50.01 28.51
N ARG A 113 -52.00 49.53 27.50
CA ARG A 113 -52.60 48.16 27.42
C ARG A 113 -53.22 47.73 28.76
N ASN A 114 -53.61 48.70 29.61
CA ASN A 114 -53.77 48.52 31.08
C ASN A 114 -54.95 47.60 31.38
N ARG A 115 -54.90 46.79 32.45
CA ARG A 115 -53.71 46.30 33.16
C ARG A 115 -52.86 47.45 33.73
N GLY A 116 -53.44 48.29 34.60
CA GLY A 116 -52.74 49.40 35.28
C GLY A 116 -51.96 48.92 36.51
N SER A 117 -51.33 47.75 36.41
CA SER A 117 -50.75 46.96 37.53
C SER A 117 -51.71 46.90 38.72
N SER A 118 -53.03 46.92 38.45
CA SER A 118 -54.13 47.12 39.42
C SER A 118 -53.71 48.10 40.52
N LEU A 119 -53.92 47.79 41.81
CA LEU A 119 -53.43 48.55 42.99
C LEU A 119 -53.77 50.04 42.85
N CYS A 120 -54.97 50.35 42.37
CA CYS A 120 -55.52 51.71 42.20
C CYS A 120 -56.52 51.99 43.34
N ASP A 121 -56.00 52.13 44.56
CA ASP A 121 -56.78 52.30 45.82
C ASP A 121 -57.75 53.47 45.65
N ILE A 122 -57.23 54.63 45.23
CA ILE A 122 -58.03 55.84 44.86
C ILE A 122 -57.63 56.23 43.43
N ALA A 123 -58.51 55.98 42.45
CA ALA A 123 -58.30 56.35 41.03
C ALA A 123 -58.90 57.74 40.79
N ILE A 124 -58.09 58.67 40.26
CA ILE A 124 -58.49 60.07 39.90
C ILE A 124 -58.76 60.10 38.39
N LEU A 125 -60.00 60.35 37.98
CA LEU A 125 -60.42 60.40 36.56
C LEU A 125 -60.61 61.88 36.14
N VAL A 126 -59.70 62.39 35.31
CA VAL A 126 -59.83 63.71 34.63
C VAL A 126 -60.91 63.58 33.54
N VAL A 127 -61.89 64.48 33.63
CA VAL A 127 -63.06 64.61 32.77
C VAL A 127 -62.89 65.78 31.81
N ASP A 128 -62.23 66.80 32.30
CA ASP A 128 -61.87 67.94 31.48
C ASP A 128 -62.92 68.69 30.66
N ILE A 129 -64.06 69.00 31.27
CA ILE A 129 -65.16 69.77 30.67
C ILE A 129 -65.21 70.13 29.16
N MET A 130 -64.27 70.97 28.77
CA MET A 130 -64.00 71.56 27.42
C MET A 130 -64.42 70.57 26.32
N HIS A 131 -64.07 69.29 26.45
CA HIS A 131 -64.26 68.24 25.41
C HIS A 131 -65.32 67.21 25.82
N GLY A 132 -65.82 67.24 27.06
CA GLY A 132 -66.77 66.25 27.61
C GLY A 132 -66.10 64.89 27.81
N LEU A 133 -66.87 63.80 27.71
CA LEU A 133 -66.40 62.40 27.88
C LEU A 133 -65.63 61.96 26.62
N GLU A 134 -64.75 60.97 26.76
CA GLU A 134 -63.82 60.46 25.71
C GLU A 134 -63.80 58.93 25.71
N PRO A 135 -63.52 58.26 24.57
CA PRO A 135 -63.59 56.80 24.48
C PRO A 135 -62.64 56.05 25.44
N GLN A 136 -61.45 56.61 25.71
CA GLN A 136 -60.47 56.05 26.67
C GLN A 136 -61.01 56.23 28.10
N THR A 137 -61.77 57.30 28.37
CA THR A 137 -62.37 57.57 29.71
C THR A 137 -63.46 56.52 29.99
N ILE A 138 -64.28 56.17 28.99
CA ILE A 138 -65.38 55.16 29.16
C ILE A 138 -64.76 53.77 29.31
N GLU A 139 -63.70 53.44 28.56
CA GLU A 139 -63.01 52.12 28.67
C GLU A 139 -62.21 52.06 29.98
N SER A 140 -61.73 53.20 30.50
CA SER A 140 -61.01 53.28 31.80
C SER A 140 -62.00 53.03 32.95
N ILE A 141 -63.19 53.67 32.94
CA ILE A 141 -64.22 53.46 34.01
C ILE A 141 -64.78 52.03 33.92
N ASN A 142 -64.87 51.45 32.71
CA ASN A 142 -65.21 50.02 32.49
C ASN A 142 -64.16 49.13 33.19
N LEU A 143 -62.87 49.44 33.01
CA LEU A 143 -61.74 48.74 33.68
C LEU A 143 -61.83 48.93 35.19
N LEU A 144 -62.12 50.15 35.66
CA LEU A 144 -62.29 50.48 37.11
C LEU A 144 -63.51 49.74 37.69
N LYS A 145 -64.54 49.48 36.86
CA LYS A 145 -65.75 48.72 37.26
C LYS A 145 -65.48 47.21 37.21
N SER A 146 -64.62 46.74 36.31
CA SER A 146 -64.27 45.31 36.11
C SER A 146 -63.75 44.70 37.42
N LYS A 147 -62.72 45.32 38.02
CA LYS A 147 -62.21 45.02 39.39
C LYS A 147 -62.68 46.14 40.33
N LYS A 148 -63.68 45.86 41.17
CA LYS A 148 -64.40 46.88 42.00
C LYS A 148 -63.43 47.49 43.02
N CYS A 149 -62.91 48.68 42.70
CA CYS A 149 -62.13 49.57 43.61
C CYS A 149 -62.84 50.93 43.69
N PRO A 150 -62.66 51.71 44.78
CA PRO A 150 -63.24 53.05 44.87
C PRO A 150 -62.40 54.08 44.08
N PHE A 151 -63.07 54.90 43.25
CA PHE A 151 -62.44 55.94 42.39
C PHE A 151 -63.31 57.20 42.38
N ILE A 152 -62.67 58.36 42.15
CA ILE A 152 -63.35 59.70 42.07
C ILE A 152 -63.00 60.37 40.74
N VAL A 153 -63.70 61.46 40.41
CA VAL A 153 -63.61 62.17 39.11
C VAL A 153 -63.34 63.66 39.37
N ALA A 154 -62.31 64.22 38.72
CA ALA A 154 -61.88 65.63 38.85
C ALA A 154 -61.98 66.33 37.50
N LEU A 155 -62.45 67.59 37.50
CA LEU A 155 -62.46 68.47 36.29
C LEU A 155 -61.16 69.29 36.28
N ASN A 156 -60.69 69.65 35.08
CA ASN A 156 -59.35 70.27 34.84
C ASN A 156 -59.50 71.67 34.26
N LYS A 157 -60.21 71.80 33.12
CA LYS A 157 -60.34 73.05 32.33
C LYS A 157 -61.63 73.78 32.70
N ILE A 158 -61.74 74.23 33.96
CA ILE A 158 -62.88 75.05 34.48
C ILE A 158 -62.55 76.54 34.29
N ASP A 159 -61.28 76.93 34.45
CA ASP A 159 -60.78 78.31 34.24
C ASP A 159 -60.82 78.67 32.75
N ARG A 160 -60.63 77.69 31.85
CA ARG A 160 -60.66 77.87 30.38
C ARG A 160 -62.11 78.11 29.93
N LEU A 161 -62.63 79.32 30.19
CA LEU A 161 -63.93 79.84 29.65
C LEU A 161 -63.74 81.23 29.03
N TYR A 162 -62.63 81.94 29.34
CA TYR A 162 -62.29 83.34 28.95
C TYR A 162 -62.77 84.33 30.03
N ASP A 163 -63.84 83.99 30.77
CA ASP A 163 -64.57 84.93 31.68
C ASP A 163 -64.36 84.55 33.16
N TRP A 164 -63.63 83.47 33.47
CA TRP A 164 -63.37 83.01 34.86
C TRP A 164 -62.47 84.02 35.57
N LYS A 165 -62.91 84.54 36.73
CA LYS A 165 -62.12 85.45 37.61
C LYS A 165 -61.04 84.61 38.33
N LYS A 166 -59.87 84.46 37.69
CA LYS A 166 -58.75 83.59 38.16
C LYS A 166 -58.23 84.12 39.51
N SER A 167 -58.80 83.61 40.60
CA SER A 167 -58.38 83.86 42.01
C SER A 167 -57.71 82.60 42.56
N PRO A 168 -56.41 82.37 42.28
CA PRO A 168 -55.76 81.10 42.64
C PRO A 168 -55.59 80.88 44.15
N ASP A 169 -55.59 79.61 44.58
CA ASP A 169 -55.33 79.16 45.97
C ASP A 169 -56.47 79.65 46.88
N SER A 170 -57.68 79.15 46.64
CA SER A 170 -58.92 79.47 47.41
C SER A 170 -59.98 78.38 47.18
N ASP A 171 -61.09 78.45 47.91
CA ASP A 171 -62.18 77.41 47.92
C ASP A 171 -62.92 77.40 46.58
N VAL A 172 -63.21 76.20 46.06
CA VAL A 172 -63.95 75.96 44.79
C VAL A 172 -65.36 76.54 44.94
N ALA A 173 -66.04 76.22 46.05
CA ALA A 173 -67.38 76.72 46.44
C ALA A 173 -67.40 78.26 46.39
N ALA A 174 -66.42 78.90 47.03
CA ALA A 174 -66.23 80.37 47.08
C ALA A 174 -66.00 80.92 45.67
N THR A 175 -64.96 80.44 44.98
CA THR A 175 -64.53 80.91 43.63
C THR A 175 -65.68 80.77 42.62
N LEU A 176 -66.43 79.65 42.68
CA LEU A 176 -67.63 79.43 41.82
C LEU A 176 -68.73 80.44 42.19
N LYS A 177 -68.99 80.64 43.49
CA LYS A 177 -70.05 81.55 44.00
C LYS A 177 -69.66 83.03 43.81
N LYS A 178 -68.38 83.34 43.53
CA LYS A 178 -67.88 84.73 43.32
C LYS A 178 -67.88 85.11 41.82
N GLN A 179 -68.34 84.23 40.92
CA GLN A 179 -68.46 84.51 39.45
C GLN A 179 -69.85 85.07 39.16
N LYS A 180 -70.14 85.39 37.89
CA LYS A 180 -71.50 85.74 37.40
C LYS A 180 -72.40 84.49 37.37
N LYS A 181 -73.72 84.68 37.32
CA LYS A 181 -74.75 83.61 37.46
C LYS A 181 -74.83 82.74 36.20
N ASN A 182 -74.76 83.36 35.01
CA ASN A 182 -74.91 82.68 33.69
C ASN A 182 -73.84 81.60 33.52
N THR A 183 -72.61 81.86 33.99
CA THR A 183 -71.46 80.90 33.95
C THR A 183 -71.75 79.72 34.90
N LYS A 184 -72.22 79.99 36.12
CA LYS A 184 -72.63 78.96 37.12
C LYS A 184 -73.72 78.05 36.51
N ASP A 185 -74.71 78.66 35.83
CA ASP A 185 -75.80 77.93 35.12
C ASP A 185 -75.21 77.05 34.01
N GLU A 186 -74.22 77.57 33.26
CA GLU A 186 -73.51 76.82 32.19
C GLU A 186 -72.73 75.65 32.82
N PHE A 187 -72.09 75.88 33.97
CA PHE A 187 -71.29 74.86 34.71
C PHE A 187 -72.22 73.78 35.30
N GLU A 188 -73.38 74.16 35.86
CA GLU A 188 -74.35 73.22 36.48
C GLU A 188 -75.06 72.43 35.37
N GLU A 189 -75.29 73.04 34.20
CA GLU A 189 -75.87 72.36 33.00
C GLU A 189 -74.91 71.27 32.50
N ARG A 190 -73.63 71.60 32.32
CA ARG A 190 -72.60 70.65 31.82
C ARG A 190 -72.24 69.65 32.94
N ALA A 191 -72.36 70.05 34.21
CA ALA A 191 -72.26 69.15 35.39
C ALA A 191 -73.39 68.10 35.31
N LYS A 192 -74.65 68.55 35.21
CA LYS A 192 -75.85 67.67 35.02
C LYS A 192 -75.60 66.69 33.88
N ALA A 193 -75.11 67.18 32.73
CA ALA A 193 -74.76 66.39 31.52
C ALA A 193 -73.76 65.28 31.89
N ILE A 194 -72.68 65.63 32.61
CA ILE A 194 -71.63 64.68 33.09
C ILE A 194 -72.27 63.66 34.05
N ILE A 195 -73.09 64.13 35.00
CA ILE A 195 -73.80 63.29 36.02
C ILE A 195 -74.68 62.27 35.30
N VAL A 196 -75.44 62.70 34.29
CA VAL A 196 -76.30 61.81 33.43
C VAL A 196 -75.39 60.87 32.62
N GLU A 197 -74.28 61.39 32.07
CA GLU A 197 -73.30 60.64 31.24
C GLU A 197 -72.58 59.57 32.07
N PHE A 198 -72.52 59.71 33.41
CA PHE A 198 -72.02 58.66 34.34
C PHE A 198 -73.18 57.76 34.77
N ALA A 199 -74.34 58.35 35.12
CA ALA A 199 -75.57 57.64 35.55
C ALA A 199 -75.95 56.56 34.54
N GLN A 200 -75.86 56.86 33.23
CA GLN A 200 -76.15 55.90 32.13
C GLN A 200 -75.11 54.77 32.09
N GLN A 201 -73.89 55.02 32.56
CA GLN A 201 -72.76 54.03 32.56
C GLN A 201 -72.66 53.32 33.92
N GLY A 202 -73.80 53.04 34.57
CA GLY A 202 -73.90 52.21 35.79
C GLY A 202 -73.17 52.80 36.98
N LEU A 203 -73.16 54.14 37.11
CA LEU A 203 -72.58 54.88 38.27
C LEU A 203 -73.68 55.69 38.95
N ASN A 204 -73.33 56.33 40.07
CA ASN A 204 -74.16 57.38 40.74
C ASN A 204 -73.19 58.47 41.24
N ALA A 205 -73.03 59.54 40.46
CA ALA A 205 -72.06 60.64 40.69
C ALA A 205 -72.78 61.90 41.18
N ALA A 206 -72.05 62.81 41.83
CA ALA A 206 -72.56 64.10 42.34
C ALA A 206 -71.37 65.01 42.75
N LEU A 207 -71.63 66.26 43.15
CA LEU A 207 -70.61 67.35 43.24
C LEU A 207 -70.07 67.50 44.67
N PHE A 208 -69.54 66.42 45.24
CA PHE A 208 -68.43 66.34 46.24
C PHE A 208 -68.76 66.99 47.61
N TYR A 209 -69.91 67.63 47.85
CA TYR A 209 -70.27 68.19 49.18
C TYR A 209 -71.80 68.28 49.44
N GLU A 210 -72.64 67.61 48.63
CA GLU A 210 -74.12 67.61 48.83
C GLU A 210 -74.49 66.73 50.03
N ASN A 211 -74.46 65.41 49.85
CA ASN A 211 -74.99 64.42 50.84
C ASN A 211 -73.90 64.06 51.88
N LYS A 212 -72.78 63.40 51.52
CA LYS A 212 -72.44 62.91 50.19
C LYS A 212 -72.78 61.42 50.08
N ASP A 213 -72.44 60.61 51.10
CA ASP A 213 -72.62 59.14 51.11
C ASP A 213 -71.75 58.52 50.02
N PRO A 214 -70.40 58.67 50.08
CA PRO A 214 -69.51 58.11 49.05
C PRO A 214 -69.46 56.57 48.99
N ARG A 215 -70.23 55.88 49.84
CA ARG A 215 -70.47 54.41 49.79
C ARG A 215 -71.01 54.02 48.42
N THR A 216 -72.07 54.72 47.96
CA THR A 216 -72.70 54.54 46.62
C THR A 216 -72.35 55.74 45.71
N PHE A 217 -72.29 56.97 46.24
CA PHE A 217 -72.04 58.20 45.45
C PHE A 217 -70.56 58.28 45.03
N VAL A 218 -70.30 59.04 43.95
CA VAL A 218 -68.93 59.39 43.44
C VAL A 218 -68.84 60.93 43.40
N SER A 219 -67.67 61.48 43.75
CA SER A 219 -67.45 62.94 43.97
C SER A 219 -66.90 63.59 42.70
N LEU A 220 -67.71 64.46 42.06
CA LEU A 220 -67.28 65.39 40.98
C LEU A 220 -66.60 66.60 41.64
N VAL A 221 -65.27 66.60 41.68
CA VAL A 221 -64.46 67.72 42.29
C VAL A 221 -64.00 68.65 41.16
N PRO A 222 -64.53 69.89 41.05
CA PRO A 222 -64.05 70.85 40.06
C PRO A 222 -62.68 71.42 40.47
N THR A 223 -61.66 71.27 39.61
CA THR A 223 -60.28 71.79 39.82
C THR A 223 -59.85 72.61 38.59
N SER A 224 -58.97 73.59 38.80
CA SER A 224 -58.32 74.40 37.74
C SER A 224 -56.91 73.86 37.48
N ALA A 225 -56.52 73.75 36.21
CA ALA A 225 -55.25 73.12 35.75
C ALA A 225 -54.05 74.03 36.12
N HIS A 226 -54.04 75.25 35.61
CA HIS A 226 -52.89 76.20 35.67
C HIS A 226 -52.84 76.88 37.04
N THR A 227 -53.96 77.43 37.51
CA THR A 227 -54.07 78.31 38.71
C THR A 227 -53.91 77.46 39.98
N GLY A 228 -54.64 76.35 40.07
CA GLY A 228 -54.51 75.34 41.16
C GLY A 228 -55.66 75.38 42.16
N ASP A 229 -56.76 76.08 41.87
CA ASP A 229 -58.00 76.07 42.68
C ASP A 229 -58.61 74.68 42.65
N GLY A 230 -58.84 74.07 43.83
CA GLY A 230 -59.39 72.71 43.99
C GLY A 230 -58.35 71.71 44.47
N MET A 231 -57.05 72.01 44.30
CA MET A 231 -55.92 71.12 44.70
C MET A 231 -56.00 70.84 46.21
N GLY A 232 -56.31 71.86 47.01
CA GLY A 232 -56.65 71.71 48.44
C GLY A 232 -57.83 70.78 48.62
N SER A 233 -58.97 71.12 47.99
CA SER A 233 -60.24 70.34 48.00
C SER A 233 -59.98 68.90 47.57
N LEU A 234 -59.17 68.70 46.52
CA LEU A 234 -58.69 67.38 46.05
C LEU A 234 -58.09 66.61 47.24
N ILE A 235 -56.92 67.04 47.74
CA ILE A 235 -56.12 66.29 48.76
C ILE A 235 -56.97 66.07 50.02
N TYR A 236 -57.83 67.03 50.39
CA TYR A 236 -58.79 66.90 51.52
C TYR A 236 -59.72 65.72 51.27
N LEU A 237 -60.37 65.68 50.10
CA LEU A 237 -61.33 64.62 49.72
C LEU A 237 -60.61 63.27 49.63
N LEU A 238 -59.35 63.25 49.15
CA LEU A 238 -58.51 62.02 49.05
C LEU A 238 -58.28 61.44 50.45
N VAL A 239 -57.76 62.26 51.39
CA VAL A 239 -57.44 61.81 52.78
C VAL A 239 -58.75 61.45 53.49
N GLU A 240 -59.82 62.23 53.31
CA GLU A 240 -61.18 61.95 53.88
C GLU A 240 -61.68 60.59 53.40
N LEU A 241 -61.69 60.38 52.08
CA LEU A 241 -62.18 59.14 51.41
C LEU A 241 -61.39 57.92 51.90
N THR A 242 -60.05 58.04 51.99
CA THR A 242 -59.14 56.96 52.44
C THR A 242 -59.34 56.69 53.94
N GLN A 243 -59.53 57.73 54.75
CA GLN A 243 -59.80 57.63 56.21
C GLN A 243 -61.15 56.94 56.46
N THR A 244 -62.20 57.36 55.73
CA THR A 244 -63.59 56.85 55.90
C THR A 244 -63.69 55.41 55.39
N MET A 245 -63.25 55.14 54.15
CA MET A 245 -63.45 53.84 53.46
C MET A 245 -62.33 52.86 53.86
N LEU A 246 -61.08 53.16 53.50
CA LEU A 246 -59.93 52.23 53.62
C LEU A 246 -59.36 52.32 55.04
N SER A 247 -60.12 51.80 56.02
CA SER A 247 -59.81 51.82 57.47
C SER A 247 -59.13 50.51 57.90
N LYS A 248 -59.48 49.37 57.28
CA LYS A 248 -59.00 48.01 57.66
C LYS A 248 -58.00 47.47 56.63
N ARG A 249 -58.21 47.72 55.32
CA ARG A 249 -57.40 47.18 54.21
C ARG A 249 -55.96 47.72 54.28
N LEU A 250 -55.79 48.96 54.75
CA LEU A 250 -54.49 49.70 54.77
C LEU A 250 -53.80 49.53 56.15
N ALA A 251 -53.73 48.30 56.67
CA ALA A 251 -53.06 47.98 57.96
C ALA A 251 -51.55 47.79 57.72
N HIS A 252 -50.71 48.35 58.60
CA HIS A 252 -49.22 48.23 58.55
C HIS A 252 -48.82 46.87 59.16
N CYS A 253 -49.07 45.79 58.43
CA CYS A 253 -48.75 44.38 58.80
C CYS A 253 -47.37 44.03 58.24
N GLU A 254 -46.99 42.74 58.25
CA GLU A 254 -45.60 42.27 57.92
C GLU A 254 -45.66 41.04 57.00
N GLU A 255 -46.49 41.09 55.95
CA GLU A 255 -46.45 40.16 54.79
C GLU A 255 -45.39 40.68 53.81
N LEU A 256 -45.24 40.03 52.64
CA LEU A 256 -44.25 40.42 51.59
C LEU A 256 -44.97 40.71 50.27
N ARG A 257 -45.56 41.91 50.15
CA ARG A 257 -46.33 42.40 48.98
C ARG A 257 -45.56 43.53 48.29
N ALA A 258 -44.35 43.22 47.79
CA ALA A 258 -43.59 44.07 46.84
C ALA A 258 -43.99 43.65 45.41
N GLN A 259 -44.27 44.62 44.53
CA GLN A 259 -44.77 44.36 43.14
C GLN A 259 -43.82 45.02 42.14
N VAL A 260 -43.38 44.26 41.13
CA VAL A 260 -42.53 44.74 40.00
C VAL A 260 -43.41 45.64 39.11
N MET A 261 -43.08 46.93 39.02
CA MET A 261 -43.93 47.99 38.40
C MET A 261 -43.36 48.39 37.04
N GLU A 262 -42.08 48.83 36.98
CA GLU A 262 -41.39 49.26 35.73
C GLU A 262 -39.99 48.63 35.68
N VAL A 263 -39.48 48.41 34.46
CA VAL A 263 -38.08 47.95 34.19
C VAL A 263 -37.41 48.99 33.29
N LYS A 264 -36.18 49.40 33.64
CA LYS A 264 -35.42 50.53 33.02
C LYS A 264 -33.97 50.11 32.77
N ALA A 265 -33.36 50.63 31.71
CA ALA A 265 -31.91 50.49 31.38
C ALA A 265 -31.23 51.85 31.58
N LEU A 266 -30.51 52.02 32.69
CA LEU A 266 -29.83 53.29 33.08
C LEU A 266 -28.32 53.15 32.91
N PRO A 267 -27.60 54.23 32.54
CA PRO A 267 -26.16 54.16 32.28
C PRO A 267 -25.35 53.96 33.57
N GLY A 268 -24.47 52.94 33.57
CA GLY A 268 -23.57 52.60 34.70
C GLY A 268 -24.31 52.01 35.89
N MET A 269 -25.50 51.43 35.68
CA MET A 269 -26.32 50.80 36.76
C MET A 269 -26.84 49.41 36.35
N GLY A 270 -26.64 48.98 35.10
CA GLY A 270 -27.25 47.76 34.54
C GLY A 270 -28.72 47.98 34.20
N THR A 271 -29.55 46.95 34.39
CA THR A 271 -31.02 46.98 34.23
C THR A 271 -31.65 47.11 35.63
N THR A 272 -32.30 48.24 35.91
CA THR A 272 -32.94 48.56 37.22
C THR A 272 -34.44 48.28 37.14
N ILE A 273 -35.06 47.91 38.27
CA ILE A 273 -36.54 47.70 38.39
C ILE A 273 -37.09 48.76 39.36
N ASP A 274 -38.12 49.50 38.94
CA ASP A 274 -38.95 50.35 39.83
C ASP A 274 -40.02 49.47 40.46
N VAL A 275 -40.04 49.40 41.80
CA VAL A 275 -41.01 48.58 42.60
C VAL A 275 -41.76 49.51 43.56
N ILE A 276 -43.07 49.29 43.72
CA ILE A 276 -43.93 49.99 44.73
C ILE A 276 -43.97 49.12 45.99
N LEU A 277 -43.01 49.36 46.89
CA LEU A 277 -42.77 48.58 48.14
C LEU A 277 -43.90 48.91 49.14
N ILE A 278 -44.89 48.02 49.22
CA ILE A 278 -46.20 48.22 49.92
C ILE A 278 -46.17 47.51 51.26
N ASN A 279 -45.80 46.22 51.28
CA ASN A 279 -45.70 45.38 52.51
C ASN A 279 -44.47 44.46 52.37
N GLY A 280 -43.55 44.50 53.34
CA GLY A 280 -42.37 43.62 53.43
C GLY A 280 -41.08 44.40 53.62
N ARG A 281 -40.41 44.20 54.76
CA ARG A 281 -39.15 44.89 55.15
C ARG A 281 -37.97 44.16 54.49
N LEU A 282 -37.84 44.29 53.15
CA LEU A 282 -36.76 43.63 52.36
C LEU A 282 -35.44 44.38 52.58
N LYS A 283 -34.34 43.61 52.75
CA LYS A 283 -33.02 44.08 53.26
C LYS A 283 -32.00 44.11 52.12
N GLU A 284 -31.06 45.07 52.16
CA GLU A 284 -29.89 45.14 51.24
C GLU A 284 -28.98 43.94 51.52
N GLY A 285 -28.60 43.22 50.46
CA GLY A 285 -27.87 41.93 50.55
C GLY A 285 -28.78 40.81 51.04
N ASP A 286 -30.00 40.73 50.49
CA ASP A 286 -30.98 39.64 50.75
C ASP A 286 -31.58 39.18 49.42
N THR A 287 -31.69 37.87 49.21
CA THR A 287 -32.10 37.23 47.93
C THR A 287 -33.57 37.56 47.62
N ILE A 288 -33.88 37.87 46.35
CA ILE A 288 -35.27 38.04 45.84
C ILE A 288 -35.45 37.14 44.60
N ILE A 289 -36.66 36.60 44.42
CA ILE A 289 -37.05 35.78 43.22
C ILE A 289 -37.93 36.66 42.33
N VAL A 290 -37.33 37.31 41.33
CA VAL A 290 -38.04 38.20 40.36
C VAL A 290 -38.65 37.33 39.27
N PRO A 291 -39.97 37.45 38.98
CA PRO A 291 -40.60 36.66 37.92
C PRO A 291 -40.19 37.15 36.53
N GLY A 292 -39.51 36.28 35.76
CA GLY A 292 -38.88 36.60 34.47
C GLY A 292 -39.72 36.10 33.29
N VAL A 293 -39.30 36.50 32.08
CA VAL A 293 -39.92 36.07 30.77
C VAL A 293 -39.57 34.60 30.54
N GLU A 294 -38.29 34.24 30.72
CA GLU A 294 -37.73 32.87 30.48
C GLU A 294 -37.46 32.20 31.84
N GLY A 295 -38.50 32.11 32.68
CA GLY A 295 -38.45 31.50 34.03
C GLY A 295 -38.02 32.51 35.09
N PRO A 296 -38.17 32.19 36.40
CA PRO A 296 -37.80 33.12 37.47
C PRO A 296 -36.29 33.30 37.61
N ILE A 297 -35.85 34.46 38.12
CA ILE A 297 -34.41 34.79 38.34
C ILE A 297 -34.18 35.03 39.85
N VAL A 298 -33.17 34.37 40.42
CA VAL A 298 -32.63 34.65 41.79
C VAL A 298 -31.72 35.87 41.68
N THR A 299 -32.11 36.97 42.33
CA THR A 299 -31.41 38.29 42.29
C THR A 299 -30.92 38.63 43.71
N GLN A 300 -29.68 39.09 43.81
CA GLN A 300 -29.05 39.63 45.05
C GLN A 300 -29.06 41.16 44.96
N ILE A 301 -29.69 41.82 45.93
CA ILE A 301 -29.83 43.31 46.01
C ILE A 301 -28.44 43.92 46.29
N ARG A 302 -27.98 44.82 45.42
CA ARG A 302 -26.72 45.59 45.59
C ARG A 302 -27.00 46.80 46.49
N GLY A 303 -28.20 47.37 46.41
CA GLY A 303 -28.69 48.45 47.31
C GLY A 303 -30.03 49.03 46.85
N LEU A 304 -30.62 49.89 47.69
CA LEU A 304 -31.95 50.53 47.48
C LEU A 304 -31.75 52.01 47.14
N LEU A 305 -32.19 52.44 45.95
CA LEU A 305 -32.17 53.85 45.49
C LEU A 305 -33.59 54.42 45.53
N THR A 306 -33.74 55.63 46.07
CA THR A 306 -35.02 56.40 46.12
C THR A 306 -34.77 57.80 45.57
N PRO A 307 -35.69 58.35 44.74
CA PRO A 307 -35.59 59.75 44.31
C PRO A 307 -35.99 60.69 45.44
N PRO A 308 -35.65 62.01 45.39
CA PRO A 308 -36.03 62.94 46.45
C PRO A 308 -37.54 63.08 46.58
N PRO A 309 -38.07 63.41 47.78
CA PRO A 309 -39.52 63.56 47.96
C PRO A 309 -40.06 64.76 47.15
N MET A 310 -41.26 64.61 46.59
CA MET A 310 -41.95 65.59 45.69
C MET A 310 -41.24 65.64 44.33
N LYS A 311 -40.55 64.56 43.93
CA LYS A 311 -39.88 64.41 42.60
C LYS A 311 -40.27 63.05 42.00
N GLU A 312 -40.43 62.99 40.67
CA GLU A 312 -40.97 61.83 39.91
C GLU A 312 -39.81 60.92 39.47
N LEU A 313 -40.14 59.79 38.85
CA LEU A 313 -39.20 58.91 38.07
C LEU A 313 -39.22 59.36 36.60
N ARG A 314 -39.10 60.66 36.35
CA ARG A 314 -39.20 61.30 35.00
C ARG A 314 -37.79 61.50 34.43
N VAL A 315 -37.04 62.42 35.04
CA VAL A 315 -35.65 62.79 34.65
C VAL A 315 -34.68 62.18 35.68
N LYS A 316 -33.54 61.68 35.20
CA LYS A 316 -32.39 61.19 36.03
C LYS A 316 -32.09 62.21 37.14
N ASN A 317 -32.67 61.99 38.33
CA ASN A 317 -32.46 62.82 39.55
C ASN A 317 -31.31 62.23 40.39
N GLN A 318 -30.88 62.96 41.42
CA GLN A 318 -29.85 62.52 42.39
C GLN A 318 -30.49 61.47 43.31
N TYR A 319 -30.52 60.20 42.87
CA TYR A 319 -31.12 59.06 43.60
C TYR A 319 -30.28 58.75 44.83
N GLU A 320 -30.85 58.98 46.04
CA GLU A 320 -30.15 58.77 47.34
C GLU A 320 -30.12 57.27 47.65
N LYS A 321 -28.97 56.79 48.17
CA LYS A 321 -28.74 55.38 48.57
C LYS A 321 -29.23 55.19 50.01
N HIS A 322 -30.01 54.13 50.13
CA HIS A 322 -30.60 53.66 51.35
C HIS A 322 -30.33 52.18 51.60
N LYS A 323 -29.74 51.82 52.75
CA LYS A 323 -29.47 50.42 53.06
C LYS A 323 -30.71 49.55 53.24
N GLU A 324 -31.67 50.04 54.03
CA GLU A 324 -32.95 49.37 54.25
C GLU A 324 -34.04 50.43 54.20
N VAL A 325 -35.29 50.00 54.34
CA VAL A 325 -36.42 50.89 53.93
C VAL A 325 -37.75 50.23 54.36
N GLU A 326 -38.61 50.99 55.03
CA GLU A 326 -39.93 50.52 55.56
C GLU A 326 -40.93 50.40 54.40
N ALA A 327 -42.05 49.71 54.65
CA ALA A 327 -43.04 49.30 53.63
C ALA A 327 -44.14 50.37 53.49
N ALA A 328 -43.84 51.47 52.79
CA ALA A 328 -44.80 52.54 52.45
C ALA A 328 -44.36 53.39 51.25
N GLN A 329 -43.39 52.94 50.43
CA GLN A 329 -42.67 53.81 49.46
C GLN A 329 -42.50 53.11 48.11
N GLY A 330 -42.23 53.87 47.05
CA GLY A 330 -41.89 53.39 45.70
C GLY A 330 -40.42 53.64 45.37
N VAL A 331 -39.63 52.56 45.22
CA VAL A 331 -38.14 52.61 45.20
C VAL A 331 -37.61 51.92 43.94
N LYS A 332 -36.39 52.29 43.53
CA LYS A 332 -35.64 51.68 42.39
C LYS A 332 -34.63 50.67 42.96
N ILE A 333 -34.61 49.45 42.41
CA ILE A 333 -33.73 48.32 42.84
C ILE A 333 -32.85 47.91 41.65
N LEU A 334 -31.58 47.57 41.94
CA LEU A 334 -30.57 47.11 40.93
C LEU A 334 -29.74 45.96 41.51
N GLY A 335 -29.38 44.99 40.67
CA GLY A 335 -28.61 43.78 41.04
C GLY A 335 -27.89 43.18 39.84
N LYS A 336 -27.80 41.85 39.77
CA LYS A 336 -27.09 41.08 38.72
C LYS A 336 -28.09 40.26 37.90
N ASP A 337 -28.09 40.46 36.57
CA ASP A 337 -28.84 39.64 35.57
C ASP A 337 -30.34 39.88 35.73
N LEU A 338 -30.77 41.16 35.69
CA LEU A 338 -32.20 41.58 35.66
C LEU A 338 -32.58 41.92 34.21
N GLU A 339 -32.14 41.10 33.25
CA GLU A 339 -32.24 41.38 31.79
C GLU A 339 -33.70 41.22 31.34
N LYS A 340 -34.21 39.98 31.36
CA LYS A 340 -35.60 39.63 30.94
C LYS A 340 -36.46 39.46 32.19
N THR A 341 -37.36 40.42 32.44
CA THR A 341 -38.32 40.43 33.59
C THR A 341 -39.70 40.86 33.09
N LEU A 342 -40.76 40.47 33.82
CA LEU A 342 -42.18 40.81 33.51
C LEU A 342 -42.66 41.93 34.45
N ALA A 343 -43.46 42.86 33.92
CA ALA A 343 -44.02 44.04 34.63
C ALA A 343 -45.44 43.73 35.11
N GLY A 344 -45.79 44.20 36.31
CA GLY A 344 -47.12 44.04 36.93
C GLY A 344 -47.30 42.67 37.58
N LEU A 345 -46.26 42.17 38.26
CA LEU A 345 -46.24 40.87 38.97
C LEU A 345 -45.66 41.05 40.38
N PRO A 346 -46.12 40.28 41.40
CA PRO A 346 -45.59 40.38 42.75
C PRO A 346 -44.16 39.82 42.88
N LEU A 347 -43.36 40.42 43.77
CA LEU A 347 -41.92 40.12 43.99
C LEU A 347 -41.76 39.43 45.36
N LEU A 348 -41.19 38.22 45.37
CA LEU A 348 -40.92 37.40 46.58
C LEU A 348 -39.50 37.69 47.09
N VAL A 349 -39.36 38.19 48.32
CA VAL A 349 -38.06 38.35 49.03
C VAL A 349 -37.85 37.11 49.90
N ALA A 350 -36.67 36.47 49.79
CA ALA A 350 -36.32 35.20 50.46
C ALA A 350 -35.11 35.42 51.38
N TYR A 351 -35.23 34.98 52.64
CA TYR A 351 -34.09 34.84 53.59
C TYR A 351 -33.39 33.51 53.25
N LYS A 352 -32.49 33.02 54.10
CA LYS A 352 -31.82 31.71 53.88
C LYS A 352 -32.72 30.60 54.44
N GLU A 353 -33.78 30.25 53.69
CA GLU A 353 -34.69 29.09 53.96
C GLU A 353 -34.58 28.10 52.79
N ASP A 354 -33.35 27.87 52.31
CA ASP A 354 -32.94 26.86 51.28
C ASP A 354 -33.90 26.87 50.09
N GLU A 355 -33.97 28.00 49.37
CA GLU A 355 -34.57 28.15 48.01
C GLU A 355 -36.08 27.89 48.07
N ILE A 356 -36.95 28.88 48.16
CA ILE A 356 -38.39 28.62 48.20
C ILE A 356 -39.09 28.95 46.86
N PRO A 357 -39.32 27.93 46.03
CA PRO A 357 -39.83 27.92 44.67
C PRO A 357 -41.31 27.85 44.43
N VAL A 358 -41.58 27.52 43.17
CA VAL A 358 -42.89 27.18 42.59
C VAL A 358 -44.08 28.09 42.75
N LEU A 359 -43.90 29.39 42.57
CA LEU A 359 -45.04 30.26 42.71
C LEU A 359 -45.18 30.97 41.41
N LYS A 360 -45.19 30.24 40.30
CA LYS A 360 -45.22 31.02 39.03
C LYS A 360 -46.40 30.58 38.15
N ASP A 361 -46.63 29.28 37.98
CA ASP A 361 -47.82 28.73 37.28
C ASP A 361 -49.10 29.19 38.00
N GLU A 362 -49.02 29.44 39.30
CA GLU A 362 -50.12 30.00 40.16
C GLU A 362 -50.28 31.51 39.93
N LEU A 363 -49.30 32.18 39.30
CA LEU A 363 -49.38 33.61 38.86
C LEU A 363 -49.69 33.67 37.36
N ILE A 364 -48.88 33.00 36.54
CA ILE A 364 -49.00 32.98 35.04
C ILE A 364 -50.19 32.06 34.68
N HIS A 365 -51.41 32.59 34.73
CA HIS A 365 -52.68 31.90 34.38
C HIS A 365 -53.21 32.44 33.04
N GLU A 366 -53.86 33.60 33.06
CA GLU A 366 -54.50 34.26 31.88
C GLU A 366 -53.94 35.67 31.70
N LEU A 367 -52.68 35.89 32.11
CA LEU A 367 -51.91 37.14 31.88
C LEU A 367 -50.72 36.84 30.95
N LYS A 368 -50.85 35.79 30.13
CA LYS A 368 -49.80 35.33 29.16
C LYS A 368 -49.71 36.28 27.97
N GLN A 369 -50.70 37.18 27.78
CA GLN A 369 -50.73 38.17 26.66
C GLN A 369 -49.65 39.24 26.89
N THR A 370 -48.38 38.88 26.69
CA THR A 370 -47.17 39.70 27.00
C THR A 370 -46.03 39.33 26.03
N LEU A 371 -44.78 39.64 26.39
CA LEU A 371 -43.55 39.51 25.53
C LEU A 371 -43.31 38.05 25.17
N ASN A 372 -43.68 37.12 26.06
CA ASN A 372 -43.49 35.64 25.93
C ASN A 372 -43.86 35.15 24.51
N ALA A 373 -44.86 35.76 23.88
CA ALA A 373 -45.25 35.48 22.47
C ALA A 373 -44.16 35.99 21.52
N ILE A 374 -43.00 35.31 21.53
CA ILE A 374 -41.81 35.62 20.69
C ILE A 374 -41.57 34.43 19.76
N LYS A 375 -41.37 34.69 18.46
CA LYS A 375 -41.24 33.65 17.41
C LYS A 375 -39.81 33.69 16.87
N LEU A 376 -38.85 33.38 17.74
CA LEU A 376 -37.41 33.11 17.40
C LEU A 376 -37.35 32.02 16.32
N GLU A 377 -38.20 31.00 16.43
CA GLU A 377 -38.33 29.86 15.46
C GLU A 377 -38.53 30.39 14.04
N GLU A 378 -39.31 31.46 13.88
CA GLU A 378 -39.68 32.08 12.58
C GLU A 378 -38.87 33.37 12.36
N LYS A 379 -39.14 34.08 11.27
CA LYS A 379 -38.55 35.41 10.93
C LYS A 379 -39.29 36.51 11.72
N GLY A 380 -38.81 37.76 11.65
CA GLY A 380 -39.50 38.91 12.28
C GLY A 380 -38.63 40.15 12.37
N VAL A 381 -39.29 41.29 12.65
CA VAL A 381 -38.68 42.63 12.90
C VAL A 381 -38.03 42.65 14.29
N TYR A 382 -36.98 43.46 14.47
CA TYR A 382 -36.29 43.69 15.77
C TYR A 382 -36.84 44.97 16.42
N VAL A 383 -37.07 44.92 17.74
CA VAL A 383 -37.70 46.04 18.52
C VAL A 383 -36.83 46.36 19.74
N GLN A 384 -36.64 47.65 20.02
CA GLN A 384 -35.95 48.17 21.25
C GLN A 384 -36.72 49.36 21.80
N ALA A 385 -36.81 49.46 23.13
CA ALA A 385 -37.52 50.54 23.86
C ALA A 385 -36.76 50.90 25.15
N SER A 386 -36.91 52.15 25.61
CA SER A 386 -36.30 52.70 26.84
C SER A 386 -36.69 51.84 28.05
N THR A 387 -38.00 51.68 28.28
CA THR A 387 -38.59 50.86 29.37
C THR A 387 -39.39 49.70 28.76
N LEU A 388 -39.75 48.72 29.59
CA LEU A 388 -40.46 47.48 29.17
C LEU A 388 -41.88 47.81 28.70
N GLY A 389 -42.59 48.66 29.45
CA GLY A 389 -43.95 49.16 29.12
C GLY A 389 -44.05 49.61 27.67
N SER A 390 -43.07 50.37 27.19
CA SER A 390 -42.96 50.86 25.79
C SER A 390 -42.76 49.69 24.82
N LEU A 391 -41.98 48.67 25.23
CA LEU A 391 -41.70 47.47 24.39
C LEU A 391 -42.99 46.69 24.17
N GLU A 392 -43.79 46.47 25.23
CA GLU A 392 -45.14 45.84 25.15
C GLU A 392 -46.04 46.65 24.18
N ALA A 393 -46.05 47.98 24.33
CA ALA A 393 -46.84 48.93 23.50
C ALA A 393 -46.50 48.76 22.01
N LEU A 394 -45.20 48.67 21.68
CA LEU A 394 -44.72 48.48 20.28
C LEU A 394 -45.13 47.09 19.76
N LEU A 395 -45.02 46.04 20.58
CA LEU A 395 -45.33 44.64 20.19
C LEU A 395 -46.83 44.47 19.92
N GLU A 396 -47.69 45.05 20.76
CA GLU A 396 -49.18 44.95 20.59
C GLU A 396 -49.62 45.79 19.38
N PHE A 397 -48.88 46.86 19.04
CA PHE A 397 -49.07 47.62 17.77
C PHE A 397 -48.74 46.73 16.58
N LEU A 398 -47.58 46.05 16.62
CA LEU A 398 -47.11 45.11 15.56
C LEU A 398 -48.11 43.95 15.43
N LYS A 399 -48.62 43.44 16.55
CA LYS A 399 -49.68 42.39 16.62
C LYS A 399 -50.94 42.89 15.88
N THR A 400 -51.36 44.14 16.15
CA THR A 400 -52.56 44.78 15.54
C THR A 400 -52.33 45.03 14.04
N SER A 401 -51.11 45.45 13.65
CA SER A 401 -50.74 45.74 12.24
C SER A 401 -50.32 44.46 11.48
N GLU A 402 -50.24 43.32 12.16
CA GLU A 402 -49.89 41.98 11.60
C GLU A 402 -48.48 42.03 10.99
N VAL A 403 -47.47 42.07 11.85
CA VAL A 403 -46.02 41.90 11.50
C VAL A 403 -45.39 41.01 12.55
N PRO A 404 -44.67 39.92 12.16
CA PRO A 404 -43.94 39.09 13.13
C PRO A 404 -42.68 39.81 13.63
N TYR A 405 -42.26 39.51 14.87
CA TYR A 405 -41.04 40.08 15.52
C TYR A 405 -40.18 38.94 16.08
N ALA A 406 -38.87 39.01 15.80
CA ALA A 406 -37.88 37.94 16.09
C ALA A 406 -37.23 38.18 17.46
N GLY A 407 -36.56 39.33 17.63
CA GLY A 407 -35.78 39.69 18.83
C GLY A 407 -36.29 40.97 19.48
N ILE A 408 -36.19 41.06 20.81
CA ILE A 408 -36.52 42.26 21.62
C ILE A 408 -35.40 42.51 22.64
N ASN A 409 -35.19 43.78 23.03
CA ASN A 409 -34.13 44.19 23.99
C ASN A 409 -34.50 45.53 24.65
N ILE A 410 -33.91 45.79 25.82
CA ILE A 410 -34.09 47.05 26.60
C ILE A 410 -32.74 47.79 26.64
N GLY A 411 -32.75 49.11 26.44
CA GLY A 411 -31.56 49.98 26.48
C GLY A 411 -31.14 50.47 25.10
N PRO A 412 -29.92 51.03 24.94
CA PRO A 412 -29.48 51.57 23.65
C PRO A 412 -29.11 50.49 22.63
N VAL A 413 -29.09 50.86 21.34
CA VAL A 413 -28.83 49.95 20.19
C VAL A 413 -27.32 49.72 20.08
N HIS A 414 -26.89 48.47 19.83
CA HIS A 414 -25.48 48.03 19.74
C HIS A 414 -25.26 47.25 18.43
N LYS A 415 -24.02 46.83 18.16
CA LYS A 415 -23.61 46.19 16.87
C LYS A 415 -24.14 44.76 16.78
N LYS A 416 -24.44 44.10 17.91
CA LYS A 416 -25.06 42.76 17.96
C LYS A 416 -26.52 42.84 17.49
N ASP A 417 -27.21 43.95 17.79
CA ASP A 417 -28.64 44.19 17.47
C ASP A 417 -28.79 44.37 15.95
N VAL A 418 -27.94 45.22 15.36
CA VAL A 418 -27.89 45.44 13.87
C VAL A 418 -27.39 44.16 13.18
N MET A 419 -26.58 43.34 13.85
CA MET A 419 -26.14 42.02 13.31
C MET A 419 -27.31 41.02 13.32
N LYS A 420 -28.19 41.07 14.33
CA LYS A 420 -29.45 40.25 14.37
C LYS A 420 -30.41 40.75 13.28
N ALA A 421 -30.45 42.06 13.03
CA ALA A 421 -31.20 42.66 11.91
C ALA A 421 -30.57 42.24 10.57
N SER A 422 -29.23 42.07 10.52
CA SER A 422 -28.49 41.62 9.31
C SER A 422 -28.76 40.14 9.03
N VAL A 423 -28.67 39.28 10.06
CA VAL A 423 -28.91 37.81 9.92
C VAL A 423 -30.38 37.56 9.51
N MET A 424 -31.28 38.50 9.78
CA MET A 424 -32.67 38.51 9.25
C MET A 424 -32.68 38.81 7.73
N LEU A 425 -31.81 39.74 7.29
CA LEU A 425 -31.79 40.32 5.89
C LEU A 425 -31.75 39.22 4.83
N GLU A 426 -31.05 38.10 5.11
CA GLU A 426 -30.95 36.92 4.21
C GLU A 426 -32.34 36.34 3.94
N HIS A 427 -33.21 36.27 4.96
CA HIS A 427 -34.54 35.61 4.89
C HIS A 427 -35.54 36.49 4.12
N ASP A 428 -35.92 37.64 4.70
CA ASP A 428 -36.92 38.59 4.14
C ASP A 428 -36.35 40.01 4.20
N PRO A 429 -35.92 40.61 3.07
CA PRO A 429 -35.34 41.96 3.06
C PRO A 429 -36.13 43.06 3.80
N GLN A 430 -37.47 42.99 3.73
CA GLN A 430 -38.40 43.98 4.35
C GLN A 430 -38.31 43.89 5.88
N TYR A 431 -38.25 42.67 6.42
CA TYR A 431 -38.32 42.37 7.88
C TYR A 431 -37.04 42.82 8.61
N ALA A 432 -35.91 42.92 7.89
CA ALA A 432 -34.60 43.34 8.45
C ALA A 432 -34.63 44.83 8.81
N VAL A 433 -35.29 45.18 9.92
CA VAL A 433 -35.42 46.58 10.45
C VAL A 433 -35.43 46.53 11.98
N ILE A 434 -35.01 47.63 12.61
CA ILE A 434 -34.99 47.83 14.09
C ILE A 434 -35.93 48.99 14.44
N LEU A 435 -36.97 48.73 15.24
CA LEU A 435 -37.91 49.78 15.75
C LEU A 435 -37.43 50.22 17.13
N ALA A 436 -36.71 51.36 17.20
CA ALA A 436 -36.06 51.91 18.40
C ALA A 436 -36.86 53.12 18.92
N PHE A 437 -37.46 53.00 20.12
CA PHE A 437 -38.32 54.04 20.74
C PHE A 437 -37.63 54.67 21.96
N ASP A 438 -37.21 55.93 21.82
CA ASP A 438 -36.73 56.80 22.93
C ASP A 438 -35.44 56.22 23.53
N VAL A 439 -34.55 55.68 22.68
CA VAL A 439 -33.24 55.09 23.08
C VAL A 439 -32.13 55.73 22.23
N ARG A 440 -30.92 55.78 22.78
CA ARG A 440 -29.71 56.37 22.14
C ARG A 440 -29.15 55.39 21.12
N ILE A 441 -29.13 55.77 19.85
CA ILE A 441 -28.42 55.04 18.75
C ILE A 441 -26.90 55.23 18.95
N GLU A 442 -26.12 54.15 18.82
CA GLU A 442 -24.63 54.16 18.91
C GLU A 442 -24.04 54.35 17.51
N ARG A 443 -22.85 54.96 17.46
CA ARG A 443 -22.13 55.33 16.20
C ARG A 443 -21.76 54.06 15.42
N ASP A 444 -21.20 53.06 16.13
CA ASP A 444 -20.75 51.76 15.57
C ASP A 444 -21.95 50.97 15.02
N ALA A 445 -23.08 51.00 15.73
CA ALA A 445 -24.36 50.38 15.31
C ALA A 445 -24.88 51.09 14.05
N GLN A 446 -24.94 52.43 14.07
CA GLN A 446 -25.47 53.29 12.98
C GLN A 446 -24.63 53.08 11.70
N GLU A 447 -23.29 53.18 11.82
CA GLU A 447 -22.36 53.05 10.66
C GLU A 447 -22.40 51.61 10.13
N MET A 448 -22.53 50.60 11.01
CA MET A 448 -22.68 49.17 10.63
C MET A 448 -24.03 48.97 9.90
N ALA A 449 -25.09 49.62 10.37
CA ALA A 449 -26.45 49.59 9.76
C ALA A 449 -26.40 50.20 8.35
N ASP A 450 -25.72 51.35 8.20
CA ASP A 450 -25.59 52.07 6.91
C ASP A 450 -24.68 51.31 5.94
N SER A 451 -23.66 50.60 6.45
CA SER A 451 -22.70 49.79 5.63
C SER A 451 -23.42 48.54 5.07
N LEU A 452 -24.29 47.92 5.87
CA LEU A 452 -25.17 46.79 5.46
C LEU A 452 -26.49 47.36 4.91
N GLY A 453 -27.46 46.50 4.58
CA GLY A 453 -28.81 46.88 4.13
C GLY A 453 -29.83 46.81 5.26
N VAL A 454 -29.52 47.44 6.40
CA VAL A 454 -30.36 47.43 7.65
C VAL A 454 -30.75 48.88 7.97
N ARG A 455 -32.05 49.18 7.96
CA ARG A 455 -32.61 50.51 8.34
C ARG A 455 -33.03 50.50 9.81
N ILE A 456 -32.86 51.63 10.50
CA ILE A 456 -33.25 51.84 11.93
C ILE A 456 -34.23 53.02 11.99
N PHE A 457 -35.39 52.82 12.64
CA PHE A 457 -36.45 53.84 12.85
C PHE A 457 -36.32 54.40 14.27
N SER A 458 -35.59 55.51 14.41
CA SER A 458 -35.38 56.25 15.69
C SER A 458 -36.44 57.34 15.83
N ALA A 459 -37.12 57.40 16.98
CA ALA A 459 -38.20 58.38 17.28
C ALA A 459 -38.46 58.42 18.79
N GLU A 460 -38.60 59.63 19.34
CA GLU A 460 -38.92 59.89 20.78
C GLU A 460 -40.44 59.93 20.97
N ILE A 461 -41.16 60.55 20.03
CA ILE A 461 -42.65 60.57 19.98
C ILE A 461 -43.12 59.36 19.16
N ILE A 462 -43.95 58.50 19.76
CA ILE A 462 -44.32 57.15 19.25
C ILE A 462 -45.08 57.26 17.92
N TYR A 463 -45.83 58.37 17.74
CA TYR A 463 -46.60 58.69 16.50
C TYR A 463 -45.68 58.59 15.28
N HIS A 464 -44.48 59.19 15.39
CA HIS A 464 -43.46 59.24 14.31
C HIS A 464 -42.99 57.81 13.96
N LEU A 465 -42.82 56.94 14.96
CA LEU A 465 -42.35 55.54 14.79
C LEU A 465 -43.42 54.73 14.06
N PHE A 466 -44.69 54.85 14.47
CA PHE A 466 -45.87 54.19 13.83
C PHE A 466 -45.99 54.65 12.37
N ASP A 467 -46.01 55.97 12.15
CA ASP A 467 -46.17 56.61 10.82
C ASP A 467 -45.00 56.22 9.90
N ALA A 468 -43.76 56.31 10.41
CA ALA A 468 -42.52 55.97 9.67
C ALA A 468 -42.56 54.51 9.20
N PHE A 469 -42.97 53.58 10.09
CA PHE A 469 -43.05 52.13 9.79
C PHE A 469 -44.11 51.88 8.71
N THR A 470 -45.33 52.40 8.90
CA THR A 470 -46.46 52.27 7.93
C THR A 470 -46.07 52.88 6.58
N LYS A 471 -45.41 54.05 6.58
CA LYS A 471 -44.90 54.72 5.36
C LYS A 471 -43.93 53.77 4.62
N TYR A 472 -43.03 53.11 5.36
CA TYR A 472 -42.04 52.13 4.84
C TYR A 472 -42.76 50.92 4.21
N ARG A 473 -43.87 50.48 4.82
CA ARG A 473 -44.71 49.33 4.30
C ARG A 473 -45.27 49.70 2.92
N GLN A 474 -45.84 50.91 2.79
CA GLN A 474 -46.39 51.45 1.51
C GLN A 474 -45.25 51.70 0.52
N ASP A 475 -44.11 52.22 0.99
CA ASP A 475 -42.89 52.48 0.15
C ASP A 475 -42.35 51.16 -0.42
N TYR A 476 -42.30 50.11 0.40
CA TYR A 476 -41.81 48.77 -0.02
C TYR A 476 -42.82 48.11 -0.98
N LYS A 477 -44.12 48.36 -0.79
CA LYS A 477 -45.21 47.89 -1.71
C LYS A 477 -45.01 48.55 -3.08
N LYS A 478 -44.82 49.88 -3.11
CA LYS A 478 -44.51 50.67 -4.33
C LYS A 478 -43.20 50.16 -4.97
N GLN A 479 -42.16 49.98 -4.15
CA GLN A 479 -40.81 49.51 -4.59
C GLN A 479 -40.89 48.06 -5.11
N LYS A 480 -41.86 47.27 -4.63
CA LYS A 480 -42.11 45.88 -5.08
C LYS A 480 -42.92 45.89 -6.39
N GLN A 481 -44.02 46.67 -6.44
CA GLN A 481 -44.91 46.75 -7.63
C GLN A 481 -44.11 47.19 -8.86
N GLU A 482 -43.48 48.37 -8.79
CA GLU A 482 -42.64 48.93 -9.89
C GLU A 482 -41.24 48.32 -9.80
N GLU A 483 -40.64 47.96 -10.95
CA GLU A 483 -39.32 47.29 -11.15
C GLU A 483 -39.45 45.76 -11.07
N PHE A 484 -40.56 45.24 -10.54
CA PHE A 484 -40.99 43.82 -10.67
C PHE A 484 -42.44 43.82 -11.16
N LYS A 485 -42.61 44.20 -12.42
CA LYS A 485 -43.90 44.41 -13.13
C LYS A 485 -43.99 43.42 -14.30
N HIS A 486 -45.20 43.16 -14.80
CA HIS A 486 -45.53 42.39 -16.03
C HIS A 486 -45.10 40.92 -15.94
N ILE A 487 -44.55 40.45 -14.80
CA ILE A 487 -44.25 39.02 -14.53
C ILE A 487 -45.54 38.37 -14.00
N ALA A 488 -46.25 39.08 -13.12
CA ALA A 488 -47.66 38.78 -12.72
C ALA A 488 -48.59 39.14 -13.89
N VAL A 489 -48.61 38.29 -14.92
CA VAL A 489 -49.33 38.50 -16.21
C VAL A 489 -50.82 38.79 -15.94
N PHE A 490 -51.39 38.17 -14.90
CA PHE A 490 -52.78 38.36 -14.39
C PHE A 490 -53.75 37.55 -15.25
N PRO A 491 -54.71 36.81 -14.65
CA PRO A 491 -55.69 36.02 -15.43
C PRO A 491 -56.59 36.86 -16.35
N CYS A 492 -56.63 36.50 -17.63
CA CYS A 492 -57.35 37.22 -18.71
C CYS A 492 -57.87 36.21 -19.76
N LYS A 493 -59.20 36.14 -19.92
CA LYS A 493 -59.89 35.36 -20.97
C LYS A 493 -60.72 36.33 -21.83
N ILE A 494 -60.34 36.50 -23.10
CA ILE A 494 -60.95 37.50 -24.04
C ILE A 494 -61.91 36.77 -24.99
N LYS A 495 -63.13 37.30 -25.13
CA LYS A 495 -64.10 36.94 -26.20
C LYS A 495 -64.00 38.01 -27.30
N ILE A 496 -63.85 37.57 -28.56
CA ILE A 496 -63.75 38.47 -29.75
C ILE A 496 -65.15 39.05 -30.01
N LEU A 497 -65.24 40.38 -30.20
CA LEU A 497 -66.49 41.07 -30.63
C LEU A 497 -66.51 41.09 -32.16
N PRO A 498 -67.35 40.25 -32.84
CA PRO A 498 -67.33 40.17 -34.30
C PRO A 498 -67.81 41.46 -34.98
N GLN A 499 -67.37 41.66 -36.24
CA GLN A 499 -67.72 42.82 -37.11
C GLN A 499 -67.20 44.12 -36.51
N TYR A 500 -65.98 44.11 -35.95
CA TYR A 500 -65.24 45.33 -35.53
C TYR A 500 -64.09 45.60 -36.51
N ILE A 501 -63.78 46.89 -36.71
CA ILE A 501 -62.71 47.38 -37.63
C ILE A 501 -61.35 46.87 -37.15
N PHE A 502 -60.77 45.91 -37.89
CA PHE A 502 -59.46 45.26 -37.59
C PHE A 502 -58.34 45.99 -38.32
N ASN A 503 -57.26 46.34 -37.61
CA ASN A 503 -55.94 46.68 -38.21
C ASN A 503 -55.13 45.37 -38.26
N SER A 504 -54.60 45.02 -39.44
CA SER A 504 -54.07 43.67 -39.79
C SER A 504 -52.84 43.34 -38.96
N ARG A 505 -51.75 44.12 -39.11
CA ARG A 505 -50.46 43.91 -38.42
C ARG A 505 -49.66 45.22 -38.32
N ASP A 506 -48.93 45.37 -37.22
CA ASP A 506 -47.89 46.43 -36.99
C ASP A 506 -48.54 47.81 -36.97
N PRO A 507 -49.31 48.20 -35.92
CA PRO A 507 -49.75 47.29 -34.86
C PRO A 507 -51.07 46.57 -35.19
N ILE A 508 -51.57 45.74 -34.28
CA ILE A 508 -52.91 45.07 -34.38
C ILE A 508 -53.88 45.85 -33.48
N VAL A 509 -54.95 46.39 -34.07
CA VAL A 509 -56.04 47.18 -33.39
C VAL A 509 -57.27 46.28 -33.35
N MET A 510 -57.59 45.74 -32.16
CA MET A 510 -58.52 44.60 -31.97
C MET A 510 -59.62 45.01 -30.99
N GLY A 511 -60.88 44.95 -31.44
CA GLY A 511 -62.09 45.26 -30.63
C GLY A 511 -62.60 44.02 -29.91
N VAL A 512 -62.44 43.97 -28.59
CA VAL A 512 -62.64 42.73 -27.76
C VAL A 512 -63.53 43.02 -26.56
N THR A 513 -64.04 41.95 -25.93
CA THR A 513 -64.83 41.94 -24.68
C THR A 513 -64.32 40.80 -23.78
N VAL A 514 -63.81 41.14 -22.58
CA VAL A 514 -63.26 40.16 -21.60
C VAL A 514 -64.42 39.35 -21.01
N GLU A 515 -64.22 38.04 -20.82
CA GLU A 515 -65.25 37.08 -20.30
C GLU A 515 -64.86 36.56 -18.91
N ALA A 516 -63.56 36.32 -18.66
CA ALA A 516 -63.02 35.86 -17.36
C ALA A 516 -61.81 36.72 -16.95
N GLY A 517 -61.84 37.28 -15.73
CA GLY A 517 -60.81 38.16 -15.17
C GLY A 517 -60.98 39.60 -15.65
N GLN A 518 -59.93 40.42 -15.47
CA GLN A 518 -59.81 41.79 -16.05
C GLN A 518 -58.48 41.88 -16.82
N VAL A 519 -58.38 42.80 -17.78
CA VAL A 519 -57.26 42.93 -18.75
C VAL A 519 -56.59 44.30 -18.55
N LYS A 520 -55.28 44.30 -18.27
CA LYS A 520 -54.43 45.52 -18.19
C LYS A 520 -53.28 45.40 -19.21
N GLN A 521 -52.47 46.45 -19.33
CA GLN A 521 -51.37 46.55 -20.32
C GLN A 521 -50.20 45.67 -19.89
N GLY A 522 -49.52 45.02 -20.86
CA GLY A 522 -48.27 44.28 -20.65
C GLY A 522 -48.49 42.78 -20.40
N THR A 523 -49.72 42.28 -20.53
CA THR A 523 -50.07 40.84 -20.37
C THR A 523 -49.86 40.14 -21.71
N PRO A 524 -48.91 39.16 -21.83
CA PRO A 524 -48.81 38.32 -23.03
C PRO A 524 -50.05 37.46 -23.25
N MET A 525 -50.45 37.28 -24.52
CA MET A 525 -51.68 36.56 -24.95
C MET A 525 -51.31 35.40 -25.87
N CYS A 526 -52.17 34.38 -25.93
CA CYS A 526 -52.01 33.15 -26.74
C CYS A 526 -53.38 32.64 -27.24
N VAL A 527 -53.37 32.01 -28.42
CA VAL A 527 -54.53 31.28 -29.02
C VAL A 527 -54.22 29.78 -28.94
N PRO A 528 -55.02 28.99 -28.18
CA PRO A 528 -54.92 27.53 -28.22
C PRO A 528 -55.76 26.95 -29.36
N SER A 529 -55.79 25.61 -29.47
CA SER A 529 -56.52 24.82 -30.51
C SER A 529 -55.73 24.84 -31.83
N LYS A 530 -55.37 26.03 -32.32
CA LYS A 530 -54.46 26.24 -33.48
C LYS A 530 -53.01 26.08 -32.98
N ASN A 531 -52.66 24.87 -32.53
CA ASN A 531 -51.41 24.55 -31.77
C ASN A 531 -51.42 25.41 -30.49
N PHE A 532 -50.37 26.22 -30.26
CA PHE A 532 -50.33 27.27 -29.21
C PHE A 532 -49.57 28.48 -29.78
N VAL A 533 -50.26 29.34 -30.55
CA VAL A 533 -49.67 30.54 -31.20
C VAL A 533 -49.80 31.73 -30.22
N ASP A 534 -48.84 32.67 -30.27
CA ASP A 534 -48.59 33.68 -29.22
C ASP A 534 -48.61 35.10 -29.81
N ILE A 535 -49.15 36.05 -29.04
CA ILE A 535 -49.00 37.52 -29.24
C ILE A 535 -48.44 38.11 -27.93
N GLY A 536 -47.17 38.55 -27.96
CA GLY A 536 -46.41 38.97 -26.77
C GLY A 536 -46.60 40.45 -26.45
N ILE A 537 -46.99 40.75 -25.20
CA ILE A 537 -47.07 42.11 -24.59
C ILE A 537 -48.09 42.98 -25.35
N VAL A 538 -49.32 43.07 -24.84
CA VAL A 538 -50.33 44.09 -25.27
C VAL A 538 -49.86 45.45 -24.73
N THR A 539 -49.80 46.46 -25.60
CA THR A 539 -49.15 47.78 -25.33
C THR A 539 -50.17 48.77 -24.72
N SER A 540 -51.39 48.88 -25.28
CA SER A 540 -52.44 49.82 -24.80
C SER A 540 -53.85 49.22 -24.98
N ILE A 541 -54.72 49.48 -24.00
CA ILE A 541 -56.18 49.13 -23.99
C ILE A 541 -56.97 50.44 -23.91
N GLU A 542 -57.86 50.68 -24.87
CA GLU A 542 -58.66 51.93 -24.99
C GLU A 542 -60.15 51.61 -25.19
N ILE A 543 -61.03 52.28 -24.44
CA ILE A 543 -62.51 52.29 -24.65
C ILE A 543 -62.83 53.41 -25.65
N ASN A 544 -63.41 53.07 -26.80
CA ASN A 544 -63.80 54.00 -27.88
C ASN A 544 -62.54 54.76 -28.35
N HIS A 545 -62.28 55.95 -27.77
CA HIS A 545 -61.05 56.78 -27.99
C HIS A 545 -60.23 56.91 -26.70
N LYS A 546 -60.87 56.87 -25.53
CA LYS A 546 -60.23 57.14 -24.21
C LYS A 546 -59.43 55.92 -23.75
N GLN A 547 -58.31 56.15 -23.05
CA GLN A 547 -57.44 55.08 -22.46
C GLN A 547 -58.06 54.59 -21.14
N VAL A 548 -57.92 53.29 -20.85
CA VAL A 548 -58.39 52.66 -19.58
C VAL A 548 -57.30 51.72 -19.05
N ASP A 549 -57.19 51.59 -17.72
CA ASP A 549 -56.16 50.77 -17.02
C ASP A 549 -56.63 49.31 -16.92
N VAL A 550 -57.93 49.09 -16.70
CA VAL A 550 -58.55 47.73 -16.52
C VAL A 550 -59.81 47.62 -17.41
N ALA A 551 -60.20 46.38 -17.73
CA ALA A 551 -61.47 46.03 -18.42
C ALA A 551 -62.58 45.89 -17.37
N LYS A 552 -63.82 46.25 -17.73
CA LYS A 552 -64.99 46.36 -16.80
C LYS A 552 -65.88 45.11 -16.93
N LYS A 553 -65.28 43.92 -17.09
CA LYS A 553 -65.98 42.61 -17.20
C LYS A 553 -67.12 42.70 -18.23
N GLY A 554 -66.75 42.81 -19.52
CA GLY A 554 -67.69 42.93 -20.65
C GLY A 554 -67.74 44.35 -21.21
N GLN A 555 -66.58 44.88 -21.61
CA GLN A 555 -66.40 46.22 -22.23
C GLN A 555 -66.06 46.04 -23.72
N GLU A 556 -66.33 47.07 -24.54
CA GLU A 556 -66.06 47.07 -26.00
C GLU A 556 -64.70 47.74 -26.25
N VAL A 557 -63.63 47.20 -25.66
CA VAL A 557 -62.27 47.84 -25.67
C VAL A 557 -61.60 47.55 -27.02
N CYS A 558 -61.16 48.61 -27.71
CA CYS A 558 -60.26 48.57 -28.89
C CYS A 558 -58.81 48.64 -28.39
N VAL A 559 -58.07 47.53 -28.48
CA VAL A 559 -56.70 47.37 -27.88
C VAL A 559 -55.66 47.48 -29.00
N LYS A 560 -54.61 48.28 -28.76
CA LYS A 560 -53.39 48.35 -29.63
C LYS A 560 -52.37 47.35 -29.09
N ILE A 561 -52.02 46.35 -29.92
CA ILE A 561 -51.07 45.24 -29.59
C ILE A 561 -49.95 45.23 -30.62
N GLU A 562 -48.69 45.20 -30.15
CA GLU A 562 -47.45 45.03 -30.95
C GLU A 562 -46.80 43.70 -30.56
N PRO A 563 -46.89 42.63 -31.40
CA PRO A 563 -46.21 41.38 -31.12
C PRO A 563 -44.68 41.54 -30.96
N ILE A 564 -44.08 40.77 -30.04
CA ILE A 564 -42.62 40.85 -29.68
C ILE A 564 -41.77 40.59 -30.92
N PRO A 565 -40.55 41.18 -31.02
CA PRO A 565 -39.66 40.91 -32.15
C PRO A 565 -39.29 39.42 -32.28
N GLY A 566 -39.90 38.75 -33.28
CA GLY A 566 -39.59 37.37 -33.68
C GLY A 566 -39.17 37.30 -35.14
N GLU A 567 -39.08 36.09 -35.70
CA GLU A 567 -38.77 35.85 -37.13
C GLU A 567 -39.98 36.24 -38.00
N SER A 568 -41.19 36.15 -37.45
CA SER A 568 -42.47 36.54 -38.13
C SER A 568 -43.56 36.86 -37.10
N PRO A 569 -44.29 37.99 -37.24
CA PRO A 569 -45.49 38.23 -36.45
C PRO A 569 -46.70 37.44 -36.99
N LYS A 570 -47.62 37.05 -36.10
CA LYS A 570 -48.83 36.23 -36.42
C LYS A 570 -49.91 37.14 -37.03
N MET A 571 -50.69 36.58 -37.97
CA MET A 571 -51.71 37.30 -38.80
C MET A 571 -53.11 36.78 -38.45
N PHE A 572 -54.10 37.69 -38.40
CA PHE A 572 -55.55 37.38 -38.28
C PHE A 572 -56.03 36.65 -39.54
N GLY A 573 -56.88 35.63 -39.36
CA GLY A 573 -57.49 34.85 -40.45
C GLY A 573 -56.63 33.66 -40.84
N ARG A 574 -55.35 33.89 -41.12
CA ARG A 574 -54.36 32.84 -41.53
C ARG A 574 -54.05 31.93 -40.33
N HIS A 575 -53.73 32.52 -39.17
CA HIS A 575 -53.25 31.80 -37.95
C HIS A 575 -54.39 31.66 -36.93
N PHE A 576 -55.08 32.76 -36.60
CA PHE A 576 -56.20 32.81 -35.61
C PHE A 576 -57.43 33.46 -36.26
N GLU A 577 -58.62 32.89 -35.99
CA GLU A 577 -59.94 33.31 -36.53
C GLU A 577 -60.76 33.95 -35.40
N ALA A 578 -61.81 34.71 -35.74
CA ALA A 578 -62.74 35.39 -34.82
C ALA A 578 -63.36 34.40 -33.81
N THR A 579 -63.59 33.15 -34.22
CA THR A 579 -64.14 32.05 -33.38
C THR A 579 -63.14 31.64 -32.28
N ASP A 580 -61.83 31.73 -32.55
CA ASP A 580 -60.76 31.25 -31.63
C ASP A 580 -60.70 32.15 -30.38
N ILE A 581 -60.41 31.54 -29.22
CA ILE A 581 -60.38 32.20 -27.88
C ILE A 581 -58.98 32.80 -27.68
N LEU A 582 -58.90 33.96 -27.00
CA LEU A 582 -57.63 34.63 -26.59
C LEU A 582 -57.43 34.41 -25.08
N VAL A 583 -56.38 33.65 -24.70
CA VAL A 583 -56.08 33.25 -23.29
C VAL A 583 -54.68 33.76 -22.94
N SER A 584 -54.51 34.34 -21.75
CA SER A 584 -53.22 34.87 -21.22
C SER A 584 -52.25 33.72 -20.96
N LYS A 585 -50.95 33.96 -21.17
CA LYS A 585 -49.86 32.97 -20.99
C LYS A 585 -49.39 32.99 -19.52
N ILE A 586 -49.99 32.14 -18.68
CA ILE A 586 -49.73 32.02 -17.22
C ILE A 586 -48.87 30.77 -16.99
N SER A 587 -47.73 30.93 -16.33
CA SER A 587 -46.74 29.87 -16.01
C SER A 587 -46.56 29.74 -14.48
N ARG A 588 -45.77 28.74 -14.06
CA ARG A 588 -45.38 28.48 -12.64
C ARG A 588 -44.77 29.75 -12.02
N GLN A 589 -43.90 30.44 -12.75
CA GLN A 589 -43.19 31.68 -12.31
C GLN A 589 -44.22 32.80 -12.09
N SER A 590 -45.11 33.01 -13.06
CA SER A 590 -46.15 34.08 -13.07
C SER A 590 -47.20 33.82 -11.97
N ILE A 591 -47.71 32.58 -11.86
CA ILE A 591 -48.72 32.20 -10.82
C ILE A 591 -48.09 32.34 -9.43
N ASP A 592 -46.84 31.89 -9.26
CA ASP A 592 -46.08 32.02 -7.97
C ASP A 592 -45.80 33.50 -7.68
N ALA A 593 -45.55 34.31 -8.72
CA ALA A 593 -45.29 35.77 -8.62
C ALA A 593 -46.57 36.51 -8.23
N LEU A 594 -47.72 36.15 -8.80
CA LEU A 594 -49.03 36.82 -8.55
C LEU A 594 -49.75 36.16 -7.35
N LYS A 595 -49.25 35.05 -6.82
CA LYS A 595 -49.81 34.42 -5.58
C LYS A 595 -49.50 35.31 -4.37
N ASP A 596 -48.21 35.45 -4.02
CA ASP A 596 -47.73 36.28 -2.87
C ASP A 596 -47.37 37.68 -3.39
N TRP A 597 -47.65 38.71 -2.59
CA TRP A 597 -47.38 40.15 -2.86
C TRP A 597 -48.30 40.72 -3.95
N PHE A 598 -49.34 39.97 -4.37
CA PHE A 598 -50.50 40.45 -5.15
C PHE A 598 -51.77 39.83 -4.54
N ARG A 599 -52.22 40.35 -3.40
CA ARG A 599 -53.46 39.92 -2.69
C ARG A 599 -54.39 41.11 -2.39
N ASP A 600 -53.98 42.35 -2.68
CA ASP A 600 -54.77 43.58 -2.43
C ASP A 600 -55.35 44.11 -3.75
N GLU A 601 -54.53 44.16 -4.82
CA GLU A 601 -54.93 44.59 -6.18
C GLU A 601 -55.57 43.41 -6.94
N MET A 602 -55.33 42.17 -6.48
CA MET A 602 -55.77 40.90 -7.13
C MET A 602 -57.30 40.82 -7.10
N GLN A 603 -57.88 40.10 -8.07
CA GLN A 603 -59.35 39.97 -8.31
C GLN A 603 -60.07 39.38 -7.08
N LYS A 604 -61.39 39.54 -7.03
CA LYS A 604 -62.23 39.35 -5.81
C LYS A 604 -62.70 37.89 -5.71
N SER A 605 -63.52 37.42 -6.67
CA SER A 605 -64.21 36.10 -6.64
C SER A 605 -64.15 35.40 -7.99
N ASP A 606 -63.16 35.73 -8.84
CA ASP A 606 -62.97 35.11 -10.19
C ASP A 606 -61.79 34.13 -10.18
N TRP A 607 -61.16 33.92 -9.01
CA TRP A 607 -59.95 33.07 -8.79
C TRP A 607 -59.93 31.83 -9.69
N GLN A 608 -61.04 31.08 -9.70
CA GLN A 608 -61.16 29.67 -10.18
C GLN A 608 -60.56 29.50 -11.58
N LEU A 609 -60.68 30.52 -12.46
CA LEU A 609 -60.21 30.47 -13.87
C LEU A 609 -58.71 30.13 -13.92
N ILE A 610 -57.92 30.55 -12.91
CA ILE A 610 -56.46 30.22 -12.78
C ILE A 610 -56.32 28.70 -12.70
N VAL A 611 -57.01 28.08 -11.72
CA VAL A 611 -57.04 26.59 -11.53
C VAL A 611 -57.61 25.94 -12.81
N GLU A 612 -58.57 26.60 -13.45
CA GLU A 612 -59.24 26.12 -14.70
C GLU A 612 -58.35 26.31 -15.93
N LEU A 613 -57.39 27.25 -15.93
CA LEU A 613 -56.48 27.50 -17.09
C LEU A 613 -55.10 26.86 -16.85
N LYS A 614 -54.66 26.71 -15.59
CA LYS A 614 -53.37 26.05 -15.25
C LYS A 614 -53.46 24.55 -15.56
N LYS A 615 -54.66 23.96 -15.45
CA LYS A 615 -54.92 22.52 -15.77
C LYS A 615 -54.78 22.26 -17.27
N VAL A 616 -55.19 23.21 -18.13
CA VAL A 616 -55.12 23.09 -19.63
C VAL A 616 -53.73 23.50 -20.12
N PHE A 617 -53.04 24.42 -19.42
CA PHE A 617 -51.62 24.79 -19.68
C PHE A 617 -50.66 23.80 -18.99
N GLU A 618 -51.19 22.88 -18.17
CA GLU A 618 -50.45 21.76 -17.51
C GLU A 618 -49.51 22.32 -16.44
N ILE A 619 -50.04 22.61 -15.25
CA ILE A 619 -49.29 23.03 -14.03
C ILE A 619 -49.82 22.22 -12.84
N ARG D 1 -44.06 -7.26 -6.30
CA ARG D 1 -44.20 -6.14 -5.32
C ARG D 1 -45.66 -5.65 -5.32
N GLU D 2 -46.13 -5.15 -4.17
CA GLU D 2 -47.51 -4.67 -3.94
C GLU D 2 -47.61 -3.17 -4.26
N LEU D 3 -48.83 -2.66 -4.40
CA LEU D 3 -49.13 -1.21 -4.58
C LEU D 3 -48.86 -0.46 -3.26
N VAL D 4 -48.49 0.82 -3.36
CA VAL D 4 -48.09 1.68 -2.20
C VAL D 4 -48.68 3.08 -2.39
N PHE D 5 -49.87 3.33 -1.82
CA PHE D 5 -50.61 4.62 -1.90
C PHE D 5 -50.23 5.49 -0.71
N LYS D 6 -48.93 5.70 -0.51
CA LYS D 6 -48.33 6.36 0.68
C LYS D 6 -48.07 7.85 0.37
N GLU D 7 -48.88 8.73 0.97
CA GLU D 7 -48.75 10.21 0.90
C GLU D 7 -48.57 10.76 2.32
N ASP D 8 -47.59 10.21 3.05
CA ASP D 8 -47.35 10.46 4.50
C ASP D 8 -45.92 11.01 4.67
N GLY D 9 -45.75 12.31 4.43
CA GLY D 9 -44.45 13.01 4.45
C GLY D 9 -43.60 12.67 3.24
N GLN D 10 -44.22 12.25 2.13
CA GLN D 10 -43.53 11.87 0.87
C GLN D 10 -44.49 12.03 -0.31
N GLU D 11 -43.99 12.54 -1.44
CA GLU D 11 -44.80 12.99 -2.61
C GLU D 11 -44.39 12.25 -3.87
N TYR D 12 -45.33 12.11 -4.82
CA TYR D 12 -45.12 11.57 -6.19
C TYR D 12 -44.55 12.68 -7.08
N ALA D 13 -43.59 12.35 -7.94
CA ALA D 13 -42.90 13.31 -8.84
C ALA D 13 -42.63 12.68 -10.22
N GLN D 14 -42.71 13.51 -11.27
CA GLN D 14 -42.33 13.16 -12.67
C GLN D 14 -40.88 13.61 -12.89
N VAL D 15 -39.98 12.68 -13.21
CA VAL D 15 -38.53 12.93 -13.44
C VAL D 15 -38.38 13.72 -14.75
N ILE D 16 -37.69 14.83 -14.69
CA ILE D 16 -37.52 15.68 -15.81
C ILE D 16 -36.14 16.20 -15.72
N LYS D 17 -35.44 16.20 -16.84
CA LYS D 17 -34.08 16.72 -16.90
C LYS D 17 -33.21 16.10 -15.84
N MET D 18 -33.00 14.81 -15.88
CA MET D 18 -32.23 14.12 -14.87
C MET D 18 -30.74 14.26 -15.06
N LEU D 19 -30.24 15.43 -14.75
CA LEU D 19 -28.87 15.69 -14.95
C LEU D 19 -28.30 16.06 -13.65
N GLY D 20 -27.20 15.39 -13.38
CA GLY D 20 -26.41 15.52 -12.19
C GLY D 20 -25.56 14.28 -12.09
N ASN D 21 -24.95 14.07 -10.93
CA ASN D 21 -24.18 12.89 -10.68
C ASN D 21 -24.89 12.39 -9.48
N GLY D 22 -26.15 12.08 -9.70
CA GLY D 22 -27.10 11.64 -8.70
C GLY D 22 -28.08 12.73 -8.36
N ARG D 23 -27.95 13.90 -8.95
CA ARG D 23 -28.85 15.00 -8.63
C ARG D 23 -30.37 14.91 -8.92
N LEU D 24 -30.75 14.40 -10.09
CA LEU D 24 -32.16 14.23 -10.49
C LEU D 24 -33.09 15.41 -10.82
N GLU D 25 -33.36 16.32 -9.91
CA GLU D 25 -34.23 17.47 -10.21
C GLU D 25 -35.65 17.31 -10.81
N ALA D 26 -36.49 16.43 -10.26
CA ALA D 26 -37.88 16.19 -10.74
C ALA D 26 -38.96 17.21 -10.35
N MET D 27 -40.12 17.12 -11.00
CA MET D 27 -41.30 18.01 -10.81
C MET D 27 -42.51 17.37 -10.11
N CYS D 28 -42.62 17.66 -8.84
CA CYS D 28 -43.55 17.11 -7.83
C CYS D 28 -45.00 17.48 -8.19
N PHE D 29 -45.93 16.56 -7.96
CA PHE D 29 -47.36 16.67 -8.40
C PHE D 29 -48.08 17.76 -7.59
N ASP D 30 -47.71 17.94 -6.32
CA ASP D 30 -48.31 18.95 -5.40
C ASP D 30 -47.59 20.29 -5.59
N GLY D 31 -46.31 20.36 -5.20
CA GLY D 31 -45.51 21.60 -5.12
C GLY D 31 -44.70 21.86 -6.39
N VAL D 32 -43.54 22.52 -6.23
CA VAL D 32 -42.63 22.93 -7.33
C VAL D 32 -41.55 21.86 -7.54
N LYS D 33 -40.62 22.09 -8.48
CA LYS D 33 -39.47 21.19 -8.78
C LYS D 33 -38.53 21.12 -7.57
N ARG D 34 -37.90 19.96 -7.36
CA ARG D 34 -36.96 19.70 -6.23
C ARG D 34 -35.84 18.75 -6.68
N LEU D 35 -34.66 18.89 -6.06
CA LEU D 35 -33.51 17.96 -6.22
C LEU D 35 -33.76 16.73 -5.33
N CYS D 36 -34.06 15.58 -5.93
CA CYS D 36 -34.31 14.28 -5.24
C CYS D 36 -33.07 13.38 -5.39
N HIS D 37 -32.28 13.23 -4.32
CA HIS D 37 -31.04 12.41 -4.28
C HIS D 37 -31.35 10.93 -4.52
N ILE D 38 -30.49 10.25 -5.27
CA ILE D 38 -30.54 8.76 -5.47
C ILE D 38 -30.14 8.11 -4.15
N ARG D 39 -31.11 7.50 -3.46
CA ARG D 39 -30.92 6.85 -2.13
C ARG D 39 -30.01 5.62 -2.31
N GLY D 40 -29.25 5.28 -1.26
CA GLY D 40 -28.25 4.20 -1.23
C GLY D 40 -28.59 3.01 -2.11
N LYS D 41 -29.71 2.33 -1.85
CA LYS D 41 -30.11 1.05 -2.51
C LYS D 41 -30.46 1.27 -3.99
N LEU D 42 -30.71 2.51 -4.42
CA LEU D 42 -31.04 2.85 -5.83
C LEU D 42 -29.79 3.31 -6.60
N ARG D 43 -28.58 3.25 -6.02
CA ARG D 43 -27.34 3.78 -6.65
C ARG D 43 -27.01 3.00 -7.92
N LYS D 44 -26.95 1.66 -7.83
CA LYS D 44 -26.59 0.76 -8.96
C LYS D 44 -27.70 -0.24 -9.29
N LYS D 45 -28.54 -0.61 -8.32
CA LYS D 45 -29.48 -1.78 -8.42
C LYS D 45 -30.67 -1.41 -9.31
N VAL D 46 -31.32 -0.27 -9.07
CA VAL D 46 -32.56 0.19 -9.75
C VAL D 46 -32.24 1.47 -10.54
N TRP D 47 -32.60 1.52 -11.83
CA TRP D 47 -32.27 2.61 -12.79
C TRP D 47 -33.50 3.49 -13.03
N ILE D 48 -33.41 4.78 -12.67
CA ILE D 48 -34.43 5.83 -12.97
C ILE D 48 -34.02 6.54 -14.26
N ASN D 49 -34.93 6.61 -15.24
CA ASN D 49 -34.68 7.14 -16.62
C ASN D 49 -35.13 8.60 -16.71
N THR D 50 -34.91 9.24 -17.87
CA THR D 50 -35.15 10.69 -18.14
C THR D 50 -36.61 11.09 -17.87
N SER D 51 -37.57 10.21 -18.17
CA SER D 51 -39.02 10.39 -17.90
C SER D 51 -39.55 9.19 -17.12
N ASP D 52 -39.88 9.38 -15.84
CA ASP D 52 -40.26 8.29 -14.89
C ASP D 52 -41.13 8.87 -13.76
N ILE D 53 -42.03 8.03 -13.22
CA ILE D 53 -42.87 8.34 -12.02
C ILE D 53 -42.17 7.75 -10.80
N ILE D 54 -41.93 8.56 -9.77
CA ILE D 54 -41.17 8.19 -8.54
C ILE D 54 -41.90 8.70 -7.29
N LEU D 55 -41.84 7.93 -6.20
CA LEU D 55 -42.25 8.36 -4.84
C LEU D 55 -41.00 8.85 -4.09
N VAL D 56 -40.97 10.15 -3.79
CA VAL D 56 -39.78 10.88 -3.24
C VAL D 56 -40.06 11.20 -1.77
N GLY D 57 -39.08 10.90 -0.89
CA GLY D 57 -39.15 11.14 0.56
C GLY D 57 -38.93 12.61 0.87
N LEU D 58 -40.02 13.37 1.00
CA LEU D 58 -40.04 14.85 1.17
C LEU D 58 -39.24 15.21 2.42
N ARG D 59 -37.97 15.59 2.37
CA ARG D 59 -37.25 15.88 3.63
C ARG D 59 -37.49 17.31 4.14
N ASP D 60 -38.39 17.48 5.09
CA ASP D 60 -38.79 18.83 5.50
C ASP D 60 -38.05 19.68 6.51
N TYR D 61 -36.88 20.15 6.12
CA TYR D 61 -36.15 21.12 6.91
C TYR D 61 -36.11 22.24 5.90
N GLN D 62 -35.11 22.16 5.03
CA GLN D 62 -34.87 23.12 3.97
C GLN D 62 -35.88 23.20 2.83
N ASP D 63 -36.36 22.04 2.39
CA ASP D 63 -37.40 21.83 1.37
C ASP D 63 -37.01 22.06 -0.06
N ASN D 64 -35.75 22.37 -0.32
CA ASN D 64 -35.30 22.60 -1.68
C ASN D 64 -34.62 21.37 -2.19
N LYS D 65 -34.64 20.34 -1.39
CA LYS D 65 -34.03 19.03 -1.74
C LYS D 65 -34.90 17.89 -1.20
N ALA D 66 -34.62 16.66 -1.63
CA ALA D 66 -35.29 15.41 -1.17
C ALA D 66 -34.44 14.18 -1.54
N ASP D 67 -34.97 12.97 -1.37
CA ASP D 67 -34.32 11.70 -1.81
C ASP D 67 -35.38 10.72 -2.33
N VAL D 68 -35.10 10.06 -3.46
CA VAL D 68 -36.03 9.12 -4.17
C VAL D 68 -36.13 7.83 -3.35
N ILE D 69 -37.33 7.51 -2.85
CA ILE D 69 -37.61 6.26 -2.08
C ILE D 69 -37.87 5.12 -3.06
N LEU D 70 -38.86 5.28 -3.95
CA LEU D 70 -39.34 4.19 -4.84
C LEU D 70 -39.41 4.66 -6.30
N LYS D 71 -39.04 3.75 -7.23
CA LYS D 71 -39.25 3.85 -8.70
C LYS D 71 -40.51 3.07 -9.06
N TYR D 72 -41.40 3.65 -9.88
CA TYR D 72 -42.62 2.99 -10.42
C TYR D 72 -42.41 2.55 -11.87
N ASN D 73 -43.31 1.71 -12.37
CA ASN D 73 -43.35 1.20 -13.76
C ASN D 73 -44.80 1.27 -14.27
N ALA D 74 -45.03 0.86 -15.53
CA ALA D 74 -46.26 1.11 -16.32
C ALA D 74 -47.52 0.63 -15.59
N ASP D 75 -47.53 -0.61 -15.10
CA ASP D 75 -48.71 -1.27 -14.46
C ASP D 75 -49.08 -0.51 -13.19
N GLU D 76 -48.10 -0.22 -12.32
CA GLU D 76 -48.29 0.49 -11.02
C GLU D 76 -48.66 1.96 -11.28
N ALA D 77 -48.05 2.58 -12.29
CA ALA D 77 -48.40 3.94 -12.78
C ALA D 77 -49.86 3.98 -13.22
N ARG D 78 -50.28 3.01 -14.05
CA ARG D 78 -51.68 2.86 -14.56
C ARG D 78 -52.65 2.65 -13.40
N SER D 79 -52.25 1.91 -12.35
CA SER D 79 -53.02 1.72 -11.10
C SER D 79 -53.15 3.06 -10.37
N LEU D 80 -52.01 3.71 -10.10
CA LEU D 80 -51.95 5.03 -9.42
C LEU D 80 -52.81 6.06 -10.17
N LYS D 81 -52.83 5.88 -11.48
CA LYS D 81 -53.60 6.70 -12.35
C LYS D 81 -55.03 6.54 -11.92
N ALA D 82 -55.41 5.30 -11.68
CA ALA D 82 -56.76 4.99 -11.31
C ALA D 82 -57.27 5.61 -10.02
N TYR D 83 -56.45 5.70 -9.00
CA TYR D 83 -56.95 6.22 -7.74
C TYR D 83 -56.70 7.71 -7.55
N GLY D 84 -55.48 8.07 -7.16
CA GLY D 84 -55.11 9.45 -6.95
C GLY D 84 -53.74 9.81 -7.46
N GLU D 85 -53.74 10.60 -8.52
CA GLU D 85 -52.59 11.09 -9.26
C GLU D 85 -53.29 11.88 -10.34
N LEU D 86 -52.85 13.09 -10.58
CA LEU D 86 -53.52 13.98 -11.52
C LEU D 86 -53.60 13.49 -12.96
N PRO D 87 -54.62 13.95 -13.69
CA PRO D 87 -54.69 13.53 -15.10
C PRO D 87 -53.46 14.01 -15.86
N GLU D 88 -52.28 13.83 -15.28
CA GLU D 88 -51.04 14.31 -15.87
C GLU D 88 -50.18 13.40 -16.78
N HIS D 89 -50.65 12.17 -17.01
CA HIS D 89 -50.07 11.09 -17.88
C HIS D 89 -49.01 10.23 -17.21
N ALA D 90 -48.88 8.97 -17.64
CA ALA D 90 -47.89 8.06 -17.09
C ALA D 90 -47.25 7.20 -18.18
N SER E 1 59.12 -27.30 2.71
CA SER E 1 60.29 -27.94 3.38
C SER E 1 60.83 -27.02 4.49
N GLY E 2 61.31 -27.59 5.59
CA GLY E 2 61.78 -26.85 6.78
C GLY E 2 63.23 -26.45 6.71
N ALA E 3 63.76 -26.22 5.49
CA ALA E 3 65.19 -25.91 5.20
C ALA E 3 66.09 -27.05 5.69
N LEU E 4 65.61 -28.29 5.63
CA LEU E 4 66.33 -29.53 6.04
C LEU E 4 66.75 -30.29 4.77
N ASP E 5 67.97 -30.84 4.76
CA ASP E 5 68.59 -31.54 3.60
C ASP E 5 67.74 -32.77 3.22
N VAL E 6 67.08 -33.40 4.18
CA VAL E 6 66.21 -34.59 3.98
C VAL E 6 64.98 -34.21 3.12
N LEU E 7 64.46 -32.98 3.26
CA LEU E 7 63.24 -32.49 2.55
C LEU E 7 63.60 -31.63 1.34
N GLN E 8 64.89 -31.55 0.95
CA GLN E 8 65.33 -30.89 -0.31
C GLN E 8 65.01 -31.80 -1.49
N MET E 9 64.53 -31.24 -2.60
CA MET E 9 64.19 -31.99 -3.84
C MET E 9 65.47 -32.40 -4.57
N LYS E 10 65.45 -33.56 -5.23
CA LYS E 10 66.62 -34.21 -5.88
C LYS E 10 66.59 -33.96 -7.39
N GLU E 11 67.63 -34.41 -8.10
CA GLU E 11 67.77 -34.27 -9.58
C GLU E 11 66.67 -35.07 -10.29
N GLU E 12 66.36 -36.28 -9.80
CA GLU E 12 65.34 -37.20 -10.37
C GLU E 12 63.96 -36.52 -10.34
N ASP E 13 63.66 -35.79 -9.26
CA ASP E 13 62.35 -35.10 -9.04
C ASP E 13 62.16 -33.99 -10.08
N VAL E 14 63.17 -33.14 -10.28
CA VAL E 14 63.11 -32.00 -11.25
C VAL E 14 63.10 -32.56 -12.68
N LEU E 15 63.85 -33.64 -12.96
CA LEU E 15 63.82 -34.37 -14.25
C LEU E 15 62.42 -34.94 -14.50
N LYS E 16 61.79 -35.51 -13.46
CA LYS E 16 60.39 -36.01 -13.51
C LYS E 16 59.44 -34.84 -13.81
N PHE E 17 59.62 -33.69 -13.15
CA PHE E 17 58.79 -32.47 -13.33
C PHE E 17 58.93 -31.93 -14.76
N LEU E 18 60.16 -31.71 -15.22
CA LEU E 18 60.48 -31.13 -16.56
C LEU E 18 60.02 -32.06 -17.68
N ALA E 19 59.98 -33.38 -17.44
CA ALA E 19 59.50 -34.40 -18.41
C ALA E 19 58.04 -34.13 -18.77
N ALA E 20 57.16 -34.07 -17.76
CA ALA E 20 55.70 -33.83 -17.90
C ALA E 20 55.45 -32.44 -18.50
N GLY E 21 56.27 -31.45 -18.14
CA GLY E 21 56.16 -30.05 -18.59
C GLY E 21 55.36 -29.22 -17.61
N THR E 22 55.60 -29.41 -16.30
CA THR E 22 54.91 -28.70 -15.19
C THR E 22 55.38 -27.23 -15.14
N HIS E 23 56.58 -26.94 -15.65
CA HIS E 23 57.17 -25.58 -15.73
C HIS E 23 56.48 -24.74 -16.82
N LEU E 24 55.75 -25.36 -17.77
CA LEU E 24 54.95 -24.63 -18.79
C LEU E 24 53.63 -24.16 -18.15
N GLY E 25 53.49 -22.85 -17.93
CA GLY E 25 52.26 -22.22 -17.41
C GLY E 25 51.27 -21.90 -18.53
N GLY E 26 50.30 -21.03 -18.24
CA GLY E 26 49.33 -20.49 -19.22
C GLY E 26 49.87 -19.22 -19.86
N THR E 27 49.02 -18.50 -20.60
CA THR E 27 49.32 -17.21 -21.27
C THR E 27 48.99 -16.03 -20.34
N ASN E 28 48.03 -16.22 -19.41
CA ASN E 28 47.52 -15.17 -18.48
C ASN E 28 48.05 -15.43 -17.06
N LEU E 29 48.22 -14.34 -16.29
CA LEU E 29 48.65 -14.35 -14.87
C LEU E 29 47.61 -13.62 -14.02
N ASP E 30 47.17 -14.24 -12.91
CA ASP E 30 46.32 -13.62 -11.87
C ASP E 30 47.23 -12.95 -10.83
N PHE E 31 46.80 -11.80 -10.29
CA PHE E 31 47.62 -10.87 -9.45
C PHE E 31 48.12 -11.58 -8.17
N GLN E 32 47.37 -12.56 -7.65
CA GLN E 32 47.75 -13.33 -6.43
C GLN E 32 48.89 -14.31 -6.74
N MET E 33 48.94 -14.88 -7.96
CA MET E 33 49.86 -15.98 -8.34
C MET E 33 51.20 -15.43 -8.89
N GLU E 34 51.41 -14.11 -8.92
CA GLU E 34 52.63 -13.44 -9.44
C GLU E 34 53.87 -13.87 -8.62
N GLN E 35 53.70 -14.11 -7.31
CA GLN E 35 54.79 -14.46 -6.35
C GLN E 35 55.46 -15.79 -6.73
N TYR E 36 54.73 -16.73 -7.33
CA TYR E 36 55.20 -18.11 -7.68
C TYR E 36 55.87 -18.13 -9.07
N ILE E 37 55.50 -17.19 -9.95
CA ILE E 37 56.00 -17.10 -11.35
C ILE E 37 57.52 -16.80 -11.32
N TYR E 38 58.28 -17.39 -12.25
CA TYR E 38 59.71 -17.09 -12.49
C TYR E 38 59.81 -15.88 -13.41
N LYS E 39 59.44 -16.04 -14.68
CA LYS E 39 59.64 -15.02 -15.75
C LYS E 39 58.69 -15.26 -16.93
N ARG E 40 58.22 -14.17 -17.54
CA ARG E 40 57.44 -14.15 -18.81
C ARG E 40 58.41 -14.28 -19.98
N LYS E 41 58.10 -15.14 -20.97
CA LYS E 41 58.95 -15.38 -22.17
C LYS E 41 58.13 -15.09 -23.44
N SER E 42 58.82 -14.91 -24.57
CA SER E 42 58.24 -14.85 -25.94
C SER E 42 57.56 -16.20 -26.24
N ASP E 43 56.41 -16.15 -26.91
CA ASP E 43 55.39 -17.23 -27.09
C ASP E 43 54.21 -16.98 -26.15
N GLY E 44 54.34 -16.08 -25.17
CA GLY E 44 53.26 -15.65 -24.26
C GLY E 44 53.22 -16.45 -22.97
N ILE E 45 53.93 -17.57 -22.90
CA ILE E 45 53.81 -18.61 -21.82
C ILE E 45 54.58 -18.14 -20.59
N TYR E 46 53.96 -18.20 -19.41
CA TYR E 46 54.59 -17.97 -18.09
C TYR E 46 55.24 -19.26 -17.60
N ILE E 47 56.29 -19.15 -16.78
CA ILE E 47 57.00 -20.30 -16.15
C ILE E 47 56.82 -20.22 -14.63
N ILE E 48 56.50 -21.37 -14.01
CA ILE E 48 56.33 -21.53 -12.54
C ILE E 48 57.67 -21.99 -11.95
N ASN E 49 58.11 -21.36 -10.85
CA ASN E 49 59.34 -21.74 -10.10
C ASN E 49 59.10 -23.08 -9.41
N LEU E 50 59.90 -24.10 -9.73
CA LEU E 50 59.75 -25.49 -9.22
C LEU E 50 60.05 -25.55 -7.73
N LYS E 51 60.95 -24.69 -7.23
CA LYS E 51 61.36 -24.65 -5.79
C LYS E 51 60.14 -24.28 -4.94
N ARG E 52 59.44 -23.20 -5.31
CA ARG E 52 58.23 -22.70 -4.61
C ARG E 52 57.08 -23.72 -4.79
N THR E 53 56.96 -24.32 -5.98
CA THR E 53 56.03 -25.44 -6.27
C THR E 53 56.26 -26.57 -5.27
N TRP E 54 57.52 -26.96 -5.08
CA TRP E 54 57.96 -27.99 -4.09
C TRP E 54 57.56 -27.53 -2.69
N GLU E 55 57.88 -26.29 -2.31
CA GLU E 55 57.58 -25.71 -0.97
C GLU E 55 56.09 -25.86 -0.66
N LYS E 56 55.21 -25.49 -1.60
CA LYS E 56 53.73 -25.55 -1.43
C LYS E 56 53.25 -27.01 -1.37
N LEU E 57 53.88 -27.91 -2.14
CA LEU E 57 53.59 -29.37 -2.12
C LEU E 57 53.92 -29.95 -0.73
N LEU E 58 55.06 -29.55 -0.15
CA LEU E 58 55.49 -29.97 1.22
C LEU E 58 54.54 -29.40 2.27
N LEU E 59 54.09 -28.15 2.10
CA LEU E 59 53.10 -27.48 3.01
C LEU E 59 51.74 -28.19 2.92
N ALA E 60 51.31 -28.55 1.69
CA ALA E 60 50.08 -29.34 1.44
C ALA E 60 50.18 -30.70 2.13
N ALA E 61 51.30 -31.41 1.92
CA ALA E 61 51.61 -32.71 2.55
C ALA E 61 51.57 -32.57 4.08
N ARG E 62 52.24 -31.54 4.62
CA ARG E 62 52.27 -31.21 6.06
C ARG E 62 50.84 -31.00 6.60
N ALA E 63 49.94 -30.40 5.80
CA ALA E 63 48.54 -30.14 6.16
C ALA E 63 47.73 -31.46 6.17
N ILE E 64 47.96 -32.32 5.16
CA ILE E 64 47.21 -33.61 4.98
C ILE E 64 47.55 -34.57 6.14
N VAL E 65 48.84 -34.75 6.46
CA VAL E 65 49.33 -35.70 7.50
C VAL E 65 48.90 -35.26 8.91
N ALA E 66 48.57 -33.97 9.10
CA ALA E 66 48.11 -33.41 10.40
C ALA E 66 46.79 -34.05 10.84
N ILE E 67 45.95 -34.47 9.89
CA ILE E 67 44.62 -35.12 10.14
C ILE E 67 44.83 -36.59 10.50
N GLU E 68 44.07 -37.08 11.48
CA GLU E 68 44.28 -38.37 12.18
C GLU E 68 43.66 -39.51 11.36
N ASN E 69 42.35 -39.42 11.09
CA ASN E 69 41.58 -40.39 10.27
C ASN E 69 41.77 -40.02 8.80
N PRO E 70 42.44 -40.85 7.97
CA PRO E 70 42.68 -40.50 6.56
C PRO E 70 41.41 -40.42 5.71
N ALA E 71 40.32 -41.09 6.14
CA ALA E 71 38.98 -41.06 5.51
C ALA E 71 38.42 -39.62 5.50
N ASP E 72 38.75 -38.81 6.51
CA ASP E 72 38.28 -37.39 6.64
C ASP E 72 38.77 -36.57 5.44
N VAL E 73 40.03 -36.72 5.03
CA VAL E 73 40.64 -35.99 3.88
C VAL E 73 39.86 -36.37 2.61
N SER E 74 39.34 -35.35 1.91
CA SER E 74 38.49 -35.49 0.69
C SER E 74 39.23 -34.95 -0.54
N VAL E 75 39.03 -35.59 -1.68
CA VAL E 75 39.71 -35.26 -2.97
C VAL E 75 38.66 -35.22 -4.09
N ILE E 76 38.67 -34.16 -4.91
CA ILE E 76 37.62 -33.86 -5.93
C ILE E 76 38.31 -33.67 -7.30
N SER E 77 37.71 -34.24 -8.35
CA SER E 77 38.03 -33.94 -9.77
C SER E 77 36.73 -33.85 -10.59
N SER E 78 36.58 -32.79 -11.38
CA SER E 78 35.43 -32.53 -12.29
C SER E 78 35.78 -32.95 -13.72
N ARG E 79 36.93 -32.47 -14.22
CA ARG E 79 37.43 -32.73 -15.60
C ARG E 79 37.83 -34.20 -15.73
N ASN E 80 37.81 -34.74 -16.96
CA ASN E 80 38.17 -36.14 -17.28
C ASN E 80 39.66 -36.40 -17.00
N THR E 81 40.51 -35.37 -17.15
CA THR E 81 42.00 -35.43 -17.06
C THR E 81 42.43 -35.95 -15.69
N GLY E 82 41.86 -35.42 -14.60
CA GLY E 82 42.30 -35.70 -13.21
C GLY E 82 41.46 -36.76 -12.51
N GLN E 83 40.71 -37.59 -13.25
CA GLN E 83 39.79 -38.62 -12.67
C GLN E 83 40.63 -39.75 -12.05
N ARG E 84 41.36 -40.49 -12.90
CA ARG E 84 42.18 -41.67 -12.50
C ARG E 84 43.09 -41.27 -11.34
N ALA E 85 43.91 -40.23 -11.54
CA ALA E 85 44.87 -39.66 -10.56
C ALA E 85 44.27 -39.62 -9.16
N VAL E 86 43.03 -39.17 -9.03
CA VAL E 86 42.32 -39.01 -7.72
C VAL E 86 41.92 -40.39 -7.19
N LEU E 87 41.30 -41.23 -8.03
CA LEU E 87 40.86 -42.61 -7.67
C LEU E 87 42.07 -43.43 -7.21
N LYS E 88 43.25 -43.20 -7.80
CA LYS E 88 44.54 -43.82 -7.40
C LYS E 88 44.97 -43.27 -6.04
N PHE E 89 44.99 -41.93 -5.88
CA PHE E 89 45.43 -41.23 -4.64
C PHE E 89 44.69 -41.82 -3.44
N ALA E 90 43.34 -41.81 -3.50
CA ALA E 90 42.41 -42.33 -2.47
C ALA E 90 42.73 -43.80 -2.14
N ALA E 91 43.16 -44.59 -3.13
CA ALA E 91 43.53 -46.02 -2.97
C ALA E 91 44.79 -46.15 -2.08
N ALA E 92 45.79 -45.29 -2.30
CA ALA E 92 47.11 -45.34 -1.64
C ALA E 92 47.03 -44.65 -0.26
N THR E 93 46.64 -43.37 -0.26
CA THR E 93 46.61 -42.48 0.95
C THR E 93 45.51 -42.94 1.91
N GLY E 94 44.35 -43.35 1.37
CA GLY E 94 43.16 -43.75 2.15
C GLY E 94 42.15 -42.62 2.30
N ALA E 95 42.15 -41.66 1.36
CA ALA E 95 41.25 -40.49 1.32
C ALA E 95 39.88 -40.90 0.74
N THR E 96 38.91 -39.99 0.78
CA THR E 96 37.56 -40.15 0.16
C THR E 96 37.54 -39.44 -1.19
N PRO E 97 37.43 -40.19 -2.32
CA PRO E 97 37.39 -39.57 -3.65
C PRO E 97 35.97 -39.20 -4.10
N ILE E 98 35.84 -38.05 -4.77
CA ILE E 98 34.66 -37.66 -5.59
C ILE E 98 35.15 -37.40 -7.01
N ALA E 99 34.56 -38.09 -8.00
CA ALA E 99 35.01 -38.14 -9.41
C ALA E 99 33.86 -37.73 -10.33
N GLY E 100 34.11 -36.79 -11.23
CA GLY E 100 33.14 -36.33 -12.25
C GLY E 100 32.14 -35.34 -11.67
N ARG E 101 30.84 -35.63 -11.83
CA ARG E 101 29.71 -34.75 -11.42
C ARG E 101 29.73 -34.58 -9.89
N PHE E 102 29.80 -33.34 -9.41
CA PHE E 102 29.70 -32.96 -7.98
C PHE E 102 28.29 -32.41 -7.70
N THR E 103 27.50 -33.14 -6.90
CA THR E 103 26.12 -32.82 -6.51
C THR E 103 26.11 -31.61 -5.58
N PRO E 104 25.48 -30.46 -5.95
CA PRO E 104 25.35 -29.33 -5.02
C PRO E 104 24.58 -29.70 -3.73
N GLY E 105 25.04 -29.17 -2.59
CA GLY E 105 24.55 -29.50 -1.24
C GLY E 105 25.21 -30.71 -0.61
N THR E 106 26.23 -31.29 -1.26
CA THR E 106 26.96 -32.51 -0.79
C THR E 106 27.51 -32.28 0.63
N PHE E 107 28.15 -31.13 0.89
CA PHE E 107 28.76 -30.77 2.19
C PHE E 107 27.77 -30.04 3.10
N THR E 108 26.64 -29.55 2.56
CA THR E 108 25.68 -28.63 3.25
C THR E 108 24.38 -29.38 3.62
N ASN E 109 23.72 -29.99 2.65
CA ASN E 109 22.41 -30.69 2.82
C ASN E 109 22.63 -31.96 3.64
N GLN E 110 22.19 -31.96 4.91
CA GLN E 110 22.46 -33.01 5.92
C GLN E 110 21.53 -34.23 5.74
N ILE E 111 20.43 -34.09 4.98
CA ILE E 111 19.36 -35.12 4.84
C ILE E 111 19.71 -36.10 3.71
N GLN E 112 20.46 -35.66 2.69
CA GLN E 112 20.92 -36.50 1.55
C GLN E 112 21.70 -37.71 2.06
N ALA E 113 21.52 -38.87 1.42
CA ALA E 113 22.21 -40.15 1.74
C ALA E 113 23.72 -40.03 1.43
N ALA E 114 24.09 -39.19 0.46
CA ALA E 114 25.48 -38.95 0.01
C ALA E 114 26.14 -37.82 0.82
N PHE E 115 25.49 -37.31 1.88
CA PHE E 115 26.01 -36.25 2.78
C PHE E 115 27.36 -36.70 3.38
N ARG E 116 28.30 -35.77 3.49
CA ARG E 116 29.69 -36.03 3.97
C ARG E 116 30.23 -34.76 4.66
N GLU E 117 30.86 -34.92 5.82
CA GLU E 117 31.52 -33.84 6.60
C GLU E 117 33.03 -34.10 6.62
N PRO E 118 33.77 -33.80 5.53
CA PRO E 118 35.22 -33.94 5.54
C PRO E 118 35.90 -32.82 6.35
N ARG E 119 37.14 -33.04 6.75
CA ARG E 119 37.98 -32.09 7.54
C ARG E 119 39.02 -31.40 6.64
N LEU E 120 39.18 -31.84 5.39
CA LEU E 120 40.03 -31.20 4.37
C LEU E 120 39.44 -31.44 2.97
N LEU E 121 39.83 -30.63 2.00
CA LEU E 121 39.43 -30.77 0.57
C LEU E 121 40.65 -30.47 -0.31
N VAL E 122 41.06 -31.43 -1.15
CA VAL E 122 42.12 -31.21 -2.19
C VAL E 122 41.44 -31.20 -3.57
N VAL E 123 41.61 -30.11 -4.32
CA VAL E 123 40.90 -29.83 -5.60
C VAL E 123 41.88 -29.95 -6.77
N THR E 124 41.39 -30.30 -7.96
CA THR E 124 42.18 -30.45 -9.21
C THR E 124 42.40 -29.08 -9.85
N ASP E 125 41.33 -28.40 -10.27
CA ASP E 125 41.36 -27.09 -10.98
C ASP E 125 40.28 -26.19 -10.39
N PRO E 126 40.64 -25.16 -9.57
CA PRO E 126 39.66 -24.37 -8.83
C PRO E 126 38.63 -23.63 -9.71
N ARG E 127 38.97 -23.39 -10.99
CA ARG E 127 38.04 -22.85 -12.02
C ARG E 127 37.01 -23.92 -12.39
N ALA E 128 37.47 -25.16 -12.63
CA ALA E 128 36.66 -26.28 -13.18
C ALA E 128 35.55 -26.69 -12.19
N ASP E 129 35.89 -26.84 -10.91
CA ASP E 129 34.95 -27.24 -9.83
C ASP E 129 34.93 -26.11 -8.77
N HIS E 130 34.17 -25.05 -9.07
CA HIS E 130 33.89 -23.89 -8.18
C HIS E 130 32.87 -24.29 -7.09
N GLN E 131 32.01 -25.27 -7.37
CA GLN E 131 30.88 -25.69 -6.49
C GLN E 131 31.40 -26.21 -5.15
N PRO E 132 32.31 -27.20 -5.08
CA PRO E 132 32.82 -27.69 -3.79
C PRO E 132 33.59 -26.61 -3.00
N LEU E 133 34.40 -25.80 -3.69
CA LEU E 133 35.12 -24.62 -3.11
C LEU E 133 34.11 -23.63 -2.51
N THR E 134 33.01 -23.38 -3.23
CA THR E 134 31.89 -22.52 -2.76
C THR E 134 31.23 -23.16 -1.52
N GLU E 135 30.92 -24.47 -1.59
CA GLU E 135 30.31 -25.23 -0.46
C GLU E 135 31.23 -25.21 0.76
N ALA E 136 32.56 -25.22 0.56
CA ALA E 136 33.58 -25.19 1.63
C ALA E 136 33.45 -23.92 2.48
N SER E 137 32.85 -22.85 1.94
CA SER E 137 32.61 -21.55 2.63
C SER E 137 31.53 -21.67 3.73
N TYR E 138 30.73 -22.74 3.74
CA TYR E 138 29.56 -22.90 4.65
C TYR E 138 29.87 -23.82 5.84
N VAL E 139 31.01 -24.54 5.84
CA VAL E 139 31.27 -25.65 6.82
C VAL E 139 32.66 -25.56 7.46
N ASN E 140 33.37 -24.42 7.33
CA ASN E 140 34.71 -24.19 7.93
C ASN E 140 35.71 -25.26 7.45
N LEU E 141 35.74 -25.53 6.15
CA LEU E 141 36.56 -26.59 5.51
C LEU E 141 37.80 -25.96 4.87
N PRO E 142 39.03 -26.25 5.36
CA PRO E 142 40.25 -25.79 4.68
C PRO E 142 40.41 -26.47 3.31
N THR E 143 40.87 -25.72 2.31
CA THR E 143 40.92 -26.13 0.88
C THR E 143 42.34 -26.01 0.33
N ILE E 144 42.86 -27.10 -0.27
CA ILE E 144 44.14 -27.15 -1.03
C ILE E 144 43.80 -27.29 -2.51
N ALA E 145 44.50 -26.55 -3.39
CA ALA E 145 44.26 -26.54 -4.85
C ALA E 145 45.59 -26.58 -5.62
N LEU E 146 45.61 -27.30 -6.75
CA LEU E 146 46.73 -27.32 -7.73
C LEU E 146 46.48 -26.19 -8.74
N CYS E 147 46.86 -24.96 -8.39
CA CYS E 147 46.56 -23.73 -9.16
C CYS E 147 47.47 -23.62 -10.39
N ASN E 148 46.92 -23.12 -11.50
CA ASN E 148 47.66 -22.74 -12.74
C ASN E 148 48.11 -21.29 -12.59
N THR E 149 48.84 -20.76 -13.58
CA THR E 149 49.29 -19.34 -13.65
C THR E 149 48.07 -18.41 -13.64
N ASP E 150 47.00 -18.79 -14.37
CA ASP E 150 45.66 -18.14 -14.31
C ASP E 150 44.69 -19.08 -13.56
N SER E 151 44.17 -18.63 -12.41
CA SER E 151 43.15 -19.32 -11.60
C SER E 151 42.68 -18.40 -10.46
N PRO E 152 41.37 -18.35 -10.12
CA PRO E 152 40.90 -17.57 -8.98
C PRO E 152 41.28 -18.25 -7.66
N LEU E 153 41.64 -17.45 -6.64
CA LEU E 153 42.15 -17.92 -5.32
C LEU E 153 41.07 -17.79 -4.24
N ARG E 154 39.82 -17.48 -4.61
CA ARG E 154 38.67 -17.34 -3.68
C ARG E 154 38.40 -18.70 -3.03
N TYR E 155 38.61 -18.80 -1.72
CA TYR E 155 38.42 -20.02 -0.88
C TYR E 155 39.47 -21.08 -1.24
N VAL E 156 40.75 -20.68 -1.30
CA VAL E 156 41.91 -21.58 -1.56
C VAL E 156 42.99 -21.28 -0.52
N ASP E 157 43.11 -22.12 0.50
CA ASP E 157 44.03 -21.90 1.67
C ASP E 157 45.47 -22.19 1.26
N ILE E 158 45.72 -23.32 0.58
CA ILE E 158 47.07 -23.71 0.06
C ILE E 158 46.96 -23.91 -1.47
N ALA E 159 47.66 -23.07 -2.23
CA ALA E 159 47.68 -23.04 -3.71
C ALA E 159 49.02 -23.55 -4.22
N ILE E 160 49.08 -24.82 -4.67
CA ILE E 160 50.28 -25.43 -5.30
C ILE E 160 50.35 -24.94 -6.74
N PRO E 161 51.35 -24.10 -7.12
CA PRO E 161 51.43 -23.58 -8.47
C PRO E 161 52.01 -24.64 -9.42
N CYS E 162 51.28 -25.01 -10.48
CA CYS E 162 51.68 -26.07 -11.44
C CYS E 162 50.76 -26.08 -12.67
N ASN E 163 51.25 -26.64 -13.77
CA ASN E 163 50.48 -26.88 -15.03
C ASN E 163 49.32 -27.84 -14.72
N ASN E 164 48.13 -27.56 -15.27
CA ASN E 164 46.90 -28.37 -15.10
C ASN E 164 46.41 -28.95 -16.44
N LYS E 165 46.76 -28.33 -17.57
CA LYS E 165 46.22 -28.69 -18.91
C LYS E 165 46.92 -29.96 -19.43
N GLY E 166 48.20 -30.14 -19.10
CA GLY E 166 48.96 -31.36 -19.41
C GLY E 166 48.47 -32.55 -18.60
N ALA E 167 48.04 -33.63 -19.28
CA ALA E 167 47.49 -34.87 -18.68
C ALA E 167 48.54 -35.56 -17.81
N HIS E 168 49.81 -35.52 -18.23
CA HIS E 168 50.98 -36.09 -17.48
C HIS E 168 51.19 -35.31 -16.18
N SER E 169 51.18 -33.96 -16.27
CA SER E 169 51.53 -33.02 -15.17
C SER E 169 50.61 -33.23 -13.95
N VAL E 170 49.29 -33.29 -14.18
CA VAL E 170 48.25 -33.47 -13.12
C VAL E 170 48.51 -34.79 -12.39
N GLY E 171 48.59 -35.89 -13.14
CA GLY E 171 48.92 -37.24 -12.64
C GLY E 171 50.22 -37.24 -11.85
N LEU E 172 51.27 -36.59 -12.39
CA LEU E 172 52.61 -36.48 -11.75
C LEU E 172 52.51 -35.71 -10.42
N MET E 173 51.81 -34.57 -10.41
CA MET E 173 51.60 -33.73 -9.19
C MET E 173 50.87 -34.57 -8.13
N TRP E 174 49.77 -35.22 -8.52
CA TRP E 174 48.96 -36.11 -7.64
C TRP E 174 49.84 -37.27 -7.11
N TRP E 175 50.63 -37.89 -7.98
CA TRP E 175 51.62 -38.95 -7.62
C TRP E 175 52.60 -38.42 -6.57
N MET E 176 53.18 -37.24 -6.83
CA MET E 176 54.21 -36.59 -5.96
C MET E 176 53.60 -36.31 -4.58
N LEU E 177 52.40 -35.72 -4.55
CA LEU E 177 51.64 -35.44 -3.30
C LEU E 177 51.42 -36.75 -2.53
N ALA E 178 50.87 -37.77 -3.19
CA ALA E 178 50.58 -39.11 -2.62
C ALA E 178 51.86 -39.67 -1.98
N ARG E 179 52.98 -39.63 -2.71
CA ARG E 179 54.30 -40.11 -2.25
C ARG E 179 54.74 -39.30 -1.03
N GLU E 180 54.69 -37.97 -1.11
CA GLU E 180 55.09 -37.03 -0.02
C GLU E 180 54.28 -37.29 1.25
N VAL E 181 52.96 -37.46 1.12
CA VAL E 181 52.02 -37.70 2.26
C VAL E 181 52.37 -39.04 2.93
N LEU E 182 52.44 -40.13 2.16
CA LEU E 182 52.74 -41.50 2.67
C LEU E 182 54.17 -41.54 3.25
N ARG E 183 55.11 -40.81 2.65
CA ARG E 183 56.52 -40.69 3.12
C ARG E 183 56.54 -39.94 4.46
N MET E 184 55.92 -38.75 4.51
CA MET E 184 55.78 -37.90 5.73
C MET E 184 55.16 -38.73 6.88
N ARG E 185 54.14 -39.54 6.58
CA ARG E 185 53.41 -40.39 7.56
C ARG E 185 54.35 -41.46 8.13
N GLY E 186 55.20 -42.05 7.27
CA GLY E 186 56.22 -43.04 7.64
C GLY E 186 55.87 -44.46 7.26
N THR E 187 54.90 -44.65 6.35
CA THR E 187 54.52 -45.98 5.77
C THR E 187 55.62 -46.43 4.81
N ILE E 188 56.19 -45.51 4.02
CA ILE E 188 57.29 -45.75 3.04
C ILE E 188 58.51 -44.93 3.45
N SER E 189 59.71 -45.36 3.05
CA SER E 189 61.02 -44.77 3.43
C SER E 189 61.53 -43.84 2.32
N ARG E 190 62.56 -43.04 2.63
CA ARG E 190 63.19 -42.06 1.70
C ARG E 190 64.40 -42.67 0.99
N GLU E 191 64.93 -43.79 1.48
CA GLU E 191 66.14 -44.48 0.92
C GLU E 191 65.74 -45.20 -0.37
N HIS E 192 64.68 -46.02 -0.31
CA HIS E 192 64.13 -46.80 -1.46
C HIS E 192 63.17 -45.92 -2.25
N PRO E 193 63.38 -45.70 -3.57
CA PRO E 193 62.35 -45.11 -4.43
C PRO E 193 61.04 -45.92 -4.44
N TRP E 194 59.90 -45.22 -4.46
CA TRP E 194 58.53 -45.78 -4.30
C TRP E 194 58.20 -46.68 -5.50
N GLU E 195 57.67 -47.88 -5.24
CA GLU E 195 57.49 -48.97 -6.25
C GLU E 195 56.41 -48.58 -7.27
N VAL E 196 55.40 -47.81 -6.86
CA VAL E 196 54.35 -47.24 -7.77
C VAL E 196 55.02 -46.22 -8.69
N MET E 197 54.65 -46.21 -9.98
CA MET E 197 55.25 -45.34 -11.03
C MET E 197 54.22 -44.30 -11.49
N PRO E 198 54.65 -43.08 -11.90
CA PRO E 198 53.73 -41.98 -12.18
C PRO E 198 52.65 -42.27 -13.24
N ASP E 199 52.97 -43.08 -14.26
CA ASP E 199 52.03 -43.45 -15.36
C ASP E 199 50.75 -44.09 -14.80
N LEU E 200 50.84 -44.79 -13.66
CA LEU E 200 49.66 -45.35 -12.95
C LEU E 200 48.66 -44.24 -12.60
N TYR E 201 49.14 -43.00 -12.37
CA TYR E 201 48.31 -41.83 -11.98
C TYR E 201 47.88 -41.00 -13.21
N PHE E 202 48.28 -41.39 -14.43
CA PHE E 202 48.00 -40.64 -15.69
C PHE E 202 46.62 -41.01 -16.23
N TYR E 203 46.14 -40.25 -17.22
CA TYR E 203 44.83 -40.43 -17.91
C TYR E 203 45.05 -41.13 -19.25
N ARG E 204 44.27 -42.19 -19.51
CA ARG E 204 44.25 -42.95 -20.79
C ARG E 204 42.97 -42.59 -21.56
N ASP E 205 43.09 -41.70 -22.56
CA ASP E 205 41.97 -41.27 -23.43
C ASP E 205 41.70 -42.35 -24.48
N PRO E 206 40.42 -42.72 -24.76
CA PRO E 206 40.11 -43.64 -25.86
C PRO E 206 40.56 -43.11 -27.24
N VAL F 207 1.30 5.33 -89.26
CA VAL F 207 1.28 3.92 -89.76
C VAL F 207 2.70 3.48 -90.22
N VAL F 208 3.58 4.43 -90.57
CA VAL F 208 4.98 4.15 -91.02
C VAL F 208 5.80 3.65 -89.82
N ASP F 209 6.72 2.69 -90.06
CA ASP F 209 7.68 2.15 -89.06
C ASP F 209 8.97 2.96 -89.17
N PRO F 210 9.34 3.78 -88.14
CA PRO F 210 10.57 4.58 -88.21
C PRO F 210 11.85 3.78 -88.47
N PHE F 211 11.93 2.55 -87.97
CA PHE F 211 13.13 1.67 -88.00
C PHE F 211 13.47 1.21 -89.42
N SER F 212 12.56 1.38 -90.38
CA SER F 212 12.84 1.24 -91.84
C SER F 212 13.77 2.37 -92.31
N LYS F 213 13.68 3.56 -91.70
CA LYS F 213 14.42 4.79 -92.09
C LYS F 213 15.61 5.01 -91.14
N LYS F 214 16.39 3.96 -90.86
CA LYS F 214 17.57 4.00 -89.95
C LYS F 214 18.77 3.35 -90.64
N ASP F 215 19.92 4.02 -90.68
CA ASP F 215 21.20 3.49 -91.22
C ASP F 215 22.13 3.14 -90.05
N TRP F 216 22.68 1.92 -90.05
CA TRP F 216 23.57 1.36 -89.00
C TRP F 216 25.03 1.70 -89.32
N TYR F 217 25.68 2.49 -88.47
CA TYR F 217 27.10 2.93 -88.60
C TYR F 217 27.96 2.14 -87.62
N ASP F 218 29.04 1.53 -88.12
CA ASP F 218 30.07 0.81 -87.32
C ASP F 218 30.92 1.85 -86.58
N VAL F 219 31.18 1.63 -85.28
CA VAL F 219 32.00 2.56 -84.43
C VAL F 219 33.32 1.87 -84.04
N LYS F 220 34.44 2.55 -84.28
CA LYS F 220 35.82 2.06 -84.06
C LYS F 220 36.51 2.90 -82.97
N ALA F 221 37.27 2.27 -82.08
CA ALA F 221 38.08 2.94 -81.03
C ALA F 221 39.42 3.39 -81.63
N PRO F 222 40.06 4.46 -81.10
CA PRO F 222 41.36 4.91 -81.60
C PRO F 222 42.50 3.91 -81.33
N ALA F 223 43.71 4.23 -81.80
CA ALA F 223 44.87 3.29 -81.94
C ALA F 223 45.38 2.78 -80.58
N MET F 224 45.05 3.45 -79.47
CA MET F 224 45.48 3.08 -78.09
C MET F 224 45.03 1.65 -77.74
N PHE F 225 43.85 1.23 -78.19
CA PHE F 225 43.21 -0.07 -77.84
C PHE F 225 43.43 -1.09 -78.97
N ASN F 226 43.40 -2.38 -78.63
CA ASN F 226 43.63 -3.53 -79.55
C ASN F 226 42.33 -3.86 -80.28
N ILE F 227 41.26 -4.19 -79.54
CA ILE F 227 39.93 -4.54 -80.09
C ILE F 227 39.34 -3.27 -80.71
N ARG F 228 39.57 -3.07 -82.02
CA ARG F 228 39.20 -1.85 -82.79
C ARG F 228 37.67 -1.72 -82.87
N ASN F 229 37.00 -2.79 -83.28
CA ASN F 229 35.52 -2.85 -83.46
C ASN F 229 34.85 -2.82 -82.09
N ILE F 230 33.96 -1.84 -81.85
CA ILE F 230 33.13 -1.72 -80.62
C ILE F 230 31.74 -2.31 -80.91
N GLY F 231 31.06 -1.78 -81.93
CA GLY F 231 29.70 -2.22 -82.33
C GLY F 231 29.08 -1.32 -83.38
N LYS F 232 27.74 -1.41 -83.50
CA LYS F 232 26.93 -0.71 -84.53
C LYS F 232 25.88 0.16 -83.83
N THR F 233 25.72 1.41 -84.28
CA THR F 233 24.66 2.36 -83.82
C THR F 233 23.82 2.80 -85.02
N LEU F 234 22.50 2.75 -84.88
CA LEU F 234 21.53 3.21 -85.93
C LEU F 234 21.26 4.71 -85.71
N VAL F 235 21.09 5.46 -86.82
CA VAL F 235 20.61 6.87 -86.83
C VAL F 235 19.62 7.02 -87.99
N THR F 236 18.69 7.98 -87.86
CA THR F 236 17.66 8.32 -88.89
C THR F 236 18.35 8.82 -90.16
N ARG F 237 17.80 8.51 -91.33
CA ARG F 237 18.37 8.89 -92.66
C ARG F 237 18.30 10.41 -92.83
N THR F 238 19.25 10.98 -93.57
CA THR F 238 19.37 12.45 -93.82
C THR F 238 18.09 12.93 -94.56
N GLN F 239 17.25 13.69 -93.86
CA GLN F 239 15.94 14.18 -94.37
C GLN F 239 16.12 15.44 -95.23
N GLY F 240 17.33 16.04 -95.24
CA GLY F 240 17.70 17.20 -96.06
C GLY F 240 18.12 18.38 -95.21
N THR F 241 17.34 18.70 -94.19
CA THR F 241 17.57 19.82 -93.23
C THR F 241 18.76 19.49 -92.32
N LYS F 242 18.77 18.27 -91.74
CA LYS F 242 19.75 17.81 -90.72
C LYS F 242 20.45 16.55 -91.24
N ILE F 243 21.79 16.53 -91.17
CA ILE F 243 22.66 15.44 -91.70
C ILE F 243 22.80 14.36 -90.63
N ALA F 244 22.90 13.09 -91.04
CA ALA F 244 23.01 11.89 -90.17
C ALA F 244 24.26 11.99 -89.28
N SER F 245 25.35 12.57 -89.80
CA SER F 245 26.62 12.84 -89.09
C SER F 245 26.39 13.68 -87.83
N ASP F 246 25.49 14.66 -87.89
CA ASP F 246 25.16 15.58 -86.76
C ASP F 246 24.53 14.78 -85.60
N GLY F 247 23.70 13.78 -85.92
CA GLY F 247 23.11 12.85 -84.95
C GLY F 247 24.15 11.96 -84.29
N LEU F 248 25.21 11.61 -85.03
CA LEU F 248 26.33 10.74 -84.57
C LEU F 248 27.52 11.57 -84.04
N LYS F 249 27.43 12.92 -84.09
CA LYS F 249 28.57 13.84 -83.82
C LYS F 249 28.91 13.84 -82.32
N GLY F 250 27.91 14.09 -81.46
CA GLY F 250 28.06 14.18 -80.00
C GLY F 250 27.54 12.94 -79.29
N ARG F 251 27.99 11.76 -79.72
CA ARG F 251 27.55 10.44 -79.21
C ARG F 251 28.66 9.86 -78.32
N VAL F 252 28.32 9.44 -77.09
CA VAL F 252 29.27 8.85 -76.09
C VAL F 252 29.16 7.33 -76.12
N PHE F 253 30.20 6.64 -75.64
CA PHE F 253 30.27 5.16 -75.53
C PHE F 253 31.06 4.77 -74.27
N GLU F 254 30.35 4.29 -73.24
CA GLU F 254 30.93 3.73 -72.00
C GLU F 254 31.22 2.24 -72.25
N VAL F 255 32.48 1.91 -72.58
CA VAL F 255 32.93 0.53 -72.94
C VAL F 255 33.94 0.05 -71.89
N SER F 256 33.79 -1.20 -71.43
CA SER F 256 34.71 -1.87 -70.47
C SER F 256 36.09 -2.04 -71.11
N LEU F 257 37.15 -1.99 -70.31
CA LEU F 257 38.57 -2.06 -70.76
C LEU F 257 38.87 -3.44 -71.35
N ALA F 258 38.28 -4.50 -70.79
CA ALA F 258 38.45 -5.91 -71.24
C ALA F 258 37.78 -6.15 -72.60
N ASP F 259 36.89 -5.25 -73.05
CA ASP F 259 36.27 -5.27 -74.42
C ASP F 259 37.12 -4.45 -75.40
N LEU F 260 38.09 -3.66 -74.91
CA LEU F 260 38.98 -2.80 -75.74
C LEU F 260 40.36 -3.45 -75.88
N GLN F 261 40.94 -3.94 -74.77
CA GLN F 261 42.15 -4.80 -74.76
C GLN F 261 41.74 -6.23 -74.39
N ASN F 262 42.31 -7.21 -75.08
CA ASN F 262 41.89 -8.64 -75.04
C ASN F 262 42.08 -9.23 -73.64
N ASP F 263 43.25 -9.03 -73.00
CA ASP F 263 43.67 -9.74 -71.77
C ASP F 263 43.71 -8.79 -70.55
N GLU F 264 43.08 -7.61 -70.63
CA GLU F 264 43.08 -6.59 -69.54
C GLU F 264 41.85 -6.80 -68.66
N VAL F 265 41.90 -6.31 -67.41
CA VAL F 265 40.83 -6.43 -66.37
C VAL F 265 39.57 -5.68 -66.83
N ALA F 266 38.41 -6.01 -66.23
CA ALA F 266 37.06 -5.61 -66.67
C ALA F 266 36.33 -4.83 -65.57
N PHE F 267 37.01 -3.88 -64.90
CA PHE F 267 36.41 -2.99 -63.87
C PHE F 267 36.85 -1.52 -64.04
N ARG F 268 37.47 -1.16 -65.17
CA ARG F 268 37.98 0.22 -65.44
C ARG F 268 37.37 0.71 -66.77
N LYS F 269 36.15 1.22 -66.71
CA LYS F 269 35.30 1.53 -67.91
C LYS F 269 35.79 2.83 -68.56
N PHE F 270 35.87 2.86 -69.89
CA PHE F 270 36.39 4.00 -70.70
C PHE F 270 35.26 4.65 -71.50
N LYS F 271 35.01 5.95 -71.28
CA LYS F 271 33.99 6.77 -71.99
C LYS F 271 34.63 7.41 -73.23
N LEU F 272 34.16 7.04 -74.42
CA LEU F 272 34.70 7.49 -75.74
C LEU F 272 33.64 8.32 -76.47
N ILE F 273 33.96 9.57 -76.82
CA ILE F 273 33.10 10.50 -77.59
C ILE F 273 33.44 10.38 -79.08
N THR F 274 32.43 10.43 -79.95
CA THR F 274 32.57 10.54 -81.43
C THR F 274 33.06 11.95 -81.77
N GLU F 275 33.90 12.09 -82.79
CA GLU F 275 34.42 13.41 -83.26
C GLU F 275 34.02 13.65 -84.73
N ASP F 276 34.06 12.61 -85.58
CA ASP F 276 33.73 12.70 -87.03
C ASP F 276 33.06 11.40 -87.50
N VAL F 277 32.36 11.47 -88.64
CA VAL F 277 31.77 10.32 -89.38
C VAL F 277 32.41 10.26 -90.76
N GLN F 278 32.96 9.09 -91.15
CA GLN F 278 33.66 8.88 -92.44
C GLN F 278 33.01 7.69 -93.18
N GLY F 279 31.91 7.96 -93.89
CA GLY F 279 31.23 7.04 -94.82
C GLY F 279 30.97 5.67 -94.21
N LYS F 280 29.96 5.56 -93.34
CA LYS F 280 29.50 4.33 -92.65
C LYS F 280 30.33 4.07 -91.38
N ASN F 281 31.56 4.58 -91.28
CA ASN F 281 32.52 4.29 -90.18
C ASN F 281 32.59 5.52 -89.26
N CYS F 282 32.44 5.32 -87.95
CA CYS F 282 32.37 6.37 -86.91
C CYS F 282 33.72 6.52 -86.19
N LEU F 283 34.24 7.76 -86.11
CA LEU F 283 35.57 8.08 -85.51
C LEU F 283 35.36 8.60 -84.07
N THR F 284 35.85 7.87 -83.07
CA THR F 284 35.73 8.19 -81.63
C THR F 284 37.09 8.63 -81.05
N ASN F 285 37.05 9.40 -79.96
CA ASN F 285 38.23 9.87 -79.18
C ASN F 285 37.92 9.72 -77.69
N PHE F 286 38.96 9.69 -76.85
CA PHE F 286 38.86 9.61 -75.36
C PHE F 286 38.09 10.83 -74.83
N HIS F 287 37.11 10.58 -73.94
CA HIS F 287 36.27 11.60 -73.25
C HIS F 287 36.41 11.51 -71.73
N GLY F 288 36.55 10.30 -71.17
CA GLY F 288 36.79 10.11 -69.73
C GLY F 288 37.04 8.66 -69.37
N MET F 289 37.47 8.42 -68.13
CA MET F 289 37.69 7.07 -67.56
C MET F 289 36.93 6.97 -66.24
N ASP F 290 35.96 6.05 -66.16
CA ASP F 290 35.10 5.77 -64.99
C ASP F 290 35.48 4.40 -64.40
N LEU F 291 35.24 4.20 -63.10
CA LEU F 291 35.40 2.89 -62.41
C LEU F 291 34.01 2.31 -62.13
N THR F 292 33.82 1.01 -62.39
CA THR F 292 32.55 0.26 -62.21
C THR F 292 32.13 0.30 -60.73
N ARG F 293 30.80 0.27 -60.48
CA ARG F 293 30.18 0.47 -59.14
C ARG F 293 30.64 -0.60 -58.16
N ASP F 294 30.45 -1.89 -58.51
CA ASP F 294 30.64 -3.06 -57.60
C ASP F 294 32.07 -3.07 -57.05
N LYS F 295 33.07 -2.73 -57.88
CA LYS F 295 34.50 -2.62 -57.48
C LYS F 295 34.64 -1.51 -56.43
N MET F 296 34.19 -0.31 -56.77
CA MET F 296 34.26 0.92 -55.93
C MET F 296 33.58 0.67 -54.57
N CYS F 297 32.47 -0.08 -54.56
CA CYS F 297 31.73 -0.46 -53.33
C CYS F 297 32.48 -1.54 -52.56
N SER F 298 33.04 -2.54 -53.24
CA SER F 298 33.78 -3.68 -52.63
C SER F 298 35.11 -3.23 -52.01
N MET F 299 35.66 -2.09 -52.43
CA MET F 299 36.96 -1.57 -51.94
C MET F 299 36.82 -0.95 -50.53
N VAL F 300 35.74 -0.22 -50.27
CA VAL F 300 35.52 0.56 -49.02
C VAL F 300 35.15 -0.39 -47.87
N LYS F 301 36.08 -0.62 -46.93
CA LYS F 301 35.91 -1.49 -45.72
C LYS F 301 35.79 -0.60 -44.47
N LYS F 302 35.30 -1.18 -43.37
CA LYS F 302 34.78 -0.45 -42.18
C LYS F 302 35.87 -0.20 -41.13
N TRP F 303 37.10 -0.68 -41.31
CA TRP F 303 38.20 -0.55 -40.30
C TRP F 303 39.50 -0.09 -40.98
N GLN F 304 39.43 0.95 -41.82
CA GLN F 304 40.61 1.52 -42.54
C GLN F 304 40.26 2.91 -43.08
N THR F 305 41.27 3.79 -43.20
CA THR F 305 41.15 5.17 -43.70
C THR F 305 41.15 5.17 -45.23
N MET F 306 40.13 5.80 -45.85
CA MET F 306 40.05 6.09 -47.31
C MET F 306 40.64 7.48 -47.56
N ILE F 307 41.52 7.60 -48.56
CA ILE F 307 42.22 8.86 -48.96
C ILE F 307 41.82 9.17 -50.41
N GLU F 308 41.20 10.34 -50.65
CA GLU F 308 40.73 10.79 -51.99
C GLU F 308 41.44 12.09 -52.36
N ALA F 309 42.05 12.16 -53.55
CA ALA F 309 42.76 13.35 -54.07
C ALA F 309 42.35 13.60 -55.52
N HIS F 310 41.79 14.79 -55.79
CA HIS F 310 41.42 15.29 -57.14
C HIS F 310 42.44 16.34 -57.59
N VAL F 311 42.71 16.43 -58.89
CA VAL F 311 43.65 17.43 -59.48
C VAL F 311 43.21 17.79 -60.91
N ASP F 312 43.29 19.08 -61.25
CA ASP F 312 43.10 19.63 -62.62
C ASP F 312 44.47 19.74 -63.29
N VAL F 313 44.65 19.15 -64.48
CA VAL F 313 45.95 19.18 -65.24
C VAL F 313 45.66 19.47 -66.72
N LYS F 314 46.52 20.29 -67.33
CA LYS F 314 46.51 20.65 -68.78
C LYS F 314 47.56 19.78 -69.49
N THR F 315 47.14 18.96 -70.47
CA THR F 315 48.05 18.15 -71.32
C THR F 315 48.75 19.09 -72.32
N THR F 316 49.91 18.68 -72.83
CA THR F 316 50.81 19.49 -73.72
C THR F 316 50.08 19.84 -75.02
N ASP F 317 49.42 18.86 -75.66
CA ASP F 317 48.65 19.03 -76.92
C ASP F 317 47.39 19.89 -76.67
N GLY F 318 46.93 20.00 -75.42
CA GLY F 318 45.97 21.02 -74.97
C GLY F 318 44.59 20.45 -74.64
N TYR F 319 44.54 19.38 -73.85
CA TYR F 319 43.30 18.81 -73.23
C TYR F 319 43.39 19.00 -71.71
N LEU F 320 42.34 19.59 -71.11
CA LEU F 320 42.25 19.85 -69.65
C LEU F 320 41.50 18.70 -68.97
N LEU F 321 42.22 17.91 -68.16
CA LEU F 321 41.69 16.73 -67.44
C LEU F 321 41.53 17.05 -65.95
N ARG F 322 40.48 16.52 -65.33
CA ARG F 322 40.29 16.43 -63.86
C ARG F 322 40.43 14.96 -63.45
N LEU F 323 41.49 14.63 -62.71
CA LEU F 323 41.83 13.24 -62.29
C LEU F 323 41.57 13.08 -60.79
N PHE F 324 40.70 12.13 -60.42
CA PHE F 324 40.37 11.74 -59.03
C PHE F 324 41.01 10.39 -58.74
N CYS F 325 41.97 10.35 -57.80
CA CYS F 325 42.69 9.12 -57.37
C CYS F 325 42.33 8.79 -55.92
N VAL F 326 41.96 7.53 -55.67
CA VAL F 326 41.49 7.02 -54.35
C VAL F 326 42.48 5.96 -53.85
N GLY F 327 42.71 5.90 -52.53
CA GLY F 327 43.62 4.95 -51.86
C GLY F 327 43.06 4.52 -50.52
N PHE F 328 43.47 3.34 -50.04
CA PHE F 328 43.04 2.73 -48.75
C PHE F 328 44.25 2.20 -47.99
N THR F 329 44.27 2.39 -46.67
CA THR F 329 45.34 1.93 -45.74
C THR F 329 45.30 0.39 -45.64
N LYS F 330 46.47 -0.24 -45.55
CA LYS F 330 46.64 -1.73 -45.64
C LYS F 330 46.71 -2.32 -44.23
N LYS F 331 45.86 -3.33 -43.96
CA LYS F 331 46.00 -4.28 -42.83
C LYS F 331 47.29 -5.07 -43.01
N ARG F 332 48.26 -4.93 -42.10
CA ARG F 332 49.54 -5.68 -42.13
C ARG F 332 49.28 -7.17 -41.83
N ASN F 333 50.19 -8.03 -42.28
CA ASN F 333 50.03 -9.51 -42.28
C ASN F 333 50.08 -10.06 -40.84
N ASN F 334 50.85 -9.44 -39.94
CA ASN F 334 51.01 -9.87 -38.51
C ASN F 334 50.41 -8.83 -37.56
N GLN F 335 49.42 -8.04 -38.02
CA GLN F 335 48.73 -6.98 -37.24
C GLN F 335 47.61 -7.62 -36.41
N ILE F 336 47.67 -7.46 -35.08
CA ILE F 336 46.62 -7.92 -34.12
C ILE F 336 45.56 -6.83 -33.99
N ARG F 337 45.96 -5.55 -33.94
CA ARG F 337 45.05 -4.38 -33.83
C ARG F 337 43.96 -4.47 -34.91
N LYS F 338 42.71 -4.18 -34.55
CA LYS F 338 41.51 -4.31 -35.41
C LYS F 338 41.49 -3.22 -36.48
N THR F 339 41.80 -1.97 -36.10
CA THR F 339 41.80 -0.77 -36.98
C THR F 339 43.21 -0.54 -37.54
N SER F 340 43.27 0.07 -38.73
CA SER F 340 44.52 0.44 -39.45
C SER F 340 44.40 1.87 -39.98
N TYR F 341 44.00 2.81 -39.12
CA TYR F 341 43.79 4.23 -39.46
C TYR F 341 45.15 4.95 -39.53
N ALA F 342 45.21 6.00 -40.36
CA ALA F 342 46.37 6.91 -40.51
C ALA F 342 46.02 8.27 -39.90
N GLN F 343 46.98 8.92 -39.23
CA GLN F 343 46.81 10.25 -38.59
C GLN F 343 46.70 11.32 -39.69
N HIS F 344 46.10 12.47 -39.35
CA HIS F 344 45.66 13.54 -40.30
C HIS F 344 46.85 14.06 -41.13
N GLN F 345 48.02 14.25 -40.51
CA GLN F 345 49.25 14.75 -41.19
C GLN F 345 49.73 13.71 -42.21
N GLN F 346 49.82 12.44 -41.80
CA GLN F 346 50.21 11.30 -42.68
C GLN F 346 49.28 11.25 -43.90
N VAL F 347 47.97 11.43 -43.70
CA VAL F 347 46.94 11.49 -44.79
C VAL F 347 47.28 12.68 -45.71
N ARG F 348 47.48 13.87 -45.14
CA ARG F 348 47.80 15.12 -45.89
C ARG F 348 49.08 14.93 -46.73
N GLN F 349 50.11 14.31 -46.15
CA GLN F 349 51.41 14.00 -46.82
C GLN F 349 51.16 13.06 -48.02
N ILE F 350 50.39 11.98 -47.79
CA ILE F 350 50.01 10.98 -48.86
C ILE F 350 49.22 11.70 -49.96
N ARG F 351 48.27 12.56 -49.58
CA ARG F 351 47.41 13.32 -50.54
C ARG F 351 48.30 14.23 -51.39
N LYS F 352 49.20 14.99 -50.76
CA LYS F 352 50.20 15.86 -51.45
C LYS F 352 51.06 15.00 -52.40
N LYS F 353 51.49 13.82 -51.94
CA LYS F 353 52.39 12.89 -52.68
C LYS F 353 51.67 12.38 -53.94
N MET F 354 50.44 11.87 -53.82
CA MET F 354 49.67 11.31 -54.97
C MET F 354 49.21 12.45 -55.90
N MET F 355 48.92 13.64 -55.36
CA MET F 355 48.59 14.86 -56.15
C MET F 355 49.78 15.23 -57.06
N GLU F 356 50.98 15.35 -56.49
CA GLU F 356 52.21 15.80 -57.23
C GLU F 356 52.65 14.71 -58.21
N ILE F 357 52.47 13.42 -57.90
CA ILE F 357 52.75 12.29 -58.83
C ILE F 357 51.83 12.42 -60.05
N MET F 358 50.51 12.50 -59.82
CA MET F 358 49.48 12.68 -60.89
C MET F 358 49.86 13.88 -61.75
N THR F 359 50.08 15.05 -61.13
CA THR F 359 50.49 16.32 -61.79
C THR F 359 51.68 16.05 -62.72
N ARG F 360 52.82 15.65 -62.15
CA ARG F 360 54.09 15.39 -62.87
C ARG F 360 53.85 14.46 -64.06
N GLU F 361 53.16 13.35 -63.84
CA GLU F 361 53.08 12.21 -64.79
C GLU F 361 52.08 12.48 -65.92
N VAL F 362 51.13 13.41 -65.75
CA VAL F 362 50.11 13.77 -66.79
C VAL F 362 50.30 15.21 -67.30
N GLN F 363 51.24 15.99 -66.75
CA GLN F 363 51.58 17.36 -67.22
C GLN F 363 52.46 17.27 -68.47
N THR F 364 53.49 16.42 -68.45
CA THR F 364 54.64 16.42 -69.39
C THR F 364 54.25 15.81 -70.76
N ASN F 365 53.36 14.82 -70.78
CA ASN F 365 53.01 14.00 -71.98
C ASN F 365 51.60 14.35 -72.46
N ASP F 366 51.16 13.75 -73.58
CA ASP F 366 49.87 14.04 -74.28
C ASP F 366 48.96 12.81 -74.25
N LEU F 367 47.68 12.99 -74.64
CA LEU F 367 46.59 11.96 -74.58
C LEU F 367 47.07 10.62 -75.12
N LYS F 368 47.71 10.64 -76.30
CA LYS F 368 48.33 9.46 -76.97
C LYS F 368 49.05 8.59 -75.92
N GLU F 369 49.87 9.22 -75.05
CA GLU F 369 50.71 8.55 -74.02
C GLU F 369 49.94 8.40 -72.71
N VAL F 370 49.10 9.39 -72.34
CA VAL F 370 48.36 9.42 -71.04
C VAL F 370 47.40 8.23 -70.96
N VAL F 371 46.69 7.92 -72.05
CA VAL F 371 45.74 6.77 -72.13
C VAL F 371 46.54 5.47 -71.90
N ASN F 372 47.63 5.29 -72.67
CA ASN F 372 48.58 4.14 -72.55
C ASN F 372 49.12 4.02 -71.11
N LYS F 373 49.34 5.14 -70.43
CA LYS F 373 49.72 5.19 -68.98
C LYS F 373 48.56 4.68 -68.11
N LEU F 374 47.31 4.99 -68.49
CA LEU F 374 46.08 4.64 -67.72
C LEU F 374 45.58 3.21 -68.03
N ILE F 375 46.00 2.60 -69.14
CA ILE F 375 45.57 1.21 -69.53
C ILE F 375 45.96 0.22 -68.43
N PRO F 376 47.24 0.13 -67.99
CA PRO F 376 47.59 -0.72 -66.84
C PRO F 376 47.37 -0.07 -65.46
N ASP F 377 47.03 1.22 -65.43
CA ASP F 377 46.88 2.06 -64.21
C ASP F 377 48.25 2.22 -63.55
N SER F 378 49.27 2.54 -64.35
CA SER F 378 50.68 2.72 -63.93
C SER F 378 50.79 3.86 -62.91
N ILE F 379 49.92 4.87 -63.01
CA ILE F 379 49.79 6.02 -62.06
C ILE F 379 49.61 5.46 -60.65
N GLY F 380 48.59 4.60 -60.47
CA GLY F 380 48.25 3.94 -59.20
C GLY F 380 49.42 3.17 -58.62
N LYS F 381 50.02 2.26 -59.42
CA LYS F 381 51.17 1.40 -59.04
C LYS F 381 52.33 2.28 -58.53
N ASP F 382 52.61 3.40 -59.21
CA ASP F 382 53.68 4.36 -58.86
C ASP F 382 53.34 5.07 -57.54
N ILE F 383 52.07 5.41 -57.30
CA ILE F 383 51.60 6.04 -56.03
C ILE F 383 51.73 5.00 -54.89
N GLU F 384 51.27 3.76 -55.11
CA GLU F 384 51.38 2.64 -54.13
C GLU F 384 52.84 2.43 -53.71
N LYS F 385 53.76 2.44 -54.68
CA LYS F 385 55.22 2.27 -54.47
C LYS F 385 55.77 3.48 -53.69
N ALA F 386 55.39 4.70 -54.09
CA ALA F 386 55.92 5.98 -53.54
C ALA F 386 55.42 6.21 -52.10
N CYS F 387 54.14 5.92 -51.83
CA CYS F 387 53.46 6.22 -50.52
C CYS F 387 53.66 5.09 -49.50
N GLN F 388 54.38 4.02 -49.85
CA GLN F 388 54.68 2.86 -48.94
C GLN F 388 55.37 3.35 -47.67
N SER F 389 56.31 4.30 -47.79
CA SER F 389 57.20 4.80 -46.70
C SER F 389 56.38 5.58 -45.65
N ILE F 390 55.39 6.38 -46.08
CA ILE F 390 54.56 7.24 -45.20
C ILE F 390 53.54 6.37 -44.45
N TYR F 391 52.83 5.50 -45.18
CA TYR F 391 51.89 4.49 -44.63
C TYR F 391 51.54 3.48 -45.73
N PRO F 392 51.63 2.14 -45.50
CA PRO F 392 51.31 1.16 -46.53
C PRO F 392 49.89 1.31 -47.09
N LEU F 393 49.76 1.40 -48.43
CA LEU F 393 48.47 1.50 -49.15
C LEU F 393 48.04 0.11 -49.64
N HIS F 394 46.73 -0.13 -49.74
CA HIS F 394 46.11 -1.44 -50.09
C HIS F 394 45.74 -1.44 -51.57
N ASP F 395 44.77 -0.60 -51.97
CA ASP F 395 44.29 -0.44 -53.36
C ASP F 395 44.27 1.05 -53.72
N VAL F 396 45.20 1.50 -54.56
CA VAL F 396 45.25 2.90 -55.08
C VAL F 396 44.98 2.86 -56.59
N PHE F 397 43.74 3.19 -56.99
CA PHE F 397 43.31 3.30 -58.40
C PHE F 397 43.08 4.78 -58.73
N VAL F 398 43.23 5.12 -60.02
CA VAL F 398 42.72 6.40 -60.58
C VAL F 398 41.20 6.22 -60.74
N ARG F 399 40.45 6.64 -59.71
CA ARG F 399 38.98 6.46 -59.57
C ARG F 399 38.26 7.03 -60.80
N LYS F 400 38.53 8.29 -61.14
CA LYS F 400 37.83 9.03 -62.22
C LYS F 400 38.84 9.87 -63.02
N VAL F 401 38.59 10.01 -64.32
CA VAL F 401 39.24 11.01 -65.21
C VAL F 401 38.13 11.64 -66.08
N LYS F 402 37.99 12.98 -66.02
CA LYS F 402 36.95 13.76 -66.75
C LYS F 402 37.61 14.75 -67.70
N MET F 403 37.20 14.76 -68.98
CA MET F 403 37.59 15.81 -69.96
C MET F 403 36.81 17.09 -69.65
N LEU F 404 37.49 18.16 -69.23
CA LEU F 404 36.86 19.46 -68.86
C LEU F 404 36.72 20.33 -70.11
N LYS F 405 37.83 20.60 -70.80
CA LYS F 405 37.91 21.48 -71.99
C LYS F 405 38.57 20.72 -73.15
N LYS F 406 38.25 21.11 -74.39
CA LYS F 406 38.80 20.53 -75.65
C LYS F 406 39.53 21.61 -76.43
N PRO F 407 40.47 21.26 -77.34
CA PRO F 407 40.96 22.20 -78.35
C PRO F 407 39.93 22.43 -79.47
N LYS F 408 40.20 23.37 -80.37
CA LYS F 408 39.43 23.57 -81.63
C LYS F 408 39.72 22.39 -82.55
N PHE F 409 38.69 21.64 -82.94
CA PHE F 409 38.80 20.32 -83.63
C PHE F 409 39.49 20.49 -85.00
N GLU F 410 40.38 19.55 -85.33
CA GLU F 410 41.00 19.38 -86.68
C GLU F 410 41.05 17.88 -87.00
N LEU F 411 40.80 17.52 -88.27
CA LEU F 411 40.63 16.11 -88.74
C LEU F 411 41.98 15.38 -88.71
N GLY F 412 43.08 16.08 -89.01
CA GLY F 412 44.44 15.52 -89.13
C GLY F 412 44.88 14.73 -87.91
N LYS F 413 44.74 15.31 -86.71
CA LYS F 413 45.17 14.69 -85.43
C LYS F 413 44.22 13.54 -85.08
N LEU F 414 42.91 13.72 -85.27
CA LEU F 414 41.87 12.66 -85.06
C LEU F 414 42.18 11.46 -85.94
N MET F 415 42.54 11.68 -87.20
CA MET F 415 42.92 10.61 -88.16
C MET F 415 44.24 9.97 -87.72
N GLU F 416 45.19 10.77 -87.22
CA GLU F 416 46.50 10.28 -86.70
C GLU F 416 46.27 9.37 -85.48
N LEU F 417 45.35 9.75 -84.59
CA LEU F 417 44.91 8.94 -83.41
C LEU F 417 44.37 7.57 -83.87
N HIS F 418 43.80 7.48 -85.08
CA HIS F 418 43.28 6.24 -85.72
C HIS F 418 44.31 5.63 -86.67
N GLY F 419 45.28 6.42 -87.16
CA GLY F 419 46.36 5.96 -88.06
C GLY F 419 46.86 7.07 -88.98
N GLU G 1 12.53 -40.15 20.64
CA GLU G 1 14.00 -40.39 20.59
C GLU G 1 14.61 -39.56 19.45
N TRP G 2 15.88 -39.14 19.63
CA TRP G 2 16.66 -38.31 18.67
C TRP G 2 17.94 -39.06 18.28
N MET G 3 18.12 -39.33 16.97
CA MET G 3 19.32 -39.97 16.39
C MET G 3 20.00 -38.97 15.44
N PRO G 4 21.09 -38.29 15.87
CA PRO G 4 21.70 -37.23 15.07
C PRO G 4 22.35 -37.71 13.76
N VAL G 5 22.43 -36.80 12.78
CA VAL G 5 22.96 -37.05 11.41
C VAL G 5 24.33 -36.38 11.21
N THR G 6 24.58 -35.26 11.89
CA THR G 6 25.88 -34.52 11.87
C THR G 6 26.83 -35.13 12.91
N LYS G 7 28.14 -34.96 12.71
CA LYS G 7 29.22 -35.45 13.62
C LYS G 7 29.09 -34.73 14.97
N LEU G 8 28.81 -33.42 14.94
CA LEU G 8 28.58 -32.56 16.13
C LEU G 8 27.42 -33.13 16.97
N GLY G 9 26.33 -33.52 16.30
CA GLY G 9 25.14 -34.16 16.93
C GLY G 9 25.51 -35.40 17.71
N ARG G 10 26.26 -36.32 17.10
CA ARG G 10 26.74 -37.58 17.73
C ARG G 10 27.67 -37.25 18.91
N LEU G 11 28.50 -36.21 18.77
CA LEU G 11 29.40 -35.72 19.86
C LEU G 11 28.57 -35.18 21.02
N VAL G 12 27.50 -34.43 20.73
CA VAL G 12 26.62 -33.82 21.78
C VAL G 12 25.85 -34.94 22.51
N LYS G 13 25.40 -35.98 21.80
CA LYS G 13 24.62 -37.11 22.37
C LYS G 13 25.48 -37.97 23.31
N ASP G 14 26.79 -38.05 23.06
CA ASP G 14 27.75 -38.86 23.86
C ASP G 14 28.39 -38.02 24.98
N MET G 15 27.84 -36.83 25.29
CA MET G 15 28.26 -35.92 26.39
C MET G 15 29.75 -35.53 26.23
N LYS G 16 30.24 -35.45 24.99
CA LYS G 16 31.67 -35.15 24.68
C LYS G 16 31.91 -33.65 24.81
N ILE G 17 31.11 -32.85 24.10
CA ILE G 17 31.12 -31.36 24.15
C ILE G 17 30.32 -30.93 25.39
N LYS G 18 30.92 -30.14 26.28
CA LYS G 18 30.36 -29.81 27.62
C LYS G 18 29.34 -28.67 27.47
N SER G 19 29.77 -27.51 26.99
CA SER G 19 28.96 -26.27 26.86
C SER G 19 28.91 -25.83 25.39
N LEU G 20 27.91 -25.02 25.04
CA LEU G 20 27.66 -24.48 23.69
C LEU G 20 28.72 -23.41 23.34
N GLU G 21 29.34 -22.80 24.36
CA GLU G 21 30.45 -21.81 24.22
C GLU G 21 31.60 -22.43 23.40
N GLU G 22 31.86 -23.74 23.55
CA GLU G 22 32.88 -24.51 22.77
C GLU G 22 32.55 -24.44 21.27
N ILE G 23 31.27 -24.60 20.92
CA ILE G 23 30.76 -24.57 19.50
C ILE G 23 30.94 -23.15 18.96
N TYR G 24 30.51 -22.13 19.72
CA TYR G 24 30.60 -20.70 19.34
C TYR G 24 32.07 -20.24 19.27
N LEU G 25 32.96 -20.86 20.06
CA LEU G 25 34.41 -20.57 20.04
C LEU G 25 34.99 -20.97 18.68
N PHE G 26 34.78 -22.23 18.26
CA PHE G 26 35.31 -22.81 17.00
C PHE G 26 34.43 -22.42 15.81
N SER G 27 33.25 -21.81 16.05
CA SER G 27 32.34 -21.20 15.05
C SER G 27 31.91 -22.24 13.99
N LEU G 28 31.27 -23.32 14.45
CA LEU G 28 30.73 -24.41 13.59
C LEU G 28 29.30 -24.09 13.19
N PRO G 29 28.78 -24.66 12.08
CA PRO G 29 27.36 -24.60 11.77
C PRO G 29 26.55 -25.54 12.69
N ILE G 30 25.34 -25.13 13.05
CA ILE G 30 24.38 -25.90 13.89
C ILE G 30 23.13 -26.18 13.05
N LYS G 31 22.88 -27.45 12.69
CA LYS G 31 21.79 -27.89 11.79
C LYS G 31 20.82 -28.81 12.54
N GLU G 32 20.82 -28.79 13.87
CA GLU G 32 19.98 -29.65 14.75
C GLU G 32 19.61 -28.89 16.03
N SER G 33 18.31 -28.56 16.19
CA SER G 33 17.74 -27.85 17.37
C SER G 33 17.92 -28.67 18.65
N GLU G 34 18.04 -30.00 18.53
CA GLU G 34 18.14 -30.94 19.68
C GLU G 34 19.46 -30.73 20.43
N ILE G 35 20.49 -30.17 19.77
CA ILE G 35 21.77 -29.75 20.42
C ILE G 35 21.49 -28.61 21.41
N ILE G 36 20.74 -27.59 20.96
CA ILE G 36 20.31 -26.42 21.79
C ILE G 36 19.34 -26.92 22.87
N ASP G 37 18.42 -27.81 22.49
CA ASP G 37 17.42 -28.45 23.41
C ASP G 37 18.15 -29.26 24.49
N PHE G 38 19.40 -29.60 24.26
CA PHE G 38 20.20 -30.27 25.27
C PHE G 38 20.80 -29.24 26.18
N PHE G 39 21.69 -28.43 25.67
CA PHE G 39 22.31 -27.46 26.50
C PHE G 39 21.37 -26.42 27.09
N LEU G 40 20.48 -25.86 26.30
CA LEU G 40 19.66 -24.79 26.82
C LEU G 40 18.21 -25.02 27.00
N GLY G 41 17.75 -26.24 26.90
CA GLY G 41 16.33 -26.48 26.99
C GLY G 41 15.69 -26.06 28.28
N ALA G 42 16.37 -26.27 29.38
CA ALA G 42 15.79 -25.95 30.64
C ALA G 42 15.45 -24.49 30.78
N SER G 43 16.31 -23.61 30.31
CA SER G 43 16.07 -22.19 30.48
C SER G 43 15.61 -21.38 29.29
N LEU G 44 14.97 -22.01 28.32
CA LEU G 44 14.52 -21.30 27.14
C LEU G 44 13.06 -21.04 27.07
N LYS G 45 12.72 -19.80 26.81
CA LYS G 45 11.35 -19.37 26.65
C LYS G 45 11.30 -18.73 25.29
N ASP G 46 10.20 -18.92 24.60
CA ASP G 46 9.98 -18.40 23.23
C ASP G 46 8.71 -17.54 23.20
N GLU G 47 8.72 -16.47 22.40
CA GLU G 47 7.62 -15.48 22.25
C GLU G 47 7.37 -15.24 20.76
N VAL G 48 6.09 -15.25 20.36
CA VAL G 48 5.62 -15.01 18.97
C VAL G 48 5.54 -13.49 18.74
N LEU G 49 6.44 -12.94 17.92
CA LEU G 49 6.49 -11.48 17.62
C LEU G 49 5.21 -11.07 16.87
N LYS G 50 4.91 -11.73 15.75
CA LYS G 50 3.64 -11.51 15.00
C LYS G 50 3.36 -12.67 14.01
N ILE G 51 2.15 -12.66 13.44
CA ILE G 51 1.66 -13.59 12.39
C ILE G 51 1.20 -12.76 11.19
N MET G 52 2.10 -12.53 10.22
CA MET G 52 1.85 -11.67 9.03
C MET G 52 1.25 -12.51 7.90
N PRO G 53 0.00 -12.24 7.44
CA PRO G 53 -0.54 -12.90 6.25
C PRO G 53 0.11 -12.33 4.98
N VAL G 54 0.78 -13.18 4.19
CA VAL G 54 1.41 -12.83 2.89
C VAL G 54 0.70 -13.60 1.78
N GLN G 55 0.46 -12.97 0.63
CA GLN G 55 -0.42 -13.49 -0.44
C GLN G 55 0.36 -13.61 -1.76
N LYS G 56 -0.10 -14.52 -2.64
CA LYS G 56 0.38 -14.67 -4.03
C LYS G 56 -0.84 -14.67 -4.95
N GLN G 57 -0.93 -13.70 -5.88
CA GLN G 57 -2.04 -13.58 -6.86
C GLN G 57 -1.95 -14.77 -7.83
N THR G 58 -3.02 -15.50 -7.99
CA THR G 58 -3.09 -16.57 -8.93
C THR G 58 -4.40 -16.37 -9.75
N ARG G 59 -4.64 -17.16 -10.77
CA ARG G 59 -5.81 -17.02 -11.60
C ARG G 59 -7.07 -17.17 -10.80
N ALA G 60 -7.11 -18.12 -9.90
CA ALA G 60 -8.26 -18.34 -9.05
C ALA G 60 -8.54 -17.23 -8.12
N GLY G 61 -7.49 -16.71 -7.53
CA GLY G 61 -7.63 -15.64 -6.58
C GLY G 61 -6.37 -15.51 -5.79
N GLN G 62 -6.46 -14.89 -4.64
CA GLN G 62 -5.28 -14.78 -3.82
C GLN G 62 -4.89 -16.08 -3.14
N ARG G 63 -3.62 -16.25 -2.84
CA ARG G 63 -3.15 -17.44 -2.14
C ARG G 63 -2.64 -16.95 -0.83
N THR G 64 -2.83 -17.71 0.22
CA THR G 64 -2.48 -17.17 1.49
C THR G 64 -1.58 -17.96 2.29
N ARG G 65 -0.49 -17.37 2.67
CA ARG G 65 0.39 -18.07 3.64
C ARG G 65 0.61 -17.15 4.85
N PHE G 66 0.98 -17.72 6.00
CA PHE G 66 1.24 -16.98 7.27
C PHE G 66 2.74 -17.00 7.56
N LYS G 67 3.34 -15.82 7.72
CA LYS G 67 4.73 -15.60 8.21
C LYS G 67 4.69 -15.49 9.73
N ALA G 68 5.31 -16.45 10.43
CA ALA G 68 5.43 -16.49 11.91
C ALA G 68 6.83 -15.99 12.30
N PHE G 69 6.91 -14.84 12.96
CA PHE G 69 8.15 -14.28 13.58
C PHE G 69 8.15 -14.66 15.06
N VAL G 70 9.14 -15.43 15.51
CA VAL G 70 9.24 -15.92 16.91
C VAL G 70 10.67 -15.70 17.43
N ALA G 71 10.80 -15.11 18.62
CA ALA G 71 12.08 -14.87 19.33
C ALA G 71 12.21 -15.88 20.47
N ILE G 72 13.38 -16.50 20.63
CA ILE G 72 13.69 -17.44 21.75
C ILE G 72 14.95 -16.93 22.47
N GLY G 73 15.07 -17.24 23.76
CA GLY G 73 16.28 -16.93 24.55
C GLY G 73 16.11 -17.20 26.03
N ASP G 74 17.19 -17.59 26.70
CA ASP G 74 17.32 -17.61 28.17
C ASP G 74 17.98 -16.30 28.58
N TYR G 75 17.65 -15.78 29.77
CA TYR G 75 18.03 -14.41 30.22
C TYR G 75 19.43 -14.45 30.84
N ASN G 76 20.39 -15.09 30.15
CA ASN G 76 21.81 -15.26 30.58
C ASN G 76 22.72 -15.19 29.35
N GLY G 77 22.46 -14.23 28.44
CA GLY G 77 23.32 -13.94 27.27
C GLY G 77 23.19 -14.98 26.18
N HIS G 78 21.97 -15.41 25.86
CA HIS G 78 21.63 -16.34 24.74
C HIS G 78 20.27 -15.96 24.15
N VAL G 79 20.26 -15.42 22.93
CA VAL G 79 19.03 -15.03 22.19
C VAL G 79 19.13 -15.55 20.75
N GLY G 80 17.97 -15.86 20.14
CA GLY G 80 17.83 -16.32 18.75
C GLY G 80 16.49 -15.92 18.17
N LEU G 81 16.42 -15.76 16.85
CA LEU G 81 15.21 -15.27 16.12
C LEU G 81 14.90 -16.21 14.96
N GLY G 82 13.65 -16.71 14.88
CA GLY G 82 13.16 -17.59 13.81
C GLY G 82 12.05 -16.95 13.00
N VAL G 83 12.05 -17.17 11.68
CA VAL G 83 11.03 -16.66 10.72
C VAL G 83 10.66 -17.80 9.77
N LYS G 84 9.37 -18.13 9.65
CA LYS G 84 8.88 -19.24 8.80
C LYS G 84 7.55 -18.86 8.15
N CYS G 85 7.42 -19.13 6.84
CA CYS G 85 6.20 -18.97 6.02
C CYS G 85 5.59 -20.35 5.75
N SER G 86 4.29 -20.52 5.98
CA SER G 86 3.57 -21.81 5.75
C SER G 86 2.07 -21.57 5.55
N LYS G 87 1.35 -22.63 5.16
CA LYS G 87 -0.11 -22.62 4.88
C LYS G 87 -0.90 -22.49 6.20
N GLU G 88 -0.45 -23.20 7.25
CA GLU G 88 -1.09 -23.20 8.60
C GLU G 88 -0.21 -22.45 9.60
N VAL G 89 -0.85 -21.68 10.49
CA VAL G 89 -0.19 -20.85 11.56
C VAL G 89 0.63 -21.76 12.49
N ALA G 90 0.09 -22.91 12.89
CA ALA G 90 0.71 -23.87 13.83
C ALA G 90 2.02 -24.41 13.25
N THR G 91 1.97 -24.88 12.00
CA THR G 91 3.15 -25.41 11.25
C THR G 91 4.21 -24.31 11.12
N ALA G 92 3.79 -23.07 10.83
CA ALA G 92 4.66 -21.88 10.72
C ALA G 92 5.33 -21.61 12.07
N ILE G 93 4.55 -21.58 13.16
CA ILE G 93 5.03 -21.35 14.56
C ILE G 93 6.10 -22.41 14.91
N ARG G 94 5.75 -23.69 14.77
CA ARG G 94 6.64 -24.84 15.13
C ARG G 94 7.94 -24.73 14.34
N GLY G 95 7.85 -24.60 13.01
CA GLY G 95 9.01 -24.41 12.11
C GLY G 95 9.85 -23.21 12.51
N ALA G 96 9.21 -22.07 12.78
CA ALA G 96 9.86 -20.81 13.21
C ALA G 96 10.65 -21.05 14.51
N ILE G 97 10.05 -21.73 15.49
CA ILE G 97 10.70 -22.06 16.80
C ILE G 97 11.97 -22.89 16.53
N ILE G 98 11.91 -23.85 15.60
CA ILE G 98 13.07 -24.70 15.20
C ILE G 98 14.18 -23.80 14.63
N LEU G 99 13.86 -22.93 13.67
CA LEU G 99 14.83 -21.96 13.07
C LEU G 99 15.39 -21.03 14.15
N ALA G 100 14.55 -20.60 15.10
CA ALA G 100 14.91 -19.71 16.22
C ALA G 100 15.97 -20.38 17.10
N LYS G 101 15.75 -21.66 17.46
CA LYS G 101 16.71 -22.48 18.25
C LYS G 101 18.03 -22.62 17.49
N LEU G 102 17.96 -22.91 16.18
CA LEU G 102 19.15 -23.09 15.29
C LEU G 102 19.97 -21.79 15.24
N SER G 103 19.32 -20.63 15.26
CA SER G 103 19.95 -19.30 15.01
C SER G 103 20.32 -18.58 16.32
N ILE G 104 20.36 -19.27 17.47
CA ILE G 104 20.76 -18.67 18.78
C ILE G 104 22.24 -18.28 18.70
N VAL G 105 22.60 -17.11 19.25
CA VAL G 105 23.99 -16.57 19.31
C VAL G 105 24.28 -16.11 20.74
N PRO G 106 25.56 -16.14 21.19
CA PRO G 106 25.92 -15.64 22.52
C PRO G 106 26.01 -14.10 22.51
N VAL G 107 25.55 -13.46 23.58
CA VAL G 107 25.46 -11.96 23.70
C VAL G 107 26.50 -11.50 24.74
N ARG G 108 27.50 -10.73 24.30
CA ARG G 108 28.56 -10.14 25.15
C ARG G 108 27.96 -8.94 25.91
N ARG G 109 28.04 -8.95 27.24
CA ARG G 109 27.51 -7.88 28.14
C ARG G 109 28.65 -6.96 28.57
N GLY G 110 28.34 -5.87 29.29
CA GLY G 110 29.33 -4.89 29.76
C GLY G 110 28.77 -3.93 30.80
N TYR G 111 29.59 -2.95 31.21
CA TYR G 111 29.35 -1.95 32.28
C TYR G 111 29.35 -0.54 31.70
N TRP G 112 28.55 0.36 32.28
CA TRP G 112 28.48 1.80 31.89
C TRP G 112 29.69 2.54 32.45
N GLY G 113 29.82 2.57 33.79
CA GLY G 113 30.91 3.26 34.52
C GLY G 113 31.90 2.26 35.10
N ASN G 114 32.16 2.35 36.41
CA ASN G 114 33.08 1.45 37.15
C ASN G 114 32.55 0.02 37.10
N LYS G 115 33.45 -0.96 36.97
CA LYS G 115 33.13 -2.40 36.80
C LYS G 115 33.06 -3.07 38.18
N ILE G 116 31.85 -3.16 38.76
CA ILE G 116 31.58 -3.85 40.07
C ILE G 116 30.32 -4.70 39.90
N GLY G 117 30.35 -5.94 40.41
CA GLY G 117 29.27 -6.94 40.28
C GLY G 117 29.26 -7.58 38.90
N LYS G 118 28.09 -8.06 38.45
CA LYS G 118 27.88 -8.70 37.13
C LYS G 118 27.67 -7.63 36.07
N PRO G 119 28.02 -7.87 34.78
CA PRO G 119 27.69 -6.93 33.70
C PRO G 119 26.19 -6.85 33.44
N HIS G 120 25.71 -5.65 33.11
CA HIS G 120 24.26 -5.29 33.03
C HIS G 120 23.85 -4.68 31.68
N THR G 121 24.79 -4.12 30.90
CA THR G 121 24.50 -3.37 29.65
C THR G 121 25.37 -3.88 28.50
N VAL G 122 25.20 -3.30 27.31
CA VAL G 122 26.04 -3.58 26.09
C VAL G 122 27.43 -3.02 26.32
N PRO G 123 28.52 -3.65 25.80
CA PRO G 123 29.89 -3.22 26.10
C PRO G 123 30.25 -1.87 25.46
N CYS G 124 29.96 -1.72 24.17
CA CYS G 124 30.22 -0.51 23.34
C CYS G 124 28.92 -0.07 22.66
N LYS G 125 28.94 1.08 21.97
CA LYS G 125 27.83 1.54 21.10
C LYS G 125 27.85 0.69 19.83
N VAL G 126 26.91 -0.26 19.71
CA VAL G 126 26.79 -1.21 18.56
C VAL G 126 25.59 -0.80 17.70
N THR G 127 25.61 -1.15 16.42
CA THR G 127 24.56 -0.84 15.42
C THR G 127 24.17 -2.10 14.66
N GLY G 128 22.92 -2.15 14.17
CA GLY G 128 22.39 -3.21 13.29
C GLY G 128 21.60 -2.62 12.14
N ARG G 129 21.93 -3.02 10.90
CA ARG G 129 21.29 -2.58 9.64
C ARG G 129 20.41 -3.71 9.09
N CYS G 130 19.25 -3.38 8.53
CA CYS G 130 18.37 -4.33 7.78
C CYS G 130 17.31 -3.57 6.98
N GLY G 131 17.43 -3.59 5.65
CA GLY G 131 16.42 -3.10 4.69
C GLY G 131 15.85 -1.74 5.06
N SER G 132 16.73 -0.74 5.24
CA SER G 132 16.42 0.68 5.57
C SER G 132 16.47 0.91 7.09
N VAL G 133 16.14 -0.08 7.91
CA VAL G 133 16.01 0.07 9.39
C VAL G 133 17.41 -0.03 10.02
N LEU G 134 17.81 1.05 10.71
CA LEU G 134 19.04 1.16 11.54
C LEU G 134 18.60 1.12 13.01
N VAL G 135 19.21 0.26 13.83
CA VAL G 135 19.00 0.21 15.31
C VAL G 135 20.37 0.30 16.00
N ARG G 136 20.56 1.32 16.83
CA ARG G 136 21.81 1.57 17.59
C ARG G 136 21.55 1.29 19.08
N LEU G 137 22.32 0.39 19.69
CA LEU G 137 22.33 0.15 21.16
C LEU G 137 23.45 1.00 21.78
N ILE G 138 23.17 1.62 22.93
CA ILE G 138 24.10 2.53 23.68
C ILE G 138 24.12 2.08 25.13
N PRO G 139 25.31 1.99 25.79
CA PRO G 139 25.39 1.67 27.22
C PRO G 139 24.61 2.67 28.08
N ALA G 140 23.79 2.15 29.02
CA ALA G 140 22.97 2.94 29.97
C ALA G 140 23.49 2.73 31.39
N PRO G 141 23.30 3.69 32.33
CA PRO G 141 23.65 3.49 33.74
C PRO G 141 22.83 2.37 34.42
N ARG G 142 23.34 1.85 35.54
CA ARG G 142 22.74 0.70 36.28
C ARG G 142 21.30 1.03 36.69
N GLY G 143 20.39 0.04 36.55
CA GLY G 143 18.96 0.15 36.90
C GLY G 143 18.22 1.23 36.12
N THR G 144 18.65 1.52 34.88
CA THR G 144 17.95 2.45 33.94
C THR G 144 16.73 1.75 33.34
N GLY G 145 16.88 0.49 32.91
CA GLY G 145 15.89 -0.28 32.14
C GLY G 145 16.20 -0.23 30.65
N ILE G 146 15.32 -0.81 29.83
CA ILE G 146 15.44 -0.82 28.33
C ILE G 146 14.57 0.30 27.78
N VAL G 147 15.20 1.41 27.36
CA VAL G 147 14.52 2.59 26.73
C VAL G 147 14.46 2.34 25.22
N SER G 148 13.34 1.77 24.74
CA SER G 148 13.14 1.37 23.31
C SER G 148 11.66 1.04 23.06
N ALA G 149 11.33 0.70 21.82
CA ALA G 149 10.00 0.17 21.41
C ALA G 149 9.82 -1.24 21.96
N PRO G 150 8.59 -1.79 22.03
CA PRO G 150 8.38 -3.16 22.52
C PRO G 150 9.23 -4.24 21.85
N VAL G 151 9.31 -4.21 20.50
CA VAL G 151 9.91 -5.28 19.65
C VAL G 151 11.38 -5.48 19.98
N PRO G 152 12.26 -4.44 19.98
CA PRO G 152 13.63 -4.60 20.47
C PRO G 152 13.73 -4.86 21.98
N LYS G 153 12.75 -4.40 22.77
CA LYS G 153 12.68 -4.63 24.24
C LYS G 153 12.51 -6.13 24.51
N LYS G 154 11.71 -6.84 23.69
CA LYS G 154 11.55 -8.32 23.76
C LYS G 154 12.94 -8.97 23.66
N LEU G 155 13.62 -8.74 22.55
CA LEU G 155 14.92 -9.40 22.19
C LEU G 155 16.03 -8.95 23.15
N LEU G 156 16.05 -7.67 23.54
CA LEU G 156 17.06 -7.14 24.50
C LEU G 156 16.85 -7.77 25.89
N MET G 157 15.59 -7.92 26.33
CA MET G 157 15.26 -8.60 27.62
C MET G 157 15.60 -10.08 27.51
N MET G 158 15.22 -10.75 26.42
CA MET G 158 15.47 -12.19 26.17
C MET G 158 16.97 -12.45 25.97
N ALA G 159 17.76 -11.42 25.62
CA ALA G 159 19.24 -11.45 25.58
C ALA G 159 19.82 -11.23 26.98
N GLY G 160 19.00 -10.88 27.97
CA GLY G 160 19.42 -10.64 29.36
C GLY G 160 20.25 -9.37 29.50
N ILE G 161 20.02 -8.38 28.62
CA ILE G 161 20.57 -7.00 28.74
C ILE G 161 19.65 -6.24 29.70
N ASP G 162 20.14 -5.92 30.91
CA ASP G 162 19.33 -5.35 32.01
C ASP G 162 19.00 -3.89 31.69
N ASP G 163 19.99 -3.10 31.27
CA ASP G 163 19.89 -1.64 31.02
C ASP G 163 20.54 -1.31 29.67
N CYS G 164 19.94 -0.42 28.88
CA CYS G 164 20.39 -0.05 27.51
C CYS G 164 19.64 1.19 26.99
N TYR G 165 20.26 1.94 26.07
CA TYR G 165 19.67 3.13 25.40
C TYR G 165 19.61 2.89 23.88
N THR G 166 18.39 2.79 23.33
CA THR G 166 18.12 2.44 21.90
C THR G 166 17.77 3.70 21.11
N SER G 167 18.31 3.82 19.89
CA SER G 167 17.93 4.82 18.86
C SER G 167 17.76 4.11 17.51
N ALA G 168 16.58 4.25 16.89
CA ALA G 168 16.18 3.59 15.63
C ALA G 168 15.92 4.63 14.55
N ARG G 169 16.36 4.36 13.32
CA ARG G 169 16.07 5.19 12.10
C ARG G 169 15.55 4.25 10.99
N GLY G 170 14.75 4.80 10.07
CA GLY G 170 14.15 4.07 8.95
C GLY G 170 12.72 3.67 9.26
N CYS G 171 12.16 2.72 8.50
CA CYS G 171 10.75 2.25 8.61
C CYS G 171 10.66 1.12 9.65
N THR G 172 10.45 1.50 10.92
CA THR G 172 10.33 0.57 12.08
C THR G 172 8.92 -0.06 12.13
N ALA G 173 7.97 0.44 11.33
CA ALA G 173 6.61 -0.11 11.15
C ALA G 173 6.69 -1.54 10.57
N THR G 174 7.73 -1.82 9.77
CA THR G 174 8.06 -3.16 9.22
C THR G 174 8.73 -4.00 10.33
N LEU G 175 7.93 -4.75 11.08
CA LEU G 175 8.35 -5.47 12.33
C LEU G 175 9.41 -6.54 12.00
N GLY G 176 9.33 -7.18 10.83
CA GLY G 176 10.33 -8.16 10.36
C GLY G 176 11.71 -7.54 10.27
N ASN G 177 11.82 -6.40 9.58
CA ASN G 177 13.09 -5.65 9.38
C ASN G 177 13.58 -5.08 10.71
N PHE G 178 12.67 -4.57 11.54
CA PHE G 178 12.98 -3.92 12.85
C PHE G 178 13.55 -4.97 13.82
N ALA G 179 12.90 -6.13 13.92
CA ALA G 179 13.33 -7.29 14.72
C ALA G 179 14.66 -7.83 14.20
N LYS G 180 14.81 -7.94 12.87
CA LYS G 180 16.05 -8.42 12.22
C LYS G 180 17.21 -7.45 12.50
N ALA G 181 16.95 -6.14 12.41
CA ALA G 181 17.93 -5.05 12.63
C ALA G 181 18.48 -5.12 14.06
N THR G 182 17.58 -5.12 15.06
CA THR G 182 17.94 -5.14 16.51
C THR G 182 18.64 -6.45 16.87
N PHE G 183 18.24 -7.59 16.28
CA PHE G 183 18.89 -8.90 16.49
C PHE G 183 20.33 -8.87 15.97
N ASP G 184 20.53 -8.33 14.76
CA ASP G 184 21.87 -8.16 14.13
C ASP G 184 22.73 -7.23 15.01
N ALA G 185 22.13 -6.17 15.56
CA ALA G 185 22.78 -5.19 16.47
C ALA G 185 23.30 -5.92 17.72
N ILE G 186 22.47 -6.77 18.33
CA ILE G 186 22.83 -7.63 19.50
C ILE G 186 23.95 -8.59 19.06
N SER G 187 23.75 -9.28 17.94
CA SER G 187 24.66 -10.30 17.35
C SER G 187 26.06 -9.72 17.11
N LYS G 188 26.16 -8.41 16.87
CA LYS G 188 27.44 -7.71 16.52
C LYS G 188 28.35 -7.56 17.74
N THR G 189 27.83 -7.70 18.98
CA THR G 189 28.53 -7.37 20.25
C THR G 189 29.88 -8.08 20.38
N TYR G 190 29.99 -9.35 19.96
CA TYR G 190 31.24 -10.16 20.06
C TYR G 190 32.18 -9.85 18.87
N SER G 191 31.63 -9.48 17.71
CA SER G 191 32.41 -9.10 16.50
C SER G 191 33.15 -7.77 16.69
N TYR G 192 32.69 -6.92 17.63
CA TYR G 192 33.33 -5.63 17.97
C TYR G 192 34.59 -5.90 18.82
N LEU G 193 35.76 -5.43 18.35
CA LEU G 193 37.07 -5.59 19.04
C LEU G 193 37.25 -4.46 20.06
N THR G 194 37.66 -4.82 21.28
CA THR G 194 37.83 -3.91 22.46
C THR G 194 39.18 -4.22 23.11
N PRO G 195 39.91 -3.21 23.65
CA PRO G 195 41.30 -3.41 24.09
C PRO G 195 41.62 -4.57 25.05
N ASP G 196 40.66 -5.01 25.86
CA ASP G 196 40.83 -6.14 26.82
C ASP G 196 40.78 -7.48 26.07
N LEU G 197 40.37 -7.49 24.79
CA LEU G 197 40.42 -8.66 23.88
C LEU G 197 41.56 -8.48 22.84
N TRP G 198 42.71 -7.94 23.26
CA TRP G 198 43.89 -7.69 22.38
C TRP G 198 44.90 -8.84 22.47
N LYS G 199 44.96 -9.56 23.59
CA LYS G 199 46.01 -10.59 23.86
C LYS G 199 45.97 -11.69 22.81
N GLU G 200 47.12 -12.31 22.54
CA GLU G 200 47.32 -13.32 21.46
C GLU G 200 46.61 -14.63 21.88
N THR G 201 45.58 -15.02 21.15
CA THR G 201 44.70 -16.19 21.46
C THR G 201 45.52 -17.48 21.46
N VAL G 202 45.19 -18.42 22.35
CA VAL G 202 45.83 -19.77 22.44
C VAL G 202 44.91 -20.76 21.71
N PHE G 203 45.45 -21.48 20.72
CA PHE G 203 44.69 -22.40 19.83
C PHE G 203 44.44 -23.73 20.54
N THR G 204 43.20 -23.95 20.97
CA THR G 204 42.68 -25.21 21.55
C THR G 204 42.39 -26.20 20.41
N LYS G 205 42.42 -27.51 20.71
CA LYS G 205 42.11 -28.60 19.74
C LYS G 205 40.62 -28.54 19.35
N SER G 206 40.33 -28.64 18.05
CA SER G 206 38.96 -28.60 17.48
C SER G 206 38.21 -29.88 17.86
N PRO G 207 36.90 -29.82 18.22
CA PRO G 207 36.16 -31.00 18.68
C PRO G 207 36.14 -32.19 17.69
N TYR G 208 36.19 -31.92 16.38
CA TYR G 208 36.33 -32.95 15.32
C TYR G 208 37.75 -33.55 15.36
N GLN G 209 38.76 -32.69 15.48
CA GLN G 209 40.20 -33.07 15.57
C GLN G 209 40.48 -33.74 16.91
N GLU G 210 39.84 -33.26 17.99
CA GLU G 210 40.04 -33.72 19.39
C GLU G 210 39.56 -35.18 19.53
N PHE G 211 38.27 -35.43 19.23
CA PHE G 211 37.57 -36.73 19.52
C PHE G 211 37.32 -37.51 18.22
N THR G 212 38.30 -37.52 17.30
CA THR G 212 38.31 -38.38 16.08
C THR G 212 38.24 -39.86 16.49
N ASP G 213 38.83 -40.21 17.63
CA ASP G 213 38.92 -41.59 18.20
C ASP G 213 37.52 -42.18 18.44
N HIS G 214 36.52 -41.34 18.73
CA HIS G 214 35.13 -41.77 19.06
C HIS G 214 34.26 -41.82 17.80
N LEU G 215 34.50 -40.92 16.84
CA LEU G 215 33.70 -40.78 15.59
C LEU G 215 33.93 -41.98 14.65
N VAL G 216 35.10 -42.64 14.74
CA VAL G 216 35.41 -43.88 13.97
C VAL G 216 34.54 -45.05 14.47
N LYS G 217 34.29 -45.12 15.78
CA LYS G 217 33.37 -46.12 16.41
C LYS G 217 31.92 -45.71 16.12
N THR G 218 31.51 -44.53 16.59
CA THR G 218 30.14 -43.95 16.41
C THR G 218 30.17 -42.88 15.32
N ALA H 1 11.35 57.22 36.92
CA ALA H 1 10.12 57.95 37.37
C ALA H 1 10.50 59.38 37.77
N ARG H 2 9.50 60.20 38.14
CA ARG H 2 9.66 61.61 38.56
C ARG H 2 10.14 61.66 40.02
N GLY H 3 11.17 62.46 40.32
CA GLY H 3 11.71 62.66 41.68
C GLY H 3 12.26 61.39 42.32
N PRO H 4 12.66 61.43 43.60
CA PRO H 4 13.22 60.26 44.29
C PRO H 4 12.15 59.26 44.77
N LYS H 5 12.53 57.98 44.85
CA LYS H 5 11.69 56.87 45.41
C LYS H 5 11.64 56.99 46.93
N LYS H 6 10.49 56.66 47.55
CA LYS H 6 10.26 56.73 49.02
C LYS H 6 10.08 55.33 49.63
N HIS H 7 9.52 54.37 48.87
CA HIS H 7 9.24 52.98 49.32
C HIS H 7 10.43 52.06 49.01
N LEU H 8 10.34 50.80 49.47
CA LEU H 8 11.23 49.67 49.08
C LEU H 8 10.47 48.36 49.27
N LYS H 9 10.32 47.57 48.20
CA LYS H 9 9.65 46.24 48.22
C LYS H 9 10.52 45.27 49.03
N ARG H 10 9.88 44.28 49.67
CA ARG H 10 10.51 43.39 50.68
C ARG H 10 11.60 42.55 50.02
N VAL H 11 11.28 41.90 48.90
CA VAL H 11 12.20 40.99 48.14
C VAL H 11 13.34 41.80 47.51
N ALA H 12 13.15 43.10 47.25
CA ALA H 12 14.16 44.02 46.65
C ALA H 12 15.13 44.54 47.71
N ALA H 13 14.90 44.28 49.01
CA ALA H 13 15.79 44.66 50.13
C ALA H 13 17.06 43.82 50.09
N PRO H 14 18.20 44.32 50.62
CA PRO H 14 19.46 43.57 50.55
C PRO H 14 19.43 42.31 51.42
N LYS H 15 20.04 41.22 50.93
CA LYS H 15 19.84 39.82 51.39
C LYS H 15 20.33 39.64 52.84
N HIS H 16 21.36 40.39 53.25
CA HIS H 16 22.06 40.24 54.55
C HIS H 16 21.21 40.74 55.73
N TRP H 17 19.98 41.25 55.50
CA TRP H 17 18.98 41.55 56.56
C TRP H 17 18.18 40.28 56.91
N MET H 18 18.01 39.36 55.94
CA MET H 18 17.32 38.06 56.12
C MET H 18 15.85 38.30 56.48
N LEU H 19 15.19 39.25 55.82
CA LEU H 19 13.71 39.42 55.86
C LEU H 19 13.08 38.24 55.12
N ASP H 20 12.05 37.63 55.71
CA ASP H 20 11.30 36.50 55.10
C ASP H 20 10.27 37.08 54.11
N LYS H 21 9.69 36.23 53.27
CA LYS H 21 8.82 36.65 52.13
C LYS H 21 7.43 37.05 52.62
N LEU H 22 6.84 36.30 53.55
CA LEU H 22 5.37 36.29 53.82
C LEU H 22 4.96 37.43 54.79
N THR H 23 5.88 37.94 55.61
CA THR H 23 5.61 38.93 56.70
C THR H 23 4.89 40.16 56.14
N GLY H 24 5.30 40.66 54.96
CA GLY H 24 4.69 41.83 54.30
C GLY H 24 5.08 41.94 52.84
N VAL H 25 4.72 43.05 52.20
CA VAL H 25 5.07 43.40 50.79
C VAL H 25 6.26 44.37 50.79
N PHE H 26 6.35 45.26 51.78
CA PHE H 26 7.37 46.34 51.87
C PHE H 26 8.47 45.96 52.86
N ALA H 27 9.50 46.78 52.98
CA ALA H 27 10.60 46.61 53.91
C ALA H 27 10.85 47.87 54.66
N PRO H 28 11.90 47.93 55.44
CA PRO H 28 12.26 49.04 56.25
C PRO H 28 12.64 50.30 55.57
N ARG H 29 13.38 50.25 54.46
CA ARG H 29 13.79 51.40 53.66
C ARG H 29 14.65 52.39 54.36
N PRO H 30 15.91 52.09 54.57
CA PRO H 30 16.80 52.91 55.33
C PRO H 30 16.87 54.22 54.73
N SER H 31 16.72 55.20 55.58
CA SER H 31 16.67 56.60 55.27
C SER H 31 17.97 57.20 54.99
N THR H 32 18.02 58.44 54.51
CA THR H 32 19.35 58.95 54.10
C THR H 32 20.20 59.18 55.36
N GLY H 33 21.52 58.95 55.27
CA GLY H 33 22.43 58.97 56.42
C GLY H 33 23.89 58.78 56.01
N PRO H 34 24.81 58.47 56.96
CA PRO H 34 26.23 58.32 56.65
C PRO H 34 26.58 57.12 55.74
N HIS H 35 25.89 55.98 55.91
CA HIS H 35 26.15 54.72 55.17
C HIS H 35 25.13 54.53 54.04
N LYS H 36 25.52 53.79 53.00
CA LYS H 36 24.72 53.56 51.77
C LYS H 36 23.52 52.66 52.11
N LEU H 37 22.40 52.84 51.39
CA LEU H 37 21.14 52.06 51.58
C LEU H 37 21.41 50.56 51.47
N ARG H 38 22.25 50.16 50.50
CA ARG H 38 22.59 48.74 50.20
C ARG H 38 23.42 48.11 51.33
N GLU H 39 24.25 48.91 52.02
CA GLU H 39 25.32 48.43 52.94
C GLU H 39 25.14 49.02 54.36
N CYS H 40 23.90 49.30 54.78
CA CYS H 40 23.56 49.82 56.14
C CYS H 40 22.66 48.81 56.86
N LEU H 41 22.09 49.20 58.01
CA LEU H 41 21.09 48.40 58.77
C LEU H 41 20.13 49.33 59.49
N PRO H 42 18.83 49.36 59.12
CA PRO H 42 17.80 50.04 59.92
C PRO H 42 17.72 49.56 61.38
N LEU H 43 17.46 50.47 62.31
CA LEU H 43 17.34 50.15 63.77
C LEU H 43 16.13 49.23 63.99
N ILE H 44 15.06 49.41 63.21
CA ILE H 44 13.82 48.55 63.26
C ILE H 44 14.22 47.08 63.07
N ILE H 45 15.17 46.79 62.17
CA ILE H 45 15.66 45.40 61.93
C ILE H 45 16.51 44.96 63.14
N PHE H 46 17.46 45.81 63.56
CA PHE H 46 18.41 45.49 64.66
C PHE H 46 17.64 45.17 65.95
N LEU H 47 16.68 46.01 66.32
CA LEU H 47 15.86 45.83 67.56
C LEU H 47 14.91 44.64 67.39
N ARG H 48 14.06 44.67 66.36
CA ARG H 48 12.93 43.70 66.19
C ARG H 48 13.47 42.31 65.83
N ASN H 49 14.33 42.21 64.80
CA ASN H 49 14.69 40.93 64.14
C ASN H 49 15.93 40.32 64.80
N ARG H 50 16.92 41.12 65.20
CA ARG H 50 18.24 40.63 65.67
C ARG H 50 18.25 40.48 67.20
N LEU H 51 17.89 41.54 67.94
CA LEU H 51 17.89 41.55 69.44
C LEU H 51 16.58 40.95 69.99
N LYS H 52 15.55 40.82 69.16
CA LYS H 52 14.25 40.16 69.50
C LYS H 52 13.53 40.94 70.61
N TYR H 53 13.75 42.25 70.74
CA TYR H 53 13.16 43.11 71.79
C TYR H 53 11.72 43.46 71.42
N ALA H 54 11.51 44.10 70.27
CA ALA H 54 10.17 44.47 69.74
C ALA H 54 9.61 43.32 68.91
N LEU H 55 8.29 43.14 68.90
CA LEU H 55 7.57 42.11 68.11
C LEU H 55 7.06 42.77 66.81
N THR H 56 6.28 43.84 66.94
CA THR H 56 5.65 44.61 65.83
C THR H 56 6.48 45.87 65.55
N GLY H 57 6.06 46.68 64.57
CA GLY H 57 6.70 47.94 64.18
C GLY H 57 6.46 49.05 65.17
N ASP H 58 5.32 49.03 65.88
CA ASP H 58 4.92 50.08 66.87
C ASP H 58 5.86 50.02 68.09
N GLU H 59 6.19 48.82 68.57
CA GLU H 59 7.05 48.63 69.78
C GLU H 59 8.44 49.24 69.55
N VAL H 60 8.94 49.23 68.31
CA VAL H 60 10.27 49.78 67.92
C VAL H 60 10.26 51.30 68.12
N LYS H 61 9.25 52.01 67.60
CA LYS H 61 9.13 53.49 67.76
C LYS H 61 8.80 53.80 69.23
N LYS H 62 8.07 52.92 69.94
CA LYS H 62 7.79 53.04 71.40
C LYS H 62 9.10 52.93 72.19
N ILE H 63 10.03 52.08 71.76
CA ILE H 63 11.41 52.01 72.35
C ILE H 63 12.14 53.31 72.03
N CYS H 64 12.26 53.65 70.73
CA CYS H 64 13.15 54.73 70.20
C CYS H 64 12.70 56.12 70.68
N MET H 65 11.38 56.42 70.64
CA MET H 65 10.82 57.75 70.99
C MET H 65 11.01 58.06 72.48
N GLN H 66 11.25 57.05 73.33
CA GLN H 66 11.59 57.23 74.77
C GLN H 66 13.10 57.50 74.93
N ARG H 67 13.87 57.54 73.83
CA ARG H 67 15.24 58.09 73.75
C ARG H 67 16.20 57.27 74.63
N PHE H 68 16.12 55.93 74.53
CA PHE H 68 16.97 54.97 75.29
C PHE H 68 18.17 54.52 74.45
N ILE H 69 18.17 54.79 73.14
CA ILE H 69 19.18 54.27 72.15
C ILE H 69 20.01 55.44 71.61
N LYS H 70 21.33 55.32 71.71
CA LYS H 70 22.34 56.23 71.08
C LYS H 70 23.12 55.47 70.01
N ILE H 71 23.53 56.16 68.94
CA ILE H 71 24.44 55.65 67.88
C ILE H 71 25.68 56.54 67.88
N ASP H 72 26.84 56.00 68.25
CA ASP H 72 28.14 56.72 68.34
C ASP H 72 28.02 57.87 69.34
N GLY H 73 27.36 57.63 70.48
CA GLY H 73 27.18 58.59 71.59
C GLY H 73 26.31 59.78 71.20
N LYS H 74 25.25 59.55 70.40
CA LYS H 74 24.27 60.58 69.97
C LYS H 74 22.89 59.92 69.81
N VAL H 75 21.85 60.54 70.38
CA VAL H 75 20.48 59.94 70.53
C VAL H 75 19.75 60.04 69.20
N ARG H 76 19.33 58.90 68.64
CA ARG H 76 18.56 58.81 67.36
C ARG H 76 17.19 58.17 67.63
N THR H 77 16.11 58.89 67.32
CA THR H 77 14.70 58.44 67.48
C THR H 77 14.14 57.89 66.17
N ASP H 78 14.83 58.12 65.04
CA ASP H 78 14.45 57.60 63.69
C ASP H 78 14.68 56.09 63.66
N ILE H 79 13.60 55.31 63.52
CA ILE H 79 13.62 53.81 63.59
C ILE H 79 14.26 53.22 62.32
N THR H 80 14.25 53.96 61.21
CA THR H 80 14.85 53.55 59.91
C THR H 80 16.16 54.32 59.66
N TYR H 81 16.90 54.67 60.72
CA TYR H 81 18.19 55.38 60.63
C TYR H 81 19.27 54.36 60.25
N PRO H 82 20.10 54.64 59.20
CA PRO H 82 21.12 53.69 58.76
C PRO H 82 22.39 53.71 59.65
N ALA H 83 22.60 52.65 60.42
CA ALA H 83 23.84 52.37 61.17
C ALA H 83 24.62 51.26 60.44
N GLY H 84 25.83 51.57 59.94
CA GLY H 84 26.65 50.66 59.14
C GLY H 84 27.93 50.24 59.85
N PHE H 85 28.96 49.89 59.07
CA PHE H 85 30.20 49.23 59.53
C PHE H 85 30.93 50.13 60.55
N MET H 86 31.33 49.55 61.69
CA MET H 86 32.11 50.15 62.81
C MET H 86 31.24 51.06 63.70
N ASP H 87 29.95 51.23 63.41
CA ASP H 87 29.05 52.11 64.22
C ASP H 87 28.71 51.40 65.54
N VAL H 88 28.83 52.13 66.65
CA VAL H 88 28.61 51.62 68.04
C VAL H 88 27.20 52.03 68.49
N ILE H 89 26.28 51.06 68.57
CA ILE H 89 24.89 51.24 69.11
C ILE H 89 24.95 51.01 70.62
N SER H 90 24.49 51.99 71.40
CA SER H 90 24.54 52.04 72.89
C SER H 90 23.12 52.08 73.46
N ILE H 91 22.79 51.10 74.30
CA ILE H 91 21.51 51.03 75.09
C ILE H 91 21.88 51.24 76.57
N ASP H 92 21.79 52.49 77.04
CA ASP H 92 22.24 52.93 78.39
C ASP H 92 21.18 52.57 79.45
N LYS H 93 19.96 52.22 79.04
CA LYS H 93 18.90 51.66 79.94
C LYS H 93 19.41 50.35 80.54
N THR H 94 19.72 49.37 79.69
CA THR H 94 20.17 47.99 80.06
C THR H 94 21.71 47.93 80.10
N GLY H 95 22.41 49.00 79.73
CA GLY H 95 23.89 49.09 79.77
C GLY H 95 24.53 48.09 78.84
N GLU H 96 24.03 47.99 77.60
CA GLU H 96 24.52 47.07 76.52
C GLU H 96 25.05 47.93 75.37
N ASN H 97 26.27 47.62 74.89
CA ASN H 97 26.95 48.34 73.78
C ASN H 97 27.35 47.33 72.70
N PHE H 98 26.95 47.59 71.45
CA PHE H 98 27.21 46.72 70.27
C PHE H 98 28.01 47.49 69.22
N ARG H 99 29.00 46.84 68.60
CA ARG H 99 29.72 47.33 67.38
C ARG H 99 29.27 46.50 66.19
N LEU H 100 28.88 47.15 65.08
CA LEU H 100 28.40 46.48 63.84
C LEU H 100 29.60 46.03 63.01
N ILE H 101 30.03 44.78 63.20
CA ILE H 101 31.08 44.06 62.40
C ILE H 101 30.38 42.97 61.59
N TYR H 102 30.72 42.84 60.30
CA TYR H 102 30.27 41.73 59.43
C TYR H 102 30.84 40.40 59.95
N ASP H 103 30.03 39.33 59.94
CA ASP H 103 30.48 37.95 60.31
C ASP H 103 31.02 37.27 59.04
N THR H 104 31.50 36.02 59.19
CA THR H 104 32.16 35.21 58.14
C THR H 104 31.27 35.11 56.89
N LYS H 105 29.98 34.80 57.05
CA LYS H 105 29.04 34.47 55.95
C LYS H 105 28.49 35.75 55.28
N GLY H 106 28.84 36.94 55.79
CA GLY H 106 28.67 38.23 55.09
C GLY H 106 27.38 38.94 55.48
N ARG H 107 27.24 39.25 56.77
CA ARG H 107 26.07 39.99 57.34
C ARG H 107 26.46 40.57 58.71
N PHE H 108 25.79 41.64 59.13
CA PHE H 108 25.96 42.29 60.45
C PHE H 108 25.56 41.30 61.56
N ALA H 109 26.50 40.96 62.45
CA ALA H 109 26.31 40.02 63.58
C ALA H 109 26.09 40.81 64.88
N VAL H 110 25.29 40.27 65.80
CA VAL H 110 24.99 40.87 67.13
C VAL H 110 26.21 40.65 68.04
N HIS H 111 27.28 41.41 67.80
CA HIS H 111 28.59 41.34 68.50
C HIS H 111 28.64 42.41 69.59
N ARG H 112 28.47 42.01 70.86
CA ARG H 112 28.55 42.88 72.05
C ARG H 112 30.00 43.31 72.29
N ILE H 113 30.19 44.47 72.91
CA ILE H 113 31.51 44.99 73.38
C ILE H 113 31.36 45.51 74.81
N THR H 114 32.47 45.56 75.56
CA THR H 114 32.55 46.19 76.92
C THR H 114 32.21 47.68 76.77
N PRO H 115 31.57 48.32 77.78
CA PRO H 115 31.30 49.77 77.72
C PRO H 115 32.54 50.65 77.55
N GLU H 116 33.71 50.19 78.02
CA GLU H 116 35.02 50.90 77.92
C GLU H 116 35.47 50.99 76.46
N GLU H 117 35.15 49.98 75.63
CA GLU H 117 35.53 49.91 74.19
C GLU H 117 34.51 50.69 73.34
N ALA H 118 33.32 50.99 73.88
CA ALA H 118 32.26 51.79 73.21
C ALA H 118 32.54 53.29 73.36
N LYS H 119 33.82 53.69 73.41
CA LYS H 119 34.29 55.09 73.57
C LYS H 119 34.82 55.62 72.24
N TYR H 120 35.46 54.77 71.42
CA TYR H 120 36.08 55.12 70.11
C TYR H 120 35.48 54.28 68.98
N LYS H 121 35.88 54.58 67.74
CA LYS H 121 35.57 53.77 66.53
C LYS H 121 36.67 53.98 65.47
N LEU H 122 36.97 52.93 64.70
CA LEU H 122 37.89 52.98 63.52
C LEU H 122 37.08 53.44 62.31
N CYS H 123 37.73 54.13 61.36
CA CYS H 123 37.10 54.76 60.17
C CYS H 123 38.11 54.87 59.02
N LYS H 124 37.73 54.46 57.81
CA LYS H 124 38.57 54.54 56.58
C LYS H 124 38.36 55.90 55.91
N VAL H 125 39.44 56.64 55.67
CA VAL H 125 39.41 58.00 55.03
C VAL H 125 39.17 57.82 53.52
N ARG H 126 38.13 58.45 52.99
CA ARG H 126 37.70 58.36 51.57
C ARG H 126 38.55 59.29 50.71
N LYS H 127 38.68 60.56 51.13
CA LYS H 127 39.47 61.60 50.43
C LYS H 127 40.16 62.52 51.45
N ILE H 128 40.93 63.47 50.93
CA ILE H 128 41.60 64.48 51.72
C ILE H 128 41.70 65.73 50.89
N PHE H 129 41.13 66.82 51.35
CA PHE H 129 41.16 68.02 50.58
C PHE H 129 41.40 69.19 51.42
N VAL H 130 41.73 70.32 50.83
CA VAL H 130 41.98 71.48 51.64
C VAL H 130 41.26 72.65 51.07
N GLY H 131 40.74 73.54 51.90
CA GLY H 131 40.09 74.69 51.36
C GLY H 131 39.94 75.87 52.29
N THR H 132 39.79 77.05 51.73
CA THR H 132 39.54 78.29 52.42
C THR H 132 40.48 78.63 53.49
N LYS H 133 41.63 79.12 53.08
CA LYS H 133 42.75 79.51 53.92
C LYS H 133 43.48 78.29 54.40
N GLY H 134 43.41 77.26 53.59
CA GLY H 134 44.17 76.08 53.82
C GLY H 134 44.09 75.34 55.10
N ILE H 135 42.91 75.09 55.59
CA ILE H 135 42.80 74.27 56.71
C ILE H 135 42.51 73.01 55.98
N PRO H 136 43.39 72.03 56.05
CA PRO H 136 43.10 70.81 55.35
C PRO H 136 41.97 70.04 55.95
N HIS H 137 41.27 69.28 55.15
CA HIS H 137 40.13 68.49 55.54
C HIS H 137 40.21 67.03 55.20
N LEU H 138 39.50 66.20 55.93
CA LEU H 138 39.44 64.77 55.76
C LEU H 138 38.00 64.42 55.78
N VAL H 139 37.67 63.40 55.02
CA VAL H 139 36.33 62.78 54.86
C VAL H 139 36.52 61.27 55.03
N THR H 140 35.62 60.60 55.75
CA THR H 140 35.73 59.14 56.07
C THR H 140 34.51 58.38 55.54
N HIS H 141 34.50 57.06 55.70
CA HIS H 141 33.51 56.12 55.12
C HIS H 141 32.12 56.36 55.74
N ASP H 142 32.05 56.83 56.98
CA ASP H 142 30.79 57.18 57.69
C ASP H 142 30.58 58.70 57.68
N ALA H 143 31.12 59.39 56.65
CA ALA H 143 30.78 60.78 56.25
C ALA H 143 31.18 61.83 57.31
N ARG H 144 31.99 61.46 58.31
CA ARG H 144 32.47 62.38 59.37
C ARG H 144 33.60 63.24 58.82
N THR H 145 33.28 64.48 58.42
CA THR H 145 34.28 65.48 57.93
C THR H 145 34.99 66.10 59.12
N ILE H 146 36.31 65.93 59.22
CA ILE H 146 37.17 66.37 60.36
C ILE H 146 38.18 67.38 59.83
N ARG H 147 38.32 68.52 60.53
CA ARG H 147 39.28 69.61 60.20
C ARG H 147 40.62 69.35 60.89
N TYR H 148 41.71 69.85 60.29
CA TYR H 148 43.11 69.78 60.81
C TYR H 148 43.49 68.32 61.10
N PRO H 149 43.53 67.44 60.06
CA PRO H 149 44.03 66.08 60.25
C PRO H 149 45.56 66.03 60.32
N ASP H 150 46.12 64.95 60.88
CA ASP H 150 47.58 64.69 60.93
C ASP H 150 48.09 64.50 59.50
N PRO H 151 49.03 65.35 58.99
CA PRO H 151 49.50 65.24 57.60
C PRO H 151 50.08 63.89 57.15
N LEU H 152 50.33 62.96 58.08
CA LEU H 152 50.77 61.56 57.80
C LEU H 152 49.58 60.71 57.34
N ILE H 153 48.33 61.18 57.53
CA ILE H 153 47.09 60.47 57.10
C ILE H 153 46.88 60.73 55.60
N LYS H 154 47.08 59.69 54.77
CA LYS H 154 46.85 59.69 53.30
C LYS H 154 45.57 58.90 52.99
N VAL H 155 45.13 58.92 51.73
CA VAL H 155 43.86 58.27 51.27
C VAL H 155 44.00 56.75 51.42
N ASN H 156 42.94 56.09 51.88
CA ASN H 156 42.81 54.61 52.12
C ASN H 156 43.47 54.21 53.46
N ASP H 157 43.96 55.16 54.27
CA ASP H 157 44.44 54.89 55.65
C ASP H 157 43.22 54.78 56.58
N THR H 158 43.40 54.20 57.77
CA THR H 158 42.36 54.09 58.83
C THR H 158 42.71 55.04 59.97
N ILE H 159 41.68 55.66 60.59
CA ILE H 159 41.81 56.60 61.74
C ILE H 159 40.88 56.11 62.87
N GLN H 160 41.33 56.25 64.12
CA GLN H 160 40.56 55.91 65.35
C GLN H 160 40.07 57.23 65.97
N ILE H 161 38.75 57.41 66.06
CA ILE H 161 38.11 58.67 66.56
C ILE H 161 37.42 58.36 67.89
N ASP H 162 37.66 59.20 68.91
CA ASP H 162 36.91 59.24 70.19
C ASP H 162 35.50 59.79 69.90
N LEU H 163 34.45 59.06 70.32
CA LEU H 163 33.04 59.32 69.93
C LEU H 163 32.48 60.56 70.67
N GLU H 164 32.97 60.84 71.88
CA GLU H 164 32.51 61.98 72.73
C GLU H 164 32.96 63.31 72.10
N THR H 165 34.22 63.37 71.66
CA THR H 165 34.79 64.48 70.83
C THR H 165 34.57 64.13 69.35
N GLY H 166 35.28 64.80 68.43
CA GLY H 166 35.36 64.44 67.01
C GLY H 166 36.79 64.53 66.50
N LYS H 167 37.75 64.05 67.29
CA LYS H 167 39.22 64.21 67.06
C LYS H 167 39.88 62.83 66.93
N ILE H 168 40.94 62.75 66.13
CA ILE H 168 41.69 61.49 65.83
C ILE H 168 42.67 61.23 66.98
N THR H 169 42.54 60.08 67.64
CA THR H 169 43.44 59.62 68.74
C THR H 169 44.71 59.01 68.11
N ASP H 170 44.53 58.07 67.17
CA ASP H 170 45.63 57.35 66.46
C ASP H 170 45.15 56.93 65.06
N PHE H 171 46.09 56.53 64.19
CA PHE H 171 45.84 56.17 62.76
C PHE H 171 46.74 55.00 62.35
N ILE H 172 46.28 54.22 61.38
CA ILE H 172 47.01 53.06 60.78
C ILE H 172 47.19 53.33 59.27
N LYS H 173 48.43 53.25 58.78
CA LYS H 173 48.78 53.35 57.33
C LYS H 173 48.36 52.06 56.62
N PHE H 174 47.96 52.16 55.36
CA PHE H 174 47.66 51.01 54.46
C PHE H 174 48.95 50.58 53.76
N ASP H 175 49.67 49.64 54.38
CA ASP H 175 50.97 49.08 53.88
C ASP H 175 50.89 47.55 53.92
N THR H 176 51.89 46.87 53.35
CA THR H 176 52.05 45.39 53.38
C THR H 176 52.20 44.92 54.83
N GLY H 177 51.62 43.77 55.16
CA GLY H 177 51.70 43.13 56.49
C GLY H 177 50.89 43.88 57.52
N ASN H 178 49.63 44.20 57.21
CA ASN H 178 48.66 44.88 58.12
C ASN H 178 47.34 44.09 58.11
N LEU H 179 46.69 43.97 59.27
CA LEU H 179 45.40 43.25 59.42
C LEU H 179 44.28 44.08 58.79
N CYS H 180 43.56 43.51 57.82
CA CYS H 180 42.44 44.17 57.08
C CYS H 180 41.18 43.31 57.15
N MET H 181 40.05 43.90 56.76
CA MET H 181 38.71 43.26 56.66
C MET H 181 38.04 43.68 55.35
N VAL H 182 37.35 42.73 54.70
CA VAL H 182 36.69 42.92 53.38
C VAL H 182 35.24 43.35 53.59
N THR H 183 34.82 44.44 52.94
CA THR H 183 33.50 45.09 53.11
C THR H 183 32.82 45.25 51.73
N GLY H 184 32.70 44.15 50.98
CA GLY H 184 32.11 44.14 49.62
C GLY H 184 32.61 42.96 48.80
N GLY H 185 31.72 42.32 48.04
CA GLY H 185 32.04 41.21 47.13
C GLY H 185 31.88 39.84 47.79
N ALA H 186 32.40 38.80 47.15
CA ALA H 186 32.28 37.38 47.56
C ALA H 186 32.95 37.17 48.93
N ASN H 187 34.06 37.86 49.19
CA ASN H 187 34.93 37.66 50.38
C ASN H 187 34.53 38.59 51.53
N LEU H 188 33.26 39.04 51.57
CA LEU H 188 32.76 40.04 52.55
C LEU H 188 32.81 39.43 53.97
N GLY H 189 33.49 40.12 54.89
CA GLY H 189 33.55 39.75 56.32
C GLY H 189 34.78 38.92 56.68
N ARG H 190 35.59 38.52 55.69
CA ARG H 190 36.86 37.76 55.91
C ARG H 190 37.93 38.74 56.42
N ILE H 191 38.58 38.40 57.53
CA ILE H 191 39.74 39.13 58.12
C ILE H 191 41.02 38.41 57.68
N GLY H 192 42.07 39.17 57.36
CA GLY H 192 43.38 38.62 56.95
C GLY H 192 44.46 39.68 56.94
N VAL H 193 45.66 39.32 56.48
CA VAL H 193 46.85 40.22 56.41
C VAL H 193 47.16 40.53 54.95
N ILE H 194 47.49 41.79 54.64
CA ILE H 194 47.87 42.27 53.28
C ILE H 194 49.21 41.60 52.90
N THR H 195 49.33 41.11 51.67
CA THR H 195 50.60 40.58 51.08
C THR H 195 51.14 41.58 50.06
N ASN H 196 50.31 42.04 49.12
CA ASN H 196 50.66 43.10 48.14
C ASN H 196 49.40 43.66 47.45
N ARG H 197 49.57 44.80 46.80
CA ARG H 197 48.56 45.47 45.92
C ARG H 197 49.16 45.56 44.51
N GLU H 198 48.34 45.39 43.46
CA GLU H 198 48.78 45.48 42.04
C GLU H 198 48.07 46.69 41.40
N ARG H 199 48.77 47.83 41.33
CA ARG H 199 48.23 49.12 40.84
C ARG H 199 47.92 49.00 39.33
N HIS H 200 46.65 49.17 38.96
CA HIS H 200 46.15 49.22 37.56
C HIS H 200 45.70 50.64 37.25
N PRO H 201 46.57 51.50 36.67
CA PRO H 201 46.20 52.87 36.30
C PRO H 201 44.93 52.96 35.43
N GLY H 202 44.03 53.89 35.77
CA GLY H 202 42.76 54.14 35.06
C GLY H 202 41.73 53.04 35.28
N SER H 203 41.88 52.26 36.36
CA SER H 203 41.02 51.09 36.71
C SER H 203 41.14 50.80 38.22
N PHE H 204 40.39 49.82 38.72
CA PHE H 204 40.34 49.43 40.15
C PHE H 204 41.64 48.71 40.52
N ASP H 205 42.26 49.11 41.64
CA ASP H 205 43.45 48.44 42.22
C ASP H 205 42.99 47.16 42.94
N VAL H 206 43.69 46.04 42.69
CA VAL H 206 43.42 44.71 43.30
C VAL H 206 44.50 44.44 44.35
N VAL H 207 44.10 43.95 45.54
CA VAL H 207 45.01 43.60 46.67
C VAL H 207 44.90 42.10 46.94
N HIS H 208 45.99 41.46 47.39
CA HIS H 208 46.02 40.04 47.82
C HIS H 208 46.13 39.98 49.34
N VAL H 209 45.23 39.23 49.98
CA VAL H 209 45.12 39.08 51.47
C VAL H 209 45.32 37.61 51.82
N LYS H 210 46.25 37.32 52.74
CA LYS H 210 46.48 35.95 53.30
C LYS H 210 45.74 35.84 54.64
N ASP H 211 44.92 34.80 54.79
CA ASP H 211 44.14 34.48 56.01
C ASP H 211 45.08 33.84 57.03
N ALA H 212 44.64 33.75 58.30
CA ALA H 212 45.39 33.14 59.42
C ALA H 212 45.56 31.62 59.21
N ASN H 213 44.68 30.99 58.44
CA ASN H 213 44.65 29.52 58.19
C ASN H 213 45.24 29.19 56.80
N GLY H 214 46.18 30.00 56.31
CA GLY H 214 46.95 29.75 55.07
C GLY H 214 46.13 29.92 53.80
N ASN H 215 44.93 30.50 53.88
CA ASN H 215 44.03 30.76 52.72
C ASN H 215 44.35 32.15 52.14
N SER H 216 44.67 32.21 50.84
CA SER H 216 45.01 33.45 50.10
C SER H 216 43.86 33.79 49.14
N PHE H 217 43.35 35.03 49.20
CA PHE H 217 42.27 35.55 48.31
C PHE H 217 42.59 36.99 47.90
N ALA H 218 42.03 37.42 46.76
CA ALA H 218 42.17 38.78 46.18
C ALA H 218 40.86 39.55 46.37
N THR H 219 40.94 40.89 46.35
CA THR H 219 39.77 41.83 46.50
C THR H 219 40.14 43.20 45.91
N ARG H 220 39.13 43.97 45.49
CA ARG H 220 39.28 45.38 45.05
C ARG H 220 39.65 46.27 46.24
N LEU H 221 40.41 47.33 45.99
CA LEU H 221 40.95 48.28 47.01
C LEU H 221 39.80 48.91 47.81
N SER H 222 38.74 49.33 47.13
CA SER H 222 37.54 50.00 47.71
C SER H 222 36.90 49.13 48.82
N ASN H 223 36.96 47.80 48.68
CA ASN H 223 36.34 46.83 49.63
C ASN H 223 37.38 46.31 50.64
N ILE H 224 38.34 47.16 51.05
CA ILE H 224 39.37 46.84 52.09
C ILE H 224 39.23 47.87 53.22
N PHE H 225 39.42 47.41 54.47
CA PHE H 225 39.37 48.25 55.70
C PHE H 225 40.43 47.76 56.69
N VAL H 226 41.47 48.55 56.93
CA VAL H 226 42.57 48.21 57.89
C VAL H 226 41.99 48.27 59.31
N ILE H 227 42.10 47.18 60.08
CA ILE H 227 41.50 47.06 61.45
C ILE H 227 42.61 46.95 62.52
N GLY H 228 43.80 46.46 62.17
CA GLY H 228 44.91 46.21 63.11
C GLY H 228 46.24 46.71 62.59
N LYS H 229 47.20 46.91 63.50
CA LYS H 229 48.62 47.26 63.20
C LYS H 229 49.44 45.97 63.24
N GLY H 230 50.13 45.64 62.14
CA GLY H 230 50.85 44.36 61.98
C GLY H 230 49.89 43.21 61.79
N ASN H 231 49.68 42.41 62.85
CA ASN H 231 48.69 41.31 62.91
C ASN H 231 47.67 41.53 64.04
N LYS H 232 47.99 42.35 65.05
CA LYS H 232 47.16 42.58 66.26
C LYS H 232 46.02 43.54 65.93
N PRO H 233 44.73 43.13 66.03
CA PRO H 233 43.61 44.06 65.84
C PRO H 233 43.49 45.12 66.94
N TRP H 234 42.94 46.30 66.59
CA TRP H 234 42.68 47.46 67.48
C TRP H 234 41.22 47.44 67.96
N ILE H 235 40.45 46.42 67.58
CA ILE H 235 39.04 46.20 68.01
C ILE H 235 38.85 44.70 68.28
N SER H 236 37.81 44.34 69.04
CA SER H 236 37.38 42.93 69.27
C SER H 236 36.80 42.37 67.96
N LEU H 237 36.98 41.07 67.72
CA LEU H 237 36.49 40.36 66.51
C LEU H 237 35.16 39.69 66.84
N PRO H 238 34.35 39.25 65.85
CA PRO H 238 33.15 38.46 66.10
C PRO H 238 33.45 37.08 66.74
N ARG H 239 32.41 36.24 66.87
CA ARG H 239 32.50 34.88 67.49
C ARG H 239 33.64 34.08 66.84
N GLY H 240 33.57 33.90 65.51
CA GLY H 240 34.68 33.41 64.69
C GLY H 240 35.71 34.50 64.46
N LYS H 241 36.97 34.13 64.23
CA LYS H 241 38.11 35.08 64.07
C LYS H 241 38.24 35.51 62.60
N GLY H 242 37.11 35.79 61.93
CA GLY H 242 37.03 36.15 60.50
C GLY H 242 37.57 35.06 59.57
N ILE H 243 37.60 33.80 60.01
CA ILE H 243 38.18 32.66 59.25
C ILE H 243 37.05 32.01 58.44
N ARG H 244 37.10 32.11 57.10
CA ARG H 244 36.15 31.43 56.19
C ARG H 244 36.53 29.93 56.12
N LEU H 245 35.96 29.14 57.02
CA LEU H 245 36.07 27.65 57.02
C LEU H 245 34.93 27.07 56.16
N THR H 246 35.24 26.10 55.31
CA THR H 246 34.39 25.62 54.19
C THR H 246 33.23 24.75 54.70
N ILE H 247 32.31 24.42 53.80
CA ILE H 247 31.04 23.67 54.09
C ILE H 247 31.36 22.30 54.70
N ALA H 248 32.45 21.65 54.25
CA ALA H 248 32.92 20.34 54.74
C ALA H 248 33.11 20.38 56.26
N GLU H 249 33.97 21.27 56.76
CA GLU H 249 34.27 21.40 58.21
C GLU H 249 33.17 22.21 58.92
N GLU H 250 32.36 22.99 58.20
CA GLU H 250 31.10 23.57 58.76
C GLU H 250 30.20 22.42 59.23
N ARG H 251 29.99 21.43 58.36
CA ARG H 251 29.21 20.19 58.65
C ARG H 251 29.90 19.41 59.78
N ASP H 252 31.22 19.20 59.68
CA ASP H 252 32.02 18.44 60.69
C ASP H 252 31.88 19.10 62.07
N LYS H 253 32.01 20.43 62.13
CA LYS H 253 31.86 21.23 63.38
C LYS H 253 30.43 21.08 63.95
N ARG H 254 29.42 21.22 63.09
CA ARG H 254 27.98 21.13 63.48
C ARG H 254 27.66 19.72 64.00
N LEU H 255 28.14 18.68 63.31
CA LEU H 255 27.93 17.25 63.69
C LEU H 255 28.76 16.90 64.94
N ALA H 256 29.95 17.49 65.10
CA ALA H 256 30.83 17.32 66.29
C ALA H 256 30.14 17.89 67.53
N ALA H 257 29.52 19.06 67.42
CA ALA H 257 28.79 19.76 68.51
C ALA H 257 27.59 18.92 68.97
N LYS H 258 26.84 18.34 68.03
CA LYS H 258 25.68 17.43 68.30
C LYS H 258 26.15 16.23 69.12
N VAL I 1 -45.79 -68.08 -5.72
CA VAL I 1 -45.01 -67.98 -6.99
C VAL I 1 -43.71 -67.20 -6.72
N GLN I 2 -42.64 -67.55 -7.43
CA GLN I 2 -41.27 -67.00 -7.25
C GLN I 2 -41.03 -65.87 -8.26
N ILE I 3 -40.22 -64.87 -7.89
CA ILE I 3 -39.83 -63.71 -8.73
C ILE I 3 -38.59 -64.07 -9.55
N SER I 4 -38.28 -63.28 -10.59
CA SER I 4 -37.14 -63.48 -11.52
C SER I 4 -35.81 -63.28 -10.80
N LYS I 5 -34.73 -63.88 -11.34
CA LYS I 5 -33.33 -63.74 -10.85
C LYS I 5 -32.94 -62.25 -10.81
N LYS I 6 -33.35 -61.49 -11.83
CA LYS I 6 -33.03 -60.05 -12.01
C LYS I 6 -33.65 -59.26 -10.84
N ARG I 7 -34.97 -59.39 -10.67
CA ARG I 7 -35.74 -58.76 -9.55
C ARG I 7 -35.21 -59.25 -8.19
N LYS I 8 -34.85 -60.54 -8.07
CA LYS I 8 -34.37 -61.15 -6.81
C LYS I 8 -33.06 -60.48 -6.38
N PHE I 9 -32.06 -60.42 -7.27
CA PHE I 9 -30.73 -59.80 -7.02
C PHE I 9 -30.89 -58.31 -6.71
N VAL I 10 -31.84 -57.64 -7.37
CA VAL I 10 -32.19 -56.21 -7.08
C VAL I 10 -32.75 -56.13 -5.65
N ALA I 11 -33.76 -56.94 -5.34
CA ALA I 11 -34.45 -56.98 -4.01
C ALA I 11 -33.43 -57.10 -2.88
N ASP I 12 -32.47 -58.04 -3.02
CA ASP I 12 -31.35 -58.25 -2.05
C ASP I 12 -30.53 -56.96 -1.92
N GLY I 13 -30.30 -56.25 -3.03
CA GLY I 13 -29.61 -54.95 -3.06
C GLY I 13 -30.30 -53.90 -2.20
N ILE I 14 -31.61 -53.71 -2.40
CA ILE I 14 -32.46 -52.75 -1.62
C ILE I 14 -32.46 -53.18 -0.15
N PHE I 15 -32.63 -54.48 0.14
CA PHE I 15 -32.60 -55.03 1.52
C PHE I 15 -31.33 -54.57 2.23
N LYS I 16 -30.17 -54.84 1.60
CA LYS I 16 -28.81 -54.43 2.08
C LYS I 16 -28.79 -52.92 2.36
N ALA I 17 -29.18 -52.12 1.38
CA ALA I 17 -29.14 -50.63 1.40
C ALA I 17 -30.01 -50.08 2.54
N GLU I 18 -31.26 -50.52 2.63
CA GLU I 18 -32.25 -50.03 3.64
C GLU I 18 -31.79 -50.43 5.04
N LEU I 19 -31.37 -51.69 5.23
CA LEU I 19 -30.82 -52.22 6.51
C LEU I 19 -29.65 -51.32 6.96
N ASN I 20 -28.71 -51.03 6.05
CA ASN I 20 -27.53 -50.17 6.32
C ASN I 20 -28.01 -48.80 6.81
N GLU I 21 -28.93 -48.16 6.07
CA GLU I 21 -29.50 -46.81 6.39
C GLU I 21 -30.11 -46.81 7.79
N PHE I 22 -30.89 -47.84 8.12
CA PHE I 22 -31.51 -48.04 9.45
C PHE I 22 -30.41 -48.18 10.52
N LEU I 23 -29.46 -49.09 10.30
CA LEU I 23 -28.35 -49.39 11.25
C LEU I 23 -27.51 -48.13 11.50
N THR I 24 -27.21 -47.34 10.47
CA THR I 24 -26.43 -46.07 10.58
C THR I 24 -27.16 -45.10 11.50
N ARG I 25 -28.45 -44.83 11.23
CA ARG I 25 -29.27 -43.85 12.01
C ARG I 25 -29.47 -44.34 13.45
N GLU I 26 -29.37 -45.66 13.71
CA GLU I 26 -29.53 -46.26 15.07
C GLU I 26 -28.20 -46.23 15.83
N LEU I 27 -27.12 -46.76 15.24
CA LEU I 27 -25.85 -47.07 15.95
C LEU I 27 -24.71 -46.12 15.53
N ALA I 28 -25.04 -44.93 15.00
CA ALA I 28 -24.07 -43.85 14.68
C ALA I 28 -23.27 -43.48 15.93
N GLU I 29 -23.97 -43.32 17.07
CA GLU I 29 -23.38 -42.93 18.38
C GLU I 29 -22.35 -43.96 18.86
N ASP I 30 -22.53 -45.24 18.52
CA ASP I 30 -21.65 -46.36 18.97
C ASP I 30 -20.68 -46.76 17.85
N GLY I 31 -20.41 -45.85 16.90
CA GLY I 31 -19.44 -46.03 15.79
C GLY I 31 -19.70 -47.30 15.01
N TYR I 32 -20.90 -47.43 14.44
CA TYR I 32 -21.28 -48.52 13.49
C TYR I 32 -20.43 -48.35 12.22
N SER I 33 -19.50 -49.28 11.97
CA SER I 33 -18.56 -49.27 10.84
C SER I 33 -19.25 -49.82 9.58
N GLY I 34 -19.75 -51.06 9.67
CA GLY I 34 -20.40 -51.75 8.55
C GLY I 34 -21.19 -52.98 9.00
N VAL I 35 -21.85 -53.64 8.03
CA VAL I 35 -22.71 -54.84 8.24
C VAL I 35 -22.31 -55.92 7.23
N GLU I 36 -22.47 -57.20 7.58
CA GLU I 36 -22.32 -58.36 6.67
C GLU I 36 -23.52 -59.31 6.87
N VAL I 37 -24.24 -59.62 5.80
CA VAL I 37 -25.47 -60.48 5.80
C VAL I 37 -25.15 -61.76 5.04
N ARG I 38 -25.22 -62.92 5.72
CA ARG I 38 -25.14 -64.27 5.11
C ARG I 38 -26.52 -64.93 5.23
N VAL I 39 -27.03 -65.49 4.13
CA VAL I 39 -28.42 -66.01 3.99
C VAL I 39 -28.36 -67.53 3.77
N THR I 40 -29.08 -68.29 4.59
CA THR I 40 -29.25 -69.76 4.53
C THR I 40 -30.74 -70.08 4.68
N PRO I 41 -31.32 -71.02 3.89
CA PRO I 41 -32.76 -71.32 3.99
C PRO I 41 -33.22 -71.74 5.40
N THR I 42 -32.31 -72.30 6.21
CA THR I 42 -32.52 -72.63 7.65
C THR I 42 -32.72 -71.32 8.44
N ARG I 43 -31.75 -70.39 8.35
CA ARG I 43 -31.79 -69.08 9.07
C ARG I 43 -30.69 -68.15 8.53
N THR I 44 -31.05 -66.89 8.23
CA THR I 44 -30.15 -65.82 7.71
C THR I 44 -29.54 -65.06 8.90
N GLU I 45 -28.22 -64.90 8.91
CA GLU I 45 -27.46 -64.19 10.00
C GLU I 45 -27.07 -62.80 9.51
N ILE I 46 -27.22 -61.79 10.39
CA ILE I 46 -26.75 -60.39 10.17
C ILE I 46 -25.64 -60.11 11.21
N ILE I 47 -24.46 -59.69 10.72
CA ILE I 47 -23.24 -59.43 11.53
C ILE I 47 -22.94 -57.94 11.48
N ILE I 48 -23.01 -57.26 12.62
CA ILE I 48 -22.77 -55.79 12.78
C ILE I 48 -21.32 -55.59 13.23
N LEU I 49 -20.53 -54.81 12.48
CA LEU I 49 -19.17 -54.36 12.85
C LEU I 49 -19.26 -52.92 13.37
N ALA I 50 -19.02 -52.72 14.67
CA ALA I 50 -19.11 -51.42 15.38
C ALA I 50 -17.91 -51.27 16.33
N THR I 51 -17.57 -50.02 16.68
CA THR I 51 -16.38 -49.64 17.48
C THR I 51 -16.46 -50.23 18.89
N ARG I 52 -17.59 -50.01 19.59
CA ARG I 52 -17.82 -50.42 21.01
C ARG I 52 -19.07 -51.31 21.07
N THR I 53 -18.88 -52.64 20.98
CA THR I 53 -19.96 -53.67 20.93
C THR I 53 -20.64 -53.79 22.31
N GLN I 54 -19.88 -53.73 23.40
CA GLN I 54 -20.37 -53.73 24.80
C GLN I 54 -21.61 -52.84 24.93
N ASN I 55 -21.61 -51.69 24.24
CA ASN I 55 -22.70 -50.68 24.28
C ASN I 55 -23.88 -51.11 23.39
N VAL I 56 -23.61 -51.58 22.16
CA VAL I 56 -24.67 -51.86 21.13
C VAL I 56 -25.50 -53.08 21.56
N LEU I 57 -24.88 -54.04 22.26
CA LEU I 57 -25.58 -55.18 22.92
C LEU I 57 -26.63 -54.64 23.90
N GLY I 58 -26.24 -53.69 24.76
CA GLY I 58 -27.09 -53.07 25.80
C GLY I 58 -26.96 -53.81 27.13
N GLU I 59 -27.76 -53.40 28.12
CA GLU I 59 -27.76 -53.96 29.50
C GLU I 59 -28.20 -55.43 29.45
N LYS I 60 -27.24 -56.34 29.58
CA LYS I 60 -27.44 -57.82 29.60
C LYS I 60 -27.95 -58.29 28.22
N GLY I 61 -27.50 -57.63 27.14
CA GLY I 61 -27.89 -57.94 25.75
C GLY I 61 -29.37 -57.66 25.50
N ARG I 62 -29.84 -56.46 25.86
CA ARG I 62 -31.27 -56.04 25.77
C ARG I 62 -31.53 -55.38 24.39
N ARG I 63 -30.68 -54.43 23.99
CA ARG I 63 -30.89 -53.58 22.78
C ARG I 63 -30.76 -54.42 21.51
N ILE I 64 -29.86 -55.42 21.49
CA ILE I 64 -29.64 -56.34 20.33
C ILE I 64 -30.95 -57.06 19.97
N ARG I 65 -31.73 -57.50 20.96
CA ARG I 65 -33.01 -58.24 20.77
C ARG I 65 -34.20 -57.28 20.83
N GLU I 66 -33.96 -55.96 20.79
CA GLU I 66 -34.92 -54.94 20.27
C GLU I 66 -34.74 -54.83 18.75
N LEU I 67 -33.48 -54.69 18.31
CA LEU I 67 -33.08 -54.57 16.88
C LEU I 67 -33.53 -55.83 16.11
N THR I 68 -33.43 -57.02 16.74
CA THR I 68 -33.86 -58.32 16.16
C THR I 68 -35.38 -58.31 15.92
N ALA I 69 -36.15 -57.92 16.95
CA ALA I 69 -37.64 -57.82 16.92
C ALA I 69 -38.10 -56.82 15.86
N VAL I 70 -37.35 -55.73 15.64
CA VAL I 70 -37.62 -54.68 14.61
C VAL I 70 -37.60 -55.33 13.22
N VAL I 71 -36.43 -55.81 12.79
CA VAL I 71 -36.20 -56.37 11.41
C VAL I 71 -37.16 -57.54 11.17
N GLN I 72 -37.46 -58.34 12.20
CA GLN I 72 -38.44 -59.46 12.13
C GLN I 72 -39.83 -58.89 11.84
N LYS I 73 -40.28 -57.92 12.65
CA LYS I 73 -41.62 -57.28 12.54
C LYS I 73 -41.77 -56.57 11.20
N ARG I 74 -40.69 -55.92 10.71
CA ARG I 74 -40.73 -55.04 9.52
C ARG I 74 -40.72 -55.88 8.23
N PHE I 75 -39.61 -56.58 7.95
CA PHE I 75 -39.31 -57.19 6.62
C PHE I 75 -40.22 -58.41 6.37
N GLY I 76 -40.62 -59.11 7.44
CA GLY I 76 -41.74 -60.09 7.41
C GLY I 76 -41.29 -61.54 7.30
N PHE I 77 -39.98 -61.82 7.35
CA PHE I 77 -39.43 -63.20 7.44
C PHE I 77 -39.80 -63.79 8.80
N PRO I 78 -39.90 -65.14 8.94
CA PRO I 78 -40.40 -65.74 10.19
C PRO I 78 -39.45 -65.59 11.37
N GLU I 79 -40.00 -65.54 12.60
CA GLU I 79 -39.25 -65.43 13.88
C GLU I 79 -38.46 -66.72 14.10
N GLY I 80 -37.20 -66.59 14.56
CA GLY I 80 -36.26 -67.70 14.77
C GLY I 80 -35.39 -67.96 13.55
N SER I 81 -35.47 -67.08 12.54
CA SER I 81 -34.71 -67.15 11.26
C SER I 81 -33.60 -66.08 11.21
N VAL I 82 -33.49 -65.21 12.23
CA VAL I 82 -32.45 -64.14 12.32
C VAL I 82 -31.87 -64.10 13.74
N GLU I 83 -30.55 -63.99 13.84
CA GLU I 83 -29.78 -63.71 15.09
C GLU I 83 -28.77 -62.59 14.78
N LEU I 84 -29.06 -61.36 15.22
CA LEU I 84 -28.18 -60.18 15.00
C LEU I 84 -26.92 -60.35 15.86
N TYR I 85 -25.78 -60.70 15.23
CA TYR I 85 -24.47 -60.83 15.90
C TYR I 85 -23.72 -59.49 15.82
N ALA I 86 -22.95 -59.17 16.87
CA ALA I 86 -22.15 -57.93 17.00
C ALA I 86 -20.67 -58.32 17.18
N GLU I 87 -19.91 -58.30 16.08
CA GLU I 87 -18.46 -58.66 16.05
C GLU I 87 -17.63 -57.37 16.19
N LYS I 88 -16.47 -57.48 16.87
CA LYS I 88 -15.55 -56.33 17.11
C LYS I 88 -14.78 -56.03 15.82
N VAL I 89 -14.56 -54.74 15.52
CA VAL I 89 -13.80 -54.28 14.33
C VAL I 89 -12.32 -54.55 14.58
N ALA I 90 -11.61 -55.16 13.61
CA ALA I 90 -10.20 -55.59 13.70
C ALA I 90 -9.29 -54.39 13.99
N THR I 91 -9.48 -53.29 13.25
CA THR I 91 -8.75 -52.00 13.43
C THR I 91 -9.69 -50.84 13.09
N ARG I 92 -10.07 -50.04 14.10
CA ARG I 92 -11.03 -48.91 13.97
C ARG I 92 -10.39 -47.73 13.23
N GLY I 93 -9.05 -47.66 13.18
CA GLY I 93 -8.29 -46.58 12.51
C GLY I 93 -8.49 -46.57 11.00
N LEU I 94 -8.49 -47.74 10.36
CA LEU I 94 -8.58 -47.90 8.87
C LEU I 94 -10.04 -48.15 8.45
N CYS I 95 -11.00 -47.46 9.07
CA CYS I 95 -12.44 -47.43 8.67
C CYS I 95 -12.87 -45.96 8.55
N ALA I 96 -13.02 -45.46 7.31
CA ALA I 96 -13.42 -44.07 6.99
C ALA I 96 -14.67 -43.68 7.78
N ILE I 97 -15.69 -44.55 7.78
CA ILE I 97 -17.04 -44.30 8.37
C ILE I 97 -16.88 -44.07 9.89
N ALA I 98 -16.17 -44.97 10.57
CA ALA I 98 -15.89 -44.93 12.03
C ALA I 98 -15.21 -43.60 12.40
N GLN I 99 -14.16 -43.23 11.66
CA GLN I 99 -13.36 -41.99 11.90
C GLN I 99 -14.22 -40.75 11.59
N ALA I 100 -15.04 -40.80 10.54
CA ALA I 100 -16.00 -39.74 10.15
C ALA I 100 -17.02 -39.52 11.28
N GLU I 101 -17.59 -40.61 11.80
CA GLU I 101 -18.57 -40.58 12.93
C GLU I 101 -17.90 -40.04 14.20
N SER I 102 -16.68 -40.48 14.50
CA SER I 102 -15.88 -40.01 15.67
C SER I 102 -15.64 -38.51 15.58
N LEU I 103 -15.22 -38.02 14.40
CA LEU I 103 -14.96 -36.58 14.12
C LEU I 103 -16.26 -35.78 14.29
N ARG I 104 -17.40 -36.33 13.85
CA ARG I 104 -18.74 -35.69 13.97
C ARG I 104 -19.11 -35.53 15.46
N TYR I 105 -18.95 -36.59 16.26
CA TYR I 105 -19.40 -36.64 17.68
C TYR I 105 -18.41 -35.95 18.62
N LYS I 106 -17.18 -35.67 18.17
CA LYS I 106 -16.20 -34.84 18.94
C LYS I 106 -16.37 -33.37 18.54
N LEU I 107 -16.80 -33.08 17.29
CA LEU I 107 -17.20 -31.72 16.86
C LEU I 107 -18.48 -31.29 17.59
N LEU I 108 -19.45 -32.21 17.75
CA LEU I 108 -20.69 -31.98 18.56
C LEU I 108 -20.33 -31.79 20.05
N GLY I 109 -19.16 -32.28 20.48
CA GLY I 109 -18.58 -32.02 21.82
C GLY I 109 -18.20 -30.57 22.05
N GLY I 110 -18.16 -29.75 20.97
CA GLY I 110 -17.88 -28.30 21.03
C GLY I 110 -16.40 -28.01 21.02
N LEU I 111 -15.62 -28.80 20.27
CA LEU I 111 -14.14 -28.67 20.12
C LEU I 111 -13.85 -27.89 18.83
N ALA I 112 -12.67 -27.25 18.77
CA ALA I 112 -12.16 -26.51 17.59
C ALA I 112 -12.02 -27.49 16.41
N VAL I 113 -12.27 -27.00 15.19
CA VAL I 113 -12.30 -27.83 13.94
C VAL I 113 -10.87 -28.33 13.66
N ARG I 114 -9.87 -27.45 13.80
CA ARG I 114 -8.43 -27.73 13.57
C ARG I 114 -7.98 -28.92 14.43
N ARG I 115 -8.15 -28.82 15.75
CA ARG I 115 -7.66 -29.81 16.75
C ARG I 115 -8.33 -31.16 16.52
N ALA I 116 -9.67 -31.15 16.36
CA ALA I 116 -10.51 -32.35 16.14
C ALA I 116 -10.03 -33.12 14.90
N CYS I 117 -9.98 -32.45 13.75
CA CYS I 117 -9.57 -33.02 12.44
C CYS I 117 -8.12 -33.55 12.52
N TYR I 118 -7.23 -32.80 13.17
CA TYR I 118 -5.79 -33.16 13.34
C TYR I 118 -5.67 -34.40 14.22
N GLY I 119 -6.43 -34.45 15.33
CA GLY I 119 -6.59 -35.64 16.18
C GLY I 119 -6.90 -36.88 15.36
N VAL I 120 -7.85 -36.78 14.42
CA VAL I 120 -8.28 -37.89 13.52
C VAL I 120 -7.14 -38.25 12.55
N LEU I 121 -6.47 -37.27 11.94
CA LEU I 121 -5.29 -37.49 11.06
C LEU I 121 -4.23 -38.28 11.83
N ARG I 122 -3.78 -37.73 12.95
CA ARG I 122 -2.71 -38.32 13.83
C ARG I 122 -3.04 -39.78 14.15
N PHE I 123 -4.31 -40.07 14.47
CA PHE I 123 -4.78 -41.43 14.85
C PHE I 123 -4.78 -42.35 13.62
N ILE I 124 -5.26 -41.87 12.47
CA ILE I 124 -5.33 -42.65 11.19
C ILE I 124 -3.91 -42.97 10.71
N MET I 125 -2.99 -41.99 10.76
CA MET I 125 -1.56 -42.19 10.37
C MET I 125 -0.85 -43.10 11.38
N GLU I 126 -1.22 -43.01 12.67
CA GLU I 126 -0.68 -43.89 13.75
C GLU I 126 -1.15 -45.33 13.54
N SER I 127 -2.43 -45.53 13.19
CA SER I 127 -3.07 -46.86 12.96
C SER I 127 -2.33 -47.65 11.87
N GLY I 128 -1.78 -46.95 10.86
CA GLY I 128 -0.91 -47.52 9.82
C GLY I 128 -1.55 -47.48 8.43
N ALA I 129 -2.14 -46.34 8.05
CA ALA I 129 -2.65 -46.05 6.69
C ALA I 129 -1.50 -45.56 5.81
N LYS I 130 -1.60 -45.77 4.49
CA LYS I 130 -0.61 -45.24 3.51
C LYS I 130 -0.69 -43.72 3.49
N GLY I 131 -1.92 -43.17 3.51
CA GLY I 131 -2.20 -41.73 3.64
C GLY I 131 -3.66 -41.44 3.90
N CYS I 132 -3.94 -40.26 4.45
CA CYS I 132 -5.28 -39.77 4.87
C CYS I 132 -5.58 -38.42 4.21
N GLU I 133 -6.87 -38.16 3.93
CA GLU I 133 -7.40 -36.84 3.49
C GLU I 133 -8.72 -36.59 4.25
N VAL I 134 -8.73 -35.60 5.14
CA VAL I 134 -9.92 -35.14 5.91
C VAL I 134 -10.30 -33.75 5.40
N VAL I 135 -11.52 -33.59 4.90
CA VAL I 135 -12.08 -32.28 4.41
C VAL I 135 -13.31 -31.94 5.26
N VAL I 136 -13.40 -30.68 5.70
CA VAL I 136 -14.54 -30.10 6.47
C VAL I 136 -14.97 -28.81 5.77
N SER I 137 -16.25 -28.73 5.37
CA SER I 137 -16.80 -27.62 4.53
C SER I 137 -18.13 -27.11 5.12
N GLY I 138 -18.34 -25.79 5.05
CA GLY I 138 -19.55 -25.09 5.51
C GLY I 138 -19.21 -23.80 6.26
N LYS I 139 -20.07 -23.38 7.18
CA LYS I 139 -19.87 -22.15 8.01
C LYS I 139 -18.91 -22.49 9.16
N LEU I 140 -17.62 -22.54 8.86
CA LEU I 140 -16.53 -22.84 9.83
C LEU I 140 -16.32 -21.61 10.73
N ARG I 141 -16.20 -20.43 10.12
CA ARG I 141 -16.06 -19.12 10.81
C ARG I 141 -16.81 -18.04 10.01
N GLY I 142 -17.59 -17.20 10.70
CA GLY I 142 -18.35 -16.08 10.11
C GLY I 142 -19.64 -16.55 9.44
N GLN I 143 -20.17 -15.74 8.52
CA GLN I 143 -21.46 -15.97 7.82
C GLN I 143 -21.22 -16.49 6.38
N ARG I 144 -19.96 -16.59 5.95
CA ARG I 144 -19.58 -17.07 4.58
C ARG I 144 -19.08 -18.51 4.67
N ALA I 145 -19.58 -19.39 3.79
CA ALA I 145 -19.20 -20.82 3.70
C ALA I 145 -17.76 -20.93 3.21
N LYS I 146 -16.95 -21.75 3.91
CA LYS I 146 -15.52 -22.02 3.59
C LYS I 146 -15.29 -23.53 3.64
N SER I 147 -14.12 -23.99 3.18
CA SER I 147 -13.69 -25.41 3.22
C SER I 147 -12.24 -25.48 3.70
N MET I 148 -11.94 -26.43 4.60
CA MET I 148 -10.56 -26.72 5.09
C MET I 148 -10.22 -28.18 4.75
N LYS I 149 -9.24 -28.38 3.86
CA LYS I 149 -8.69 -29.70 3.47
C LYS I 149 -7.42 -29.96 4.28
N PHE I 150 -7.29 -31.17 4.84
CA PHE I 150 -6.09 -31.66 5.57
C PHE I 150 -5.65 -33.00 4.97
N VAL I 151 -4.39 -33.10 4.54
CA VAL I 151 -3.81 -34.23 3.76
C VAL I 151 -2.54 -34.73 4.47
N ASP I 152 -2.26 -36.03 4.38
CA ASP I 152 -1.04 -36.69 4.93
C ASP I 152 -0.78 -38.00 4.17
N GLY I 153 0.48 -38.39 4.01
CA GLY I 153 0.90 -39.64 3.35
C GLY I 153 0.67 -39.60 1.84
N LEU I 154 0.25 -40.73 1.25
CA LEU I 154 -0.06 -40.88 -0.20
C LEU I 154 -1.58 -41.01 -0.40
N MET I 155 -2.12 -40.43 -1.47
CA MET I 155 -3.57 -40.45 -1.81
C MET I 155 -3.76 -40.43 -3.33
N ILE I 156 -4.40 -41.46 -3.90
CA ILE I 156 -4.63 -41.64 -5.37
C ILE I 156 -6.08 -41.28 -5.70
N HIS I 157 -6.31 -40.69 -6.88
CA HIS I 157 -7.59 -40.04 -7.28
C HIS I 157 -8.24 -40.70 -8.51
N SER I 158 -7.48 -41.37 -9.38
CA SER I 158 -7.92 -41.82 -10.73
C SER I 158 -7.71 -43.32 -10.91
N GLY I 159 -8.45 -43.92 -11.86
CA GLY I 159 -8.31 -45.32 -12.30
C GLY I 159 -9.15 -46.28 -11.47
N ASP I 160 -8.96 -47.59 -11.70
CA ASP I 160 -9.64 -48.69 -10.96
C ASP I 160 -9.11 -48.77 -9.53
N PRO I 161 -7.77 -48.71 -9.28
CA PRO I 161 -7.24 -48.91 -7.93
C PRO I 161 -7.97 -48.15 -6.82
N VAL I 162 -8.37 -46.91 -7.11
CA VAL I 162 -9.17 -46.02 -6.22
C VAL I 162 -10.32 -46.81 -5.59
N ASN I 163 -11.03 -47.61 -6.40
CA ASN I 163 -12.22 -48.41 -5.98
C ASN I 163 -11.86 -49.29 -4.77
N TYR I 164 -10.67 -49.91 -4.76
CA TYR I 164 -10.31 -50.99 -3.79
C TYR I 164 -9.02 -50.67 -2.99
N TYR I 165 -8.46 -49.45 -3.06
CA TYR I 165 -7.28 -49.04 -2.24
C TYR I 165 -7.61 -47.92 -1.25
N VAL I 166 -8.44 -46.95 -1.65
CA VAL I 166 -8.95 -45.87 -0.76
C VAL I 166 -10.42 -46.17 -0.42
N ASP I 167 -10.80 -45.98 0.85
CA ASP I 167 -12.21 -46.04 1.32
C ASP I 167 -12.58 -44.66 1.85
N THR I 168 -13.80 -44.20 1.56
CA THR I 168 -14.29 -42.82 1.80
C THR I 168 -15.55 -42.85 2.67
N ALA I 169 -15.82 -41.74 3.38
CA ALA I 169 -17.05 -41.52 4.18
C ALA I 169 -17.43 -40.03 4.13
N VAL I 170 -18.73 -39.75 3.92
CA VAL I 170 -19.32 -38.38 3.83
C VAL I 170 -20.40 -38.26 4.91
N ARG I 171 -20.23 -37.34 5.87
CA ARG I 171 -21.12 -37.18 7.05
C ARG I 171 -21.57 -35.73 7.20
N HIS I 172 -22.82 -35.52 7.63
CA HIS I 172 -23.44 -34.19 7.91
C HIS I 172 -23.46 -33.94 9.43
N VAL I 173 -22.72 -32.91 9.88
CA VAL I 173 -22.69 -32.48 11.31
C VAL I 173 -23.69 -31.33 11.49
N LEU I 174 -24.64 -31.48 12.43
CA LEU I 174 -25.66 -30.46 12.80
C LEU I 174 -25.09 -29.54 13.88
N LEU I 175 -24.89 -28.26 13.56
CA LEU I 175 -24.48 -27.20 14.51
C LEU I 175 -25.61 -26.17 14.63
N ARG I 176 -25.49 -25.25 15.61
CA ARG I 176 -26.54 -24.25 15.93
C ARG I 176 -26.64 -23.19 14.82
N GLN I 177 -25.54 -22.92 14.11
CA GLN I 177 -25.48 -21.90 13.02
C GLN I 177 -25.96 -22.53 11.70
N GLY I 178 -25.65 -23.80 11.44
CA GLY I 178 -25.99 -24.49 10.18
C GLY I 178 -25.56 -25.95 10.17
N VAL I 179 -25.09 -26.44 9.02
CA VAL I 179 -24.66 -27.85 8.79
C VAL I 179 -23.25 -27.85 8.19
N LEU I 180 -22.36 -28.70 8.70
CA LEU I 180 -20.97 -28.90 8.18
C LEU I 180 -20.89 -30.27 7.50
N GLY I 181 -20.17 -30.34 6.37
CA GLY I 181 -19.89 -31.59 5.65
C GLY I 181 -18.50 -32.12 5.98
N ILE I 182 -18.41 -33.35 6.50
CA ILE I 182 -17.14 -34.09 6.71
C ILE I 182 -16.96 -35.07 5.54
N LYS I 183 -15.81 -35.02 4.85
CA LYS I 183 -15.36 -36.06 3.89
C LYS I 183 -14.04 -36.65 4.40
N VAL I 184 -14.04 -37.94 4.76
CA VAL I 184 -12.83 -38.68 5.22
C VAL I 184 -12.45 -39.71 4.14
N LYS I 185 -11.21 -39.68 3.67
CA LYS I 185 -10.64 -40.61 2.65
C LYS I 185 -9.35 -41.22 3.20
N ILE I 186 -9.31 -42.55 3.37
CA ILE I 186 -8.13 -43.29 3.93
C ILE I 186 -7.62 -44.24 2.84
N MET I 187 -6.32 -44.17 2.52
CA MET I 187 -5.63 -45.13 1.60
C MET I 187 -5.04 -46.27 2.45
N LEU I 188 -5.44 -47.49 2.18
CA LEU I 188 -4.91 -48.57 2.96
C LEU I 188 -3.58 -49.09 2.46
N PRO I 189 -2.95 -49.90 3.26
CA PRO I 189 -1.69 -50.62 3.18
C PRO I 189 -1.77 -51.80 2.25
N TRP I 190 -0.64 -52.36 1.85
CA TRP I 190 -0.62 -53.46 0.92
C TRP I 190 -1.28 -54.66 1.47
N ASP I 191 -0.99 -54.99 2.71
CA ASP I 191 -1.65 -56.11 3.37
C ASP I 191 -1.73 -57.41 2.58
N PRO I 192 -0.60 -57.97 2.16
CA PRO I 192 -0.70 -59.19 1.36
C PRO I 192 -1.31 -60.26 2.17
N THR I 193 -2.21 -61.02 1.57
CA THR I 193 -2.84 -62.12 2.29
C THR I 193 -3.43 -61.69 3.60
N GLY I 194 -4.33 -60.72 3.54
CA GLY I 194 -4.96 -60.35 4.77
C GLY I 194 -6.35 -59.83 4.57
N LYS I 195 -6.94 -59.44 5.67
CA LYS I 195 -8.27 -58.75 5.72
C LYS I 195 -8.06 -57.22 5.76
N ILE I 196 -6.98 -56.74 6.36
CA ILE I 196 -6.60 -55.30 6.41
C ILE I 196 -5.96 -54.92 5.08
N GLY I 197 -6.66 -54.14 4.25
CA GLY I 197 -6.18 -53.63 2.95
C GLY I 197 -6.32 -54.67 1.83
N PRO I 198 -5.95 -54.33 0.57
CA PRO I 198 -6.15 -55.20 -0.58
C PRO I 198 -5.06 -56.27 -0.69
N LYS I 199 -5.34 -57.34 -1.46
CA LYS I 199 -4.42 -58.50 -1.65
C LYS I 199 -3.44 -58.20 -2.79
N LYS I 200 -3.93 -57.74 -3.93
CA LYS I 200 -3.11 -57.38 -5.12
C LYS I 200 -2.41 -56.05 -4.86
N PRO I 201 -1.13 -55.85 -5.27
CA PRO I 201 -0.48 -54.54 -5.19
C PRO I 201 -1.05 -53.52 -6.17
N LEU I 202 -0.61 -52.25 -6.08
CA LEU I 202 -0.93 -51.19 -7.07
C LEU I 202 -0.33 -51.59 -8.42
N PRO I 203 -1.03 -51.35 -9.56
CA PRO I 203 -0.59 -51.86 -10.85
C PRO I 203 0.59 -51.12 -11.53
N ASP I 204 1.15 -50.10 -10.88
CA ASP I 204 2.37 -49.37 -11.31
C ASP I 204 3.58 -49.79 -10.47
N HIS I 205 3.40 -50.68 -9.49
CA HIS I 205 4.45 -51.19 -8.57
C HIS I 205 5.09 -52.45 -9.17
N VAL I 206 6.43 -52.51 -9.25
CA VAL I 206 7.22 -53.67 -9.75
C VAL I 206 8.18 -54.12 -8.64
N SER I 207 7.95 -55.31 -8.07
CA SER I 207 8.79 -55.96 -7.03
C SER I 207 9.72 -56.99 -7.69
N ILE I 208 11.04 -56.86 -7.47
CA ILE I 208 12.10 -57.74 -8.05
C ILE I 208 12.85 -58.41 -6.89
N VAL I 209 12.83 -59.75 -6.85
CA VAL I 209 13.52 -60.58 -5.81
C VAL I 209 15.03 -60.42 -5.95
N GLU I 210 15.74 -60.40 -4.81
CA GLU I 210 17.22 -60.22 -4.73
C GLU I 210 17.90 -61.49 -5.25
N PRO I 211 18.93 -61.40 -6.12
CA PRO I 211 19.74 -62.57 -6.47
C PRO I 211 20.49 -63.15 -5.25
N LYS I 212 20.59 -64.49 -5.19
CA LYS I 212 21.43 -65.22 -4.20
C LYS I 212 22.86 -65.27 -4.76
N ASP I 213 23.87 -64.96 -3.94
CA ASP I 213 25.28 -64.84 -4.35
C ASP I 213 25.83 -66.23 -4.70
N GLU I 214 25.76 -66.60 -5.98
CA GLU I 214 26.24 -67.92 -6.51
C GLU I 214 27.76 -67.88 -6.64
N ILE I 215 28.46 -68.82 -6.00
CA ILE I 215 29.94 -69.01 -6.10
C ILE I 215 30.22 -69.78 -7.40
N LEU I 216 30.87 -69.13 -8.37
CA LEU I 216 31.16 -69.70 -9.71
C LEU I 216 32.30 -70.72 -9.59
N PRO I 217 32.10 -72.01 -9.94
CA PRO I 217 33.14 -73.02 -9.82
C PRO I 217 34.17 -72.94 -10.96
N THR I 218 35.45 -73.12 -10.64
CA THR I 218 36.60 -73.04 -11.59
C THR I 218 36.98 -74.45 -12.05
N THR I 219 37.34 -75.33 -11.12
CA THR I 219 37.75 -76.74 -11.37
C THR I 219 36.49 -77.60 -11.48
N PRO I 220 36.34 -78.45 -12.53
CA PRO I 220 35.23 -79.40 -12.60
C PRO I 220 35.29 -80.48 -11.51
N ILE I 221 34.20 -80.65 -10.75
CA ILE I 221 34.01 -81.73 -9.73
C ILE I 221 32.58 -82.26 -9.86
N SER I 222 32.41 -83.59 -9.79
CA SER I 222 31.13 -84.31 -9.95
C SER I 222 30.78 -85.05 -8.66
N GLU I 223 29.83 -84.50 -7.87
CA GLU I 223 29.33 -85.09 -6.60
C GLU I 223 28.47 -86.33 -6.94
N GLN I 224 28.69 -87.42 -6.20
CA GLN I 224 28.08 -88.76 -6.44
C GLN I 224 26.99 -89.01 -5.39
N LYS I 225 25.81 -89.46 -5.81
CA LYS I 225 24.66 -89.86 -4.95
C LYS I 225 24.32 -91.33 -5.23
N MET J 1 -31.67 96.33 39.95
CA MET J 1 -30.57 97.16 40.54
C MET J 1 -30.86 97.40 42.02
N LYS J 2 -29.86 97.17 42.89
CA LYS J 2 -29.88 97.51 44.34
C LYS J 2 -28.55 98.18 44.70
N LEU J 3 -28.56 98.99 45.77
CA LEU J 3 -27.38 99.70 46.31
C LEU J 3 -27.00 99.10 47.66
N ASN J 4 -25.81 98.50 47.74
CA ASN J 4 -25.22 97.95 48.99
C ASN J 4 -24.37 99.05 49.63
N ILE J 5 -25.02 99.94 50.39
CA ILE J 5 -24.41 101.17 50.98
C ILE J 5 -23.86 100.81 52.38
N SER J 6 -22.60 101.16 52.64
CA SER J 6 -21.87 100.95 53.91
C SER J 6 -21.21 102.25 54.36
N PHE J 7 -21.18 102.52 55.68
CA PHE J 7 -20.47 103.68 56.29
C PHE J 7 -19.33 103.17 57.17
N PRO J 8 -18.06 103.22 56.70
CA PRO J 8 -16.91 102.72 57.47
C PRO J 8 -16.72 103.32 58.87
N ALA J 9 -17.09 104.59 59.08
CA ALA J 9 -16.92 105.32 60.36
C ALA J 9 -17.73 104.64 61.46
N THR J 10 -19.03 104.41 61.21
CA THR J 10 -19.97 103.75 62.16
C THR J 10 -19.88 102.23 62.04
N GLY J 11 -19.40 101.71 60.90
CA GLY J 11 -19.28 100.26 60.63
C GLY J 11 -20.64 99.60 60.46
N CYS J 12 -21.59 100.31 59.85
CA CYS J 12 -22.98 99.84 59.54
C CYS J 12 -23.19 99.87 58.02
N GLN J 13 -24.09 99.01 57.54
CA GLN J 13 -24.34 98.80 56.09
C GLN J 13 -25.78 98.31 55.86
N LYS J 14 -26.42 98.81 54.81
CA LYS J 14 -27.85 98.54 54.46
C LYS J 14 -27.97 98.31 52.95
N LEU J 15 -28.94 97.46 52.56
CA LEU J 15 -29.29 97.14 51.15
C LEU J 15 -30.52 97.97 50.74
N ILE J 16 -30.35 98.89 49.79
CA ILE J 16 -31.44 99.80 49.29
C ILE J 16 -31.91 99.29 47.91
N GLU J 17 -33.22 99.25 47.70
CA GLU J 17 -33.89 98.81 46.44
C GLU J 17 -34.36 100.06 45.68
N VAL J 18 -33.57 100.52 44.70
CA VAL J 18 -33.84 101.71 43.86
C VAL J 18 -34.30 101.23 42.47
N ASP J 19 -35.53 101.57 42.07
CA ASP J 19 -36.13 101.21 40.75
C ASP J 19 -36.73 102.48 40.12
N ASP J 20 -35.90 103.52 39.98
CA ASP J 20 -36.24 104.80 39.28
C ASP J 20 -35.00 105.26 38.50
N GLU J 21 -35.05 105.22 37.17
CA GLU J 21 -33.92 105.55 36.25
C GLU J 21 -33.31 106.91 36.63
N ARG J 22 -34.16 107.93 36.87
CA ARG J 22 -33.77 109.33 37.18
C ARG J 22 -32.72 109.35 38.30
N LYS J 23 -32.89 108.51 39.32
CA LYS J 23 -32.05 108.46 40.55
C LYS J 23 -30.71 107.77 40.26
N LEU J 24 -30.59 106.99 39.17
CA LEU J 24 -29.40 106.15 38.86
C LEU J 24 -28.61 106.69 37.66
N ARG J 25 -29.12 107.70 36.93
CA ARG J 25 -28.43 108.28 35.73
C ARG J 25 -27.15 109.01 36.15
N THR J 26 -27.07 109.47 37.41
CA THR J 26 -25.86 110.09 38.03
C THR J 26 -24.72 109.06 38.12
N PHE J 27 -25.05 107.79 38.37
CA PHE J 27 -24.07 106.69 38.63
C PHE J 27 -23.57 106.06 37.32
N TYR J 28 -24.41 105.97 36.29
CA TYR J 28 -24.10 105.28 35.00
C TYR J 28 -22.93 105.98 34.30
N GLU J 29 -22.16 105.21 33.53
CA GLU J 29 -20.99 105.65 32.72
C GLU J 29 -19.88 106.19 33.63
N LYS J 30 -19.64 105.52 34.77
CA LYS J 30 -18.56 105.84 35.74
C LYS J 30 -17.78 104.56 36.07
N ARG J 31 -16.47 104.69 36.31
CA ARG J 31 -15.54 103.55 36.61
C ARG J 31 -15.55 103.27 38.11
N MET J 32 -14.81 102.26 38.55
CA MET J 32 -14.64 101.86 39.97
C MET J 32 -13.77 102.88 40.70
N ALA J 33 -13.96 103.02 42.02
CA ALA J 33 -13.21 103.91 42.94
C ALA J 33 -13.33 105.37 42.48
N THR J 34 -14.49 105.77 41.93
CA THR J 34 -14.82 107.15 41.50
C THR J 34 -15.76 107.79 42.52
N GLU J 35 -15.48 109.02 42.95
CA GLU J 35 -16.30 109.79 43.91
C GLU J 35 -17.51 110.37 43.17
N VAL J 36 -18.73 110.01 43.56
CA VAL J 36 -20.01 110.49 42.96
C VAL J 36 -20.85 111.14 44.06
N ALA J 37 -21.39 112.34 43.79
CA ALA J 37 -22.25 113.12 44.71
C ALA J 37 -23.66 112.49 44.74
N ALA J 38 -23.96 111.74 45.80
CA ALA J 38 -25.26 111.05 46.01
C ALA J 38 -26.29 112.06 46.53
N ASP J 39 -27.01 112.71 45.61
CA ASP J 39 -28.09 113.70 45.90
C ASP J 39 -29.44 113.16 45.40
N ALA J 40 -29.48 112.66 44.16
CA ALA J 40 -30.68 112.17 43.44
C ALA J 40 -31.34 110.98 44.17
N LEU J 41 -30.58 110.24 44.99
CA LEU J 41 -31.05 109.05 45.76
C LEU J 41 -32.31 109.41 46.57
N GLY J 42 -32.23 110.48 47.37
CA GLY J 42 -33.34 110.95 48.24
C GLY J 42 -32.97 112.18 49.03
N GLU J 43 -33.94 112.71 49.80
CA GLU J 43 -33.81 113.98 50.58
C GLU J 43 -32.70 113.83 51.63
N GLU J 44 -32.78 112.77 52.45
CA GLU J 44 -31.82 112.47 53.56
C GLU J 44 -30.37 112.57 53.08
N TRP J 45 -30.09 112.20 51.81
CA TRP J 45 -28.76 112.36 51.15
C TRP J 45 -28.66 113.77 50.54
N LYS J 46 -28.33 114.78 51.35
CA LYS J 46 -28.12 116.18 50.88
C LYS J 46 -26.63 116.36 50.52
N GLY J 47 -25.73 116.14 51.48
CA GLY J 47 -24.28 116.41 51.34
C GLY J 47 -23.43 115.16 51.42
N TYR J 48 -23.89 114.04 50.84
CA TYR J 48 -23.20 112.73 50.82
C TYR J 48 -22.54 112.51 49.45
N VAL J 49 -21.20 112.52 49.42
CA VAL J 49 -20.37 112.00 48.30
C VAL J 49 -20.01 110.56 48.64
N VAL J 50 -20.17 109.64 47.66
CA VAL J 50 -20.09 108.16 47.85
C VAL J 50 -19.16 107.58 46.78
N ARG J 51 -18.39 106.54 47.14
CA ARG J 51 -17.44 105.83 46.25
C ARG J 51 -18.07 104.49 45.81
N ILE J 52 -17.78 104.07 44.58
CA ILE J 52 -18.24 102.79 43.97
C ILE J 52 -17.12 101.75 44.15
N SER J 53 -17.36 100.72 44.97
CA SER J 53 -16.33 99.76 45.47
C SER J 53 -16.44 98.38 44.80
N GLY J 54 -17.62 98.00 44.29
CA GLY J 54 -17.83 96.71 43.60
C GLY J 54 -19.28 96.50 43.19
N GLY J 55 -19.68 95.24 43.03
CA GLY J 55 -21.07 94.84 42.70
C GLY J 55 -21.12 93.64 41.78
N ASN J 56 -22.33 93.16 41.48
CA ASN J 56 -22.59 91.94 40.66
C ASN J 56 -23.62 92.25 39.56
N ASP J 57 -23.40 91.69 38.36
CA ASP J 57 -24.34 91.79 37.20
C ASP J 57 -25.45 90.76 37.37
N LYS J 58 -26.46 90.79 36.48
CA LYS J 58 -27.73 90.00 36.59
C LYS J 58 -27.45 88.49 36.63
N GLN J 59 -26.29 88.03 36.12
CA GLN J 59 -25.85 86.61 36.18
C GLN J 59 -25.15 86.32 37.52
N GLY J 60 -24.69 87.35 38.23
CA GLY J 60 -24.08 87.25 39.56
C GLY J 60 -22.55 87.29 39.52
N PHE J 61 -21.96 87.53 38.35
CA PHE J 61 -20.49 87.64 38.16
C PHE J 61 -20.02 88.97 38.71
N PRO J 62 -18.90 89.01 39.49
CA PRO J 62 -18.37 90.26 40.01
C PRO J 62 -17.49 91.01 39.00
N MET J 63 -17.23 92.29 39.26
CA MET J 63 -16.42 93.18 38.39
C MET J 63 -15.08 93.47 39.06
N LYS J 64 -14.02 93.57 38.25
CA LYS J 64 -12.64 93.91 38.70
C LYS J 64 -12.38 95.41 38.46
N GLN J 65 -11.36 95.95 39.13
CA GLN J 65 -10.96 97.38 39.07
C GLN J 65 -10.47 97.74 37.66
N GLY J 66 -9.63 96.88 37.06
CA GLY J 66 -8.78 97.22 35.90
C GLY J 66 -9.39 96.91 34.55
N VAL J 67 -10.56 96.29 34.47
CA VAL J 67 -11.16 95.83 33.18
C VAL J 67 -11.97 96.98 32.56
N LEU J 68 -11.40 97.65 31.55
CA LEU J 68 -11.97 98.87 30.90
C LEU J 68 -12.94 98.46 29.78
N THR J 69 -13.99 97.69 30.12
CA THR J 69 -15.05 97.25 29.18
C THR J 69 -16.42 97.39 29.87
N HIS J 70 -17.50 97.02 29.16
CA HIS J 70 -18.91 97.06 29.65
C HIS J 70 -19.35 95.67 30.11
N GLY J 71 -19.43 94.71 29.17
CA GLY J 71 -19.89 93.34 29.41
C GLY J 71 -18.86 92.51 30.17
N ARG J 72 -19.08 91.19 30.27
CA ARG J 72 -18.15 90.26 30.95
C ARG J 72 -16.99 89.92 30.01
N VAL J 73 -15.91 89.36 30.56
CA VAL J 73 -14.71 88.89 29.79
C VAL J 73 -14.07 87.72 30.55
N ARG J 74 -13.45 86.80 29.80
CA ARG J 74 -12.72 85.62 30.34
C ARG J 74 -11.28 86.05 30.65
N LEU J 75 -10.87 85.99 31.92
CA LEU J 75 -9.51 86.34 32.40
C LEU J 75 -8.87 85.11 33.06
N LEU J 76 -7.63 84.79 32.69
CA LEU J 76 -6.78 83.77 33.36
C LEU J 76 -6.28 84.37 34.69
N LEU J 77 -7.06 84.18 35.77
CA LEU J 77 -6.76 84.74 37.12
C LEU J 77 -5.75 83.84 37.83
N SER J 78 -4.72 84.46 38.43
CA SER J 78 -3.63 83.81 39.21
C SER J 78 -3.72 84.28 40.67
N LYS J 79 -2.72 83.95 41.49
CA LYS J 79 -2.55 84.51 42.87
C LYS J 79 -2.44 86.04 42.79
N GLY J 80 -3.06 86.74 43.74
CA GLY J 80 -3.01 88.22 43.86
C GLY J 80 -4.28 88.88 43.35
N HIS J 81 -4.77 88.45 42.18
CA HIS J 81 -6.01 88.94 41.52
C HIS J 81 -7.21 88.69 42.44
N SER J 82 -8.19 89.60 42.44
CA SER J 82 -9.51 89.46 43.11
C SER J 82 -10.43 88.56 42.27
N CYS J 83 -11.60 88.22 42.81
CA CYS J 83 -12.62 87.33 42.19
C CYS J 83 -12.09 85.90 42.04
N TYR J 84 -11.13 85.50 42.89
CA TYR J 84 -10.43 84.19 42.81
C TYR J 84 -9.54 83.98 44.04
N ARG J 85 -9.54 82.76 44.58
CA ARG J 85 -8.54 82.26 45.57
C ARG J 85 -8.10 80.86 45.13
N PRO J 86 -6.79 80.60 44.91
CA PRO J 86 -6.33 79.28 44.45
C PRO J 86 -6.58 78.16 45.46
N ARG J 87 -6.78 76.94 44.96
CA ARG J 87 -6.94 75.70 45.77
C ARG J 87 -5.56 75.10 46.03
N ARG J 88 -4.71 75.07 45.00
CA ARG J 88 -3.29 74.59 45.07
C ARG J 88 -2.36 75.79 44.90
N THR J 89 -1.05 75.59 45.13
CA THR J 89 0.01 76.64 45.06
C THR J 89 0.39 76.89 43.60
N GLY J 90 0.34 78.15 43.16
CA GLY J 90 0.63 78.58 41.77
C GLY J 90 -0.36 78.01 40.77
N GLU J 91 -1.62 77.86 41.18
CA GLU J 91 -2.71 77.24 40.38
C GLU J 91 -3.62 78.37 39.87
N ARG J 92 -3.80 78.47 38.54
CA ARG J 92 -4.50 79.59 37.85
C ARG J 92 -5.78 79.05 37.19
N LYS J 93 -6.84 79.86 37.17
CA LYS J 93 -8.16 79.51 36.57
C LYS J 93 -8.64 80.65 35.67
N ARG J 94 -9.15 80.33 34.48
CA ARG J 94 -9.84 81.28 33.56
C ARG J 94 -11.30 81.39 34.00
N LYS J 95 -11.75 82.60 34.35
CA LYS J 95 -13.11 82.85 34.90
C LYS J 95 -13.72 84.09 34.24
N SER J 96 -15.05 84.14 34.18
CA SER J 96 -15.86 85.27 33.63
C SER J 96 -15.91 86.40 34.66
N VAL J 97 -15.46 87.60 34.28
CA VAL J 97 -15.39 88.80 35.16
C VAL J 97 -16.09 89.98 34.46
N ARG J 98 -16.89 90.74 35.22
CA ARG J 98 -17.66 91.92 34.72
C ARG J 98 -16.68 93.10 34.55
N GLY J 99 -16.93 93.95 33.54
CA GLY J 99 -16.14 95.17 33.26
C GLY J 99 -16.25 96.19 34.39
N CYS J 100 -15.20 97.00 34.58
CA CYS J 100 -15.08 98.01 35.68
C CYS J 100 -16.11 99.13 35.49
N ILE J 101 -16.45 99.46 34.24
CA ILE J 101 -17.43 100.55 33.89
C ILE J 101 -18.83 100.06 34.27
N VAL J 102 -19.58 100.85 35.06
CA VAL J 102 -20.95 100.50 35.52
C VAL J 102 -21.95 100.86 34.42
N ASP J 103 -23.06 100.12 34.35
CA ASP J 103 -24.16 100.30 33.36
C ASP J 103 -25.50 100.13 34.11
N ALA J 104 -26.61 99.97 33.38
CA ALA J 104 -27.95 99.66 33.93
C ALA J 104 -28.06 98.15 34.22
N ASN J 105 -27.26 97.32 33.55
CA ASN J 105 -27.30 95.83 33.62
C ASN J 105 -26.42 95.34 34.77
N LEU J 106 -26.75 95.74 36.01
CA LEU J 106 -26.06 95.31 37.26
C LEU J 106 -27.11 94.87 38.28
N SER J 107 -26.94 93.70 38.89
CA SER J 107 -27.84 93.13 39.93
C SER J 107 -27.71 93.96 41.21
N VAL J 108 -26.47 94.24 41.64
CA VAL J 108 -26.18 95.12 42.80
C VAL J 108 -24.95 95.98 42.50
N LEU J 109 -24.90 97.16 43.12
CA LEU J 109 -23.71 98.06 43.16
C LEU J 109 -23.30 98.26 44.62
N ASN J 110 -22.01 98.12 44.92
CA ASN J 110 -21.45 98.21 46.31
C ASN J 110 -20.94 99.63 46.54
N LEU J 111 -21.64 100.39 47.38
CA LEU J 111 -21.38 101.83 47.65
C LEU J 111 -20.77 101.97 49.05
N VAL J 112 -19.74 102.80 49.19
CA VAL J 112 -19.08 103.12 50.50
C VAL J 112 -19.10 104.65 50.69
N ILE J 113 -19.62 105.09 51.84
CA ILE J 113 -19.82 106.53 52.20
C ILE J 113 -18.45 107.09 52.63
N VAL J 114 -17.89 108.02 51.86
CA VAL J 114 -16.53 108.60 52.11
C VAL J 114 -16.64 109.83 53.04
N LYS J 115 -17.76 110.55 52.90
CA LYS J 115 -18.08 111.75 53.66
C LYS J 115 -19.55 111.82 54.09
N LYS J 116 -19.92 112.76 54.96
CA LYS J 116 -21.32 112.93 55.39
C LYS J 116 -22.15 113.91 54.54
N GLY J 117 -23.23 114.36 55.15
CA GLY J 117 -24.28 115.23 54.69
C GLY J 117 -24.98 115.77 55.94
N GLU J 118 -26.07 116.49 55.75
CA GLU J 118 -26.71 117.08 56.90
C GLU J 118 -27.26 116.18 57.99
N LYS J 119 -28.00 115.14 57.65
CA LYS J 119 -28.63 114.35 58.70
C LYS J 119 -28.42 112.89 58.53
N ASP J 120 -28.40 112.17 59.61
CA ASP J 120 -28.14 110.77 59.50
C ASP J 120 -29.21 109.88 58.93
N ILE J 121 -28.82 109.10 57.94
CA ILE J 121 -29.70 108.15 57.36
C ILE J 121 -29.87 107.15 58.42
N PRO J 122 -31.08 106.74 58.64
CA PRO J 122 -31.52 105.81 59.66
C PRO J 122 -30.64 104.63 59.90
N GLY J 123 -30.67 103.70 58.97
CA GLY J 123 -29.97 102.39 59.09
C GLY J 123 -28.53 102.53 59.56
N LEU J 124 -27.75 103.44 58.94
CA LEU J 124 -26.26 103.45 59.00
C LEU J 124 -25.78 104.33 60.16
N THR J 125 -26.01 105.65 60.07
CA THR J 125 -25.31 106.70 60.87
C THR J 125 -25.92 106.81 62.28
N ASP J 126 -27.21 106.52 62.45
CA ASP J 126 -27.92 106.58 63.76
C ASP J 126 -27.27 105.60 64.75
N THR J 127 -27.18 104.32 64.37
CA THR J 127 -26.68 103.21 65.23
C THR J 127 -25.17 103.33 65.43
N THR J 128 -24.71 103.06 66.64
CA THR J 128 -23.32 103.10 67.00
C THR J 128 -22.64 101.87 66.47
N VAL J 129 -21.32 101.95 66.37
CA VAL J 129 -20.49 100.85 65.91
C VAL J 129 -19.36 100.71 66.91
N PRO J 130 -18.87 99.49 67.11
CA PRO J 130 -17.73 99.27 67.95
C PRO J 130 -16.74 98.42 67.21
N ARG J 131 -15.50 98.86 67.00
CA ARG J 131 -14.56 97.97 66.35
C ARG J 131 -14.07 97.23 67.58
N ARG J 132 -14.41 95.97 67.65
CA ARG J 132 -14.13 95.16 68.80
C ARG J 132 -12.74 94.82 69.30
N LEU J 133 -11.79 94.50 68.43
CA LEU J 133 -10.51 94.09 68.94
C LEU J 133 -9.45 95.09 68.64
N GLY J 134 -8.41 95.08 69.45
CA GLY J 134 -7.32 96.01 69.23
C GLY J 134 -6.07 95.49 69.80
N PRO J 135 -4.99 96.05 69.35
CA PRO J 135 -3.55 96.05 69.42
C PRO J 135 -2.90 94.81 69.90
N LYS J 136 -2.41 93.95 69.04
CA LYS J 136 -1.67 92.78 69.57
C LYS J 136 -0.17 92.91 69.63
N ARG J 137 0.37 93.60 68.67
CA ARG J 137 1.81 93.95 68.64
C ARG J 137 2.08 95.07 69.66
N ALA J 138 3.16 94.95 70.43
CA ALA J 138 3.55 95.89 71.52
C ALA J 138 3.55 97.33 70.98
N SER J 139 4.26 97.57 69.88
CA SER J 139 4.44 98.90 69.22
C SER J 139 3.11 99.49 68.77
N ARG J 140 2.15 98.64 68.35
CA ARG J 140 0.77 99.07 67.99
C ARG J 140 0.08 99.68 69.22
N ILE J 141 0.22 99.02 70.38
CA ILE J 141 -0.34 99.49 71.70
C ILE J 141 0.32 100.83 72.05
N ARG J 142 1.65 100.93 71.91
CA ARG J 142 2.44 102.15 72.19
C ARG J 142 1.98 103.28 71.25
N LYS J 143 1.82 102.99 69.95
CA LYS J 143 1.35 103.95 68.93
C LYS J 143 -0.09 104.39 69.23
N LEU J 144 -0.95 103.47 69.68
CA LEU J 144 -2.37 103.76 70.02
C LEU J 144 -2.45 104.69 71.23
N PHE J 145 -1.66 104.41 72.29
CA PHE J 145 -1.74 105.12 73.60
C PHE J 145 -0.65 106.21 73.72
N ASN J 146 0.25 106.33 72.75
CA ASN J 146 1.36 107.32 72.72
C ASN J 146 2.22 107.17 73.99
N LEU J 147 2.63 105.93 74.29
CA LEU J 147 3.44 105.57 75.49
C LEU J 147 4.92 105.64 75.12
N SER J 148 5.72 106.36 75.93
CA SER J 148 7.20 106.45 75.81
C SER J 148 7.83 105.14 76.29
N LYS J 149 9.11 104.92 75.96
CA LYS J 149 9.84 103.64 76.15
C LYS J 149 9.89 103.26 77.64
N GLU J 150 9.90 104.25 78.54
CA GLU J 150 9.85 104.06 80.02
C GLU J 150 8.53 103.39 80.42
N ASP J 151 7.40 103.83 79.82
CA ASP J 151 6.03 103.35 80.16
C ASP J 151 5.86 101.89 79.72
N ASP J 152 5.12 101.11 80.52
CA ASP J 152 4.85 99.65 80.29
C ASP J 152 3.62 99.53 79.38
N VAL J 153 3.46 98.36 78.74
CA VAL J 153 2.38 98.08 77.73
C VAL J 153 1.30 97.16 78.35
N ARG J 154 1.71 96.16 79.15
CA ARG J 154 0.79 95.20 79.83
C ARG J 154 -0.20 95.95 80.73
N GLN J 155 0.20 97.11 81.28
CA GLN J 155 -0.66 97.98 82.12
C GLN J 155 -1.78 98.58 81.26
N TYR J 156 -1.47 98.99 80.02
CA TYR J 156 -2.37 99.71 79.08
C TYR J 156 -2.80 98.81 77.92
N VAL J 157 -2.69 97.48 78.07
CA VAL J 157 -3.22 96.48 77.09
C VAL J 157 -4.75 96.53 77.10
N VAL J 158 -5.37 96.24 75.96
CA VAL J 158 -6.86 96.16 75.80
C VAL J 158 -7.36 94.93 76.55
N ARG J 159 -8.50 95.07 77.26
CA ARG J 159 -9.21 93.98 77.97
C ARG J 159 -10.59 93.83 77.34
N LYS J 160 -10.90 92.67 76.75
CA LYS J 160 -12.20 92.38 76.07
C LYS J 160 -13.19 91.87 77.12
N PRO J 161 -14.24 92.65 77.47
CA PRO J 161 -15.29 92.17 78.38
C PRO J 161 -16.26 91.24 77.65
N LEU J 162 -16.43 90.02 78.17
CA LEU J 162 -17.23 88.93 77.54
C LEU J 162 -18.14 88.29 78.61
N ASN J 163 -19.45 88.29 78.36
CA ASN J 163 -20.50 87.78 79.29
C ASN J 163 -21.54 86.98 78.49
N LYS J 164 -21.97 85.84 79.04
CA LYS J 164 -23.03 84.96 78.45
C LYS J 164 -23.82 84.31 79.58
N GLU J 165 -25.11 84.02 79.33
CA GLU J 165 -26.10 83.55 80.34
C GLU J 165 -25.60 82.28 81.04
N GLY J 166 -25.80 82.19 82.35
CA GLY J 166 -25.43 81.02 83.19
C GLY J 166 -23.94 80.89 83.41
N LYS J 167 -23.19 82.00 83.44
CA LYS J 167 -21.74 82.04 83.76
C LYS J 167 -21.31 83.48 84.05
N LYS J 168 -20.53 83.68 85.13
CA LYS J 168 -19.94 84.99 85.55
C LYS J 168 -19.15 85.61 84.40
N PRO J 169 -19.08 86.96 84.29
CA PRO J 169 -18.34 87.61 83.21
C PRO J 169 -16.83 87.32 83.21
N ARG J 170 -16.21 87.36 82.03
CA ARG J 170 -14.75 87.17 81.81
C ARG J 170 -14.19 88.43 81.10
N THR J 171 -12.95 88.81 81.41
CA THR J 171 -12.17 89.86 80.70
C THR J 171 -10.90 89.23 80.14
N LYS J 172 -10.86 89.01 78.82
CA LYS J 172 -9.73 88.32 78.11
C LYS J 172 -8.83 89.35 77.43
N ALA J 173 -7.51 89.15 77.51
CA ALA J 173 -6.46 89.96 76.82
C ALA J 173 -5.64 89.04 75.91
N PRO J 174 -5.05 89.57 74.81
CA PRO J 174 -4.23 88.77 73.91
C PRO J 174 -2.77 88.59 74.39
N LYS J 175 -2.13 87.50 73.95
CA LYS J 175 -0.69 87.24 74.16
C LYS J 175 0.11 88.22 73.28
N ILE J 176 0.63 89.30 73.87
CA ILE J 176 1.33 90.41 73.14
C ILE J 176 2.63 89.85 72.54
N GLN J 177 2.63 89.57 71.24
CA GLN J 177 3.81 89.06 70.49
C GLN J 177 4.70 90.24 70.13
N ARG J 178 6.02 90.00 70.03
CA ARG J 178 7.08 91.02 69.86
C ARG J 178 7.06 91.96 71.08
N LEU J 179 7.19 91.38 72.28
CA LEU J 179 7.35 92.09 73.58
C LEU J 179 8.62 91.59 74.25
N VAL J 180 9.50 92.50 74.68
CA VAL J 180 10.82 92.16 75.29
C VAL J 180 10.59 91.61 76.70
N THR J 181 10.92 90.33 76.91
CA THR J 181 10.80 89.57 78.19
C THR J 181 12.16 88.96 78.50
N PRO J 182 12.54 88.77 79.79
CA PRO J 182 13.81 88.14 80.15
C PRO J 182 14.21 86.88 79.34
N ARG J 183 13.22 86.07 78.96
CA ARG J 183 13.34 84.88 78.07
C ARG J 183 14.03 85.28 76.75
N VAL J 184 13.57 86.36 76.11
CA VAL J 184 14.07 86.86 74.79
C VAL J 184 15.54 87.31 74.94
N LEU J 185 15.85 88.07 75.98
CA LEU J 185 17.23 88.49 76.34
C LEU J 185 18.11 87.25 76.55
N GLN J 186 17.57 86.21 77.17
CA GLN J 186 18.30 84.94 77.46
C GLN J 186 18.62 84.23 76.13
N HIS J 187 17.65 84.15 75.22
CA HIS J 187 17.86 83.63 73.83
C HIS J 187 18.97 84.42 73.13
N LYS J 188 18.97 85.75 73.28
CA LYS J 188 19.92 86.67 72.59
C LYS J 188 21.34 86.45 73.13
N ARG J 189 21.51 86.35 74.46
CA ARG J 189 22.83 86.08 75.08
C ARG J 189 23.23 84.61 74.83
N ARG J 190 22.25 83.71 74.68
CA ARG J 190 22.49 82.30 74.26
C ARG J 190 23.05 82.28 72.83
N ARG J 191 22.52 83.15 71.94
CA ARG J 191 23.00 83.28 70.53
C ARG J 191 24.43 83.84 70.51
N ILE J 192 24.73 84.85 71.32
CA ILE J 192 26.04 85.57 71.30
C ILE J 192 27.12 84.72 71.98
N ALA J 193 26.74 83.82 72.89
CA ALA J 193 27.64 82.90 73.64
C ALA J 193 28.39 81.98 72.68
N LEU J 194 27.66 81.32 71.77
CA LEU J 194 28.19 80.30 70.82
C LEU J 194 29.24 80.92 69.90
N LYS J 195 29.12 82.22 69.58
CA LYS J 195 30.08 82.97 68.72
C LYS J 195 31.45 82.97 69.40
N LYS J 196 31.48 83.24 70.71
CA LYS J 196 32.71 83.20 71.55
C LYS J 196 33.28 81.77 71.56
N GLN J 197 32.41 80.76 71.70
CA GLN J 197 32.78 79.32 71.72
C GLN J 197 33.43 78.92 70.39
N ARG J 198 32.83 79.31 69.26
CA ARG J 198 33.30 78.97 67.90
C ARG J 198 34.67 79.62 67.62
N THR J 199 34.88 80.87 68.03
CA THR J 199 36.16 81.61 67.81
C THR J 199 37.29 80.96 68.62
N LYS J 200 37.07 80.69 69.91
CA LYS J 200 38.09 80.04 70.79
C LYS J 200 38.36 78.61 70.30
N LYS J 201 37.32 77.92 69.80
CA LYS J 201 37.43 76.56 69.18
C LYS J 201 38.39 76.63 67.98
N ASN J 202 38.16 77.57 67.05
CA ASN J 202 38.99 77.76 65.82
C ASN J 202 40.45 78.05 66.22
N LYS J 203 40.65 78.96 67.18
CA LYS J 203 41.99 79.44 67.62
C LYS J 203 42.78 78.29 68.24
N GLU J 204 42.16 77.53 69.16
CA GLU J 204 42.80 76.39 69.89
C GLU J 204 43.16 75.26 68.91
N GLU J 205 42.26 74.93 67.97
CA GLU J 205 42.49 73.90 66.92
C GLU J 205 43.68 74.31 66.04
N ALA J 206 43.69 75.56 65.56
CA ALA J 206 44.76 76.15 64.72
C ALA J 206 46.11 76.07 65.44
N ALA J 207 46.14 76.50 66.71
CA ALA J 207 47.33 76.48 67.61
C ALA J 207 47.87 75.06 67.74
N GLU J 208 46.98 74.08 68.01
CA GLU J 208 47.32 72.64 68.18
C GLU J 208 47.93 72.09 66.87
N TYR J 209 47.30 72.36 65.73
CA TYR J 209 47.75 71.93 64.38
C TYR J 209 49.10 72.58 64.05
N ALA J 210 49.30 73.85 64.42
CA ALA J 210 50.56 74.61 64.19
C ALA J 210 51.72 73.91 64.92
N LYS J 211 51.53 73.56 66.20
CA LYS J 211 52.51 72.82 67.04
C LYS J 211 52.78 71.43 66.44
N LEU J 212 51.74 70.76 65.94
CA LEU J 212 51.84 69.40 65.31
C LEU J 212 52.65 69.48 64.01
N LEU J 213 52.26 70.38 63.10
CA LEU J 213 52.89 70.58 61.77
C LEU J 213 54.37 70.97 61.92
N ALA J 214 54.69 71.79 62.94
CA ALA J 214 56.05 72.27 63.26
C ALA J 214 57.03 71.09 63.37
N LYS J 215 56.72 70.11 64.23
CA LYS J 215 57.58 68.91 64.45
C LYS J 215 57.50 68.00 63.22
N ARG J 216 56.32 67.89 62.58
CA ARG J 216 56.12 67.07 61.35
C ARG J 216 57.09 67.53 60.25
N MET J 217 57.15 68.84 59.96
CA MET J 217 58.04 69.40 58.91
C MET J 217 59.51 69.40 59.41
N LYS J 218 59.74 69.45 60.72
CA LYS J 218 61.10 69.32 61.33
C LYS J 218 61.65 67.91 61.07
N GLU J 219 60.87 66.86 61.38
CA GLU J 219 61.26 65.44 61.17
C GLU J 219 61.35 65.13 59.67
N ALA J 220 60.44 65.70 58.87
CA ALA J 220 60.42 65.57 57.39
C ALA J 220 61.69 66.17 56.79
N LYS J 221 62.15 67.31 57.32
CA LYS J 221 63.41 68.00 56.89
C LYS J 221 64.63 67.19 57.36
N GLU J 222 64.61 66.72 58.61
CA GLU J 222 65.74 66.00 59.28
C GLU J 222 66.25 64.86 58.38
N LYS J 223 65.33 64.04 57.84
CA LYS J 223 65.65 62.87 56.97
C LYS J 223 66.17 63.33 55.58
N ARG J 224 65.92 64.58 55.19
CA ARG J 224 66.37 65.16 53.89
C ARG J 224 67.86 65.54 53.95
N GLN J 225 68.47 65.58 55.15
CA GLN J 225 69.92 65.87 55.34
C GLN J 225 70.79 64.76 54.73
N GLU J 226 70.26 63.54 54.61
CA GLU J 226 70.98 62.35 54.08
C GLU J 226 71.12 62.49 52.55
N ILE K 1 96.76 31.35 13.81
CA ILE K 1 96.75 29.85 13.91
C ILE K 1 95.43 29.43 14.57
N VAL K 2 95.17 29.94 15.79
CA VAL K 2 93.91 29.74 16.57
C VAL K 2 93.47 31.10 17.12
N LYS K 3 92.23 31.51 16.81
CA LYS K 3 91.60 32.78 17.25
C LYS K 3 90.26 32.47 17.93
N PRO K 4 90.24 32.11 19.24
CA PRO K 4 88.99 31.88 19.96
C PRO K 4 88.18 33.18 20.17
N ASN K 5 86.85 33.04 20.29
CA ASN K 5 85.90 34.17 20.50
C ASN K 5 85.86 34.57 21.98
N GLY K 6 86.25 33.65 22.89
CA GLY K 6 86.37 33.90 24.33
C GLY K 6 87.71 34.50 24.72
N GLU K 7 88.70 34.50 23.81
CA GLU K 7 90.11 34.93 24.03
C GLU K 7 90.70 34.09 25.17
N LYS K 8 90.67 32.77 25.02
CA LYS K 8 91.08 31.78 26.04
C LYS K 8 91.31 30.42 25.37
N PRO K 9 92.56 30.12 24.92
CA PRO K 9 92.87 28.81 24.36
C PRO K 9 93.10 27.73 25.43
N ASP K 10 92.82 26.47 25.10
CA ASP K 10 92.95 25.28 25.98
C ASP K 10 94.15 24.44 25.52
N GLU K 11 94.62 23.53 26.38
CA GLU K 11 95.82 22.67 26.18
C GLU K 11 95.69 21.85 24.88
N PHE K 12 94.50 21.35 24.55
CA PHE K 12 94.26 20.38 23.45
C PHE K 12 94.44 21.06 22.09
N GLU K 13 93.72 22.15 21.84
CA GLU K 13 93.79 22.92 20.56
C GLU K 13 95.15 23.63 20.45
N SER K 14 95.76 24.04 21.58
CA SER K 14 97.13 24.60 21.63
C SER K 14 98.16 23.48 21.32
N GLY K 15 97.82 22.23 21.64
CA GLY K 15 98.57 21.03 21.21
C GLY K 15 98.47 20.80 19.71
N ILE K 16 97.26 20.75 19.17
CA ILE K 16 96.96 20.41 17.74
C ILE K 16 97.41 21.57 16.83
N SER K 17 97.34 22.83 17.30
CA SER K 17 97.83 24.04 16.58
C SER K 17 99.28 23.81 16.12
N GLN K 18 100.15 23.36 17.03
CA GLN K 18 101.57 23.02 16.75
C GLN K 18 101.63 21.84 15.77
N ALA K 19 100.83 20.79 16.03
CA ALA K 19 100.71 19.58 15.18
C ALA K 19 100.33 19.96 13.74
N LEU K 20 99.64 21.09 13.54
CA LEU K 20 99.33 21.66 12.19
C LEU K 20 100.49 22.53 11.67
N LEU K 21 101.26 23.19 12.55
CA LEU K 21 102.31 24.18 12.16
C LEU K 21 103.39 23.52 11.28
N GLU K 22 103.65 22.22 11.44
CA GLU K 22 104.63 21.45 10.64
C GLU K 22 104.21 21.42 9.16
N LEU K 23 102.93 21.17 8.88
CA LEU K 23 102.40 20.83 7.53
C LEU K 23 102.65 21.98 6.52
N GLU K 24 102.77 23.23 6.99
CA GLU K 24 103.13 24.40 6.13
C GLU K 24 104.51 24.16 5.51
N MET K 25 105.56 24.08 6.33
CA MET K 25 106.97 23.99 5.88
C MET K 25 107.31 22.57 5.41
N ASN K 26 106.68 21.53 5.99
CA ASN K 26 106.94 20.10 5.66
C ASN K 26 106.37 19.78 4.27
N SER K 27 105.04 19.87 4.10
CA SER K 27 104.29 19.47 2.89
C SER K 27 104.18 20.66 1.90
N ASP K 28 103.49 20.46 0.78
CA ASP K 28 103.26 21.47 -0.29
C ASP K 28 101.84 22.08 -0.13
N LEU K 29 101.37 22.25 1.11
CA LEU K 29 100.02 22.76 1.45
C LEU K 29 100.13 24.14 2.12
N LYS K 30 101.31 24.78 2.07
CA LYS K 30 101.61 26.09 2.73
C LYS K 30 100.69 27.18 2.15
N ALA K 31 100.48 27.17 0.83
CA ALA K 31 99.61 28.11 0.09
C ALA K 31 98.15 27.99 0.57
N GLN K 32 97.73 26.81 1.05
CA GLN K 32 96.34 26.55 1.53
C GLN K 32 96.21 27.03 2.98
N LEU K 33 97.00 26.46 3.90
CA LEU K 33 96.81 26.57 5.38
C LEU K 33 97.13 27.98 5.90
N ARG K 34 97.98 28.74 5.22
CA ARG K 34 98.44 30.10 5.68
C ARG K 34 97.24 31.05 5.81
N GLU K 35 96.33 31.05 4.81
CA GLU K 35 95.11 31.91 4.79
C GLU K 35 94.08 31.38 5.80
N LEU K 36 94.09 30.07 6.08
CA LEU K 36 93.10 29.37 6.95
C LEU K 36 93.52 29.45 8.42
N ASN K 37 92.60 29.05 9.32
CA ASN K 37 92.81 28.96 10.79
C ASN K 37 91.61 28.26 11.44
N ILE K 38 91.85 27.46 12.49
CA ILE K 38 90.80 26.75 13.27
C ILE K 38 90.37 27.64 14.45
N THR K 39 89.20 27.38 15.04
CA THR K 39 88.62 28.16 16.17
C THR K 39 88.69 27.34 17.47
N ALA K 40 88.24 26.07 17.45
CA ALA K 40 88.26 25.15 18.62
C ALA K 40 88.55 23.72 18.16
N ALA K 41 89.03 22.88 19.09
CA ALA K 41 89.32 21.44 18.89
C ALA K 41 89.01 20.68 20.18
N LYS K 42 88.35 19.51 20.06
CA LYS K 42 87.86 18.69 21.21
C LYS K 42 88.16 17.20 20.97
N GLU K 43 88.08 16.41 22.05
CA GLU K 43 88.20 14.92 22.05
C GLU K 43 86.95 14.31 22.68
N ILE K 44 86.47 13.18 22.14
CA ILE K 44 85.27 12.43 22.63
C ILE K 44 85.60 10.94 22.67
N GLU K 45 85.09 10.25 23.70
CA GLU K 45 85.22 8.78 23.92
C GLU K 45 83.99 8.07 23.33
N VAL K 46 84.14 7.47 22.15
CA VAL K 46 83.07 6.70 21.43
C VAL K 46 83.46 5.22 21.41
N GLY K 47 82.49 4.34 21.13
CA GLY K 47 82.66 2.88 21.03
C GLY K 47 83.30 2.25 22.26
N GLY K 48 83.10 2.86 23.44
CA GLY K 48 83.69 2.43 24.72
C GLY K 48 85.21 2.38 24.69
N GLY K 49 85.87 3.54 24.55
CA GLY K 49 87.33 3.70 24.65
C GLY K 49 87.95 4.39 23.45
N ARG K 50 87.32 4.32 22.27
CA ARG K 50 87.86 4.87 21.00
C ARG K 50 87.83 6.41 21.07
N LYS K 51 89.00 7.05 21.01
CA LYS K 51 89.15 8.54 21.06
C LYS K 51 89.00 9.11 19.66
N ALA K 52 88.01 9.99 19.46
CA ALA K 52 87.73 10.70 18.19
C ALA K 52 87.97 12.21 18.37
N ILE K 53 88.61 12.85 17.39
CA ILE K 53 89.01 14.30 17.44
C ILE K 53 88.01 15.12 16.63
N ILE K 54 87.50 16.21 17.22
CA ILE K 54 86.66 17.23 16.55
C ILE K 54 87.48 18.51 16.38
N ILE K 55 87.38 19.16 15.22
CA ILE K 55 87.95 20.50 14.93
C ILE K 55 86.81 21.41 14.44
N PHE K 56 86.36 22.32 15.31
CA PHE K 56 85.38 23.39 15.00
C PHE K 56 86.11 24.50 14.24
N VAL K 57 85.70 24.75 12.99
CA VAL K 57 86.33 25.72 12.04
C VAL K 57 85.28 26.75 11.64
N PRO K 58 85.67 27.97 11.16
CA PRO K 58 84.72 28.98 10.75
C PRO K 58 84.03 28.61 9.42
N VAL K 59 82.76 29.00 9.26
CA VAL K 59 81.87 28.68 8.11
C VAL K 59 82.47 29.22 6.80
N PRO K 60 82.86 30.52 6.70
CA PRO K 60 83.35 31.07 5.42
C PRO K 60 84.61 30.38 4.86
N GLN K 61 85.47 29.83 5.73
CA GLN K 61 86.72 29.11 5.35
C GLN K 61 86.44 27.64 5.08
N LEU K 62 85.31 27.10 5.57
CA LEU K 62 84.97 25.65 5.52
C LEU K 62 85.01 25.14 4.08
N LYS K 63 84.47 25.91 3.12
CA LYS K 63 84.47 25.59 1.67
C LYS K 63 85.90 25.33 1.18
N SER K 64 86.88 26.08 1.70
CA SER K 64 88.33 25.92 1.39
C SER K 64 88.89 24.67 2.10
N PHE K 65 88.50 24.45 3.37
CA PHE K 65 88.88 23.25 4.18
C PHE K 65 88.40 21.96 3.51
N GLN K 66 87.21 21.98 2.89
CA GLN K 66 86.63 20.81 2.15
C GLN K 66 87.62 20.33 1.08
N LYS K 67 88.29 21.26 0.38
CA LYS K 67 89.21 20.96 -0.75
C LYS K 67 90.42 20.14 -0.27
N ILE K 68 90.90 20.40 0.95
CA ILE K 68 92.15 19.80 1.52
C ILE K 68 91.84 18.74 2.59
N GLN K 69 90.58 18.61 3.03
CA GLN K 69 90.15 17.71 4.13
C GLN K 69 90.64 16.27 3.90
N VAL K 70 90.31 15.70 2.74
CA VAL K 70 90.57 14.27 2.35
C VAL K 70 92.04 13.91 2.57
N ARG K 71 92.96 14.83 2.27
CA ARG K 71 94.44 14.66 2.46
C ARG K 71 94.81 15.01 3.91
N LEU K 72 94.34 16.16 4.41
CA LEU K 72 94.71 16.74 5.74
C LEU K 72 94.43 15.73 6.87
N VAL K 73 93.30 15.02 6.82
CA VAL K 73 92.90 14.01 7.86
C VAL K 73 94.01 12.96 8.02
N ARG K 74 94.52 12.41 6.91
CA ARG K 74 95.61 11.38 6.90
C ARG K 74 96.90 12.01 7.46
N GLU K 75 97.22 13.23 7.01
CA GLU K 75 98.44 13.98 7.45
C GLU K 75 98.41 14.19 8.97
N LEU K 76 97.28 14.65 9.50
CA LEU K 76 97.05 14.84 10.96
C LEU K 76 97.11 13.48 11.68
N GLU K 77 96.38 12.48 11.17
CA GLU K 77 96.27 11.12 11.75
C GLU K 77 97.65 10.43 11.77
N LYS K 78 98.55 10.77 10.83
CA LYS K 78 99.94 10.23 10.78
C LYS K 78 100.85 11.01 11.75
N LYS K 79 100.71 12.34 11.81
CA LYS K 79 101.59 13.25 12.60
C LYS K 79 101.53 12.89 14.09
N PHE K 80 100.32 12.91 14.68
CA PHE K 80 100.05 12.51 16.09
C PHE K 80 99.39 11.13 16.08
N SER K 81 98.93 10.65 17.25
CA SER K 81 98.32 9.31 17.48
C SER K 81 97.29 8.98 16.39
N GLY K 82 97.28 7.73 15.92
CA GLY K 82 96.35 7.22 14.89
C GLY K 82 94.90 7.25 15.38
N LYS K 83 94.29 8.43 15.36
CA LYS K 83 92.93 8.72 15.89
C LYS K 83 92.05 9.29 14.76
N HIS K 84 90.74 9.05 14.84
CA HIS K 84 89.75 9.50 13.83
C HIS K 84 89.45 10.99 14.03
N VAL K 85 89.95 11.84 13.11
CA VAL K 85 89.77 13.31 13.12
C VAL K 85 88.68 13.69 12.12
N VAL K 86 87.81 14.64 12.47
CA VAL K 86 86.74 15.18 11.57
C VAL K 86 86.58 16.68 11.83
N PHE K 87 86.27 17.44 10.77
CA PHE K 87 86.07 18.92 10.78
C PHE K 87 84.58 19.23 10.90
N ILE K 88 84.22 20.12 11.84
CA ILE K 88 82.82 20.56 12.11
C ILE K 88 82.76 22.09 11.94
N ALA K 89 81.61 22.61 11.46
CA ALA K 89 81.34 24.05 11.33
C ALA K 89 80.89 24.60 12.69
N GLN K 90 81.48 25.72 13.14
CA GLN K 90 81.08 26.44 14.37
C GLN K 90 79.81 27.24 14.08
N ARG K 91 78.64 26.63 14.34
CA ARG K 91 77.29 27.18 14.01
C ARG K 91 76.71 27.88 15.26
N ARG K 92 76.70 29.22 15.26
CA ARG K 92 75.94 30.06 16.24
C ARG K 92 74.45 29.73 16.12
N ILE K 93 73.85 29.17 17.18
CA ILE K 93 72.44 28.68 17.22
C ILE K 93 71.61 29.68 18.07
N LEU K 94 70.91 30.60 17.39
CA LEU K 94 70.08 31.67 18.01
C LEU K 94 68.72 31.09 18.38
N PRO K 95 68.31 31.11 19.68
CA PRO K 95 67.06 30.45 20.09
C PRO K 95 65.79 31.06 19.50
N LYS K 96 64.68 30.28 19.52
CA LYS K 96 63.36 30.64 18.94
C LYS K 96 62.76 31.80 19.73
N PRO K 97 62.37 32.92 19.07
CA PRO K 97 61.87 34.10 19.78
C PRO K 97 60.50 33.86 20.42
N THR K 98 60.46 33.81 21.76
CA THR K 98 59.25 33.56 22.59
C THR K 98 58.54 34.88 22.88
N ARG K 99 57.44 34.83 23.64
CA ARG K 99 56.64 36.03 24.03
C ARG K 99 57.34 36.82 25.14
N LYS K 100 58.39 36.26 25.77
CA LYS K 100 59.27 36.95 26.76
C LYS K 100 60.73 36.81 26.30
N SER K 101 61.19 37.73 25.44
CA SER K 101 62.56 37.76 24.85
C SER K 101 63.33 38.97 25.40
N ARG K 102 64.64 39.04 25.10
CA ARG K 102 65.57 40.13 25.53
C ARG K 102 65.44 41.32 24.55
N THR K 103 66.12 42.43 24.85
CA THR K 103 66.31 43.60 23.94
C THR K 103 67.53 43.32 23.05
N LYS K 104 67.39 42.30 22.18
CA LYS K 104 68.44 41.84 21.21
C LYS K 104 67.78 41.50 19.87
N ASN K 105 66.69 40.72 19.88
CA ASN K 105 65.89 40.35 18.68
C ASN K 105 65.21 41.60 18.10
N LYS K 106 66.00 42.44 17.42
CA LYS K 106 65.51 43.62 16.65
C LYS K 106 65.30 43.20 15.18
N GLN K 107 66.07 42.23 14.69
CA GLN K 107 66.02 41.69 13.31
C GLN K 107 65.45 40.26 13.32
N LYS K 108 64.91 39.82 12.17
CA LYS K 108 64.45 38.43 11.91
C LYS K 108 65.67 37.50 11.94
N ARG K 109 65.58 36.38 12.67
CA ARG K 109 66.65 35.34 12.71
C ARG K 109 66.57 34.51 11.43
N PRO K 110 67.65 34.43 10.61
CA PRO K 110 67.64 33.61 9.41
C PRO K 110 67.32 32.12 9.68
N ARG K 111 66.76 31.44 8.68
CA ARG K 111 66.35 30.01 8.77
C ARG K 111 67.60 29.12 8.89
N SER K 112 68.76 29.61 8.42
CA SER K 112 70.09 28.98 8.58
C SER K 112 70.58 29.04 10.03
N ARG K 113 70.05 29.98 10.84
CA ARG K 113 70.34 30.11 12.31
C ARG K 113 69.23 29.42 13.11
N THR K 114 68.82 28.21 12.71
CA THR K 114 67.75 27.40 13.37
C THR K 114 68.28 26.00 13.69
N LEU K 115 67.76 25.41 14.77
CA LEU K 115 68.22 24.13 15.38
C LEU K 115 68.25 23.02 14.31
N THR K 116 67.17 22.83 13.57
CA THR K 116 67.00 21.76 12.53
C THR K 116 68.03 21.98 11.41
N ALA K 117 68.08 23.19 10.85
CA ALA K 117 68.97 23.60 9.74
C ALA K 117 70.45 23.44 10.14
N VAL K 118 70.80 23.88 11.36
CA VAL K 118 72.17 23.74 11.93
C VAL K 118 72.52 22.25 12.03
N HIS K 119 71.68 21.44 12.69
CA HIS K 119 71.89 19.98 12.89
C HIS K 119 72.09 19.26 11.55
N ASP K 120 71.26 19.57 10.54
CA ASP K 120 71.34 19.00 9.17
C ASP K 120 72.66 19.43 8.51
N ALA K 121 73.07 20.70 8.69
CA ALA K 121 74.35 21.25 8.17
C ALA K 121 75.54 20.54 8.82
N ILE K 122 75.49 20.32 10.14
CA ILE K 122 76.57 19.65 10.95
C ILE K 122 76.69 18.19 10.47
N LEU K 123 75.56 17.50 10.24
CA LEU K 123 75.53 16.10 9.73
C LEU K 123 76.08 16.04 8.30
N GLU K 124 75.87 17.10 7.50
CA GLU K 124 76.44 17.23 6.12
C GLU K 124 77.96 17.45 6.23
N ASP K 125 78.38 18.40 7.07
CA ASP K 125 79.81 18.78 7.28
C ASP K 125 80.60 17.61 7.89
N LEU K 126 79.97 16.80 8.75
CA LEU K 126 80.57 15.62 9.43
C LEU K 126 81.00 14.58 8.39
N VAL K 127 80.11 14.23 7.46
CA VAL K 127 80.27 13.09 6.50
C VAL K 127 80.60 13.64 5.09
N PHE K 128 81.34 14.75 5.01
CA PHE K 128 81.69 15.46 3.75
C PHE K 128 82.18 14.49 2.68
N PRO K 129 83.17 13.59 2.96
CA PRO K 129 83.69 12.68 1.94
C PRO K 129 82.61 11.86 1.21
N SER K 130 81.59 11.38 1.94
CA SER K 130 80.46 10.57 1.42
C SER K 130 79.16 11.39 1.49
N GLU K 131 78.75 12.01 0.38
CA GLU K 131 77.58 12.93 0.29
C GLU K 131 76.31 12.18 0.67
N ILE K 132 75.47 12.76 1.53
CA ILE K 132 74.20 12.15 2.04
C ILE K 132 73.22 12.06 0.87
N VAL K 133 72.67 10.87 0.61
CA VAL K 133 71.76 10.55 -0.52
C VAL K 133 70.32 10.37 0.00
N GLY K 134 70.14 9.74 1.17
CA GLY K 134 68.81 9.54 1.79
C GLY K 134 68.87 9.69 3.31
N LYS K 135 67.71 9.93 3.93
CA LYS K 135 67.55 10.10 5.40
C LYS K 135 66.17 9.58 5.83
N ARG K 136 66.12 8.78 6.90
CA ARG K 136 64.86 8.23 7.49
C ARG K 136 64.88 8.48 9.01
N ILE K 137 63.70 8.63 9.62
CA ILE K 137 63.52 8.83 11.09
C ILE K 137 62.51 7.79 11.60
N ARG K 138 63.00 6.70 12.19
CA ARG K 138 62.18 5.62 12.79
C ARG K 138 61.81 6.01 14.23
N VAL K 139 60.53 5.88 14.59
CA VAL K 139 60.00 6.10 15.96
C VAL K 139 59.61 4.73 16.54
N LYS K 140 60.25 4.35 17.66
CA LYS K 140 60.11 3.03 18.31
C LYS K 140 59.08 3.11 19.44
N LEU K 141 58.57 1.96 19.91
CA LEU K 141 57.39 1.83 20.82
C LEU K 141 57.55 2.72 22.06
N ASP K 142 58.76 2.80 22.62
CA ASP K 142 59.08 3.60 23.84
C ASP K 142 58.82 5.10 23.59
N GLY K 143 58.99 5.57 22.34
CA GLY K 143 58.76 6.96 21.92
C GLY K 143 60.03 7.63 21.38
N SER K 144 61.20 7.07 21.69
CA SER K 144 62.53 7.56 21.25
C SER K 144 62.67 7.44 19.73
N ARG K 145 63.44 8.35 19.12
CA ARG K 145 63.64 8.47 17.65
C ARG K 145 64.96 7.80 17.27
N LEU K 146 65.14 7.46 15.99
CA LEU K 146 66.40 6.96 15.41
C LEU K 146 66.52 7.42 13.96
N ILE K 147 67.62 8.10 13.61
CA ILE K 147 67.89 8.68 12.25
C ILE K 147 68.78 7.71 11.47
N LYS K 148 68.24 7.11 10.40
CA LYS K 148 68.99 6.24 9.45
C LYS K 148 69.43 7.08 8.25
N VAL K 149 70.75 7.30 8.11
CA VAL K 149 71.38 8.04 6.98
C VAL K 149 71.78 7.03 5.90
N HIS K 150 71.42 7.32 4.64
CA HIS K 150 71.72 6.47 3.45
C HIS K 150 72.79 7.16 2.60
N LEU K 151 74.02 6.61 2.61
CA LEU K 151 75.22 7.16 1.92
C LEU K 151 75.39 6.50 0.56
N ASP K 152 76.31 7.02 -0.27
CA ASP K 152 76.61 6.51 -1.64
C ASP K 152 77.73 5.47 -1.58
N LYS K 153 77.89 4.69 -2.65
CA LYS K 153 78.86 3.56 -2.77
C LYS K 153 80.18 4.04 -3.40
N ALA K 154 80.33 5.34 -3.66
CA ALA K 154 81.50 5.94 -4.35
C ALA K 154 82.74 5.91 -3.44
N GLN K 155 82.58 6.17 -2.14
CA GLN K 155 83.68 6.18 -1.12
C GLN K 155 83.30 5.29 0.07
N GLN K 156 82.74 4.10 -0.19
CA GLN K 156 82.27 3.15 0.85
C GLN K 156 83.45 2.72 1.73
N ASN K 157 84.55 2.26 1.10
CA ASN K 157 85.76 1.74 1.77
C ASN K 157 86.50 2.85 2.53
N ASN K 158 86.29 4.12 2.14
CA ASN K 158 86.94 5.32 2.75
C ASN K 158 86.52 5.43 4.23
N VAL K 159 85.22 5.34 4.53
CA VAL K 159 84.63 5.66 5.87
C VAL K 159 83.79 4.47 6.39
N GLU K 160 84.01 3.25 5.87
CA GLU K 160 83.27 2.02 6.27
C GLU K 160 83.46 1.78 7.78
N HIS K 161 84.67 2.03 8.29
CA HIS K 161 85.08 1.84 9.71
C HIS K 161 84.72 3.06 10.58
N LYS K 162 84.33 4.18 9.97
CA LYS K 162 84.02 5.46 10.67
C LYS K 162 82.55 5.51 11.13
N VAL K 163 81.74 4.50 10.74
CA VAL K 163 80.30 4.37 11.16
C VAL K 163 80.20 4.44 12.68
N GLU K 164 81.12 3.79 13.41
CA GLU K 164 81.20 3.81 14.89
C GLU K 164 81.51 5.22 15.37
N THR K 165 82.52 5.87 14.78
CA THR K 165 82.95 7.27 15.07
C THR K 165 81.75 8.21 14.92
N PHE K 166 81.06 8.16 13.78
CA PHE K 166 79.91 9.03 13.43
C PHE K 166 78.72 8.73 14.37
N SER K 167 78.40 7.44 14.58
CA SER K 167 77.31 6.96 15.46
C SER K 167 77.53 7.44 16.90
N GLY K 168 78.78 7.49 17.36
CA GLY K 168 79.17 7.97 18.70
C GLY K 168 79.22 9.49 18.79
N VAL K 169 79.78 10.16 17.77
CA VAL K 169 80.09 11.62 17.81
C VAL K 169 78.82 12.45 17.68
N TYR K 170 77.79 11.96 16.96
CA TYR K 170 76.54 12.71 16.66
C TYR K 170 75.77 13.00 17.97
N LYS K 171 75.57 11.96 18.79
CA LYS K 171 74.78 12.01 20.06
C LYS K 171 75.38 13.02 21.05
N LYS K 172 76.69 13.28 20.96
CA LYS K 172 77.43 14.21 21.86
C LYS K 172 76.93 15.65 21.68
N LEU K 173 76.77 16.12 20.44
CA LEU K 173 76.55 17.56 20.09
C LEU K 173 75.15 17.82 19.50
N THR K 174 74.31 16.79 19.33
CA THR K 174 72.90 16.92 18.87
C THR K 174 71.93 16.51 20.00
N GLY K 175 72.06 15.27 20.47
CA GLY K 175 71.12 14.61 21.42
C GLY K 175 70.15 13.69 20.70
N LYS K 176 70.60 13.05 19.61
CA LYS K 176 69.80 12.11 18.78
C LYS K 176 70.71 11.00 18.25
N ASP K 177 70.27 9.74 18.32
CA ASP K 177 71.01 8.56 17.82
C ASP K 177 70.93 8.52 16.29
N VAL K 178 72.03 8.13 15.63
CA VAL K 178 72.14 8.05 14.14
C VAL K 178 72.71 6.67 13.75
N ASN K 179 72.25 6.12 12.63
CA ASN K 179 72.78 4.88 11.99
C ASN K 179 73.11 5.17 10.52
N PHE K 180 74.01 4.38 9.93
CA PHE K 180 74.57 4.59 8.57
C PHE K 180 74.46 3.29 7.76
N GLU K 181 73.67 3.32 6.67
CA GLU K 181 73.49 2.21 5.69
C GLU K 181 74.04 2.64 4.32
N PHE K 182 74.38 1.67 3.48
CA PHE K 182 74.89 1.85 2.10
C PHE K 182 73.96 1.13 1.12
N PRO K 183 72.90 1.80 0.59
CA PRO K 183 72.10 1.24 -0.50
C PRO K 183 72.90 0.96 -1.79
N GLU K 184 72.41 0.02 -2.61
CA GLU K 184 73.12 -0.50 -3.82
C GLU K 184 73.16 0.59 -4.91
N PHE K 185 72.02 1.24 -5.20
CA PHE K 185 71.86 2.23 -6.29
C PHE K 185 70.65 3.13 -6.00
N GLY L 1 8.12 76.16 24.12
CA GLY L 1 8.63 74.78 24.36
C GLY L 1 9.86 74.47 23.53
N ILE L 2 10.86 75.36 23.57
CA ILE L 2 12.20 75.17 22.92
C ILE L 2 12.81 73.91 23.53
N SER L 3 13.23 72.95 22.70
CA SER L 3 13.80 71.64 23.12
C SER L 3 15.26 71.54 22.70
N ARG L 4 16.14 71.14 23.62
CA ARG L 4 17.56 70.79 23.31
C ARG L 4 17.75 69.29 23.56
N ASP L 5 16.89 68.49 22.92
CA ASP L 5 16.91 67.00 22.91
C ASP L 5 17.68 66.51 21.69
N ASN L 6 18.23 65.29 21.77
CA ASN L 6 18.99 64.63 20.67
C ASN L 6 18.04 63.84 19.76
N TRP L 7 16.94 63.31 20.32
CA TRP L 7 16.10 62.26 19.67
C TRP L 7 15.27 62.81 18.50
N HIS L 8 15.14 64.14 18.35
CA HIS L 8 14.46 64.78 17.18
C HIS L 8 15.38 64.78 15.95
N LYS L 9 16.69 64.63 16.14
CA LYS L 9 17.70 64.56 15.04
C LYS L 9 17.63 63.18 14.36
N ARG L 10 18.15 63.09 13.12
CA ARG L 10 18.37 61.81 12.41
C ARG L 10 19.58 61.10 13.03
N ARG L 11 19.71 59.78 12.79
CA ARG L 11 20.84 58.95 13.26
C ARG L 11 22.09 59.24 12.42
N LYS L 12 23.26 58.82 12.91
CA LYS L 12 24.57 58.90 12.20
C LYS L 12 24.42 58.32 10.79
N THR L 13 23.81 57.14 10.67
CA THR L 13 23.57 56.38 9.41
C THR L 13 22.72 57.20 8.44
N GLY L 14 21.80 58.02 8.95
CA GLY L 14 20.94 58.92 8.18
C GLY L 14 19.45 58.60 8.33
N GLY L 15 19.11 57.44 8.90
CA GLY L 15 17.71 57.00 9.13
C GLY L 15 17.02 57.84 10.20
N LYS L 16 15.71 58.06 10.04
CA LYS L 16 14.85 58.77 11.03
C LYS L 16 14.77 57.95 12.32
N ARG L 17 14.61 58.63 13.45
CA ARG L 17 14.35 58.03 14.80
C ARG L 17 12.91 58.37 15.20
N LYS L 18 12.14 57.35 15.62
CA LYS L 18 10.76 57.52 16.17
C LYS L 18 10.87 57.78 17.68
N PRO L 19 10.29 58.88 18.21
CA PRO L 19 10.40 59.19 19.63
C PRO L 19 9.48 58.31 20.50
N TYR L 20 9.99 57.80 21.62
CA TYR L 20 9.27 56.89 22.55
C TYR L 20 8.66 57.68 23.71
N HIS L 21 9.30 58.77 24.16
CA HIS L 21 8.80 59.70 25.20
C HIS L 21 8.67 61.11 24.63
N LYS L 22 7.57 61.81 24.95
CA LYS L 22 7.33 63.22 24.55
C LYS L 22 8.22 64.14 25.40
N LYS L 23 8.28 65.43 25.03
CA LYS L 23 9.29 66.40 25.54
C LYS L 23 9.19 66.52 27.07
N ARG L 24 10.34 66.47 27.75
CA ARG L 24 10.50 66.56 29.23
C ARG L 24 10.78 68.02 29.61
N LYS L 25 10.79 68.34 30.90
CA LYS L 25 11.09 69.71 31.41
C LYS L 25 12.59 69.97 31.30
N TYR L 26 13.43 69.06 31.80
CA TYR L 26 14.92 69.18 31.83
C TYR L 26 15.50 69.36 30.42
N GLU L 27 14.72 69.09 29.37
CA GLU L 27 15.11 69.29 27.94
C GLU L 27 14.79 70.71 27.44
N LEU L 28 14.20 71.58 28.28
CA LEU L 28 13.73 72.93 27.84
C LEU L 28 14.93 73.83 27.49
N GLY L 29 14.70 74.77 26.57
CA GLY L 29 15.53 75.96 26.32
C GLY L 29 14.70 77.23 26.49
N ARG L 30 15.29 78.40 26.26
CA ARG L 30 14.64 79.72 26.44
C ARG L 30 15.05 80.64 25.31
N PRO L 31 14.30 81.75 25.03
CA PRO L 31 14.67 82.68 23.97
C PRO L 31 15.96 83.45 24.29
N ALA L 32 16.74 83.78 23.25
CA ALA L 32 18.07 84.41 23.34
C ALA L 32 17.95 85.84 23.88
N ALA L 33 18.78 86.19 24.86
CA ALA L 33 18.91 87.56 25.42
C ALA L 33 19.72 88.41 24.44
N ASN L 34 19.05 88.97 23.43
CA ASN L 34 19.66 89.86 22.41
C ASN L 34 20.04 91.17 23.11
N THR L 35 21.18 91.16 23.80
CA THR L 35 21.59 92.18 24.80
C THR L 35 22.06 93.46 24.08
N LYS L 36 21.23 94.51 24.07
CA LYS L 36 21.53 95.81 23.40
C LYS L 36 22.42 96.67 24.30
N ILE L 37 22.89 97.80 23.77
CA ILE L 37 23.65 98.85 24.52
C ILE L 37 22.62 99.85 25.08
N GLY L 38 22.66 100.11 26.40
CA GLY L 38 21.74 101.04 27.07
C GLY L 38 21.71 100.85 28.59
N PRO L 39 20.99 101.72 29.34
CA PRO L 39 21.04 101.71 30.81
C PRO L 39 20.61 100.36 31.41
N ARG L 40 21.28 99.95 32.49
CA ARG L 40 21.22 98.58 33.09
C ARG L 40 19.75 98.11 33.23
N ARG L 41 19.36 97.13 32.41
CA ARG L 41 18.10 96.36 32.55
C ARG L 41 18.45 94.87 32.52
N ILE L 42 18.33 94.19 33.68
CA ILE L 42 18.67 92.75 33.89
C ILE L 42 17.45 92.08 34.55
N HIS L 43 16.88 91.06 33.90
CA HIS L 43 15.83 90.18 34.46
C HIS L 43 16.47 88.87 34.92
N THR L 44 15.92 88.23 35.96
CA THR L 44 16.39 86.93 36.50
C THR L 44 15.37 85.84 36.15
N VAL L 45 15.85 84.63 35.85
CA VAL L 45 15.01 83.44 35.51
C VAL L 45 15.38 82.31 36.48
N ARG L 46 14.37 81.69 37.10
CA ARG L 46 14.51 80.54 38.03
C ARG L 46 14.76 79.28 37.18
N VAL L 47 15.85 78.55 37.46
CA VAL L 47 16.36 77.42 36.62
C VAL L 47 16.40 76.14 37.46
N ARG L 48 16.88 75.04 36.86
CA ARG L 48 16.96 73.69 37.49
C ARG L 48 17.80 73.76 38.77
N GLY L 49 17.38 73.04 39.83
CA GLY L 49 17.99 73.05 41.16
C GLY L 49 17.59 74.26 41.99
N GLY L 50 16.58 75.03 41.54
CA GLY L 50 16.09 76.25 42.21
C GLY L 50 17.14 77.34 42.28
N ASN L 51 18.12 77.35 41.37
CA ASN L 51 19.16 78.41 41.26
C ASN L 51 18.59 79.55 40.42
N LYS L 52 19.32 80.67 40.33
CA LYS L 52 18.93 81.86 39.52
C LYS L 52 19.98 82.09 38.43
N LYS L 53 19.55 82.67 37.29
CA LYS L 53 20.40 83.04 36.14
C LYS L 53 20.03 84.45 35.69
N TYR L 54 21.01 85.35 35.66
CA TYR L 54 20.84 86.82 35.43
C TYR L 54 20.81 87.09 33.92
N ARG L 55 19.62 87.34 33.36
CA ARG L 55 19.39 87.63 31.93
C ARG L 55 19.46 89.15 31.68
N ALA L 56 20.63 89.65 31.28
CA ALA L 56 20.90 91.08 31.01
C ALA L 56 20.32 91.46 29.64
N LEU L 57 19.24 92.26 29.64
CA LEU L 57 18.52 92.68 28.40
C LEU L 57 19.21 93.90 27.77
N ARG L 58 19.68 94.85 28.60
CA ARG L 58 20.37 96.08 28.12
C ARG L 58 21.47 96.48 29.11
N LEU L 59 22.74 96.36 28.70
CA LEU L 59 23.94 96.70 29.52
C LEU L 59 24.60 97.97 28.96
N ASP L 60 25.09 98.83 29.85
CA ASP L 60 25.79 100.11 29.53
C ASP L 60 27.25 100.01 29.98
N VAL L 61 27.48 99.60 31.23
CA VAL L 61 28.79 99.68 31.94
C VAL L 61 29.26 98.27 32.29
N GLY L 62 30.54 97.96 32.01
CA GLY L 62 31.23 96.72 32.42
C GLY L 62 32.70 96.99 32.74
N ASN L 63 33.38 96.07 33.42
CA ASN L 63 34.81 96.24 33.82
C ASN L 63 35.71 95.38 32.95
N PHE L 64 36.79 95.97 32.42
CA PHE L 64 37.79 95.30 31.54
C PHE L 64 39.18 95.44 32.16
N SER L 65 40.07 94.50 31.85
CA SER L 65 41.45 94.38 32.40
C SER L 65 42.50 94.78 31.35
N TRP L 66 43.44 95.64 31.73
CA TRP L 66 44.71 95.89 31.00
C TRP L 66 45.75 94.87 31.48
N GLY L 67 45.93 93.80 30.73
CA GLY L 67 46.69 92.59 31.13
C GLY L 67 48.19 92.81 31.17
N SER L 68 48.72 93.67 30.28
CA SER L 68 50.18 93.91 30.10
C SER L 68 50.81 94.50 31.37
N GLU L 69 50.06 95.31 32.14
CA GLU L 69 50.50 95.85 33.47
C GLU L 69 49.57 95.40 34.60
N CYS L 70 48.50 94.64 34.29
CA CYS L 70 47.54 94.06 35.27
C CYS L 70 46.86 95.17 36.08
N CYS L 71 45.88 95.86 35.46
CA CYS L 71 44.96 96.81 36.15
C CYS L 71 43.59 96.78 35.46
N THR L 72 42.53 96.57 36.26
CA THR L 72 41.12 96.37 35.81
C THR L 72 40.26 97.52 36.31
N ARG L 73 39.45 98.11 35.44
CA ARG L 73 38.61 99.30 35.74
C ARG L 73 37.20 99.12 35.17
N LYS L 74 36.20 99.69 35.85
CA LYS L 74 34.80 99.82 35.37
C LYS L 74 34.76 100.89 34.28
N THR L 75 34.12 100.59 33.14
CA THR L 75 34.13 101.43 31.91
C THR L 75 32.75 101.40 31.23
N ARG L 76 32.32 102.55 30.70
CA ARG L 76 31.09 102.67 29.87
C ARG L 76 31.38 102.10 28.49
N ILE L 77 30.63 101.06 28.08
CA ILE L 77 30.73 100.41 26.74
C ILE L 77 30.21 101.41 25.69
N ILE L 78 31.04 101.73 24.69
CA ILE L 78 30.72 102.75 23.63
C ILE L 78 29.89 102.05 22.55
N ASP L 79 30.49 101.10 21.81
CA ASP L 79 29.90 100.53 20.57
C ASP L 79 30.46 99.13 20.28
N VAL L 80 29.68 98.30 19.58
CA VAL L 80 30.09 96.96 19.05
C VAL L 80 30.52 97.16 17.60
N VAL L 81 31.76 96.79 17.25
CA VAL L 81 32.41 97.11 15.94
C VAL L 81 32.52 95.85 15.07
N TYR L 82 32.86 94.69 15.64
CA TYR L 82 33.08 93.41 14.91
C TYR L 82 32.63 92.22 15.77
N ASN L 83 32.02 91.22 15.13
CA ASN L 83 31.51 89.96 15.74
C ASN L 83 31.92 88.79 14.86
N ALA L 84 32.67 87.83 15.42
CA ALA L 84 33.30 86.70 14.69
C ALA L 84 32.23 85.76 14.10
N SER L 85 31.18 85.46 14.89
CA SER L 85 30.11 84.47 14.56
C SER L 85 29.31 84.95 13.34
N ASN L 86 28.54 86.03 13.50
CA ASN L 86 27.56 86.55 12.50
C ASN L 86 27.68 88.09 12.44
N ASN L 87 27.47 88.65 11.25
CA ASN L 87 27.66 90.09 10.93
C ASN L 87 26.39 90.90 11.25
N GLU L 88 25.24 90.23 11.40
CA GLU L 88 23.93 90.86 11.72
C GLU L 88 24.01 91.56 13.08
N LEU L 89 24.63 90.91 14.08
CA LEU L 89 24.71 91.39 15.48
C LEU L 89 25.57 92.66 15.56
N VAL L 90 26.50 92.85 14.62
CA VAL L 90 27.35 94.09 14.49
C VAL L 90 26.46 95.28 14.11
N ARG L 91 25.37 95.04 13.37
CA ARG L 91 24.41 96.09 12.90
C ARG L 91 23.34 96.32 13.98
N THR L 92 22.91 95.26 14.67
CA THR L 92 21.83 95.28 15.69
C THR L 92 22.37 95.82 17.03
N LYS L 93 23.70 95.81 17.25
CA LYS L 93 24.40 96.32 18.46
C LYS L 93 24.18 95.34 19.63
N THR L 94 24.36 94.04 19.38
CA THR L 94 24.08 92.94 20.34
C THR L 94 25.38 92.49 21.02
N LEU L 95 25.40 92.43 22.35
CA LEU L 95 26.55 91.96 23.18
C LEU L 95 26.44 90.45 23.40
N VAL L 96 27.43 89.70 22.94
CA VAL L 96 27.65 88.25 23.25
C VAL L 96 29.13 88.05 23.59
N LYS L 97 29.52 86.87 24.05
CA LYS L 97 30.93 86.54 24.38
C LYS L 97 31.76 86.54 23.09
N ASN L 98 33.01 87.02 23.17
CA ASN L 98 33.99 87.02 22.06
C ASN L 98 33.49 87.92 20.91
N CYS L 99 32.84 89.03 21.24
CA CYS L 99 32.50 90.13 20.30
C CYS L 99 33.40 91.33 20.62
N ILE L 100 33.87 92.05 19.59
CA ILE L 100 34.83 93.18 19.70
C ILE L 100 34.03 94.46 19.96
N VAL L 101 34.41 95.21 21.00
CA VAL L 101 33.63 96.34 21.58
C VAL L 101 34.58 97.51 21.85
N LEU L 102 34.33 98.67 21.22
CA LEU L 102 34.94 99.97 21.59
C LEU L 102 34.39 100.38 22.96
N ILE L 103 35.29 100.70 23.91
CA ILE L 103 34.95 101.17 25.28
C ILE L 103 35.70 102.48 25.56
N ASP L 104 35.26 103.24 26.58
CA ASP L 104 35.86 104.53 27.02
C ASP L 104 37.26 104.27 27.58
N SER L 105 38.17 105.25 27.46
CA SER L 105 39.61 105.12 27.82
C SER L 105 39.97 105.91 29.09
N THR L 106 38.99 106.55 29.74
CA THR L 106 39.19 107.50 30.88
C THR L 106 40.00 106.84 32.01
N PRO L 107 39.52 105.74 32.65
CA PRO L 107 40.12 105.27 33.89
C PRO L 107 41.55 104.72 33.73
N TYR L 108 41.85 104.08 32.60
CA TYR L 108 43.18 103.51 32.27
C TYR L 108 44.20 104.65 32.15
N ARG L 109 43.84 105.70 31.41
CA ARG L 109 44.66 106.93 31.22
C ARG L 109 44.90 107.56 32.61
N GLN L 110 43.84 107.80 33.37
CA GLN L 110 43.90 108.37 34.75
C GLN L 110 44.80 107.50 35.64
N TRP L 111 44.67 106.17 35.56
CA TRP L 111 45.55 105.21 36.30
C TRP L 111 47.00 105.40 35.85
N TYR L 112 47.24 105.42 34.53
CA TYR L 112 48.60 105.53 33.92
C TYR L 112 49.28 106.83 34.40
N GLU L 113 48.55 107.95 34.31
CA GLU L 113 49.02 109.29 34.78
C GLU L 113 49.37 109.21 36.27
N SER L 114 48.44 108.72 37.10
CA SER L 114 48.59 108.61 38.58
C SER L 114 49.73 107.66 38.96
N HIS L 115 50.04 106.66 38.10
CA HIS L 115 51.08 105.63 38.35
C HIS L 115 52.45 106.14 37.91
N TYR L 116 52.59 106.59 36.66
CA TYR L 116 53.89 106.95 36.00
C TYR L 116 54.09 108.46 35.94
N ALA L 117 53.05 109.21 35.53
CA ALA L 117 53.06 110.68 35.30
C ALA L 117 53.67 111.00 33.92
N LEU L 118 53.33 110.20 32.90
CA LEU L 118 53.70 110.41 31.48
C LEU L 118 52.40 110.63 30.68
N PRO L 119 52.25 111.74 29.91
CA PRO L 119 51.00 112.01 29.20
C PRO L 119 50.65 110.95 28.14
N LEU L 120 49.39 110.47 28.16
CA LEU L 120 48.80 109.57 27.13
C LEU L 120 47.58 110.25 26.50
N GLY L 121 47.45 110.14 25.16
CA GLY L 121 46.33 110.70 24.39
C GLY L 121 46.25 112.22 24.48
N ARG L 122 47.37 112.83 24.84
CA ARG L 122 47.44 114.24 24.94
C ARG L 122 48.14 114.67 23.67
N LYS L 123 47.73 115.80 23.15
CA LYS L 123 48.33 116.32 21.94
C LYS L 123 49.58 117.13 22.29
N LYS L 124 50.27 117.61 21.28
CA LYS L 124 51.43 118.40 21.57
C LYS L 124 51.07 119.66 22.32
N GLY L 125 50.00 120.33 21.94
CA GLY L 125 49.66 121.58 22.59
C GLY L 125 48.48 121.81 23.50
N ALA L 126 47.77 120.78 23.93
CA ALA L 126 46.61 121.02 24.78
C ALA L 126 47.06 121.66 26.08
N LYS L 127 46.35 122.69 26.52
CA LYS L 127 46.74 123.37 27.73
C LYS L 127 46.25 122.61 28.94
N LEU L 128 47.16 122.36 29.86
CA LEU L 128 46.81 121.58 31.02
C LEU L 128 45.77 122.23 31.90
N THR L 129 44.56 121.69 31.83
CA THR L 129 43.45 122.17 32.71
C THR L 129 43.88 122.01 34.16
N PRO L 130 43.67 123.04 35.04
CA PRO L 130 44.22 123.00 36.40
C PRO L 130 43.58 121.93 37.30
N GLU L 131 44.09 120.69 37.17
CA GLU L 131 43.83 119.54 38.07
C GLU L 131 44.91 118.45 37.86
N GLU L 132 45.31 118.19 36.61
CA GLU L 132 46.30 117.14 36.23
C GLU L 132 47.74 117.60 36.55
N GLU L 133 48.01 118.90 36.65
CA GLU L 133 49.37 119.48 36.89
C GLU L 133 49.94 118.98 38.23
N GLU L 134 49.08 118.64 39.20
CA GLU L 134 49.47 118.05 40.52
C GLU L 134 49.49 116.51 40.42
N ILE L 135 49.63 115.96 39.21
CA ILE L 135 49.98 114.52 38.96
C ILE L 135 51.18 114.45 38.01
N LEU L 136 51.15 115.17 36.88
CA LEU L 136 52.22 115.20 35.84
C LEU L 136 53.51 115.78 36.44
N ASN L 137 53.50 117.07 36.79
CA ASN L 137 54.70 117.85 37.25
C ASN L 137 54.56 118.21 38.74
N LYS L 138 54.00 117.30 39.55
CA LYS L 138 53.88 117.45 41.03
C LYS L 138 55.26 117.26 41.68
N LYS L 139 55.52 117.98 42.77
CA LYS L 139 56.76 117.87 43.60
C LYS L 139 56.56 116.78 44.66
N ARG L 140 57.66 116.15 45.08
CA ARG L 140 57.67 115.08 46.12
C ARG L 140 59.09 114.93 46.70
N SER L 141 59.26 114.03 47.67
CA SER L 141 60.55 113.70 48.32
C SER L 141 61.45 112.92 47.34
N LYS L 142 62.77 113.03 47.53
CA LYS L 142 63.82 112.52 46.61
C LYS L 142 63.72 110.99 46.44
N LYS L 143 63.30 110.29 47.50
CA LYS L 143 63.06 108.81 47.51
C LYS L 143 62.00 108.47 46.46
N ILE L 144 60.88 109.22 46.45
CA ILE L 144 59.70 108.98 45.56
C ILE L 144 60.06 109.43 44.13
N GLN L 145 60.85 110.51 43.99
CA GLN L 145 61.42 110.98 42.71
C GLN L 145 62.24 109.84 42.08
N LYS L 146 63.15 109.25 42.87
CA LYS L 146 64.01 108.11 42.45
C LYS L 146 63.13 106.88 42.14
N LYS L 147 62.16 106.56 43.01
CA LYS L 147 61.23 105.40 42.87
C LYS L 147 60.47 105.51 41.53
N TYR L 148 60.02 106.71 41.17
CA TYR L 148 59.28 107.00 39.91
C TYR L 148 60.26 106.98 38.73
N ASP L 149 61.46 107.56 38.91
CA ASP L 149 62.57 107.52 37.92
C ASP L 149 62.90 106.08 37.51
N GLU L 150 62.81 105.13 38.46
CA GLU L 150 63.02 103.67 38.19
C GLU L 150 61.90 103.12 37.31
N ARG L 151 60.65 103.54 37.54
CA ARG L 151 59.45 103.10 36.77
C ARG L 151 59.45 103.69 35.35
N LYS L 152 60.15 104.81 35.12
CA LYS L 152 60.20 105.51 33.80
C LYS L 152 60.69 104.57 32.69
N LYS L 153 61.70 103.73 32.99
CA LYS L 153 62.33 102.79 32.01
C LYS L 153 61.30 101.78 31.50
N ASN L 154 60.55 101.15 32.42
CA ASN L 154 59.56 100.07 32.12
C ASN L 154 58.42 100.63 31.27
N ALA L 155 57.80 101.74 31.74
CA ALA L 155 56.62 102.38 31.12
C ALA L 155 56.93 102.81 29.68
N LYS L 156 56.61 101.94 28.71
CA LYS L 156 56.73 102.22 27.26
C LYS L 156 55.59 101.48 26.54
N ILE L 157 54.47 102.17 26.31
CA ILE L 157 53.23 101.62 25.69
C ILE L 157 53.51 101.37 24.21
N SER L 158 52.94 100.29 23.65
CA SER L 158 53.05 99.91 22.21
C SER L 158 52.33 100.95 21.34
N SER L 159 52.83 101.16 20.12
CA SER L 159 52.33 102.16 19.14
C SER L 159 50.84 101.96 18.85
N LEU L 160 50.40 100.70 18.76
CA LEU L 160 49.01 100.31 18.38
C LEU L 160 47.98 100.91 19.34
N LEU L 161 48.33 101.11 20.61
CA LEU L 161 47.42 101.64 21.67
C LEU L 161 47.41 103.18 21.66
N GLU L 162 48.43 103.84 21.12
CA GLU L 162 48.62 105.32 21.19
C GLU L 162 47.47 106.04 20.49
N GLU L 163 47.21 105.71 19.21
CA GLU L 163 46.14 106.34 18.38
C GLU L 163 44.77 106.13 19.04
N GLN L 164 44.54 104.96 19.66
CA GLN L 164 43.28 104.61 20.37
C GLN L 164 43.12 105.53 21.59
N PHE L 165 44.17 105.69 22.39
CA PHE L 165 44.21 106.63 23.55
C PHE L 165 43.97 108.07 23.05
N GLN L 166 44.68 108.48 22.00
CA GLN L 166 44.54 109.81 21.34
C GLN L 166 43.09 110.03 20.86
N GLN L 167 42.42 108.97 20.37
CA GLN L 167 40.97 109.01 20.03
C GLN L 167 40.12 109.02 21.31
N GLY L 168 40.60 108.35 22.38
CA GLY L 168 39.94 108.33 23.70
C GLY L 168 39.01 107.13 23.89
N LYS L 169 39.28 106.02 23.19
CA LYS L 169 38.48 104.77 23.27
C LYS L 169 39.33 103.57 22.85
N LEU L 170 39.16 102.42 23.53
CA LEU L 170 39.96 101.18 23.33
C LEU L 170 39.08 100.10 22.69
N LEU L 171 39.69 99.21 21.90
CA LEU L 171 39.07 97.94 21.43
C LEU L 171 39.19 96.88 22.54
N ALA L 172 38.08 96.20 22.87
CA ALA L 172 37.97 95.24 23.99
C ALA L 172 37.09 94.05 23.60
N CYS L 173 37.60 92.83 23.82
CA CYS L 173 36.89 91.54 23.61
C CYS L 173 36.18 91.14 24.92
N ILE L 174 34.88 90.87 24.84
CA ILE L 174 34.03 90.42 26.01
C ILE L 174 34.33 88.94 26.27
N ALA L 175 34.57 88.58 27.54
CA ALA L 175 34.92 87.21 28.00
C ALA L 175 33.80 86.61 28.86
N SER L 176 32.92 87.42 29.45
CA SER L 176 31.76 86.97 30.25
C SER L 176 30.51 86.88 29.36
N ARG L 177 29.72 85.81 29.51
CA ARG L 177 28.44 85.61 28.78
C ARG L 177 27.36 86.49 29.41
N PRO L 178 26.97 87.64 28.80
CA PRO L 178 26.07 88.59 29.46
C PRO L 178 24.63 88.06 29.56
N GLY L 179 24.27 87.08 28.73
CA GLY L 179 22.96 86.40 28.77
C GLY L 179 22.78 85.53 30.00
N GLN L 180 23.88 85.01 30.58
CA GLN L 180 23.85 83.97 31.65
C GLN L 180 24.36 84.55 32.98
N CYS L 181 25.54 85.18 32.99
CA CYS L 181 26.16 85.78 34.20
C CYS L 181 25.49 87.11 34.54
N GLY L 182 25.01 87.84 33.52
CA GLY L 182 24.24 89.10 33.68
C GLY L 182 25.13 90.33 33.70
N ARG L 183 26.34 90.26 33.15
CA ARG L 183 27.30 91.40 33.07
C ARG L 183 28.24 91.21 31.87
N ALA L 184 28.74 92.32 31.31
CA ALA L 184 29.62 92.36 30.12
C ALA L 184 31.05 92.68 30.54
N ASP L 185 31.77 91.69 31.08
CA ASP L 185 33.20 91.77 31.48
C ASP L 185 34.07 91.19 30.37
N GLY L 186 35.37 91.45 30.40
CA GLY L 186 36.33 90.96 29.39
C GLY L 186 37.70 91.61 29.53
N TYR L 187 38.39 91.83 28.40
CA TYR L 187 39.76 92.41 28.33
C TYR L 187 39.90 93.30 27.10
N VAL L 188 40.73 94.34 27.21
CA VAL L 188 41.15 95.24 26.09
C VAL L 188 42.12 94.45 25.19
N LEU L 189 41.94 94.54 23.87
CA LEU L 189 42.77 93.82 22.86
C LEU L 189 44.18 94.43 22.86
N GLU L 190 45.20 93.60 22.57
CA GLU L 190 46.64 93.96 22.63
C GLU L 190 47.46 93.09 21.67
N GLY L 191 48.52 93.65 21.07
CA GLY L 191 49.53 92.92 20.29
C GLY L 191 48.96 92.29 19.03
N LYS L 192 49.31 91.03 18.76
CA LYS L 192 49.01 90.30 17.50
C LYS L 192 47.51 90.33 17.19
N GLU L 193 46.67 90.06 18.21
CA GLU L 193 45.19 89.96 18.04
C GLU L 193 44.60 91.36 17.79
N LEU L 194 45.13 92.41 18.43
CA LEU L 194 44.73 93.82 18.19
C LEU L 194 44.87 94.13 16.69
N GLU L 195 46.03 93.80 16.12
CA GLU L 195 46.37 93.99 14.68
C GLU L 195 45.44 93.13 13.81
N PHE L 196 45.24 91.86 14.18
CA PHE L 196 44.33 90.89 13.49
C PHE L 196 42.92 91.47 13.41
N TYR L 197 42.39 91.97 14.53
CA TYR L 197 41.02 92.53 14.63
C TYR L 197 40.97 93.90 13.93
N LEU L 198 42.05 94.69 14.00
CA LEU L 198 42.15 96.00 13.28
C LEU L 198 41.98 95.78 11.77
N ARG L 199 42.85 94.96 11.17
CA ARG L 199 42.85 94.65 9.71
C ARG L 199 41.53 93.98 9.31
N LYS L 200 40.91 93.21 10.22
CA LYS L 200 39.60 92.54 9.97
C LYS L 200 38.47 93.58 9.97
N ILE L 201 38.46 94.50 10.95
CA ILE L 201 37.46 95.61 11.06
C ILE L 201 37.59 96.51 9.83
N LYS L 202 38.83 96.82 9.41
CA LYS L 202 39.14 97.64 8.21
C LYS L 202 38.64 96.93 6.94
N ALA L 203 38.85 95.61 6.87
CA ALA L 203 38.47 94.74 5.71
C ALA L 203 36.94 94.62 5.59
N ARG L 204 36.21 94.67 6.71
CA ARG L 204 34.73 94.46 6.77
C ARG L 204 34.02 95.48 5.88
N LYS L 205 34.27 96.78 6.09
CA LYS L 205 33.69 97.88 5.26
C LYS L 205 34.38 97.90 3.89
N PRO M 1 0.66 44.00 43.81
CA PRO M 1 1.60 43.33 44.72
C PRO M 1 0.90 42.77 45.96
N VAL M 2 1.21 41.51 46.33
CA VAL M 2 0.64 40.79 47.50
C VAL M 2 1.76 40.00 48.18
N ALA M 3 1.66 39.80 49.50
CA ALA M 3 2.67 39.12 50.34
C ALA M 3 2.37 37.61 50.39
N ARG M 4 2.36 36.96 49.21
CA ARG M 4 2.05 35.52 49.02
C ARG M 4 3.11 34.89 48.10
N SER M 5 3.46 33.63 48.34
CA SER M 5 4.38 32.82 47.51
C SER M 5 3.57 31.96 46.53
N TRP M 6 4.07 31.78 45.31
CA TRP M 6 3.45 30.93 44.24
C TRP M 6 4.37 29.76 43.89
N VAL M 7 5.08 29.23 44.89
CA VAL M 7 6.05 28.10 44.73
C VAL M 7 5.29 26.79 44.94
N CYS M 8 4.68 26.26 43.88
CA CYS M 8 3.92 24.99 43.86
C CYS M 8 4.52 24.04 42.82
N ARG M 9 4.56 22.73 43.13
CA ARG M 9 5.29 21.69 42.36
C ARG M 9 4.40 20.46 42.15
N LYS M 10 4.46 19.85 40.96
CA LYS M 10 3.80 18.55 40.64
C LYS M 10 4.71 17.43 41.16
N THR M 11 4.12 16.40 41.79
CA THR M 11 4.84 15.33 42.54
C THR M 11 4.74 13.97 41.83
N TYR M 12 4.06 13.88 40.68
CA TYR M 12 3.88 12.62 39.89
C TYR M 12 4.02 12.91 38.39
N VAL M 13 4.52 11.93 37.64
CA VAL M 13 4.61 11.94 36.14
C VAL M 13 3.74 10.79 35.62
N THR M 14 2.80 11.10 34.72
CA THR M 14 1.92 10.12 34.02
C THR M 14 2.79 9.29 33.07
N PRO M 15 2.41 8.03 32.76
CA PRO M 15 3.16 7.21 31.81
C PRO M 15 3.00 7.71 30.37
N ARG M 16 4.00 7.45 29.52
CA ARG M 16 4.02 7.88 28.08
C ARG M 16 2.88 7.20 27.33
N ARG M 17 2.81 5.86 27.40
CA ARG M 17 1.76 5.03 26.76
C ARG M 17 0.66 4.75 27.80
N PRO M 18 -0.61 5.18 27.56
CA PRO M 18 -1.64 5.09 28.58
C PRO M 18 -2.08 3.65 28.88
N PHE M 19 -2.29 2.84 27.84
CA PHE M 19 -2.73 1.43 27.92
C PHE M 19 -1.57 0.53 27.47
N GLU M 20 -0.99 -0.23 28.41
CA GLU M 20 0.14 -1.17 28.16
C GLU M 20 0.12 -2.28 29.22
N LYS M 21 -0.26 -3.49 28.83
CA LYS M 21 -0.14 -4.72 29.69
C LYS M 21 1.34 -5.01 29.93
N SER M 22 1.66 -5.59 31.09
CA SER M 22 3.00 -5.76 31.69
C SER M 22 3.27 -4.61 32.67
N ARG M 23 2.92 -3.37 32.28
CA ARG M 23 3.04 -2.16 33.14
C ARG M 23 1.88 -2.14 34.14
N LEU M 24 0.64 -2.07 33.63
CA LEU M 24 -0.63 -2.00 34.44
C LEU M 24 -0.61 -3.09 35.52
N ASP M 25 -0.20 -4.30 35.14
CA ASP M 25 0.02 -5.46 36.06
C ASP M 25 0.97 -5.04 37.18
N GLN M 26 2.15 -4.54 36.82
CA GLN M 26 3.27 -4.20 37.76
C GLN M 26 2.78 -3.17 38.78
N GLU M 27 2.07 -2.13 38.33
CA GLU M 27 1.48 -1.08 39.21
C GLU M 27 0.40 -1.70 40.12
N LEU M 28 -0.46 -2.57 39.58
CA LEU M 28 -1.57 -3.19 40.35
C LEU M 28 -1.00 -4.16 41.40
N LYS M 29 0.10 -4.86 41.10
CA LYS M 29 0.85 -5.69 42.10
C LYS M 29 1.26 -4.81 43.28
N LEU M 30 1.88 -3.65 42.99
CA LEU M 30 2.36 -2.68 44.01
C LEU M 30 1.18 -2.18 44.87
N ILE M 31 0.07 -1.79 44.24
CA ILE M 31 -1.19 -1.37 44.93
C ILE M 31 -1.66 -2.52 45.83
N GLY M 32 -1.86 -3.71 45.24
CA GLY M 32 -2.34 -4.92 45.93
C GLY M 32 -1.49 -5.28 47.14
N GLU M 33 -0.16 -5.22 46.99
CA GLU M 33 0.83 -5.59 48.04
C GLU M 33 0.80 -4.58 49.20
N TYR M 34 0.69 -3.27 48.89
CA TYR M 34 0.82 -2.16 49.87
C TYR M 34 -0.46 -1.32 49.96
N GLY M 35 -1.62 -1.90 49.58
CA GLY M 35 -2.97 -1.34 49.79
C GLY M 35 -3.10 0.14 49.48
N LEU M 36 -2.47 0.60 48.38
CA LEU M 36 -2.49 2.02 47.95
C LEU M 36 -3.86 2.34 47.34
N ARG M 37 -4.26 3.61 47.38
CA ARG M 37 -5.61 4.07 46.96
C ARG M 37 -5.73 4.02 45.43
N ASN M 38 -4.81 4.68 44.72
CA ASN M 38 -4.83 4.85 43.24
C ASN M 38 -3.40 4.89 42.69
N LYS M 39 -3.27 4.87 41.36
CA LYS M 39 -1.97 4.74 40.65
C LYS M 39 -1.15 6.04 40.75
N ARG M 40 -1.75 7.16 41.15
CA ARG M 40 -1.04 8.43 41.46
C ARG M 40 0.03 8.17 42.53
N GLU M 41 -0.31 7.37 43.55
CA GLU M 41 0.56 7.09 44.73
C GLU M 41 1.79 6.26 44.31
N VAL M 42 1.66 5.39 43.30
CA VAL M 42 2.79 4.60 42.73
C VAL M 42 3.68 5.52 41.90
N TRP M 43 3.08 6.35 41.04
CA TRP M 43 3.78 7.34 40.17
C TRP M 43 4.53 8.35 41.03
N ARG M 44 3.94 8.78 42.17
CA ARG M 44 4.58 9.70 43.15
C ARG M 44 5.94 9.12 43.57
N VAL M 45 5.98 7.86 43.99
CA VAL M 45 7.18 7.17 44.53
C VAL M 45 8.18 6.94 43.38
N LYS M 46 7.70 6.60 42.18
CA LYS M 46 8.52 6.47 40.95
C LYS M 46 9.22 7.82 40.66
N PHE M 47 8.46 8.92 40.72
CA PHE M 47 8.95 10.31 40.44
C PHE M 47 10.04 10.69 41.45
N THR M 48 9.81 10.44 42.75
CA THR M 48 10.77 10.75 43.84
C THR M 48 12.05 9.92 43.66
N LEU M 49 11.91 8.62 43.41
CA LEU M 49 13.05 7.69 43.16
C LEU M 49 13.84 8.21 41.93
N ALA M 50 13.14 8.47 40.82
CA ALA M 50 13.72 8.96 39.55
C ALA M 50 14.57 10.21 39.80
N LYS M 51 14.07 11.17 40.59
CA LYS M 51 14.77 12.44 40.93
C LYS M 51 16.03 12.15 41.76
N ILE M 52 15.96 11.21 42.71
CA ILE M 52 17.13 10.76 43.53
C ILE M 52 18.15 10.11 42.60
N ARG M 53 17.71 9.25 41.68
CA ARG M 53 18.58 8.53 40.71
C ARG M 53 19.25 9.53 39.77
N LYS M 54 18.50 10.53 39.29
CA LYS M 54 19.02 11.59 38.37
C LYS M 54 20.09 12.42 39.09
N ALA M 55 19.89 12.69 40.39
CA ALA M 55 20.84 13.43 41.26
C ALA M 55 22.13 12.61 41.43
N ALA M 56 22.00 11.31 41.69
CA ALA M 56 23.14 10.36 41.80
C ALA M 56 23.90 10.28 40.47
N ARG M 57 23.16 10.14 39.35
CA ARG M 57 23.72 10.01 37.98
C ARG M 57 24.53 11.26 37.63
N GLU M 58 23.98 12.46 37.87
CA GLU M 58 24.64 13.75 37.53
C GLU M 58 25.79 14.05 38.51
N LEU M 59 25.82 13.41 39.69
CA LEU M 59 26.97 13.51 40.65
C LEU M 59 28.13 12.63 40.18
N LEU M 60 27.85 11.43 39.67
CA LEU M 60 28.87 10.42 39.23
C LEU M 60 29.84 11.02 38.19
N THR M 61 29.34 11.86 37.28
CA THR M 61 30.10 12.40 36.11
C THR M 61 31.27 13.29 36.59
N LEU M 62 31.13 13.96 37.75
CA LEU M 62 32.20 14.79 38.36
C LEU M 62 33.32 13.90 38.90
N ASP M 63 34.53 14.46 39.01
CA ASP M 63 35.77 13.74 39.44
C ASP M 63 35.67 13.38 40.93
N GLU M 64 36.39 12.35 41.36
CA GLU M 64 36.30 11.73 42.71
C GLU M 64 36.88 12.64 43.80
N LYS M 65 37.64 13.68 43.45
CA LYS M 65 38.33 14.60 44.41
C LYS M 65 37.58 15.93 44.56
N ASP M 66 36.49 16.16 43.80
CA ASP M 66 35.75 17.45 43.77
C ASP M 66 35.06 17.67 45.12
N PRO M 67 35.26 18.84 45.79
CA PRO M 67 34.57 19.13 47.05
C PRO M 67 33.04 19.07 46.97
N ARG M 68 32.47 19.58 45.87
CA ARG M 68 30.99 19.66 45.62
C ARG M 68 30.41 18.25 45.58
N ARG M 69 31.00 17.34 44.78
CA ARG M 69 30.56 15.93 44.64
C ARG M 69 30.61 15.22 46.00
N LEU M 70 31.72 15.38 46.72
CA LEU M 70 31.95 14.79 48.08
C LEU M 70 30.82 15.22 49.01
N PHE M 71 30.66 16.53 49.23
CA PHE M 71 29.67 17.14 50.15
C PHE M 71 28.24 16.69 49.79
N GLU M 72 27.84 16.88 48.53
CA GLU M 72 26.48 16.56 48.00
C GLU M 72 26.22 15.05 48.12
N GLY M 73 27.18 14.23 47.68
CA GLY M 73 27.13 12.76 47.76
C GLY M 73 26.88 12.27 49.17
N ASN M 74 27.70 12.74 50.13
CA ASN M 74 27.61 12.37 51.58
C ASN M 74 26.24 12.77 52.13
N ALA M 75 25.77 13.97 51.82
CA ALA M 75 24.46 14.52 52.26
C ALA M 75 23.31 13.63 51.76
N LEU M 76 23.34 13.26 50.46
CA LEU M 76 22.33 12.38 49.83
C LEU M 76 22.32 11.02 50.53
N LEU M 77 23.50 10.38 50.65
CA LEU M 77 23.68 9.05 51.29
C LEU M 77 23.21 9.10 52.75
N ARG M 78 23.59 10.14 53.50
CA ARG M 78 23.19 10.35 54.92
C ARG M 78 21.66 10.33 55.01
N ARG M 79 20.98 11.09 54.14
CA ARG M 79 19.50 11.22 54.12
C ARG M 79 18.85 9.86 53.76
N LEU M 80 19.43 9.11 52.82
CA LEU M 80 18.89 7.79 52.39
C LEU M 80 19.19 6.71 53.44
N VAL M 81 20.26 6.86 54.25
CA VAL M 81 20.53 6.00 55.44
C VAL M 81 19.53 6.37 56.55
N ARG M 82 19.30 7.68 56.75
CA ARG M 82 18.37 8.27 57.75
C ARG M 82 16.94 7.75 57.52
N ILE M 83 16.47 7.73 56.27
CA ILE M 83 15.07 7.35 55.91
C ILE M 83 14.92 5.82 56.00
N GLY M 84 15.99 5.06 55.74
CA GLY M 84 16.08 3.61 55.98
C GLY M 84 15.79 2.78 54.73
N VAL M 85 16.46 3.10 53.62
CA VAL M 85 16.47 2.32 52.35
C VAL M 85 17.89 1.81 52.05
N LEU M 86 18.83 2.00 52.98
CA LEU M 86 20.25 1.53 52.90
C LEU M 86 20.77 1.21 54.31
N ASP M 87 22.02 0.75 54.41
CA ASP M 87 22.76 0.53 55.68
C ASP M 87 24.18 1.11 55.56
N GLU M 88 24.91 1.16 56.68
CA GLU M 88 26.26 1.78 56.80
C GLU M 88 27.26 1.07 55.87
N GLY M 89 27.13 -0.25 55.70
CA GLY M 89 27.98 -1.06 54.80
C GLY M 89 27.85 -0.62 53.36
N LYS M 90 26.62 -0.68 52.82
CA LYS M 90 26.26 -0.21 51.45
C LYS M 90 25.92 1.28 51.51
N MET M 91 26.94 2.13 51.69
CA MET M 91 26.81 3.61 51.77
C MET M 91 27.76 4.25 50.74
N LYS M 92 27.80 3.69 49.53
CA LYS M 92 28.55 4.24 48.36
C LYS M 92 27.53 4.81 47.37
N LEU M 93 27.89 5.90 46.67
CA LEU M 93 27.01 6.62 45.71
C LEU M 93 26.57 5.66 44.60
N ASP M 94 27.49 4.80 44.13
CA ASP M 94 27.24 3.78 43.06
C ASP M 94 26.00 2.93 43.39
N TYR M 95 25.82 2.55 44.66
CA TYR M 95 24.72 1.64 45.12
C TYR M 95 23.36 2.35 45.11
N ILE M 96 23.31 3.70 45.04
CA ILE M 96 22.04 4.47 44.96
C ILE M 96 21.24 3.99 43.73
N LEU M 97 21.94 3.68 42.63
CA LEU M 97 21.35 3.21 41.35
C LEU M 97 20.70 1.83 41.51
N GLY M 98 21.12 1.03 42.50
CA GLY M 98 20.63 -0.33 42.77
C GLY M 98 19.43 -0.38 43.71
N LEU M 99 18.73 0.74 43.94
CA LEU M 99 17.46 0.80 44.71
C LEU M 99 16.29 0.57 43.75
N LYS M 100 15.08 0.35 44.29
CA LYS M 100 13.83 0.17 43.51
C LYS M 100 12.61 0.62 44.35
N ILE M 101 11.41 0.55 43.77
CA ILE M 101 10.14 1.14 44.31
C ILE M 101 9.77 0.42 45.61
N GLU M 102 10.02 -0.89 45.69
CA GLU M 102 9.73 -1.74 46.88
C GLU M 102 10.36 -1.11 48.12
N ASP M 103 11.65 -0.79 48.05
CA ASP M 103 12.48 -0.24 49.17
C ASP M 103 11.81 0.99 49.78
N PHE M 104 11.23 1.87 48.94
CA PHE M 104 10.57 3.14 49.36
C PHE M 104 9.16 2.88 49.89
N LEU M 105 8.40 1.98 49.26
CA LEU M 105 7.01 1.65 49.67
C LEU M 105 7.00 0.90 51.01
N GLU M 106 8.08 0.19 51.36
CA GLU M 106 8.26 -0.49 52.67
C GLU M 106 8.24 0.51 53.83
N ARG M 107 8.67 1.76 53.60
CA ARG M 107 8.86 2.81 54.65
C ARG M 107 7.59 3.62 54.89
N ARG M 108 6.48 3.35 54.18
CA ARG M 108 5.17 4.00 54.43
C ARG M 108 4.67 3.60 55.84
N LEU M 109 4.11 4.56 56.59
CA LEU M 109 3.55 4.32 57.95
C LEU M 109 2.51 3.18 57.89
N GLN M 110 1.67 3.18 56.86
CA GLN M 110 0.68 2.10 56.56
C GLN M 110 1.36 0.73 56.60
N THR M 111 2.47 0.59 55.85
CA THR M 111 3.25 -0.66 55.72
C THR M 111 3.86 -1.04 57.08
N GLN M 112 4.49 -0.09 57.78
CA GLN M 112 5.18 -0.35 59.08
C GLN M 112 4.15 -0.73 60.16
N VAL M 113 3.00 -0.04 60.22
CA VAL M 113 1.87 -0.35 61.13
C VAL M 113 1.41 -1.79 60.90
N PHE M 114 1.36 -2.25 59.64
CA PHE M 114 1.03 -3.65 59.28
C PHE M 114 2.17 -4.60 59.70
N LYS M 115 3.42 -4.23 59.41
CA LYS M 115 4.61 -5.10 59.60
C LYS M 115 4.95 -5.27 61.09
N LEU M 116 4.62 -4.30 61.95
CA LEU M 116 4.88 -4.38 63.43
C LEU M 116 3.75 -5.12 64.15
N GLY M 117 2.64 -5.43 63.47
CA GLY M 117 1.53 -6.25 64.00
C GLY M 117 0.59 -5.46 64.90
N LEU M 118 0.44 -4.16 64.65
CA LEU M 118 -0.62 -3.30 65.26
C LEU M 118 -1.94 -3.59 64.54
N ALA M 119 -1.92 -3.56 63.20
CA ALA M 119 -3.02 -3.97 62.31
C ALA M 119 -2.79 -5.42 61.86
N LYS M 120 -3.85 -6.11 61.45
CA LYS M 120 -3.86 -7.55 61.07
C LYS M 120 -4.09 -7.70 59.55
N SER M 121 -4.07 -6.60 58.79
CA SER M 121 -4.09 -6.59 57.31
C SER M 121 -3.57 -5.23 56.80
N ILE M 122 -3.00 -5.22 55.59
CA ILE M 122 -2.42 -4.00 54.93
C ILE M 122 -3.52 -2.95 54.71
N HIS M 123 -4.77 -3.39 54.50
CA HIS M 123 -5.95 -2.51 54.30
C HIS M 123 -6.40 -1.93 55.65
N HIS M 124 -6.37 -2.73 56.72
CA HIS M 124 -6.76 -2.34 58.11
C HIS M 124 -5.85 -1.20 58.61
N ALA M 125 -4.55 -1.30 58.33
CA ALA M 125 -3.51 -0.33 58.77
C ALA M 125 -3.84 1.08 58.27
N ARG M 126 -4.18 1.23 56.98
CA ARG M 126 -4.48 2.54 56.33
C ARG M 126 -5.69 3.17 57.02
N VAL M 127 -6.76 2.40 57.23
CA VAL M 127 -7.98 2.83 57.99
C VAL M 127 -7.54 3.23 59.40
N LEU M 128 -6.90 2.33 60.15
CA LEU M 128 -6.45 2.56 61.56
C LEU M 128 -5.67 3.87 61.67
N ILE M 129 -4.71 4.12 60.75
CA ILE M 129 -3.92 5.39 60.71
C ILE M 129 -4.89 6.56 60.47
N ARG M 130 -5.76 6.45 59.45
CA ARG M 130 -6.67 7.54 58.99
C ARG M 130 -7.71 7.86 60.08
N GLN M 131 -8.04 6.91 60.95
CA GLN M 131 -9.07 7.03 62.03
C GLN M 131 -8.46 7.66 63.30
N ARG M 132 -7.17 8.02 63.28
CA ARG M 132 -6.42 8.72 64.36
C ARG M 132 -6.21 7.75 65.55
N HIS M 133 -5.93 6.48 65.26
CA HIS M 133 -5.61 5.43 66.27
C HIS M 133 -4.10 5.34 66.50
N ILE M 134 -3.30 5.57 65.45
CA ILE M 134 -1.82 5.39 65.45
C ILE M 134 -1.16 6.72 65.81
N ARG M 135 -0.02 6.66 66.50
CA ARG M 135 0.85 7.84 66.82
C ARG M 135 2.32 7.42 66.88
N VAL M 136 3.18 8.26 66.30
CA VAL M 136 4.68 8.14 66.34
C VAL M 136 5.19 9.17 67.36
N ARG M 137 6.17 8.75 68.18
CA ARG M 137 6.70 9.51 69.34
C ARG M 137 5.52 9.89 70.24
N LYS M 138 5.23 11.17 70.44
CA LYS M 138 4.04 11.67 71.19
C LYS M 138 3.14 12.46 70.22
N GLN M 139 3.20 12.16 68.92
CA GLN M 139 2.50 12.91 67.84
C GLN M 139 1.52 11.98 67.13
N VAL M 140 0.22 12.31 67.17
CA VAL M 140 -0.88 11.54 66.50
C VAL M 140 -0.89 11.93 65.01
N VAL M 141 -0.43 11.04 64.14
CA VAL M 141 -0.39 11.23 62.66
C VAL M 141 -1.52 10.41 62.03
N ASN M 142 -2.19 10.95 61.00
CA ASN M 142 -3.22 10.24 60.20
C ASN M 142 -2.90 10.41 58.71
N ILE M 143 -1.63 10.17 58.35
CA ILE M 143 -1.08 10.28 56.96
C ILE M 143 -0.46 8.93 56.58
N PRO M 144 -1.18 8.08 55.81
CA PRO M 144 -0.62 6.82 55.30
C PRO M 144 0.75 6.96 54.61
N SER M 145 0.97 8.07 53.87
CA SER M 145 2.22 8.37 53.12
C SER M 145 3.27 9.04 54.02
N PHE M 146 3.09 9.07 55.34
CA PHE M 146 4.15 9.43 56.32
C PHE M 146 5.28 8.41 56.19
N ILE M 147 6.43 8.86 55.66
CA ILE M 147 7.64 8.02 55.45
C ILE M 147 8.42 8.01 56.77
N VAL M 148 8.47 6.87 57.45
CA VAL M 148 9.02 6.72 58.84
C VAL M 148 10.55 6.75 58.78
N ARG M 149 11.17 7.48 59.70
CA ARG M 149 12.65 7.62 59.84
C ARG M 149 13.18 6.37 60.55
N LEU M 150 14.43 5.99 60.29
CA LEU M 150 15.05 4.72 60.78
C LEU M 150 15.03 4.69 62.32
N ASP M 151 15.41 5.80 62.96
CA ASP M 151 15.52 5.93 64.45
C ASP M 151 14.13 6.09 65.08
N SER M 152 13.13 6.54 64.32
CA SER M 152 11.74 6.79 64.78
C SER M 152 10.87 5.53 64.69
N GLN M 153 11.44 4.41 64.22
CA GLN M 153 10.73 3.12 63.95
C GLN M 153 10.31 2.46 65.27
N LYS M 154 11.20 2.48 66.27
CA LYS M 154 11.13 1.62 67.50
C LYS M 154 10.00 2.05 68.46
N HIS M 155 9.16 3.03 68.10
CA HIS M 155 7.95 3.42 68.87
C HIS M 155 6.86 3.97 67.94
N ILE M 156 5.96 3.09 67.49
CA ILE M 156 4.64 3.43 66.87
C ILE M 156 3.57 2.86 67.79
N ASP M 157 2.97 3.69 68.60
CA ASP M 157 2.06 3.17 69.54
C ASP M 157 0.73 3.73 69.29
N PHE M 158 -0.24 3.10 69.90
CA PHE M 158 -1.57 3.54 69.74
C PHE M 158 -1.71 4.88 70.42
N SER M 159 -2.44 5.78 69.81
CA SER M 159 -2.60 7.09 70.40
C SER M 159 -3.39 6.87 71.62
N LEU M 160 -3.03 7.54 72.68
CA LEU M 160 -3.67 7.26 73.95
C LEU M 160 -5.13 7.49 74.00
N ARG M 161 -5.63 8.48 73.31
CA ARG M 161 -7.05 8.68 73.36
C ARG M 161 -7.81 7.49 72.83
N SER M 162 -7.36 6.93 71.73
CA SER M 162 -8.00 5.80 71.04
C SER M 162 -8.67 4.68 71.83
N PRO M 163 -9.82 4.20 71.36
CA PRO M 163 -10.51 3.11 72.02
C PRO M 163 -9.65 1.89 72.05
N TYR M 164 -8.99 1.59 70.97
CA TYR M 164 -8.13 0.44 70.94
C TYR M 164 -7.01 0.54 71.94
N GLY M 165 -6.42 1.69 72.10
CA GLY M 165 -5.34 1.77 73.05
C GLY M 165 -5.60 2.51 74.32
N GLY M 166 -6.06 3.72 74.19
CA GLY M 166 -6.26 4.58 75.34
C GLY M 166 -7.20 4.12 76.41
N GLY M 167 -8.30 3.52 76.04
CA GLY M 167 -9.19 3.03 77.06
C GLY M 167 -10.41 3.88 77.24
N ARG M 168 -11.04 4.22 76.14
CA ARG M 168 -12.29 5.05 76.14
C ARG M 168 -13.23 4.47 75.09
N PRO M 169 -14.42 3.93 75.46
CA PRO M 169 -15.32 3.34 74.47
C PRO M 169 -15.87 4.37 73.47
N GLY M 170 -15.99 4.00 72.19
CA GLY M 170 -16.46 4.84 71.09
C GLY M 170 -17.99 4.87 70.99
N ARG M 171 -18.52 5.45 69.92
CA ARG M 171 -19.97 5.65 69.67
C ARG M 171 -20.72 4.31 69.73
N VAL M 172 -20.22 3.31 69.01
CA VAL M 172 -20.86 1.95 68.89
C VAL M 172 -20.93 1.31 70.28
N LYS M 173 -19.81 1.28 71.00
CA LYS M 173 -19.70 0.67 72.36
C LYS M 173 -20.56 1.44 73.36
N ARG M 174 -20.53 2.79 73.31
CA ARG M 174 -21.36 3.70 74.15
C ARG M 174 -22.85 3.39 73.93
N LYS M 175 -23.29 3.37 72.67
CA LYS M 175 -24.70 3.14 72.26
C LYS M 175 -25.17 1.75 72.71
N ASN M 176 -24.32 0.73 72.49
CA ASN M 176 -24.58 -0.68 72.89
C ASN M 176 -24.58 -0.81 74.43
N ALA M 177 -23.74 -0.03 75.13
CA ALA M 177 -23.66 -0.01 76.61
C ALA M 177 -24.92 0.64 77.20
N LYS M 178 -25.44 1.71 76.58
CA LYS M 178 -26.67 2.43 77.03
C LYS M 178 -27.90 1.55 76.80
N LYS M 179 -27.97 0.86 75.66
CA LYS M 179 -29.12 -0.04 75.28
C LYS M 179 -28.89 -1.47 75.79
N GLY M 180 -27.74 -1.76 76.40
CA GLY M 180 -27.41 -3.07 76.99
C GLY M 180 -28.26 -3.37 78.22
N ASP N 1 -9.74 -65.02 -67.99
CA ASP N 1 -9.36 -63.61 -67.71
C ASP N 1 -10.45 -62.92 -66.89
N ILE N 2 -10.15 -61.72 -66.36
CA ILE N 2 -11.07 -60.89 -65.51
C ILE N 2 -11.60 -59.74 -66.36
N LYS N 3 -12.93 -59.57 -66.40
CA LYS N 3 -13.63 -58.52 -67.19
C LYS N 3 -14.69 -57.84 -66.32
N LEU N 4 -14.79 -56.51 -66.39
CA LEU N 4 -15.76 -55.70 -65.59
C LEU N 4 -17.19 -56.07 -66.02
N PHE N 5 -18.05 -56.38 -65.05
CA PHE N 5 -19.41 -56.96 -65.22
C PHE N 5 -19.33 -58.22 -66.09
N GLY N 6 -18.18 -58.90 -66.09
CA GLY N 6 -17.85 -60.04 -66.97
C GLY N 6 -18.12 -59.80 -68.43
N LYS N 7 -18.01 -58.55 -68.93
CA LYS N 7 -18.27 -58.23 -70.36
C LYS N 7 -17.47 -57.01 -70.87
N TRP N 8 -16.63 -56.36 -70.06
CA TRP N 8 -15.74 -55.23 -70.51
C TRP N 8 -14.29 -55.57 -70.16
N SER N 9 -13.42 -55.64 -71.18
CA SER N 9 -11.98 -56.01 -71.06
C SER N 9 -11.17 -54.79 -70.60
N THR N 10 -10.07 -55.03 -69.88
CA THR N 10 -9.20 -54.00 -69.24
C THR N 10 -7.79 -53.99 -69.86
N ASP N 11 -7.59 -54.67 -71.00
CA ASP N 11 -6.28 -54.75 -71.72
C ASP N 11 -6.26 -53.72 -72.87
N ASP N 12 -7.36 -53.56 -73.60
CA ASP N 12 -7.48 -52.67 -74.78
C ASP N 12 -7.56 -51.20 -74.35
N VAL N 13 -7.86 -50.92 -73.07
CA VAL N 13 -7.84 -49.54 -72.49
C VAL N 13 -6.40 -49.03 -72.51
N GLN N 14 -6.21 -47.74 -72.79
CA GLN N 14 -4.89 -47.07 -72.94
C GLN N 14 -4.92 -45.71 -72.23
N ILE N 15 -3.89 -45.40 -71.44
CA ILE N 15 -3.69 -44.08 -70.75
C ILE N 15 -2.91 -43.16 -71.70
N ASN N 16 -3.27 -41.88 -71.74
CA ASN N 16 -2.66 -40.84 -72.61
C ASN N 16 -1.44 -40.23 -71.89
N ASP N 17 -1.68 -39.52 -70.78
CA ASP N 17 -0.68 -38.68 -70.06
C ASP N 17 0.02 -39.53 -69.00
N ILE N 18 1.35 -39.42 -68.90
CA ILE N 18 2.20 -40.17 -67.93
C ILE N 18 1.92 -39.69 -66.49
N SER N 19 1.58 -38.41 -66.31
CA SER N 19 1.32 -37.75 -65.00
C SER N 19 0.31 -38.56 -64.16
N LEU N 20 -0.76 -39.06 -64.80
CA LEU N 20 -1.87 -39.79 -64.12
C LEU N 20 -1.75 -41.30 -64.33
N GLN N 21 -0.65 -41.77 -64.95
CA GLN N 21 -0.45 -43.20 -65.36
C GLN N 21 -0.41 -44.12 -64.13
N ASP N 22 -0.01 -43.61 -62.97
CA ASP N 22 0.07 -44.36 -61.69
C ASP N 22 -0.99 -43.84 -60.69
N TYR N 23 -2.00 -43.09 -61.16
CA TYR N 23 -3.11 -42.53 -60.33
C TYR N 23 -4.49 -42.85 -60.93
N ILE N 24 -4.56 -43.68 -61.98
CA ILE N 24 -5.81 -44.32 -62.48
C ILE N 24 -5.57 -45.84 -62.49
N ALA N 25 -6.21 -46.56 -61.58
CA ALA N 25 -5.88 -47.95 -61.18
C ALA N 25 -6.23 -48.94 -62.29
N VAL N 26 -7.35 -48.74 -63.02
CA VAL N 26 -7.92 -49.74 -63.98
C VAL N 26 -6.83 -50.24 -64.94
N LYS N 27 -6.31 -51.45 -64.67
CA LYS N 27 -5.21 -52.11 -65.42
C LYS N 27 -5.22 -53.60 -65.05
N GLU N 28 -4.23 -54.37 -65.51
CA GLU N 28 -4.18 -55.86 -65.43
C GLU N 28 -4.40 -56.33 -63.99
N LYS N 29 -3.61 -55.80 -63.04
CA LYS N 29 -3.55 -56.31 -61.64
C LYS N 29 -4.67 -55.70 -60.77
N TYR N 30 -5.41 -54.71 -61.29
CA TYR N 30 -6.56 -54.06 -60.60
C TYR N 30 -7.89 -54.44 -61.27
N ALA N 31 -7.89 -55.45 -62.15
CA ALA N 31 -9.08 -55.93 -62.89
C ALA N 31 -10.02 -56.66 -61.93
N LYS N 32 -11.22 -56.11 -61.71
CA LYS N 32 -12.27 -56.65 -60.80
C LYS N 32 -13.56 -56.88 -61.59
N TYR N 33 -14.34 -57.89 -61.19
CA TYR N 33 -15.62 -58.28 -61.84
C TYR N 33 -16.70 -57.22 -61.57
N LEU N 34 -16.73 -56.64 -60.36
CA LEU N 34 -17.71 -55.60 -59.96
C LEU N 34 -16.97 -54.40 -59.36
N PRO N 35 -17.56 -53.17 -59.43
CA PRO N 35 -17.05 -52.02 -58.68
C PRO N 35 -17.03 -52.25 -57.16
N HIS N 36 -18.08 -52.89 -56.62
CA HIS N 36 -18.30 -53.13 -55.17
C HIS N 36 -17.19 -54.03 -54.61
N SER N 37 -16.26 -53.43 -53.84
CA SER N 37 -15.09 -54.11 -53.21
C SER N 37 -15.24 -54.17 -51.69
N ALA N 38 -15.74 -53.09 -51.06
CA ALA N 38 -15.83 -52.91 -49.59
C ALA N 38 -14.43 -53.05 -48.97
N GLY N 39 -13.45 -52.36 -49.55
CA GLY N 39 -12.04 -52.32 -49.08
C GLY N 39 -11.82 -51.19 -48.10
N ARG N 40 -10.62 -51.14 -47.50
CA ARG N 40 -10.20 -50.12 -46.50
C ARG N 40 -9.32 -49.08 -47.21
N TYR N 41 -9.77 -48.56 -48.36
CA TYR N 41 -8.97 -47.71 -49.27
C TYR N 41 -8.94 -46.26 -48.79
N ALA N 42 -9.79 -45.88 -47.82
CA ALA N 42 -9.79 -44.56 -47.14
C ALA N 42 -9.30 -44.72 -45.70
N ALA N 43 -8.36 -45.64 -45.46
CA ALA N 43 -7.79 -45.97 -44.13
C ALA N 43 -6.66 -44.98 -43.78
N LYS N 44 -5.72 -44.78 -44.71
CA LYS N 44 -4.60 -43.81 -44.57
C LYS N 44 -4.35 -43.11 -45.93
N ARG N 45 -3.23 -42.39 -46.04
CA ARG N 45 -2.92 -41.46 -47.16
C ARG N 45 -2.42 -42.25 -48.39
N PHE N 46 -2.83 -41.83 -49.59
CA PHE N 46 -2.43 -42.36 -50.92
C PHE N 46 -2.83 -43.84 -51.09
N ARG N 47 -3.85 -44.31 -50.36
CA ARG N 47 -4.36 -45.70 -50.46
C ARG N 47 -5.47 -45.76 -51.52
N LYS N 48 -6.25 -44.68 -51.67
CA LYS N 48 -7.38 -44.60 -52.65
C LYS N 48 -6.84 -44.51 -54.07
N ALA N 49 -5.57 -44.16 -54.27
CA ALA N 49 -4.85 -44.25 -55.57
C ALA N 49 -4.95 -45.68 -56.13
N GLN N 50 -4.93 -46.70 -55.26
CA GLN N 50 -5.00 -48.15 -55.61
C GLN N 50 -6.45 -48.64 -55.70
N CYS N 51 -7.44 -47.77 -55.46
CA CYS N 51 -8.90 -48.07 -55.65
C CYS N 51 -9.20 -48.09 -57.15
N PRO N 52 -9.89 -49.14 -57.69
CA PRO N 52 -10.35 -49.12 -59.08
C PRO N 52 -11.16 -47.85 -59.41
N ILE N 53 -10.87 -47.21 -60.54
CA ILE N 53 -11.47 -45.89 -60.94
C ILE N 53 -12.99 -46.02 -61.08
N VAL N 54 -13.48 -47.19 -61.50
CA VAL N 54 -14.94 -47.51 -61.59
C VAL N 54 -15.55 -47.48 -60.17
N GLU N 55 -14.83 -47.98 -59.16
CA GLU N 55 -15.28 -47.97 -57.74
C GLU N 55 -15.31 -46.51 -57.24
N ARG N 56 -14.29 -45.73 -57.57
CA ARG N 56 -14.19 -44.27 -57.21
C ARG N 56 -15.39 -43.53 -57.80
N LEU N 57 -15.80 -43.86 -59.04
CA LEU N 57 -16.96 -43.24 -59.74
C LEU N 57 -18.25 -43.60 -59.00
N THR N 58 -18.51 -44.89 -58.78
CA THR N 58 -19.75 -45.41 -58.13
C THR N 58 -19.82 -44.96 -56.66
N ASN N 59 -18.67 -44.79 -55.99
CA ASN N 59 -18.59 -44.27 -54.61
C ASN N 59 -18.97 -42.78 -54.58
N SER N 60 -18.44 -42.00 -55.52
CA SER N 60 -18.73 -40.54 -55.64
C SER N 60 -20.11 -40.31 -56.28
N MET N 61 -20.81 -41.37 -56.70
CA MET N 61 -22.17 -41.29 -57.31
C MET N 61 -23.24 -41.13 -56.22
N MET N 62 -23.09 -41.85 -55.09
CA MET N 62 -24.09 -41.89 -53.97
C MET N 62 -23.80 -40.74 -53.00
N MET N 63 -24.11 -39.50 -53.41
CA MET N 63 -23.60 -38.26 -52.75
C MET N 63 -24.68 -37.60 -51.88
N HIS N 64 -25.82 -37.20 -52.47
CA HIS N 64 -26.83 -36.35 -51.78
C HIS N 64 -27.58 -37.15 -50.71
N GLY N 65 -28.30 -36.43 -49.84
CA GLY N 65 -28.85 -36.93 -48.56
C GLY N 65 -29.64 -38.21 -48.71
N ARG N 66 -30.45 -38.32 -49.72
CA ARG N 66 -31.26 -39.46 -49.86
C ARG N 66 -30.60 -40.68 -50.37
N ASN N 67 -29.39 -40.59 -50.82
CA ASN N 67 -28.77 -41.78 -51.34
C ASN N 67 -27.47 -42.00 -50.77
N ASN N 68 -27.30 -41.71 -49.52
CA ASN N 68 -26.01 -41.88 -48.93
C ASN N 68 -25.42 -43.24 -48.84
N GLY N 69 -26.20 -44.22 -48.52
CA GLY N 69 -25.62 -45.53 -48.44
C GLY N 69 -26.48 -46.34 -49.33
N LYS N 70 -26.41 -46.03 -50.60
CA LYS N 70 -27.18 -46.78 -51.50
C LYS N 70 -26.29 -47.12 -52.62
N LYS N 71 -25.25 -47.87 -52.31
CA LYS N 71 -24.29 -48.32 -53.28
C LYS N 71 -24.80 -49.31 -54.29
N LEU N 72 -25.60 -50.26 -53.84
CA LEU N 72 -26.08 -51.31 -54.71
C LEU N 72 -26.82 -50.79 -55.88
N MET N 73 -27.29 -49.58 -55.76
CA MET N 73 -28.07 -48.93 -56.85
C MET N 73 -27.14 -48.12 -57.77
N THR N 74 -26.09 -47.49 -57.24
CA THR N 74 -25.09 -46.74 -58.05
C THR N 74 -24.33 -47.72 -58.96
N VAL N 75 -24.04 -48.94 -58.46
CA VAL N 75 -23.37 -50.01 -59.25
C VAL N 75 -24.20 -50.35 -60.50
N ARG N 76 -25.53 -50.43 -60.37
CA ARG N 76 -26.43 -50.73 -61.52
C ARG N 76 -26.61 -49.48 -62.40
N ILE N 77 -26.54 -48.27 -61.81
CA ILE N 77 -26.54 -46.98 -62.56
C ILE N 77 -25.30 -46.96 -63.47
N VAL N 78 -24.13 -47.26 -62.91
CA VAL N 78 -22.82 -47.33 -63.64
C VAL N 78 -22.87 -48.46 -64.68
N LYS N 79 -23.47 -49.61 -64.34
CA LYS N 79 -23.63 -50.77 -65.26
C LYS N 79 -24.44 -50.33 -66.49
N HIS N 80 -25.63 -49.73 -66.27
CA HIS N 80 -26.53 -49.21 -67.33
C HIS N 80 -25.80 -48.11 -68.12
N ALA N 81 -25.16 -47.18 -67.43
CA ALA N 81 -24.37 -46.06 -68.01
C ALA N 81 -23.31 -46.62 -68.98
N PHE N 82 -22.53 -47.62 -68.54
CA PHE N 82 -21.48 -48.30 -69.34
C PHE N 82 -22.10 -48.93 -70.60
N GLU N 83 -23.27 -49.56 -70.47
CA GLU N 83 -24.02 -50.17 -71.62
C GLU N 83 -24.46 -49.08 -72.60
N ILE N 84 -25.01 -47.99 -72.08
CA ILE N 84 -25.45 -46.80 -72.89
C ILE N 84 -24.23 -46.23 -73.63
N ILE N 85 -23.13 -46.02 -72.91
CA ILE N 85 -21.82 -45.52 -73.47
C ILE N 85 -21.45 -46.39 -74.68
N HIS N 86 -21.32 -47.70 -74.48
CA HIS N 86 -20.94 -48.68 -75.53
C HIS N 86 -21.90 -48.61 -76.72
N LEU N 87 -23.20 -48.50 -76.47
CA LEU N 87 -24.24 -48.39 -77.54
C LEU N 87 -24.04 -47.10 -78.34
N LEU N 88 -23.80 -45.96 -77.67
CA LEU N 88 -23.68 -44.64 -78.33
C LEU N 88 -22.39 -44.57 -79.16
N THR N 89 -21.22 -44.70 -78.52
CA THR N 89 -19.89 -44.40 -79.13
C THR N 89 -19.32 -45.64 -79.84
N GLY N 90 -19.55 -46.86 -79.31
CA GLY N 90 -19.14 -48.12 -79.96
C GLY N 90 -18.03 -48.83 -79.20
N GLU N 91 -17.00 -48.10 -78.75
CA GLU N 91 -15.75 -48.67 -78.17
C GLU N 91 -15.91 -48.90 -76.66
N ASN N 92 -14.84 -49.36 -76.00
CA ASN N 92 -14.78 -49.75 -74.57
C ASN N 92 -15.15 -48.55 -73.68
N PRO N 93 -16.21 -48.67 -72.84
CA PRO N 93 -16.57 -47.59 -71.90
C PRO N 93 -15.44 -47.11 -70.96
N LEU N 94 -14.61 -48.05 -70.48
CA LEU N 94 -13.45 -47.77 -69.57
C LEU N 94 -12.51 -46.75 -70.21
N GLN N 95 -12.30 -46.83 -71.53
CA GLN N 95 -11.51 -45.85 -72.32
C GLN N 95 -12.17 -44.47 -72.26
N VAL N 96 -13.50 -44.42 -72.45
CA VAL N 96 -14.31 -43.16 -72.43
C VAL N 96 -14.21 -42.54 -71.03
N LEU N 97 -14.38 -43.35 -69.97
CA LEU N 97 -14.23 -42.92 -68.55
C LEU N 97 -12.84 -42.29 -68.35
N VAL N 98 -11.78 -43.00 -68.74
CA VAL N 98 -10.36 -42.55 -68.60
C VAL N 98 -10.17 -41.25 -69.38
N ASN N 99 -10.65 -41.19 -70.64
CA ASN N 99 -10.59 -39.98 -71.50
C ASN N 99 -11.29 -38.80 -70.81
N ALA N 100 -12.47 -39.04 -70.23
CA ALA N 100 -13.28 -38.04 -69.50
C ALA N 100 -12.48 -37.47 -68.31
N ILE N 101 -11.90 -38.35 -67.49
CA ILE N 101 -11.09 -37.99 -66.29
C ILE N 101 -9.80 -37.27 -66.73
N ILE N 102 -9.17 -37.72 -67.81
CA ILE N 102 -7.95 -37.09 -68.41
C ILE N 102 -8.28 -35.63 -68.78
N ASN N 103 -9.37 -35.41 -69.51
CA ASN N 103 -9.79 -34.06 -70.00
C ASN N 103 -10.25 -33.18 -68.82
N SER N 104 -11.11 -33.71 -67.95
CA SER N 104 -11.89 -32.95 -66.94
C SER N 104 -11.01 -32.35 -65.82
N GLY N 105 -9.85 -32.96 -65.52
CA GLY N 105 -8.96 -32.57 -64.41
C GLY N 105 -8.35 -31.17 -64.61
N PRO N 106 -8.60 -30.18 -63.71
CA PRO N 106 -7.94 -28.88 -63.79
C PRO N 106 -6.43 -28.97 -63.49
N ARG N 107 -5.61 -28.32 -64.31
CA ARG N 107 -4.12 -28.41 -64.30
C ARG N 107 -3.52 -27.30 -63.42
N GLU N 108 -4.15 -26.14 -63.34
CA GLU N 108 -3.72 -24.98 -62.50
C GLU N 108 -4.92 -24.41 -61.74
N ASP N 109 -4.88 -24.44 -60.41
CA ASP N 109 -5.97 -23.97 -59.51
C ASP N 109 -5.55 -22.63 -58.88
N SER N 110 -6.42 -22.02 -58.07
CA SER N 110 -6.18 -20.76 -57.33
C SER N 110 -6.35 -21.00 -55.83
N THR N 111 -5.40 -20.53 -55.00
CA THR N 111 -5.38 -20.68 -53.53
C THR N 111 -5.56 -19.31 -52.86
N ARG N 112 -6.26 -19.27 -51.72
CA ARG N 112 -6.60 -18.05 -50.94
C ARG N 112 -5.43 -17.68 -50.03
N ILE N 113 -4.77 -16.55 -50.32
CA ILE N 113 -3.78 -15.89 -49.42
C ILE N 113 -4.22 -14.42 -49.24
N GLY N 114 -4.64 -14.06 -48.02
CA GLY N 114 -5.18 -12.73 -47.67
C GLY N 114 -6.20 -12.80 -46.55
N ARG N 115 -7.20 -11.91 -46.57
CA ARG N 115 -8.25 -11.77 -45.54
C ARG N 115 -9.60 -12.25 -46.12
N ALA N 116 -10.61 -12.39 -45.26
CA ALA N 116 -12.01 -12.76 -45.62
C ALA N 116 -12.78 -11.49 -46.01
N GLY N 117 -13.73 -11.62 -46.95
CA GLY N 117 -14.49 -10.51 -47.55
C GLY N 117 -13.89 -10.09 -48.89
N THR N 118 -12.63 -9.64 -48.86
CA THR N 118 -11.82 -9.30 -50.06
C THR N 118 -11.41 -10.60 -50.78
N VAL N 119 -11.24 -10.54 -52.10
CA VAL N 119 -10.78 -11.69 -52.95
C VAL N 119 -9.35 -11.36 -53.44
N ARG N 120 -8.38 -12.19 -53.04
CA ARG N 120 -6.96 -12.10 -53.48
C ARG N 120 -6.39 -13.53 -53.49
N ARG N 121 -6.17 -14.09 -54.68
CA ARG N 121 -5.84 -15.52 -54.89
C ARG N 121 -4.52 -15.64 -55.67
N GLN N 122 -3.70 -16.62 -55.31
CA GLN N 122 -2.44 -16.99 -56.02
C GLN N 122 -2.71 -18.26 -56.84
N ALA N 123 -2.34 -18.25 -58.13
CA ALA N 123 -2.51 -19.42 -59.03
C ALA N 123 -1.38 -20.42 -58.76
N VAL N 124 -1.75 -21.70 -58.54
CA VAL N 124 -0.84 -22.80 -58.11
C VAL N 124 -1.13 -24.04 -58.94
N ASP N 125 -0.20 -25.01 -58.92
CA ASP N 125 -0.29 -26.30 -59.65
C ASP N 125 -1.20 -27.25 -58.88
N VAL N 126 -1.73 -28.28 -59.56
CA VAL N 126 -2.67 -29.29 -59.00
C VAL N 126 -2.01 -30.66 -59.07
N SER N 127 -2.00 -31.39 -57.95
CA SER N 127 -1.40 -32.74 -57.82
C SER N 127 -2.22 -33.74 -58.65
N PRO N 128 -1.58 -34.82 -59.19
CA PRO N 128 -2.29 -35.78 -60.04
C PRO N 128 -3.50 -36.44 -59.36
N LEU N 129 -3.42 -36.72 -58.06
CA LEU N 129 -4.52 -37.27 -57.25
C LEU N 129 -5.67 -36.25 -57.19
N ARG N 130 -5.36 -34.99 -56.87
CA ARG N 130 -6.35 -33.88 -56.76
C ARG N 130 -7.02 -33.65 -58.13
N ARG N 131 -6.26 -33.79 -59.23
CA ARG N 131 -6.80 -33.74 -60.62
C ARG N 131 -7.86 -34.83 -60.80
N VAL N 132 -7.55 -36.08 -60.41
CA VAL N 132 -8.47 -37.25 -60.50
C VAL N 132 -9.69 -36.99 -59.60
N ASN N 133 -9.48 -36.51 -58.37
CA ASN N 133 -10.56 -36.22 -57.38
C ASN N 133 -11.57 -35.24 -57.98
N GLN N 134 -11.12 -34.05 -58.39
CA GLN N 134 -11.98 -32.97 -58.93
C GLN N 134 -12.68 -33.44 -60.21
N ALA N 135 -11.96 -34.16 -61.09
CA ALA N 135 -12.50 -34.71 -62.36
C ALA N 135 -13.74 -35.56 -62.07
N ILE N 136 -13.62 -36.54 -61.17
CA ILE N 136 -14.73 -37.48 -60.76
C ILE N 136 -15.87 -36.64 -60.15
N TRP N 137 -15.53 -35.79 -59.18
CA TRP N 137 -16.49 -34.92 -58.45
C TRP N 137 -17.33 -34.09 -59.44
N LEU N 138 -16.66 -33.44 -60.40
CA LEU N 138 -17.27 -32.55 -61.43
C LEU N 138 -18.19 -33.36 -62.36
N LEU N 139 -17.72 -34.54 -62.81
CA LEU N 139 -18.50 -35.45 -63.69
C LEU N 139 -19.82 -35.83 -63.01
N CYS N 140 -19.76 -36.31 -61.77
CA CYS N 140 -20.94 -36.77 -60.97
C CYS N 140 -21.91 -35.60 -60.73
N THR N 141 -21.41 -34.44 -60.31
CA THR N 141 -22.23 -33.22 -60.05
C THR N 141 -22.93 -32.76 -61.34
N GLY N 142 -22.23 -32.84 -62.47
CA GLY N 142 -22.78 -32.56 -63.81
C GLY N 142 -23.92 -33.51 -64.16
N ALA N 143 -23.71 -34.81 -63.96
CA ALA N 143 -24.70 -35.88 -64.18
C ALA N 143 -25.92 -35.65 -63.30
N ARG N 144 -25.66 -35.60 -62.01
CA ARG N 144 -26.65 -35.42 -61.00
C ARG N 144 -27.46 -34.24 -61.33
N GLU N 145 -26.80 -33.12 -61.37
CA GLU N 145 -27.51 -31.88 -61.57
C GLU N 145 -28.24 -31.82 -62.87
N ALA N 146 -27.68 -32.33 -63.93
CA ALA N 146 -28.36 -32.30 -65.19
C ALA N 146 -29.65 -33.06 -65.20
N ALA N 147 -29.70 -34.19 -64.52
CA ALA N 147 -30.88 -35.03 -64.55
C ALA N 147 -31.81 -34.93 -63.34
N PHE N 148 -31.66 -33.91 -62.54
CA PHE N 148 -32.48 -33.80 -61.36
C PHE N 148 -33.95 -33.66 -61.54
N ARG N 149 -34.39 -32.81 -62.43
CA ARG N 149 -35.80 -32.60 -62.53
C ARG N 149 -36.38 -32.78 -63.88
N ASN N 150 -35.74 -33.59 -64.68
CA ASN N 150 -36.23 -33.81 -66.02
C ASN N 150 -36.32 -35.27 -66.29
N ILE N 151 -36.98 -35.64 -67.34
CA ILE N 151 -37.21 -37.03 -67.62
C ILE N 151 -36.09 -37.98 -67.83
N LYS N 152 -35.03 -37.62 -68.50
CA LYS N 152 -33.97 -38.57 -68.72
C LYS N 152 -33.40 -39.02 -67.42
N THR N 153 -33.05 -40.29 -67.38
CA THR N 153 -32.60 -40.96 -66.13
C THR N 153 -31.14 -40.61 -65.83
N ILE N 154 -30.69 -40.95 -64.62
CA ILE N 154 -29.29 -40.74 -64.12
C ILE N 154 -28.31 -41.53 -65.00
N ALA N 155 -28.66 -42.75 -65.42
CA ALA N 155 -27.81 -43.66 -66.22
C ALA N 155 -27.38 -43.00 -67.53
N GLU N 156 -28.36 -42.56 -68.33
CA GLU N 156 -28.13 -41.95 -69.68
C GLU N 156 -27.59 -40.52 -69.53
N CYS N 157 -27.92 -39.81 -68.43
CA CYS N 157 -27.33 -38.49 -68.08
C CYS N 157 -25.83 -38.63 -67.80
N LEU N 158 -25.45 -39.62 -66.99
CA LEU N 158 -24.03 -39.95 -66.67
C LEU N 158 -23.30 -40.34 -67.97
N ALA N 159 -23.94 -41.14 -68.81
CA ALA N 159 -23.41 -41.55 -70.14
C ALA N 159 -23.19 -40.31 -71.01
N ASP N 160 -24.25 -39.52 -71.25
CA ASP N 160 -24.21 -38.24 -72.02
C ASP N 160 -23.07 -37.36 -71.53
N GLU N 161 -22.95 -37.19 -70.20
CA GLU N 161 -21.91 -36.37 -69.53
C GLU N 161 -20.51 -36.90 -69.90
N LEU N 162 -20.31 -38.23 -69.82
CA LEU N 162 -18.98 -38.87 -70.07
C LEU N 162 -18.66 -38.85 -71.58
N ILE N 163 -19.66 -39.03 -72.45
CA ILE N 163 -19.52 -38.88 -73.94
C ILE N 163 -18.99 -37.46 -74.22
N ASN N 164 -19.65 -36.43 -73.71
CA ASN N 164 -19.28 -35.00 -73.90
C ASN N 164 -17.88 -34.75 -73.32
N ALA N 165 -17.65 -35.17 -72.07
CA ALA N 165 -16.40 -34.91 -71.30
C ALA N 165 -15.19 -35.57 -72.00
N ALA N 166 -15.33 -36.81 -72.48
CA ALA N 166 -14.26 -37.63 -73.10
C ALA N 166 -13.73 -36.98 -74.38
N LYS N 167 -14.62 -36.42 -75.21
CA LYS N 167 -14.28 -35.76 -76.50
C LYS N 167 -14.24 -34.23 -76.34
N GLY N 168 -14.24 -33.73 -75.09
CA GLY N 168 -13.96 -32.32 -74.74
C GLY N 168 -15.01 -31.36 -75.25
N SER N 169 -16.29 -31.77 -75.25
CA SER N 169 -17.45 -30.95 -75.69
C SER N 169 -17.71 -29.85 -74.66
N SER N 170 -18.02 -28.64 -75.14
CA SER N 170 -18.33 -27.43 -74.32
C SER N 170 -19.61 -27.65 -73.50
N ASN N 171 -20.48 -28.56 -73.92
CA ASN N 171 -21.80 -28.86 -73.28
C ASN N 171 -21.59 -29.50 -71.91
N SER N 172 -20.51 -30.27 -71.71
CA SER N 172 -20.15 -30.95 -70.44
C SER N 172 -19.97 -29.91 -69.32
N TYR N 173 -20.63 -30.13 -68.18
CA TYR N 173 -20.54 -29.30 -66.94
C TYR N 173 -19.10 -29.31 -66.41
N ALA N 174 -18.46 -30.47 -66.43
CA ALA N 174 -17.08 -30.72 -65.93
C ALA N 174 -16.06 -29.90 -66.73
N ILE N 175 -16.24 -29.80 -68.05
CA ILE N 175 -15.34 -29.04 -68.98
C ILE N 175 -15.50 -27.54 -68.72
N LYS N 176 -16.75 -27.07 -68.63
CA LYS N 176 -17.11 -25.65 -68.32
C LYS N 176 -16.43 -25.23 -67.01
N LYS N 177 -16.55 -26.04 -65.95
CA LYS N 177 -16.01 -25.71 -64.60
C LYS N 177 -14.47 -25.73 -64.63
N LYS N 178 -13.86 -26.74 -65.25
CA LYS N 178 -12.39 -26.82 -65.47
C LYS N 178 -11.93 -25.55 -66.19
N ASP N 179 -12.52 -25.25 -67.34
CA ASP N 179 -12.23 -24.05 -68.18
C ASP N 179 -12.26 -22.80 -67.30
N GLU N 180 -13.30 -22.65 -66.47
CA GLU N 180 -13.51 -21.46 -65.60
C GLU N 180 -12.42 -21.39 -64.52
N LEU N 181 -12.12 -22.50 -63.85
CA LEU N 181 -11.08 -22.60 -62.78
C LEU N 181 -9.70 -22.21 -63.36
N GLU N 182 -9.36 -22.71 -64.55
CA GLU N 182 -8.08 -22.40 -65.24
C GLU N 182 -8.09 -20.93 -65.72
N ARG N 183 -9.25 -20.41 -66.14
CA ARG N 183 -9.42 -18.98 -66.54
C ARG N 183 -9.23 -18.07 -65.33
N VAL N 184 -9.68 -18.49 -64.14
CA VAL N 184 -9.51 -17.73 -62.86
C VAL N 184 -8.04 -17.77 -62.44
N ALA N 185 -7.36 -18.92 -62.59
CA ALA N 185 -5.90 -19.07 -62.38
C ALA N 185 -5.15 -18.16 -63.37
N LYS N 186 -5.61 -18.12 -64.63
CA LYS N 186 -5.07 -17.25 -65.72
C LYS N 186 -5.31 -15.77 -65.38
N SER N 187 -6.45 -15.44 -64.74
CA SER N 187 -6.80 -14.06 -64.33
C SER N 187 -5.87 -13.60 -63.19
N ASN N 188 -5.59 -14.48 -62.22
CA ASN N 188 -4.66 -14.20 -61.09
C ASN N 188 -3.23 -14.23 -61.59
N ARG N 189 -2.65 -15.42 -61.82
CA ARG N 189 -1.23 -15.66 -62.16
C ARG N 189 -0.32 -14.87 -61.20
N ALA O 1 46.95 83.92 8.88
CA ALA O 1 48.33 83.51 9.17
C ALA O 1 48.48 82.04 8.93
N ASP O 2 49.63 81.51 9.28
CA ASP O 2 49.83 80.10 9.10
C ASP O 2 48.89 79.33 10.00
N ILE O 3 48.75 79.78 11.24
CA ILE O 3 47.88 79.13 12.14
C ILE O 3 46.50 79.73 12.16
N GLN O 4 46.37 80.90 11.57
CA GLN O 4 45.13 81.65 11.60
C GLN O 4 44.01 81.56 10.57
N THR O 5 43.41 80.41 10.37
CA THR O 5 42.37 80.31 9.37
C THR O 5 41.00 81.02 9.53
N GLU O 6 40.42 81.00 10.72
CA GLU O 6 39.06 81.50 10.89
C GLU O 6 38.76 82.97 11.04
N ARG O 7 37.47 83.25 11.32
CA ARG O 7 36.95 84.63 11.52
C ARG O 7 37.43 85.19 12.87
N ALA O 8 37.40 84.36 13.93
CA ALA O 8 37.87 84.69 15.30
C ALA O 8 39.37 84.40 15.40
N TYR O 9 40.04 85.01 16.40
CA TYR O 9 41.48 84.81 16.71
C TYR O 9 41.66 83.47 17.42
N GLN O 10 42.68 82.71 17.02
CA GLN O 10 43.06 81.38 17.59
C GLN O 10 44.21 81.59 18.58
N LYS O 11 44.09 81.03 19.79
CA LYS O 11 45.12 81.13 20.87
C LYS O 11 44.78 80.15 21.99
N GLN O 12 45.79 79.56 22.62
CA GLN O 12 45.64 78.63 23.78
C GLN O 12 45.18 79.44 24.98
N PRO O 13 44.04 79.07 25.63
CA PRO O 13 43.42 79.93 26.65
C PRO O 13 44.27 80.16 27.90
N THR O 14 45.07 79.15 28.30
CA THR O 14 46.01 79.22 29.45
C THR O 14 47.16 80.18 29.16
N ILE O 15 47.61 80.25 27.90
CA ILE O 15 48.78 81.06 27.46
C ILE O 15 48.36 82.54 27.35
N PHE O 16 49.13 83.43 27.98
CA PHE O 16 49.05 84.91 27.81
C PHE O 16 50.20 85.36 26.91
N GLN O 17 49.89 86.17 25.89
CA GLN O 17 50.80 86.50 24.76
C GLN O 17 50.95 88.03 24.62
N ASN O 18 50.83 88.78 25.72
CA ASN O 18 50.93 90.27 25.73
C ASN O 18 51.64 90.72 27.00
N LYS O 19 52.86 90.20 27.23
CA LYS O 19 53.77 90.61 28.33
C LYS O 19 54.57 91.85 27.89
N LYS O 20 54.94 92.69 28.86
CA LYS O 20 55.80 93.89 28.63
C LYS O 20 57.26 93.44 28.47
N ARG O 21 57.76 93.45 27.22
CA ARG O 21 59.15 93.06 26.86
C ARG O 21 59.96 94.31 26.50
N VAL O 22 61.20 94.39 26.98
CA VAL O 22 62.17 95.48 26.69
C VAL O 22 62.91 95.12 25.38
N LEU O 23 63.47 96.12 24.69
CA LEU O 23 63.95 96.02 23.27
C LEU O 23 65.01 94.94 23.09
N LEU O 24 65.88 94.70 24.10
CA LEU O 24 66.98 93.70 24.04
C LEU O 24 66.43 92.29 23.79
N GLY O 25 65.22 91.99 24.28
CA GLY O 25 64.50 90.72 24.07
C GLY O 25 63.52 90.78 22.90
N GLU O 26 62.90 91.95 22.67
CA GLU O 26 61.91 92.17 21.58
C GLU O 26 62.58 91.93 20.22
N THR O 27 63.65 92.67 19.92
CA THR O 27 64.37 92.67 18.61
C THR O 27 65.20 91.39 18.44
N GLY O 28 65.54 90.71 19.55
CA GLY O 28 66.33 89.45 19.55
C GLY O 28 65.64 88.34 18.80
N LYS O 29 64.41 87.98 19.22
CA LYS O 29 63.59 86.90 18.60
C LYS O 29 62.11 87.07 18.99
N GLU O 30 61.24 86.27 18.38
CA GLU O 30 59.77 86.22 18.64
C GLU O 30 59.33 84.75 18.74
N LYS O 31 58.77 84.34 19.88
CA LYS O 31 58.28 82.95 20.13
C LYS O 31 57.27 82.97 21.28
N LEU O 32 56.06 82.46 21.04
CA LEU O 32 54.97 82.32 22.06
C LEU O 32 55.22 81.06 22.88
N PRO O 33 55.01 81.06 24.21
CA PRO O 33 55.20 79.86 25.03
C PRO O 33 54.07 78.85 24.78
N ARG O 34 54.42 77.65 24.29
CA ARG O 34 53.48 76.59 23.86
C ARG O 34 53.12 75.73 25.08
N TYR O 35 51.82 75.64 25.41
CA TYR O 35 51.27 74.81 26.52
C TYR O 35 51.01 73.39 26.03
N TYR O 36 51.40 72.39 26.83
CA TYR O 36 51.14 70.94 26.60
C TYR O 36 51.04 70.22 27.96
N LYS O 37 50.23 69.17 28.04
CA LYS O 37 50.10 68.31 29.25
C LYS O 37 50.37 66.84 28.89
N ASN O 38 50.78 66.05 29.87
CA ASN O 38 51.04 64.58 29.75
C ASN O 38 49.75 63.84 30.11
N ILE O 39 49.11 63.18 29.14
CA ILE O 39 48.00 62.21 29.38
C ILE O 39 48.57 60.99 30.11
N GLY O 40 47.80 60.40 31.02
CA GLY O 40 48.30 59.60 32.16
C GLY O 40 48.78 58.21 31.78
N LEU O 41 48.04 57.47 30.95
CA LEU O 41 48.17 55.99 30.80
C LEU O 41 49.38 55.63 29.90
N GLY O 42 50.59 56.03 30.33
CA GLY O 42 51.88 55.68 29.69
C GLY O 42 51.89 55.97 28.20
N PHE O 43 51.52 57.19 27.79
CA PHE O 43 51.58 57.69 26.39
C PHE O 43 52.50 58.91 26.34
N LYS O 44 53.67 58.76 25.69
CA LYS O 44 54.64 59.86 25.45
C LYS O 44 53.97 60.90 24.53
N THR O 45 54.02 62.18 24.91
CA THR O 45 53.48 63.32 24.13
C THR O 45 54.39 63.53 22.92
N PRO O 46 53.87 63.51 21.67
CA PRO O 46 54.73 63.58 20.49
C PRO O 46 55.45 64.93 20.38
N LYS O 47 56.68 64.93 19.83
CA LYS O 47 57.60 66.10 19.77
C LYS O 47 56.93 67.24 18.99
N GLU O 48 56.27 66.92 17.88
CA GLU O 48 55.54 67.89 17.00
C GLU O 48 54.45 68.65 17.77
N ALA O 49 53.93 68.09 18.87
CA ALA O 49 52.92 68.73 19.75
C ALA O 49 53.58 69.82 20.61
N ILE O 50 54.72 69.51 21.23
CA ILE O 50 55.46 70.44 22.15
C ILE O 50 56.25 71.47 21.32
N GLU O 51 56.49 71.20 20.03
CA GLU O 51 57.26 72.09 19.10
C GLU O 51 56.31 72.85 18.14
N GLY O 52 55.15 72.29 17.79
CA GLY O 52 54.27 72.77 16.70
C GLY O 52 53.63 74.12 16.98
N THR O 53 52.97 74.68 15.96
CA THR O 53 52.29 76.01 15.97
C THR O 53 50.78 75.86 15.72
N TYR O 54 50.26 74.62 15.56
CA TYR O 54 48.82 74.34 15.36
C TYR O 54 48.04 74.71 16.63
N ILE O 55 46.81 75.19 16.47
CA ILE O 55 45.88 75.55 17.58
C ILE O 55 44.61 74.69 17.42
N ASP O 56 44.32 73.86 18.42
CA ASP O 56 43.22 72.86 18.42
C ASP O 56 42.75 72.66 19.87
N LYS O 57 41.49 73.00 20.16
CA LYS O 57 40.91 72.90 21.53
C LYS O 57 40.56 71.45 21.86
N LYS O 58 40.56 70.55 20.86
CA LYS O 58 40.14 69.12 21.01
C LYS O 58 41.36 68.18 20.97
N CYS O 59 42.59 68.70 20.89
CA CYS O 59 43.85 67.91 20.99
C CYS O 59 44.04 67.45 22.44
N PRO O 60 44.28 66.15 22.70
CA PRO O 60 44.39 65.65 24.07
C PRO O 60 45.68 66.13 24.79
N PHE O 61 46.70 66.53 24.03
CA PHE O 61 48.02 67.01 24.52
C PHE O 61 48.01 68.53 24.70
N THR O 62 47.43 69.27 23.74
CA THR O 62 47.49 70.75 23.65
C THR O 62 46.07 71.36 23.57
N GLY O 63 45.09 70.73 24.22
CA GLY O 63 43.70 71.22 24.30
C GLY O 63 43.06 70.94 25.66
N ASN O 64 41.76 71.21 25.78
CA ASN O 64 40.96 71.01 27.01
C ASN O 64 40.17 69.70 26.89
N VAL O 65 40.89 68.59 26.72
CA VAL O 65 40.34 67.21 26.60
C VAL O 65 41.10 66.30 27.55
N SER O 66 40.43 65.80 28.60
CA SER O 66 40.97 64.84 29.60
C SER O 66 40.53 63.42 29.22
N ILE O 67 41.50 62.52 29.00
CA ILE O 67 41.27 61.12 28.51
C ILE O 67 41.01 60.22 29.71
N ARG O 68 39.82 59.62 29.78
CA ARG O 68 39.36 58.73 30.88
C ARG O 68 38.30 57.77 30.33
N GLY O 69 38.31 56.52 30.80
CA GLY O 69 37.39 55.45 30.37
C GLY O 69 38.13 54.32 29.65
N ARG O 70 37.70 53.98 28.44
CA ARG O 70 38.20 52.82 27.65
C ARG O 70 39.27 53.30 26.66
N ILE O 71 40.33 52.51 26.50
CA ILE O 71 41.37 52.66 25.44
C ILE O 71 41.19 51.52 24.44
N LEU O 72 40.80 51.85 23.19
CA LEU O 72 40.53 50.90 22.09
C LEU O 72 41.55 51.11 20.97
N SER O 73 41.50 50.27 19.94
CA SER O 73 42.27 50.38 18.68
C SER O 73 41.30 50.42 17.49
N GLY O 74 41.81 50.76 16.30
CA GLY O 74 41.06 50.73 15.03
C GLY O 74 41.99 50.96 13.85
N VAL O 75 41.54 50.60 12.64
CA VAL O 75 42.30 50.81 11.37
C VAL O 75 41.64 51.96 10.61
N VAL O 76 42.45 52.90 10.11
CA VAL O 76 41.97 54.16 9.43
C VAL O 76 41.38 53.76 8.08
N THR O 77 40.14 54.20 7.79
CA THR O 77 39.39 53.87 6.55
C THR O 77 39.10 55.13 5.72
N LYS O 78 38.86 56.29 6.36
CA LYS O 78 38.63 57.58 5.63
C LYS O 78 39.20 58.74 6.45
N MET O 79 40.14 59.49 5.85
CA MET O 79 40.70 60.77 6.36
C MET O 79 40.20 61.91 5.45
N LYS O 80 38.88 62.15 5.43
CA LYS O 80 38.21 63.08 4.47
C LYS O 80 37.37 64.12 5.22
N MET O 81 37.72 64.42 6.48
CA MET O 81 37.10 65.49 7.32
C MET O 81 38.22 66.36 7.92
N GLN O 82 37.83 67.46 8.59
CA GLN O 82 38.78 68.43 9.20
C GLN O 82 39.15 67.96 10.61
N ARG O 83 40.35 67.38 10.76
CA ARG O 83 40.98 66.98 12.06
C ARG O 83 40.20 65.83 12.73
N THR O 84 39.45 65.04 11.95
CA THR O 84 38.73 63.82 12.43
C THR O 84 38.71 62.77 11.30
N ILE O 85 38.82 61.50 11.67
CA ILE O 85 38.97 60.34 10.74
C ILE O 85 37.92 59.28 11.08
N VAL O 86 37.48 58.51 10.08
CA VAL O 86 36.59 57.33 10.26
C VAL O 86 37.48 56.10 10.37
N ILE O 87 37.43 55.40 11.51
CA ILE O 87 38.20 54.15 11.78
C ILE O 87 37.20 52.98 11.89
N ARG O 88 37.66 51.79 11.52
CA ARG O 88 36.85 50.53 11.47
C ARG O 88 37.36 49.56 12.53
N ARG O 89 36.45 48.87 13.23
CA ARG O 89 36.77 47.90 14.31
C ARG O 89 36.13 46.54 13.98
N ASP O 90 36.97 45.52 13.70
CA ASP O 90 36.56 44.16 13.26
C ASP O 90 36.62 43.19 14.45
N TYR O 91 35.59 42.36 14.62
CA TYR O 91 35.45 41.37 15.72
C TYR O 91 34.57 40.20 15.27
N LEU O 92 34.64 39.08 16.02
CA LEU O 92 33.90 37.81 15.74
C LEU O 92 32.82 37.63 16.80
N HIS O 93 31.53 37.65 16.40
CA HIS O 93 30.38 37.37 17.29
C HIS O 93 30.12 35.86 17.30
N TYR O 94 30.14 35.23 18.48
CA TYR O 94 29.97 33.77 18.69
C TYR O 94 28.48 33.42 18.75
N ILE O 95 28.00 32.62 17.78
CA ILE O 95 26.63 32.04 17.77
C ILE O 95 26.71 30.63 18.39
N ARG O 96 26.02 30.43 19.52
CA ARG O 96 26.13 29.22 20.38
C ARG O 96 25.31 28.06 19.81
N LYS O 97 24.20 28.36 19.11
CA LYS O 97 23.35 27.33 18.42
C LYS O 97 24.23 26.49 17.51
N TYR O 98 24.94 27.13 16.59
CA TYR O 98 25.83 26.50 15.58
C TYR O 98 27.22 26.25 16.19
N ASN O 99 27.61 27.03 17.20
CA ASN O 99 28.94 26.96 17.89
C ASN O 99 30.01 27.51 16.94
N ARG O 100 29.63 28.45 16.07
CA ARG O 100 30.50 29.10 15.06
C ARG O 100 30.45 30.62 15.29
N PHE O 101 31.34 31.36 14.64
CA PHE O 101 31.45 32.84 14.71
C PHE O 101 30.89 33.47 13.43
N GLU O 102 30.64 34.78 13.47
CA GLU O 102 30.40 35.64 12.28
C GLU O 102 31.19 36.93 12.50
N LYS O 103 31.91 37.41 11.48
CA LYS O 103 32.73 38.64 11.57
C LYS O 103 31.78 39.85 11.43
N ARG O 104 32.00 40.89 12.24
CA ARG O 104 31.23 42.17 12.21
C ARG O 104 32.19 43.34 12.36
N HIS O 105 31.85 44.49 11.77
CA HIS O 105 32.65 45.74 11.80
C HIS O 105 31.81 46.87 12.40
N LYS O 106 32.47 47.82 13.09
CA LYS O 106 31.89 49.08 13.61
C LYS O 106 32.77 50.25 13.14
N ASN O 107 32.19 51.22 12.44
CA ASN O 107 32.85 52.46 11.98
C ASN O 107 32.54 53.59 12.97
N MET O 108 33.56 54.10 13.67
CA MET O 108 33.42 55.25 14.62
C MET O 108 34.30 56.42 14.12
N SER O 109 33.76 57.64 14.23
CA SER O 109 34.48 58.91 13.97
C SER O 109 35.31 59.26 15.20
N VAL O 110 36.64 59.35 15.05
CA VAL O 110 37.58 59.76 16.13
C VAL O 110 38.25 61.08 15.72
N HIS O 111 38.53 61.95 16.69
CA HIS O 111 39.26 63.22 16.49
C HIS O 111 40.76 62.91 16.34
N LEU O 112 41.37 63.41 15.27
CA LEU O 112 42.82 63.27 14.97
C LEU O 112 43.49 64.64 15.13
N SER O 113 44.27 64.81 16.20
CA SER O 113 45.04 66.05 16.50
C SER O 113 45.99 66.36 15.34
N PRO O 114 46.20 67.65 14.97
CA PRO O 114 47.02 67.99 13.80
C PRO O 114 48.52 67.73 14.01
N CYS O 115 48.95 67.35 15.22
CA CYS O 115 50.32 66.86 15.52
C CYS O 115 50.62 65.63 14.65
N PHE O 116 49.72 64.63 14.66
CA PHE O 116 49.87 63.37 13.87
C PHE O 116 49.80 63.70 12.37
N ARG O 117 50.91 64.20 11.83
CA ARG O 117 51.08 64.59 10.41
C ARG O 117 51.70 63.43 9.64
N ASP O 118 51.42 63.35 8.33
CA ASP O 118 51.96 62.33 7.39
C ASP O 118 51.55 60.93 7.87
N VAL O 119 50.32 60.80 8.39
CA VAL O 119 49.69 59.50 8.78
C VAL O 119 48.81 59.06 7.60
N GLN O 120 48.98 57.82 7.14
CA GLN O 120 48.33 57.27 5.90
C GLN O 120 47.17 56.35 6.29
N ILE O 121 46.32 56.04 5.31
CA ILE O 121 45.22 55.03 5.42
C ILE O 121 45.83 53.63 5.55
N GLY O 122 45.20 52.74 6.32
CA GLY O 122 45.54 51.30 6.41
C GLY O 122 46.30 50.95 7.67
N ASP O 123 47.01 51.90 8.29
CA ASP O 123 47.80 51.69 9.54
C ASP O 123 46.85 51.64 10.75
N ILE O 124 47.28 51.01 11.85
CA ILE O 124 46.44 50.82 13.08
C ILE O 124 46.69 52.00 14.02
N VAL O 125 45.64 52.46 14.70
CA VAL O 125 45.67 53.64 15.62
C VAL O 125 45.03 53.24 16.95
N THR O 126 45.67 53.58 18.07
CA THR O 126 45.16 53.38 19.45
C THR O 126 44.47 54.68 19.90
N VAL O 127 43.17 54.60 20.22
CA VAL O 127 42.30 55.76 20.54
C VAL O 127 41.85 55.67 21.99
N GLY O 128 41.65 56.83 22.64
CA GLY O 128 41.22 56.97 24.04
C GLY O 128 39.86 57.63 24.12
N GLU O 129 39.04 57.20 25.08
CA GLU O 129 37.69 57.77 25.35
C GLU O 129 37.86 59.14 26.03
N CYS O 130 37.05 60.13 25.61
CA CYS O 130 36.93 61.47 26.24
C CYS O 130 35.46 61.88 26.28
N ARG O 131 35.16 63.06 26.82
CA ARG O 131 33.82 63.69 26.76
C ARG O 131 33.42 63.87 25.30
N PRO O 132 32.11 63.93 24.96
CA PRO O 132 31.69 64.11 23.57
C PRO O 132 32.21 65.44 22.98
N LEU O 133 32.65 65.43 21.71
CA LEU O 133 33.26 66.59 21.01
C LEU O 133 32.33 67.10 19.90
N SER O 134 31.61 66.21 19.22
CA SER O 134 30.56 66.54 18.22
C SER O 134 29.34 65.63 18.47
N LYS O 135 28.49 65.44 17.45
CA LYS O 135 27.28 64.56 17.50
C LYS O 135 27.73 63.09 17.69
N THR O 136 28.76 62.66 16.97
CA THR O 136 29.17 61.23 16.84
C THR O 136 30.57 60.97 17.42
N VAL O 137 31.42 62.00 17.56
CA VAL O 137 32.83 61.85 18.05
C VAL O 137 32.81 61.78 19.58
N ARG O 138 33.27 60.65 20.15
CA ARG O 138 33.50 60.47 21.61
C ARG O 138 34.95 60.02 21.90
N PHE O 139 35.75 59.68 20.88
CA PHE O 139 37.11 59.10 21.02
C PHE O 139 38.15 60.01 20.38
N ASN O 140 39.38 60.00 20.92
CA ASN O 140 40.50 60.87 20.51
C ASN O 140 41.74 60.01 20.26
N VAL O 141 42.46 60.23 19.16
CA VAL O 141 43.65 59.44 18.72
C VAL O 141 44.81 59.69 19.69
N LEU O 142 45.35 58.63 20.31
CA LEU O 142 46.44 58.72 21.33
C LEU O 142 47.80 58.36 20.71
N LYS O 143 47.87 57.30 19.88
CA LYS O 143 49.14 56.91 19.20
C LYS O 143 48.84 56.09 17.93
N VAL O 144 49.73 56.23 16.94
CA VAL O 144 49.65 55.55 15.60
C VAL O 144 50.75 54.48 15.55
N THR O 145 50.46 53.34 14.92
CA THR O 145 51.42 52.23 14.63
C THR O 145 51.30 51.87 13.14
N LYS O 146 52.41 51.94 12.40
CA LYS O 146 52.43 51.86 10.91
C LYS O 146 52.29 50.40 10.48
N ALA O 147 51.56 50.16 9.37
CA ALA O 147 51.27 48.83 8.81
C ALA O 147 52.54 48.22 8.20
N MET P 1 -55.77 -37.55 19.51
CA MET P 1 -56.97 -37.56 18.61
C MET P 1 -58.08 -38.39 19.26
N LEU P 2 -59.25 -38.46 18.62
CA LEU P 2 -60.45 -39.21 19.08
C LEU P 2 -60.50 -40.58 18.38
N MET P 3 -60.23 -41.65 19.14
CA MET P 3 -60.28 -43.07 18.67
C MET P 3 -60.83 -43.96 19.79
N PRO P 4 -61.54 -45.07 19.48
CA PRO P 4 -62.13 -45.92 20.51
C PRO P 4 -61.08 -46.63 21.39
N LYS P 5 -61.46 -46.93 22.63
CA LYS P 5 -60.59 -47.51 23.70
C LYS P 5 -59.99 -48.85 23.24
N LYS P 6 -60.78 -49.66 22.53
CA LYS P 6 -60.39 -50.99 21.97
C LYS P 6 -59.08 -50.85 21.18
N ASN P 7 -59.01 -49.89 20.26
CA ASN P 7 -57.82 -49.59 19.41
C ASN P 7 -56.64 -49.21 20.31
N ARG P 8 -56.88 -48.35 21.30
CA ARG P 8 -55.87 -47.84 22.25
C ARG P 8 -55.25 -49.00 23.02
N ILE P 9 -56.08 -49.86 23.64
CA ILE P 9 -55.60 -51.03 24.46
C ILE P 9 -54.91 -52.06 23.54
N ALA P 10 -55.41 -52.25 22.32
CA ALA P 10 -54.86 -53.19 21.31
C ALA P 10 -53.43 -52.77 20.93
N ILE P 11 -53.22 -51.47 20.69
CA ILE P 11 -51.88 -50.87 20.37
C ILE P 11 -50.96 -51.04 21.59
N TYR P 12 -51.45 -50.70 22.78
CA TYR P 12 -50.69 -50.71 24.06
C TYR P 12 -50.27 -52.15 24.42
N GLU P 13 -51.18 -53.13 24.30
CA GLU P 13 -50.92 -54.55 24.67
C GLU P 13 -49.92 -55.17 23.67
N LEU P 14 -50.02 -54.83 22.38
CA LEU P 14 -49.04 -55.24 21.33
C LEU P 14 -47.65 -54.67 21.70
N LEU P 15 -47.59 -53.36 21.98
CA LEU P 15 -46.35 -52.64 22.36
C LEU P 15 -45.71 -53.31 23.59
N PHE P 16 -46.53 -53.65 24.60
CA PHE P 16 -46.08 -54.30 25.85
C PHE P 16 -45.63 -55.74 25.58
N LYS P 17 -46.38 -56.49 24.77
CA LYS P 17 -46.11 -57.92 24.45
C LYS P 17 -44.76 -58.06 23.73
N GLU P 18 -44.52 -57.25 22.69
CA GLU P 18 -43.31 -57.34 21.82
C GLU P 18 -42.16 -56.50 22.44
N GLY P 19 -42.43 -55.24 22.77
CA GLY P 19 -41.45 -54.29 23.32
C GLY P 19 -41.02 -53.23 22.30
N VAL P 20 -41.39 -53.40 21.03
CA VAL P 20 -41.10 -52.45 19.91
C VAL P 20 -42.37 -52.22 19.09
N MET P 21 -42.36 -51.22 18.20
CA MET P 21 -43.47 -50.93 17.26
C MET P 21 -42.92 -50.32 15.97
N VAL P 22 -43.49 -50.69 14.82
CA VAL P 22 -43.12 -50.22 13.45
C VAL P 22 -44.39 -49.72 12.75
N ALA P 23 -44.33 -48.51 12.18
CA ALA P 23 -45.37 -47.92 11.29
C ALA P 23 -44.74 -47.51 9.96
N LYS P 24 -45.57 -47.29 8.93
CA LYS P 24 -45.13 -47.14 7.51
C LYS P 24 -45.21 -45.68 7.06
N LYS P 25 -45.55 -44.73 7.95
CA LYS P 25 -45.68 -43.27 7.66
C LYS P 25 -46.61 -43.08 6.45
N ASP P 26 -47.91 -43.34 6.65
CA ASP P 26 -48.98 -43.07 5.66
C ASP P 26 -50.32 -43.01 6.41
N VAL P 27 -51.00 -41.86 6.36
CA VAL P 27 -52.23 -41.56 7.14
C VAL P 27 -53.45 -42.20 6.47
N HIS P 28 -53.32 -42.62 5.20
CA HIS P 28 -54.45 -43.12 4.35
C HIS P 28 -54.54 -44.65 4.38
N MET P 29 -53.49 -45.35 4.83
CA MET P 29 -53.43 -46.85 4.89
C MET P 29 -54.65 -47.37 5.66
N PRO P 30 -55.38 -48.38 5.13
CA PRO P 30 -56.66 -48.80 5.72
C PRO P 30 -56.52 -49.39 7.13
N LYS P 31 -55.65 -50.38 7.31
CA LYS P 31 -55.45 -51.13 8.59
C LYS P 31 -53.97 -51.51 8.73
N HIS P 32 -53.44 -51.45 9.95
CA HIS P 32 -52.08 -51.94 10.32
C HIS P 32 -52.03 -53.44 10.07
N PRO P 33 -51.02 -53.98 9.35
CA PRO P 33 -51.06 -55.37 8.88
C PRO P 33 -50.96 -56.40 10.01
N GLU P 34 -50.22 -56.06 11.08
CA GLU P 34 -50.05 -56.89 12.30
C GLU P 34 -51.37 -56.91 13.10
N LEU P 35 -52.10 -55.80 13.14
CA LEU P 35 -53.40 -55.65 13.85
C LEU P 35 -54.56 -55.77 12.85
N ALA P 36 -54.59 -56.89 12.10
CA ALA P 36 -55.68 -57.26 11.17
C ALA P 36 -56.74 -58.06 11.94
N ASP P 37 -58.03 -57.84 11.61
CA ASP P 37 -59.23 -58.40 12.29
C ASP P 37 -59.68 -57.44 13.40
N LYS P 38 -58.74 -56.75 14.06
CA LYS P 38 -59.01 -55.80 15.18
C LYS P 38 -59.53 -54.46 14.61
N ASN P 39 -59.18 -54.13 13.37
CA ASN P 39 -59.69 -52.95 12.60
C ASN P 39 -59.08 -51.68 13.18
N VAL P 40 -57.74 -51.60 13.18
CA VAL P 40 -56.92 -50.48 13.73
C VAL P 40 -56.21 -49.77 12.57
N PRO P 41 -56.71 -48.59 12.11
CA PRO P 41 -55.99 -47.76 11.15
C PRO P 41 -54.55 -47.41 11.56
N ASN P 42 -53.64 -47.32 10.57
CA ASN P 42 -52.20 -46.99 10.74
C ASN P 42 -52.07 -45.61 11.42
N LEU P 43 -52.92 -44.66 11.02
CA LEU P 43 -53.03 -43.28 11.58
C LEU P 43 -53.03 -43.36 13.12
N HIS P 44 -53.96 -44.15 13.68
CA HIS P 44 -54.15 -44.33 15.14
C HIS P 44 -52.83 -44.79 15.80
N VAL P 45 -52.16 -45.77 15.18
CA VAL P 45 -50.89 -46.37 15.70
C VAL P 45 -49.83 -45.26 15.77
N MET P 46 -49.64 -44.52 14.67
CA MET P 46 -48.67 -43.40 14.58
C MET P 46 -48.92 -42.39 15.71
N LYS P 47 -50.17 -41.88 15.81
CA LYS P 47 -50.53 -40.78 16.74
C LYS P 47 -50.47 -41.26 18.20
N ALA P 48 -50.92 -42.50 18.46
CA ALA P 48 -50.81 -43.17 19.78
C ALA P 48 -49.34 -43.19 20.24
N MET P 49 -48.44 -43.64 19.35
CA MET P 49 -46.98 -43.73 19.61
C MET P 49 -46.40 -42.33 19.78
N GLN P 50 -46.83 -41.36 18.95
CA GLN P 50 -46.43 -39.92 19.05
C GLN P 50 -46.80 -39.41 20.45
N SER P 51 -48.05 -39.62 20.88
CA SER P 51 -48.59 -39.19 22.20
C SER P 51 -47.79 -39.80 23.34
N LEU P 52 -47.43 -41.09 23.24
CA LEU P 52 -46.61 -41.82 24.26
C LEU P 52 -45.15 -41.36 24.21
N LYS P 53 -44.64 -40.93 23.04
CA LYS P 53 -43.26 -40.42 22.89
C LYS P 53 -43.13 -39.03 23.55
N SER P 54 -44.05 -38.11 23.23
CA SER P 54 -44.03 -36.68 23.66
C SER P 54 -43.77 -36.56 25.18
N ARG P 55 -44.38 -37.44 25.98
CA ARG P 55 -44.17 -37.50 27.46
C ARG P 55 -42.73 -37.98 27.76
N GLY P 56 -42.26 -38.98 27.01
CA GLY P 56 -40.89 -39.55 27.14
C GLY P 56 -40.90 -40.94 27.72
N TYR P 57 -41.71 -41.84 27.15
CA TYR P 57 -41.83 -43.28 27.54
C TYR P 57 -41.27 -44.21 26.46
N VAL P 58 -41.20 -43.75 25.20
CA VAL P 58 -40.81 -44.58 24.02
C VAL P 58 -39.79 -43.80 23.17
N LYS P 59 -38.71 -44.47 22.73
CA LYS P 59 -37.65 -43.89 21.86
C LYS P 59 -37.95 -44.22 20.40
N GLU P 60 -38.11 -43.19 19.55
CA GLU P 60 -38.43 -43.35 18.10
C GLU P 60 -37.15 -43.19 17.27
N GLN P 61 -37.09 -43.90 16.14
CA GLN P 61 -36.13 -43.68 15.03
C GLN P 61 -36.90 -43.75 13.71
N PHE P 62 -36.41 -43.05 12.68
CA PHE P 62 -37.00 -43.00 11.32
C PHE P 62 -35.94 -43.43 10.30
N ALA P 63 -36.17 -44.55 9.62
CA ALA P 63 -35.44 -45.00 8.40
C ALA P 63 -36.17 -44.44 7.18
N TRP P 64 -35.94 -45.02 5.99
CA TRP P 64 -36.42 -44.52 4.68
C TRP P 64 -37.84 -43.95 4.79
N ARG P 65 -38.85 -44.81 4.97
CA ARG P 65 -40.29 -44.40 5.08
C ARG P 65 -40.97 -45.04 6.30
N HIS P 66 -40.23 -45.68 7.21
CA HIS P 66 -40.80 -46.45 8.35
C HIS P 66 -40.45 -45.77 9.68
N PHE P 67 -41.43 -45.63 10.57
CA PHE P 67 -41.25 -45.28 12.01
C PHE P 67 -40.85 -46.54 12.77
N TYR P 68 -39.93 -46.41 13.73
CA TYR P 68 -39.48 -47.47 14.67
C TYR P 68 -39.56 -46.92 16.09
N TRP P 69 -40.04 -47.72 17.05
CA TRP P 69 -40.32 -47.32 18.45
C TRP P 69 -39.83 -48.40 19.42
N TYR P 70 -39.04 -48.02 20.44
CA TYR P 70 -38.53 -48.89 21.52
C TYR P 70 -39.13 -48.46 22.87
N LEU P 71 -39.75 -49.41 23.58
CA LEU P 71 -40.38 -49.19 24.91
C LEU P 71 -39.28 -49.14 25.97
N THR P 72 -39.24 -48.07 26.78
CA THR P 72 -38.23 -47.83 27.86
C THR P 72 -38.77 -48.36 29.20
N ASN P 73 -37.97 -48.22 30.27
CA ASN P 73 -38.29 -48.67 31.65
C ASN P 73 -39.49 -47.86 32.19
N GLU P 74 -39.55 -46.56 31.87
CA GLU P 74 -40.68 -45.65 32.22
C GLU P 74 -41.95 -46.10 31.50
N GLY P 75 -41.81 -46.45 30.21
CA GLY P 75 -42.88 -47.06 29.39
C GLY P 75 -43.38 -48.36 29.98
N ILE P 76 -42.47 -49.27 30.32
CA ILE P 76 -42.77 -50.59 30.98
C ILE P 76 -43.60 -50.31 32.25
N GLN P 77 -43.12 -49.39 33.11
CA GLN P 77 -43.79 -48.95 34.36
C GLN P 77 -45.19 -48.42 34.03
N TYR P 78 -45.28 -47.44 33.12
CA TYR P 78 -46.54 -46.78 32.70
C TYR P 78 -47.55 -47.82 32.21
N LEU P 79 -47.13 -48.72 31.31
CA LEU P 79 -48.00 -49.75 30.67
C LEU P 79 -48.52 -50.73 31.73
N ARG P 80 -47.64 -51.27 32.58
CA ARG P 80 -48.00 -52.20 33.69
C ARG P 80 -49.07 -51.57 34.59
N ASP P 81 -48.95 -50.26 34.87
CA ASP P 81 -49.92 -49.50 35.70
C ASP P 81 -51.21 -49.24 34.92
N TYR P 82 -51.12 -48.83 33.65
CA TYR P 82 -52.28 -48.46 32.79
C TYR P 82 -53.07 -49.71 32.39
N LEU P 83 -52.38 -50.73 31.87
CA LEU P 83 -52.99 -52.00 31.36
C LEU P 83 -53.44 -52.88 32.53
N HIS P 84 -52.86 -52.68 33.73
CA HIS P 84 -53.19 -53.41 34.99
C HIS P 84 -52.76 -54.88 34.86
N LEU P 85 -51.45 -55.13 34.90
CA LEU P 85 -50.83 -56.48 34.94
C LEU P 85 -49.92 -56.58 36.15
N PRO P 86 -49.67 -57.80 36.69
CA PRO P 86 -48.75 -57.96 37.83
C PRO P 86 -47.30 -57.80 37.41
N PRO P 87 -46.41 -57.21 38.26
CA PRO P 87 -45.01 -57.01 37.91
C PRO P 87 -44.22 -58.24 37.40
N GLU P 88 -44.73 -59.46 37.63
CA GLU P 88 -44.13 -60.75 37.17
C GLU P 88 -43.92 -60.73 35.65
N ILE P 89 -44.95 -60.37 34.88
CA ILE P 89 -44.89 -60.33 33.38
C ILE P 89 -43.94 -59.22 32.95
N VAL P 90 -43.09 -59.51 31.95
CA VAL P 90 -42.12 -58.54 31.34
C VAL P 90 -42.19 -58.69 29.82
N PRO P 91 -41.82 -57.66 29.03
CA PRO P 91 -41.83 -57.76 27.56
C PRO P 91 -40.85 -58.80 26.99
N ALA P 92 -41.07 -59.19 25.72
CA ALA P 92 -40.25 -60.15 24.95
C ALA P 92 -38.81 -59.62 24.78
N THR P 93 -38.63 -58.30 24.81
CA THR P 93 -37.31 -57.60 24.82
C THR P 93 -36.63 -57.71 26.19
N LEU P 94 -37.36 -58.15 27.25
CA LEU P 94 -36.86 -58.24 28.65
C LEU P 94 -37.12 -59.65 29.22
N ARG P 95 -37.29 -60.66 28.36
CA ARG P 95 -37.53 -62.08 28.79
C ARG P 95 -36.18 -62.80 28.94
N ARG P 96 -35.35 -62.79 27.89
CA ARG P 96 -34.07 -63.56 27.80
C ARG P 96 -32.93 -62.78 28.47
N SER P 97 -31.74 -63.39 28.53
CA SER P 97 -30.48 -62.82 29.09
C SER P 97 -29.32 -63.08 28.11
N GLY Q 1 43.58 20.50 -10.59
CA GLY Q 1 43.62 20.56 -12.08
C GLY Q 1 44.12 21.91 -12.56
N ARG Q 2 43.79 22.27 -13.81
CA ARG Q 2 44.19 23.56 -14.44
C ARG Q 2 43.30 24.69 -13.90
N MET Q 3 43.71 25.94 -14.16
CA MET Q 3 42.96 27.17 -13.79
C MET Q 3 41.65 27.22 -14.60
N HIS Q 4 41.75 27.28 -15.93
CA HIS Q 4 40.62 27.50 -16.87
C HIS Q 4 40.55 26.37 -17.91
N ALA Q 5 40.65 25.12 -17.47
CA ALA Q 5 40.52 23.91 -18.32
C ALA Q 5 40.15 22.71 -17.45
N PRO Q 6 39.36 21.74 -17.98
CA PRO Q 6 38.97 20.57 -17.20
C PRO Q 6 40.06 19.49 -17.03
N GLY Q 7 41.20 19.61 -17.72
CA GLY Q 7 42.30 18.63 -17.69
C GLY Q 7 43.03 18.62 -16.36
N LYS Q 8 43.43 17.43 -15.89
CA LYS Q 8 44.16 17.19 -14.61
C LYS Q 8 45.58 16.72 -14.92
N GLY Q 9 46.28 17.43 -15.82
CA GLY Q 9 47.62 17.06 -16.31
C GLY Q 9 48.68 17.09 -15.23
N LEU Q 10 49.41 15.98 -15.05
CA LEU Q 10 50.52 15.81 -14.07
C LEU Q 10 51.85 15.71 -14.83
N SER Q 11 52.40 16.85 -15.24
CA SER Q 11 53.66 16.96 -16.04
C SER Q 11 54.46 18.19 -15.60
N GLN Q 12 55.44 18.00 -14.72
CA GLN Q 12 56.36 19.07 -14.22
C GLN Q 12 57.77 18.47 -14.05
N SER Q 13 58.70 19.28 -13.55
CA SER Q 13 60.12 18.91 -13.30
C SER Q 13 60.27 18.24 -11.93
N ALA Q 14 61.07 17.17 -11.86
CA ALA Q 14 61.34 16.37 -10.64
C ALA Q 14 62.83 16.52 -10.25
N LEU Q 15 63.16 17.59 -9.53
CA LEU Q 15 64.54 17.96 -9.12
C LEU Q 15 65.09 16.86 -8.21
N PRO Q 16 66.35 16.39 -8.38
CA PRO Q 16 66.87 15.28 -7.58
C PRO Q 16 67.09 15.65 -6.10
N TYR Q 17 67.34 14.65 -5.25
CA TYR Q 17 67.61 14.81 -3.79
C TYR Q 17 68.95 15.52 -3.60
N ARG Q 18 70.01 15.00 -4.20
CA ARG Q 18 71.40 15.52 -4.07
C ARG Q 18 71.45 16.98 -4.54
N ARG Q 19 71.47 17.91 -3.59
CA ARG Q 19 71.69 19.37 -3.83
C ARG Q 19 73.17 19.63 -4.13
N SER Q 20 74.05 18.71 -3.75
CA SER Q 20 75.53 18.76 -3.96
C SER Q 20 75.84 19.02 -5.44
N VAL Q 21 76.79 19.94 -5.71
CA VAL Q 21 77.30 20.27 -7.06
C VAL Q 21 77.97 19.01 -7.62
N PRO Q 22 77.76 18.64 -8.91
CA PRO Q 22 78.44 17.49 -9.50
C PRO Q 22 79.97 17.70 -9.56
N THR Q 23 80.73 16.64 -9.28
CA THR Q 23 82.23 16.62 -9.25
C THR Q 23 82.81 17.11 -10.58
N TRP Q 24 82.14 16.79 -11.69
CA TRP Q 24 82.62 17.06 -13.09
C TRP Q 24 82.36 18.52 -13.51
N LEU Q 25 81.59 19.30 -12.74
CA LEU Q 25 81.33 20.74 -13.04
C LEU Q 25 82.62 21.54 -12.78
N LYS Q 26 83.17 22.15 -13.84
CA LYS Q 26 84.43 22.95 -13.80
C LYS Q 26 84.11 24.42 -13.51
N LEU Q 27 82.96 24.92 -13.99
CA LEU Q 27 82.54 26.35 -13.84
C LEU Q 27 82.30 26.66 -12.36
N THR Q 28 82.79 27.83 -11.90
CA THR Q 28 82.65 28.34 -10.51
C THR Q 28 81.50 29.35 -10.44
N SER Q 29 80.95 29.57 -9.25
CA SER Q 29 79.79 30.47 -8.94
C SER Q 29 79.92 31.79 -9.71
N ASP Q 30 81.08 32.43 -9.63
CA ASP Q 30 81.39 33.74 -10.29
C ASP Q 30 81.33 33.57 -11.82
N ASP Q 31 81.91 32.49 -12.35
CA ASP Q 31 81.94 32.18 -13.81
C ASP Q 31 80.50 32.04 -14.33
N VAL Q 32 79.63 31.36 -13.57
CA VAL Q 32 78.19 31.18 -13.90
C VAL Q 32 77.50 32.54 -13.89
N LYS Q 33 77.73 33.35 -12.85
CA LYS Q 33 77.19 34.75 -12.73
C LYS Q 33 77.56 35.54 -13.99
N GLU Q 34 78.84 35.53 -14.39
CA GLU Q 34 79.34 36.23 -15.61
C GLU Q 34 78.56 35.74 -16.83
N GLN Q 35 78.38 34.41 -16.95
CA GLN Q 35 77.59 33.78 -18.05
C GLN Q 35 76.15 34.30 -18.04
N ILE Q 36 75.49 34.32 -16.88
CA ILE Q 36 74.08 34.79 -16.72
C ILE Q 36 73.97 36.24 -17.20
N TYR Q 37 74.89 37.11 -16.76
CA TYR Q 37 74.96 38.54 -17.15
C TYR Q 37 75.07 38.67 -18.67
N LYS Q 38 76.08 38.00 -19.26
CA LYS Q 38 76.35 38.00 -20.72
C LYS Q 38 75.10 37.57 -21.51
N LEU Q 39 74.41 36.52 -21.03
CA LEU Q 39 73.12 36.03 -21.63
C LEU Q 39 72.04 37.11 -21.49
N ALA Q 40 71.88 37.67 -20.27
CA ALA Q 40 70.83 38.66 -19.92
C ALA Q 40 70.93 39.91 -20.79
N LYS Q 41 72.15 40.33 -21.17
CA LYS Q 41 72.40 41.53 -22.03
C LYS Q 41 71.81 41.31 -23.43
N LYS Q 42 71.77 40.06 -23.93
CA LYS Q 42 71.25 39.73 -25.28
C LYS Q 42 69.71 39.83 -25.32
N GLY Q 43 69.06 40.11 -24.19
CA GLY Q 43 67.63 40.48 -24.11
C GLY Q 43 66.75 39.25 -23.94
N LEU Q 44 67.08 38.38 -22.99
CA LEU Q 44 66.42 37.07 -22.76
C LEU Q 44 65.63 37.09 -21.45
N THR Q 45 64.87 36.01 -21.20
CA THR Q 45 64.01 35.79 -20.01
C THR Q 45 64.67 34.77 -19.09
N PRO Q 46 64.62 34.93 -17.75
CA PRO Q 46 65.13 33.94 -16.81
C PRO Q 46 64.85 32.47 -17.19
N SER Q 47 63.65 32.19 -17.70
CA SER Q 47 63.23 30.89 -18.28
C SER Q 47 64.20 30.48 -19.39
N GLN Q 48 64.32 31.30 -20.45
CA GLN Q 48 65.19 31.04 -21.63
C GLN Q 48 66.65 30.89 -21.16
N ILE Q 49 67.10 31.81 -20.28
CA ILE Q 49 68.49 31.85 -19.74
C ILE Q 49 68.78 30.52 -19.03
N GLY Q 50 67.87 30.06 -18.16
CA GLY Q 50 67.99 28.77 -17.44
C GLY Q 50 68.04 27.59 -18.38
N VAL Q 51 67.20 27.57 -19.42
CA VAL Q 51 67.15 26.50 -20.46
C VAL Q 51 68.49 26.46 -21.21
N ILE Q 52 68.96 27.62 -21.70
CA ILE Q 52 70.24 27.75 -22.47
C ILE Q 52 71.40 27.24 -21.60
N LEU Q 53 71.44 27.65 -20.32
CA LEU Q 53 72.53 27.28 -19.38
C LEU Q 53 72.48 25.77 -19.05
N ARG Q 54 71.28 25.18 -18.98
CA ARG Q 54 71.09 23.73 -18.70
C ARG Q 54 71.55 22.91 -19.91
N ASP Q 55 71.05 23.24 -21.11
CA ASP Q 55 71.33 22.52 -22.37
C ASP Q 55 72.84 22.59 -22.70
N SER Q 56 73.34 23.80 -22.96
CA SER Q 56 74.67 24.05 -23.58
C SER Q 56 75.81 23.79 -22.59
N HIS Q 57 75.81 24.49 -21.44
CA HIS Q 57 76.98 24.65 -20.54
C HIS Q 57 77.00 23.60 -19.42
N GLY Q 58 75.93 22.82 -19.27
CA GLY Q 58 75.83 21.70 -18.31
C GLY Q 58 75.80 22.18 -16.86
N VAL Q 59 74.98 23.19 -16.58
CA VAL Q 59 74.64 23.67 -15.21
C VAL Q 59 73.23 23.18 -14.89
N ALA Q 60 73.12 22.10 -14.11
CA ALA Q 60 71.87 21.41 -13.73
C ALA Q 60 70.88 22.39 -13.09
N GLN Q 61 71.35 23.17 -12.10
CA GLN Q 61 70.53 24.11 -11.29
C GLN Q 61 71.40 25.30 -10.90
N VAL Q 62 71.07 26.50 -11.40
CA VAL Q 62 71.78 27.78 -11.11
C VAL Q 62 71.79 28.05 -9.59
N ARG Q 63 70.66 27.82 -8.91
CA ARG Q 63 70.46 28.15 -7.47
C ARG Q 63 71.31 27.23 -6.60
N PHE Q 64 71.62 26.02 -7.06
CA PHE Q 64 72.50 25.05 -6.36
C PHE Q 64 73.96 25.52 -6.42
N VAL Q 65 74.44 25.92 -7.61
CA VAL Q 65 75.87 26.26 -7.85
C VAL Q 65 76.18 27.65 -7.27
N THR Q 66 75.29 28.63 -7.46
CA THR Q 66 75.52 30.07 -7.06
C THR Q 66 75.03 30.30 -5.63
N GLY Q 67 73.83 29.80 -5.29
CA GLY Q 67 73.13 30.06 -4.01
C GLY Q 67 72.16 31.22 -4.12
N ASN Q 68 71.50 31.37 -5.27
CA ASN Q 68 70.59 32.50 -5.61
C ASN Q 68 69.94 32.23 -6.97
N LYS Q 69 68.69 32.68 -7.17
CA LYS Q 69 67.88 32.41 -8.39
C LYS Q 69 68.10 33.50 -9.45
N ILE Q 70 67.68 33.23 -10.69
CA ILE Q 70 68.02 34.04 -11.90
C ILE Q 70 67.47 35.46 -11.73
N LEU Q 71 66.15 35.60 -11.53
CA LEU Q 71 65.48 36.91 -11.32
C LEU Q 71 66.14 37.64 -10.15
N ARG Q 72 66.56 36.90 -9.11
CA ARG Q 72 67.22 37.42 -7.88
C ARG Q 72 68.59 38.01 -8.22
N ILE Q 73 69.40 37.28 -9.02
CA ILE Q 73 70.75 37.74 -9.50
C ILE Q 73 70.58 39.02 -10.32
N LEU Q 74 69.66 39.02 -11.28
CA LEU Q 74 69.38 40.18 -12.17
C LEU Q 74 68.80 41.36 -11.35
N LYS Q 75 67.96 41.06 -10.35
CA LYS Q 75 67.41 42.08 -9.41
C LYS Q 75 68.55 42.68 -8.58
N SER Q 76 69.44 41.84 -8.04
CA SER Q 76 70.58 42.26 -7.16
C SER Q 76 71.50 43.23 -7.90
N LYS Q 77 71.77 42.99 -9.19
CA LYS Q 77 72.60 43.89 -10.05
C LYS Q 77 71.75 45.06 -10.55
N GLY Q 78 70.58 44.76 -11.14
CA GLY Q 78 69.67 45.72 -11.78
C GLY Q 78 69.62 45.56 -13.29
N LEU Q 79 69.58 44.30 -13.77
CA LEU Q 79 69.35 43.90 -15.19
C LEU Q 79 68.02 43.12 -15.29
N ALA Q 80 67.11 43.35 -14.34
CA ALA Q 80 65.77 42.72 -14.28
C ALA Q 80 64.80 43.53 -15.13
N PRO Q 81 63.77 42.90 -15.76
CA PRO Q 81 62.78 43.64 -16.55
C PRO Q 81 61.77 44.37 -15.65
N ASP Q 82 61.03 45.33 -16.22
CA ASP Q 82 60.05 46.20 -15.49
C ASP Q 82 58.86 45.33 -15.06
N LEU Q 83 58.19 44.70 -16.03
CA LEU Q 83 57.09 43.71 -15.79
C LEU Q 83 57.71 42.34 -15.52
N PRO Q 84 57.17 41.53 -14.58
CA PRO Q 84 57.57 40.13 -14.46
C PRO Q 84 57.30 39.31 -15.74
N GLU Q 85 58.12 38.28 -15.97
CA GLU Q 85 58.07 37.35 -17.13
C GLU Q 85 56.62 36.96 -17.44
N ASP Q 86 55.95 36.32 -16.48
CA ASP Q 86 54.64 35.62 -16.66
C ASP Q 86 53.54 36.63 -17.03
N LEU Q 87 53.52 37.80 -16.38
CA LEU Q 87 52.53 38.88 -16.66
C LEU Q 87 52.76 39.43 -18.07
N TYR Q 88 54.02 39.76 -18.41
CA TYR Q 88 54.45 40.23 -19.75
C TYR Q 88 53.91 39.27 -20.82
N HIS Q 89 54.11 37.96 -20.63
CA HIS Q 89 53.72 36.89 -21.59
C HIS Q 89 52.19 36.81 -21.72
N LEU Q 90 51.45 36.93 -20.61
CA LEU Q 90 49.96 36.94 -20.61
C LEU Q 90 49.44 38.15 -21.38
N ILE Q 91 50.08 39.32 -21.20
CA ILE Q 91 49.69 40.61 -21.87
C ILE Q 91 49.92 40.49 -23.38
N LYS Q 92 51.05 39.92 -23.82
CA LYS Q 92 51.40 39.80 -25.26
C LYS Q 92 50.49 38.75 -25.92
N LYS Q 93 50.07 37.72 -25.17
CA LYS Q 93 49.07 36.71 -25.64
C LYS Q 93 47.68 37.37 -25.75
N ALA Q 94 47.31 38.19 -24.76
CA ALA Q 94 46.02 38.93 -24.69
C ALA Q 94 45.89 39.87 -25.90
N VAL Q 95 46.91 40.70 -26.15
CA VAL Q 95 46.90 41.71 -27.25
C VAL Q 95 46.96 40.99 -28.61
N ALA Q 96 47.63 39.83 -28.69
CA ALA Q 96 47.68 38.98 -29.91
C ALA Q 96 46.28 38.48 -30.25
N VAL Q 97 45.54 37.97 -29.25
CA VAL Q 97 44.12 37.48 -29.40
C VAL Q 97 43.21 38.67 -29.76
N ARG Q 98 43.41 39.82 -29.11
CA ARG Q 98 42.62 41.06 -29.38
C ARG Q 98 42.88 41.53 -30.82
N LYS Q 99 44.15 41.47 -31.27
CA LYS Q 99 44.57 41.81 -32.66
C LYS Q 99 43.87 40.87 -33.66
N HIS Q 100 43.75 39.58 -33.32
CA HIS Q 100 43.01 38.58 -34.14
C HIS Q 100 41.51 38.93 -34.15
N LEU Q 101 40.94 39.22 -32.97
CA LEU Q 101 39.49 39.48 -32.79
C LEU Q 101 39.03 40.73 -33.56
N GLU Q 102 39.90 41.73 -33.73
CA GLU Q 102 39.55 43.05 -34.34
C GLU Q 102 39.05 42.86 -35.79
N ARG Q 103 39.55 41.84 -36.50
CA ARG Q 103 39.13 41.49 -37.89
C ARG Q 103 37.90 40.55 -37.86
N ASN Q 104 37.92 39.55 -36.97
CA ASN Q 104 36.94 38.43 -36.94
C ASN Q 104 35.89 38.68 -35.85
N ARG Q 105 34.73 39.22 -36.24
CA ARG Q 105 33.60 39.57 -35.32
C ARG Q 105 32.78 38.31 -34.99
N LYS Q 106 32.90 37.23 -35.78
CA LYS Q 106 32.08 35.99 -35.66
C LYS Q 106 32.78 34.97 -34.75
N ASP Q 107 34.09 35.10 -34.51
CA ASP Q 107 34.91 34.10 -33.76
C ASP Q 107 34.58 34.18 -32.27
N LYS Q 108 33.49 33.53 -31.85
CA LYS Q 108 33.00 33.51 -30.45
C LYS Q 108 34.04 32.83 -29.55
N ASP Q 109 34.68 31.76 -30.06
CA ASP Q 109 35.74 31.01 -29.35
C ASP Q 109 36.84 31.98 -28.89
N ALA Q 110 37.33 32.85 -29.79
CA ALA Q 110 38.39 33.85 -29.51
C ALA Q 110 37.95 34.78 -28.37
N LYS Q 111 36.69 35.24 -28.40
CA LYS Q 111 36.09 36.12 -27.38
C LYS Q 111 36.11 35.41 -26.01
N PHE Q 112 35.59 34.18 -25.95
CA PHE Q 112 35.56 33.33 -24.73
C PHE Q 112 36.99 33.18 -24.17
N ARG Q 113 37.96 32.85 -25.02
CA ARG Q 113 39.38 32.60 -24.64
C ARG Q 113 40.02 33.90 -24.17
N LEU Q 114 39.71 35.04 -24.82
CA LEU Q 114 40.18 36.39 -24.39
C LEU Q 114 39.73 36.62 -22.94
N ILE Q 115 38.42 36.45 -22.66
CA ILE Q 115 37.82 36.62 -21.30
C ILE Q 115 38.63 35.79 -20.29
N LEU Q 116 38.98 34.55 -20.65
CA LEU Q 116 39.77 33.61 -19.79
C LEU Q 116 41.19 34.14 -19.57
N ILE Q 117 41.82 34.76 -20.59
CA ILE Q 117 43.19 35.35 -20.48
C ILE Q 117 43.11 36.59 -19.57
N GLU Q 118 42.19 37.52 -19.87
CA GLU Q 118 41.97 38.77 -19.08
C GLU Q 118 41.90 38.42 -17.59
N SER Q 119 41.11 37.39 -17.24
CA SER Q 119 40.93 36.87 -15.86
C SER Q 119 42.29 36.51 -15.24
N ARG Q 120 43.17 35.85 -15.99
CA ARG Q 120 44.52 35.44 -15.53
C ARG Q 120 45.40 36.67 -15.28
N ILE Q 121 45.37 37.66 -16.18
CA ILE Q 121 46.09 38.96 -16.02
C ILE Q 121 45.67 39.59 -14.68
N HIS Q 122 44.37 39.80 -14.48
CA HIS Q 122 43.79 40.48 -13.29
C HIS Q 122 44.15 39.74 -11.99
N ARG Q 123 44.06 38.40 -12.01
CA ARG Q 123 44.33 37.53 -10.82
C ARG Q 123 45.82 37.56 -10.46
N LEU Q 124 46.71 37.71 -11.46
CA LEU Q 124 48.18 37.76 -11.26
C LEU Q 124 48.59 39.18 -10.84
N ALA Q 125 48.01 40.20 -11.48
CA ALA Q 125 48.22 41.64 -11.16
C ALA Q 125 47.91 41.90 -9.69
N ARG Q 126 46.76 41.42 -9.20
CA ARG Q 126 46.29 41.55 -7.79
C ARG Q 126 47.36 40.99 -6.84
N TYR Q 127 47.95 39.84 -7.16
CA TYR Q 127 49.03 39.19 -6.36
C TYR Q 127 50.28 40.07 -6.34
N TYR Q 128 50.73 40.54 -7.50
CA TYR Q 128 51.95 41.38 -7.64
C TYR Q 128 51.75 42.74 -6.93
N LYS Q 129 50.54 43.30 -6.99
CA LYS Q 129 50.17 44.54 -6.23
C LYS Q 129 50.18 44.26 -4.72
N THR Q 130 49.76 43.05 -4.30
CA THR Q 130 49.79 42.60 -2.89
C THR Q 130 51.22 42.50 -2.38
N LYS Q 131 52.17 42.02 -3.21
CA LYS Q 131 53.61 41.87 -2.86
C LYS Q 131 54.38 43.18 -3.11
N ARG Q 132 53.73 44.20 -3.70
CA ARG Q 132 54.27 45.57 -3.93
C ARG Q 132 55.50 45.51 -4.86
N VAL Q 133 55.41 44.75 -5.95
CA VAL Q 133 56.40 44.74 -7.07
C VAL Q 133 55.91 45.66 -8.18
N LEU Q 134 54.59 45.80 -8.34
CA LEU Q 134 53.93 46.82 -9.22
C LEU Q 134 53.45 47.99 -8.36
N PRO Q 135 53.23 49.19 -8.94
CA PRO Q 135 52.57 50.29 -8.22
C PRO Q 135 51.08 50.02 -8.03
N PRO Q 136 50.45 50.59 -6.96
CA PRO Q 136 49.04 50.31 -6.67
C PRO Q 136 48.03 50.96 -7.64
N ASN Q 137 48.50 51.90 -8.47
CA ASN Q 137 47.71 52.61 -9.52
C ASN Q 137 47.74 51.83 -10.84
N TRP Q 138 48.48 50.70 -10.92
CA TRP Q 138 48.68 49.91 -12.16
C TRP Q 138 47.35 49.26 -12.59
N LYS Q 139 46.87 49.58 -13.80
CA LYS Q 139 45.66 49.01 -14.44
C LYS Q 139 46.05 48.35 -15.76
N TYR Q 140 45.10 47.68 -16.41
CA TYR Q 140 45.26 46.99 -17.72
C TYR Q 140 44.40 47.68 -18.79
N GLU Q 141 44.97 47.89 -19.98
CA GLU Q 141 44.29 48.52 -21.15
C GLU Q 141 44.78 47.86 -22.46
N GLY R 1 -67.41 -60.59 59.02
CA GLY R 1 -66.91 -60.74 60.42
C GLY R 1 -66.20 -59.49 60.90
N VAL R 2 -64.87 -59.42 60.71
CA VAL R 2 -64.00 -58.30 61.15
C VAL R 2 -64.22 -57.08 60.24
N MET R 3 -64.32 -57.30 58.92
CA MET R 3 -64.49 -56.23 57.89
C MET R 3 -65.85 -55.53 58.07
N ASP R 4 -65.90 -54.23 57.74
CA ASP R 4 -67.14 -53.39 57.76
C ASP R 4 -67.94 -53.69 56.50
N VAL R 5 -69.27 -53.56 56.58
CA VAL R 5 -70.24 -53.90 55.49
C VAL R 5 -69.90 -53.12 54.22
N ASN R 6 -69.57 -51.83 54.34
CA ASN R 6 -69.31 -50.90 53.20
C ASN R 6 -67.90 -51.12 52.63
N THR R 7 -66.98 -51.76 53.37
CA THR R 7 -65.57 -52.01 52.93
C THR R 7 -65.55 -52.88 51.66
N ALA R 8 -66.46 -53.85 51.56
CA ALA R 8 -66.63 -54.77 50.41
C ALA R 8 -66.83 -53.98 49.11
N LEU R 9 -67.58 -52.86 49.17
CA LEU R 9 -67.87 -51.96 48.01
C LEU R 9 -66.56 -51.60 47.29
N GLN R 10 -65.59 -51.06 48.03
CA GLN R 10 -64.29 -50.57 47.48
C GLN R 10 -63.55 -51.74 46.81
N GLU R 11 -63.40 -52.86 47.53
CA GLU R 11 -62.73 -54.10 47.06
C GLU R 11 -63.39 -54.60 45.77
N VAL R 12 -64.73 -54.74 45.77
CA VAL R 12 -65.54 -55.20 44.60
C VAL R 12 -65.27 -54.27 43.40
N LEU R 13 -65.44 -52.95 43.59
CA LEU R 13 -65.33 -51.93 42.52
C LEU R 13 -63.89 -51.88 41.98
N LYS R 14 -62.89 -51.86 42.88
CA LYS R 14 -61.44 -51.78 42.51
C LYS R 14 -60.96 -53.09 41.86
N THR R 15 -61.61 -54.23 42.14
CA THR R 15 -61.31 -55.56 41.53
C THR R 15 -62.07 -55.71 40.20
N ALA R 16 -63.28 -55.14 40.08
CA ALA R 16 -64.10 -55.14 38.84
C ALA R 16 -63.62 -54.06 37.85
N LEU R 17 -62.79 -53.11 38.31
CA LEU R 17 -62.18 -52.02 37.50
C LEU R 17 -61.39 -52.60 36.31
N ILE R 18 -60.52 -53.58 36.57
CA ILE R 18 -59.56 -54.15 35.57
C ILE R 18 -60.33 -54.81 34.40
N HIS R 19 -61.50 -55.40 34.69
CA HIS R 19 -62.34 -56.15 33.71
C HIS R 19 -63.24 -55.20 32.91
N ASP R 20 -63.29 -53.92 33.29
CA ASP R 20 -64.16 -52.86 32.69
C ASP R 20 -65.63 -53.28 32.90
N GLY R 21 -65.94 -53.79 34.09
CA GLY R 21 -67.27 -54.35 34.44
C GLY R 21 -68.16 -53.35 35.15
N LEU R 22 -67.85 -52.05 35.07
CA LEU R 22 -68.47 -50.96 35.87
C LEU R 22 -69.14 -49.95 34.94
N ALA R 23 -70.46 -50.11 34.71
CA ALA R 23 -71.31 -49.17 33.95
C ALA R 23 -71.48 -47.89 34.77
N ARG R 24 -70.95 -46.77 34.27
CA ARG R 24 -70.85 -45.47 34.99
C ARG R 24 -71.97 -44.53 34.53
N GLY R 25 -72.50 -43.71 35.44
CA GLY R 25 -73.61 -42.77 35.18
C GLY R 25 -74.94 -43.49 35.03
N ILE R 26 -75.86 -42.94 34.22
CA ILE R 26 -77.28 -43.41 34.11
C ILE R 26 -77.63 -43.80 32.66
N ARG R 27 -77.18 -43.05 31.65
CA ARG R 27 -77.49 -43.30 30.22
C ARG R 27 -76.64 -44.45 29.67
N GLU R 28 -75.68 -44.96 30.46
CA GLU R 28 -74.96 -46.24 30.19
C GLU R 28 -75.52 -47.35 31.11
N ALA R 29 -75.76 -47.04 32.39
CA ALA R 29 -76.23 -47.98 33.44
C ALA R 29 -77.60 -48.55 33.07
N ALA R 30 -78.57 -47.67 32.75
CA ALA R 30 -79.99 -48.01 32.44
C ALA R 30 -80.06 -48.94 31.22
N LYS R 31 -79.30 -48.63 30.16
CA LYS R 31 -79.34 -49.35 28.86
C LYS R 31 -78.68 -50.73 29.02
N ALA R 32 -77.66 -50.84 29.86
CA ALA R 32 -77.01 -52.12 30.28
C ALA R 32 -78.00 -52.92 31.14
N LEU R 33 -78.64 -52.26 32.11
CA LEU R 33 -79.66 -52.85 33.03
C LEU R 33 -80.85 -53.39 32.23
N ASP R 34 -81.25 -52.69 31.15
CA ASP R 34 -82.43 -53.05 30.31
C ASP R 34 -82.15 -54.30 29.45
N LYS R 35 -80.90 -54.74 29.33
CA LYS R 35 -80.52 -56.03 28.67
C LYS R 35 -80.45 -57.16 29.71
N ARG R 36 -80.51 -56.82 31.01
CA ARG R 36 -80.34 -57.75 32.17
C ARG R 36 -78.95 -58.39 32.12
N GLN R 37 -77.92 -57.59 31.88
CA GLN R 37 -76.48 -58.01 31.88
C GLN R 37 -75.76 -57.33 33.04
N ALA R 38 -76.46 -57.02 34.14
CA ALA R 38 -75.95 -56.30 35.33
C ALA R 38 -76.36 -57.05 36.60
N HIS R 39 -75.52 -57.00 37.64
CA HIS R 39 -75.73 -57.67 38.94
C HIS R 39 -76.26 -56.66 39.98
N LEU R 40 -75.44 -55.67 40.33
CA LEU R 40 -75.67 -54.75 41.48
C LEU R 40 -75.65 -53.29 41.01
N CYS R 41 -76.42 -52.43 41.70
CA CYS R 41 -76.46 -50.96 41.55
C CYS R 41 -76.09 -50.29 42.89
N VAL R 42 -75.43 -49.14 42.83
CA VAL R 42 -75.05 -48.29 44.00
C VAL R 42 -75.60 -46.87 43.76
N LEU R 43 -76.44 -46.37 44.69
CA LEU R 43 -77.12 -45.05 44.59
C LEU R 43 -76.78 -44.20 45.82
N ALA R 44 -76.60 -42.88 45.62
CA ALA R 44 -76.30 -41.87 46.66
C ALA R 44 -77.60 -41.16 47.09
N SER R 45 -77.66 -40.69 48.34
CA SER R 45 -78.83 -39.97 48.93
C SER R 45 -78.87 -38.52 48.44
N ASN R 46 -77.70 -37.86 48.34
CA ASN R 46 -77.57 -36.45 47.87
C ASN R 46 -78.03 -36.36 46.41
N CYS R 47 -79.35 -36.37 46.21
CA CYS R 47 -80.05 -36.29 44.90
C CYS R 47 -81.15 -35.23 44.99
N ASP R 48 -80.84 -34.00 44.54
CA ASP R 48 -81.71 -32.80 44.69
C ASP R 48 -83.00 -32.99 43.88
N GLU R 49 -82.89 -33.49 42.65
CA GLU R 49 -84.04 -33.77 41.74
C GLU R 49 -84.78 -35.01 42.26
N PRO R 50 -86.14 -34.98 42.36
CA PRO R 50 -86.90 -36.15 42.84
C PRO R 50 -86.92 -37.34 41.89
N MET R 51 -87.23 -37.11 40.60
CA MET R 51 -87.56 -38.14 39.58
C MET R 51 -86.42 -39.16 39.41
N TYR R 52 -85.17 -38.75 39.67
CA TYR R 52 -83.93 -39.57 39.52
C TYR R 52 -84.03 -40.83 40.39
N VAL R 53 -84.24 -40.67 41.71
CA VAL R 53 -84.22 -41.78 42.71
C VAL R 53 -85.37 -42.78 42.43
N LYS R 54 -86.56 -42.27 42.09
CA LYS R 54 -87.78 -43.10 41.85
C LYS R 54 -87.61 -43.89 40.54
N LEU R 55 -86.99 -43.28 39.52
CA LEU R 55 -86.69 -43.94 38.22
C LEU R 55 -85.73 -45.12 38.45
N VAL R 56 -84.56 -44.84 39.06
CA VAL R 56 -83.47 -45.85 39.25
C VAL R 56 -83.95 -46.99 40.17
N GLU R 57 -84.66 -46.67 41.25
CA GLU R 57 -85.16 -47.69 42.21
C GLU R 57 -86.23 -48.57 41.53
N ALA R 58 -87.13 -47.97 40.75
CA ALA R 58 -88.19 -48.66 39.99
C ALA R 58 -87.58 -49.62 38.95
N LEU R 59 -86.64 -49.12 38.15
CA LEU R 59 -85.93 -49.90 37.09
C LEU R 59 -85.13 -51.04 37.73
N CYS R 60 -84.45 -50.79 38.85
CA CYS R 60 -83.65 -51.79 39.59
C CYS R 60 -84.56 -52.84 40.25
N ALA R 61 -85.71 -52.41 40.79
CA ALA R 61 -86.74 -53.30 41.38
C ALA R 61 -87.41 -54.16 40.30
N GLU R 62 -87.49 -53.66 39.06
CA GLU R 62 -88.22 -54.29 37.91
C GLU R 62 -87.70 -55.72 37.66
N HIS R 63 -86.39 -55.88 37.45
CA HIS R 63 -85.73 -57.16 37.07
C HIS R 63 -84.99 -57.78 38.26
N GLN R 64 -85.39 -57.43 39.50
CA GLN R 64 -84.85 -57.98 40.78
C GLN R 64 -83.34 -57.73 40.86
N ILE R 65 -82.91 -56.48 40.72
CA ILE R 65 -81.50 -56.03 40.97
C ILE R 65 -81.40 -55.63 42.45
N ASN R 66 -80.48 -56.26 43.19
CA ASN R 66 -80.14 -55.90 44.60
C ASN R 66 -79.44 -54.53 44.61
N LEU R 67 -79.56 -53.78 45.71
CA LEU R 67 -79.07 -52.39 45.87
C LEU R 67 -78.12 -52.29 47.06
N ILE R 68 -76.98 -51.62 46.88
CA ILE R 68 -76.12 -51.09 47.99
C ILE R 68 -76.33 -49.57 48.03
N LYS R 69 -76.47 -49.01 49.24
CA LYS R 69 -76.80 -47.57 49.47
C LYS R 69 -75.56 -46.87 50.03
N VAL R 70 -75.06 -45.85 49.31
CA VAL R 70 -73.91 -44.98 49.73
C VAL R 70 -74.48 -43.64 50.22
N ASP R 71 -73.74 -42.95 51.11
CA ASP R 71 -74.14 -41.66 51.73
C ASP R 71 -74.13 -40.58 50.66
N ASP R 72 -72.95 -40.08 50.28
CA ASP R 72 -72.75 -38.87 49.42
C ASP R 72 -72.26 -39.31 48.03
N ASN R 73 -72.01 -38.33 47.15
CA ASN R 73 -71.71 -38.52 45.71
C ASN R 73 -70.21 -38.77 45.51
N LYS R 74 -69.37 -37.87 46.05
CA LYS R 74 -67.91 -37.78 45.77
C LYS R 74 -67.19 -39.07 46.19
N LYS R 75 -67.59 -39.65 47.33
CA LYS R 75 -66.96 -40.88 47.91
C LYS R 75 -67.16 -42.05 46.94
N LEU R 76 -68.38 -42.27 46.43
CA LEU R 76 -68.70 -43.34 45.45
C LEU R 76 -67.79 -43.22 44.23
N GLY R 77 -67.69 -42.01 43.66
CA GLY R 77 -66.79 -41.69 42.54
C GLY R 77 -65.34 -42.02 42.85
N GLU R 78 -64.89 -41.74 44.09
CA GLU R 78 -63.52 -42.04 44.57
C GLU R 78 -63.33 -43.55 44.71
N TRP R 79 -64.36 -44.29 45.17
CA TRP R 79 -64.31 -45.77 45.38
C TRP R 79 -64.25 -46.49 44.03
N VAL R 80 -65.03 -46.04 43.05
CA VAL R 80 -65.08 -46.63 41.66
C VAL R 80 -63.73 -46.36 40.97
N GLY R 81 -63.20 -45.13 41.11
CA GLY R 81 -61.88 -44.72 40.60
C GLY R 81 -61.99 -43.73 39.46
N LEU R 82 -62.67 -42.60 39.70
CA LEU R 82 -62.82 -41.47 38.75
C LEU R 82 -61.77 -40.38 39.05
N CYS R 83 -61.60 -40.03 40.32
CA CYS R 83 -60.81 -38.87 40.82
C CYS R 83 -59.36 -38.95 40.34
N LYS R 84 -58.76 -37.78 40.04
CA LYS R 84 -57.33 -37.60 39.71
C LYS R 84 -56.58 -37.17 40.99
N ILE R 85 -55.43 -37.79 41.25
CA ILE R 85 -54.63 -37.63 42.51
C ILE R 85 -53.31 -36.94 42.19
N ASP R 86 -52.71 -36.27 43.18
CA ASP R 86 -51.41 -35.53 43.06
C ASP R 86 -50.25 -36.52 43.21
N ARG R 87 -49.01 -36.02 43.15
CA ARG R 87 -47.75 -36.80 43.25
C ARG R 87 -47.68 -37.51 44.61
N GLU R 88 -48.11 -36.85 45.69
CA GLU R 88 -48.21 -37.43 47.06
C GLU R 88 -49.33 -38.48 47.11
N GLY R 89 -50.37 -38.33 46.28
CA GLY R 89 -51.49 -39.27 46.13
C GLY R 89 -52.70 -38.89 46.97
N LYS R 90 -52.98 -37.58 47.10
CA LYS R 90 -54.20 -37.04 47.75
C LYS R 90 -55.22 -36.71 46.66
N PRO R 91 -56.55 -36.84 46.91
CA PRO R 91 -57.57 -36.42 45.94
C PRO R 91 -57.55 -34.89 45.73
N ARG R 92 -57.16 -34.44 44.54
CA ARG R 92 -57.16 -33.00 44.14
C ARG R 92 -58.48 -32.70 43.40
N LYS R 93 -58.67 -33.27 42.21
CA LYS R 93 -59.82 -33.01 41.32
C LYS R 93 -60.79 -34.19 41.39
N VAL R 94 -62.02 -33.95 41.88
CA VAL R 94 -63.05 -34.99 42.14
C VAL R 94 -64.25 -34.74 41.21
N VAL R 95 -64.89 -35.81 40.73
CA VAL R 95 -66.14 -35.79 39.92
C VAL R 95 -67.10 -36.84 40.49
N GLY R 96 -68.37 -36.46 40.67
CA GLY R 96 -69.41 -37.28 41.33
C GLY R 96 -70.19 -38.12 40.35
N CYS R 97 -70.29 -39.43 40.61
CA CYS R 97 -71.17 -40.39 39.91
C CYS R 97 -72.23 -40.92 40.91
N SER R 98 -73.44 -40.35 40.87
CA SER R 98 -74.53 -40.57 41.85
C SER R 98 -75.05 -42.01 41.80
N CYS R 99 -75.18 -42.57 40.59
CA CYS R 99 -75.59 -43.98 40.34
C CYS R 99 -74.48 -44.72 39.56
N VAL R 100 -74.02 -45.86 40.09
CA VAL R 100 -73.05 -46.80 39.43
C VAL R 100 -73.71 -48.18 39.36
N VAL R 101 -73.39 -48.97 38.32
CA VAL R 101 -73.89 -50.37 38.12
C VAL R 101 -72.71 -51.27 37.75
N VAL R 102 -72.75 -52.54 38.17
CA VAL R 102 -71.68 -53.56 37.88
C VAL R 102 -72.29 -54.72 37.07
N LYS R 103 -71.56 -55.17 36.04
CA LYS R 103 -71.95 -56.30 35.16
C LYS R 103 -71.12 -57.55 35.51
N ASP R 104 -69.81 -57.41 35.72
CA ASP R 104 -68.85 -58.52 35.98
C ASP R 104 -68.02 -58.19 37.23
N TYR R 105 -67.85 -59.17 38.12
CA TYR R 105 -66.99 -59.10 39.33
C TYR R 105 -65.64 -59.77 39.03
N GLY R 106 -64.63 -59.48 39.86
CA GLY R 106 -63.34 -60.19 39.90
C GLY R 106 -63.44 -61.43 40.79
N LYS R 107 -62.29 -61.97 41.22
CA LYS R 107 -62.19 -63.15 42.13
C LYS R 107 -61.56 -62.71 43.45
N GLU R 108 -62.39 -62.31 44.42
CA GLU R 108 -62.00 -61.91 45.80
C GLU R 108 -62.95 -62.58 46.81
N SER R 109 -62.46 -63.59 47.53
CA SER R 109 -63.19 -64.36 48.57
C SER R 109 -63.61 -63.42 49.71
N GLN R 110 -62.69 -62.54 50.15
CA GLN R 110 -62.90 -61.54 51.24
C GLN R 110 -64.00 -60.53 50.85
N ALA R 111 -64.24 -60.31 49.56
CA ALA R 111 -65.28 -59.41 49.01
C ALA R 111 -66.59 -60.19 48.78
N LYS R 112 -66.51 -61.35 48.13
CA LYS R 112 -67.68 -62.18 47.71
C LYS R 112 -68.44 -62.74 48.92
N ASP R 113 -67.73 -63.11 50.00
CA ASP R 113 -68.30 -63.89 51.14
C ASP R 113 -69.31 -63.06 51.93
N VAL R 114 -69.22 -61.73 51.93
CA VAL R 114 -70.06 -60.82 52.78
C VAL R 114 -71.10 -60.08 51.93
N ILE R 115 -70.73 -59.53 50.77
CA ILE R 115 -71.57 -58.56 49.99
C ILE R 115 -72.92 -59.20 49.59
N GLU R 116 -72.92 -60.46 49.17
CA GLU R 116 -74.16 -61.21 48.80
C GLU R 116 -74.96 -61.56 50.06
N GLU R 117 -74.27 -61.85 51.17
CA GLU R 117 -74.88 -62.25 52.48
C GLU R 117 -75.65 -61.08 53.12
N TYR R 118 -75.35 -59.84 52.72
CA TYR R 118 -76.10 -58.61 53.11
C TYR R 118 -77.54 -58.68 52.56
N PHE R 119 -77.78 -59.49 51.52
CA PHE R 119 -79.12 -59.77 50.91
C PHE R 119 -79.63 -61.15 51.36
N LYS R 120 -79.26 -61.59 52.57
CA LYS R 120 -79.82 -62.80 53.26
C LYS R 120 -80.34 -62.38 54.64
N GLY S 1 18.09 -6.61 -90.01
CA GLY S 1 18.33 -5.23 -90.52
C GLY S 1 19.81 -4.97 -90.79
N PRO S 2 20.64 -4.75 -89.74
CA PRO S 2 22.10 -4.65 -89.88
C PRO S 2 22.72 -5.80 -90.70
N GLN S 3 23.53 -5.45 -91.71
CA GLN S 3 24.26 -6.40 -92.60
C GLN S 3 25.52 -6.89 -91.87
N VAL S 4 25.36 -7.88 -90.99
CA VAL S 4 26.44 -8.46 -90.12
C VAL S 4 26.46 -9.98 -90.31
N ALA S 5 27.62 -10.60 -90.09
CA ALA S 5 27.85 -12.06 -90.17
C ALA S 5 27.00 -12.78 -89.10
N GLU S 6 26.48 -13.97 -89.44
CA GLU S 6 25.58 -14.80 -88.59
C GLU S 6 26.23 -15.11 -87.23
N GLY S 7 27.56 -15.31 -87.21
CA GLY S 7 28.33 -15.68 -86.00
C GLY S 7 28.42 -14.54 -85.00
N GLU S 8 28.73 -13.33 -85.47
CA GLU S 8 28.96 -12.13 -84.62
C GLU S 8 27.64 -11.67 -83.98
N ASN S 9 27.66 -11.37 -82.68
CA ASN S 9 26.50 -10.91 -81.88
C ASN S 9 26.45 -9.38 -81.89
N VAL S 10 25.37 -8.81 -82.43
CA VAL S 10 25.09 -7.34 -82.42
C VAL S 10 24.61 -6.97 -81.01
N PHE S 11 25.33 -6.09 -80.31
CA PHE S 11 25.07 -5.71 -78.90
C PHE S 11 24.09 -4.53 -78.84
N GLY S 12 23.35 -4.45 -77.73
CA GLY S 12 22.54 -3.29 -77.30
C GLY S 12 22.72 -3.06 -75.81
N VAL S 13 22.09 -2.00 -75.28
CA VAL S 13 22.09 -1.67 -73.83
C VAL S 13 20.64 -1.70 -73.34
N CYS S 14 20.32 -2.59 -72.40
CA CYS S 14 19.00 -2.67 -71.73
C CYS S 14 19.07 -1.99 -70.36
N HIS S 15 18.40 -0.84 -70.21
CA HIS S 15 18.17 -0.15 -68.92
C HIS S 15 16.95 -0.77 -68.25
N ILE S 16 17.11 -1.35 -67.06
CA ILE S 16 16.00 -1.94 -66.25
C ILE S 16 15.82 -1.08 -64.99
N PHE S 17 14.84 -0.18 -64.99
CA PHE S 17 14.48 0.68 -63.84
C PHE S 17 13.34 0.00 -63.06
N ALA S 18 13.68 -0.61 -61.91
CA ALA S 18 12.77 -1.43 -61.08
C ALA S 18 12.41 -0.66 -59.80
N SER S 19 11.29 0.07 -59.81
CA SER S 19 10.69 0.76 -58.63
C SER S 19 9.68 -0.18 -57.96
N PHE S 20 9.03 0.27 -56.88
CA PHE S 20 8.03 -0.50 -56.10
C PHE S 20 6.61 -0.21 -56.62
N ASN S 21 6.44 0.79 -57.51
CA ASN S 21 5.15 1.15 -58.15
C ASN S 21 5.07 0.60 -59.58
N ASP S 22 6.20 0.37 -60.24
CA ASP S 22 6.28 -0.07 -61.66
C ASP S 22 7.66 -0.63 -61.97
N THR S 23 7.80 -1.33 -63.11
CA THR S 23 9.08 -1.81 -63.68
C THR S 23 9.21 -1.27 -65.12
N PHE S 24 10.42 -0.85 -65.49
CA PHE S 24 10.79 -0.34 -66.84
C PHE S 24 11.90 -1.23 -67.42
N VAL S 25 11.60 -1.97 -68.50
CA VAL S 25 12.60 -2.65 -69.35
C VAL S 25 12.67 -1.88 -70.68
N HIS S 26 13.82 -1.25 -70.95
CA HIS S 26 14.06 -0.25 -72.02
C HIS S 26 15.38 -0.58 -72.74
N VAL S 27 15.29 -1.10 -73.97
CA VAL S 27 16.47 -1.46 -74.82
C VAL S 27 16.80 -0.27 -75.74
N THR S 28 18.09 0.05 -75.85
CA THR S 28 18.67 1.13 -76.68
C THR S 28 19.98 0.63 -77.32
N ASP S 29 20.61 1.46 -78.17
CA ASP S 29 21.91 1.16 -78.83
C ASP S 29 23.03 1.24 -77.79
N LEU S 30 24.29 1.11 -78.22
CA LEU S 30 25.50 1.12 -77.35
C LEU S 30 25.63 2.49 -76.64
N SER S 31 25.27 3.58 -77.34
CA SER S 31 25.40 4.98 -76.83
C SER S 31 24.32 5.28 -75.78
N GLY S 32 23.06 4.94 -76.09
CA GLY S 32 21.89 5.20 -75.22
C GLY S 32 20.92 6.18 -75.84
N LYS S 33 21.40 7.05 -76.75
CA LYS S 33 20.62 8.14 -77.39
C LYS S 33 19.51 7.54 -78.27
N GLU S 34 19.89 6.64 -79.19
CA GLU S 34 18.95 5.96 -80.14
C GLU S 34 18.32 4.75 -79.44
N THR S 35 17.13 4.94 -78.86
CA THR S 35 16.33 3.87 -78.19
C THR S 35 15.81 2.88 -79.23
N ILE S 36 15.56 1.63 -78.80
CA ILE S 36 15.02 0.53 -79.66
C ILE S 36 13.55 0.26 -79.27
N CYS S 37 13.30 0.00 -77.99
CA CYS S 37 11.96 -0.43 -77.49
C CYS S 37 11.91 -0.38 -75.96
N ARG S 38 10.84 0.20 -75.39
CA ARG S 38 10.57 0.24 -73.94
C ARG S 38 9.16 -0.28 -73.67
N VAL S 39 9.03 -1.21 -72.72
CA VAL S 39 7.72 -1.76 -72.26
C VAL S 39 7.74 -1.81 -70.73
N THR S 40 6.63 -1.40 -70.10
CA THR S 40 6.46 -1.30 -68.63
C THR S 40 5.25 -2.14 -68.21
N GLY S 41 5.19 -2.53 -66.93
CA GLY S 41 4.12 -3.36 -66.36
C GLY S 41 2.72 -2.86 -66.70
N GLY S 42 2.54 -1.54 -66.75
CA GLY S 42 1.27 -0.87 -67.10
C GLY S 42 0.69 -1.35 -68.43
N MET S 43 1.54 -1.58 -69.43
CA MET S 43 1.11 -2.02 -70.79
C MET S 43 0.66 -3.49 -70.76
N LYS S 44 1.22 -4.31 -69.85
CA LYS S 44 0.94 -5.76 -69.77
C LYS S 44 -0.35 -6.00 -68.97
N VAL S 45 -0.37 -5.62 -67.68
CA VAL S 45 -1.53 -5.84 -66.75
C VAL S 45 -2.32 -4.53 -66.61
N LYS S 46 -3.64 -4.62 -66.49
CA LYS S 46 -4.57 -3.49 -66.25
C LYS S 46 -5.03 -3.54 -64.78
N ALA S 47 -4.07 -3.45 -63.85
CA ALA S 47 -4.26 -3.47 -62.38
C ALA S 47 -3.13 -2.67 -61.71
N ASP S 48 -3.47 -1.53 -61.09
CA ASP S 48 -2.50 -0.59 -60.45
C ASP S 48 -1.74 -1.31 -59.32
N ARG S 49 -2.34 -2.34 -58.72
CA ARG S 49 -1.71 -3.25 -57.73
C ARG S 49 -0.48 -3.93 -58.34
N ASP S 50 -0.66 -4.52 -59.53
CA ASP S 50 0.28 -5.49 -60.16
C ASP S 50 1.16 -4.83 -61.23
N GLU S 51 1.17 -3.48 -61.30
CA GLU S 51 2.09 -2.70 -62.18
C GLU S 51 3.54 -3.17 -61.98
N SER S 52 3.95 -3.44 -60.73
CA SER S 52 5.35 -3.78 -60.34
C SER S 52 5.54 -5.29 -60.12
N SER S 53 4.49 -6.11 -60.29
CA SER S 53 4.50 -7.57 -59.99
C SER S 53 5.56 -8.27 -60.85
N PRO S 54 6.25 -9.33 -60.34
CA PRO S 54 7.20 -10.10 -61.13
C PRO S 54 6.66 -10.64 -62.46
N TYR S 55 5.37 -11.01 -62.49
CA TYR S 55 4.65 -11.51 -63.68
C TYR S 55 4.62 -10.42 -64.78
N ALA S 56 4.23 -9.19 -64.42
CA ALA S 56 4.20 -8.02 -65.32
C ALA S 56 5.60 -7.76 -65.91
N ALA S 57 6.64 -7.82 -65.06
CA ALA S 57 8.06 -7.65 -65.43
C ALA S 57 8.47 -8.73 -66.45
N MET S 58 8.12 -9.99 -66.17
CA MET S 58 8.38 -11.17 -67.04
C MET S 58 7.76 -10.92 -68.43
N LEU S 59 6.48 -10.54 -68.48
CA LEU S 59 5.73 -10.27 -69.74
C LEU S 59 6.41 -9.13 -70.52
N ALA S 60 6.75 -8.02 -69.83
CA ALA S 60 7.39 -6.82 -70.41
C ALA S 60 8.70 -7.21 -71.11
N ALA S 61 9.58 -7.91 -70.40
CA ALA S 61 10.91 -8.38 -70.88
C ALA S 61 10.75 -9.39 -72.02
N GLN S 62 9.70 -10.22 -71.98
CA GLN S 62 9.39 -11.24 -73.03
C GLN S 62 8.99 -10.51 -74.33
N ASP S 63 8.16 -9.46 -74.24
CA ASP S 63 7.66 -8.70 -75.41
C ASP S 63 8.78 -7.85 -76.02
N VAL S 64 9.61 -7.21 -75.19
CA VAL S 64 10.74 -6.35 -75.66
C VAL S 64 11.79 -7.23 -76.34
N ALA S 65 12.04 -8.45 -75.82
CA ALA S 65 12.92 -9.47 -76.44
C ALA S 65 12.37 -9.85 -77.82
N GLN S 66 11.08 -10.21 -77.88
CA GLN S 66 10.35 -10.60 -79.12
C GLN S 66 10.51 -9.51 -80.19
N ARG S 67 10.44 -8.24 -79.82
CA ARG S 67 10.61 -7.08 -80.74
C ARG S 67 12.08 -6.95 -81.15
N CYS S 68 13.03 -7.12 -80.21
CA CYS S 68 14.49 -6.98 -80.43
C CYS S 68 15.02 -8.03 -81.42
N LYS S 69 14.46 -9.25 -81.40
CA LYS S 69 14.79 -10.34 -82.36
C LYS S 69 14.60 -9.85 -83.81
N GLU S 70 13.52 -9.10 -84.06
CA GLU S 70 13.08 -8.66 -85.42
C GLU S 70 13.92 -7.46 -85.91
N LEU S 71 14.70 -6.81 -85.04
CA LEU S 71 15.56 -5.64 -85.40
C LEU S 71 17.04 -6.05 -85.46
N GLY S 72 17.37 -7.32 -85.20
CA GLY S 72 18.71 -7.90 -85.45
C GLY S 72 19.60 -7.96 -84.21
N ILE S 73 19.22 -7.31 -83.11
CA ILE S 73 19.99 -7.32 -81.83
C ILE S 73 19.85 -8.70 -81.19
N THR S 74 20.98 -9.33 -80.85
CA THR S 74 21.08 -10.68 -80.25
C THR S 74 21.55 -10.61 -78.79
N ALA S 75 22.43 -9.65 -78.45
CA ALA S 75 23.01 -9.47 -77.10
C ALA S 75 22.59 -8.12 -76.51
N LEU S 76 22.55 -8.04 -75.16
CA LEU S 76 22.16 -6.83 -74.39
C LEU S 76 23.15 -6.63 -73.23
N HIS S 77 23.53 -5.38 -72.96
CA HIS S 77 24.26 -4.93 -71.74
C HIS S 77 23.22 -4.48 -70.70
N ILE S 78 23.09 -5.21 -69.59
CA ILE S 78 22.05 -4.95 -68.54
C ILE S 78 22.54 -3.79 -67.65
N LYS S 79 21.66 -2.81 -67.39
CA LYS S 79 21.86 -1.71 -66.42
C LYS S 79 20.67 -1.66 -65.46
N LEU S 80 20.80 -2.29 -64.29
CA LEU S 80 19.75 -2.31 -63.23
C LEU S 80 19.75 -0.97 -62.50
N ARG S 81 18.57 -0.43 -62.20
CA ARG S 81 18.37 0.93 -61.63
C ARG S 81 17.21 0.89 -60.62
N ALA S 82 17.50 1.17 -59.35
CA ALA S 82 16.52 1.46 -58.29
C ALA S 82 16.23 2.97 -58.29
N THR S 83 15.11 3.39 -57.68
CA THR S 83 14.64 4.80 -57.64
C THR S 83 15.78 5.74 -57.22
N GLY S 84 16.62 5.32 -56.27
CA GLY S 84 17.83 6.04 -55.83
C GLY S 84 17.49 7.41 -55.27
N GLY S 85 18.33 8.42 -55.57
CA GLY S 85 18.21 9.80 -55.06
C GLY S 85 18.21 9.81 -53.53
N ASN S 86 17.18 10.40 -52.91
CA ASN S 86 16.97 10.39 -51.44
C ASN S 86 16.08 9.21 -51.04
N ARG S 87 15.51 8.46 -52.01
CA ARG S 87 14.63 7.29 -51.79
C ARG S 87 15.48 6.01 -51.72
N THR S 88 14.83 4.84 -51.63
CA THR S 88 15.43 3.49 -51.47
C THR S 88 16.46 3.19 -52.57
N LYS S 89 17.48 2.38 -52.23
CA LYS S 89 18.60 1.96 -53.11
C LYS S 89 18.42 0.52 -53.62
N THR S 90 17.65 -0.31 -52.90
CA THR S 90 17.35 -1.72 -53.27
C THR S 90 16.47 -1.73 -54.53
N PRO S 91 16.72 -2.61 -55.53
CA PRO S 91 15.82 -2.74 -56.68
C PRO S 91 14.44 -3.29 -56.31
N GLY S 92 13.43 -3.00 -57.13
CA GLY S 92 12.05 -3.48 -56.97
C GLY S 92 11.93 -4.99 -57.22
N PRO S 93 10.73 -5.59 -57.04
CA PRO S 93 10.56 -7.03 -57.20
C PRO S 93 10.58 -7.53 -58.66
N GLY S 94 10.42 -6.63 -59.64
CA GLY S 94 10.36 -6.97 -61.08
C GLY S 94 11.72 -7.30 -61.67
N ALA S 95 12.80 -6.70 -61.15
CA ALA S 95 14.19 -6.75 -61.67
C ALA S 95 14.58 -8.18 -62.06
N GLN S 96 14.53 -9.11 -61.10
CA GLN S 96 15.05 -10.50 -61.23
C GLN S 96 14.22 -11.27 -62.26
N SER S 97 12.89 -11.16 -62.18
CA SER S 97 11.90 -11.79 -63.11
C SER S 97 12.15 -11.30 -64.54
N ALA S 98 12.33 -9.98 -64.72
CA ALA S 98 12.61 -9.32 -66.02
C ALA S 98 13.92 -9.85 -66.61
N LEU S 99 14.99 -9.90 -65.80
CA LEU S 99 16.34 -10.37 -66.21
C LEU S 99 16.26 -11.85 -66.62
N ARG S 100 15.59 -12.68 -65.81
CA ARG S 100 15.31 -14.12 -66.12
C ARG S 100 14.60 -14.23 -67.47
N ALA S 101 13.57 -13.42 -67.69
CA ALA S 101 12.69 -13.42 -68.89
C ALA S 101 13.49 -13.01 -70.14
N LEU S 102 14.41 -12.06 -70.01
CA LEU S 102 15.34 -11.65 -71.10
C LEU S 102 16.32 -12.79 -71.42
N ALA S 103 16.91 -13.40 -70.38
CA ALA S 103 17.86 -14.53 -70.48
C ALA S 103 17.17 -15.77 -71.08
N ARG S 104 15.87 -15.95 -70.82
CA ARG S 104 15.07 -17.13 -71.29
C ARG S 104 14.63 -16.95 -72.75
N SER S 105 14.36 -15.71 -73.18
CA SER S 105 13.89 -15.37 -74.55
C SER S 105 14.92 -15.79 -75.62
N GLY S 106 16.20 -15.91 -75.25
CA GLY S 106 17.31 -16.30 -76.14
C GLY S 106 18.31 -15.16 -76.35
N MET S 107 18.01 -13.97 -75.81
CA MET S 107 18.91 -12.78 -75.88
C MET S 107 20.13 -13.03 -75.01
N LYS S 108 21.33 -12.73 -75.51
CA LYS S 108 22.61 -12.98 -74.78
C LYS S 108 22.79 -11.91 -73.70
N ILE S 109 23.49 -12.25 -72.61
CA ILE S 109 23.74 -11.36 -71.44
C ILE S 109 25.16 -10.79 -71.56
N GLY S 110 25.29 -9.46 -71.61
CA GLY S 110 26.57 -8.73 -71.66
C GLY S 110 27.08 -8.42 -70.26
N ARG S 111 27.70 -7.25 -70.08
CA ARG S 111 28.14 -6.74 -68.75
C ARG S 111 26.91 -6.36 -67.94
N ILE S 112 26.78 -6.92 -66.73
CA ILE S 112 25.74 -6.58 -65.72
C ILE S 112 26.32 -5.50 -64.79
N GLU S 113 25.54 -4.47 -64.46
CA GLU S 113 25.98 -3.35 -63.60
C GLU S 113 24.76 -2.65 -62.98
N ASP S 114 24.95 -2.06 -61.79
CA ASP S 114 23.96 -1.19 -61.11
C ASP S 114 24.25 0.27 -61.47
N VAL S 115 23.22 1.02 -61.88
CA VAL S 115 23.31 2.47 -62.23
C VAL S 115 22.30 3.26 -61.38
N THR S 116 22.12 2.85 -60.12
CA THR S 116 21.25 3.55 -59.12
C THR S 116 21.84 4.92 -58.84
N PRO S 117 21.06 6.03 -58.96
CA PRO S 117 21.59 7.35 -58.66
C PRO S 117 21.84 7.52 -57.15
N ILE S 118 23.08 7.23 -56.71
CA ILE S 118 23.56 7.40 -55.31
C ILE S 118 23.99 8.86 -55.15
N PRO S 119 23.55 9.52 -54.10
CA PRO S 119 23.77 10.90 -53.78
C PRO S 119 24.68 11.15 -52.63
N SER S 120 25.62 12.06 -52.77
CA SER S 120 26.49 12.33 -51.67
C SER S 120 26.00 13.02 -50.36
N ASP S 121 25.23 14.09 -50.41
CA ASP S 121 24.79 14.77 -49.20
C ASP S 121 23.49 15.37 -49.72
N SER S 122 22.46 14.58 -49.92
CA SER S 122 21.23 15.06 -50.54
C SER S 122 20.30 15.88 -49.72
N THR S 123 19.33 16.45 -50.41
CA THR S 123 18.29 17.29 -49.91
C THR S 123 17.25 16.55 -49.08
N ARG S 124 16.40 17.22 -48.30
CA ARG S 124 15.43 16.60 -47.35
C ARG S 124 14.56 15.56 -48.08
N ARG S 125 14.43 14.36 -47.51
CA ARG S 125 13.61 13.24 -48.04
C ARG S 125 12.12 13.57 -47.83
N LYS S 126 11.25 13.01 -48.69
CA LYS S 126 9.80 13.35 -48.80
C LYS S 126 9.07 13.19 -47.46
N GLY S 127 9.49 12.26 -46.60
CA GLY S 127 8.88 12.04 -45.28
C GLY S 127 9.24 13.15 -44.30
N GLY S 128 8.33 13.47 -43.37
CA GLY S 128 8.55 14.45 -42.29
C GLY S 128 9.59 13.98 -41.29
N ARG S 129 9.83 14.74 -40.22
CA ARG S 129 10.83 14.42 -39.16
C ARG S 129 10.46 13.11 -38.46
N ARG S 130 9.20 12.97 -38.04
CA ARG S 130 8.66 11.74 -37.40
C ARG S 130 8.51 10.62 -38.44
N GLY S 131 8.39 10.98 -39.72
CA GLY S 131 8.41 10.05 -40.87
C GLY S 131 7.00 9.61 -41.24
N ARG S 132 6.91 8.47 -41.94
CA ARG S 132 5.64 7.89 -42.43
C ARG S 132 5.06 6.98 -41.33
N ARG S 133 3.86 7.30 -40.82
CA ARG S 133 3.19 6.59 -39.70
C ARG S 133 2.13 5.63 -40.27
N LEU S 134 2.55 4.70 -41.14
CA LEU S 134 1.69 3.64 -41.73
C LEU S 134 2.57 2.54 -42.35
N PHE T 1 -88.05 -30.48 -36.24
CA PHE T 1 -86.71 -31.01 -35.89
C PHE T 1 -86.70 -32.54 -36.03
N THR T 2 -85.52 -33.12 -36.23
CA THR T 2 -85.25 -34.58 -36.20
C THR T 2 -83.76 -34.82 -35.89
N TYR T 3 -83.45 -35.90 -35.15
CA TYR T 3 -82.08 -36.37 -34.83
C TYR T 3 -81.91 -37.81 -35.33
N ARG T 4 -80.95 -38.03 -36.24
CA ARG T 4 -80.63 -39.34 -36.86
C ARG T 4 -81.91 -40.02 -37.38
N GLY T 5 -82.79 -39.24 -38.01
CA GLY T 5 -84.08 -39.70 -38.58
C GLY T 5 -85.11 -40.06 -37.52
N VAL T 6 -84.98 -39.48 -36.31
CA VAL T 6 -85.91 -39.71 -35.16
C VAL T 6 -86.30 -38.34 -34.58
N ASP T 7 -87.59 -37.99 -34.66
CA ASP T 7 -88.17 -36.73 -34.11
C ASP T 7 -88.17 -36.83 -32.58
N LEU T 8 -88.06 -35.67 -31.90
CA LEU T 8 -87.88 -35.54 -30.42
C LEU T 8 -89.00 -36.26 -29.67
N ASP T 9 -90.24 -36.17 -30.16
CA ASP T 9 -91.47 -36.72 -29.51
C ASP T 9 -91.31 -38.23 -29.25
N GLN T 10 -90.57 -38.96 -30.10
CA GLN T 10 -90.28 -40.42 -29.92
C GLN T 10 -88.83 -40.64 -29.47
N LEU T 11 -88.03 -39.58 -29.27
CA LEU T 11 -86.76 -39.65 -28.49
C LEU T 11 -87.11 -39.74 -26.99
N LEU T 12 -88.10 -38.96 -26.54
CA LEU T 12 -88.55 -38.92 -25.11
C LEU T 12 -88.99 -40.31 -24.65
N ASP T 13 -89.93 -40.94 -25.37
CA ASP T 13 -90.52 -42.26 -25.00
C ASP T 13 -89.49 -43.39 -25.21
N MET T 14 -88.53 -43.20 -26.13
CA MET T 14 -87.44 -44.18 -26.42
C MET T 14 -86.61 -44.39 -25.15
N SER T 15 -86.29 -45.64 -24.84
CA SER T 15 -85.64 -46.09 -23.57
C SER T 15 -84.12 -45.90 -23.66
N TYR T 16 -83.40 -46.23 -22.58
CA TYR T 16 -81.94 -46.01 -22.38
C TYR T 16 -81.12 -46.87 -23.35
N GLU T 17 -81.62 -48.07 -23.71
CA GLU T 17 -80.87 -49.11 -24.45
C GLU T 17 -80.70 -48.70 -25.92
N GLN T 18 -81.81 -48.61 -26.68
CA GLN T 18 -81.78 -48.38 -28.16
C GLN T 18 -81.40 -46.93 -28.48
N LEU T 19 -81.37 -46.04 -27.48
CA LEU T 19 -80.82 -44.66 -27.59
C LEU T 19 -79.29 -44.71 -27.78
N MET T 20 -78.64 -45.77 -27.29
CA MET T 20 -77.16 -45.92 -27.26
C MET T 20 -76.56 -45.83 -28.67
N GLN T 21 -77.09 -46.61 -29.63
CA GLN T 21 -76.50 -46.76 -31.00
C GLN T 21 -76.75 -45.49 -31.83
N LEU T 22 -77.84 -44.75 -31.58
CA LEU T 22 -78.16 -43.46 -32.26
C LEU T 22 -77.02 -42.44 -32.04
N TYR T 23 -76.44 -42.40 -30.84
CA TYR T 23 -75.34 -41.48 -30.47
C TYR T 23 -74.05 -41.90 -31.18
N SER T 24 -73.06 -41.00 -31.19
CA SER T 24 -71.69 -41.25 -31.72
C SER T 24 -70.93 -42.21 -30.80
N ALA T 25 -69.81 -42.76 -31.28
CA ALA T 25 -69.04 -43.87 -30.66
C ALA T 25 -68.67 -43.55 -29.21
N ARG T 26 -68.20 -42.33 -28.93
CA ARG T 26 -67.76 -41.87 -27.59
C ARG T 26 -68.90 -42.01 -26.59
N GLN T 27 -70.03 -41.33 -26.86
CA GLN T 27 -71.22 -41.29 -25.98
C GLN T 27 -71.73 -42.73 -25.76
N ARG T 28 -71.87 -43.49 -26.86
CA ARG T 28 -72.26 -44.92 -26.86
C ARG T 28 -71.41 -45.68 -25.83
N ARG T 29 -70.08 -45.51 -25.86
CA ARG T 29 -69.15 -46.15 -24.89
C ARG T 29 -69.47 -45.66 -23.48
N ARG T 30 -69.65 -44.35 -23.29
CA ARG T 30 -69.95 -43.73 -21.97
C ARG T 30 -71.22 -44.36 -21.38
N LEU T 31 -72.32 -44.42 -22.15
CA LEU T 31 -73.61 -45.02 -21.72
C LEU T 31 -73.44 -46.52 -21.46
N ASN T 32 -72.60 -47.19 -22.26
CA ASN T 32 -72.25 -48.63 -22.10
C ASN T 32 -71.58 -48.83 -20.73
N ARG T 33 -70.66 -47.95 -20.35
CA ARG T 33 -69.91 -48.00 -19.06
C ARG T 33 -70.84 -47.64 -17.89
N GLY T 34 -71.95 -46.93 -18.17
CA GLY T 34 -73.00 -46.60 -17.18
C GLY T 34 -72.67 -45.35 -16.39
N LEU T 35 -73.70 -44.62 -15.93
CA LEU T 35 -73.57 -43.35 -15.19
C LEU T 35 -73.43 -43.64 -13.69
N ARG T 36 -72.64 -42.82 -12.99
CA ARG T 36 -72.38 -42.92 -11.52
C ARG T 36 -73.45 -42.12 -10.77
N ARG T 37 -73.28 -41.91 -9.46
CA ARG T 37 -74.30 -41.32 -8.54
C ARG T 37 -74.63 -39.87 -8.93
N LYS T 38 -73.61 -39.01 -9.02
CA LYS T 38 -73.72 -37.54 -9.24
C LYS T 38 -74.46 -37.24 -10.57
N GLN T 39 -74.29 -38.07 -11.59
CA GLN T 39 -74.97 -37.93 -12.90
C GLN T 39 -76.49 -38.13 -12.72
N HIS T 40 -76.88 -39.24 -12.07
CA HIS T 40 -78.30 -39.54 -11.69
C HIS T 40 -78.85 -38.42 -10.80
N SER T 41 -78.08 -38.03 -9.78
CA SER T 41 -78.43 -36.93 -8.82
C SER T 41 -78.78 -35.64 -9.59
N LEU T 42 -77.99 -35.31 -10.63
CA LEU T 42 -78.23 -34.13 -11.51
C LEU T 42 -79.53 -34.33 -12.30
N LEU T 43 -79.71 -35.49 -12.94
CA LEU T 43 -80.95 -35.83 -13.70
C LEU T 43 -82.17 -35.65 -12.80
N LYS T 44 -82.14 -36.23 -11.58
CA LYS T 44 -83.23 -36.14 -10.56
C LYS T 44 -83.54 -34.66 -10.29
N ARG T 45 -82.51 -33.85 -10.01
CA ARG T 45 -82.61 -32.38 -9.78
C ARG T 45 -83.26 -31.71 -10.99
N LEU T 46 -82.83 -32.06 -12.20
CA LEU T 46 -83.28 -31.41 -13.48
C LEU T 46 -84.75 -31.75 -13.77
N ARG T 47 -85.14 -33.03 -13.65
CA ARG T 47 -86.55 -33.46 -13.91
C ARG T 47 -87.47 -32.85 -12.83
N LYS T 48 -87.00 -32.73 -11.59
CA LYS T 48 -87.74 -32.09 -10.47
C LYS T 48 -87.89 -30.59 -10.75
N ALA T 49 -86.79 -29.93 -11.12
CA ALA T 49 -86.73 -28.49 -11.48
C ALA T 49 -87.71 -28.19 -12.63
N LYS T 50 -87.85 -29.13 -13.59
CA LYS T 50 -88.82 -29.04 -14.72
C LYS T 50 -90.25 -29.28 -14.20
N LYS T 51 -90.44 -30.37 -13.44
CA LYS T 51 -91.77 -30.83 -12.92
C LYS T 51 -92.44 -29.71 -12.10
N GLU T 52 -91.67 -29.04 -11.23
CA GLU T 52 -92.18 -27.99 -10.29
C GLU T 52 -92.42 -26.66 -11.03
N ALA T 53 -91.87 -26.48 -12.24
CA ALA T 53 -91.92 -25.21 -13.01
C ALA T 53 -93.34 -24.98 -13.55
N PRO T 54 -93.69 -23.73 -13.96
CA PRO T 54 -94.94 -23.49 -14.69
C PRO T 54 -94.91 -24.08 -16.10
N PRO T 55 -96.08 -24.31 -16.73
CA PRO T 55 -96.12 -24.89 -18.09
C PRO T 55 -95.70 -23.94 -19.21
N MET T 56 -95.69 -22.62 -18.97
CA MET T 56 -95.36 -21.56 -19.96
C MET T 56 -93.92 -21.08 -19.74
N GLU T 57 -93.61 -20.61 -18.52
CA GLU T 57 -92.28 -20.04 -18.15
C GLU T 57 -91.27 -21.19 -18.04
N LYS T 58 -90.00 -20.92 -18.36
CA LYS T 58 -88.91 -21.93 -18.45
C LYS T 58 -88.52 -22.38 -17.04
N PRO T 59 -88.17 -23.68 -16.84
CA PRO T 59 -87.64 -24.18 -15.56
C PRO T 59 -86.55 -23.31 -14.92
N GLU T 60 -86.54 -23.28 -13.58
CA GLU T 60 -85.55 -22.53 -12.75
C GLU T 60 -84.16 -23.16 -12.92
N VAL T 61 -83.11 -22.34 -12.89
CA VAL T 61 -81.69 -22.74 -13.13
C VAL T 61 -81.30 -23.85 -12.16
N VAL T 62 -80.59 -24.87 -12.65
CA VAL T 62 -79.91 -25.92 -11.84
C VAL T 62 -78.41 -25.77 -12.05
N LYS T 63 -77.67 -25.38 -11.00
CA LYS T 63 -76.20 -25.15 -11.03
C LYS T 63 -75.50 -26.51 -10.93
N THR T 64 -74.29 -26.64 -11.51
CA THR T 64 -73.51 -27.91 -11.55
C THR T 64 -72.03 -27.67 -11.90
N HIS T 65 -71.16 -28.53 -11.36
CA HIS T 65 -69.72 -28.67 -11.70
C HIS T 65 -69.52 -29.73 -12.79
N LEU T 66 -70.57 -30.52 -13.11
CA LEU T 66 -70.51 -31.62 -14.10
C LEU T 66 -70.45 -31.04 -15.52
N ARG T 67 -69.24 -30.85 -16.03
CA ARG T 67 -68.96 -30.44 -17.44
C ARG T 67 -68.98 -31.67 -18.36
N ASP T 68 -68.81 -32.87 -17.79
CA ASP T 68 -68.62 -34.15 -18.53
C ASP T 68 -69.93 -34.96 -18.58
N MET T 69 -71.10 -34.31 -18.45
CA MET T 69 -72.43 -34.97 -18.59
C MET T 69 -72.88 -34.88 -20.06
N ILE T 70 -73.32 -36.00 -20.64
CA ILE T 70 -73.88 -36.09 -22.02
C ILE T 70 -75.32 -35.55 -21.99
N ILE T 71 -75.72 -34.76 -22.99
CA ILE T 71 -77.10 -34.21 -23.14
C ILE T 71 -78.02 -35.36 -23.59
N LEU T 72 -79.15 -35.55 -22.90
CA LEU T 72 -80.14 -36.63 -23.16
C LEU T 72 -81.48 -36.00 -23.53
N PRO T 73 -82.39 -36.73 -24.23
CA PRO T 73 -83.73 -36.23 -24.53
C PRO T 73 -84.51 -35.72 -23.31
N GLU T 74 -84.25 -36.30 -22.14
CA GLU T 74 -84.78 -35.87 -20.82
C GLU T 74 -84.39 -34.41 -20.55
N MET T 75 -83.16 -34.02 -20.89
CA MET T 75 -82.55 -32.72 -20.50
C MET T 75 -82.97 -31.58 -21.44
N VAL T 76 -83.66 -31.87 -22.56
CA VAL T 76 -84.09 -30.85 -23.56
C VAL T 76 -85.10 -29.90 -22.88
N GLY T 77 -84.85 -28.59 -22.97
CA GLY T 77 -85.71 -27.53 -22.39
C GLY T 77 -85.19 -27.00 -21.05
N SER T 78 -84.32 -27.75 -20.37
CA SER T 78 -83.83 -27.44 -19.00
C SER T 78 -82.87 -26.24 -19.03
N MET T 79 -82.82 -25.49 -17.91
CA MET T 79 -81.91 -24.35 -17.65
C MET T 79 -80.78 -24.85 -16.73
N VAL T 80 -79.57 -25.03 -17.28
CA VAL T 80 -78.39 -25.58 -16.55
C VAL T 80 -77.35 -24.46 -16.38
N GLY T 81 -76.89 -24.25 -15.14
CA GLY T 81 -75.74 -23.38 -14.81
C GLY T 81 -74.46 -24.18 -14.70
N VAL T 82 -73.64 -24.18 -15.75
CA VAL T 82 -72.41 -25.03 -15.85
C VAL T 82 -71.23 -24.25 -15.25
N TYR T 83 -70.46 -24.87 -14.34
CA TYR T 83 -69.27 -24.24 -13.71
C TYR T 83 -68.13 -24.23 -14.73
N ASN T 84 -67.46 -23.08 -14.90
CA ASN T 84 -66.35 -22.87 -15.87
C ASN T 84 -65.00 -22.84 -15.12
N GLY T 85 -65.00 -23.10 -13.81
CA GLY T 85 -63.82 -23.00 -12.94
C GLY T 85 -63.90 -21.82 -11.99
N LYS T 86 -64.33 -20.64 -12.50
CA LYS T 86 -64.48 -19.39 -11.72
C LYS T 86 -65.94 -19.24 -11.29
N THR T 87 -66.85 -19.11 -12.27
CA THR T 87 -68.29 -18.76 -12.09
C THR T 87 -69.17 -19.82 -12.77
N PHE T 88 -70.49 -19.60 -12.77
CA PHE T 88 -71.51 -20.45 -13.43
C PHE T 88 -72.02 -19.75 -14.70
N ASN T 89 -72.03 -20.46 -15.83
CA ASN T 89 -72.56 -19.99 -17.13
C ASN T 89 -73.92 -20.66 -17.36
N GLN T 90 -74.98 -19.85 -17.52
CA GLN T 90 -76.39 -20.31 -17.69
C GLN T 90 -76.62 -20.68 -19.16
N VAL T 91 -77.15 -21.88 -19.41
CA VAL T 91 -77.43 -22.43 -20.77
C VAL T 91 -78.83 -23.05 -20.77
N GLU T 92 -79.65 -22.70 -21.78
CA GLU T 92 -80.95 -23.35 -22.10
C GLU T 92 -80.66 -24.49 -23.09
N ILE T 93 -80.83 -25.74 -22.65
CA ILE T 93 -80.50 -26.96 -23.46
C ILE T 93 -81.51 -27.09 -24.59
N LYS T 94 -81.10 -26.80 -25.83
CA LYS T 94 -81.96 -26.85 -27.05
C LYS T 94 -81.96 -28.27 -27.62
N PRO T 95 -82.97 -28.66 -28.42
CA PRO T 95 -83.03 -30.00 -29.01
C PRO T 95 -81.83 -30.40 -29.91
N GLU T 96 -81.20 -29.42 -30.57
CA GLU T 96 -80.14 -29.65 -31.60
C GLU T 96 -78.82 -30.09 -30.96
N MET T 97 -78.62 -29.85 -29.65
CA MET T 97 -77.34 -30.09 -28.93
C MET T 97 -77.48 -31.36 -28.05
N ILE T 98 -78.00 -32.45 -28.63
CA ILE T 98 -78.37 -33.70 -27.90
C ILE T 98 -77.24 -34.75 -27.99
N GLY T 99 -76.08 -34.40 -28.57
CA GLY T 99 -74.92 -35.29 -28.72
C GLY T 99 -73.74 -34.89 -27.84
N HIS T 100 -73.61 -33.60 -27.54
CA HIS T 100 -72.38 -32.96 -26.98
C HIS T 100 -72.37 -33.06 -25.45
N TYR T 101 -71.39 -32.42 -24.80
CA TYR T 101 -71.27 -32.28 -23.33
C TYR T 101 -71.71 -30.88 -22.89
N LEU T 102 -71.96 -30.70 -21.59
CA LEU T 102 -72.23 -29.38 -20.96
C LEU T 102 -71.00 -28.48 -21.12
N GLY T 103 -69.82 -29.02 -20.79
CA GLY T 103 -68.52 -28.32 -20.80
C GLY T 103 -68.30 -27.49 -22.06
N GLU T 104 -68.77 -27.96 -23.22
CA GLU T 104 -68.61 -27.30 -24.53
C GLU T 104 -69.33 -25.94 -24.57
N PHE T 105 -70.44 -25.78 -23.84
CA PHE T 105 -71.34 -24.59 -23.92
C PHE T 105 -71.01 -23.57 -22.83
N SER T 106 -70.03 -23.85 -21.95
CA SER T 106 -69.49 -22.92 -20.93
C SER T 106 -67.98 -22.78 -21.12
N ILE T 107 -67.54 -21.68 -21.74
CA ILE T 107 -66.12 -21.45 -22.13
C ILE T 107 -65.32 -21.11 -20.86
N THR T 108 -64.15 -21.73 -20.70
CA THR T 108 -63.31 -21.66 -19.47
C THR T 108 -62.49 -20.35 -19.47
N TYR T 109 -61.73 -20.11 -20.55
CA TYR T 109 -60.83 -18.94 -20.73
C TYR T 109 -61.56 -17.83 -21.49
N LYS T 110 -61.18 -16.57 -21.27
CA LYS T 110 -61.67 -15.40 -22.05
C LYS T 110 -61.00 -15.42 -23.42
N PRO T 111 -61.74 -15.18 -24.53
CA PRO T 111 -61.11 -15.03 -25.85
C PRO T 111 -60.03 -13.93 -25.87
N VAL T 112 -58.88 -14.23 -26.48
CA VAL T 112 -57.65 -13.38 -26.44
C VAL T 112 -57.84 -12.19 -27.39
N LYS T 113 -57.70 -10.97 -26.86
CA LYS T 113 -57.58 -9.70 -27.63
C LYS T 113 -56.17 -9.13 -27.37
N HIS T 114 -55.38 -8.94 -28.43
CA HIS T 114 -53.93 -8.58 -28.33
C HIS T 114 -53.76 -7.07 -28.14
N GLY T 115 -52.61 -6.67 -27.57
CA GLY T 115 -52.25 -5.26 -27.31
C GLY T 115 -50.75 -5.10 -27.11
N GLN U 1 -12.41 -87.48 -44.22
CA GLN U 1 -13.11 -87.38 -45.55
C GLN U 1 -13.68 -85.97 -45.77
N SER U 2 -13.93 -85.20 -44.71
CA SER U 2 -14.58 -83.86 -44.76
C SER U 2 -13.91 -82.88 -43.77
N VAL U 3 -14.11 -81.58 -44.00
CA VAL U 3 -13.69 -80.45 -43.13
C VAL U 3 -14.86 -79.44 -43.06
N GLN U 4 -14.90 -78.58 -42.04
CA GLN U 4 -16.01 -77.61 -41.80
C GLN U 4 -15.44 -76.31 -41.22
N VAL U 5 -15.52 -75.19 -41.96
CA VAL U 5 -14.94 -73.88 -41.55
C VAL U 5 -16.00 -72.76 -41.69
N PHE U 6 -15.75 -71.63 -41.03
CA PHE U 6 -16.66 -70.45 -40.96
C PHE U 6 -15.99 -69.23 -41.62
N GLY U 7 -16.78 -68.46 -42.38
CA GLY U 7 -16.45 -67.13 -42.89
C GLY U 7 -17.31 -66.08 -42.22
N ARG U 8 -16.70 -64.96 -41.79
CA ARG U 8 -17.31 -63.95 -40.88
C ARG U 8 -17.10 -62.54 -41.43
N LYS U 9 -18.16 -61.74 -41.45
CA LYS U 9 -18.16 -60.30 -41.83
C LYS U 9 -19.16 -59.56 -40.95
N LYS U 10 -18.70 -58.56 -40.19
CA LYS U 10 -19.50 -57.78 -39.21
C LYS U 10 -20.11 -58.78 -38.20
N THR U 11 -21.44 -58.95 -38.16
CA THR U 11 -22.13 -59.95 -37.29
C THR U 11 -22.61 -61.14 -38.13
N ALA U 12 -22.38 -61.15 -39.45
CA ALA U 12 -22.74 -62.27 -40.35
C ALA U 12 -21.76 -63.43 -40.15
N THR U 13 -22.26 -64.67 -40.16
CA THR U 13 -21.44 -65.91 -40.08
C THR U 13 -21.97 -66.94 -41.08
N ALA U 14 -21.11 -67.44 -41.96
CA ALA U 14 -21.41 -68.49 -42.97
C ALA U 14 -20.50 -69.68 -42.76
N VAL U 15 -21.03 -70.82 -42.31
CA VAL U 15 -20.25 -72.08 -42.06
C VAL U 15 -20.41 -72.99 -43.27
N ALA U 16 -19.31 -73.29 -43.96
CA ALA U 16 -19.21 -74.20 -45.13
C ALA U 16 -18.69 -75.57 -44.69
N HIS U 17 -19.45 -76.63 -44.97
CA HIS U 17 -19.08 -78.05 -44.74
C HIS U 17 -18.62 -78.65 -46.08
N CYS U 18 -17.32 -78.97 -46.20
CA CYS U 18 -16.63 -79.44 -47.43
C CYS U 18 -16.31 -80.95 -47.30
N LYS U 19 -16.92 -81.76 -48.17
CA LYS U 19 -16.69 -83.23 -48.27
C LYS U 19 -16.34 -83.58 -49.73
N ARG U 20 -16.08 -84.86 -50.04
CA ARG U 20 -15.81 -85.34 -51.43
C ARG U 20 -17.15 -85.48 -52.17
N GLY U 21 -17.13 -85.36 -53.51
CA GLY U 21 -18.31 -85.61 -54.36
C GLY U 21 -18.17 -85.04 -55.77
N ASN U 22 -19.28 -84.57 -56.35
CA ASN U 22 -19.43 -84.25 -57.80
C ASN U 22 -19.53 -82.73 -58.01
N GLY U 23 -18.69 -81.95 -57.34
CA GLY U 23 -18.62 -80.48 -57.49
C GLY U 23 -19.92 -79.79 -57.13
N LEU U 24 -20.64 -80.27 -56.12
CA LEU U 24 -21.93 -79.70 -55.66
C LEU U 24 -21.66 -78.40 -54.89
N ILE U 25 -22.44 -77.36 -55.16
CA ILE U 25 -22.34 -76.01 -54.52
C ILE U 25 -23.75 -75.59 -54.07
N LYS U 26 -24.02 -75.64 -52.75
CA LYS U 26 -25.33 -75.26 -52.15
C LYS U 26 -25.08 -74.37 -50.92
N VAL U 27 -25.84 -73.28 -50.79
CA VAL U 27 -25.86 -72.36 -49.61
C VAL U 27 -27.30 -72.31 -49.08
N ASN U 28 -27.50 -72.70 -47.82
CA ASN U 28 -28.83 -72.86 -47.17
C ASN U 28 -29.77 -73.68 -48.06
N GLY U 29 -29.24 -74.71 -48.72
CA GLY U 29 -29.99 -75.61 -49.63
C GLY U 29 -30.31 -74.98 -50.99
N ARG U 30 -29.78 -73.79 -51.29
CA ARG U 30 -30.09 -73.02 -52.53
C ARG U 30 -28.81 -72.89 -53.36
N PRO U 31 -28.86 -72.94 -54.72
CA PRO U 31 -27.69 -72.65 -55.55
C PRO U 31 -27.25 -71.19 -55.47
N LEU U 32 -25.98 -70.89 -55.81
CA LEU U 32 -25.38 -69.53 -55.75
C LEU U 32 -26.16 -68.56 -56.63
N GLU U 33 -26.48 -68.98 -57.86
CA GLU U 33 -27.16 -68.15 -58.90
C GLU U 33 -28.54 -67.70 -58.41
N MET U 34 -29.17 -68.42 -57.48
CA MET U 34 -30.54 -68.14 -56.96
C MET U 34 -30.48 -67.33 -55.64
N ILE U 35 -29.31 -66.81 -55.24
CA ILE U 35 -29.15 -65.92 -54.04
C ILE U 35 -29.75 -64.55 -54.38
N GLU U 36 -30.44 -63.94 -53.42
CA GLU U 36 -31.41 -62.81 -53.62
C GLU U 36 -30.71 -61.56 -54.17
N PRO U 37 -29.64 -61.00 -53.54
CA PRO U 37 -28.95 -59.83 -54.11
C PRO U 37 -28.14 -60.22 -55.36
N ARG U 38 -28.86 -60.40 -56.48
CA ARG U 38 -28.32 -60.90 -57.78
C ARG U 38 -27.32 -59.90 -58.37
N THR U 39 -27.48 -58.61 -58.07
CA THR U 39 -26.56 -57.51 -58.47
C THR U 39 -25.10 -57.89 -58.15
N LEU U 40 -24.87 -58.57 -57.01
CA LEU U 40 -23.51 -58.99 -56.53
C LEU U 40 -23.28 -60.49 -56.76
N GLN U 41 -24.00 -61.13 -57.69
CA GLN U 41 -23.89 -62.59 -57.97
C GLN U 41 -22.41 -62.94 -58.21
N TYR U 42 -21.70 -62.11 -58.98
CA TYR U 42 -20.26 -62.28 -59.32
C TYR U 42 -19.42 -62.43 -58.05
N LYS U 43 -19.75 -61.72 -56.97
CA LYS U 43 -19.00 -61.76 -55.68
C LYS U 43 -18.99 -63.19 -55.10
N LEU U 44 -20.05 -63.98 -55.34
CA LEU U 44 -20.15 -65.41 -54.93
C LEU U 44 -19.36 -66.27 -55.92
N LEU U 45 -19.33 -65.87 -57.19
CA LEU U 45 -18.62 -66.60 -58.28
C LEU U 45 -17.11 -66.26 -58.28
N GLU U 46 -16.67 -65.29 -57.47
CA GLU U 46 -15.24 -64.87 -57.36
C GLU U 46 -14.35 -66.08 -57.09
N PRO U 47 -14.49 -66.82 -55.96
CA PRO U 47 -13.58 -67.91 -55.64
C PRO U 47 -13.55 -69.08 -56.65
N VAL U 48 -14.68 -69.37 -57.30
CA VAL U 48 -14.82 -70.51 -58.27
C VAL U 48 -14.25 -70.12 -59.63
N LEU U 49 -14.34 -68.85 -60.04
CA LEU U 49 -13.76 -68.34 -61.32
C LEU U 49 -12.24 -68.17 -61.17
N LEU U 50 -11.76 -67.66 -60.03
CA LEU U 50 -10.32 -67.39 -59.77
C LEU U 50 -9.52 -68.70 -59.84
N LEU U 51 -10.00 -69.75 -59.16
CA LEU U 51 -9.31 -71.07 -59.07
C LEU U 51 -9.65 -71.95 -60.29
N GLY U 52 -10.89 -71.90 -60.76
CA GLY U 52 -11.41 -72.74 -61.86
C GLY U 52 -12.16 -73.95 -61.31
N LYS U 53 -13.23 -74.36 -62.00
CA LYS U 53 -14.17 -75.44 -61.59
C LYS U 53 -13.42 -76.76 -61.36
N GLU U 54 -12.35 -77.01 -62.11
CA GLU U 54 -11.53 -78.25 -62.08
C GLU U 54 -11.06 -78.57 -60.65
N ARG U 55 -10.73 -77.54 -59.85
CA ARG U 55 -10.31 -77.69 -58.43
C ARG U 55 -11.52 -78.09 -57.56
N PHE U 56 -12.73 -77.63 -57.90
CA PHE U 56 -13.98 -77.94 -57.15
C PHE U 56 -14.54 -79.31 -57.53
N ALA U 57 -14.02 -79.96 -58.59
CA ALA U 57 -14.53 -81.22 -59.18
C ALA U 57 -14.86 -82.25 -58.10
N GLY U 58 -13.88 -82.60 -57.26
CA GLY U 58 -13.96 -83.68 -56.26
C GLY U 58 -14.35 -83.18 -54.88
N VAL U 59 -15.18 -82.13 -54.79
CA VAL U 59 -15.53 -81.42 -53.51
C VAL U 59 -16.99 -80.99 -53.57
N ASP U 60 -17.79 -81.43 -52.60
CA ASP U 60 -19.16 -80.92 -52.30
C ASP U 60 -19.10 -80.05 -51.05
N ILE U 61 -19.45 -78.76 -51.17
CA ILE U 61 -19.52 -77.80 -50.02
C ILE U 61 -20.99 -77.43 -49.76
N ARG U 62 -21.38 -77.44 -48.48
CA ARG U 62 -22.74 -77.07 -48.00
C ARG U 62 -22.57 -75.91 -47.01
N VAL U 63 -22.95 -74.69 -47.44
CA VAL U 63 -22.81 -73.43 -46.66
C VAL U 63 -24.13 -73.14 -45.94
N ARG U 64 -24.07 -72.74 -44.66
CA ARG U 64 -25.23 -72.25 -43.87
C ARG U 64 -24.87 -70.87 -43.30
N VAL U 65 -25.72 -69.87 -43.53
CA VAL U 65 -25.48 -68.44 -43.17
C VAL U 65 -26.47 -68.01 -42.08
N LYS U 66 -25.98 -67.29 -41.07
CA LYS U 66 -26.78 -66.73 -39.94
C LYS U 66 -26.24 -65.35 -39.57
N GLY U 67 -27.11 -64.46 -39.08
CA GLY U 67 -26.77 -63.14 -38.53
C GLY U 67 -26.33 -62.16 -39.62
N GLY U 68 -26.04 -60.91 -39.23
CA GLY U 68 -25.59 -59.83 -40.12
C GLY U 68 -26.70 -59.35 -41.04
N GLY U 69 -26.32 -58.66 -42.12
CA GLY U 69 -27.22 -58.22 -43.21
C GLY U 69 -26.85 -58.84 -44.54
N HIS U 70 -27.58 -58.49 -45.60
CA HIS U 70 -27.52 -59.14 -46.95
C HIS U 70 -26.08 -59.16 -47.48
N VAL U 71 -25.47 -58.00 -47.70
CA VAL U 71 -24.11 -57.89 -48.32
C VAL U 71 -23.07 -58.50 -47.37
N ALA U 72 -23.22 -58.32 -46.06
CA ALA U 72 -22.33 -58.91 -45.02
C ALA U 72 -22.36 -60.44 -45.17
N GLN U 73 -23.56 -61.02 -45.33
CA GLN U 73 -23.76 -62.47 -45.59
C GLN U 73 -23.02 -62.87 -46.88
N ILE U 74 -23.12 -62.06 -47.94
CA ILE U 74 -22.44 -62.30 -49.25
C ILE U 74 -20.92 -62.39 -49.03
N TYR U 75 -20.35 -61.50 -48.21
CA TYR U 75 -18.89 -61.45 -47.92
C TYR U 75 -18.49 -62.62 -47.00
N ALA U 76 -19.36 -62.98 -46.06
CA ALA U 76 -19.19 -64.15 -45.17
C ALA U 76 -19.13 -65.45 -46.00
N ILE U 77 -20.14 -65.67 -46.86
CA ILE U 77 -20.27 -66.93 -47.66
C ILE U 77 -19.10 -67.04 -48.66
N ARG U 78 -18.74 -65.95 -49.36
CA ARG U 78 -17.66 -65.96 -50.38
C ARG U 78 -16.30 -66.15 -49.71
N GLN U 79 -16.13 -65.67 -48.46
CA GLN U 79 -14.92 -65.93 -47.64
C GLN U 79 -14.91 -67.40 -47.21
N SER U 80 -16.03 -67.92 -46.70
CA SER U 80 -16.18 -69.29 -46.15
C SER U 80 -15.80 -70.36 -47.18
N ILE U 81 -16.30 -70.22 -48.41
CA ILE U 81 -16.10 -71.17 -49.56
C ILE U 81 -14.59 -71.35 -49.79
N SER U 82 -13.85 -70.25 -49.92
CA SER U 82 -12.40 -70.23 -50.22
C SER U 82 -11.60 -70.83 -49.05
N LYS U 83 -11.94 -70.42 -47.81
CA LYS U 83 -11.30 -70.94 -46.57
C LYS U 83 -11.56 -72.44 -46.43
N ALA U 84 -12.77 -72.91 -46.80
CA ALA U 84 -13.15 -74.35 -46.76
C ALA U 84 -12.27 -75.14 -47.75
N LEU U 85 -12.14 -74.65 -48.97
CA LEU U 85 -11.36 -75.31 -50.05
C LEU U 85 -9.88 -75.44 -49.63
N VAL U 86 -9.26 -74.34 -49.17
CA VAL U 86 -7.82 -74.32 -48.76
C VAL U 86 -7.62 -75.21 -47.54
N ALA U 87 -8.59 -75.27 -46.62
CA ALA U 87 -8.56 -76.17 -45.44
C ALA U 87 -8.59 -77.63 -45.88
N TYR U 88 -9.42 -77.97 -46.88
CA TYR U 88 -9.57 -79.34 -47.44
C TYR U 88 -8.32 -79.73 -48.22
N TYR U 89 -7.82 -78.81 -49.07
CA TYR U 89 -6.60 -79.01 -49.91
C TYR U 89 -5.33 -78.87 -49.06
N GLN U 90 -5.45 -78.49 -47.77
CA GLN U 90 -4.38 -78.61 -46.74
C GLN U 90 -4.40 -80.04 -46.18
N LYS U 91 -5.56 -80.51 -45.73
CA LYS U 91 -5.70 -81.71 -44.87
C LYS U 91 -5.51 -83.00 -45.68
N TYR U 92 -6.10 -83.10 -46.89
CA TYR U 92 -6.18 -84.35 -47.70
C TYR U 92 -5.45 -84.21 -49.04
N VAL U 93 -4.61 -83.19 -49.21
CA VAL U 93 -3.70 -83.02 -50.40
C VAL U 93 -2.38 -82.43 -49.89
N ASP U 94 -1.33 -82.47 -50.72
CA ASP U 94 0.01 -81.86 -50.46
C ASP U 94 -0.13 -80.37 -50.12
N GLU U 95 0.79 -79.85 -49.31
CA GLU U 95 0.87 -78.42 -48.88
C GLU U 95 1.15 -77.52 -50.10
N ALA U 96 1.89 -78.04 -51.10
CA ALA U 96 2.25 -77.36 -52.36
C ALA U 96 0.99 -76.88 -53.09
N SER U 97 -0.02 -77.74 -53.20
CA SER U 97 -1.34 -77.45 -53.82
C SER U 97 -2.08 -76.36 -53.03
N LYS U 98 -2.05 -76.43 -51.69
CA LYS U 98 -2.65 -75.42 -50.77
C LYS U 98 -1.98 -74.06 -51.01
N LYS U 99 -0.65 -74.02 -51.09
CA LYS U 99 0.15 -72.79 -51.40
C LYS U 99 -0.26 -72.27 -52.78
N GLU U 100 -0.32 -73.16 -53.79
CA GLU U 100 -0.69 -72.85 -55.20
C GLU U 100 -2.09 -72.22 -55.27
N ILE U 101 -2.98 -72.56 -54.34
CA ILE U 101 -4.34 -71.95 -54.19
C ILE U 101 -4.22 -70.62 -53.43
N LYS U 102 -3.63 -70.67 -52.23
CA LYS U 102 -3.55 -69.53 -51.26
C LYS U 102 -3.00 -68.27 -51.96
N ASP U 103 -1.84 -68.39 -52.62
CA ASP U 103 -1.12 -67.24 -53.24
C ASP U 103 -2.04 -66.53 -54.24
N ILE U 104 -2.76 -67.28 -55.08
CA ILE U 104 -3.72 -66.75 -56.10
C ILE U 104 -4.85 -66.00 -55.37
N LEU U 105 -5.45 -66.63 -54.34
CA LEU U 105 -6.58 -66.06 -53.55
C LEU U 105 -6.15 -64.77 -52.85
N ILE U 106 -5.00 -64.77 -52.18
CA ILE U 106 -4.44 -63.58 -51.47
C ILE U 106 -4.09 -62.49 -52.51
N GLN U 107 -3.41 -62.88 -53.59
CA GLN U 107 -2.93 -61.94 -54.65
C GLN U 107 -4.12 -61.17 -55.26
N TYR U 108 -5.28 -61.81 -55.40
CA TYR U 108 -6.51 -61.15 -55.92
C TYR U 108 -7.04 -60.16 -54.87
N ASP U 109 -7.57 -60.68 -53.75
CA ASP U 109 -8.14 -59.89 -52.62
C ASP U 109 -7.88 -60.62 -51.30
N ARG U 110 -7.22 -59.95 -50.34
CA ARG U 110 -6.81 -60.52 -49.03
C ARG U 110 -8.05 -60.85 -48.18
N THR U 111 -9.18 -60.18 -48.45
CA THR U 111 -10.49 -60.35 -47.74
C THR U 111 -10.97 -61.81 -47.81
N LEU U 112 -10.64 -62.54 -48.89
CA LEU U 112 -11.12 -63.93 -49.15
C LEU U 112 -10.63 -64.91 -48.08
N LEU U 113 -9.46 -64.69 -47.47
CA LEU U 113 -8.87 -65.59 -46.45
C LEU U 113 -8.81 -64.91 -45.07
N VAL U 114 -8.46 -63.63 -45.00
CA VAL U 114 -8.32 -62.84 -43.74
C VAL U 114 -9.59 -62.01 -43.52
N ALA U 115 -10.21 -62.14 -42.34
CA ALA U 115 -11.50 -61.53 -41.96
C ALA U 115 -11.32 -60.02 -41.72
N ASP U 116 -12.26 -59.21 -42.21
CA ASP U 116 -12.31 -57.73 -41.97
C ASP U 116 -12.72 -57.52 -40.51
N PRO U 117 -11.81 -57.06 -39.62
CA PRO U 117 -12.06 -57.10 -38.17
C PRO U 117 -13.00 -56.01 -37.61
N ARG U 118 -13.13 -54.87 -38.29
CA ARG U 118 -13.89 -53.67 -37.81
C ARG U 118 -15.37 -54.02 -37.59
N ARG U 119 -15.96 -53.46 -36.52
CA ARG U 119 -17.37 -53.67 -36.08
C ARG U 119 -18.06 -52.31 -35.90
N CYS U 120 -19.39 -52.30 -35.86
CA CYS U 120 -20.24 -51.10 -35.63
C CYS U 120 -19.88 -50.47 -34.27
N GLU U 121 -19.38 -49.23 -34.29
CA GLU U 121 -18.80 -48.51 -33.11
C GLU U 121 -19.92 -48.13 -32.15
N SER U 122 -19.62 -48.12 -30.85
CA SER U 122 -20.57 -47.80 -29.74
C SER U 122 -20.95 -46.31 -29.79
N LYS U 123 -22.22 -46.02 -29.52
CA LYS U 123 -22.81 -44.65 -29.55
C LYS U 123 -22.65 -44.02 -28.15
N LYS U 124 -22.38 -42.71 -28.10
CA LYS U 124 -22.18 -41.93 -26.85
C LYS U 124 -23.33 -40.94 -26.67
N PHE U 125 -23.64 -40.59 -25.41
CA PHE U 125 -24.64 -39.55 -25.03
C PHE U 125 -24.15 -38.18 -25.50
N GLY U 126 -25.08 -37.31 -25.89
CA GLY U 126 -24.82 -35.92 -26.33
C GLY U 126 -24.92 -35.75 -27.84
N GLY U 127 -25.23 -36.81 -28.58
CA GLY U 127 -25.36 -36.78 -30.06
C GLY U 127 -26.26 -37.89 -30.59
N PRO U 128 -26.53 -37.92 -31.92
CA PRO U 128 -27.30 -38.99 -32.52
C PRO U 128 -26.50 -40.28 -32.80
N GLY U 129 -25.21 -40.16 -33.12
CA GLY U 129 -24.32 -41.27 -33.51
C GLY U 129 -23.11 -41.39 -32.61
N ALA U 130 -22.07 -42.11 -33.06
CA ALA U 130 -20.84 -42.44 -32.31
C ALA U 130 -19.89 -41.24 -32.27
N ARG U 131 -19.89 -40.39 -33.29
CA ARG U 131 -19.02 -39.19 -33.39
C ARG U 131 -19.86 -37.91 -33.40
N ALA U 132 -20.86 -37.83 -34.29
CA ALA U 132 -21.72 -36.63 -34.50
C ALA U 132 -22.34 -36.18 -33.16
N ARG U 133 -22.42 -34.86 -32.95
CA ARG U 133 -23.02 -34.21 -31.76
C ARG U 133 -24.24 -33.41 -32.22
N TYR U 134 -25.18 -33.12 -31.31
CA TYR U 134 -26.38 -32.28 -31.56
C TYR U 134 -25.95 -30.83 -31.78
N GLN U 135 -26.80 -30.04 -32.44
CA GLN U 135 -26.52 -28.63 -32.84
C GLN U 135 -26.40 -27.77 -31.57
N LYS U 136 -25.34 -26.99 -31.46
CA LYS U 136 -24.99 -26.14 -30.29
C LYS U 136 -25.30 -24.67 -30.63
N SER U 137 -26.35 -24.12 -30.02
CA SER U 137 -26.91 -22.78 -30.34
C SER U 137 -26.39 -21.73 -29.35
N TYR U 138 -25.69 -20.71 -29.85
CA TYR U 138 -25.27 -19.49 -29.10
C TYR U 138 -26.35 -18.41 -29.30
N ARG U 139 -27.15 -18.15 -28.26
CA ARG U 139 -28.18 -17.08 -28.23
C ARG U 139 -29.28 -17.39 -29.27
N GLY V 1 2.43 -41.57 -31.20
CA GLY V 1 3.77 -41.94 -30.67
C GLY V 1 3.67 -42.71 -29.36
N ARG V 2 4.77 -43.32 -28.91
CA ARG V 2 4.83 -44.22 -27.73
C ARG V 2 6.20 -44.13 -27.06
N VAL V 3 6.26 -43.52 -25.87
CA VAL V 3 7.49 -43.32 -25.06
C VAL V 3 7.38 -44.21 -23.80
N ARG V 4 8.44 -44.93 -23.46
CA ARG V 4 8.51 -45.81 -22.26
C ARG V 4 8.62 -44.92 -21.01
N THR V 5 7.69 -45.09 -20.06
CA THR V 5 7.54 -44.28 -18.82
C THR V 5 8.66 -44.62 -17.83
N LYS V 6 8.91 -43.74 -16.84
CA LYS V 6 9.94 -43.91 -15.77
C LYS V 6 9.83 -45.29 -15.11
N THR V 7 8.60 -45.80 -14.95
CA THR V 7 8.27 -47.10 -14.30
C THR V 7 8.97 -48.25 -15.02
N VAL V 8 8.68 -48.44 -16.31
CA VAL V 8 9.26 -49.53 -17.16
C VAL V 8 10.77 -49.35 -17.30
N LYS V 9 11.24 -48.09 -17.42
CA LYS V 9 12.68 -47.72 -17.52
C LYS V 9 13.41 -48.19 -16.26
N LYS V 10 12.98 -47.69 -15.09
CA LYS V 10 13.59 -48.00 -13.75
C LYS V 10 13.63 -49.53 -13.57
N ALA V 11 12.47 -50.18 -13.70
CA ALA V 11 12.28 -51.65 -13.57
C ALA V 11 13.25 -52.36 -14.51
N ALA V 12 13.22 -52.04 -15.81
CA ALA V 12 14.09 -52.63 -16.85
C ALA V 12 15.56 -52.52 -16.43
N ARG V 13 15.99 -51.33 -16.01
CA ARG V 13 17.40 -51.06 -15.60
C ARG V 13 17.80 -52.01 -14.47
N VAL V 14 17.11 -51.95 -13.31
CA VAL V 14 17.46 -52.76 -12.11
C VAL V 14 17.45 -54.27 -12.46
N ILE V 15 16.56 -54.70 -13.36
CA ILE V 15 16.52 -56.11 -13.89
C ILE V 15 17.85 -56.42 -14.60
N ILE V 16 18.34 -55.50 -15.45
CA ILE V 16 19.60 -55.69 -16.24
C ILE V 16 20.77 -55.91 -15.27
N GLU V 17 20.99 -54.95 -14.37
CA GLU V 17 22.18 -54.93 -13.45
C GLU V 17 22.07 -56.00 -12.36
N LYS V 18 20.88 -56.62 -12.16
CA LYS V 18 20.72 -57.79 -11.25
C LYS V 18 20.93 -59.09 -12.04
N TYR V 19 20.21 -59.30 -13.14
CA TYR V 19 20.18 -60.57 -13.92
C TYR V 19 20.65 -60.34 -15.37
N TYR V 20 21.82 -59.72 -15.55
CA TYR V 20 22.47 -59.52 -16.88
C TYR V 20 22.74 -60.88 -17.53
N THR V 21 23.33 -61.80 -16.76
CA THR V 21 23.75 -63.15 -17.20
C THR V 21 22.54 -63.99 -17.63
N ARG V 22 21.37 -63.77 -17.02
CA ARG V 22 20.13 -64.55 -17.28
C ARG V 22 19.55 -64.13 -18.64
N LEU V 23 19.56 -62.83 -18.95
CA LEU V 23 18.91 -62.25 -20.16
C LEU V 23 19.79 -62.44 -21.39
N GLY V 24 19.20 -62.26 -22.58
CA GLY V 24 19.87 -62.32 -23.89
C GLY V 24 19.30 -61.30 -24.85
N ASN V 25 19.26 -61.61 -26.15
CA ASN V 25 18.79 -60.72 -27.25
C ASN V 25 17.31 -60.98 -27.57
N ASP V 26 16.86 -62.23 -27.49
CA ASP V 26 15.48 -62.67 -27.84
C ASP V 26 14.46 -62.02 -26.88
N PHE V 27 13.38 -61.47 -27.42
CA PHE V 27 12.29 -60.79 -26.66
C PHE V 27 11.53 -61.81 -25.81
N HIS V 28 11.17 -62.96 -26.38
CA HIS V 28 10.25 -63.96 -25.78
C HIS V 28 10.90 -64.64 -24.56
N THR V 29 12.20 -64.91 -24.60
CA THR V 29 12.99 -65.47 -23.47
C THR V 29 12.98 -64.45 -22.31
N ASN V 30 13.27 -63.19 -22.61
CA ASN V 30 13.27 -62.04 -21.65
C ASN V 30 11.87 -61.87 -21.07
N LYS V 31 10.83 -61.97 -21.92
CA LYS V 31 9.40 -61.94 -21.54
C LYS V 31 9.11 -63.07 -20.53
N ARG V 32 9.63 -64.27 -20.78
CA ARG V 32 9.37 -65.47 -19.93
C ARG V 32 10.16 -65.37 -18.62
N VAL V 33 11.42 -64.89 -18.66
CA VAL V 33 12.26 -64.78 -17.44
C VAL V 33 11.72 -63.65 -16.54
N CYS V 34 11.23 -62.55 -17.12
CA CYS V 34 10.66 -61.38 -16.40
C CYS V 34 9.49 -61.78 -15.49
N GLU V 35 8.72 -62.81 -15.87
CA GLU V 35 7.62 -63.41 -15.05
C GLU V 35 8.21 -64.00 -13.77
N GLU V 36 9.25 -64.84 -13.91
CA GLU V 36 9.93 -65.58 -12.80
C GLU V 36 10.69 -64.57 -11.92
N ILE V 37 11.40 -63.63 -12.53
CA ILE V 37 12.22 -62.57 -11.85
C ILE V 37 11.31 -61.74 -10.94
N ALA V 38 10.39 -60.99 -11.52
CA ALA V 38 9.64 -60.06 -10.77
C ALA V 38 8.20 -60.30 -10.64
N ILE V 39 7.69 -59.86 -9.52
CA ILE V 39 6.31 -59.96 -9.27
C ILE V 39 5.91 -58.74 -9.99
N ILE V 40 5.15 -58.90 -11.04
CA ILE V 40 4.75 -57.78 -11.83
C ILE V 40 3.28 -57.78 -11.92
N PRO V 41 2.67 -56.63 -11.83
CA PRO V 41 1.22 -56.44 -11.81
C PRO V 41 0.37 -56.88 -13.00
N SER V 42 0.80 -56.71 -14.21
CA SER V 42 -0.03 -57.06 -15.33
C SER V 42 0.78 -57.48 -16.53
N LYS V 43 0.14 -58.13 -17.50
CA LYS V 43 0.82 -58.60 -18.69
C LYS V 43 1.37 -57.51 -19.57
N LYS V 44 0.64 -56.42 -19.74
CA LYS V 44 1.12 -55.35 -20.58
C LYS V 44 2.39 -54.74 -20.09
N LEU V 45 2.40 -54.45 -18.84
CA LEU V 45 3.55 -53.83 -18.12
C LEU V 45 4.79 -54.72 -18.27
N ARG V 46 4.61 -56.05 -18.07
CA ARG V 46 5.67 -57.08 -18.23
C ARG V 46 6.16 -57.11 -19.68
N ASN V 47 5.24 -57.07 -20.66
CA ASN V 47 5.58 -57.04 -22.11
C ASN V 47 6.45 -55.82 -22.41
N LYS V 48 6.04 -54.63 -21.93
CA LYS V 48 6.75 -53.34 -22.15
C LYS V 48 8.15 -53.39 -21.53
N ILE V 49 8.28 -53.89 -20.30
CA ILE V 49 9.57 -54.07 -19.58
C ILE V 49 10.45 -55.05 -20.37
N ALA V 50 9.92 -56.23 -20.69
CA ALA V 50 10.59 -57.29 -21.47
C ALA V 50 11.14 -56.71 -22.79
N GLY V 51 10.33 -55.89 -23.46
CA GLY V 51 10.67 -55.20 -24.72
C GLY V 51 11.86 -54.25 -24.56
N TYR V 52 11.82 -53.38 -23.56
CA TYR V 52 12.88 -52.36 -23.30
C TYR V 52 14.14 -53.04 -22.75
N VAL V 53 14.00 -54.14 -22.01
CA VAL V 53 15.14 -55.01 -21.56
C VAL V 53 15.86 -55.55 -22.80
N THR V 54 15.09 -56.13 -23.74
CA THR V 54 15.57 -56.58 -25.08
C THR V 54 16.34 -55.44 -25.75
N HIS V 55 15.75 -54.24 -25.81
CA HIS V 55 16.31 -53.02 -26.44
C HIS V 55 17.65 -52.63 -25.80
N LEU V 56 17.75 -52.68 -24.46
CA LEU V 56 19.00 -52.37 -23.71
C LEU V 56 20.04 -53.46 -23.97
N MET V 57 19.63 -54.74 -23.91
CA MET V 57 20.53 -55.91 -24.10
C MET V 57 21.16 -55.90 -25.51
N LYS V 58 20.53 -55.25 -26.50
CA LYS V 58 21.13 -55.03 -27.84
C LYS V 58 22.35 -54.10 -27.71
N ARG V 59 22.16 -52.91 -27.13
CA ARG V 59 23.16 -51.79 -27.13
C ARG V 59 24.22 -51.99 -26.05
N ILE V 60 24.04 -52.93 -25.11
CA ILE V 60 25.07 -53.27 -24.07
C ILE V 60 26.32 -53.85 -24.77
N GLN V 61 26.14 -54.65 -25.83
CA GLN V 61 27.26 -55.23 -26.63
C GLN V 61 27.93 -54.12 -27.46
N ARG V 62 27.16 -53.18 -28.00
CA ARG V 62 27.67 -52.05 -28.83
C ARG V 62 28.64 -51.19 -28.01
N GLY V 63 28.25 -50.83 -26.78
CA GLY V 63 29.09 -50.05 -25.85
C GLY V 63 28.56 -50.08 -24.43
N PRO V 64 29.30 -49.48 -23.46
CA PRO V 64 28.86 -49.44 -22.06
C PRO V 64 27.74 -48.42 -21.83
N VAL V 65 26.55 -48.88 -21.45
CA VAL V 65 25.35 -48.03 -21.19
C VAL V 65 25.56 -47.32 -19.84
N ARG V 66 25.17 -46.04 -19.75
CA ARG V 66 25.43 -45.15 -18.58
C ARG V 66 24.52 -45.57 -17.43
N GLY V 67 25.07 -45.63 -16.20
CA GLY V 67 24.34 -45.92 -14.95
C GLY V 67 23.79 -47.32 -14.90
N ILE V 68 24.53 -48.30 -15.42
CA ILE V 68 24.20 -49.76 -15.37
C ILE V 68 25.44 -50.52 -14.87
N SER V 69 25.50 -50.84 -13.58
CA SER V 69 26.60 -51.61 -12.93
C SER V 69 26.45 -53.09 -13.31
N ILE V 70 26.94 -53.46 -14.49
CA ILE V 70 26.86 -54.85 -15.05
C ILE V 70 27.71 -55.80 -14.19
N LYS V 71 28.89 -55.33 -13.76
CA LYS V 71 29.87 -56.04 -12.88
C LYS V 71 30.91 -56.78 -13.74
N LEU V 72 30.56 -57.18 -14.96
CA LEU V 72 31.46 -57.86 -15.94
C LEU V 72 32.50 -56.88 -16.46
N GLN V 73 32.07 -55.78 -17.11
CA GLN V 73 32.96 -54.80 -17.77
C GLN V 73 33.72 -53.96 -16.73
N GLU V 74 33.21 -53.89 -15.49
CA GLU V 74 33.91 -53.24 -14.34
C GLU V 74 35.27 -53.90 -14.11
N GLU V 75 35.38 -55.21 -14.33
CA GLU V 75 36.62 -56.02 -14.20
C GLU V 75 37.67 -55.53 -15.20
N GLU V 76 37.31 -55.46 -16.49
CA GLU V 76 38.22 -55.04 -17.59
C GLU V 76 38.44 -53.52 -17.55
N ARG V 77 37.48 -52.76 -17.00
CA ARG V 77 37.63 -51.30 -16.72
C ARG V 77 38.67 -51.10 -15.62
N GLU V 78 38.57 -51.87 -14.53
CA GLU V 78 39.58 -51.90 -13.42
C GLU V 78 40.95 -52.33 -13.97
N ARG V 79 40.97 -53.29 -14.90
CA ARG V 79 42.18 -53.76 -15.62
C ARG V 79 42.76 -52.61 -16.45
N ARG V 80 41.90 -51.85 -17.14
CA ARG V 80 42.31 -50.68 -17.98
C ARG V 80 42.76 -49.52 -17.07
N ASP V 81 42.23 -49.42 -15.85
CA ASP V 81 42.58 -48.39 -14.84
C ASP V 81 43.77 -48.85 -13.99
N ASN V 82 44.17 -50.13 -14.07
CA ASN V 82 45.39 -50.68 -13.42
C ASN V 82 46.30 -51.28 -14.49
N TYR V 83 46.72 -50.46 -15.45
CA TYR V 83 47.71 -50.78 -16.52
C TYR V 83 48.88 -49.79 -16.41
N VAL V 84 50.10 -50.28 -16.59
CA VAL V 84 51.36 -49.48 -16.58
C VAL V 84 52.28 -49.99 -17.69
N PRO V 85 52.88 -49.09 -18.52
CA PRO V 85 53.84 -49.52 -19.53
C PRO V 85 55.18 -49.91 -18.90
N GLU V 86 55.91 -50.83 -19.55
CA GLU V 86 57.17 -51.44 -19.04
C GLU V 86 58.21 -50.34 -18.80
N VAL V 87 58.37 -49.43 -19.75
CA VAL V 87 59.19 -48.18 -19.62
C VAL V 87 58.25 -47.03 -19.23
N SER V 88 58.74 -46.09 -18.41
CA SER V 88 58.00 -44.89 -17.95
C SER V 88 57.94 -43.86 -19.07
N ALA V 89 56.74 -43.33 -19.35
CA ALA V 89 56.46 -42.30 -20.38
C ALA V 89 57.29 -41.04 -20.12
N LEU V 90 57.55 -40.72 -18.84
CA LEU V 90 58.36 -39.54 -18.41
C LEU V 90 59.84 -39.72 -18.80
N ASP V 91 60.32 -40.96 -18.97
CA ASP V 91 61.75 -41.25 -19.33
C ASP V 91 61.95 -41.01 -20.83
N GLN V 92 62.26 -39.77 -21.21
CA GLN V 92 62.74 -39.40 -22.57
C GLN V 92 64.27 -39.56 -22.61
N GLU V 93 64.83 -39.70 -23.82
CA GLU V 93 66.29 -39.86 -24.04
C GLU V 93 66.99 -38.53 -23.70
N ILE V 94 66.61 -37.45 -24.40
CA ILE V 94 67.09 -36.05 -24.17
C ILE V 94 65.86 -35.13 -24.08
N ILE V 95 65.72 -34.39 -22.98
CA ILE V 95 64.61 -33.43 -22.74
C ILE V 95 65.00 -32.08 -23.36
N GLU V 96 64.23 -31.61 -24.35
CA GLU V 96 64.45 -30.33 -25.08
C GLU V 96 63.82 -29.20 -24.25
N VAL V 97 64.64 -28.31 -23.69
CA VAL V 97 64.24 -27.26 -22.71
C VAL V 97 64.58 -25.87 -23.30
N ASP V 98 63.78 -24.85 -22.97
CA ASP V 98 64.00 -23.44 -23.38
C ASP V 98 65.03 -22.80 -22.44
N PRO V 99 65.77 -21.75 -22.87
CA PRO V 99 66.89 -21.21 -22.08
C PRO V 99 66.53 -20.71 -20.67
N ASP V 100 65.49 -19.87 -20.56
CA ASP V 100 65.05 -19.22 -19.30
C ASP V 100 64.72 -20.29 -18.22
N THR V 101 64.27 -21.48 -18.65
CA THR V 101 64.06 -22.66 -17.75
C THR V 101 65.41 -23.19 -17.27
N LYS V 102 66.43 -23.24 -18.14
CA LYS V 102 67.82 -23.62 -17.76
C LYS V 102 68.38 -22.56 -16.79
N GLU V 103 68.11 -21.27 -17.06
CA GLU V 103 68.42 -20.15 -16.12
C GLU V 103 67.71 -20.39 -14.77
N MET V 104 66.41 -20.73 -14.81
CA MET V 104 65.58 -21.00 -13.60
C MET V 104 66.15 -22.20 -12.84
N LEU V 105 66.64 -23.23 -13.55
CA LEU V 105 67.24 -24.45 -12.96
C LEU V 105 68.60 -24.12 -12.33
N LYS V 106 69.50 -23.46 -13.07
CA LYS V 106 70.90 -23.19 -12.62
C LYS V 106 70.92 -22.25 -11.41
N LEU V 107 69.85 -21.45 -11.20
CA LEU V 107 69.69 -20.60 -9.98
C LEU V 107 69.23 -21.43 -8.76
N LEU V 108 68.84 -22.70 -8.96
CA LEU V 108 68.48 -23.66 -7.88
C LEU V 108 69.56 -24.74 -7.73
N ASP V 109 70.76 -24.52 -8.29
CA ASP V 109 71.92 -25.46 -8.27
C ASP V 109 71.52 -26.78 -8.97
N PHE V 110 71.08 -26.67 -10.24
CA PHE V 110 70.80 -27.79 -11.16
C PHE V 110 71.44 -27.50 -12.53
N GLY V 111 72.57 -26.78 -12.54
CA GLY V 111 73.30 -26.35 -13.75
C GLY V 111 74.22 -27.44 -14.31
N SER V 112 74.43 -28.53 -13.56
CA SER V 112 75.34 -29.65 -13.91
C SER V 112 74.61 -30.73 -14.72
N LEU V 113 73.29 -30.65 -14.87
CA LEU V 113 72.45 -31.64 -15.61
C LEU V 113 72.83 -31.63 -17.09
N SER V 114 73.29 -32.77 -17.61
CA SER V 114 73.72 -32.97 -19.03
C SER V 114 72.63 -33.70 -19.84
N ASN V 115 71.55 -34.15 -19.19
CA ASN V 115 70.39 -34.84 -19.84
C ASN V 115 69.51 -33.80 -20.56
N LEU V 116 69.58 -32.53 -20.15
CA LEU V 116 68.77 -31.41 -20.69
C LEU V 116 69.53 -30.75 -21.85
N GLN V 117 68.86 -30.58 -23.00
CA GLN V 117 69.39 -29.86 -24.20
C GLN V 117 68.64 -28.53 -24.34
N VAL V 118 69.38 -27.43 -24.52
CA VAL V 118 68.83 -26.05 -24.64
C VAL V 118 68.71 -25.69 -26.13
N THR V 119 67.48 -25.74 -26.66
CA THR V 119 67.12 -25.27 -28.03
C THR V 119 67.08 -23.74 -28.03
N GLN V 120 67.42 -23.12 -29.17
CA GLN V 120 67.45 -21.64 -29.35
C GLN V 120 66.03 -21.09 -29.21
N PRO V 121 65.83 -19.95 -28.51
CA PRO V 121 64.50 -19.38 -28.33
C PRO V 121 63.95 -18.77 -29.64
N THR V 122 62.62 -18.70 -29.75
CA THR V 122 61.88 -18.26 -30.98
C THR V 122 62.31 -16.85 -31.37
N VAL V 123 62.47 -16.61 -32.67
CA VAL V 123 63.07 -15.36 -33.25
C VAL V 123 62.00 -14.28 -33.40
N GLY V 124 60.77 -14.65 -33.77
CA GLY V 124 59.62 -13.74 -33.93
C GLY V 124 58.83 -13.62 -32.64
N MET V 125 58.41 -12.40 -32.28
CA MET V 125 57.62 -12.09 -31.06
C MET V 125 56.17 -11.80 -31.45
N ASN V 126 55.31 -12.82 -31.40
CA ASN V 126 53.84 -12.72 -31.69
C ASN V 126 53.15 -14.03 -31.28
N PHE V 127 52.19 -13.95 -30.36
CA PHE V 127 51.45 -15.09 -29.77
C PHE V 127 49.94 -14.82 -29.68
N LYS V 128 49.52 -13.58 -29.42
CA LYS V 128 48.10 -13.17 -29.20
C LYS V 128 47.27 -13.44 -30.46
N THR V 129 45.98 -13.78 -30.28
CA THR V 129 44.97 -13.96 -31.34
C THR V 129 44.68 -12.60 -31.99
N PRO V 130 44.61 -12.48 -33.33
CA PRO V 130 44.27 -11.21 -33.97
C PRO V 130 42.85 -10.75 -33.59
N ARG V 131 42.77 -9.67 -32.79
CA ARG V 131 41.49 -9.13 -32.25
C ARG V 131 40.76 -8.38 -33.38
N GLY V 132 39.44 -8.58 -33.49
CA GLY V 132 38.58 -8.01 -34.53
C GLY V 132 38.31 -9.01 -35.65
N LEU W 1 -51.69 -46.27 -77.58
CA LEU W 1 -50.95 -46.66 -78.80
C LEU W 1 -51.66 -46.09 -80.04
N VAL W 2 -52.84 -46.64 -80.36
CA VAL W 2 -53.61 -46.32 -81.60
C VAL W 2 -54.15 -44.88 -81.50
N ILE W 3 -54.27 -44.20 -82.64
CA ILE W 3 -54.84 -42.82 -82.76
C ILE W 3 -56.29 -42.84 -82.26
N PRO W 4 -56.70 -41.90 -81.38
CA PRO W 4 -58.10 -41.80 -80.96
C PRO W 4 -58.94 -41.04 -82.01
N GLU W 5 -60.11 -41.60 -82.34
CA GLU W 5 -60.99 -41.08 -83.43
C GLU W 5 -61.86 -39.93 -82.91
N LYS W 6 -62.41 -40.05 -81.70
CA LYS W 6 -63.23 -39.01 -81.02
C LYS W 6 -62.79 -38.91 -79.55
N PHE W 7 -61.61 -38.31 -79.33
CA PHE W 7 -61.02 -38.06 -77.99
C PHE W 7 -61.72 -36.85 -77.36
N GLN W 8 -62.62 -37.11 -76.40
CA GLN W 8 -63.33 -36.06 -75.62
C GLN W 8 -62.30 -35.39 -74.71
N HIS W 9 -61.77 -34.24 -75.14
CA HIS W 9 -60.59 -33.54 -74.53
C HIS W 9 -60.95 -33.02 -73.13
N ILE W 10 -62.17 -32.51 -72.96
CA ILE W 10 -62.72 -31.97 -71.68
C ILE W 10 -64.04 -32.69 -71.39
N LEU W 11 -64.17 -33.31 -70.21
CA LEU W 11 -65.44 -33.94 -69.73
C LEU W 11 -66.14 -32.98 -68.76
N ARG W 12 -67.45 -32.82 -68.93
CA ARG W 12 -68.34 -31.96 -68.10
C ARG W 12 -69.28 -32.89 -67.29
N VAL W 13 -68.83 -33.32 -66.12
CA VAL W 13 -69.57 -34.26 -65.21
C VAL W 13 -69.65 -33.64 -63.81
N LEU W 14 -70.84 -33.67 -63.19
CA LEU W 14 -71.13 -33.18 -61.81
C LEU W 14 -70.57 -31.77 -61.64
N ASN W 15 -70.95 -30.85 -62.53
CA ASN W 15 -70.52 -29.42 -62.61
C ASN W 15 -69.01 -29.28 -62.41
N THR W 16 -68.22 -30.24 -62.93
CA THR W 16 -66.73 -30.27 -62.82
C THR W 16 -66.13 -30.45 -64.21
N ASN W 17 -64.94 -29.88 -64.43
CA ASN W 17 -64.15 -29.92 -65.69
C ASN W 17 -63.08 -31.01 -65.54
N ILE W 18 -63.38 -32.23 -66.01
CA ILE W 18 -62.45 -33.40 -65.93
C ILE W 18 -61.57 -33.42 -67.18
N ASP W 19 -60.25 -33.51 -66.97
CA ASP W 19 -59.21 -33.55 -68.05
C ASP W 19 -59.02 -35.01 -68.48
N GLY W 20 -59.47 -35.33 -69.70
CA GLY W 20 -59.42 -36.68 -70.30
C GLY W 20 -57.99 -37.22 -70.43
N ARG W 21 -56.99 -36.33 -70.47
CA ARG W 21 -55.55 -36.64 -70.67
C ARG W 21 -55.03 -37.56 -69.55
N ARG W 22 -55.36 -37.24 -68.29
CA ARG W 22 -55.00 -38.06 -67.09
C ARG W 22 -55.77 -39.39 -67.14
N LYS W 23 -55.19 -40.47 -66.61
CA LYS W 23 -55.82 -41.83 -66.59
C LYS W 23 -57.07 -41.80 -65.71
N ILE W 24 -58.13 -42.52 -66.14
CA ILE W 24 -59.53 -42.41 -65.65
C ILE W 24 -59.59 -42.53 -64.11
N ALA W 25 -58.84 -43.49 -63.53
CA ALA W 25 -58.86 -43.81 -62.09
C ALA W 25 -58.47 -42.58 -61.27
N PHE W 26 -57.46 -41.83 -61.72
CA PHE W 26 -56.95 -40.58 -61.08
C PHE W 26 -57.63 -39.35 -61.71
N ALA W 27 -58.14 -39.46 -62.94
CA ALA W 27 -58.84 -38.37 -63.66
C ALA W 27 -60.04 -37.85 -62.86
N ILE W 28 -60.80 -38.76 -62.24
CA ILE W 28 -62.09 -38.45 -61.54
C ILE W 28 -61.84 -37.99 -60.09
N THR W 29 -60.57 -37.96 -59.62
CA THR W 29 -60.20 -37.46 -58.27
C THR W 29 -60.37 -35.94 -58.23
N ALA W 30 -60.31 -35.27 -59.39
CA ALA W 30 -60.56 -33.82 -59.57
C ALA W 30 -61.93 -33.43 -59.00
N ILE W 31 -62.91 -34.33 -59.04
CA ILE W 31 -64.24 -34.16 -58.38
C ILE W 31 -64.01 -34.13 -56.86
N LYS W 32 -64.44 -33.05 -56.20
CA LYS W 32 -64.46 -32.91 -54.72
C LYS W 32 -65.41 -33.98 -54.14
N GLY W 33 -65.02 -34.59 -53.03
CA GLY W 33 -65.75 -35.72 -52.39
C GLY W 33 -65.32 -37.08 -52.94
N VAL W 34 -64.35 -37.12 -53.86
CA VAL W 34 -63.82 -38.36 -54.49
C VAL W 34 -62.28 -38.32 -54.40
N GLY W 35 -61.68 -39.31 -53.73
CA GLY W 35 -60.22 -39.43 -53.55
C GLY W 35 -59.65 -40.51 -54.45
N ARG W 36 -58.42 -40.94 -54.19
CA ARG W 36 -57.67 -41.92 -55.01
C ARG W 36 -58.09 -43.36 -54.65
N ARG W 37 -58.90 -43.53 -53.60
CA ARG W 37 -59.38 -44.83 -53.07
C ARG W 37 -60.81 -45.08 -53.58
N TYR W 38 -61.73 -44.15 -53.31
CA TYR W 38 -63.18 -44.22 -53.68
C TYR W 38 -63.34 -44.29 -55.20
N ALA W 39 -62.54 -43.51 -55.94
CA ALA W 39 -62.48 -43.52 -57.42
C ALA W 39 -62.17 -44.93 -57.92
N HIS W 40 -61.11 -45.54 -57.38
CA HIS W 40 -60.66 -46.93 -57.74
C HIS W 40 -61.83 -47.91 -57.58
N VAL W 41 -62.40 -48.02 -56.38
CA VAL W 41 -63.49 -49.02 -56.08
C VAL W 41 -64.69 -48.75 -56.98
N VAL W 42 -65.07 -47.48 -57.20
CA VAL W 42 -66.22 -47.08 -58.06
C VAL W 42 -66.03 -47.70 -59.45
N LEU W 43 -64.85 -47.50 -60.06
CA LEU W 43 -64.51 -48.00 -61.41
C LEU W 43 -64.49 -49.54 -61.42
N ARG W 44 -63.85 -50.16 -60.42
CA ARG W 44 -63.74 -51.64 -60.30
C ARG W 44 -65.16 -52.24 -60.18
N LYS W 45 -66.06 -51.60 -59.43
CA LYS W 45 -67.46 -52.06 -59.20
C LYS W 45 -68.27 -51.96 -60.50
N ALA W 46 -67.93 -51.01 -61.39
CA ALA W 46 -68.53 -50.85 -62.74
C ALA W 46 -67.78 -51.70 -63.78
N ASP W 47 -66.74 -52.44 -63.36
CA ASP W 47 -65.92 -53.41 -64.15
C ASP W 47 -65.37 -52.75 -65.44
N ILE W 48 -65.04 -51.45 -65.37
CA ILE W 48 -64.35 -50.70 -66.47
C ILE W 48 -62.85 -50.99 -66.36
N ASP W 49 -62.17 -51.09 -67.51
CA ASP W 49 -60.69 -51.26 -67.60
C ASP W 49 -60.04 -49.92 -67.20
N LEU W 50 -59.33 -49.90 -66.07
CA LEU W 50 -58.68 -48.68 -65.49
C LEU W 50 -57.56 -48.18 -66.42
N THR W 51 -56.95 -49.08 -67.21
CA THR W 51 -55.89 -48.80 -68.22
C THR W 51 -56.33 -47.68 -69.18
N LYS W 52 -57.60 -47.69 -69.61
CA LYS W 52 -58.21 -46.68 -70.53
C LYS W 52 -57.94 -45.26 -70.00
N ARG W 53 -57.65 -44.33 -70.90
CA ARG W 53 -57.52 -42.87 -70.60
C ARG W 53 -58.94 -42.30 -70.51
N ALA W 54 -59.17 -41.29 -69.66
CA ALA W 54 -60.49 -40.68 -69.38
C ALA W 54 -61.11 -40.10 -70.65
N GLY W 55 -60.29 -39.65 -71.61
CA GLY W 55 -60.73 -39.05 -72.89
C GLY W 55 -61.44 -40.02 -73.81
N GLU W 56 -61.12 -41.33 -73.75
CA GLU W 56 -61.60 -42.36 -74.70
C GLU W 56 -62.68 -43.25 -74.05
N LEU W 57 -63.50 -42.70 -73.14
CA LEU W 57 -64.67 -43.39 -72.53
C LEU W 57 -65.93 -43.02 -73.32
N THR W 58 -66.79 -44.01 -73.60
CA THR W 58 -68.06 -43.84 -74.35
C THR W 58 -69.13 -43.22 -73.43
N GLU W 59 -70.22 -42.72 -74.03
CA GLU W 59 -71.30 -41.97 -73.32
C GLU W 59 -71.93 -42.85 -72.23
N ASP W 60 -72.27 -44.10 -72.55
CA ASP W 60 -72.92 -45.06 -71.61
C ASP W 60 -71.99 -45.35 -70.42
N GLU W 61 -70.69 -45.49 -70.67
CA GLU W 61 -69.66 -45.81 -69.63
C GLU W 61 -69.59 -44.68 -68.61
N VAL W 62 -69.39 -43.43 -69.07
CA VAL W 62 -69.31 -42.22 -68.19
C VAL W 62 -70.66 -42.01 -67.47
N GLU W 63 -71.79 -42.31 -68.14
CA GLU W 63 -73.15 -42.21 -67.55
C GLU W 63 -73.32 -43.27 -66.45
N ARG W 64 -72.77 -44.48 -66.65
CA ARG W 64 -72.75 -45.56 -65.62
C ARG W 64 -71.90 -45.12 -64.42
N VAL W 65 -70.72 -44.53 -64.68
CA VAL W 65 -69.76 -44.03 -63.65
C VAL W 65 -70.45 -42.93 -62.81
N ILE W 66 -71.22 -42.04 -63.45
CA ILE W 66 -72.00 -40.98 -62.75
C ILE W 66 -73.05 -41.63 -61.85
N THR W 67 -73.91 -42.50 -62.39
CA THR W 67 -75.08 -43.09 -61.67
C THR W 67 -74.61 -44.00 -60.53
N ILE W 68 -73.48 -44.71 -60.67
CA ILE W 68 -72.88 -45.56 -59.60
C ILE W 68 -72.18 -44.67 -58.55
N MET W 69 -71.69 -43.50 -58.94
CA MET W 69 -71.07 -42.51 -58.00
C MET W 69 -72.15 -41.86 -57.12
N GLN W 70 -73.33 -41.61 -57.68
CA GLN W 70 -74.47 -40.92 -56.98
C GLN W 70 -75.03 -41.83 -55.88
N ASN W 71 -75.45 -43.04 -56.24
CA ASN W 71 -76.14 -44.02 -55.35
C ASN W 71 -75.24 -45.24 -55.15
N PRO W 72 -74.22 -45.20 -54.25
CA PRO W 72 -73.31 -46.32 -54.06
C PRO W 72 -73.96 -47.57 -53.44
N ARG W 73 -74.88 -47.38 -52.50
CA ARG W 73 -75.53 -48.46 -51.70
C ARG W 73 -76.11 -49.54 -52.60
N GLN W 74 -76.79 -49.14 -53.70
CA GLN W 74 -77.43 -50.06 -54.68
C GLN W 74 -76.41 -51.03 -55.27
N TYR W 75 -75.16 -50.58 -55.50
CA TYR W 75 -74.10 -51.33 -56.22
C TYR W 75 -73.10 -51.96 -55.24
N LYS W 76 -73.52 -52.27 -54.01
CA LYS W 76 -72.78 -53.11 -53.02
C LYS W 76 -71.41 -52.51 -52.69
N ILE W 77 -71.32 -51.17 -52.56
CA ILE W 77 -70.14 -50.47 -51.98
C ILE W 77 -70.34 -50.47 -50.46
N PRO W 78 -69.37 -50.99 -49.65
CA PRO W 78 -69.56 -51.13 -48.20
C PRO W 78 -69.89 -49.82 -47.45
N ASP W 79 -70.40 -49.96 -46.23
CA ASP W 79 -70.89 -48.85 -45.37
C ASP W 79 -69.72 -47.96 -44.91
N TRP W 80 -68.53 -48.55 -44.75
CA TRP W 80 -67.35 -47.94 -44.09
C TRP W 80 -66.54 -47.08 -45.07
N PHE W 81 -66.98 -46.96 -46.33
CA PHE W 81 -66.38 -46.07 -47.37
C PHE W 81 -67.12 -44.74 -47.47
N LEU W 82 -68.42 -44.70 -47.14
CA LEU W 82 -69.28 -43.52 -47.36
C LEU W 82 -68.70 -42.31 -46.62
N ASN W 83 -68.66 -41.15 -47.28
CA ASN W 83 -68.19 -39.85 -46.72
C ASN W 83 -69.10 -39.48 -45.54
N ARG W 84 -70.43 -39.45 -45.79
CA ARG W 84 -71.48 -39.24 -44.76
C ARG W 84 -72.06 -40.60 -44.35
N GLN W 85 -71.76 -41.06 -43.14
CA GLN W 85 -72.20 -42.38 -42.61
C GLN W 85 -73.52 -42.20 -41.85
N LYS W 86 -73.50 -41.43 -40.75
CA LYS W 86 -74.70 -41.13 -39.92
C LYS W 86 -74.96 -39.62 -39.95
N ASP W 87 -75.78 -39.16 -40.90
CA ASP W 87 -76.18 -37.73 -41.09
C ASP W 87 -76.96 -37.28 -39.85
N VAL W 88 -76.53 -36.16 -39.22
CA VAL W 88 -77.06 -35.64 -37.93
C VAL W 88 -78.60 -35.58 -37.98
N LYS W 89 -79.17 -35.07 -39.09
CA LYS W 89 -80.63 -34.87 -39.24
C LYS W 89 -81.33 -36.20 -39.50
N ASP W 90 -81.21 -36.75 -40.71
CA ASP W 90 -82.06 -37.86 -41.22
C ASP W 90 -81.43 -39.24 -40.96
N GLY W 91 -80.14 -39.30 -40.62
CA GLY W 91 -79.46 -40.53 -40.15
C GLY W 91 -79.45 -41.64 -41.20
N LYS W 92 -78.94 -41.35 -42.40
CA LYS W 92 -78.76 -42.32 -43.51
C LYS W 92 -77.34 -42.22 -44.07
N TYR W 93 -76.92 -43.25 -44.80
CA TYR W 93 -75.57 -43.40 -45.41
C TYR W 93 -75.61 -42.88 -46.86
N SER W 94 -74.72 -41.97 -47.22
CA SER W 94 -74.63 -41.33 -48.56
C SER W 94 -73.20 -40.85 -48.83
N GLN W 95 -72.84 -40.74 -50.11
CA GLN W 95 -71.57 -40.13 -50.58
C GLN W 95 -71.90 -38.75 -51.16
N VAL W 96 -71.38 -37.68 -50.54
CA VAL W 96 -71.65 -36.26 -50.94
C VAL W 96 -70.55 -35.81 -51.91
N LEU W 97 -70.95 -35.26 -53.05
CA LEU W 97 -70.05 -34.79 -54.15
C LEU W 97 -69.91 -33.27 -54.05
N ALA W 98 -69.17 -32.63 -54.96
CA ALA W 98 -68.62 -31.25 -54.85
C ALA W 98 -69.60 -30.28 -54.18
N ASN W 99 -70.64 -29.84 -54.91
CA ASN W 99 -71.64 -28.84 -54.43
C ASN W 99 -72.25 -29.31 -53.10
N GLY W 100 -72.61 -30.59 -53.01
CA GLY W 100 -73.20 -31.23 -51.82
C GLY W 100 -72.29 -31.15 -50.61
N LEU W 101 -70.99 -31.43 -50.79
CA LEU W 101 -69.97 -31.46 -49.71
C LEU W 101 -69.76 -30.02 -49.18
N ASP W 102 -69.67 -29.04 -50.08
CA ASP W 102 -69.53 -27.60 -49.74
C ASP W 102 -70.76 -27.14 -48.94
N ASN W 103 -71.96 -27.44 -49.45
CA ASN W 103 -73.28 -27.12 -48.82
C ASN W 103 -73.37 -27.78 -47.44
N LYS W 104 -73.03 -29.07 -47.35
CA LYS W 104 -73.09 -29.88 -46.11
C LYS W 104 -72.10 -29.32 -45.08
N LEU W 105 -70.89 -28.94 -45.51
CA LEU W 105 -69.83 -28.36 -44.64
C LEU W 105 -70.34 -27.05 -44.02
N ARG W 106 -70.74 -26.07 -44.86
CA ARG W 106 -71.23 -24.73 -44.39
C ARG W 106 -72.46 -24.91 -43.49
N GLU W 107 -73.32 -25.90 -43.79
CA GLU W 107 -74.52 -26.26 -42.97
C GLU W 107 -74.07 -26.80 -41.61
N ASP W 108 -73.09 -27.72 -41.59
CA ASP W 108 -72.56 -28.34 -40.34
C ASP W 108 -71.88 -27.26 -39.48
N LEU W 109 -71.09 -26.38 -40.11
CA LEU W 109 -70.44 -25.20 -39.46
C LEU W 109 -71.52 -24.26 -38.88
N GLU W 110 -72.58 -23.97 -39.65
CA GLU W 110 -73.73 -23.13 -39.22
C GLU W 110 -74.41 -23.78 -38.00
N ARG W 111 -74.66 -25.10 -38.07
CA ARG W 111 -75.31 -25.89 -36.99
C ARG W 111 -74.50 -25.78 -35.69
N LEU W 112 -73.17 -25.87 -35.77
CA LEU W 112 -72.25 -25.76 -34.60
C LEU W 112 -72.24 -24.33 -34.06
N LYS W 113 -72.21 -23.33 -34.95
CA LYS W 113 -72.20 -21.88 -34.59
C LYS W 113 -73.55 -21.47 -33.98
N LYS W 114 -74.66 -22.12 -34.37
CA LYS W 114 -76.02 -21.84 -33.86
C LYS W 114 -76.11 -22.12 -32.35
N ILE W 115 -75.57 -23.26 -31.90
CA ILE W 115 -75.72 -23.78 -30.50
C ILE W 115 -74.65 -23.18 -29.57
N ARG W 116 -73.64 -22.47 -30.11
CA ARG W 116 -72.53 -21.83 -29.36
C ARG W 116 -71.65 -22.91 -28.72
N ALA W 117 -71.33 -23.96 -29.47
CA ALA W 117 -70.38 -25.04 -29.08
C ALA W 117 -68.94 -24.55 -29.34
N HIS W 118 -68.02 -24.86 -28.42
CA HIS W 118 -66.59 -24.41 -28.43
C HIS W 118 -66.01 -24.47 -29.85
N ARG W 119 -66.16 -25.61 -30.52
CA ARG W 119 -65.69 -25.85 -31.92
C ARG W 119 -66.24 -24.75 -32.84
N GLY W 120 -67.54 -24.45 -32.72
CA GLY W 120 -68.23 -23.37 -33.46
C GLY W 120 -67.57 -22.02 -33.25
N LEU W 121 -67.32 -21.65 -31.99
CA LEU W 121 -66.68 -20.36 -31.58
C LEU W 121 -65.24 -20.31 -32.11
N ARG W 122 -64.49 -21.41 -31.98
CA ARG W 122 -63.10 -21.55 -32.48
C ARG W 122 -63.09 -21.45 -34.02
N HIS W 123 -64.14 -21.96 -34.68
CA HIS W 123 -64.34 -21.85 -36.16
C HIS W 123 -64.67 -20.40 -36.55
N PHE W 124 -65.59 -19.76 -35.83
CA PHE W 124 -66.08 -18.38 -36.10
C PHE W 124 -64.95 -17.35 -35.96
N TRP W 125 -64.00 -17.58 -35.04
CA TRP W 125 -62.84 -16.69 -34.79
C TRP W 125 -61.69 -16.99 -35.77
N GLY W 126 -61.73 -18.11 -36.49
CA GLY W 126 -60.69 -18.52 -37.47
C GLY W 126 -59.44 -19.01 -36.76
N LEU W 127 -59.60 -19.95 -35.82
CA LEU W 127 -58.52 -20.57 -35.01
C LEU W 127 -58.48 -22.08 -35.31
N ARG W 128 -57.56 -22.81 -34.67
CA ARG W 128 -57.48 -24.30 -34.74
C ARG W 128 -58.58 -24.89 -33.85
N VAL W 129 -59.20 -26.00 -34.27
CA VAL W 129 -60.36 -26.65 -33.59
C VAL W 129 -60.04 -28.11 -33.24
N ARG W 130 -58.78 -28.54 -33.34
CA ARG W 130 -58.31 -29.91 -33.00
C ARG W 130 -57.42 -29.87 -31.75
N GLY W 131 -57.29 -28.71 -31.10
CA GLY W 131 -56.53 -28.52 -29.86
C GLY W 131 -55.03 -28.66 -30.08
N GLN W 132 -54.50 -27.97 -31.10
CA GLN W 132 -53.04 -27.74 -31.28
C GLN W 132 -52.64 -26.48 -30.50
N HIS W 133 -51.35 -26.34 -30.19
CA HIS W 133 -50.76 -25.08 -29.64
C HIS W 133 -50.79 -24.02 -30.76
N THR W 134 -51.33 -22.88 -30.45
CA THR W 134 -51.41 -21.86 -31.42
C THR W 134 -50.53 -20.70 -31.03
N LYS W 135 -49.36 -20.98 -30.52
CA LYS W 135 -48.49 -19.93 -30.13
C LYS W 135 -47.38 -19.81 -31.06
N THR W 136 -46.52 -20.79 -31.01
CA THR W 136 -45.33 -20.83 -31.76
C THR W 136 -45.53 -20.92 -33.23
N THR W 137 -46.54 -21.65 -33.64
CA THR W 137 -46.77 -21.87 -35.05
C THR W 137 -48.08 -21.38 -35.53
N GLY W 138 -48.42 -21.77 -36.74
CA GLY W 138 -49.70 -21.39 -37.30
C GLY W 138 -49.90 -19.91 -37.35
N ARG W 139 -49.05 -19.29 -38.12
CA ARG W 139 -49.03 -17.82 -38.33
C ARG W 139 -50.01 -17.46 -39.47
N ARG W 140 -50.25 -16.16 -39.67
CA ARG W 140 -51.21 -15.60 -40.66
C ARG W 140 -52.64 -16.02 -40.28
N VAL X 1 -35.32 -82.06 -59.20
CA VAL X 1 -35.78 -80.65 -59.22
C VAL X 1 -36.68 -80.40 -57.99
N THR X 2 -36.42 -79.30 -57.26
CA THR X 2 -37.14 -78.90 -56.02
C THR X 2 -37.35 -77.38 -56.02
N VAL X 3 -38.32 -76.89 -55.23
CA VAL X 3 -38.70 -75.45 -55.11
C VAL X 3 -37.43 -74.61 -54.89
N LYS X 4 -36.50 -75.07 -54.04
CA LYS X 4 -35.25 -74.35 -53.70
C LYS X 4 -34.34 -74.24 -54.93
N ASP X 5 -34.40 -75.20 -55.87
CA ASP X 5 -33.50 -75.24 -57.06
C ASP X 5 -33.91 -74.17 -58.09
N VAL X 6 -35.16 -73.71 -58.11
CA VAL X 6 -35.68 -72.73 -59.13
C VAL X 6 -35.65 -71.31 -58.57
N ASN X 7 -35.89 -70.33 -59.44
CA ASN X 7 -36.05 -68.89 -59.10
C ASN X 7 -37.37 -68.71 -58.34
N GLN X 8 -37.35 -68.00 -57.22
CA GLN X 8 -38.50 -67.86 -56.28
C GLN X 8 -39.48 -66.78 -56.75
N GLN X 9 -39.08 -65.93 -57.71
CA GLN X 9 -39.94 -64.87 -58.30
C GLN X 9 -40.91 -65.50 -59.30
N GLU X 10 -40.38 -66.20 -60.31
CA GLU X 10 -41.16 -66.87 -61.39
C GLU X 10 -42.06 -67.95 -60.81
N PHE X 11 -41.59 -68.66 -59.78
CA PHE X 11 -42.29 -69.80 -59.11
C PHE X 11 -43.68 -69.38 -58.63
N VAL X 12 -43.78 -68.21 -57.99
CA VAL X 12 -45.04 -67.65 -57.42
C VAL X 12 -46.04 -67.40 -58.56
N ARG X 13 -45.58 -66.79 -59.66
CA ARG X 13 -46.41 -66.47 -60.86
C ARG X 13 -46.95 -67.76 -61.48
N ALA X 14 -46.11 -68.80 -61.59
CA ALA X 14 -46.47 -70.14 -62.11
C ALA X 14 -47.53 -70.79 -61.21
N LEU X 15 -47.30 -70.78 -59.89
CA LEU X 15 -48.21 -71.38 -58.87
C LEU X 15 -49.53 -70.63 -58.84
N ALA X 16 -49.50 -69.29 -58.97
CA ALA X 16 -50.69 -68.41 -59.05
C ALA X 16 -51.53 -68.79 -60.28
N ALA X 17 -50.89 -69.00 -61.43
CA ALA X 17 -51.52 -69.40 -62.71
C ALA X 17 -52.19 -70.77 -62.54
N PHE X 18 -51.54 -71.71 -61.84
CA PHE X 18 -52.07 -73.07 -61.52
C PHE X 18 -53.31 -72.94 -60.63
N LEU X 19 -53.23 -72.12 -59.57
CA LEU X 19 -54.34 -71.87 -58.60
C LEU X 19 -55.52 -71.20 -59.30
N LYS X 20 -55.28 -70.36 -60.32
CA LYS X 20 -56.34 -69.75 -61.16
C LYS X 20 -56.99 -70.83 -62.04
N LYS X 21 -56.18 -71.64 -62.72
CA LYS X 21 -56.62 -72.69 -63.68
C LYS X 21 -57.48 -73.75 -62.98
N SER X 22 -57.16 -74.10 -61.73
CA SER X 22 -57.92 -75.07 -60.89
C SER X 22 -59.39 -74.65 -60.77
N GLY X 23 -59.64 -73.35 -60.58
CA GLY X 23 -60.99 -72.74 -60.57
C GLY X 23 -61.86 -73.26 -59.44
N LYS X 24 -61.25 -73.59 -58.29
CA LYS X 24 -61.94 -74.13 -57.08
C LYS X 24 -61.34 -73.49 -55.82
N LEU X 25 -60.90 -72.23 -55.90
CA LEU X 25 -60.31 -71.45 -54.78
C LEU X 25 -61.35 -70.42 -54.31
N LYS X 26 -61.90 -70.62 -53.11
CA LYS X 26 -63.00 -69.78 -52.55
C LYS X 26 -62.47 -68.36 -52.29
N VAL X 27 -62.65 -67.46 -53.25
CA VAL X 27 -62.32 -66.00 -53.11
C VAL X 27 -63.42 -65.35 -52.27
N PRO X 28 -63.08 -64.50 -51.27
CA PRO X 28 -64.07 -63.70 -50.55
C PRO X 28 -64.90 -62.75 -51.43
N GLU X 29 -65.94 -62.14 -50.84
CA GLU X 29 -66.86 -61.18 -51.50
C GLU X 29 -66.20 -59.80 -51.61
N TRP X 30 -65.18 -59.51 -50.79
CA TRP X 30 -64.62 -58.14 -50.59
C TRP X 30 -63.21 -58.02 -51.20
N VAL X 31 -62.86 -58.90 -52.14
CA VAL X 31 -61.53 -58.88 -52.85
C VAL X 31 -61.38 -57.57 -53.62
N ASP X 32 -62.44 -57.09 -54.26
CA ASP X 32 -62.46 -55.88 -55.13
C ASP X 32 -62.24 -54.60 -54.30
N THR X 33 -62.62 -54.59 -53.02
CA THR X 33 -62.75 -53.37 -52.17
C THR X 33 -61.58 -53.23 -51.19
N VAL X 34 -61.25 -54.28 -50.45
CA VAL X 34 -60.37 -54.25 -49.24
C VAL X 34 -58.90 -54.08 -49.67
N LYS X 35 -58.10 -53.39 -48.84
CA LYS X 35 -56.61 -53.24 -48.96
C LYS X 35 -55.96 -54.58 -48.58
N LEU X 36 -54.64 -54.60 -48.36
CA LEU X 36 -53.91 -55.81 -47.90
C LEU X 36 -53.11 -55.54 -46.61
N ALA X 37 -53.24 -54.36 -46.01
CA ALA X 37 -52.59 -54.02 -44.72
C ALA X 37 -53.20 -52.73 -44.15
N LYS X 38 -52.75 -52.35 -42.95
CA LYS X 38 -53.07 -51.07 -42.27
C LYS X 38 -52.40 -49.89 -43.00
N HIS X 39 -51.26 -50.13 -43.65
CA HIS X 39 -50.29 -49.09 -44.07
C HIS X 39 -50.24 -48.89 -45.60
N LYS X 40 -50.94 -49.71 -46.40
CA LYS X 40 -51.09 -49.50 -47.86
C LYS X 40 -52.05 -48.34 -48.08
N GLU X 41 -51.76 -47.47 -49.06
CA GLU X 41 -52.58 -46.27 -49.39
C GLU X 41 -53.72 -46.64 -50.35
N LEU X 42 -53.46 -47.53 -51.32
CA LEU X 42 -54.44 -47.97 -52.35
C LEU X 42 -54.63 -49.49 -52.32
N ALA X 43 -55.70 -49.97 -52.95
CA ALA X 43 -55.97 -51.40 -53.23
C ALA X 43 -54.93 -51.91 -54.22
N PRO X 44 -54.60 -53.23 -54.22
CA PRO X 44 -53.65 -53.79 -55.19
C PRO X 44 -54.16 -53.67 -56.63
N TYR X 45 -53.25 -53.35 -57.58
CA TYR X 45 -53.56 -53.06 -59.00
C TYR X 45 -54.11 -54.31 -59.69
N ASP X 46 -53.38 -55.43 -59.59
CA ASP X 46 -53.71 -56.72 -60.24
C ASP X 46 -55.06 -57.22 -59.70
N GLU X 47 -55.93 -57.72 -60.58
CA GLU X 47 -57.31 -58.17 -60.25
C GLU X 47 -57.26 -59.53 -59.56
N ASN X 48 -56.23 -60.33 -59.83
CA ASN X 48 -56.08 -61.75 -59.39
C ASN X 48 -55.03 -61.84 -58.27
N TRP X 49 -54.98 -60.84 -57.38
CA TRP X 49 -53.97 -60.73 -56.28
C TRP X 49 -54.13 -61.88 -55.28
N PHE X 50 -55.36 -62.33 -55.03
CA PHE X 50 -55.72 -63.39 -54.06
C PHE X 50 -54.96 -64.68 -54.40
N TYR X 51 -54.82 -64.98 -55.70
CA TYR X 51 -54.18 -66.21 -56.23
C TYR X 51 -52.66 -66.12 -56.01
N THR X 52 -52.07 -64.95 -56.28
CA THR X 52 -50.62 -64.64 -56.06
C THR X 52 -50.30 -64.67 -54.57
N ARG X 53 -51.19 -64.13 -53.73
CA ARG X 53 -51.06 -64.13 -52.24
C ARG X 53 -51.16 -65.58 -51.74
N ALA X 54 -52.15 -66.34 -52.22
CA ALA X 54 -52.36 -67.78 -51.90
C ALA X 54 -51.10 -68.58 -52.29
N ALA X 55 -50.60 -68.35 -53.51
CA ALA X 55 -49.36 -68.99 -54.04
C ALA X 55 -48.18 -68.67 -53.12
N SER X 56 -47.97 -67.39 -52.82
CA SER X 56 -46.91 -66.87 -51.89
C SER X 56 -47.03 -67.59 -50.54
N THR X 57 -48.23 -67.60 -49.96
CA THR X 57 -48.55 -68.22 -48.64
C THR X 57 -48.13 -69.69 -48.65
N ALA X 58 -48.52 -70.44 -49.68
CA ALA X 58 -48.18 -71.88 -49.86
C ALA X 58 -46.65 -72.06 -49.89
N ARG X 59 -45.96 -71.22 -50.66
CA ARG X 59 -44.48 -71.26 -50.84
C ARG X 59 -43.79 -70.98 -49.50
N HIS X 60 -44.23 -69.95 -48.76
CA HIS X 60 -43.75 -69.63 -47.39
C HIS X 60 -43.92 -70.85 -46.48
N LEU X 61 -45.10 -71.47 -46.50
CA LEU X 61 -45.45 -72.65 -45.65
C LEU X 61 -44.64 -73.88 -46.08
N TYR X 62 -44.26 -73.97 -47.37
CA TYR X 62 -43.35 -75.03 -47.88
C TYR X 62 -41.95 -74.86 -47.25
N LEU X 63 -41.44 -73.63 -47.20
CA LEU X 63 -40.03 -73.32 -46.80
C LEU X 63 -39.83 -73.57 -45.29
N ARG X 64 -40.82 -73.25 -44.45
CA ARG X 64 -40.80 -73.61 -43.01
C ARG X 64 -42.23 -73.88 -42.51
N GLY X 65 -42.35 -74.80 -41.55
CA GLY X 65 -43.64 -75.33 -41.03
C GLY X 65 -43.99 -74.72 -39.68
N GLY X 66 -45.29 -74.75 -39.34
CA GLY X 66 -45.84 -74.22 -38.07
C GLY X 66 -46.03 -72.72 -38.11
N ALA X 67 -46.63 -72.21 -39.20
CA ALA X 67 -46.88 -70.77 -39.46
C ALA X 67 -48.38 -70.47 -39.28
N GLY X 68 -48.72 -69.66 -38.26
CA GLY X 68 -50.10 -69.22 -37.96
C GLY X 68 -50.45 -67.93 -38.67
N VAL X 69 -51.62 -67.37 -38.34
CA VAL X 69 -52.16 -66.10 -38.92
C VAL X 69 -51.24 -64.94 -38.52
N GLY X 70 -50.79 -64.91 -37.26
CA GLY X 70 -49.86 -63.90 -36.72
C GLY X 70 -48.55 -63.86 -37.50
N SER X 71 -47.94 -65.02 -37.75
CA SER X 71 -46.69 -65.16 -38.53
C SER X 71 -46.91 -64.64 -39.95
N MET X 72 -48.00 -65.06 -40.62
CA MET X 72 -48.38 -64.62 -41.99
C MET X 72 -48.62 -63.11 -42.01
N THR X 73 -49.22 -62.55 -40.95
CA THR X 73 -49.39 -61.08 -40.75
C THR X 73 -48.02 -60.41 -40.60
N LYS X 74 -47.06 -61.09 -39.95
CA LYS X 74 -45.65 -60.62 -39.78
C LYS X 74 -44.89 -60.69 -41.12
N ILE X 75 -45.22 -61.67 -41.99
CA ILE X 75 -44.54 -61.85 -43.32
C ILE X 75 -44.86 -60.65 -44.23
N TYR X 76 -46.14 -60.34 -44.41
CA TYR X 76 -46.64 -59.32 -45.37
C TYR X 76 -46.74 -57.92 -44.71
N GLY X 77 -45.94 -57.66 -43.67
CA GLY X 77 -45.79 -56.34 -43.04
C GLY X 77 -44.84 -55.45 -43.83
N GLY X 78 -44.91 -54.14 -43.61
CA GLY X 78 -44.10 -53.13 -44.32
C GLY X 78 -43.94 -51.85 -43.52
N ARG X 79 -43.56 -50.76 -44.19
CA ARG X 79 -43.26 -49.43 -43.56
C ARG X 79 -44.50 -48.55 -43.62
N GLN X 80 -45.13 -48.30 -42.46
CA GLN X 80 -46.21 -47.29 -42.27
C GLN X 80 -45.56 -45.89 -42.32
N ARG X 81 -45.96 -45.08 -43.31
CA ARG X 81 -45.60 -43.64 -43.41
C ARG X 81 -46.71 -42.81 -42.76
N ASN X 82 -46.38 -42.02 -41.74
CA ASN X 82 -47.34 -41.31 -40.85
C ASN X 82 -47.31 -39.80 -41.14
N GLY X 83 -47.25 -39.41 -42.41
CA GLY X 83 -47.18 -38.00 -42.84
C GLY X 83 -45.96 -37.30 -42.26
N VAL X 84 -46.17 -36.33 -41.37
CA VAL X 84 -45.10 -35.50 -40.74
C VAL X 84 -44.41 -36.30 -39.62
N MET X 85 -45.13 -37.22 -38.97
CA MET X 85 -44.53 -38.19 -38.00
C MET X 85 -43.58 -39.12 -38.75
N PRO X 86 -42.46 -39.57 -38.16
CA PRO X 86 -41.57 -40.52 -38.83
C PRO X 86 -42.22 -41.90 -39.04
N SER X 87 -41.68 -42.70 -39.96
CA SER X 87 -42.24 -44.00 -40.42
C SER X 87 -41.85 -45.13 -39.47
N HIS X 88 -42.80 -46.02 -39.16
CA HIS X 88 -42.64 -47.21 -38.28
C HIS X 88 -43.09 -48.47 -39.01
N PHE X 89 -42.63 -49.65 -38.56
CA PHE X 89 -43.01 -50.98 -39.12
C PHE X 89 -44.45 -51.30 -38.70
N SER X 90 -45.33 -51.52 -39.68
CA SER X 90 -46.75 -51.92 -39.48
C SER X 90 -46.96 -53.33 -40.05
N ARG X 91 -47.90 -54.08 -39.46
CA ARG X 91 -48.20 -55.50 -39.79
C ARG X 91 -49.30 -55.55 -40.86
N GLY X 92 -49.47 -56.71 -41.48
CA GLY X 92 -50.48 -56.95 -42.53
C GLY X 92 -51.89 -57.06 -41.96
N SER X 93 -52.87 -57.31 -42.82
CA SER X 93 -54.29 -57.59 -42.47
C SER X 93 -54.40 -59.05 -41.99
N LYS X 94 -55.10 -59.29 -40.88
CA LYS X 94 -55.28 -60.65 -40.29
C LYS X 94 -56.30 -61.44 -41.11
N SER X 95 -57.41 -60.79 -41.50
CA SER X 95 -58.55 -61.41 -42.23
C SER X 95 -58.08 -62.05 -43.54
N VAL X 96 -57.31 -61.32 -44.35
CA VAL X 96 -56.82 -61.79 -45.69
C VAL X 96 -55.97 -63.04 -45.50
N ALA X 97 -55.06 -63.05 -44.52
CA ALA X 97 -54.17 -64.18 -44.18
C ALA X 97 -55.00 -65.39 -43.74
N ARG X 98 -56.02 -65.16 -42.90
CA ARG X 98 -56.94 -66.20 -42.38
C ARG X 98 -57.74 -66.81 -43.54
N ARG X 99 -58.37 -65.97 -44.36
CA ARG X 99 -59.22 -66.40 -45.52
C ARG X 99 -58.36 -67.16 -46.54
N VAL X 100 -57.11 -66.72 -46.77
CA VAL X 100 -56.15 -67.41 -47.68
C VAL X 100 -55.88 -68.82 -47.13
N LEU X 101 -55.51 -68.94 -45.85
CA LEU X 101 -55.20 -70.24 -45.19
C LEU X 101 -56.45 -71.13 -45.18
N GLN X 102 -57.63 -70.56 -44.89
CA GLN X 102 -58.95 -71.27 -44.96
C GLN X 102 -59.19 -71.78 -46.39
N ALA X 103 -58.94 -70.94 -47.40
CA ALA X 103 -59.12 -71.25 -48.84
C ALA X 103 -58.15 -72.35 -49.28
N LEU X 104 -56.89 -72.32 -48.81
CA LEU X 104 -55.87 -73.34 -49.15
C LEU X 104 -56.19 -74.66 -48.42
N GLU X 105 -56.66 -74.60 -47.17
CA GLU X 105 -57.22 -75.78 -46.43
C GLU X 105 -58.32 -76.43 -47.29
N GLY X 106 -59.19 -75.60 -47.90
CA GLY X 106 -60.23 -76.01 -48.86
C GLY X 106 -59.71 -76.90 -49.98
N LEU X 107 -58.48 -76.67 -50.46
CA LEU X 107 -57.83 -77.47 -51.54
C LEU X 107 -57.19 -78.74 -50.96
N LYS X 108 -57.12 -78.88 -49.63
CA LYS X 108 -56.39 -79.96 -48.90
C LYS X 108 -54.89 -79.87 -49.20
N MET X 109 -54.36 -78.65 -49.37
CA MET X 109 -52.92 -78.37 -49.62
C MET X 109 -52.19 -78.17 -48.29
N VAL X 110 -52.85 -77.52 -47.32
CA VAL X 110 -52.31 -77.23 -45.95
C VAL X 110 -53.29 -77.77 -44.91
N GLU X 111 -52.76 -78.31 -43.80
CA GLU X 111 -53.55 -78.82 -42.65
C GLU X 111 -52.92 -78.33 -41.34
N LYS X 112 -53.72 -78.31 -40.26
CA LYS X 112 -53.33 -77.82 -38.91
C LYS X 112 -52.34 -78.78 -38.26
N ASP X 113 -51.44 -78.25 -37.42
CA ASP X 113 -50.39 -79.02 -36.70
C ASP X 113 -50.88 -79.36 -35.29
N GLN X 114 -50.52 -80.55 -34.80
CA GLN X 114 -50.70 -80.98 -33.38
C GLN X 114 -49.99 -79.99 -32.44
N ASP X 115 -48.90 -79.38 -32.89
CA ASP X 115 -48.09 -78.37 -32.12
C ASP X 115 -48.86 -77.04 -32.02
N GLY X 116 -49.66 -76.70 -33.04
CA GLY X 116 -50.57 -75.53 -33.02
C GLY X 116 -50.64 -74.79 -34.35
N GLY X 117 -49.57 -74.79 -35.13
CA GLY X 117 -49.47 -74.06 -36.42
C GLY X 117 -50.13 -74.81 -37.57
N ARG X 118 -49.73 -74.49 -38.81
CA ARG X 118 -50.22 -75.09 -40.07
C ARG X 118 -49.04 -75.57 -40.92
N LYS X 119 -49.02 -76.85 -41.32
CA LYS X 119 -47.97 -77.45 -42.18
C LYS X 119 -48.57 -77.81 -43.54
N LEU X 120 -47.72 -77.83 -44.58
CA LEU X 120 -48.08 -78.26 -45.96
C LEU X 120 -48.30 -79.77 -45.97
N THR X 121 -49.34 -80.25 -46.67
CA THR X 121 -49.71 -81.69 -46.79
C THR X 121 -48.84 -82.33 -47.88
N PRO X 122 -48.63 -83.67 -47.86
CA PRO X 122 -47.91 -84.37 -48.92
C PRO X 122 -48.48 -84.10 -50.33
N GLN X 123 -49.80 -83.95 -50.44
CA GLN X 123 -50.51 -83.49 -51.67
C GLN X 123 -49.99 -82.10 -52.07
N GLY X 124 -49.87 -81.18 -51.09
CA GLY X 124 -49.30 -79.83 -51.28
C GLY X 124 -47.85 -79.92 -51.76
N GLN X 125 -47.01 -80.62 -51.00
CA GLN X 125 -45.57 -80.84 -51.31
C GLN X 125 -45.41 -81.38 -52.73
N ARG X 126 -46.27 -82.32 -53.15
CA ARG X 126 -46.35 -82.86 -54.54
C ARG X 126 -46.59 -81.70 -55.51
N ASP X 127 -47.70 -80.96 -55.34
CA ASP X 127 -48.13 -79.85 -56.23
C ASP X 127 -47.02 -78.81 -56.36
N LEU X 128 -46.49 -78.35 -55.22
CA LEU X 128 -45.41 -77.31 -55.15
C LEU X 128 -44.16 -77.81 -55.88
N ASP X 129 -43.71 -79.04 -55.60
CA ASP X 129 -42.51 -79.66 -56.23
C ASP X 129 -42.74 -79.89 -57.73
N ARG X 130 -43.99 -80.18 -58.15
CA ARG X 130 -44.35 -80.36 -59.58
C ARG X 130 -44.20 -79.01 -60.30
N ILE X 131 -44.82 -77.96 -59.76
CA ILE X 131 -44.77 -76.56 -60.29
C ILE X 131 -43.30 -76.14 -60.47
N ALA X 132 -42.45 -76.42 -59.47
CA ALA X 132 -40.98 -76.19 -59.52
C ALA X 132 -40.38 -76.93 -60.72
N GLY X 133 -40.83 -78.17 -60.96
CA GLY X 133 -40.37 -79.03 -62.07
C GLY X 133 -40.50 -78.35 -63.43
N GLN X 134 -41.69 -77.83 -63.76
CA GLN X 134 -41.99 -77.22 -65.08
C GLN X 134 -41.42 -75.78 -65.15
N VAL X 135 -41.31 -75.08 -64.01
CA VAL X 135 -40.65 -73.74 -63.92
C VAL X 135 -39.16 -73.91 -64.28
N ALA X 136 -38.52 -74.97 -63.78
CA ALA X 136 -37.11 -75.35 -64.12
C ALA X 136 -37.02 -75.75 -65.60
N ALA X 137 -38.01 -76.53 -66.08
CA ALA X 137 -38.09 -77.06 -67.46
C ALA X 137 -38.20 -75.93 -68.48
N ALA X 138 -38.78 -74.77 -68.10
CA ALA X 138 -39.04 -73.61 -68.98
C ALA X 138 -37.76 -72.78 -69.23
N ASN X 139 -36.57 -73.29 -68.87
CA ASN X 139 -35.25 -72.70 -69.21
C ASN X 139 -34.39 -73.78 -69.88
N ILE Y 1 -32.81 -90.18 -6.18
CA ILE Y 1 -31.50 -90.33 -6.79
C ILE Y 1 -31.51 -89.88 -8.21
N HIS Y 2 -32.68 -89.57 -8.74
CA HIS Y 2 -32.76 -89.25 -10.15
C HIS Y 2 -32.72 -87.81 -10.59
N ARG Y 3 -31.70 -87.50 -11.38
CA ARG Y 3 -31.56 -86.20 -12.01
C ARG Y 3 -31.60 -84.94 -11.20
N ILE Y 4 -30.94 -84.89 -10.06
CA ILE Y 4 -30.95 -83.65 -9.33
C ILE Y 4 -30.11 -82.69 -10.11
N ARG Y 5 -30.55 -81.46 -10.25
CA ARG Y 5 -29.74 -80.46 -10.91
C ARG Y 5 -29.46 -79.38 -9.88
N ILE Y 6 -28.38 -78.63 -10.07
CA ILE Y 6 -27.96 -77.56 -9.11
C ILE Y 6 -27.67 -76.29 -9.90
N THR Y 7 -28.48 -75.25 -9.67
CA THR Y 7 -28.39 -73.91 -10.33
C THR Y 7 -27.63 -72.94 -9.41
N LEU Y 8 -26.36 -72.66 -9.73
CA LEU Y 8 -25.52 -71.68 -9.01
C LEU Y 8 -25.59 -70.33 -9.76
N THR Y 9 -26.09 -69.28 -9.09
CA THR Y 9 -26.23 -67.91 -9.68
C THR Y 9 -25.54 -66.91 -8.76
N SER Y 10 -24.74 -66.00 -9.34
CA SER Y 10 -23.93 -65.00 -8.58
C SER Y 10 -23.66 -63.77 -9.45
N ARG Y 11 -23.15 -62.70 -8.82
CA ARG Y 11 -22.74 -61.43 -9.46
C ARG Y 11 -21.21 -61.43 -9.66
N ASN Y 12 -20.45 -61.96 -8.68
CA ASN Y 12 -18.99 -62.19 -8.78
C ASN Y 12 -18.75 -63.47 -9.61
N VAL Y 13 -17.70 -63.48 -10.42
CA VAL Y 13 -17.28 -64.62 -11.30
C VAL Y 13 -16.36 -65.56 -10.51
N LYS Y 14 -15.38 -64.98 -9.80
CA LYS Y 14 -14.27 -65.70 -9.13
C LYS Y 14 -14.85 -66.66 -8.08
N SER Y 15 -15.69 -66.13 -7.18
CA SER Y 15 -16.37 -66.87 -6.08
C SER Y 15 -17.26 -67.98 -6.65
N LEU Y 16 -18.00 -67.69 -7.73
CA LEU Y 16 -18.90 -68.65 -8.42
C LEU Y 16 -18.08 -69.78 -9.06
N GLU Y 17 -16.98 -69.44 -9.75
CA GLU Y 17 -16.08 -70.43 -10.40
C GLU Y 17 -15.43 -71.32 -9.32
N LYS Y 18 -14.97 -70.72 -8.21
CA LYS Y 18 -14.32 -71.42 -7.07
C LYS Y 18 -15.29 -72.44 -6.46
N VAL Y 19 -16.48 -71.98 -6.03
CA VAL Y 19 -17.50 -72.82 -5.33
C VAL Y 19 -17.96 -73.96 -6.25
N CYS Y 20 -18.26 -73.65 -7.52
CA CYS Y 20 -18.75 -74.66 -8.51
C CYS Y 20 -17.67 -75.71 -8.77
N ALA Y 21 -16.41 -75.29 -8.92
CA ALA Y 21 -15.23 -76.18 -9.08
C ALA Y 21 -15.10 -77.12 -7.88
N ASP Y 22 -15.31 -76.60 -6.66
CA ASP Y 22 -15.25 -77.38 -5.38
C ASP Y 22 -16.36 -78.45 -5.37
N LEU Y 23 -17.60 -78.07 -5.73
CA LEU Y 23 -18.76 -79.01 -5.85
C LEU Y 23 -18.43 -80.13 -6.84
N ILE Y 24 -17.81 -79.80 -7.98
CA ILE Y 24 -17.46 -80.75 -9.08
C ILE Y 24 -16.41 -81.74 -8.58
N ARG Y 25 -15.27 -81.26 -8.05
CA ARG Y 25 -14.15 -82.13 -7.58
C ARG Y 25 -14.59 -82.94 -6.36
N GLY Y 26 -15.48 -82.37 -5.52
CA GLY Y 26 -16.12 -83.06 -4.38
C GLY Y 26 -16.99 -84.22 -4.84
N ALA Y 27 -17.73 -84.06 -5.95
CA ALA Y 27 -18.58 -85.10 -6.57
C ALA Y 27 -17.72 -86.14 -7.31
N LYS Y 28 -16.69 -85.69 -8.04
CA LYS Y 28 -15.81 -86.53 -8.90
C LYS Y 28 -15.07 -87.58 -8.05
N GLU Y 29 -14.54 -87.20 -6.88
CA GLU Y 29 -13.73 -88.09 -6.01
C GLU Y 29 -14.61 -89.20 -5.39
N LYS Y 30 -15.94 -89.02 -5.33
CA LYS Y 30 -16.91 -90.01 -4.80
C LYS Y 30 -17.33 -91.01 -5.89
N ASN Y 31 -16.89 -90.83 -7.14
CA ASN Y 31 -17.21 -91.70 -8.31
C ASN Y 31 -18.70 -91.57 -8.64
N LEU Y 32 -19.16 -90.34 -8.89
CA LEU Y 32 -20.56 -89.99 -9.25
C LEU Y 32 -20.59 -89.40 -10.66
N LYS Y 33 -21.59 -89.79 -11.47
CA LYS Y 33 -21.82 -89.27 -12.84
C LYS Y 33 -22.27 -87.81 -12.74
N VAL Y 34 -21.45 -86.88 -13.28
CA VAL Y 34 -21.64 -85.41 -13.19
C VAL Y 34 -21.57 -84.81 -14.60
N LYS Y 35 -22.58 -84.00 -14.98
CA LYS Y 35 -22.60 -83.21 -16.24
C LYS Y 35 -22.15 -81.78 -15.91
N GLY Y 36 -21.10 -81.31 -16.60
CA GLY Y 36 -20.25 -80.16 -16.21
C GLY Y 36 -20.97 -78.81 -16.27
N PRO Y 37 -20.28 -77.70 -15.90
CA PRO Y 37 -20.91 -76.39 -15.81
C PRO Y 37 -21.48 -75.90 -17.15
N VAL Y 38 -22.80 -75.73 -17.23
CA VAL Y 38 -23.50 -75.15 -18.43
C VAL Y 38 -23.62 -73.64 -18.20
N ARG Y 39 -22.73 -72.86 -18.83
CA ARG Y 39 -22.66 -71.38 -18.68
C ARG Y 39 -23.72 -70.76 -19.59
N MET Y 40 -24.75 -70.14 -19.00
CA MET Y 40 -25.86 -69.46 -19.74
C MET Y 40 -25.43 -68.03 -20.06
N PRO Y 41 -26.10 -67.33 -21.01
CA PRO Y 41 -25.78 -65.94 -21.31
C PRO Y 41 -25.85 -65.03 -20.08
N THR Y 42 -24.77 -64.29 -19.82
CA THR Y 42 -24.62 -63.31 -18.70
C THR Y 42 -25.69 -62.23 -18.84
N LYS Y 43 -26.55 -62.07 -17.82
CA LYS Y 43 -27.59 -61.01 -17.78
C LYS Y 43 -26.94 -59.71 -17.31
N THR Y 44 -27.00 -58.66 -18.15
CA THR Y 44 -26.47 -57.30 -17.88
C THR Y 44 -27.64 -56.33 -17.68
N LEU Y 45 -27.82 -55.84 -16.45
CA LEU Y 45 -28.87 -54.84 -16.10
C LEU Y 45 -28.26 -53.44 -16.25
N ARG Y 46 -28.84 -52.61 -17.14
CA ARG Y 46 -28.34 -51.27 -17.50
C ARG Y 46 -29.32 -50.21 -16.96
N ILE Y 47 -28.81 -49.23 -16.21
CA ILE Y 47 -29.53 -47.97 -15.84
C ILE Y 47 -28.67 -46.79 -16.30
N THR Y 48 -29.26 -45.89 -17.10
CA THR Y 48 -28.64 -44.65 -17.64
C THR Y 48 -29.48 -43.45 -17.22
N THR Y 49 -28.97 -42.65 -16.27
CA THR Y 49 -29.66 -41.48 -15.65
C THR Y 49 -28.74 -40.26 -15.72
N ARG Y 50 -29.33 -39.06 -15.73
CA ARG Y 50 -28.59 -37.76 -15.66
C ARG Y 50 -27.78 -37.72 -14.36
N LYS Y 51 -26.55 -37.23 -14.43
CA LYS Y 51 -25.63 -37.01 -13.27
C LYS Y 51 -26.24 -36.00 -12.31
N THR Y 52 -26.72 -34.87 -12.83
CA THR Y 52 -27.20 -33.68 -12.07
C THR Y 52 -28.52 -33.97 -11.35
N PRO Y 53 -28.74 -33.45 -10.11
CA PRO Y 53 -30.07 -33.41 -9.52
C PRO Y 53 -30.99 -32.35 -10.15
N CYS Y 54 -30.46 -31.14 -10.39
CA CYS Y 54 -31.24 -29.94 -10.79
C CYS Y 54 -31.65 -30.04 -12.27
N GLY Y 55 -30.67 -30.10 -13.18
CA GLY Y 55 -30.88 -30.12 -14.64
C GLY Y 55 -30.50 -28.78 -15.28
N GLU Y 56 -29.24 -28.39 -15.15
CA GLU Y 56 -28.67 -27.13 -15.73
C GLU Y 56 -27.43 -27.41 -16.58
N GLY Y 57 -26.79 -28.58 -16.44
CA GLY Y 57 -25.40 -28.83 -16.89
C GLY Y 57 -25.30 -29.06 -18.39
N SER Y 58 -24.26 -29.80 -18.81
CA SER Y 58 -23.96 -30.14 -20.22
C SER Y 58 -24.63 -31.47 -20.61
N LYS Y 59 -25.63 -31.93 -19.83
CA LYS Y 59 -26.45 -33.13 -20.10
C LYS Y 59 -25.54 -34.36 -20.14
N THR Y 60 -24.81 -34.61 -19.05
CA THR Y 60 -23.96 -35.80 -18.83
C THR Y 60 -24.83 -36.94 -18.29
N TRP Y 61 -24.44 -38.19 -18.56
CA TRP Y 61 -25.20 -39.41 -18.19
C TRP Y 61 -24.27 -40.41 -17.50
N ASP Y 62 -24.73 -40.99 -16.38
CA ASP Y 62 -24.09 -42.18 -15.74
C ASP Y 62 -24.53 -43.43 -16.51
N ARG Y 63 -23.73 -44.51 -16.42
CA ARG Y 63 -24.02 -45.82 -17.05
C ARG Y 63 -23.75 -46.93 -16.02
N PHE Y 64 -24.81 -47.33 -15.29
CA PHE Y 64 -24.75 -48.33 -14.20
C PHE Y 64 -25.04 -49.73 -14.77
N GLN Y 65 -24.04 -50.61 -14.75
CA GLN Y 65 -24.14 -52.05 -15.17
C GLN Y 65 -24.28 -52.93 -13.92
N MET Y 66 -25.09 -53.99 -14.00
CA MET Y 66 -25.18 -55.07 -12.97
C MET Y 66 -25.14 -56.43 -13.67
N ARG Y 67 -24.08 -57.21 -13.42
CA ARG Y 67 -23.78 -58.51 -14.09
C ARG Y 67 -24.37 -59.65 -13.26
N ILE Y 68 -25.05 -60.61 -13.91
CA ILE Y 68 -25.58 -61.86 -13.28
C ILE Y 68 -25.06 -63.06 -14.08
N HIS Y 69 -24.15 -63.84 -13.46
CA HIS Y 69 -23.50 -65.04 -14.03
C HIS Y 69 -24.17 -66.30 -13.47
N LYS Y 70 -24.72 -67.16 -14.34
CA LYS Y 70 -25.52 -68.36 -13.96
C LYS Y 70 -24.85 -69.62 -14.52
N ARG Y 71 -24.63 -70.61 -13.63
CA ARG Y 71 -23.99 -71.93 -13.93
C ARG Y 71 -24.95 -73.04 -13.50
N LEU Y 72 -25.07 -74.08 -14.33
CA LEU Y 72 -25.84 -75.33 -14.04
C LEU Y 72 -24.87 -76.51 -13.97
N ILE Y 73 -24.88 -77.24 -12.85
CA ILE Y 73 -24.18 -78.55 -12.69
C ILE Y 73 -25.23 -79.62 -12.41
N ASP Y 74 -25.18 -80.75 -13.12
CA ASP Y 74 -26.19 -81.84 -13.09
C ASP Y 74 -25.55 -83.11 -12.54
N LEU Y 75 -26.27 -83.82 -11.65
CA LEU Y 75 -25.79 -85.05 -10.95
C LEU Y 75 -26.79 -86.19 -11.15
N HIS Y 76 -26.29 -87.41 -11.37
CA HIS Y 76 -27.05 -88.69 -11.32
C HIS Y 76 -26.61 -89.46 -10.07
N SER Y 77 -27.10 -89.02 -8.90
CA SER Y 77 -26.66 -89.46 -7.55
C SER Y 77 -27.85 -89.55 -6.60
N PRO Y 78 -27.75 -90.27 -5.46
CA PRO Y 78 -28.85 -90.31 -4.48
C PRO Y 78 -29.02 -89.01 -3.68
N SER Y 79 -30.26 -88.70 -3.29
CA SER Y 79 -30.69 -87.45 -2.62
C SER Y 79 -29.96 -87.25 -1.28
N GLU Y 80 -29.65 -88.35 -0.58
CA GLU Y 80 -28.93 -88.35 0.73
C GLU Y 80 -27.52 -87.77 0.53
N ILE Y 81 -26.79 -88.24 -0.50
CA ILE Y 81 -25.44 -87.75 -0.88
C ILE Y 81 -25.56 -86.32 -1.42
N VAL Y 82 -26.57 -86.04 -2.24
CA VAL Y 82 -26.82 -84.70 -2.84
C VAL Y 82 -27.05 -83.66 -1.73
N LYS Y 83 -27.79 -84.02 -0.68
CA LYS Y 83 -28.13 -83.11 0.44
C LYS Y 83 -26.84 -82.65 1.15
N GLN Y 84 -25.94 -83.59 1.47
CA GLN Y 84 -24.69 -83.29 2.24
C GLN Y 84 -23.68 -82.56 1.37
N ILE Y 85 -23.53 -82.91 0.09
CA ILE Y 85 -22.60 -82.22 -0.86
C ILE Y 85 -23.10 -80.79 -1.13
N THR Y 86 -24.43 -80.58 -1.16
CA THR Y 86 -25.04 -79.23 -1.29
C THR Y 86 -24.94 -78.47 0.05
N SER Y 87 -25.02 -79.18 1.19
CA SER Y 87 -24.94 -78.61 2.56
C SER Y 87 -23.56 -78.03 2.84
N ILE Y 88 -22.49 -78.79 2.58
CA ILE Y 88 -21.08 -78.43 2.95
C ILE Y 88 -20.64 -77.13 2.23
N SER Y 89 -21.09 -76.93 0.98
CA SER Y 89 -20.66 -75.81 0.10
C SER Y 89 -21.56 -74.59 0.31
N ILE Y 90 -21.11 -73.65 1.15
CA ILE Y 90 -21.77 -72.33 1.41
C ILE Y 90 -20.74 -71.23 1.18
N GLU Y 91 -21.15 -70.08 0.62
CA GLU Y 91 -20.27 -68.92 0.31
C GLU Y 91 -21.09 -67.64 0.26
N PRO Y 92 -20.71 -66.55 0.97
CA PRO Y 92 -21.42 -65.28 0.87
C PRO Y 92 -21.14 -64.60 -0.47
N GLY Y 93 -22.16 -64.47 -1.32
CA GLY Y 93 -22.07 -63.98 -2.71
C GLY Y 93 -22.23 -65.10 -3.74
N VAL Y 94 -23.07 -66.10 -3.44
CA VAL Y 94 -23.59 -67.08 -4.44
C VAL Y 94 -24.94 -67.62 -3.93
N GLU Y 95 -25.91 -67.79 -4.85
CA GLU Y 95 -27.23 -68.41 -4.58
C GLU Y 95 -27.26 -69.78 -5.27
N VAL Y 96 -27.63 -70.83 -4.52
CA VAL Y 96 -27.70 -72.24 -5.00
C VAL Y 96 -29.17 -72.70 -4.90
N GLU Y 97 -29.72 -73.22 -6.00
CA GLU Y 97 -31.09 -73.79 -6.07
C GLU Y 97 -31.00 -75.22 -6.64
N VAL Y 98 -31.40 -76.21 -5.85
CA VAL Y 98 -31.33 -77.67 -6.18
C VAL Y 98 -32.74 -78.15 -6.54
N THR Y 99 -32.89 -78.84 -7.67
CA THR Y 99 -34.18 -79.40 -8.18
C THR Y 99 -33.99 -80.86 -8.60
N ILE Y 100 -35.01 -81.69 -8.33
CA ILE Y 100 -35.06 -83.16 -8.61
C ILE Y 100 -36.20 -83.42 -9.60
N ALA Y 101 -35.88 -83.96 -10.79
CA ALA Y 101 -36.83 -84.32 -11.87
C ALA Y 101 -37.62 -83.10 -12.32
N VAL Z 1 41.38 22.12 -3.78
CA VAL Z 1 42.75 21.51 -3.57
C VAL Z 1 42.82 20.99 -2.13
N ARG Z 2 43.96 20.38 -1.75
CA ARG Z 2 44.18 19.78 -0.41
C ARG Z 2 44.06 20.85 0.68
N MET Z 3 43.22 20.59 1.69
CA MET Z 3 43.04 21.43 2.91
C MET Z 3 42.84 20.48 4.10
N ASN Z 4 43.50 20.74 5.24
CA ASN Z 4 43.47 19.89 6.47
C ASN Z 4 44.11 18.54 6.15
N VAL Z 5 45.44 18.54 5.94
CA VAL Z 5 46.26 17.34 5.56
C VAL Z 5 45.97 16.17 6.52
N LEU Z 6 45.78 16.46 7.81
CA LEU Z 6 45.40 15.47 8.86
C LEU Z 6 44.20 14.64 8.40
N ALA Z 7 43.19 15.27 7.77
CA ALA Z 7 41.95 14.61 7.28
C ALA Z 7 42.31 13.48 6.31
N ASP Z 8 43.17 13.76 5.33
CA ASP Z 8 43.64 12.79 4.31
C ASP Z 8 44.43 11.66 5.00
N ALA Z 9 45.35 12.03 5.89
CA ALA Z 9 46.22 11.10 6.66
C ALA Z 9 45.34 10.10 7.43
N LEU Z 10 44.40 10.58 8.25
CA LEU Z 10 43.52 9.73 9.10
C LEU Z 10 42.61 8.87 8.22
N LYS Z 11 42.04 9.45 7.14
CA LYS Z 11 41.16 8.72 6.19
C LYS Z 11 41.95 7.59 5.52
N SER Z 12 43.18 7.87 5.08
CA SER Z 12 44.10 6.89 4.45
C SER Z 12 44.32 5.70 5.39
N ILE Z 13 44.71 5.97 6.64
CA ILE Z 13 44.97 4.93 7.70
C ILE Z 13 43.68 4.11 7.91
N ASN Z 14 42.53 4.78 7.99
CA ASN Z 14 41.21 4.15 8.26
C ASN Z 14 40.89 3.13 7.15
N ASN Z 15 40.99 3.56 5.89
CA ASN Z 15 40.71 2.71 4.68
C ASN Z 15 41.67 1.52 4.66
N ALA Z 16 42.97 1.78 4.85
CA ALA Z 16 44.05 0.74 4.87
C ALA Z 16 43.71 -0.34 5.90
N GLU Z 17 43.32 0.07 7.11
CA GLU Z 17 43.01 -0.84 8.25
C GLU Z 17 41.75 -1.65 7.94
N LYS Z 18 40.71 -1.02 7.38
CA LYS Z 18 39.45 -1.70 6.96
C LYS Z 18 39.76 -2.75 5.88
N ARG Z 19 40.67 -2.45 4.94
CA ARG Z 19 41.04 -3.34 3.82
C ARG Z 19 41.94 -4.48 4.34
N GLY Z 20 42.69 -4.25 5.41
CA GLY Z 20 43.51 -5.28 6.10
C GLY Z 20 44.97 -5.25 5.69
N LYS Z 21 45.46 -4.13 5.13
CA LYS Z 21 46.88 -3.91 4.75
C LYS Z 21 47.72 -3.76 6.01
N ARG Z 22 48.91 -4.36 6.04
CA ARG Z 22 49.82 -4.43 7.23
C ARG Z 22 50.68 -3.17 7.32
N GLN Z 23 50.81 -2.42 6.22
CA GLN Z 23 51.46 -1.09 6.16
C GLN Z 23 50.57 -0.11 5.40
N VAL Z 24 50.71 1.19 5.67
CA VAL Z 24 50.00 2.29 4.94
C VAL Z 24 50.97 3.45 4.73
N LEU Z 25 50.89 4.09 3.56
CA LEU Z 25 51.71 5.27 3.16
C LEU Z 25 50.87 6.54 3.31
N ILE Z 26 51.41 7.54 4.02
CA ILE Z 26 50.77 8.86 4.30
C ILE Z 26 51.67 9.95 3.70
N ARG Z 27 51.07 10.89 2.95
CA ARG Z 27 51.80 12.05 2.34
C ARG Z 27 50.88 13.25 2.20
N PRO Z 28 51.34 14.49 2.45
CA PRO Z 28 52.65 14.77 3.07
C PRO Z 28 52.63 14.56 4.59
N CYS Z 29 53.78 14.77 5.24
CA CYS Z 29 54.01 14.58 6.70
C CYS Z 29 54.23 15.95 7.36
N SER Z 30 53.49 16.22 8.45
CA SER Z 30 53.61 17.44 9.30
C SER Z 30 53.76 17.04 10.77
N LYS Z 31 54.24 17.98 11.60
CA LYS Z 31 54.40 17.81 13.07
C LYS Z 31 53.09 17.29 13.68
N VAL Z 32 51.96 17.92 13.32
CA VAL Z 32 50.59 17.61 13.84
C VAL Z 32 50.31 16.11 13.63
N ILE Z 33 50.58 15.58 12.43
CA ILE Z 33 50.36 14.15 12.06
C ILE Z 33 51.30 13.28 12.92
N VAL Z 34 52.58 13.65 13.02
CA VAL Z 34 53.63 12.89 13.79
C VAL Z 34 53.18 12.79 15.26
N ARG Z 35 52.78 13.91 15.87
CA ARG Z 35 52.32 13.98 17.29
C ARG Z 35 51.05 13.14 17.46
N PHE Z 36 50.09 13.26 16.54
CA PHE Z 36 48.82 12.49 16.54
C PHE Z 36 49.13 10.99 16.49
N LEU Z 37 49.98 10.58 15.55
CA LEU Z 37 50.45 9.17 15.41
C LEU Z 37 51.19 8.72 16.67
N THR Z 38 52.00 9.61 17.27
CA THR Z 38 52.74 9.33 18.54
C THR Z 38 51.73 8.97 19.64
N VAL Z 39 50.68 9.79 19.80
CA VAL Z 39 49.59 9.58 20.81
C VAL Z 39 48.92 8.23 20.52
N MET Z 40 48.60 7.93 19.26
CA MET Z 40 47.96 6.66 18.83
C MET Z 40 48.90 5.48 19.16
N MET Z 41 50.20 5.62 18.92
CA MET Z 41 51.22 4.56 19.20
C MET Z 41 51.36 4.35 20.71
N LYS Z 42 51.51 5.42 21.50
CA LYS Z 42 51.72 5.38 22.97
C LYS Z 42 50.68 4.48 23.65
N HIS Z 43 49.42 4.52 23.19
CA HIS Z 43 48.29 3.71 23.72
C HIS Z 43 48.20 2.35 23.01
N GLY Z 44 49.07 2.08 22.02
CA GLY Z 44 49.26 0.76 21.41
C GLY Z 44 48.17 0.41 20.42
N TYR Z 45 48.01 1.21 19.36
CA TYR Z 45 47.02 1.03 18.26
C TYR Z 45 47.71 0.77 16.92
N ILE Z 46 48.81 1.47 16.62
CA ILE Z 46 49.52 1.37 15.30
C ILE Z 46 50.88 0.66 15.49
N GLY Z 47 51.69 1.07 16.47
CA GLY Z 47 53.08 0.60 16.64
C GLY Z 47 54.05 1.46 15.84
N GLU Z 48 55.20 0.89 15.45
CA GLU Z 48 56.33 1.63 14.82
C GLU Z 48 55.89 2.21 13.47
N PHE Z 49 56.44 3.38 13.12
CA PHE Z 49 56.27 4.06 11.81
C PHE Z 49 57.58 4.77 11.43
N GLU Z 50 57.82 4.95 10.13
CA GLU Z 50 59.05 5.58 9.58
C GLU Z 50 58.67 6.85 8.81
N ILE Z 51 59.43 7.93 9.02
CA ILE Z 51 59.30 9.24 8.29
C ILE Z 51 60.30 9.24 7.13
N ILE Z 52 59.86 8.83 5.94
CA ILE Z 52 60.64 8.93 4.67
C ILE Z 52 60.77 10.42 4.32
N ASP Z 53 61.99 10.97 4.51
CA ASP Z 53 62.31 12.41 4.38
C ASP Z 53 62.91 12.68 3.00
N ASP Z 54 62.11 13.24 2.09
CA ASP Z 54 62.57 14.01 0.91
C ASP Z 54 62.59 15.48 1.30
N HIS Z 55 63.31 16.32 0.55
CA HIS Z 55 63.59 17.75 0.88
C HIS Z 55 62.30 18.59 0.88
N ARG Z 56 61.29 18.21 0.09
CA ARG Z 56 60.05 18.99 -0.14
C ARG Z 56 59.17 18.95 1.12
N ALA Z 57 58.66 17.77 1.46
CA ALA Z 57 57.68 17.53 2.55
C ALA Z 57 57.56 16.01 2.75
N GLY Z 58 57.90 15.53 3.94
CA GLY Z 58 58.12 14.10 4.23
C GLY Z 58 56.90 13.24 3.94
N LYS Z 59 57.11 11.93 3.82
CA LYS Z 59 56.05 10.88 3.79
C LYS Z 59 56.22 10.01 5.03
N ILE Z 60 55.14 9.38 5.52
CA ILE Z 60 55.20 8.40 6.64
C ILE Z 60 54.78 7.03 6.08
N VAL Z 61 55.47 5.97 6.51
CA VAL Z 61 55.02 4.56 6.32
C VAL Z 61 54.76 3.98 7.73
N VAL Z 62 53.51 3.59 7.99
CA VAL Z 62 53.01 3.16 9.32
C VAL Z 62 52.75 1.65 9.28
N ASN Z 63 53.41 0.88 10.15
CA ASN Z 63 53.04 -0.53 10.45
C ASN Z 63 51.68 -0.52 11.14
N LEU Z 64 50.74 -1.35 10.69
CA LEU Z 64 49.34 -1.42 11.22
C LEU Z 64 49.14 -2.76 11.93
N THR Z 65 48.81 -2.72 13.23
CA THR Z 65 48.28 -3.87 14.02
C THR Z 65 46.75 -3.88 13.87
N GLY Z 66 46.14 -5.06 13.91
CA GLY Z 66 44.68 -5.24 13.75
C GLY Z 66 43.93 -4.90 15.03
N ARG Z 67 44.02 -3.65 15.48
CA ARG Z 67 43.45 -3.15 16.76
C ARG Z 67 42.50 -1.96 16.50
N LEU Z 68 42.91 -1.02 15.64
CA LEU Z 68 42.18 0.24 15.34
C LEU Z 68 40.85 -0.09 14.66
N ASN Z 69 39.73 0.28 15.30
CA ASN Z 69 38.35 0.21 14.73
C ASN Z 69 38.10 1.45 13.85
N LYS Z 70 38.37 2.64 14.38
CA LYS Z 70 38.08 3.95 13.72
C LYS Z 70 39.08 5.00 14.21
N CYS Z 71 39.53 5.88 13.29
CA CYS Z 71 40.36 7.08 13.57
C CYS Z 71 39.86 8.26 12.72
N GLY Z 72 39.06 9.14 13.32
CA GLY Z 72 38.38 10.26 12.63
C GLY Z 72 39.01 11.60 12.95
N VAL Z 73 38.94 12.55 12.00
CA VAL Z 73 39.29 13.98 12.18
C VAL Z 73 38.00 14.76 12.50
N ILE Z 74 38.13 15.85 13.27
CA ILE Z 74 37.03 16.83 13.54
C ILE Z 74 37.43 18.16 12.89
N SER Z 75 36.75 18.54 11.81
CA SER Z 75 36.96 19.82 11.06
C SER Z 75 35.67 20.65 11.12
N PRO Z 76 35.72 21.96 11.47
CA PRO Z 76 36.94 22.66 11.87
C PRO Z 76 37.46 22.29 13.27
N ARG Z 77 38.52 22.98 13.73
CA ARG Z 77 39.14 22.79 15.06
C ARG Z 77 38.29 23.56 16.09
N PHE Z 78 37.30 22.88 16.68
CA PHE Z 78 36.36 23.44 17.69
C PHE Z 78 37.11 23.79 18.98
N ASP Z 79 36.65 24.82 19.68
CA ASP Z 79 37.21 25.28 20.98
C ASP Z 79 36.58 24.44 22.10
N VAL Z 80 37.38 23.60 22.77
CA VAL Z 80 36.90 22.63 23.81
C VAL Z 80 37.37 23.11 25.18
N GLN Z 81 36.43 23.24 26.13
CA GLN Z 81 36.69 23.57 27.56
C GLN Z 81 36.52 22.30 28.41
N LEU Z 82 37.04 22.33 29.65
CA LEU Z 82 36.99 21.17 30.60
C LEU Z 82 35.53 20.78 30.85
N LYS Z 83 34.64 21.77 31.06
CA LYS Z 83 33.20 21.58 31.36
C LYS Z 83 32.48 20.94 30.16
N ASP Z 84 32.91 21.24 28.93
CA ASP Z 84 32.28 20.75 27.66
C ASP Z 84 32.88 19.41 27.23
N LEU Z 85 33.94 18.93 27.89
CA LEU Z 85 34.70 17.72 27.47
C LEU Z 85 33.87 16.45 27.71
N GLU Z 86 33.08 16.41 28.79
CA GLU Z 86 32.13 15.30 29.10
C GLU Z 86 31.21 15.07 27.89
N LYS Z 87 30.64 16.16 27.37
CA LYS Z 87 29.70 16.18 26.21
C LYS Z 87 30.37 15.55 24.98
N TRP Z 88 31.63 15.94 24.70
CA TRP Z 88 32.41 15.47 23.52
C TRP Z 88 32.75 13.98 23.66
N GLN Z 89 33.29 13.57 24.81
CA GLN Z 89 33.68 12.16 25.07
C GLN Z 89 32.42 11.29 25.24
N ASN Z 90 31.25 11.90 25.51
CA ASN Z 90 29.94 11.21 25.50
C ASN Z 90 29.47 11.00 24.05
N ASN Z 91 29.75 11.96 23.15
CA ASN Z 91 29.22 11.96 21.76
C ASN Z 91 30.06 11.06 20.86
N LEU Z 92 31.40 11.23 20.85
CA LEU Z 92 32.30 10.62 19.83
C LEU Z 92 32.71 9.20 20.21
N LEU Z 93 33.26 8.99 21.42
CA LEU Z 93 33.78 7.67 21.90
C LEU Z 93 32.66 6.64 21.89
N PRO Z 94 32.94 5.35 21.58
CA PRO Z 94 31.93 4.29 21.59
C PRO Z 94 31.56 3.82 23.01
N SER Z 95 32.52 3.85 23.94
CA SER Z 95 32.39 3.41 25.34
C SER Z 95 33.11 4.40 26.27
N ARG Z 96 32.83 4.32 27.58
CA ARG Z 96 33.56 5.05 28.65
C ARG Z 96 34.77 4.23 29.11
N GLN Z 97 34.88 2.97 28.68
CA GLN Z 97 35.98 2.03 29.06
C GLN Z 97 37.23 2.36 28.26
N PHE Z 98 37.10 2.61 26.94
CA PHE Z 98 38.22 2.83 25.99
C PHE Z 98 37.84 3.89 24.95
N GLY Z 99 38.83 4.28 24.12
CA GLY Z 99 38.72 5.37 23.11
C GLY Z 99 39.27 6.67 23.65
N PHE Z 100 39.77 7.54 22.78
CA PHE Z 100 40.45 8.82 23.16
C PHE Z 100 40.17 9.91 22.13
N ILE Z 101 39.88 11.13 22.60
CA ILE Z 101 39.86 12.39 21.81
C ILE Z 101 41.22 13.07 21.97
N VAL Z 102 41.85 13.44 20.85
CA VAL Z 102 43.18 14.13 20.79
C VAL Z 102 42.94 15.64 20.71
N LEU Z 103 43.28 16.37 21.78
CA LEU Z 103 43.20 17.85 21.84
C LEU Z 103 44.61 18.43 21.65
N THR Z 104 44.74 19.50 20.86
CA THR Z 104 45.93 20.41 20.86
C THR Z 104 45.69 21.48 21.92
N THR Z 105 46.54 21.50 22.96
CA THR Z 105 46.47 22.44 24.12
C THR Z 105 47.82 23.17 24.23
N SER Z 106 47.87 24.24 25.03
CA SER Z 106 49.09 25.03 25.33
C SER Z 106 50.22 24.12 25.83
N ALA Z 107 49.87 23.05 26.56
CA ALA Z 107 50.80 22.00 27.02
C ALA Z 107 51.34 21.21 25.82
N GLY Z 108 50.46 20.83 24.89
CA GLY Z 108 50.81 20.12 23.64
C GLY Z 108 49.63 19.37 23.05
N ILE Z 109 49.88 18.50 22.08
CA ILE Z 109 48.88 17.56 21.49
C ILE Z 109 48.83 16.32 22.40
N MET Z 110 47.65 15.98 22.93
CA MET Z 110 47.48 14.88 23.91
C MET Z 110 46.01 14.42 23.98
N ASP Z 111 45.80 13.23 24.55
CA ASP Z 111 44.46 12.60 24.72
C ASP Z 111 43.67 13.32 25.82
N HIS Z 112 42.35 13.11 25.86
CA HIS Z 112 41.40 13.80 26.77
C HIS Z 112 41.65 13.43 28.25
N GLU Z 113 42.11 12.21 28.54
CA GLU Z 113 42.33 11.71 29.93
C GLU Z 113 43.52 12.48 30.55
N GLU Z 114 44.59 12.68 29.77
CA GLU Z 114 45.78 13.48 30.15
C GLU Z 114 45.38 14.97 30.26
N ALA Z 115 44.47 15.43 29.39
CA ALA Z 115 43.92 16.80 29.40
C ALA Z 115 43.20 17.07 30.73
N ARG Z 116 42.35 16.13 31.18
CA ARG Z 116 41.68 16.18 32.51
C ARG Z 116 42.74 16.17 33.63
N ARG Z 117 43.75 15.28 33.52
CA ARG Z 117 44.83 15.11 34.54
C ARG Z 117 45.61 16.42 34.70
N LYS Z 118 46.03 17.03 33.59
CA LYS Z 118 46.87 18.28 33.60
C LYS Z 118 45.98 19.53 33.67
N HIS Z 119 44.66 19.40 33.51
CA HIS Z 119 43.64 20.46 33.74
C HIS Z 119 43.88 21.64 32.79
N THR Z 120 43.65 21.43 31.49
CA THR Z 120 43.78 22.45 30.42
C THR Z 120 42.92 22.06 29.21
N GLY Z 121 42.13 23.01 28.69
CA GLY Z 121 41.36 22.86 27.44
C GLY Z 121 42.22 23.15 26.23
N GLY Z 122 41.63 23.07 25.03
CA GLY Z 122 42.31 23.36 23.76
C GLY Z 122 41.40 23.20 22.55
N LYS Z 123 42.00 22.90 21.39
CA LYS Z 123 41.27 22.67 20.12
C LYS Z 123 41.22 21.15 19.87
N ILE Z 124 40.05 20.63 19.49
CA ILE Z 124 39.87 19.19 19.11
C ILE Z 124 40.47 18.97 17.71
N LEU Z 125 41.36 17.98 17.58
CA LEU Z 125 41.99 17.59 16.28
C LEU Z 125 41.20 16.41 15.69
N GLY Z 126 41.09 15.33 16.46
CA GLY Z 126 40.42 14.08 16.03
C GLY Z 126 40.26 13.09 17.17
N PHE Z 127 39.71 11.91 16.86
CA PHE Z 127 39.45 10.80 17.80
C PHE Z 127 39.91 9.47 17.17
N PHE Z 128 40.13 8.45 18.01
CA PHE Z 128 40.46 7.07 17.57
C PHE Z 128 40.02 6.07 18.65
N PHE Z 129 39.59 4.88 18.22
CA PHE Z 129 39.21 3.75 19.11
C PHE Z 129 39.24 2.42 18.33
N GLY AA 1 26.36 19.74 -0.28
CA GLY AA 1 27.42 20.01 0.74
C GLY AA 1 27.10 21.21 1.61
N LYS AA 2 27.33 21.08 2.93
CA LYS AA 2 27.13 22.15 3.94
C LYS AA 2 28.49 22.77 4.29
N CYS AA 3 28.58 24.11 4.34
CA CYS AA 3 29.77 24.85 4.84
C CYS AA 3 29.90 24.62 6.35
N ARG AA 4 31.07 24.17 6.80
CA ARG AA 4 31.33 23.80 8.22
C ARG AA 4 32.29 24.79 8.89
N GLY AA 5 32.88 25.74 8.15
CA GLY AA 5 33.91 26.69 8.63
C GLY AA 5 33.51 27.42 9.90
N LEU AA 6 34.48 27.79 10.73
CA LEU AA 6 34.28 28.43 12.06
C LEU AA 6 33.56 29.78 11.92
N ARG AA 7 33.66 30.44 10.77
CA ARG AA 7 33.12 31.82 10.54
C ARG AA 7 31.91 31.80 9.60
N THR AA 8 31.18 30.68 9.52
CA THR AA 8 30.02 30.48 8.60
C THR AA 8 28.70 30.52 9.38
N ALA AA 9 28.67 31.10 10.59
CA ALA AA 9 27.48 31.15 11.47
C ALA AA 9 26.36 31.94 10.78
N ARG AA 10 26.70 33.08 10.16
CA ARG AA 10 25.76 33.94 9.40
C ARG AA 10 25.15 33.16 8.23
N LYS AA 11 25.99 32.46 7.46
CA LYS AA 11 25.57 31.70 6.25
C LYS AA 11 24.54 30.63 6.65
N LEU AA 12 24.85 29.83 7.68
CA LEU AA 12 23.99 28.73 8.20
C LEU AA 12 22.68 29.31 8.73
N ARG AA 13 22.75 30.32 9.61
CA ARG AA 13 21.59 30.99 10.23
C ARG AA 13 20.68 31.59 9.14
N SER AA 14 21.26 32.32 8.20
CA SER AA 14 20.56 32.94 7.04
C SER AA 14 19.81 31.87 6.24
N HIS AA 15 20.50 30.77 5.90
CA HIS AA 15 19.96 29.62 5.13
C HIS AA 15 18.80 28.99 5.92
N ARG AA 16 19.07 28.50 7.13
CA ARG AA 16 18.06 27.86 8.02
C ARG AA 16 16.86 28.79 8.17
N ARG AA 17 17.09 30.09 8.39
CA ARG AA 17 16.04 31.10 8.66
C ARG AA 17 15.10 31.21 7.45
N ASP AA 18 15.65 31.31 6.23
CA ASP AA 18 14.84 31.52 4.98
C ASP AA 18 14.27 30.18 4.49
N GLN AA 19 14.93 29.05 4.78
CA GLN AA 19 14.48 27.70 4.32
C GLN AA 19 13.31 27.19 5.18
N LYS AA 20 13.06 27.79 6.34
CA LYS AA 20 11.91 27.42 7.23
C LYS AA 20 10.58 27.82 6.57
N TRP AA 21 10.58 28.75 5.62
CA TRP AA 21 9.35 29.21 4.90
C TRP AA 21 8.80 28.10 4.00
N HIS AA 22 9.65 27.20 3.50
CA HIS AA 22 9.23 26.05 2.64
C HIS AA 22 8.56 24.96 3.48
N ASP AA 23 8.65 25.05 4.81
CA ASP AA 23 7.83 24.24 5.76
C ASP AA 23 6.39 24.74 5.73
N LYS AA 24 5.43 23.84 5.48
CA LYS AA 24 3.97 24.12 5.39
C LYS AA 24 3.47 24.72 6.72
N GLN AA 25 3.84 24.14 7.86
CA GLN AA 25 3.33 24.50 9.22
C GLN AA 25 3.83 25.89 9.59
N TYR AA 26 5.13 26.12 9.48
CA TYR AA 26 5.81 27.39 9.86
C TYR AA 26 5.23 28.56 9.04
N LYS AA 27 5.12 28.39 7.71
CA LYS AA 27 4.61 29.45 6.80
C LYS AA 27 3.15 29.77 7.14
N LYS AA 28 2.31 28.74 7.29
CA LYS AA 28 0.87 28.90 7.67
C LYS AA 28 0.77 29.64 9.02
N ALA AA 29 1.64 29.30 9.98
CA ALA AA 29 1.67 29.87 11.34
C ALA AA 29 2.14 31.33 11.30
N HIS AA 30 3.43 31.55 10.98
CA HIS AA 30 4.16 32.83 11.21
C HIS AA 30 3.65 33.95 10.30
N LEU AA 31 3.48 33.69 9.00
CA LEU AA 31 2.87 34.67 8.05
C LEU AA 31 1.39 34.86 8.42
N GLY AA 32 1.02 36.08 8.80
CA GLY AA 32 -0.37 36.44 9.18
C GLY AA 32 -1.29 36.48 7.97
N THR AA 33 -1.61 35.31 7.42
CA THR AA 33 -2.49 35.11 6.23
C THR AA 33 -3.56 34.04 6.52
N ALA AA 34 -3.22 32.99 7.27
CA ALA AA 34 -4.16 31.96 7.78
C ALA AA 34 -5.21 32.60 8.71
N LEU AA 35 -4.79 33.53 9.57
CA LEU AA 35 -5.63 34.10 10.68
C LEU AA 35 -6.82 34.86 10.10
N LYS AA 36 -6.59 35.81 9.18
CA LYS AA 36 -7.65 36.65 8.56
C LYS AA 36 -8.62 35.78 7.74
N ALA AA 37 -8.12 34.73 7.09
CA ALA AA 37 -8.91 33.77 6.27
C ALA AA 37 -9.72 32.83 7.18
N ASN AA 38 -9.17 32.44 8.33
CA ASN AA 38 -9.85 31.60 9.36
C ASN AA 38 -11.13 32.30 9.81
N PRO AA 39 -12.33 31.71 9.61
CA PRO AA 39 -13.59 32.32 10.05
C PRO AA 39 -13.69 32.74 11.52
N PHE AA 40 -13.00 32.05 12.44
CA PHE AA 40 -12.98 32.37 13.89
C PHE AA 40 -11.89 33.41 14.21
N GLY AA 41 -10.80 33.42 13.44
CA GLY AA 41 -9.67 34.36 13.63
C GLY AA 41 -8.83 33.99 14.84
N GLY AA 42 -8.48 32.70 14.97
CA GLY AA 42 -7.59 32.17 16.02
C GLY AA 42 -8.29 32.05 17.37
N ALA AA 43 -9.59 31.75 17.38
CA ALA AA 43 -10.42 31.52 18.59
C ALA AA 43 -10.90 30.06 18.59
N SER AA 44 -10.70 29.35 19.70
CA SER AA 44 -11.08 27.92 19.89
C SER AA 44 -12.55 27.72 19.54
N HIS AA 45 -13.43 28.44 20.23
CA HIS AA 45 -14.91 28.44 20.02
C HIS AA 45 -15.33 29.81 19.45
N ALA AA 46 -16.50 29.85 18.82
CA ALA AA 46 -17.15 31.08 18.31
C ALA AA 46 -18.68 30.94 18.42
N LYS AA 47 -19.37 32.06 18.63
CA LYS AA 47 -20.84 32.15 18.77
C LYS AA 47 -21.42 32.71 17.47
N GLY AA 48 -22.62 32.26 17.08
CA GLY AA 48 -23.32 32.71 15.87
C GLY AA 48 -24.84 32.58 15.99
N ILE AA 49 -25.57 33.10 14.99
CA ILE AA 49 -27.05 32.94 14.84
C ILE AA 49 -27.30 31.99 13.67
N VAL AA 50 -28.25 31.06 13.83
CA VAL AA 50 -28.62 30.03 12.81
C VAL AA 50 -29.37 30.73 11.66
N LEU AA 51 -28.98 30.46 10.41
CA LEU AA 51 -29.75 30.82 9.19
C LEU AA 51 -30.81 29.74 8.98
N GLU AA 52 -30.37 28.50 8.74
CA GLU AA 52 -31.23 27.38 8.27
C GLU AA 52 -30.54 26.04 8.55
N LYS AA 53 -31.34 24.99 8.73
CA LYS AA 53 -30.90 23.58 8.77
C LYS AA 53 -30.63 23.12 7.33
N VAL AA 54 -29.68 22.20 7.14
CA VAL AA 54 -29.24 21.69 5.80
C VAL AA 54 -28.74 20.24 5.95
N GLY AA 55 -29.07 19.39 4.97
CA GLY AA 55 -28.68 17.96 4.92
C GLY AA 55 -27.56 17.75 3.91
N VAL AA 56 -26.33 17.53 4.40
CA VAL AA 56 -25.12 17.34 3.56
C VAL AA 56 -24.90 15.83 3.36
N GLU AA 57 -24.81 15.38 2.11
CA GLU AA 57 -24.56 13.96 1.72
C GLU AA 57 -23.11 13.61 2.08
N ALA AA 58 -22.85 12.35 2.45
CA ALA AA 58 -21.52 11.82 2.80
C ALA AA 58 -20.71 11.54 1.52
N LYS AA 59 -19.45 11.09 1.67
CA LYS AA 59 -18.54 10.73 0.54
C LYS AA 59 -19.09 9.51 -0.21
N GLN AA 60 -18.41 9.13 -1.31
CA GLN AA 60 -18.83 8.07 -2.27
C GLN AA 60 -19.02 6.72 -1.58
N PRO AA 61 -18.05 6.20 -0.79
CA PRO AA 61 -18.09 4.79 -0.37
C PRO AA 61 -19.23 4.41 0.60
N ASN AA 62 -19.82 5.38 1.31
CA ASN AA 62 -20.92 5.16 2.27
C ASN AA 62 -21.89 6.36 2.25
N SER AA 63 -23.18 6.10 1.99
CA SER AA 63 -24.22 7.13 1.72
C SER AA 63 -25.07 7.38 2.98
N ALA AA 64 -25.27 8.65 3.35
CA ALA AA 64 -26.12 9.10 4.47
C ALA AA 64 -26.28 10.62 4.42
N ILE AA 65 -27.38 11.14 4.98
CA ILE AA 65 -27.69 12.60 5.04
C ILE AA 65 -27.25 13.12 6.42
N ARG AA 66 -26.09 13.79 6.47
CA ARG AA 66 -25.53 14.40 7.71
C ARG AA 66 -26.26 15.71 7.97
N LYS AA 67 -26.91 15.82 9.14
CA LYS AA 67 -27.70 17.02 9.54
C LYS AA 67 -26.73 18.13 9.98
N CYS AA 68 -26.90 19.33 9.42
CA CYS AA 68 -26.01 20.51 9.65
C CYS AA 68 -26.84 21.79 9.73
N VAL AA 69 -26.21 22.88 10.17
CA VAL AA 69 -26.83 24.21 10.40
C VAL AA 69 -25.93 25.27 9.77
N ARG AA 70 -26.51 26.11 8.88
CA ARG AA 70 -25.86 27.35 8.37
C ARG AA 70 -25.97 28.42 9.47
N VAL AA 71 -24.83 28.93 9.94
CA VAL AA 71 -24.76 29.90 11.08
C VAL AA 71 -23.91 31.10 10.64
N GLN AA 72 -24.39 32.32 10.93
CA GLN AA 72 -23.66 33.59 10.73
C GLN AA 72 -23.05 34.00 12.08
N LEU AA 73 -21.74 34.24 12.12
CA LEU AA 73 -20.97 34.50 13.36
C LEU AA 73 -21.30 35.90 13.91
N ILE AA 74 -20.83 36.21 15.13
CA ILE AA 74 -21.16 37.48 15.86
C ILE AA 74 -20.04 38.50 15.63
N LYS AA 75 -18.76 38.08 15.65
CA LYS AA 75 -17.60 39.02 15.60
C LYS AA 75 -17.44 39.58 14.18
N ASN AA 76 -17.31 38.73 13.17
CA ASN AA 76 -16.97 39.11 11.77
C ASN AA 76 -18.21 39.02 10.87
N GLY AA 77 -19.27 38.35 11.30
CA GLY AA 77 -20.58 38.33 10.62
C GLY AA 77 -20.53 37.67 9.25
N LYS AA 78 -19.82 36.54 9.14
CA LYS AA 78 -19.69 35.74 7.89
C LYS AA 78 -20.33 34.37 8.11
N LYS AA 79 -20.78 33.73 7.03
CA LYS AA 79 -21.59 32.48 7.04
C LYS AA 79 -20.67 31.25 7.05
N ILE AA 80 -21.00 30.25 7.87
CA ILE AA 80 -20.33 28.92 7.95
C ILE AA 80 -21.40 27.83 8.13
N THR AA 81 -21.04 26.58 7.87
CA THR AA 81 -21.91 25.37 8.05
C THR AA 81 -21.33 24.49 9.16
N ALA AA 82 -22.10 24.29 10.24
CA ALA AA 82 -21.70 23.50 11.44
C ALA AA 82 -22.48 22.20 11.51
N PHE AA 83 -21.81 21.09 11.84
CA PHE AA 83 -22.40 19.73 11.95
C PHE AA 83 -22.84 19.47 13.39
N VAL AA 84 -24.14 19.23 13.61
CA VAL AA 84 -24.70 18.85 14.95
C VAL AA 84 -24.19 17.45 15.28
N PRO AA 85 -23.72 17.19 16.52
CA PRO AA 85 -23.06 15.92 16.84
C PRO AA 85 -24.02 14.74 16.90
N ASN AA 86 -24.66 14.47 18.04
CA ASN AA 86 -25.29 13.17 18.39
C ASN AA 86 -26.64 13.03 17.68
N ASP AA 87 -27.27 11.86 17.83
CA ASP AA 87 -28.54 11.45 17.17
C ASP AA 87 -29.70 12.35 17.63
N GLY AA 88 -30.43 12.94 16.67
CA GLY AA 88 -31.68 13.70 16.89
C GLY AA 88 -31.46 15.07 17.53
N CYS AA 89 -30.22 15.58 17.53
CA CYS AA 89 -29.85 16.90 18.12
C CYS AA 89 -30.42 18.04 17.28
N LEU AA 90 -30.64 17.81 15.98
CA LEU AA 90 -31.22 18.79 15.02
C LEU AA 90 -32.62 19.24 15.47
N ASN AA 91 -33.37 18.35 16.12
CA ASN AA 91 -34.75 18.62 16.64
C ASN AA 91 -34.71 19.75 17.69
N PHE AA 92 -33.68 19.77 18.54
CA PHE AA 92 -33.52 20.73 19.66
C PHE AA 92 -33.19 22.13 19.13
N ILE AA 93 -32.48 22.23 17.99
CA ILE AA 93 -32.18 23.52 17.30
C ILE AA 93 -33.44 23.95 16.52
N GLU AA 94 -33.67 25.27 16.44
CA GLU AA 94 -34.65 25.91 15.53
C GLU AA 94 -33.95 27.07 14.80
N GLU AA 95 -34.54 27.56 13.71
CA GLU AA 95 -33.99 28.68 12.90
C GLU AA 95 -33.96 29.96 13.76
N ASN AA 96 -32.91 30.77 13.61
CA ASN AA 96 -32.69 32.07 14.31
C ASN AA 96 -32.60 31.83 15.82
N ASP AA 97 -31.67 30.97 16.25
CA ASP AA 97 -31.27 30.75 17.66
C ASP AA 97 -29.77 31.08 17.78
N GLU AA 98 -29.32 31.44 18.99
CA GLU AA 98 -27.90 31.77 19.29
C GLU AA 98 -27.16 30.47 19.65
N VAL AA 99 -26.08 30.16 18.93
CA VAL AA 99 -25.41 28.83 18.91
C VAL AA 99 -23.89 29.03 19.05
N LEU AA 100 -23.27 28.32 20.01
CA LEU AA 100 -21.79 28.23 20.17
C LEU AA 100 -21.28 27.03 19.38
N VAL AA 101 -20.36 27.27 18.44
CA VAL AA 101 -19.75 26.25 17.54
C VAL AA 101 -18.24 26.17 17.83
N ALA AA 102 -17.67 24.97 17.75
CA ALA AA 102 -16.23 24.68 17.97
C ALA AA 102 -15.64 24.05 16.69
N GLY AA 103 -14.31 24.05 16.57
CA GLY AA 103 -13.57 23.31 15.53
C GLY AA 103 -13.87 21.82 15.64
N PHE AA 104 -13.77 21.07 14.53
CA PHE AA 104 -14.21 19.65 14.48
C PHE AA 104 -13.20 18.75 15.22
N GLY AA 105 -11.90 19.02 15.07
CA GLY AA 105 -10.83 18.23 15.70
C GLY AA 105 -9.54 18.18 14.89
N ARG AA 106 -9.64 18.24 13.55
CA ARG AA 106 -8.49 18.08 12.62
C ARG AA 106 -7.90 19.45 12.23
N LYS AA 107 -7.99 20.46 13.11
CA LYS AA 107 -7.21 21.73 13.06
C LYS AA 107 -7.68 22.60 11.88
N GLY AA 108 -8.99 22.63 11.63
CA GLY AA 108 -9.60 23.35 10.49
C GLY AA 108 -9.37 22.63 9.17
N HIS AA 109 -9.78 21.35 9.11
CA HIS AA 109 -9.84 20.51 7.88
C HIS AA 109 -11.15 19.70 7.92
N ALA AA 110 -11.42 18.91 6.88
CA ALA AA 110 -12.68 18.13 6.70
C ALA AA 110 -12.64 16.84 7.55
N VAL AA 111 -13.76 16.11 7.55
CA VAL AA 111 -14.00 14.85 8.32
C VAL AA 111 -14.05 13.68 7.35
N GLY AA 112 -13.86 12.45 7.86
CA GLY AA 112 -13.92 11.18 7.11
C GLY AA 112 -15.00 11.15 6.04
N ASP AA 113 -16.25 11.48 6.40
CA ASP AA 113 -17.44 11.42 5.51
C ASP AA 113 -17.81 12.83 5.03
N ILE AA 114 -18.23 13.70 5.95
CA ILE AA 114 -18.94 14.98 5.62
C ILE AA 114 -17.96 15.94 4.93
N PRO AA 115 -18.17 16.28 3.64
CA PRO AA 115 -17.28 17.17 2.90
C PRO AA 115 -17.61 18.66 3.08
N GLY AA 116 -16.58 19.51 3.13
CA GLY AA 116 -16.70 20.98 3.16
C GLY AA 116 -17.38 21.49 4.42
N VAL AA 117 -17.04 20.95 5.59
CA VAL AA 117 -17.41 21.50 6.93
C VAL AA 117 -16.19 21.39 7.86
N ARG AA 118 -15.92 22.45 8.61
CA ARG AA 118 -14.77 22.57 9.54
C ARG AA 118 -15.22 22.55 11.01
N PHE AA 119 -16.50 22.83 11.28
CA PHE AA 119 -17.03 23.23 12.61
C PHE AA 119 -18.18 22.31 13.04
N LYS AA 120 -18.39 22.20 14.37
CA LYS AA 120 -19.46 21.39 15.01
C LYS AA 120 -20.09 22.20 16.16
N VAL AA 121 -21.41 22.09 16.32
CA VAL AA 121 -22.21 22.84 17.35
C VAL AA 121 -22.00 22.16 18.71
N VAL AA 122 -21.65 22.94 19.74
CA VAL AA 122 -21.40 22.45 21.13
C VAL AA 122 -22.55 22.92 22.06
N LYS AA 123 -22.99 24.19 21.94
CA LYS AA 123 -24.13 24.74 22.74
C LYS AA 123 -25.21 25.32 21.82
N VAL AA 124 -26.47 25.19 22.26
CA VAL AA 124 -27.69 25.78 21.61
C VAL AA 124 -28.44 26.59 22.67
N ALA AA 125 -28.77 27.85 22.36
CA ALA AA 125 -29.56 28.77 23.22
C ALA AA 125 -29.01 28.80 24.65
N ASN AA 126 -27.68 28.81 24.79
CA ASN AA 126 -26.95 28.89 26.09
C ASN AA 126 -27.17 27.60 26.90
N VAL AA 127 -27.36 26.46 26.22
CA VAL AA 127 -27.51 25.11 26.86
C VAL AA 127 -26.69 24.09 26.05
N SER AA 128 -25.91 23.25 26.73
CA SER AA 128 -25.04 22.21 26.13
C SER AA 128 -25.90 21.13 25.47
N LEU AA 129 -25.56 20.72 24.24
CA LEU AA 129 -26.31 19.70 23.47
C LEU AA 129 -26.22 18.33 24.15
N LEU AA 130 -25.12 18.04 24.86
CA LEU AA 130 -24.94 16.79 25.65
C LEU AA 130 -26.03 16.69 26.73
N ALA AA 131 -26.34 17.81 27.39
CA ALA AA 131 -27.36 17.92 28.45
C ALA AA 131 -28.77 17.69 27.87
N LEU AA 132 -29.05 18.25 26.69
CA LEU AA 132 -30.35 18.08 25.97
C LEU AA 132 -30.47 16.65 25.44
N TYR AA 133 -29.36 16.07 24.95
CA TYR AA 133 -29.28 14.68 24.45
C TYR AA 133 -29.52 13.71 25.62
N LYS AA 134 -28.79 13.86 26.73
CA LYS AA 134 -28.89 12.97 27.92
C LYS AA 134 -30.09 13.35 28.80
N GLY AA 135 -30.78 14.47 28.52
CA GLY AA 135 -32.01 14.89 29.21
C GLY AA 135 -31.76 15.41 30.61
N LYS AA 136 -30.54 15.88 30.90
CA LYS AA 136 -30.14 16.49 32.19
C LYS AA 136 -30.68 17.92 32.28
N LYS AA 137 -31.01 18.53 31.14
CA LYS AA 137 -31.68 19.86 31.02
C LYS AA 137 -32.81 19.77 30.00
N GLU AA 138 -33.59 20.85 29.87
CA GLU AA 138 -34.69 21.03 28.88
C GLU AA 138 -34.59 22.42 28.27
N ARG AA 139 -34.89 22.55 26.96
CA ARG AA 139 -34.73 23.81 26.18
C ARG AA 139 -35.57 24.91 26.84
N PRO AA 140 -34.97 26.07 27.22
CA PRO AA 140 -35.69 27.09 27.98
C PRO AA 140 -36.84 27.75 27.20
N ARG AA 141 -38.04 27.71 27.78
CA ARG AA 141 -39.31 28.19 27.15
C ARG AA 141 -39.99 29.18 28.10
N THR BA 1 -6.69 19.62 85.15
CA THR BA 1 -5.40 19.00 84.71
C THR BA 1 -4.81 19.78 83.54
N VAL BA 2 -4.17 20.92 83.82
CA VAL BA 2 -3.41 21.74 82.83
C VAL BA 2 -2.04 22.10 83.44
N THR BA 3 -0.97 21.94 82.66
CA THR BA 3 0.43 22.27 83.06
C THR BA 3 0.95 23.38 82.15
N ILE BA 4 1.43 24.47 82.76
CA ILE BA 4 1.95 25.70 82.08
C ILE BA 4 3.48 25.69 82.19
N ARG BA 5 4.15 25.84 81.04
CA ARG BA 5 5.60 25.98 80.92
C ARG BA 5 5.86 27.26 80.17
N THR BA 6 7.08 27.75 80.22
CA THR BA 6 7.38 28.97 79.52
C THR BA 6 8.59 28.70 78.72
N ARG BA 7 8.64 29.16 77.48
CA ARG BA 7 9.81 28.81 76.72
C ARG BA 7 10.88 29.84 76.62
N LYS BA 8 10.77 30.82 75.74
CA LYS BA 8 11.86 31.78 75.68
C LYS BA 8 11.51 33.07 76.39
N PHE BA 9 12.10 33.27 77.54
CA PHE BA 9 11.84 34.42 78.34
C PHE BA 9 12.77 35.49 77.96
N MET BA 10 12.45 36.65 78.47
CA MET BA 10 13.26 37.90 78.32
C MET BA 10 12.71 39.00 79.24
N THR BA 11 13.61 39.72 79.92
CA THR BA 11 13.32 40.85 80.84
C THR BA 11 13.55 42.17 80.09
N ASN BA 12 12.55 42.60 79.31
CA ASN BA 12 12.65 43.76 78.38
C ASN BA 12 12.49 45.06 79.18
N ARG BA 13 13.59 45.52 79.80
CA ARG BA 13 13.69 46.81 80.54
C ARG BA 13 13.33 47.99 79.63
N LEU BA 14 13.57 47.86 78.31
CA LEU BA 14 13.32 48.91 77.28
C LEU BA 14 11.82 49.24 77.20
N LEU BA 15 10.94 48.24 77.33
CA LEU BA 15 9.46 48.41 77.35
C LEU BA 15 8.88 48.02 78.72
N GLN BA 16 9.72 47.84 79.74
CA GLN BA 16 9.31 47.53 81.15
C GLN BA 16 8.45 46.26 81.16
N ARG BA 17 8.88 45.25 80.41
CA ARG BA 17 8.14 43.99 80.16
C ARG BA 17 8.93 42.79 80.67
N LYS BA 18 8.24 41.70 80.98
CA LYS BA 18 8.76 40.31 80.99
C LYS BA 18 7.95 39.54 79.95
N GLN BA 19 8.56 39.24 78.80
CA GLN BA 19 7.92 38.61 77.62
C GLN BA 19 8.40 37.16 77.51
N MET BA 20 7.48 36.23 77.18
CA MET BA 20 7.78 34.77 77.19
C MET BA 20 6.82 34.00 76.26
N VAL BA 21 7.23 32.78 75.88
CA VAL BA 21 6.46 31.82 75.03
C VAL BA 21 5.79 30.79 75.95
N ILE BA 22 4.45 30.78 75.98
CA ILE BA 22 3.61 29.95 76.89
C ILE BA 22 3.37 28.59 76.22
N ASP BA 23 3.68 27.49 76.92
CA ASP BA 23 3.37 26.09 76.52
C ASP BA 23 2.35 25.51 77.50
N VAL BA 24 1.15 25.18 77.00
CA VAL BA 24 0.01 24.65 77.80
C VAL BA 24 -0.17 23.17 77.45
N LEU BA 25 -0.13 22.29 78.46
CA LEU BA 25 -0.35 20.82 78.34
C LEU BA 25 -1.74 20.48 78.90
N HIS BA 26 -2.70 20.16 78.03
CA HIS BA 26 -4.12 19.87 78.36
C HIS BA 26 -4.59 18.66 77.52
N PRO BA 27 -4.40 17.41 78.00
CA PRO BA 27 -4.59 16.23 77.15
C PRO BA 27 -6.07 15.92 76.82
N GLY BA 28 -6.94 15.89 77.83
CA GLY BA 28 -8.34 15.42 77.71
C GLY BA 28 -9.30 16.51 77.27
N LYS BA 29 -9.22 17.69 77.90
CA LYS BA 29 -10.21 18.80 77.74
C LYS BA 29 -9.88 19.63 76.48
N ALA BA 30 -10.73 20.61 76.16
CA ALA BA 30 -10.60 21.54 75.02
C ALA BA 30 -9.48 22.55 75.28
N THR BA 31 -9.21 23.44 74.33
CA THR BA 31 -8.26 24.57 74.46
C THR BA 31 -8.68 25.43 75.66
N VAL BA 32 -7.82 25.57 76.66
CA VAL BA 32 -8.10 26.35 77.91
C VAL BA 32 -8.28 27.81 77.54
N PRO BA 33 -9.35 28.51 78.03
CA PRO BA 33 -9.51 29.94 77.80
C PRO BA 33 -8.36 30.79 78.39
N LYS BA 34 -8.21 32.02 77.88
CA LYS BA 34 -7.06 32.93 78.16
C LYS BA 34 -7.01 33.31 79.65
N THR BA 35 -8.17 33.47 80.29
CA THR BA 35 -8.32 33.94 81.70
C THR BA 35 -7.66 32.95 82.68
N GLU BA 36 -7.83 31.64 82.44
CA GLU BA 36 -7.24 30.55 83.27
C GLU BA 36 -5.71 30.52 83.07
N ILE BA 37 -5.24 30.71 81.84
CA ILE BA 37 -3.79 30.81 81.48
C ILE BA 37 -3.21 32.01 82.24
N ARG BA 38 -3.91 33.15 82.19
CA ARG BA 38 -3.50 34.42 82.85
C ARG BA 38 -3.29 34.17 84.35
N GLU BA 39 -4.31 33.65 85.06
CA GLU BA 39 -4.30 33.52 86.55
C GLU BA 39 -3.28 32.47 86.98
N LYS BA 40 -3.16 31.35 86.25
CA LYS BA 40 -2.19 30.26 86.56
C LYS BA 40 -0.75 30.78 86.36
N LEU BA 41 -0.52 31.57 85.30
CA LEU BA 41 0.79 32.23 85.01
C LEU BA 41 1.07 33.28 86.10
N ALA BA 42 0.07 34.10 86.45
CA ALA BA 42 0.12 35.13 87.50
C ALA BA 42 0.50 34.50 88.84
N LYS BA 43 -0.12 33.35 89.15
CA LYS BA 43 0.19 32.52 90.36
C LYS BA 43 1.62 32.00 90.29
N MET BA 44 2.06 31.53 89.10
CA MET BA 44 3.42 30.97 88.87
C MET BA 44 4.50 32.03 89.11
N TYR BA 45 4.26 33.27 88.65
CA TYR BA 45 5.23 34.40 88.74
C TYR BA 45 4.92 35.32 89.94
N LYS BA 46 3.89 35.00 90.74
CA LYS BA 46 3.50 35.70 92.00
C LYS BA 46 3.23 37.17 91.68
N THR BA 47 2.23 37.43 90.81
CA THR BA 47 1.79 38.78 90.37
C THR BA 47 0.26 38.78 90.25
N THR BA 48 -0.34 39.97 90.09
CA THR BA 48 -1.80 40.16 89.81
C THR BA 48 -2.10 39.62 88.42
N PRO BA 49 -3.23 38.91 88.18
CA PRO BA 49 -3.63 38.52 86.83
C PRO BA 49 -4.09 39.68 85.92
N ASP BA 50 -4.29 40.88 86.49
CA ASP BA 50 -4.68 42.12 85.79
C ASP BA 50 -3.55 42.61 84.86
N VAL BA 51 -2.28 42.46 85.29
CA VAL BA 51 -1.09 43.02 84.59
C VAL BA 51 -0.48 41.98 83.63
N ILE BA 52 -1.20 40.88 83.33
CA ILE BA 52 -0.77 39.77 82.43
C ILE BA 52 -1.51 39.93 81.10
N PHE BA 53 -0.82 39.69 79.98
CA PHE BA 53 -1.40 39.73 78.61
C PHE BA 53 -0.87 38.56 77.78
N VAL BA 54 -1.78 37.71 77.27
CA VAL BA 54 -1.47 36.47 76.52
C VAL BA 54 -2.27 36.47 75.21
N PHE BA 55 -1.72 35.88 74.14
CA PHE BA 55 -2.36 35.82 72.79
C PHE BA 55 -1.62 34.83 71.88
N GLY BA 56 -2.25 34.55 70.72
CA GLY BA 56 -1.67 33.78 69.60
C GLY BA 56 -1.51 32.30 69.91
N PHE BA 57 -2.46 31.71 70.66
CA PHE BA 57 -2.43 30.29 71.09
C PHE BA 57 -2.85 29.39 69.93
N ARG BA 58 -1.92 28.59 69.41
CA ARG BA 58 -2.19 27.60 68.33
C ARG BA 58 -2.04 26.19 68.91
N THR BA 59 -3.18 25.51 69.14
CA THR BA 59 -3.27 24.11 69.66
C THR BA 59 -2.73 23.15 68.60
N HIS BA 60 -1.75 22.32 68.96
CA HIS BA 60 -1.08 21.34 68.06
C HIS BA 60 -2.10 20.29 67.56
N PHE BA 61 -1.82 19.67 66.42
CA PHE BA 61 -2.62 18.56 65.85
C PHE BA 61 -2.53 17.35 66.79
N GLY BA 62 -3.68 16.83 67.23
CA GLY BA 62 -3.80 15.76 68.24
C GLY BA 62 -4.39 16.29 69.54
N GLY BA 63 -3.98 17.50 69.95
CA GLY BA 63 -4.62 18.28 71.02
C GLY BA 63 -4.02 18.02 72.40
N GLY BA 64 -2.73 17.68 72.45
CA GLY BA 64 -1.96 17.49 73.70
C GLY BA 64 -1.36 18.79 74.20
N LYS BA 65 -0.92 19.65 73.28
CA LYS BA 65 -0.17 20.91 73.57
C LYS BA 65 -0.85 22.11 72.91
N THR BA 66 -0.67 23.30 73.49
CA THR BA 66 -0.99 24.62 72.87
C THR BA 66 0.15 25.60 73.17
N THR BA 67 0.75 26.16 72.10
CA THR BA 67 1.83 27.19 72.15
C THR BA 67 1.22 28.57 71.89
N GLY BA 68 1.58 29.57 72.71
CA GLY BA 68 1.16 30.98 72.54
C GLY BA 68 2.22 31.94 73.05
N PHE BA 69 1.95 33.25 72.93
CA PHE BA 69 2.83 34.35 73.42
C PHE BA 69 2.19 34.98 74.66
N GLY BA 70 3.02 35.24 75.68
CA GLY BA 70 2.64 35.91 76.93
C GLY BA 70 3.57 37.06 77.26
N MET BA 71 3.09 38.03 78.04
CA MET BA 71 3.91 39.15 78.57
C MET BA 71 3.27 39.71 79.85
N ILE BA 72 4.11 39.94 80.87
CA ILE BA 72 3.70 40.55 82.18
C ILE BA 72 4.44 41.89 82.32
N TYR BA 73 3.72 42.95 82.66
CA TYR BA 73 4.25 44.34 82.81
C TYR BA 73 4.64 44.57 84.28
N ASP BA 74 5.59 45.48 84.52
CA ASP BA 74 6.12 45.82 85.87
C ASP BA 74 5.01 46.47 86.71
N SER BA 75 4.22 47.37 86.10
CA SER BA 75 2.99 47.97 86.69
C SER BA 75 1.94 48.21 85.60
N LEU BA 76 0.68 48.36 86.00
CA LEU BA 76 -0.50 48.52 85.10
C LEU BA 76 -0.39 49.82 84.28
N ASP BA 77 0.34 50.82 84.78
CA ASP BA 77 0.55 52.13 84.08
C ASP BA 77 1.35 51.90 82.79
N TYR BA 78 2.49 51.19 82.89
CA TYR BA 78 3.35 50.82 81.74
C TYR BA 78 2.58 49.92 80.76
N ALA BA 79 1.72 49.04 81.30
CA ALA BA 79 0.81 48.17 80.52
C ALA BA 79 -0.19 49.03 79.73
N LYS BA 80 -0.84 50.00 80.40
CA LYS BA 80 -1.80 50.95 79.80
C LYS BA 80 -1.13 51.75 78.67
N LYS BA 81 0.12 52.17 78.88
CA LYS BA 81 0.90 53.01 77.92
C LYS BA 81 1.35 52.16 76.72
N ASN BA 82 2.09 51.08 76.97
CA ASN BA 82 2.89 50.35 75.95
C ASN BA 82 2.03 49.36 75.14
N GLU BA 83 1.12 48.63 75.81
CA GLU BA 83 0.30 47.56 75.17
C GLU BA 83 -0.60 48.18 74.10
N PRO BA 84 -0.77 47.55 72.90
CA PRO BA 84 -1.68 48.08 71.89
C PRO BA 84 -3.15 47.99 72.33
N LYS BA 85 -3.99 48.85 71.75
CA LYS BA 85 -5.37 49.14 72.22
C LYS BA 85 -6.25 47.88 72.11
N HIS BA 86 -6.07 47.07 71.07
CA HIS BA 86 -6.88 45.85 70.79
C HIS BA 86 -6.77 44.85 71.95
N ARG BA 87 -5.61 44.76 72.59
CA ARG BA 87 -5.34 43.82 73.72
C ARG BA 87 -5.84 44.43 75.05
N LEU BA 88 -6.01 45.76 75.13
CA LEU BA 88 -6.67 46.43 76.28
C LEU BA 88 -8.18 46.14 76.20
N ALA BA 89 -8.78 46.33 75.01
CA ALA BA 89 -10.23 46.21 74.74
C ALA BA 89 -10.76 44.82 75.13
N ARG BA 90 -9.93 43.77 75.04
CA ARG BA 90 -10.28 42.38 75.44
C ARG BA 90 -10.39 42.30 76.97
N HIS BA 91 -9.45 42.92 77.71
CA HIS BA 91 -9.49 43.04 79.19
C HIS BA 91 -10.59 44.01 79.63
N GLY BA 92 -10.97 44.96 78.77
CA GLY BA 92 -12.05 45.93 78.99
C GLY BA 92 -11.55 47.23 79.63
N LEU BA 93 -10.32 47.63 79.30
CA LEU BA 93 -9.66 48.87 79.78
C LEU BA 93 -9.78 49.99 78.73
N TYR BA 94 -10.15 49.66 77.49
CA TYR BA 94 -10.27 50.61 76.35
C TYR BA 94 -11.60 50.38 75.62
N GLU BA 95 -12.22 51.47 75.16
CA GLU BA 95 -13.51 51.47 74.41
C GLU BA 95 -13.29 52.09 73.02
N LYS BA 96 -13.80 51.44 71.98
CA LYS BA 96 -13.78 51.91 70.57
C LYS BA 96 -15.10 52.61 70.26
N LYS BA 97 -15.05 53.71 69.49
CA LYS BA 97 -16.23 54.50 69.05
C LYS BA 97 -16.93 53.76 67.90
N LYS BA 98 -18.26 53.68 67.94
CA LYS BA 98 -19.09 52.86 67.01
C LYS BA 98 -19.38 53.70 65.75
N THR BA 99 -18.34 53.95 64.95
CA THR BA 99 -18.41 54.64 63.63
C THR BA 99 -17.65 53.81 62.59
N SER BA 100 -18.17 53.72 61.38
CA SER BA 100 -17.57 52.97 60.23
C SER BA 100 -16.68 53.92 59.42
N ARG BA 101 -15.71 53.35 58.68
CA ARG BA 101 -14.78 54.10 57.80
C ARG BA 101 -15.58 54.85 56.72
N LYS BA 102 -16.61 54.22 56.17
CA LYS BA 102 -17.56 54.82 55.19
C LYS BA 102 -18.10 56.14 55.75
N GLN BA 103 -18.60 56.13 56.99
CA GLN BA 103 -19.27 57.28 57.65
C GLN BA 103 -18.29 58.45 57.80
N ARG BA 104 -17.10 58.21 58.37
CA ARG BA 104 -16.11 59.28 58.68
C ARG BA 104 -15.51 59.83 57.38
N LYS BA 105 -15.30 58.99 56.36
CA LYS BA 105 -14.72 59.40 55.05
C LYS BA 105 -15.79 60.13 54.23
N GLU BA 106 -17.06 59.72 54.35
CA GLU BA 106 -18.22 60.45 53.79
C GLU BA 106 -18.27 61.88 54.37
N ARG BA 107 -18.30 62.00 55.71
CA ARG BA 107 -18.44 63.30 56.43
C ARG BA 107 -17.23 64.20 56.09
N LYS BA 108 -16.04 63.61 55.96
CA LYS BA 108 -14.81 64.33 55.53
C LYS BA 108 -15.05 65.00 54.17
N ASN BA 109 -15.50 64.23 53.19
CA ASN BA 109 -15.67 64.70 51.78
C ASN BA 109 -16.84 65.69 51.67
N ARG BA 110 -17.85 65.61 52.55
CA ARG BA 110 -18.91 66.66 52.69
C ARG BA 110 -18.29 67.91 53.34
N MET BA 111 -17.46 67.73 54.38
CA MET BA 111 -16.82 68.82 55.17
C MET BA 111 -15.86 69.64 54.29
N LYS BA 112 -15.29 69.04 53.24
CA LYS BA 112 -14.41 69.73 52.24
C LYS BA 112 -15.17 70.85 51.52
N LYS BA 113 -16.46 70.66 51.23
CA LYS BA 113 -17.24 71.51 50.29
C LYS BA 113 -17.70 72.82 50.94
N VAL BA 114 -17.45 73.02 52.25
CA VAL BA 114 -17.77 74.28 52.99
C VAL BA 114 -16.46 74.82 53.60
N ARG BA 115 -16.28 76.14 53.57
CA ARG BA 115 -15.13 76.87 54.17
C ARG BA 115 -15.63 77.69 55.37
N GLY BA 116 -14.76 77.90 56.36
CA GLY BA 116 -15.05 78.67 57.59
C GLY BA 116 -15.46 77.76 58.74
N THR BA 117 -16.15 78.33 59.73
CA THR BA 117 -16.60 77.64 60.98
C THR BA 117 -17.77 76.70 60.69
N ALA BA 118 -18.46 76.86 59.55
CA ALA BA 118 -19.62 76.05 59.12
C ALA BA 118 -19.25 74.58 58.87
N LYS BA 119 -17.95 74.25 58.78
CA LYS BA 119 -17.43 72.85 58.65
C LYS BA 119 -17.94 71.99 59.81
N ALA BA 120 -17.89 72.51 61.04
CA ALA BA 120 -18.41 71.85 62.26
C ALA BA 120 -19.94 71.72 62.21
N ASN BA 121 -20.63 72.71 61.64
CA ASN BA 121 -22.12 72.76 61.53
C ASN BA 121 -22.63 71.61 60.65
N VAL BA 122 -21.93 71.29 59.56
CA VAL BA 122 -22.29 70.16 58.64
C VAL BA 122 -22.05 68.84 59.39
N GLY BA 123 -23.12 68.21 59.88
CA GLY BA 123 -23.09 66.94 60.63
C GLY BA 123 -24.41 66.19 60.51
N MET CA 1 35.65 -7.83 30.40
CA MET CA 1 36.47 -9.03 30.76
C MET CA 1 36.46 -9.22 32.28
N GLN CA 2 37.15 -8.33 33.02
CA GLN CA 2 37.38 -8.43 34.49
C GLN CA 2 36.73 -7.23 35.19
N ASN CA 3 35.86 -7.49 36.17
CA ASN CA 3 35.36 -6.47 37.13
C ASN CA 3 36.40 -6.30 38.24
N ASP CA 4 36.22 -5.28 39.09
CA ASP CA 4 37.17 -4.89 40.17
C ASP CA 4 37.29 -5.99 41.23
N ALA CA 5 36.30 -6.90 41.32
CA ALA CA 5 36.32 -8.11 42.17
C ALA CA 5 37.54 -8.99 41.82
N GLY CA 6 37.73 -9.30 40.53
CA GLY CA 6 38.89 -10.06 40.01
C GLY CA 6 38.51 -11.11 38.98
N GLU CA 7 37.40 -11.82 39.20
CA GLU CA 7 36.94 -12.96 38.36
C GLU CA 7 36.58 -12.48 36.94
N PHE CA 8 36.80 -13.34 35.94
CA PHE CA 8 36.49 -13.09 34.51
C PHE CA 8 34.99 -13.32 34.28
N VAL CA 9 34.29 -12.29 33.76
CA VAL CA 9 32.81 -12.26 33.58
C VAL CA 9 32.51 -12.23 32.08
N ASP CA 10 32.49 -13.41 31.45
CA ASP CA 10 32.35 -13.58 29.97
C ASP CA 10 32.01 -15.04 29.67
N LEU CA 11 31.24 -15.29 28.61
CA LEU CA 11 30.80 -16.65 28.18
C LEU CA 11 32.02 -17.42 27.67
N TYR CA 12 32.76 -16.83 26.72
CA TYR CA 12 33.97 -17.41 26.08
C TYR CA 12 34.80 -16.30 25.44
N VAL CA 13 36.13 -16.41 25.51
CA VAL CA 13 37.08 -15.49 24.80
C VAL CA 13 37.12 -15.92 23.33
N PRO CA 14 36.63 -15.09 22.37
CA PRO CA 14 36.65 -15.47 20.96
C PRO CA 14 38.07 -15.55 20.39
N ARG CA 15 38.28 -16.40 19.37
CA ARG CA 15 39.57 -16.54 18.66
C ARG CA 15 39.74 -15.34 17.72
N LYS CA 16 40.94 -14.75 17.69
CA LYS CA 16 41.35 -13.71 16.71
C LYS CA 16 42.04 -14.39 15.52
N CYS CA 17 41.83 -13.85 14.31
CA CYS CA 17 42.45 -14.31 13.04
C CYS CA 17 43.98 -14.16 13.12
N SER CA 18 44.73 -15.20 12.76
CA SER CA 18 46.21 -15.23 12.77
C SER CA 18 46.78 -14.20 11.76
N ALA CA 19 46.06 -13.95 10.67
CA ALA CA 19 46.48 -13.05 9.56
C ALA CA 19 46.17 -11.59 9.91
N SER CA 20 44.88 -11.23 9.99
CA SER CA 20 44.36 -9.83 10.04
C SER CA 20 44.16 -9.35 11.49
N ASN CA 21 44.11 -10.26 12.47
CA ASN CA 21 43.92 -9.97 13.92
C ASN CA 21 42.53 -9.36 14.16
N ARG CA 22 41.54 -9.79 13.38
CA ARG CA 22 40.09 -9.50 13.61
C ARG CA 22 39.47 -10.66 14.41
N ILE CA 23 38.45 -10.38 15.22
CA ILE CA 23 37.68 -11.40 15.99
C ILE CA 23 36.90 -12.27 14.98
N ILE CA 24 37.17 -13.57 14.95
CA ILE CA 24 36.36 -14.59 14.22
C ILE CA 24 35.02 -14.72 14.97
N GLY CA 25 33.92 -14.34 14.31
CA GLY CA 25 32.57 -14.28 14.91
C GLY CA 25 32.02 -15.66 15.25
N ALA CA 26 30.87 -15.71 15.93
CA ALA CA 26 30.16 -16.94 16.33
C ALA CA 26 29.67 -17.67 15.08
N LYS CA 27 29.02 -16.95 14.14
CA LYS CA 27 28.48 -17.50 12.87
C LYS CA 27 29.33 -17.00 11.69
N ASP CA 28 30.66 -17.20 11.78
CA ASP CA 28 31.64 -16.94 10.71
C ASP CA 28 32.00 -18.29 10.07
N HIS CA 29 31.10 -18.82 9.24
CA HIS CA 29 31.15 -20.21 8.70
C HIS CA 29 32.25 -20.35 7.65
N ALA CA 30 32.73 -19.24 7.07
CA ALA CA 30 33.84 -19.20 6.09
C ALA CA 30 35.20 -19.14 6.80
N SER CA 31 35.22 -19.01 8.13
CA SER CA 31 36.47 -19.01 8.95
C SER CA 31 37.06 -20.43 9.00
N ILE CA 32 38.39 -20.54 8.91
CA ILE CA 32 39.15 -21.83 8.85
C ILE CA 32 40.11 -21.89 10.04
N GLN CA 33 40.24 -23.06 10.67
CA GLN CA 33 41.33 -23.40 11.62
C GLN CA 33 42.12 -24.59 11.04
N MET CA 34 43.27 -24.31 10.42
CA MET CA 34 44.16 -25.30 9.76
C MET CA 34 45.31 -25.67 10.70
N ASN CA 35 45.54 -26.97 10.89
CA ASN CA 35 46.70 -27.56 11.61
C ASN CA 35 47.77 -27.96 10.58
N VAL CA 36 49.01 -27.50 10.77
CA VAL CA 36 50.20 -27.86 9.93
C VAL CA 36 51.14 -28.71 10.81
N ALA CA 37 51.52 -29.90 10.32
CA ALA CA 37 52.32 -30.91 11.06
C ALA CA 37 53.76 -30.43 11.25
N GLU CA 38 54.45 -30.96 12.28
CA GLU CA 38 55.90 -30.75 12.53
C GLU CA 38 56.66 -32.05 12.21
N VAL CA 39 57.73 -31.96 11.42
CA VAL CA 39 58.60 -33.10 11.01
C VAL CA 39 59.73 -33.25 12.04
N ASP CA 40 60.25 -34.47 12.20
CA ASP CA 40 61.50 -34.76 12.96
C ASP CA 40 62.70 -34.29 12.12
N LYS CA 41 63.61 -33.53 12.72
CA LYS CA 41 64.74 -32.82 12.06
C LYS CA 41 65.56 -33.78 11.19
N VAL CA 42 65.80 -35.01 11.67
CA VAL CA 42 66.67 -36.03 11.03
C VAL CA 42 65.88 -36.78 9.96
N THR CA 43 64.89 -37.59 10.37
CA THR CA 43 64.17 -38.57 9.50
C THR CA 43 63.14 -37.86 8.62
N GLY CA 44 62.50 -36.79 9.12
CA GLY CA 44 61.43 -36.06 8.42
C GLY CA 44 60.10 -36.78 8.53
N ARG CA 45 59.73 -37.20 9.73
CA ARG CA 45 58.48 -37.94 10.06
C ARG CA 45 57.60 -37.07 10.98
N PHE CA 46 56.27 -37.25 10.88
CA PHE CA 46 55.27 -36.57 11.74
C PHE CA 46 55.45 -37.04 13.19
N ASN CA 47 56.15 -36.24 14.00
CA ASN CA 47 56.52 -36.54 15.41
C ASN CA 47 55.26 -36.62 16.28
N GLY CA 48 54.24 -35.79 15.98
CA GLY CA 48 52.97 -35.70 16.75
C GLY CA 48 52.58 -34.26 17.02
N GLN CA 49 53.57 -33.38 17.20
CA GLN CA 49 53.38 -31.91 17.40
C GLN CA 49 52.89 -31.27 16.09
N PHE CA 50 52.06 -30.23 16.19
CA PHE CA 50 51.48 -29.46 15.06
C PHE CA 50 51.37 -27.99 15.46
N LYS CA 51 51.28 -27.10 14.46
CA LYS CA 51 51.16 -25.62 14.63
C LYS CA 51 49.88 -25.14 13.94
N THR CA 52 49.01 -24.47 14.69
CA THR CA 52 47.62 -24.11 14.30
C THR CA 52 47.58 -22.69 13.75
N TYR CA 53 46.85 -22.47 12.64
CA TYR CA 53 46.53 -21.14 12.07
C TYR CA 53 45.02 -21.00 11.92
N ALA CA 54 44.48 -19.81 12.17
CA ALA CA 54 43.05 -19.46 12.02
C ALA CA 54 42.91 -18.28 11.05
N ILE CA 55 42.03 -18.38 10.05
CA ILE CA 55 41.77 -17.34 9.01
C ILE CA 55 40.27 -17.01 9.03
N CYS CA 56 39.92 -15.72 9.09
CA CYS CA 56 38.52 -15.21 9.11
C CYS CA 56 37.94 -15.21 7.70
N GLY CA 57 36.60 -15.11 7.61
CA GLY CA 57 35.83 -15.20 6.35
C GLY CA 57 36.29 -14.17 5.31
N ALA CA 58 36.55 -12.93 5.73
CA ALA CA 58 36.98 -11.80 4.87
C ALA CA 58 38.25 -12.18 4.10
N ILE CA 59 39.29 -12.61 4.82
CA ILE CA 59 40.64 -12.96 4.26
C ILE CA 59 40.51 -14.18 3.33
N ARG CA 60 39.59 -15.11 3.65
CA ARG CA 60 39.26 -16.27 2.79
C ARG CA 60 38.59 -15.79 1.49
N ARG CA 61 37.60 -14.89 1.60
CA ARG CA 61 36.84 -14.34 0.44
C ARG CA 61 37.75 -13.50 -0.45
N MET CA 62 38.60 -12.64 0.12
CA MET CA 62 39.55 -11.77 -0.62
C MET CA 62 40.50 -12.59 -1.49
N GLY CA 63 40.82 -13.83 -1.07
CA GLY CA 63 41.79 -14.72 -1.75
C GLY CA 63 43.22 -14.45 -1.28
N GLU CA 64 43.37 -13.86 -0.09
CA GLU CA 64 44.68 -13.54 0.54
C GLU CA 64 44.96 -14.51 1.69
N SER CA 65 44.14 -15.56 1.85
CA SER CA 65 44.36 -16.68 2.80
C SER CA 65 45.63 -17.46 2.41
N ASP CA 66 45.87 -17.60 1.10
CA ASP CA 66 47.06 -18.28 0.51
C ASP CA 66 48.35 -17.62 1.01
N ASP CA 67 48.52 -16.33 0.72
CA ASP CA 67 49.72 -15.52 1.07
C ASP CA 67 49.86 -15.45 2.60
N SER CA 68 48.73 -15.32 3.32
CA SER CA 68 48.66 -15.25 4.80
C SER CA 68 49.17 -16.54 5.44
N ILE CA 69 48.71 -17.70 4.93
CA ILE CA 69 49.20 -19.05 5.36
C ILE CA 69 50.71 -19.15 5.04
N LEU CA 70 51.10 -18.80 3.81
CA LEU CA 70 52.51 -18.88 3.32
C LEU CA 70 53.43 -18.06 4.22
N ARG CA 71 53.11 -16.78 4.46
CA ARG CA 71 53.96 -15.83 5.22
C ARG CA 71 54.01 -16.24 6.71
N LEU CA 72 52.91 -16.76 7.26
CA LEU CA 72 52.87 -17.36 8.62
C LEU CA 72 53.80 -18.57 8.68
N ALA CA 73 53.72 -19.47 7.67
CA ALA CA 73 54.57 -20.67 7.54
C ALA CA 73 56.05 -20.25 7.42
N LYS CA 74 56.33 -19.18 6.68
CA LYS CA 74 57.71 -18.59 6.55
C LYS CA 74 58.19 -18.09 7.91
N ALA CA 75 57.37 -17.29 8.60
CA ALA CA 75 57.66 -16.69 9.93
C ALA CA 75 57.90 -17.79 10.97
N ASP CA 76 57.06 -18.82 10.98
CA ASP CA 76 57.11 -19.94 11.96
C ASP CA 76 58.20 -20.97 11.57
N GLY CA 77 58.79 -20.84 10.37
CA GLY CA 77 59.95 -21.63 9.94
C GLY CA 77 59.57 -22.98 9.36
N ILE CA 78 58.30 -23.17 8.99
CA ILE CA 78 57.79 -24.39 8.29
C ILE CA 78 58.28 -24.36 6.84
N VAL CA 79 58.10 -23.23 6.16
CA VAL CA 79 58.61 -22.97 4.77
C VAL CA 79 60.04 -22.41 4.89
N SER CA 80 60.95 -22.89 4.04
CA SER CA 80 62.38 -22.47 4.00
C SER CA 80 62.48 -21.00 3.58
N LYS CA 81 63.35 -20.23 4.25
CA LYS CA 81 63.65 -18.80 3.93
C LYS CA 81 64.10 -18.71 2.47
N ASN CA 82 63.54 -17.75 1.72
CA ASN CA 82 63.70 -17.58 0.25
C ASN CA 82 63.16 -18.82 -0.47
N ASP DA 1 -39.99 -23.96 -68.80
CA ASP DA 1 -41.34 -23.61 -69.33
C ASP DA 1 -42.27 -24.83 -69.24
N LYS DA 2 -43.57 -24.62 -69.46
CA LYS DA 2 -44.60 -25.70 -69.47
C LYS DA 2 -44.39 -26.59 -70.70
N LEU DA 3 -44.32 -27.91 -70.49
CA LEU DA 3 -44.11 -28.95 -71.53
C LEU DA 3 -45.43 -29.69 -71.77
N ASN DA 4 -46.16 -29.32 -72.82
CA ASN DA 4 -47.47 -29.92 -73.21
C ASN DA 4 -47.21 -31.12 -74.14
N ASN DA 5 -46.88 -32.28 -73.55
CA ASN DA 5 -46.59 -33.54 -74.28
C ASN DA 5 -47.91 -34.26 -74.60
N LEU DA 6 -47.93 -35.04 -75.68
CA LEU DA 6 -49.14 -35.70 -76.24
C LEU DA 6 -49.38 -37.02 -75.52
N VAL DA 7 -50.60 -37.21 -74.98
CA VAL DA 7 -51.06 -38.44 -74.27
C VAL DA 7 -51.14 -39.60 -75.26
N LEU DA 8 -51.72 -39.38 -76.45
CA LEU DA 8 -51.92 -40.40 -77.52
C LEU DA 8 -51.23 -39.93 -78.80
N PHE DA 9 -50.89 -40.88 -79.68
CA PHE DA 9 -50.18 -40.64 -80.96
C PHE DA 9 -51.16 -39.98 -81.95
N ASP DA 10 -50.67 -38.98 -82.69
CA ASP DA 10 -51.34 -38.40 -83.89
C ASP DA 10 -50.65 -38.96 -85.14
N LYS DA 11 -51.31 -38.88 -86.29
CA LYS DA 11 -50.86 -39.49 -87.58
C LYS DA 11 -49.47 -38.93 -87.97
N ALA DA 12 -49.25 -37.63 -87.78
CA ALA DA 12 -48.01 -36.90 -88.13
C ALA DA 12 -46.82 -37.38 -87.27
N THR DA 13 -47.08 -37.81 -86.03
CA THR DA 13 -46.08 -38.35 -85.08
C THR DA 13 -45.95 -39.87 -85.23
N TYR DA 14 -47.07 -40.57 -85.49
CA TYR DA 14 -47.16 -42.05 -85.53
C TYR DA 14 -46.39 -42.61 -86.73
N ASP DA 15 -46.54 -42.00 -87.91
CA ASP DA 15 -45.82 -42.40 -89.16
C ASP DA 15 -44.33 -42.06 -88.99
N LYS DA 16 -44.02 -40.93 -88.34
CA LYS DA 16 -42.63 -40.46 -88.04
C LYS DA 16 -41.93 -41.47 -87.12
N LEU DA 17 -42.66 -42.05 -86.16
CA LEU DA 17 -42.12 -43.05 -85.20
C LEU DA 17 -41.77 -44.35 -85.95
N CYS DA 18 -42.74 -44.91 -86.69
CA CYS DA 18 -42.63 -46.20 -87.42
C CYS DA 18 -41.50 -46.17 -88.47
N LYS DA 19 -41.15 -44.98 -88.98
CA LYS DA 19 -40.10 -44.78 -90.03
C LYS DA 19 -38.74 -44.54 -89.38
N GLU DA 20 -38.65 -43.64 -88.39
CA GLU DA 20 -37.38 -42.99 -87.95
C GLU DA 20 -36.83 -43.60 -86.65
N VAL DA 21 -37.67 -44.10 -85.74
CA VAL DA 21 -37.24 -44.57 -84.39
C VAL DA 21 -36.28 -45.77 -84.51
N PRO DA 22 -36.74 -46.72 -85.28
CA PRO DA 22 -36.27 -48.02 -85.71
C PRO DA 22 -34.81 -47.96 -85.98
N ASN DA 23 -34.27 -46.77 -86.17
CA ASN DA 23 -32.86 -46.64 -86.41
C ASN DA 23 -32.15 -45.48 -85.69
N TYR DA 24 -31.97 -45.60 -84.39
CA TYR DA 24 -31.27 -44.61 -83.59
C TYR DA 24 -30.17 -45.38 -82.88
N LYS DA 25 -29.10 -44.71 -82.50
CA LYS DA 25 -28.03 -45.41 -81.86
C LYS DA 25 -28.46 -46.00 -80.54
N LEU DA 26 -29.25 -45.26 -79.77
CA LEU DA 26 -29.73 -45.72 -78.47
C LEU DA 26 -31.24 -45.68 -78.32
N ILE DA 27 -31.82 -46.77 -77.84
CA ILE DA 27 -33.25 -46.88 -77.70
C ILE DA 27 -33.77 -46.91 -76.26
N THR DA 28 -34.61 -45.93 -75.88
CA THR DA 28 -35.19 -45.80 -74.53
C THR DA 28 -36.38 -44.92 -74.49
N PRO DA 29 -37.23 -45.12 -73.53
CA PRO DA 29 -38.47 -44.38 -73.26
C PRO DA 29 -38.26 -42.88 -73.07
N ALA DA 30 -37.12 -42.48 -72.47
CA ALA DA 30 -36.74 -41.07 -72.17
C ALA DA 30 -36.53 -40.28 -73.47
N VAL DA 31 -35.53 -40.68 -74.28
CA VAL DA 31 -35.08 -39.91 -75.49
C VAL DA 31 -36.23 -39.83 -76.51
N VAL DA 32 -37.00 -40.90 -76.69
CA VAL DA 32 -38.15 -40.97 -77.63
C VAL DA 32 -39.22 -39.95 -77.21
N SER DA 33 -39.58 -39.94 -75.92
CA SER DA 33 -40.59 -39.01 -75.32
C SER DA 33 -40.12 -37.55 -75.47
N GLU DA 34 -38.82 -37.30 -75.30
CA GLU DA 34 -38.20 -35.95 -75.37
C GLU DA 34 -38.20 -35.45 -76.83
N ARG DA 35 -37.72 -36.26 -77.77
CA ARG DA 35 -37.48 -35.87 -79.19
C ARG DA 35 -38.81 -35.66 -79.92
N LEU DA 36 -39.77 -36.59 -79.77
CA LEU DA 36 -41.05 -36.62 -80.55
C LEU DA 36 -42.17 -35.89 -79.81
N LYS DA 37 -41.91 -35.33 -78.61
CA LYS DA 37 -42.91 -34.65 -77.73
C LYS DA 37 -44.05 -35.62 -77.39
N ILE DA 38 -43.70 -36.79 -76.81
CA ILE DA 38 -44.64 -37.86 -76.38
C ILE DA 38 -44.67 -37.89 -74.85
N ARG DA 39 -45.76 -38.41 -74.28
CA ARG DA 39 -45.92 -38.69 -72.83
C ARG DA 39 -45.08 -39.93 -72.47
N GLY DA 40 -44.62 -40.01 -71.22
CA GLY DA 40 -43.75 -41.10 -70.70
C GLY DA 40 -44.36 -42.48 -70.86
N SER DA 41 -45.67 -42.61 -70.64
CA SER DA 41 -46.43 -43.89 -70.70
C SER DA 41 -46.56 -44.38 -72.15
N LEU DA 42 -46.96 -43.50 -73.06
CA LEU DA 42 -47.18 -43.82 -74.51
C LEU DA 42 -45.85 -44.19 -75.17
N ALA DA 43 -44.78 -43.46 -74.86
CA ALA DA 43 -43.40 -43.69 -75.36
C ALA DA 43 -42.88 -45.04 -74.85
N ARG DA 44 -43.20 -45.40 -73.60
CA ARG DA 44 -42.83 -46.70 -72.97
C ARG DA 44 -43.63 -47.84 -73.62
N ALA DA 45 -44.91 -47.58 -73.96
CA ALA DA 45 -45.81 -48.54 -74.64
C ALA DA 45 -45.36 -48.78 -76.08
N ALA DA 46 -44.96 -47.72 -76.79
CA ALA DA 46 -44.54 -47.72 -78.21
C ALA DA 46 -43.37 -48.70 -78.42
N LEU DA 47 -42.35 -48.63 -77.57
CA LEU DA 47 -41.12 -49.49 -77.62
C LEU DA 47 -41.49 -50.97 -77.43
N GLN DA 48 -42.44 -51.25 -76.53
CA GLN DA 48 -42.94 -52.63 -76.25
C GLN DA 48 -43.63 -53.19 -77.50
N GLU DA 49 -44.41 -52.35 -78.20
CA GLU DA 49 -45.15 -52.72 -79.44
C GLU DA 49 -44.16 -52.95 -80.59
N LEU DA 50 -43.10 -52.15 -80.69
CA LEU DA 50 -42.04 -52.28 -81.73
C LEU DA 50 -41.24 -53.58 -81.50
N LEU DA 51 -41.07 -54.00 -80.24
CA LEU DA 51 -40.38 -55.26 -79.88
C LEU DA 51 -41.25 -56.47 -80.27
N SER DA 52 -42.58 -56.34 -80.16
CA SER DA 52 -43.57 -57.38 -80.55
C SER DA 52 -43.52 -57.62 -82.07
N LYS DA 53 -43.44 -56.55 -82.86
CA LYS DA 53 -43.26 -56.59 -84.34
C LYS DA 53 -41.89 -57.22 -84.66
N GLY DA 54 -40.84 -56.72 -84.02
CA GLY DA 54 -39.45 -57.22 -84.14
C GLY DA 54 -38.60 -56.34 -85.05
N LEU DA 55 -38.66 -55.02 -84.86
CA LEU DA 55 -37.83 -54.01 -85.57
C LEU DA 55 -36.63 -53.59 -84.71
N ILE DA 56 -36.76 -53.67 -83.38
CA ILE DA 56 -35.82 -53.11 -82.37
C ILE DA 56 -35.44 -54.22 -81.37
N LYS DA 57 -34.17 -54.26 -80.94
CA LYS DA 57 -33.62 -55.25 -79.96
C LYS DA 57 -33.66 -54.66 -78.54
N LEU DA 58 -34.04 -55.48 -77.56
CA LEU DA 58 -33.96 -55.17 -76.11
C LEU DA 58 -32.57 -55.53 -75.59
N VAL DA 59 -31.79 -54.53 -75.16
CA VAL DA 59 -30.35 -54.66 -74.78
C VAL DA 59 -30.26 -55.14 -73.32
N SER DA 60 -31.01 -54.51 -72.41
CA SER DA 60 -31.15 -54.91 -70.99
C SER DA 60 -32.43 -54.32 -70.39
N LYS DA 61 -33.25 -55.15 -69.75
CA LYS DA 61 -34.52 -54.74 -69.09
C LYS DA 61 -34.29 -54.53 -67.59
N HIS DA 62 -34.88 -53.46 -67.04
CA HIS DA 62 -34.82 -53.09 -65.61
C HIS DA 62 -36.03 -52.20 -65.27
N ARG DA 63 -36.31 -51.99 -63.98
CA ARG DA 63 -37.40 -51.12 -63.47
C ARG DA 63 -37.17 -49.67 -63.94
N ALA DA 64 -35.99 -49.13 -63.64
CA ALA DA 64 -35.61 -47.70 -63.82
C ALA DA 64 -35.34 -47.41 -65.29
N GLN DA 65 -34.45 -48.18 -65.93
CA GLN DA 65 -33.92 -47.92 -67.30
C GLN DA 65 -34.07 -49.17 -68.17
N VAL DA 66 -34.88 -49.07 -69.24
CA VAL DA 66 -35.04 -50.11 -70.31
C VAL DA 66 -34.36 -49.57 -71.58
N ILE DA 67 -33.26 -50.21 -72.02
CA ILE DA 67 -32.38 -49.74 -73.13
C ILE DA 67 -32.68 -50.57 -74.39
N TYR DA 68 -33.06 -49.89 -75.48
CA TYR DA 68 -33.35 -50.48 -76.82
C TYR DA 68 -32.33 -49.96 -77.84
N THR DA 69 -32.21 -50.63 -79.00
CA THR DA 69 -31.23 -50.31 -80.06
C THR DA 69 -31.70 -50.85 -81.42
N ARG DA 70 -31.26 -50.22 -82.51
CA ARG DA 70 -31.49 -50.68 -83.92
C ARG DA 70 -30.67 -51.93 -84.17
N ASN DA 71 -31.13 -52.79 -85.10
CA ASN DA 71 -30.45 -54.07 -85.47
C ASN DA 71 -29.66 -53.86 -86.78
N THR DA 72 -28.53 -54.57 -86.91
CA THR DA 72 -27.56 -54.47 -88.03
C THR DA 72 -26.92 -53.07 -88.02
N PRO EA 1 50.04 -7.85 -2.54
CA PRO EA 1 48.98 -7.36 -1.64
C PRO EA 1 49.20 -7.80 -0.18
N LEU EA 2 48.90 -6.99 0.82
CA LEU EA 2 49.04 -7.29 2.25
C LEU EA 2 50.40 -7.50 2.93
N ALA EA 3 51.48 -7.62 2.17
CA ALA EA 3 52.77 -7.73 2.82
C ALA EA 3 53.89 -6.84 2.29
N LYS EA 4 53.64 -6.07 1.25
CA LYS EA 4 54.75 -5.36 0.66
C LYS EA 4 55.45 -4.37 1.52
N ASP EA 5 56.79 -4.36 1.46
CA ASP EA 5 57.56 -3.39 2.18
C ASP EA 5 57.41 -2.15 1.41
N LEU EA 6 56.54 -1.31 1.84
CA LEU EA 6 56.54 0.05 1.23
C LEU EA 6 57.91 0.73 1.45
N LEU EA 7 58.61 0.38 2.54
CA LEU EA 7 59.93 0.96 2.94
C LEU EA 7 61.01 0.65 1.88
N HIS EA 8 61.15 -0.61 1.49
CA HIS EA 8 62.22 -1.13 0.60
C HIS EA 8 61.60 -1.83 -0.61
N PRO EA 9 61.11 -1.07 -1.62
CA PRO EA 9 60.73 -1.67 -2.91
C PRO EA 9 61.97 -2.09 -3.72
N SER EA 10 61.81 -3.09 -4.58
CA SER EA 10 62.88 -3.65 -5.45
C SER EA 10 63.28 -2.60 -6.50
N PRO EA 11 64.60 -2.38 -6.77
CA PRO EA 11 65.04 -1.27 -7.63
C PRO EA 11 64.49 -1.24 -9.08
N GLU EA 12 64.12 -2.39 -9.64
CA GLU EA 12 63.54 -2.49 -11.01
C GLU EA 12 62.09 -1.95 -10.99
N GLU EA 13 61.33 -2.25 -9.93
CA GLU EA 13 59.96 -1.71 -9.71
C GLU EA 13 60.03 -0.20 -9.44
N GLU EA 14 61.07 0.24 -8.73
CA GLU EA 14 61.33 1.68 -8.40
C GLU EA 14 61.49 2.48 -9.70
N LYS EA 15 62.29 1.96 -10.64
CA LYS EA 15 62.61 2.64 -11.92
C LYS EA 15 61.38 2.67 -12.84
N ARG EA 16 60.61 1.58 -12.88
CA ARG EA 16 59.37 1.44 -13.71
C ARG EA 16 58.35 2.50 -13.31
N LYS EA 17 58.08 2.63 -11.99
CA LYS EA 17 57.07 3.54 -11.40
C LYS EA 17 57.41 5.00 -11.74
N HIS EA 18 56.38 5.83 -11.96
CA HIS EA 18 56.46 7.24 -12.44
C HIS EA 18 57.42 8.06 -11.56
N LYS EA 19 58.16 8.99 -12.17
CA LYS EA 19 59.25 9.78 -11.52
C LYS EA 19 58.70 10.55 -10.32
N LYS EA 20 57.46 11.05 -10.41
CA LYS EA 20 56.82 11.88 -9.36
C LYS EA 20 56.18 10.98 -8.28
N LYS EA 21 55.72 9.78 -8.66
CA LYS EA 21 55.04 8.81 -7.75
C LYS EA 21 56.04 7.78 -7.18
N ARG EA 22 57.35 8.07 -7.21
CA ARG EA 22 58.39 7.23 -6.57
C ARG EA 22 58.36 7.46 -5.05
N LEU EA 23 59.02 6.57 -4.29
CA LEU EA 23 59.13 6.64 -2.80
C LEU EA 23 59.93 7.90 -2.42
N VAL EA 24 61.04 8.14 -3.12
CA VAL EA 24 61.81 9.42 -3.10
C VAL EA 24 62.03 9.85 -4.56
N GLN EA 25 61.76 11.13 -4.87
CA GLN EA 25 61.76 11.65 -6.26
C GLN EA 25 63.19 11.70 -6.82
N SER EA 26 63.35 11.28 -8.08
CA SER EA 26 64.60 11.40 -8.87
C SER EA 26 64.25 11.50 -10.35
N PRO EA 27 64.92 12.39 -11.14
CA PRO EA 27 64.61 12.54 -12.56
C PRO EA 27 65.12 11.36 -13.40
N ASN EA 28 64.40 11.02 -14.48
CA ASN EA 28 64.78 9.97 -15.46
C ASN EA 28 65.87 10.50 -16.39
N SER EA 29 65.97 11.83 -16.55
CA SER EA 29 66.99 12.52 -17.37
C SER EA 29 68.39 12.35 -16.75
N TYR EA 30 69.43 12.75 -17.50
CA TYR EA 30 70.86 12.64 -17.11
C TYR EA 30 71.69 13.60 -17.96
N PHE EA 31 72.93 13.89 -17.51
CA PHE EA 31 73.94 14.71 -18.23
C PHE EA 31 74.98 13.78 -18.87
N MET EA 32 75.21 13.94 -20.17
CA MET EA 32 76.10 13.09 -21.02
C MET EA 32 77.07 14.00 -21.78
N ASP EA 33 78.30 13.54 -22.02
CA ASP EA 33 79.34 14.27 -22.80
C ASP EA 33 79.33 13.75 -24.25
N VAL EA 34 79.48 14.66 -25.22
CA VAL EA 34 79.42 14.38 -26.68
C VAL EA 34 80.84 14.52 -27.26
N LYS EA 35 81.24 13.55 -28.10
CA LYS EA 35 82.53 13.54 -28.85
C LYS EA 35 82.22 13.65 -30.35
N CYS EA 36 82.32 14.87 -30.90
CA CYS EA 36 82.04 15.19 -32.32
C CYS EA 36 83.14 14.59 -33.20
N PRO EA 37 82.80 13.98 -34.38
CA PRO EA 37 83.82 13.33 -35.22
C PRO EA 37 84.88 14.27 -35.82
N GLY EA 38 84.49 15.49 -36.20
CA GLY EA 38 85.37 16.51 -36.80
C GLY EA 38 85.77 17.59 -35.81
N CYS EA 39 86.19 17.19 -34.59
CA CYS EA 39 86.61 18.10 -33.49
C CYS EA 39 87.29 17.30 -32.37
N TYR EA 40 88.12 17.98 -31.55
CA TYR EA 40 88.84 17.42 -30.39
C TYR EA 40 88.18 17.87 -29.07
N LYS EA 41 87.61 19.08 -29.03
CA LYS EA 41 86.98 19.69 -27.82
C LYS EA 41 85.75 18.86 -27.40
N ILE EA 42 85.57 18.67 -26.09
CA ILE EA 42 84.45 17.92 -25.46
C ILE EA 42 83.38 18.93 -25.02
N THR EA 43 82.09 18.54 -25.11
CA THR EA 43 80.92 19.33 -24.68
C THR EA 43 79.98 18.44 -23.87
N THR EA 44 79.24 19.03 -22.92
CA THR EA 44 78.23 18.35 -22.05
C THR EA 44 76.84 18.82 -22.49
N VAL EA 45 75.89 17.89 -22.61
CA VAL EA 45 74.49 18.15 -23.07
C VAL EA 45 73.51 17.44 -22.13
N PHE EA 46 72.31 18.00 -21.98
CA PHE EA 46 71.18 17.43 -21.21
C PHE EA 46 70.47 16.39 -22.10
N SER EA 47 70.09 15.24 -21.52
CA SER EA 47 69.47 14.10 -22.23
C SER EA 47 68.16 14.53 -22.89
N HIS EA 48 67.32 15.26 -22.22
CA HIS EA 48 66.16 15.72 -22.90
C HIS EA 48 66.56 17.12 -23.01
N ALA EA 49 66.87 17.57 -24.20
CA ALA EA 49 67.31 18.92 -24.38
C ALA EA 49 66.34 19.68 -25.25
N GLN EA 50 66.30 21.00 -25.14
CA GLN EA 50 65.38 21.72 -25.92
C GLN EA 50 65.91 22.64 -26.96
N THR EA 51 67.19 22.92 -26.96
CA THR EA 51 67.70 23.84 -27.95
C THR EA 51 68.69 23.17 -28.87
N VAL EA 52 68.71 23.52 -30.13
CA VAL EA 52 69.67 22.89 -30.99
C VAL EA 52 70.92 23.48 -30.49
N VAL EA 53 71.87 22.65 -30.18
CA VAL EA 53 73.07 23.12 -29.57
C VAL EA 53 74.14 23.19 -30.57
N LEU EA 54 75.04 24.13 -30.40
CA LEU EA 54 76.14 24.21 -31.40
C LEU EA 54 77.47 23.99 -30.68
N CYS EA 55 78.37 23.21 -31.28
CA CYS EA 55 79.81 23.10 -30.89
C CYS EA 55 80.60 24.19 -31.61
N VAL EA 56 81.04 25.23 -30.89
CA VAL EA 56 81.79 26.40 -31.44
C VAL EA 56 83.18 25.97 -31.92
N GLY EA 57 83.67 24.79 -31.52
CA GLY EA 57 84.90 24.16 -32.02
C GLY EA 57 84.96 24.10 -33.54
N CYS EA 58 83.98 23.44 -34.17
CA CYS EA 58 83.87 23.26 -35.65
C CYS EA 58 82.59 23.89 -36.23
N SER EA 59 81.71 24.46 -35.38
CA SER EA 59 80.43 25.13 -35.77
C SER EA 59 79.51 24.12 -36.49
N THR EA 60 79.11 23.05 -35.78
CA THR EA 60 78.26 21.94 -36.30
C THR EA 60 77.16 21.62 -35.28
N VAL EA 61 75.95 21.33 -35.76
CA VAL EA 61 74.78 20.86 -34.94
C VAL EA 61 75.15 19.54 -34.25
N LEU EA 62 74.74 19.38 -32.99
CA LEU EA 62 75.04 18.18 -32.15
C LEU EA 62 73.77 17.36 -31.94
N CYS EA 63 72.78 17.91 -31.23
CA CYS EA 63 71.49 17.24 -30.88
C CYS EA 63 70.31 18.06 -31.43
N GLN EA 64 69.20 17.38 -31.75
CA GLN EA 64 67.96 17.98 -32.30
C GLN EA 64 66.87 18.00 -31.24
N PRO EA 65 66.08 19.10 -31.11
CA PRO EA 65 64.93 19.10 -30.20
C PRO EA 65 63.79 18.19 -30.68
N THR EA 66 63.31 17.31 -29.80
CA THR EA 66 62.25 16.29 -30.07
C THR EA 66 61.20 16.37 -28.95
N GLY EA 67 60.09 15.64 -29.10
CA GLY EA 67 59.02 15.48 -28.10
C GLY EA 67 59.55 15.04 -26.74
N GLY EA 68 60.54 14.15 -26.72
CA GLY EA 68 61.19 13.64 -25.50
C GLY EA 68 62.68 13.94 -25.47
N LYS EA 69 63.51 12.90 -25.59
CA LYS EA 69 64.99 13.00 -25.54
C LYS EA 69 65.50 13.55 -26.89
N ALA EA 70 66.55 14.37 -26.85
CA ALA EA 70 67.16 15.04 -28.02
C ALA EA 70 67.98 14.01 -28.82
N ARG EA 71 67.65 13.85 -30.11
CA ARG EA 71 68.35 12.92 -31.05
C ARG EA 71 69.69 13.53 -31.45
N LEU EA 72 70.79 12.83 -31.21
CA LEU EA 72 72.17 13.28 -31.56
C LEU EA 72 72.43 12.99 -33.04
N THR EA 73 73.28 13.82 -33.68
CA THR EA 73 73.67 13.70 -35.11
C THR EA 73 74.57 12.48 -35.30
N GLU EA 74 74.57 11.91 -36.50
CA GLU EA 74 75.30 10.66 -36.85
C GLU EA 74 76.81 10.94 -36.85
N GLY EA 75 77.58 10.11 -36.14
CA GLY EA 75 79.04 10.28 -35.94
C GLY EA 75 79.36 10.68 -34.52
N CYS EA 76 78.63 11.67 -33.97
CA CYS EA 76 78.76 12.17 -32.58
C CYS EA 76 78.36 11.06 -31.59
N SER EA 77 79.33 10.58 -30.80
CA SER EA 77 79.16 9.48 -29.81
C SER EA 77 78.88 10.09 -28.42
N PHE EA 78 77.79 9.65 -27.78
CA PHE EA 78 77.36 10.09 -26.43
C PHE EA 78 77.76 9.03 -25.40
N ARG EA 79 78.20 9.47 -24.22
CA ARG EA 79 78.65 8.61 -23.09
C ARG EA 79 78.07 9.20 -21.78
N ARG EA 80 77.55 8.33 -20.91
CA ARG EA 80 76.92 8.72 -19.62
C ARG EA 80 77.99 9.26 -18.67
N LYS EA 81 77.66 10.33 -17.93
CA LYS EA 81 78.55 10.97 -16.93
C LYS EA 81 78.01 10.63 -15.53
N GLN EA 82 78.87 10.07 -14.67
CA GLN EA 82 78.57 9.50 -13.32
C GLN EA 82 77.23 8.75 -13.35
N THR FA 1 12.59 3.40 -14.53
CA THR FA 1 13.98 3.02 -14.15
C THR FA 1 14.86 2.94 -15.40
N LYS FA 2 16.18 3.11 -15.24
CA LYS FA 2 17.22 2.95 -16.28
C LYS FA 2 17.10 1.54 -16.90
N LYS FA 3 16.70 1.46 -18.18
CA LYS FA 3 16.51 0.18 -18.92
C LYS FA 3 17.86 -0.30 -19.46
N ARG FA 4 18.55 0.57 -20.20
CA ARG FA 4 19.88 0.31 -20.82
C ARG FA 4 20.90 1.31 -20.28
N ARG FA 5 22.05 0.81 -19.79
CA ARG FA 5 23.20 1.59 -19.26
C ARG FA 5 23.66 2.64 -20.28
N ASN FA 6 23.78 2.25 -21.56
CA ASN FA 6 24.25 3.11 -22.68
C ASN FA 6 23.10 3.96 -23.26
N ASN FA 7 21.89 3.86 -22.69
CA ASN FA 7 20.67 4.62 -23.08
C ASN FA 7 20.20 4.19 -24.48
N GLY FA 8 20.52 2.96 -24.89
CA GLY FA 8 20.20 2.41 -26.22
C GLY FA 8 20.81 3.22 -27.34
N ARG FA 9 22.08 3.61 -27.20
CA ARG FA 9 22.87 4.33 -28.23
C ARG FA 9 24.36 4.27 -27.88
N ALA FA 10 25.21 4.83 -28.74
CA ALA FA 10 26.69 4.69 -28.69
C ALA FA 10 27.39 6.00 -28.27
N LYS FA 11 26.69 7.14 -28.21
CA LYS FA 11 27.34 8.46 -27.92
C LYS FA 11 27.82 8.48 -26.46
N LYS FA 12 29.15 8.46 -26.27
CA LYS FA 12 29.83 8.57 -24.95
C LYS FA 12 31.03 9.51 -25.12
N GLY FA 13 31.20 10.46 -24.20
CA GLY FA 13 32.23 11.53 -24.28
C GLY FA 13 32.07 12.38 -25.52
N ARG FA 14 30.84 12.84 -25.78
CA ARG FA 14 30.43 13.51 -27.04
C ARG FA 14 29.08 14.20 -26.81
N GLY FA 15 28.86 15.36 -27.44
CA GLY FA 15 27.69 16.23 -27.19
C GLY FA 15 26.50 15.83 -28.04
N HIS FA 16 26.58 16.03 -29.35
CA HIS FA 16 25.49 15.83 -30.33
C HIS FA 16 26.01 15.11 -31.59
N VAL FA 17 25.29 14.08 -32.04
CA VAL FA 17 25.61 13.28 -33.26
C VAL FA 17 24.55 13.62 -34.33
N GLN FA 18 24.99 13.84 -35.57
CA GLN FA 18 24.14 14.28 -36.71
C GLN FA 18 23.06 13.22 -36.98
N PRO FA 19 21.81 13.63 -37.33
CA PRO FA 19 20.74 12.68 -37.61
C PRO FA 19 20.78 12.11 -39.03
N ILE FA 20 20.27 10.89 -39.21
CA ILE FA 20 20.10 10.20 -40.53
C ILE FA 20 18.63 9.84 -40.71
N ARG FA 21 18.27 9.34 -41.91
CA ARG FA 21 16.87 9.00 -42.28
C ARG FA 21 16.72 7.49 -42.39
N CYS FA 22 15.70 6.93 -41.72
CA CYS FA 22 15.35 5.49 -41.69
C CYS FA 22 14.95 5.04 -43.09
N THR FA 23 15.65 4.04 -43.64
CA THR FA 23 15.53 3.57 -45.06
C THR FA 23 14.08 3.21 -45.39
N ASN FA 24 13.32 2.69 -44.43
CA ASN FA 24 11.91 2.27 -44.64
C ASN FA 24 10.98 3.50 -44.57
N CYS FA 25 10.71 4.02 -43.37
CA CYS FA 25 9.62 4.98 -43.09
C CYS FA 25 10.12 6.44 -43.03
N ALA FA 26 11.40 6.68 -43.34
CA ALA FA 26 12.00 8.03 -43.52
C ALA FA 26 11.97 8.83 -42.21
N ARG FA 27 11.91 8.17 -41.05
CA ARG FA 27 11.96 8.83 -39.71
C ARG FA 27 13.38 9.38 -39.47
N CYS FA 28 13.47 10.55 -38.85
CA CYS FA 28 14.73 11.19 -38.40
C CYS FA 28 15.21 10.50 -37.11
N VAL FA 29 16.37 9.83 -37.17
CA VAL FA 29 16.98 9.06 -36.04
C VAL FA 29 18.45 9.46 -35.91
N PRO FA 30 19.02 9.58 -34.69
CA PRO FA 30 20.46 9.81 -34.53
C PRO FA 30 21.29 8.61 -35.02
N LYS FA 31 22.38 8.90 -35.75
CA LYS FA 31 23.23 7.90 -36.47
C LYS FA 31 23.70 6.81 -35.50
N ASP FA 32 24.15 7.21 -34.30
CA ASP FA 32 24.69 6.31 -33.24
C ASP FA 32 23.64 5.26 -32.81
N LYS FA 33 22.37 5.65 -32.70
CA LYS FA 33 21.27 4.79 -32.20
C LYS FA 33 20.81 3.83 -33.29
N ALA FA 34 20.66 4.33 -34.52
CA ALA FA 34 20.10 3.63 -35.71
C ALA FA 34 20.68 2.20 -35.82
N ILE FA 35 19.82 1.23 -36.13
CA ILE FA 35 20.22 -0.18 -36.44
C ILE FA 35 20.74 -0.20 -37.88
N LYS FA 36 22.05 -0.45 -38.06
CA LYS FA 36 22.75 -0.46 -39.36
C LYS FA 36 22.87 -1.91 -39.85
N LYS FA 37 22.42 -2.18 -41.08
CA LYS FA 37 22.41 -3.53 -41.71
C LYS FA 37 23.06 -3.42 -43.10
N PHE FA 38 24.37 -3.67 -43.19
CA PHE FA 38 25.16 -3.64 -44.44
C PHE FA 38 25.03 -4.99 -45.16
N VAL FA 39 24.18 -5.05 -46.19
CA VAL FA 39 23.79 -6.31 -46.90
C VAL FA 39 24.55 -6.39 -48.24
N ILE FA 40 25.43 -7.40 -48.37
CA ILE FA 40 26.17 -7.74 -49.61
C ILE FA 40 25.45 -8.95 -50.24
N ARG FA 41 24.52 -8.69 -51.17
CA ARG FA 41 23.68 -9.73 -51.83
C ARG FA 41 24.07 -9.82 -53.30
N ASN FA 42 24.08 -11.05 -53.85
CA ASN FA 42 24.39 -11.35 -55.27
C ASN FA 42 23.28 -10.76 -56.14
N ILE FA 43 23.64 -10.13 -57.27
CA ILE FA 43 22.72 -9.41 -58.20
C ILE FA 43 21.67 -10.38 -58.77
N VAL FA 44 21.98 -11.68 -58.86
CA VAL FA 44 21.04 -12.77 -59.25
C VAL FA 44 21.01 -13.81 -58.13
N GLU FA 45 19.82 -14.25 -57.71
CA GLU FA 45 19.62 -15.34 -56.71
C GLU FA 45 19.99 -16.68 -57.36
N ALA FA 46 20.59 -17.59 -56.58
CA ALA FA 46 21.14 -18.91 -57.01
C ALA FA 46 20.16 -19.65 -57.94
N ALA FA 47 18.85 -19.54 -57.69
CA ALA FA 47 17.75 -20.13 -58.49
C ALA FA 47 17.79 -19.65 -59.94
N ALA FA 48 18.19 -18.40 -60.18
CA ALA FA 48 18.18 -17.72 -61.50
C ALA FA 48 19.58 -17.63 -62.13
N VAL FA 49 20.64 -18.03 -61.40
CA VAL FA 49 22.07 -17.93 -61.86
C VAL FA 49 22.30 -18.90 -63.04
N ARG FA 50 21.68 -20.09 -63.00
CA ARG FA 50 21.83 -21.15 -64.03
C ARG FA 50 21.49 -20.58 -65.43
N ASP FA 51 20.38 -19.86 -65.55
CA ASP FA 51 19.86 -19.30 -66.83
C ASP FA 51 20.79 -18.22 -67.39
N ILE FA 52 21.55 -17.54 -66.53
CA ILE FA 52 22.49 -16.44 -66.94
C ILE FA 52 23.79 -17.07 -67.51
N SER FA 53 24.26 -18.18 -66.93
CA SER FA 53 25.55 -18.84 -67.28
C SER FA 53 25.63 -19.14 -68.79
N GLU FA 54 24.63 -19.86 -69.34
CA GLU FA 54 24.59 -20.27 -70.77
C GLU FA 54 24.42 -19.03 -71.65
N ALA FA 55 23.45 -18.17 -71.31
CA ALA FA 55 23.07 -16.96 -72.08
C ALA FA 55 24.26 -15.99 -72.19
N SER FA 56 25.13 -15.95 -71.18
CA SER FA 56 26.34 -15.07 -71.13
C SER FA 56 27.29 -15.42 -72.29
N VAL FA 57 27.76 -14.40 -73.00
CA VAL FA 57 28.72 -14.53 -74.14
C VAL FA 57 30.13 -14.87 -73.61
N PHE FA 58 30.42 -14.50 -72.35
CA PHE FA 58 31.76 -14.63 -71.70
C PHE FA 58 31.79 -15.92 -70.86
N ASP FA 59 32.95 -16.57 -70.82
CA ASP FA 59 33.20 -17.84 -70.06
C ASP FA 59 33.91 -17.50 -68.76
N ALA FA 60 33.44 -18.08 -67.64
CA ALA FA 60 33.94 -17.86 -66.26
C ALA FA 60 33.78 -16.39 -65.85
N TYR FA 61 32.66 -15.77 -66.24
CA TYR FA 61 32.32 -14.35 -65.92
C TYR FA 61 31.73 -14.30 -64.51
N VAL FA 62 32.54 -13.88 -63.52
CA VAL FA 62 32.11 -13.65 -62.11
C VAL FA 62 30.99 -12.60 -62.12
N LEU FA 63 29.89 -12.86 -61.41
CA LEU FA 63 28.65 -12.05 -61.45
C LEU FA 63 28.81 -10.88 -60.49
N PRO FA 64 28.29 -9.66 -60.80
CA PRO FA 64 28.36 -8.53 -59.88
C PRO FA 64 27.54 -8.74 -58.59
N LYS FA 65 27.79 -7.89 -57.59
CA LYS FA 65 27.08 -7.88 -56.28
C LYS FA 65 26.55 -6.46 -56.01
N LEU FA 66 25.46 -6.35 -55.24
CA LEU FA 66 24.95 -5.05 -54.72
C LEU FA 66 25.42 -4.87 -53.27
N TYR FA 67 26.08 -3.75 -52.99
CA TYR FA 67 26.46 -3.29 -51.64
C TYR FA 67 25.58 -2.09 -51.30
N VAL FA 68 24.68 -2.24 -50.32
CA VAL FA 68 23.76 -1.17 -49.83
C VAL FA 68 23.69 -1.26 -48.30
N LYS FA 69 23.90 -0.12 -47.61
CA LYS FA 69 23.88 -0.02 -46.13
C LYS FA 69 22.52 0.55 -45.70
N LEU FA 70 21.64 -0.30 -45.18
CA LEU FA 70 20.29 0.06 -44.69
C LEU FA 70 20.40 0.62 -43.27
N HIS FA 71 19.70 1.72 -43.00
CA HIS FA 71 19.56 2.36 -41.66
C HIS FA 71 18.09 2.22 -41.21
N TYR FA 72 17.85 1.56 -40.07
CA TYR FA 72 16.50 1.29 -39.53
C TYR FA 72 16.29 2.05 -38.21
N CYS FA 73 15.16 2.74 -38.08
CA CYS FA 73 14.64 3.29 -36.79
C CYS FA 73 14.11 2.11 -35.94
N VAL FA 74 14.03 2.29 -34.62
CA VAL FA 74 13.67 1.22 -33.65
C VAL FA 74 12.25 0.72 -33.94
N SER FA 75 11.32 1.61 -34.29
CA SER FA 75 9.92 1.27 -34.66
C SER FA 75 9.91 0.28 -35.84
N CYS FA 76 10.71 0.55 -36.87
CA CYS FA 76 10.75 -0.23 -38.14
C CYS FA 76 11.65 -1.46 -38.00
N ALA FA 77 12.77 -1.34 -37.28
CA ALA FA 77 13.71 -2.44 -36.96
C ALA FA 77 12.96 -3.60 -36.29
N ILE FA 78 12.05 -3.29 -35.37
CA ILE FA 78 11.28 -4.30 -34.57
C ILE FA 78 10.12 -4.85 -35.41
N HIS FA 79 9.41 -3.99 -36.15
CA HIS FA 79 8.26 -4.39 -37.01
C HIS FA 79 8.73 -5.30 -38.17
N SER FA 80 9.89 -4.99 -38.77
CA SER FA 80 10.49 -5.75 -39.89
C SER FA 80 11.10 -7.07 -39.39
N LYS FA 81 11.29 -7.21 -38.08
CA LYS FA 81 11.73 -8.45 -37.38
C LYS FA 81 13.21 -8.75 -37.67
N VAL FA 82 13.99 -7.73 -38.04
CA VAL FA 82 15.49 -7.82 -38.14
C VAL FA 82 16.06 -7.89 -36.71
N VAL FA 83 15.38 -7.27 -35.74
CA VAL FA 83 15.75 -7.26 -34.29
C VAL FA 83 14.46 -7.38 -33.47
N ARG FA 84 14.49 -8.17 -32.38
CA ARG FA 84 13.34 -8.39 -31.45
C ARG FA 84 13.81 -8.23 -30.00
N ASN FA 85 12.85 -8.18 -29.06
CA ASN FA 85 13.12 -8.03 -27.60
C ASN FA 85 13.85 -9.28 -27.10
N ARG FA 86 14.67 -9.12 -26.04
CA ARG FA 86 15.44 -10.22 -25.39
C ARG FA 86 15.19 -10.17 -23.88
N SER FA 87 15.66 -11.19 -23.16
CA SER FA 87 15.60 -11.28 -21.68
C SER FA 87 16.51 -10.23 -21.07
N ARG FA 88 16.23 -9.81 -19.83
CA ARG FA 88 16.98 -8.76 -19.08
C ARG FA 88 18.46 -9.14 -18.93
N GLU FA 89 18.78 -10.44 -18.95
CA GLU FA 89 20.16 -10.98 -18.83
C GLU FA 89 20.81 -11.08 -20.21
N ALA FA 90 20.07 -11.54 -21.23
CA ALA FA 90 20.55 -11.76 -22.62
C ALA FA 90 20.66 -10.44 -23.40
N ARG FA 91 20.13 -9.33 -22.86
CA ARG FA 91 20.28 -7.95 -23.42
C ARG FA 91 21.76 -7.52 -23.37
N LYS FA 92 22.42 -7.74 -22.23
CA LYS FA 92 23.83 -7.31 -21.98
C LYS FA 92 24.78 -7.97 -22.97
N ASP FA 93 24.46 -9.18 -23.45
CA ASP FA 93 25.19 -9.88 -24.55
C ASP FA 93 25.10 -9.04 -25.82
N ARG FA 94 26.23 -8.52 -26.31
CA ARG FA 94 26.31 -7.64 -27.51
C ARG FA 94 27.12 -8.34 -28.62
N THR FA 95 27.21 -9.67 -28.59
CA THR FA 95 27.82 -10.51 -29.65
C THR FA 95 26.82 -10.67 -30.79
N PRO FA 96 27.21 -10.42 -32.08
CA PRO FA 96 26.28 -10.58 -33.19
C PRO FA 96 25.93 -12.05 -33.43
N PRO FA 97 24.73 -12.36 -33.97
CA PRO FA 97 24.27 -13.75 -34.11
C PRO FA 97 25.12 -14.54 -35.11
N PRO FA 98 25.62 -15.75 -34.76
CA PRO FA 98 26.49 -16.52 -35.65
C PRO FA 98 25.72 -17.22 -36.79
N ARG FA 99 26.26 -17.14 -38.01
CA ARG FA 99 25.69 -17.81 -39.23
C ARG FA 99 26.82 -18.56 -39.95
N PRO GA 1 3.36 -23.59 -74.67
CA PRO GA 1 4.46 -24.48 -74.25
C PRO GA 1 4.15 -25.19 -72.92
N ILE GA 2 3.22 -26.16 -72.97
CA ILE GA 2 2.76 -26.97 -71.80
C ILE GA 2 3.73 -28.13 -71.62
N LYS GA 3 4.46 -28.16 -70.50
CA LYS GA 3 5.57 -29.12 -70.24
C LYS GA 3 5.41 -29.75 -68.85
N LEU GA 4 5.88 -31.00 -68.71
CA LEU GA 4 5.73 -31.85 -67.49
C LEU GA 4 7.00 -31.76 -66.64
N ALA GA 5 6.91 -32.11 -65.36
CA ALA GA 5 8.03 -32.04 -64.38
C ALA GA 5 7.86 -33.08 -63.26
N ARG GA 6 8.90 -33.89 -63.02
CA ARG GA 6 9.01 -34.88 -61.91
C ARG GA 6 9.13 -34.12 -60.58
N VAL GA 7 8.72 -34.74 -59.46
CA VAL GA 7 8.90 -34.23 -58.07
C VAL GA 7 9.95 -35.11 -57.37
N THR GA 8 11.06 -34.51 -56.94
CA THR GA 8 12.22 -35.20 -56.30
C THR GA 8 12.11 -35.15 -54.77
N LYS GA 9 11.80 -33.98 -54.20
CA LYS GA 9 11.63 -33.77 -52.74
C LYS GA 9 10.51 -32.76 -52.47
N VAL GA 10 9.74 -32.99 -51.40
CA VAL GA 10 8.72 -32.04 -50.84
C VAL GA 10 9.45 -31.17 -49.80
N LEU GA 11 9.57 -29.87 -50.07
CA LEU GA 11 10.36 -28.91 -49.27
C LEU GA 11 9.64 -28.64 -47.93
N GLY GA 12 8.37 -28.24 -47.99
CA GLY GA 12 7.53 -27.97 -46.82
C GLY GA 12 6.12 -27.57 -47.22
N ARG GA 13 5.25 -27.34 -46.23
CA ARG GA 13 3.81 -26.99 -46.43
C ARG GA 13 3.58 -25.50 -46.11
N THR GA 14 3.00 -24.77 -47.07
CA THR GA 14 2.80 -23.29 -47.02
C THR GA 14 1.33 -22.97 -47.33
N GLY GA 15 0.99 -21.67 -47.30
CA GLY GA 15 -0.40 -21.16 -47.40
C GLY GA 15 -0.93 -20.77 -46.03
N SER GA 16 -1.94 -19.90 -46.00
CA SER GA 16 -2.50 -19.29 -44.75
C SER GA 16 -3.07 -20.38 -43.82
N GLN GA 17 -3.67 -21.44 -44.35
CA GLN GA 17 -4.20 -22.60 -43.58
C GLN GA 17 -3.43 -23.88 -43.93
N GLY GA 18 -2.17 -23.76 -44.39
CA GLY GA 18 -1.34 -24.87 -44.87
C GLY GA 18 -2.08 -25.75 -45.88
N GLN GA 19 -2.82 -25.12 -46.81
CA GLN GA 19 -3.66 -25.80 -47.83
C GLN GA 19 -2.79 -26.20 -49.03
N CYS GA 20 -1.69 -25.49 -49.25
CA CYS GA 20 -0.71 -25.72 -50.35
C CYS GA 20 0.48 -26.53 -49.82
N THR GA 21 1.47 -26.79 -50.68
CA THR GA 21 2.78 -27.42 -50.32
C THR GA 21 3.84 -27.01 -51.33
N GLN GA 22 5.04 -26.66 -50.85
CA GLN GA 22 6.19 -26.19 -51.68
C GLN GA 22 7.05 -27.41 -52.05
N VAL GA 23 7.35 -27.56 -53.34
CA VAL GA 23 8.09 -28.74 -53.91
C VAL GA 23 9.13 -28.25 -54.92
N ARG GA 24 10.27 -28.94 -55.01
CA ARG GA 24 11.31 -28.75 -56.07
C ARG GA 24 11.09 -29.80 -57.15
N VAL GA 25 10.92 -29.36 -58.41
CA VAL GA 25 10.55 -30.24 -59.56
C VAL GA 25 11.70 -30.25 -60.58
N GLU GA 26 12.06 -31.44 -61.06
CA GLU GA 26 13.02 -31.66 -62.18
C GLU GA 26 12.22 -31.93 -63.46
N PHE GA 27 12.43 -31.11 -64.51
CA PHE GA 27 11.69 -31.16 -65.79
C PHE GA 27 11.92 -32.49 -66.51
N MET GA 28 11.11 -32.75 -67.54
CA MET GA 28 11.13 -34.00 -68.36
C MET GA 28 11.90 -33.75 -69.66
N ASP GA 29 11.68 -32.61 -70.33
CA ASP GA 29 12.32 -32.21 -71.61
C ASP GA 29 13.83 -31.98 -71.39
N ASP GA 30 14.22 -31.38 -70.25
CA ASP GA 30 15.63 -31.25 -69.79
C ASP GA 30 15.79 -32.08 -68.50
N THR GA 31 16.89 -32.84 -68.40
CA THR GA 31 17.17 -33.79 -67.29
C THR GA 31 17.47 -33.00 -66.01
N SER GA 32 18.52 -32.16 -66.04
CA SER GA 32 19.02 -31.38 -64.87
C SER GA 32 18.51 -29.94 -64.95
N ARG GA 33 17.24 -29.72 -64.58
CA ARG GA 33 16.57 -28.39 -64.52
C ARG GA 33 15.67 -28.37 -63.28
N SER GA 34 16.14 -27.81 -62.17
CA SER GA 34 15.42 -27.73 -60.87
C SER GA 34 14.77 -26.34 -60.73
N ILE GA 35 13.52 -26.30 -60.26
CA ILE GA 35 12.77 -25.04 -59.97
C ILE GA 35 11.82 -25.29 -58.78
N ILE GA 36 11.58 -24.26 -57.97
CA ILE GA 36 10.73 -24.31 -56.74
C ILE GA 36 9.31 -23.86 -57.11
N ARG GA 37 8.31 -24.68 -56.81
CA ARG GA 37 6.88 -24.45 -57.17
C ARG GA 37 5.98 -24.80 -55.98
N ASN GA 38 4.86 -24.09 -55.85
CA ASN GA 38 3.80 -24.34 -54.83
C ASN GA 38 2.61 -25.01 -55.53
N VAL GA 39 2.12 -26.12 -54.97
CA VAL GA 39 1.13 -27.04 -55.59
C VAL GA 39 0.02 -27.33 -54.58
N LYS GA 40 -1.24 -27.29 -55.03
CA LYS GA 40 -2.44 -27.60 -54.19
C LYS GA 40 -2.69 -29.12 -54.22
N GLY GA 41 -3.22 -29.67 -53.13
CA GLY GA 41 -3.57 -31.10 -52.99
C GLY GA 41 -2.38 -31.94 -52.54
N PRO GA 42 -2.59 -33.25 -52.25
CA PRO GA 42 -1.54 -34.11 -51.71
C PRO GA 42 -0.53 -34.57 -52.78
N VAL GA 43 0.76 -34.46 -52.46
CA VAL GA 43 1.91 -34.80 -53.38
C VAL GA 43 2.90 -35.69 -52.63
N ARG GA 44 3.70 -36.44 -53.38
CA ARG GA 44 4.82 -37.27 -52.86
C ARG GA 44 5.93 -37.32 -53.92
N GLU GA 45 7.05 -37.98 -53.61
CA GLU GA 45 8.20 -38.17 -54.53
C GLU GA 45 7.73 -39.05 -55.70
N GLY GA 46 8.01 -38.61 -56.94
CA GLY GA 46 7.70 -39.35 -58.18
C GLY GA 46 6.53 -38.74 -58.95
N ASP GA 47 5.60 -38.08 -58.26
CA ASP GA 47 4.41 -37.41 -58.85
C ASP GA 47 4.86 -36.39 -59.91
N VAL GA 48 4.22 -36.40 -61.08
CA VAL GA 48 4.53 -35.50 -62.23
C VAL GA 48 3.42 -34.45 -62.33
N LEU GA 49 3.79 -33.16 -62.35
CA LEU GA 49 2.86 -32.00 -62.53
C LEU GA 49 2.89 -31.58 -64.00
N THR GA 50 1.77 -31.02 -64.50
CA THR GA 50 1.63 -30.42 -65.86
C THR GA 50 1.67 -28.90 -65.69
N LEU GA 51 2.87 -28.31 -65.80
CA LEU GA 51 3.12 -26.86 -65.59
C LEU GA 51 2.64 -26.09 -66.83
N LEU GA 52 1.64 -25.22 -66.68
CA LEU GA 52 1.07 -24.40 -67.79
C LEU GA 52 1.94 -23.15 -67.97
N GLU GA 53 2.34 -22.51 -66.86
CA GLU GA 53 3.31 -21.39 -66.81
C GLU GA 53 4.58 -21.89 -66.10
N SER GA 54 5.70 -22.03 -66.84
CA SER GA 54 6.95 -22.70 -66.40
C SER GA 54 8.02 -21.69 -65.99
N GLU GA 55 7.72 -20.39 -65.99
CA GLU GA 55 8.70 -19.29 -65.77
C GLU GA 55 8.58 -18.72 -64.34
N ARG GA 56 7.38 -18.68 -63.77
CA ARG GA 56 7.07 -18.09 -62.43
C ARG GA 56 7.82 -18.84 -61.31
N GLU GA 57 7.81 -18.25 -60.11
CA GLU GA 57 8.58 -18.73 -58.91
C GLU GA 57 7.65 -18.84 -57.69
N ALA GA 58 8.14 -19.51 -56.63
CA ALA GA 58 7.46 -19.71 -55.34
C ALA GA 58 8.40 -19.29 -54.19
N ALA HA 1 -44.39 0.91 6.91
CA ALA HA 1 -43.86 1.94 5.95
C ALA HA 1 -42.51 2.48 6.46
N ALA HA 2 -41.73 3.08 5.55
CA ALA HA 2 -40.41 3.71 5.82
C ALA HA 2 -40.51 4.73 6.96
N ALA HA 3 -41.55 5.56 7.07
CA ALA HA 3 -42.39 6.19 6.05
C ALA HA 3 -41.69 7.31 5.33
N ALA HA 4 -41.30 8.33 6.07
CA ALA HA 4 -40.57 9.43 5.48
C ALA HA 4 -39.10 9.42 5.92
N ALA HA 5 -38.17 9.70 5.00
CA ALA HA 5 -36.73 9.72 5.26
C ALA HA 5 -36.27 11.05 5.82
N ALA HA 6 -34.95 11.24 5.89
CA ALA HA 6 -34.31 12.40 6.55
C ALA HA 6 -34.90 12.23 7.95
N ARG HA 7 -35.64 13.18 8.50
CA ARG HA 7 -36.28 12.91 9.81
C ARG HA 7 -35.45 12.41 10.98
N ALA HA 8 -34.67 13.29 11.58
CA ALA HA 8 -33.77 12.91 12.63
C ALA HA 8 -34.41 12.29 13.83
N GLY HA 9 -33.61 11.46 14.50
CA GLY HA 9 -34.06 10.77 15.67
C GLY HA 9 -34.86 9.57 15.28
N LYS HA 10 -34.63 9.06 14.10
CA LYS HA 10 -35.39 7.91 13.68
C LYS HA 10 -35.17 6.70 14.51
N VAL HA 11 -33.97 6.42 14.91
CA VAL HA 11 -33.75 5.20 15.65
C VAL HA 11 -33.97 5.33 17.12
N ARG HA 12 -33.43 6.36 17.64
CA ARG HA 12 -33.55 6.76 19.08
C ARG HA 12 -35.03 7.03 19.43
N GLY HA 13 -35.83 7.46 18.45
CA GLY HA 13 -37.29 7.64 18.58
C GLY HA 13 -38.02 6.34 18.90
N GLN HA 14 -37.78 5.28 18.12
CA GLN HA 14 -38.48 3.96 18.25
C GLN HA 14 -37.56 2.89 18.85
N THR HA 15 -36.58 3.28 19.68
CA THR HA 15 -35.80 2.36 20.56
C THR HA 15 -36.70 1.98 21.74
N PRO HA 16 -36.93 0.68 22.03
CA PRO HA 16 -37.81 0.29 23.14
C PRO HA 16 -37.18 0.68 24.49
N LYS HA 17 -37.89 1.48 25.29
CA LYS HA 17 -37.37 2.10 26.53
C LYS HA 17 -37.27 1.02 27.63
N VAL HA 18 -36.14 0.31 27.69
CA VAL HA 18 -35.86 -0.73 28.72
C VAL HA 18 -35.51 -0.02 30.03
N ALA HA 19 -36.23 -0.36 31.12
CA ALA HA 19 -36.03 0.22 32.46
C ALA HA 19 -34.68 -0.24 33.03
N LYS HA 20 -33.89 0.70 33.56
CA LYS HA 20 -32.61 0.41 34.28
C LYS HA 20 -32.94 -0.32 35.58
N GLN HA 21 -32.55 -1.60 35.69
CA GLN HA 21 -32.78 -2.43 36.90
C GLN HA 21 -31.80 -1.97 38.01
N GLU HA 22 -32.28 -1.94 39.25
CA GLU HA 22 -31.51 -1.52 40.45
C GLU HA 22 -30.66 -2.71 40.94
N LYS HA 23 -29.44 -2.43 41.40
CA LYS HA 23 -28.48 -3.43 41.94
C LYS HA 23 -27.63 -2.79 43.04
N LYS HA 24 -26.84 -3.60 43.75
CA LYS HA 24 -25.94 -3.17 44.88
C LYS HA 24 -25.00 -2.06 44.42
N LYS HA 25 -24.61 -1.17 45.33
CA LYS HA 25 -23.63 -0.07 45.09
C LYS HA 25 -22.24 -0.67 44.85
N LYS HA 26 -21.51 -0.15 43.86
CA LYS HA 26 -20.10 -0.55 43.55
C LYS HA 26 -19.16 0.10 44.57
N LYS HA 27 -18.24 -0.68 45.14
CA LYS HA 27 -17.14 -0.18 46.03
C LYS HA 27 -16.21 0.71 45.19
N THR HA 28 -15.74 1.82 45.76
CA THR HA 28 -14.92 2.86 45.09
C THR HA 28 -13.65 3.13 45.90
N GLY HA 29 -12.67 3.80 45.28
CA GLY HA 29 -11.37 4.13 45.89
C GLY HA 29 -10.51 2.89 46.06
N ARG HA 30 -9.85 2.76 47.23
CA ARG HA 30 -8.95 1.64 47.58
C ARG HA 30 -9.71 0.30 47.55
N ALA HA 31 -10.99 0.32 47.93
CA ALA HA 31 -11.89 -0.87 47.98
C ALA HA 31 -12.06 -1.47 46.58
N LYS HA 32 -12.18 -0.63 45.55
CA LYS HA 32 -12.32 -1.07 44.13
C LYS HA 32 -11.03 -1.72 43.65
N ARG HA 33 -9.87 -1.12 43.97
CA ARG HA 33 -8.52 -1.63 43.62
C ARG HA 33 -8.27 -2.98 44.29
N ARG HA 34 -8.75 -3.16 45.52
CA ARG HA 34 -8.61 -4.41 46.31
C ARG HA 34 -9.35 -5.56 45.61
N MET HA 35 -10.63 -5.38 45.30
CA MET HA 35 -11.52 -6.45 44.75
C MET HA 35 -11.07 -6.83 43.33
N GLN HA 36 -10.60 -5.88 42.51
CA GLN HA 36 -10.11 -6.14 41.13
C GLN HA 36 -8.71 -6.77 41.18
N TYR HA 37 -7.89 -6.43 42.17
CA TYR HA 37 -6.56 -7.06 42.43
C TYR HA 37 -6.75 -8.53 42.80
N ASN HA 38 -7.68 -8.79 43.73
CA ASN HA 38 -8.01 -10.16 44.22
C ASN HA 38 -8.61 -11.01 43.09
N ARG HA 39 -9.37 -10.39 42.18
CA ARG HA 39 -10.01 -11.08 41.03
C ARG HA 39 -8.94 -11.50 40.00
N ARG HA 40 -7.84 -10.74 39.87
CA ARG HA 40 -6.89 -10.85 38.73
C ARG HA 40 -5.65 -11.67 39.12
N PHE HA 41 -5.03 -11.40 40.27
CA PHE HA 41 -3.69 -11.94 40.66
C PHE HA 41 -3.72 -12.69 42.00
N VAL HA 42 -4.90 -13.03 42.53
CA VAL HA 42 -5.06 -13.86 43.77
C VAL HA 42 -6.03 -15.00 43.46
N ASN HA 43 -5.62 -16.25 43.72
CA ASN HA 43 -6.41 -17.48 43.45
C ASN HA 43 -6.75 -17.55 41.95
N VAL HA 44 -5.74 -17.44 41.09
CA VAL HA 44 -5.86 -17.49 39.60
C VAL HA 44 -5.88 -18.94 39.14
N LYS HA 45 -9.26 -17.82 27.32
CA LYS HA 45 -10.38 -17.01 27.87
C LYS HA 45 -9.83 -15.78 28.59
N GLY HA 46 -10.42 -14.60 28.35
CA GLY HA 46 -10.09 -13.32 29.00
C GLY HA 46 -11.20 -12.85 29.92
N PRO HA 47 -11.12 -11.61 30.48
CA PRO HA 47 -12.18 -11.05 31.30
C PRO HA 47 -13.36 -10.57 30.44
N ASN HA 48 -14.60 -10.79 30.89
CA ASN HA 48 -15.86 -10.47 30.16
C ASN HA 48 -15.96 -11.37 28.92
N ALA HA 49 -15.55 -12.64 29.03
CA ALA HA 49 -15.60 -13.64 27.93
C ALA HA 49 -16.99 -14.28 27.90
N ASN HA 50 -17.91 -13.71 27.12
CA ASN HA 50 -19.31 -14.20 26.94
C ASN HA 50 -19.27 -15.51 26.14
N SER HA 51 -20.10 -16.47 26.53
CA SER HA 51 -20.22 -17.84 25.95
C SER HA 51 -18.90 -18.59 26.15
N HIS IA 1 -66.29 -36.01 4.92
CA HIS IA 1 -66.40 -37.06 5.97
C HIS IA 1 -65.56 -38.28 5.55
N GLN IA 2 -65.97 -39.50 5.92
CA GLN IA 2 -65.26 -40.77 5.61
C GLN IA 2 -65.19 -41.03 4.10
N GLN IA 3 -66.21 -40.61 3.34
CA GLN IA 3 -66.38 -40.94 1.90
C GLN IA 3 -65.89 -39.79 1.00
N LEU IA 4 -65.13 -38.82 1.52
CA LEU IA 4 -64.53 -37.71 0.74
C LEU IA 4 -63.06 -37.44 1.11
N TYR IA 5 -62.48 -38.13 2.10
CA TYR IA 5 -61.11 -37.82 2.61
C TYR IA 5 -60.07 -38.28 1.58
N TRP IA 6 -59.96 -39.59 1.35
CA TRP IA 6 -59.03 -40.23 0.38
C TRP IA 6 -59.87 -40.90 -0.72
N SER IA 7 -60.94 -40.24 -1.14
CA SER IA 7 -62.05 -40.80 -1.96
C SER IA 7 -61.60 -41.03 -3.42
N HIS IA 8 -60.69 -40.19 -3.92
CA HIS IA 8 -60.24 -40.18 -5.34
C HIS IA 8 -59.43 -41.44 -5.64
N PRO IA 9 -59.72 -42.18 -6.74
CA PRO IA 9 -59.02 -43.43 -7.05
C PRO IA 9 -57.57 -43.21 -7.51
N ARG IA 10 -56.66 -44.11 -7.10
CA ARG IA 10 -55.19 -44.05 -7.40
C ARG IA 10 -54.67 -45.47 -7.68
N LYS IA 11 -55.31 -46.20 -8.59
CA LYS IA 11 -54.86 -47.54 -9.07
C LYS IA 11 -53.70 -47.33 -10.06
N PHE IA 12 -53.80 -46.30 -10.91
CA PHE IA 12 -52.82 -45.91 -11.96
C PHE IA 12 -52.41 -44.45 -11.75
N GLY IA 13 -51.52 -43.94 -12.61
CA GLY IA 13 -51.14 -42.51 -12.67
C GLY IA 13 -49.86 -42.21 -11.90
N GLN IA 14 -49.35 -40.99 -12.04
CA GLN IA 14 -48.07 -40.53 -11.42
C GLN IA 14 -48.24 -40.34 -9.91
N GLY IA 15 -49.44 -39.93 -9.46
CA GLY IA 15 -49.78 -39.70 -8.04
C GLY IA 15 -49.81 -40.99 -7.23
N SER IA 16 -50.20 -42.11 -7.84
CA SER IA 16 -50.29 -43.45 -7.19
C SER IA 16 -48.90 -43.95 -6.78
N ARG IA 17 -47.91 -43.77 -7.66
CA ARG IA 17 -46.50 -44.19 -7.41
C ARG IA 17 -45.80 -43.14 -6.53
N SER IA 18 -44.69 -43.55 -5.89
CA SER IA 18 -43.79 -42.72 -5.05
C SER IA 18 -42.47 -43.45 -4.81
N CYS IA 19 -41.40 -42.70 -4.56
CA CYS IA 19 -40.05 -43.21 -4.20
C CYS IA 19 -40.13 -44.00 -2.89
N ARG IA 20 -39.40 -45.12 -2.80
CA ARG IA 20 -39.37 -45.98 -1.58
C ARG IA 20 -38.56 -45.28 -0.47
N VAL IA 21 -37.69 -44.33 -0.82
CA VAL IA 21 -36.75 -43.64 0.13
C VAL IA 21 -37.40 -42.35 0.63
N CYS IA 22 -37.53 -41.34 -0.23
CA CYS IA 22 -37.84 -39.93 0.13
C CYS IA 22 -39.32 -39.59 -0.08
N SER IA 23 -40.11 -40.49 -0.67
CA SER IA 23 -41.56 -40.35 -0.94
C SER IA 23 -41.83 -39.21 -1.95
N ASN IA 24 -40.88 -38.93 -2.85
CA ASN IA 24 -41.04 -37.96 -3.97
C ASN IA 24 -41.61 -38.73 -5.17
N ARG IA 25 -42.31 -38.03 -6.08
CA ARG IA 25 -43.07 -38.61 -7.21
C ARG IA 25 -42.64 -37.92 -8.52
N HIS IA 26 -41.34 -37.71 -8.70
CA HIS IA 26 -40.72 -37.07 -9.91
C HIS IA 26 -39.38 -37.73 -10.22
N GLY IA 27 -39.13 -38.05 -11.50
CA GLY IA 27 -37.91 -38.73 -11.98
C GLY IA 27 -37.72 -40.07 -11.30
N LEU IA 28 -38.77 -40.91 -11.31
CA LEU IA 28 -38.84 -42.20 -10.57
C LEU IA 28 -38.37 -43.34 -11.48
N ILE IA 29 -37.41 -44.14 -11.00
CA ILE IA 29 -36.85 -45.34 -11.71
C ILE IA 29 -37.66 -46.57 -11.27
N ARG IA 30 -38.62 -47.00 -12.10
CA ARG IA 30 -39.51 -48.16 -11.83
C ARG IA 30 -39.16 -49.33 -12.75
N LYS IA 31 -37.90 -49.41 -13.22
CA LYS IA 31 -37.35 -50.57 -13.99
C LYS IA 31 -36.78 -51.59 -13.00
N TYR IA 32 -36.93 -52.89 -13.30
CA TYR IA 32 -36.50 -54.04 -12.45
C TYR IA 32 -37.16 -53.98 -11.06
N GLY IA 33 -38.27 -53.25 -10.92
CA GLY IA 33 -38.89 -52.93 -9.61
C GLY IA 33 -37.92 -52.27 -8.65
N LEU IA 34 -37.17 -51.26 -9.10
CA LEU IA 34 -36.34 -50.39 -8.23
C LEU IA 34 -37.29 -49.53 -7.38
N ASN IA 35 -38.25 -48.86 -8.03
CA ASN IA 35 -39.32 -48.05 -7.39
C ASN IA 35 -38.67 -47.00 -6.48
N MET IA 36 -37.80 -46.17 -7.07
CA MET IA 36 -36.91 -45.22 -6.36
C MET IA 36 -36.63 -44.00 -7.25
N CYS IA 37 -36.53 -42.81 -6.64
CA CYS IA 37 -36.21 -41.53 -7.33
C CYS IA 37 -34.80 -41.62 -7.91
N ARG IA 38 -34.55 -40.94 -9.04
CA ARG IA 38 -33.25 -40.96 -9.78
C ARG IA 38 -32.13 -40.41 -8.90
N GLN IA 39 -32.41 -39.35 -8.11
CA GLN IA 39 -31.44 -38.75 -7.17
C GLN IA 39 -31.04 -39.77 -6.10
N CYS IA 40 -32.03 -40.47 -5.52
CA CYS IA 40 -31.84 -41.47 -4.43
C CYS IA 40 -31.09 -42.69 -4.95
N PHE IA 41 -31.38 -43.14 -6.18
CA PHE IA 41 -30.72 -44.31 -6.83
C PHE IA 41 -29.22 -44.03 -6.97
N ARG IA 42 -28.86 -42.84 -7.49
CA ARG IA 42 -27.46 -42.39 -7.66
C ARG IA 42 -26.70 -42.43 -6.32
N GLN IA 43 -27.40 -42.16 -5.21
CA GLN IA 43 -26.82 -42.20 -3.84
C GLN IA 43 -26.64 -43.65 -3.38
N TYR IA 44 -27.59 -44.54 -3.69
CA TYR IA 44 -27.65 -45.93 -3.17
C TYR IA 44 -27.22 -46.96 -4.24
N ALA IA 45 -26.76 -46.51 -5.40
CA ALA IA 45 -26.33 -47.39 -6.53
C ALA IA 45 -25.20 -48.31 -6.09
N LYS IA 46 -24.22 -47.77 -5.37
CA LYS IA 46 -22.95 -48.46 -4.99
C LYS IA 46 -23.24 -49.67 -4.10
N ASP IA 47 -23.99 -49.48 -3.02
CA ASP IA 47 -24.25 -50.51 -1.97
C ASP IA 47 -25.41 -51.42 -2.36
N ILE IA 48 -26.18 -51.10 -3.41
CA ILE IA 48 -27.20 -52.01 -4.02
C ILE IA 48 -26.45 -53.12 -4.76
N GLY IA 49 -25.46 -52.77 -5.58
CA GLY IA 49 -24.67 -53.70 -6.41
C GLY IA 49 -24.38 -53.17 -7.80
N PHE IA 50 -25.13 -52.17 -8.27
CA PHE IA 50 -24.90 -51.46 -9.57
C PHE IA 50 -23.51 -50.81 -9.54
N ILE IA 51 -22.67 -51.15 -10.52
CA ILE IA 51 -21.27 -50.64 -10.66
C ILE IA 51 -21.16 -49.88 -12.00
N LYS IA 52 -20.27 -48.88 -12.05
CA LYS IA 52 -19.99 -48.05 -13.24
C LYS IA 52 -18.73 -48.61 -13.93
N LEU IA 53 -18.90 -49.24 -15.10
CA LEU IA 53 -17.81 -49.92 -15.86
C LEU IA 53 -17.41 -49.07 -17.07
N ASP IA 54 -18.36 -48.82 -17.98
CA ASP IA 54 -18.12 -48.09 -19.25
C ASP IA 54 -19.44 -47.52 -19.78
N TYR JA 1 -62.35 -11.43 2.71
CA TYR JA 1 -63.37 -12.45 2.34
C TYR JA 1 -64.72 -11.77 2.07
N THR JA 2 -65.56 -12.39 1.24
CA THR JA 2 -66.92 -11.90 0.84
C THR JA 2 -67.94 -12.32 1.89
N THR JA 3 -67.88 -13.57 2.36
CA THR JA 3 -68.72 -14.13 3.46
C THR JA 3 -68.31 -13.46 4.78
N PRO JA 4 -69.25 -13.16 5.72
CA PRO JA 4 -68.87 -12.57 7.00
C PRO JA 4 -67.97 -13.51 7.84
N LYS JA 5 -68.45 -14.72 8.14
CA LYS JA 5 -67.68 -15.81 8.81
C LYS JA 5 -68.54 -17.08 8.82
N LYS JA 6 -67.91 -18.25 8.69
CA LYS JA 6 -68.57 -19.58 8.81
C LYS JA 6 -68.27 -20.15 10.20
N ASN JA 7 -69.30 -20.23 11.05
CA ASN JA 7 -69.22 -20.70 12.46
C ASN JA 7 -69.48 -22.21 12.52
N LYS JA 8 -68.71 -22.94 13.33
CA LYS JA 8 -68.86 -24.39 13.57
C LYS JA 8 -70.18 -24.64 14.31
N HIS JA 9 -70.85 -25.77 14.04
CA HIS JA 9 -72.09 -26.21 14.72
C HIS JA 9 -71.76 -26.61 16.17
N LYS JA 10 -72.39 -25.95 17.14
CA LYS JA 10 -72.27 -26.26 18.59
C LYS JA 10 -73.52 -27.05 19.01
N ARG JA 11 -73.32 -28.22 19.64
CA ARG JA 11 -74.39 -29.14 20.11
C ARG JA 11 -75.20 -28.44 21.21
N LYS JA 12 -76.52 -28.35 21.05
CA LYS JA 12 -77.45 -27.71 22.03
C LYS JA 12 -77.45 -28.52 23.33
N LYS JA 13 -76.94 -27.94 24.41
CA LYS JA 13 -76.74 -28.63 25.72
C LYS JA 13 -78.10 -28.86 26.40
N VAL JA 14 -78.50 -30.13 26.51
CA VAL JA 14 -79.76 -30.59 27.19
C VAL JA 14 -79.37 -31.27 28.51
N LYS JA 15 -80.12 -31.02 29.59
CA LYS JA 15 -79.82 -31.46 30.98
C LYS JA 15 -80.65 -32.71 31.30
N LEU JA 16 -79.98 -33.84 31.57
CA LEU JA 16 -80.58 -35.09 32.12
C LEU JA 16 -81.63 -35.64 31.13
N ALA JA 17 -81.16 -36.07 29.95
CA ALA JA 17 -81.99 -36.38 28.75
C ALA JA 17 -82.74 -37.71 28.89
N VAL JA 18 -82.23 -38.65 29.70
CA VAL JA 18 -82.76 -40.05 29.81
C VAL JA 18 -84.02 -40.09 30.70
N LEU JA 19 -84.36 -39.00 31.38
CA LEU JA 19 -85.59 -38.88 32.23
C LEU JA 19 -86.83 -38.72 31.33
N LYS JA 20 -86.67 -38.27 30.08
CA LYS JA 20 -87.75 -38.13 29.07
C LYS JA 20 -88.09 -39.49 28.44
N TYR JA 21 -87.24 -40.51 28.60
CA TYR JA 21 -87.38 -41.86 28.00
C TYR JA 21 -88.44 -42.67 28.76
N TYR JA 22 -88.46 -42.57 30.10
CA TYR JA 22 -89.35 -43.32 31.02
C TYR JA 22 -90.41 -42.39 31.63
N LYS JA 23 -91.57 -42.97 31.99
CA LYS JA 23 -92.67 -42.33 32.75
C LYS JA 23 -93.15 -43.31 33.82
N VAL JA 24 -92.52 -43.27 35.00
CA VAL JA 24 -92.79 -44.20 36.14
C VAL JA 24 -93.95 -43.64 36.98
N ASP JA 25 -95.01 -44.42 37.15
CA ASP JA 25 -96.19 -44.10 38.02
C ASP JA 25 -95.83 -44.41 39.48
N GLU JA 26 -96.73 -44.08 40.41
CA GLU JA 26 -96.50 -44.17 41.88
C GLU JA 26 -96.39 -45.64 42.29
N ASN JA 27 -97.27 -46.51 41.78
CA ASN JA 27 -97.31 -47.97 42.09
C ASN JA 27 -96.28 -48.73 41.23
N GLY JA 28 -95.72 -48.09 40.20
CA GLY JA 28 -94.57 -48.61 39.42
C GLY JA 28 -95.02 -49.23 38.11
N LYS JA 29 -95.35 -48.38 37.13
CA LYS JA 29 -95.59 -48.75 35.70
C LYS JA 29 -94.51 -48.08 34.84
N ILE JA 30 -93.45 -48.83 34.52
CA ILE JA 30 -92.24 -48.32 33.79
C ILE JA 30 -92.53 -48.40 32.29
N SER JA 31 -93.24 -47.40 31.76
CA SER JA 31 -93.67 -47.29 30.33
C SER JA 31 -92.62 -46.51 29.53
N ARG JA 32 -92.17 -47.07 28.40
CA ARG JA 32 -91.18 -46.44 27.47
C ARG JA 32 -91.93 -45.44 26.58
N LEU JA 33 -91.65 -44.13 26.74
CA LEU JA 33 -92.32 -43.03 26.00
C LEU JA 33 -91.88 -43.05 24.52
N ARG JA 34 -90.60 -43.28 24.25
CA ARG JA 34 -90.03 -43.45 22.88
C ARG JA 34 -90.07 -44.94 22.50
N ARG JA 35 -90.26 -45.23 21.21
CA ARG JA 35 -90.39 -46.62 20.69
C ARG JA 35 -89.00 -47.29 20.64
N GLU JA 36 -88.96 -48.62 20.75
CA GLU JA 36 -87.73 -49.45 20.70
C GLU JA 36 -87.31 -49.66 19.24
N CYS JA 37 -85.99 -49.64 18.97
CA CYS JA 37 -85.40 -49.92 17.63
C CYS JA 37 -85.46 -51.43 17.36
N PRO JA 38 -86.16 -51.88 16.30
CA PRO JA 38 -86.38 -53.32 16.07
C PRO JA 38 -85.19 -54.10 15.48
N SER JA 39 -84.06 -53.44 15.20
CA SER JA 39 -82.82 -54.08 14.66
C SER JA 39 -82.16 -54.95 15.74
N ASP JA 40 -81.18 -55.77 15.34
CA ASP JA 40 -80.62 -56.90 16.14
C ASP JA 40 -79.84 -56.36 17.35
N GLU JA 41 -78.76 -55.62 17.12
CA GLU JA 41 -77.81 -55.16 18.17
C GLU JA 41 -78.49 -54.13 19.07
N CYS JA 42 -79.31 -53.25 18.50
CA CYS JA 42 -80.05 -52.15 19.20
C CYS JA 42 -81.07 -52.70 20.21
N GLY JA 43 -81.65 -53.88 19.93
CA GLY JA 43 -82.76 -54.51 20.68
C GLY JA 43 -82.55 -54.49 22.19
N ALA JA 44 -83.36 -53.68 22.90
CA ALA JA 44 -83.43 -53.56 24.38
C ALA JA 44 -82.35 -52.61 24.93
N GLY JA 45 -81.46 -52.09 24.09
CA GLY JA 45 -80.33 -51.23 24.47
C GLY JA 45 -80.41 -49.81 23.90
N VAL JA 46 -81.19 -49.60 22.82
CA VAL JA 46 -81.29 -48.32 22.08
C VAL JA 46 -82.77 -47.96 21.91
N PHE JA 47 -83.18 -46.77 22.36
CA PHE JA 47 -84.55 -46.23 22.23
C PHE JA 47 -84.62 -45.29 21.02
N MET JA 48 -85.17 -45.79 19.91
CA MET JA 48 -85.31 -45.08 18.61
C MET JA 48 -86.06 -43.76 18.81
N ALA JA 49 -85.66 -42.71 18.09
CA ALA JA 49 -86.18 -41.33 18.20
C ALA JA 49 -87.62 -41.24 17.69
N SER JA 50 -88.30 -40.14 18.04
CA SER JA 50 -89.66 -39.77 17.56
C SER JA 50 -89.66 -38.30 17.13
N HIS JA 51 -89.35 -38.04 15.84
CA HIS JA 51 -89.42 -36.70 15.20
C HIS JA 51 -90.88 -36.30 14.99
N PHE JA 52 -91.12 -35.10 14.44
CA PHE JA 52 -92.47 -34.50 14.27
C PHE JA 52 -93.36 -35.35 13.33
N ASP JA 53 -92.76 -36.04 12.34
CA ASP JA 53 -93.52 -36.84 11.33
C ASP JA 53 -92.84 -38.19 11.02
N ARG JA 54 -91.82 -38.61 11.79
CA ARG JA 54 -91.02 -39.84 11.48
C ARG JA 54 -90.35 -40.38 12.74
N HIS JA 55 -89.81 -41.61 12.65
CA HIS JA 55 -88.92 -42.26 13.65
C HIS JA 55 -87.50 -42.30 13.08
N TYR JA 56 -86.48 -42.42 13.94
CA TYR JA 56 -85.05 -42.40 13.58
C TYR JA 56 -84.19 -43.03 14.67
N CYS JA 57 -83.21 -43.87 14.30
CA CYS JA 57 -82.20 -44.49 15.19
C CYS JA 57 -80.82 -43.91 14.87
N GLY JA 58 -80.13 -43.38 15.89
CA GLY JA 58 -78.83 -42.68 15.73
C GLY JA 58 -77.68 -43.61 15.42
N LYS JA 59 -77.79 -44.90 15.78
CA LYS JA 59 -76.71 -45.92 15.62
C LYS JA 59 -76.78 -46.57 14.23
N CYS JA 60 -77.91 -47.22 13.91
CA CYS JA 60 -78.10 -48.08 12.71
C CYS JA 60 -78.66 -47.27 11.52
N CYS JA 61 -79.11 -46.03 11.74
CA CYS JA 61 -79.68 -45.10 10.72
C CYS JA 61 -80.95 -45.71 10.09
N LEU JA 62 -81.80 -46.32 10.92
CA LEU JA 62 -83.12 -46.91 10.52
C LEU JA 62 -84.21 -45.85 10.69
N THR JA 63 -85.11 -45.74 9.70
CA THR JA 63 -86.16 -44.69 9.60
C THR JA 63 -87.51 -45.34 9.26
N TYR JA 64 -88.59 -44.85 9.88
CA TYR JA 64 -90.00 -45.28 9.63
C TYR JA 64 -90.92 -44.06 9.64
N CYS JA 65 -92.01 -44.11 8.84
CA CYS JA 65 -93.05 -43.06 8.73
C CYS JA 65 -94.24 -43.43 9.63
N MET KA 1 -4.81 15.87 -18.70
CA MET KA 1 -4.32 15.84 -20.12
C MET KA 1 -2.78 15.87 -20.12
N ARG KA 2 -2.18 15.97 -21.31
CA ARG KA 2 -0.70 16.08 -21.52
C ARG KA 2 -0.21 17.44 -21.01
N ALA KA 3 0.92 17.44 -20.29
CA ALA KA 3 1.47 18.62 -19.56
C ALA KA 3 1.85 19.75 -20.52
N LYS KA 4 2.34 19.42 -21.73
CA LYS KA 4 2.73 20.42 -22.77
C LYS KA 4 1.48 21.15 -23.27
N TRP KA 5 0.33 20.46 -23.36
CA TRP KA 5 -0.96 21.02 -23.83
C TRP KA 5 -1.67 21.77 -22.70
N ARG KA 6 -1.43 21.40 -21.43
CA ARG KA 6 -1.84 22.20 -20.24
C ARG KA 6 -1.17 23.57 -20.31
N LYS KA 7 0.13 23.60 -20.64
CA LYS KA 7 0.97 24.83 -20.73
C LYS KA 7 0.50 25.70 -21.90
N LYS KA 8 0.13 25.10 -23.04
CA LYS KA 8 -0.30 25.83 -24.26
C LYS KA 8 -1.67 26.48 -24.02
N ARG KA 9 -2.59 25.77 -23.37
CA ARG KA 9 -3.93 26.30 -22.96
C ARG KA 9 -3.73 27.50 -22.03
N MET KA 10 -2.82 27.38 -21.06
CA MET KA 10 -2.52 28.42 -20.04
C MET KA 10 -2.01 29.70 -20.72
N ARG KA 11 -1.20 29.57 -21.78
CA ARG KA 11 -0.64 30.71 -22.55
C ARG KA 11 -1.73 31.36 -23.41
N ARG KA 12 -2.60 30.56 -24.03
CA ARG KA 12 -3.77 31.06 -24.81
C ARG KA 12 -4.69 31.86 -23.88
N LEU KA 13 -4.88 31.40 -22.63
CA LEU KA 13 -5.72 32.06 -21.60
C LEU KA 13 -5.05 33.36 -21.13
N LYS KA 14 -3.72 33.38 -20.97
CA LYS KA 14 -2.95 34.58 -20.54
C LYS KA 14 -2.96 35.64 -21.64
N ARG KA 15 -2.99 35.25 -22.92
CA ARG KA 15 -3.01 36.19 -24.08
C ARG KA 15 -4.36 36.93 -24.11
N LYS KA 16 -5.49 36.22 -23.95
CA LYS KA 16 -6.85 36.81 -24.01
C LYS KA 16 -7.12 37.66 -22.75
N ARG KA 17 -6.57 37.27 -21.60
CA ARG KA 17 -6.73 37.98 -20.29
C ARG KA 17 -6.09 39.37 -20.39
N ARG KA 18 -4.81 39.44 -20.75
CA ARG KA 18 -3.99 40.69 -20.84
C ARG KA 18 -4.62 41.68 -21.84
N LYS KA 19 -5.11 41.17 -22.97
CA LYS KA 19 -5.87 41.95 -23.98
C LYS KA 19 -7.36 41.93 -23.62
N THR LA 1 40.01 -82.90 -47.41
CA THR LA 1 39.36 -84.03 -48.12
C THR LA 1 37.84 -83.88 -48.02
N GLU LA 2 37.29 -83.96 -46.81
CA GLU LA 2 35.83 -83.98 -46.50
C GLU LA 2 35.42 -82.63 -45.89
N GLN LA 3 34.91 -81.73 -46.74
CA GLN LA 3 34.41 -80.38 -46.36
C GLN LA 3 32.90 -80.30 -46.61
N MET LA 4 32.21 -79.41 -45.89
CA MET LA 4 30.74 -79.19 -45.97
C MET LA 4 30.46 -78.14 -47.05
N THR LA 5 29.38 -78.33 -47.82
CA THR LA 5 28.91 -77.41 -48.89
C THR LA 5 27.38 -77.27 -48.80
N LEU LA 6 26.86 -76.06 -48.97
CA LEU LA 6 25.40 -75.77 -48.95
C LEU LA 6 24.77 -76.28 -50.26
N ARG LA 7 24.03 -77.40 -50.17
CA ARG LA 7 23.43 -78.10 -51.34
C ARG LA 7 22.10 -77.42 -51.72
N GLY LA 8 21.37 -76.92 -50.73
CA GLY LA 8 20.10 -76.17 -50.92
C GLY LA 8 19.54 -75.65 -49.61
N THR LA 9 18.44 -74.93 -49.63
CA THR LA 9 17.89 -74.43 -48.40
C THR LA 9 16.40 -74.53 -48.42
N LEU LA 10 15.85 -75.51 -47.74
CA LEU LA 10 14.43 -75.69 -47.76
C LEU LA 10 13.78 -74.50 -47.13
N LYS LA 11 12.75 -73.97 -47.75
CA LYS LA 11 12.09 -72.81 -47.18
C LYS LA 11 10.65 -73.13 -47.00
N GLY LA 12 10.20 -73.20 -45.77
CA GLY LA 12 8.83 -73.49 -45.51
C GLY LA 12 8.34 -72.69 -44.35
N HIS LA 13 8.92 -72.97 -43.20
CA HIS LA 13 8.49 -72.33 -42.00
C HIS LA 13 8.62 -70.86 -41.98
N ASN LA 14 7.69 -70.26 -41.28
CA ASN LA 14 7.63 -68.87 -41.14
C ASN LA 14 8.19 -68.33 -39.84
N GLY LA 15 8.88 -69.14 -39.04
CA GLY LA 15 9.45 -68.65 -37.81
C GLY LA 15 10.77 -69.28 -37.42
N TRP LA 16 11.27 -69.04 -36.23
CA TRP LA 16 12.55 -69.67 -35.83
C TRP LA 16 12.41 -71.20 -35.87
N VAL LA 17 13.25 -71.89 -36.65
CA VAL LA 17 13.28 -73.38 -36.73
C VAL LA 17 13.90 -73.90 -35.43
N THR LA 18 13.06 -74.27 -34.46
CA THR LA 18 13.43 -74.60 -33.06
C THR LA 18 14.14 -75.95 -33.00
N GLN LA 19 13.64 -76.96 -33.72
CA GLN LA 19 14.17 -78.35 -33.69
C GLN LA 19 13.88 -79.06 -35.02
N ILE LA 20 14.85 -79.84 -35.51
CA ILE LA 20 14.73 -80.75 -36.70
C ILE LA 20 14.90 -82.19 -36.21
N ALA LA 21 14.07 -83.10 -36.71
CA ALA LA 21 14.07 -84.55 -36.36
C ALA LA 21 14.10 -85.39 -37.65
N THR LA 22 14.92 -86.46 -37.64
CA THR LA 22 15.08 -87.42 -38.76
C THR LA 22 15.01 -88.86 -38.22
N THR LA 23 14.91 -89.85 -39.12
CA THR LA 23 14.81 -91.29 -38.80
C THR LA 23 15.68 -92.09 -39.78
N PRO LA 24 16.31 -93.20 -39.36
CA PRO LA 24 17.04 -94.08 -40.29
C PRO LA 24 16.13 -94.87 -41.23
N GLN LA 25 14.86 -95.08 -40.84
CA GLN LA 25 13.85 -95.89 -41.59
C GLN LA 25 13.48 -95.17 -42.88
N PHE LA 26 13.10 -93.88 -42.79
CA PHE LA 26 12.66 -93.02 -43.92
C PHE LA 26 13.74 -91.97 -44.22
N PRO LA 27 14.62 -92.19 -45.23
CA PRO LA 27 15.68 -91.23 -45.55
C PRO LA 27 15.27 -90.05 -46.45
N ASP LA 28 14.03 -90.04 -46.96
CA ASP LA 28 13.47 -88.96 -47.82
C ASP LA 28 12.45 -88.13 -47.03
N MET LA 29 12.45 -88.21 -45.69
CA MET LA 29 11.45 -87.57 -44.81
C MET LA 29 12.12 -87.06 -43.52
N ILE LA 30 12.12 -85.74 -43.32
CA ILE LA 30 12.55 -85.06 -42.06
C ILE LA 30 11.35 -84.29 -41.49
N LEU LA 31 11.27 -84.18 -40.17
CA LEU LA 31 10.19 -83.47 -39.43
C LEU LA 31 10.80 -82.35 -38.59
N SER LA 32 10.53 -81.08 -38.95
CA SER LA 32 11.07 -79.87 -38.30
C SER LA 32 9.94 -79.08 -37.64
N ALA LA 33 10.17 -78.59 -36.41
CA ALA LA 33 9.27 -77.72 -35.63
C ALA LA 33 9.72 -76.26 -35.79
N SER LA 34 8.84 -75.31 -35.45
CA SER LA 34 9.08 -73.85 -35.64
C SER LA 34 8.25 -73.00 -34.65
N ARG LA 35 8.46 -71.69 -34.68
CA ARG LA 35 7.83 -70.68 -33.77
C ARG LA 35 6.55 -70.11 -34.40
N ASP LA 36 6.08 -70.66 -35.54
CA ASP LA 36 4.75 -70.33 -36.12
C ASP LA 36 3.72 -71.39 -35.66
N LYS LA 37 3.97 -72.05 -34.53
CA LYS LA 37 3.06 -73.01 -33.84
C LYS LA 37 2.79 -74.22 -34.76
N THR LA 38 3.74 -74.54 -35.65
CA THR LA 38 3.58 -75.51 -36.77
C THR LA 38 4.79 -76.45 -36.82
N ILE LA 39 4.54 -77.74 -37.06
CA ILE LA 39 5.57 -78.78 -37.38
C ILE LA 39 5.32 -79.23 -38.82
N ILE LA 40 6.29 -79.04 -39.71
CA ILE LA 40 6.16 -79.34 -41.18
C ILE LA 40 6.96 -80.61 -41.48
N MET LA 41 6.32 -81.58 -42.14
CA MET LA 41 6.98 -82.81 -42.68
C MET LA 41 7.44 -82.51 -44.12
N TRP LA 42 8.71 -82.80 -44.43
CA TRP LA 42 9.36 -82.47 -45.72
C TRP LA 42 9.41 -83.72 -46.61
N LYS LA 43 9.15 -83.54 -47.91
CA LYS LA 43 9.45 -84.52 -48.99
C LYS LA 43 10.77 -84.10 -49.66
N LEU LA 44 11.86 -84.81 -49.38
CA LEU LA 44 13.22 -84.48 -49.89
C LEU LA 44 13.35 -85.00 -51.32
N THR LA 45 12.92 -84.19 -52.30
CA THR LA 45 12.92 -84.51 -53.75
C THR LA 45 14.35 -84.42 -54.31
N ARG LA 46 15.20 -83.57 -53.71
CA ARG LA 46 16.64 -83.37 -54.07
C ARG LA 46 16.74 -82.84 -55.51
N ASP LA 47 15.86 -81.90 -55.86
CA ASP LA 47 15.77 -81.28 -57.21
C ASP LA 47 16.84 -80.18 -57.31
N GLU LA 48 17.15 -79.75 -58.54
CA GLU LA 48 18.13 -78.66 -58.85
C GLU LA 48 17.55 -77.31 -58.40
N THR LA 49 16.25 -77.08 -58.65
CA THR LA 49 15.51 -75.83 -58.34
C THR LA 49 15.40 -75.66 -56.81
N ASN LA 50 15.06 -76.72 -56.07
CA ASN LA 50 14.94 -76.72 -54.59
C ASN LA 50 15.21 -78.13 -54.05
N TYR LA 51 15.84 -78.24 -52.88
CA TYR LA 51 16.27 -79.52 -52.26
C TYR LA 51 15.06 -80.28 -51.71
N GLY LA 52 14.10 -79.56 -51.09
CA GLY LA 52 12.87 -80.13 -50.51
C GLY LA 52 11.63 -79.33 -50.90
N ILE LA 53 10.45 -79.89 -50.62
CA ILE LA 53 9.11 -79.25 -50.84
C ILE LA 53 8.27 -79.47 -49.57
N PRO LA 54 7.53 -78.44 -49.07
CA PRO LA 54 6.61 -78.64 -47.96
C PRO LA 54 5.54 -79.71 -48.31
N GLN LA 55 5.46 -80.77 -47.50
CA GLN LA 55 4.59 -81.95 -47.75
C GLN LA 55 3.29 -81.82 -46.94
N ARG LA 56 3.41 -81.75 -45.61
CA ARG LA 56 2.26 -81.73 -44.66
C ARG LA 56 2.61 -80.92 -43.41
N ALA LA 57 1.73 -80.07 -42.92
CA ALA LA 57 2.03 -79.30 -41.74
C ALA LA 57 1.15 -79.63 -40.57
N LEU LA 58 1.69 -80.18 -39.51
CA LEU LA 58 0.88 -80.46 -38.33
C LEU LA 58 0.51 -79.16 -37.68
N ARG LA 59 -0.72 -79.02 -37.23
CA ARG LA 59 -1.08 -77.76 -36.64
C ARG LA 59 -1.93 -77.95 -35.42
N GLY LA 60 -2.04 -76.90 -34.63
CA GLY LA 60 -2.80 -76.94 -33.40
C GLY LA 60 -2.04 -76.85 -32.10
N HIS LA 61 -0.76 -76.59 -32.14
CA HIS LA 61 -0.02 -76.52 -30.91
C HIS LA 61 0.00 -75.13 -30.29
N SER LA 62 -1.00 -74.32 -30.60
CA SER LA 62 -1.20 -73.00 -29.98
C SER LA 62 0.03 -72.06 -29.84
N HIS LA 63 0.88 -72.22 -28.84
CA HIS LA 63 2.13 -71.42 -28.72
C HIS LA 63 3.28 -72.14 -29.41
N PHE LA 64 4.52 -71.63 -29.28
CA PHE LA 64 5.74 -72.14 -29.95
C PHE LA 64 5.96 -73.61 -29.59
N VAL LA 65 6.13 -74.48 -30.60
CA VAL LA 65 6.58 -75.90 -30.43
C VAL LA 65 8.11 -75.89 -30.41
N SER LA 66 8.71 -76.20 -29.25
CA SER LA 66 10.17 -76.08 -28.99
C SER LA 66 10.90 -77.32 -29.51
N ASP LA 67 10.44 -78.51 -29.10
CA ASP LA 67 11.09 -79.81 -29.42
C ASP LA 67 10.13 -80.67 -30.25
N VAL LA 68 10.70 -81.52 -31.12
CA VAL LA 68 9.99 -82.55 -31.93
C VAL LA 68 10.90 -83.79 -32.04
N VAL LA 69 10.30 -84.98 -32.01
CA VAL LA 69 11.03 -86.28 -32.12
C VAL LA 69 10.04 -87.37 -32.57
N ILE LA 70 10.52 -88.34 -33.35
CA ILE LA 70 9.68 -89.42 -33.96
C ILE LA 70 10.24 -90.78 -33.53
N SER LA 71 9.37 -91.81 -33.54
CA SER LA 71 9.67 -93.20 -33.11
C SER LA 71 10.59 -93.89 -34.13
N SER LA 72 11.01 -95.13 -33.81
CA SER LA 72 11.87 -95.99 -34.68
C SER LA 72 11.18 -96.24 -36.03
N ASP LA 73 9.88 -96.55 -36.00
CA ASP LA 73 9.01 -96.66 -37.20
C ASP LA 73 8.55 -95.24 -37.61
N GLY LA 74 8.40 -95.00 -38.92
CA GLY LA 74 7.94 -93.71 -39.48
C GLY LA 74 6.43 -93.62 -39.50
N GLN LA 75 5.81 -93.62 -38.31
CA GLN LA 75 4.33 -93.68 -38.11
C GLN LA 75 3.91 -92.67 -37.03
N PHE LA 76 4.62 -92.62 -35.89
CA PHE LA 76 4.33 -91.71 -34.75
C PHE LA 76 5.26 -90.50 -34.79
N ALA LA 77 4.91 -89.48 -33.99
CA ALA LA 77 5.72 -88.26 -33.71
C ALA LA 77 5.30 -87.68 -32.36
N LEU LA 78 6.27 -87.24 -31.55
CA LEU LA 78 6.06 -86.57 -30.24
C LEU LA 78 6.60 -85.14 -30.33
N SER LA 79 5.94 -84.18 -29.67
CA SER LA 79 6.33 -82.75 -29.62
C SER LA 79 6.00 -82.16 -28.24
N GLY LA 80 6.80 -81.18 -27.80
CA GLY LA 80 6.58 -80.37 -26.57
C GLY LA 80 6.59 -78.89 -26.91
N SER LA 81 5.61 -78.13 -26.39
CA SER LA 81 5.32 -76.73 -26.78
C SER LA 81 5.21 -75.82 -25.54
N TRP LA 82 5.22 -74.51 -25.79
CA TRP LA 82 5.18 -73.44 -24.76
C TRP LA 82 3.76 -73.28 -24.18
N ASP LA 83 2.75 -73.88 -24.81
CA ASP LA 83 1.35 -73.97 -24.29
C ASP LA 83 1.31 -74.83 -23.02
N GLY LA 84 2.29 -75.73 -22.83
CA GLY LA 84 2.48 -76.54 -21.61
C GLY LA 84 1.90 -77.95 -21.75
N THR LA 85 1.77 -78.46 -22.99
CA THR LA 85 1.16 -79.78 -23.31
C THR LA 85 1.99 -80.48 -24.40
N LEU LA 86 2.10 -81.80 -24.32
CA LEU LA 86 2.75 -82.67 -25.33
C LEU LA 86 1.67 -83.26 -26.25
N ARG LA 87 1.98 -83.46 -27.53
CA ARG LA 87 1.06 -84.03 -28.55
C ARG LA 87 1.77 -85.17 -29.29
N LEU LA 88 1.17 -86.37 -29.27
CA LEU LA 88 1.64 -87.57 -30.01
C LEU LA 88 0.84 -87.66 -31.33
N TRP LA 89 1.50 -87.42 -32.47
CA TRP LA 89 0.86 -87.27 -33.81
C TRP LA 89 0.89 -88.61 -34.56
N ASP LA 90 -0.18 -88.90 -35.31
CA ASP LA 90 -0.23 -89.98 -36.34
C ASP LA 90 0.32 -89.38 -37.65
N LEU LA 91 1.54 -89.77 -38.02
CA LEU LA 91 2.34 -89.10 -39.09
C LEU LA 91 1.75 -89.36 -40.48
N THR LA 92 1.03 -90.48 -40.66
CA THR LA 92 0.43 -90.92 -41.96
C THR LA 92 -0.63 -89.90 -42.40
N THR LA 93 -1.72 -89.79 -41.64
CA THR LA 93 -2.87 -88.89 -41.90
C THR LA 93 -2.55 -87.46 -41.47
N GLY LA 94 -1.77 -87.30 -40.39
CA GLY LA 94 -1.36 -85.99 -39.85
C GLY LA 94 -2.39 -85.44 -38.89
N THR LA 95 -2.75 -86.21 -37.86
CA THR LA 95 -3.71 -85.86 -36.78
C THR LA 95 -3.13 -86.30 -35.43
N THR LA 96 -3.50 -85.59 -34.35
CA THR LA 96 -3.04 -85.88 -32.96
C THR LA 96 -3.71 -87.18 -32.48
N THR LA 97 -2.90 -88.12 -31.99
CA THR LA 97 -3.34 -89.44 -31.45
C THR LA 97 -3.68 -89.29 -29.95
N ARG LA 98 -2.78 -88.67 -29.18
CA ARG LA 98 -2.92 -88.49 -27.70
C ARG LA 98 -2.38 -87.12 -27.29
N ARG LA 99 -2.86 -86.61 -26.15
CA ARG LA 99 -2.47 -85.31 -25.54
C ARG LA 99 -2.02 -85.56 -24.09
N PHE LA 100 -0.83 -85.17 -23.72
CA PHE LA 100 -0.36 -85.29 -22.37
C PHE LA 100 -0.62 -83.97 -21.75
N VAL LA 101 -1.44 -83.88 -20.74
CA VAL LA 101 -1.77 -82.58 -20.21
C VAL LA 101 -1.16 -82.12 -18.92
N GLY LA 102 -0.19 -82.81 -18.39
CA GLY LA 102 0.34 -82.43 -17.10
C GLY LA 102 1.07 -81.17 -16.65
N HIS LA 103 1.98 -80.65 -17.42
CA HIS LA 103 2.79 -79.54 -16.96
C HIS LA 103 2.10 -78.23 -16.72
N THR LA 104 2.73 -77.35 -15.96
CA THR LA 104 2.12 -76.06 -15.67
C THR LA 104 2.54 -74.95 -16.59
N LYS LA 105 3.82 -74.74 -16.70
CA LYS LA 105 4.51 -73.68 -17.50
C LYS LA 105 4.86 -74.24 -18.89
N ASP LA 106 5.79 -73.58 -19.60
CA ASP LA 106 6.21 -73.92 -21.00
C ASP LA 106 7.07 -75.18 -20.98
N VAL LA 107 6.76 -76.17 -21.83
CA VAL LA 107 7.60 -77.39 -22.05
C VAL LA 107 8.71 -77.01 -23.03
N LEU LA 108 9.98 -77.28 -22.67
CA LEU LA 108 11.19 -76.89 -23.43
C LEU LA 108 11.66 -78.08 -24.29
N SER LA 109 11.82 -79.26 -23.67
CA SER LA 109 12.43 -80.46 -24.30
C SER LA 109 11.62 -81.73 -23.97
N VAL LA 110 11.65 -82.69 -24.89
CA VAL LA 110 11.05 -84.06 -24.77
C VAL LA 110 12.08 -85.08 -25.28
N ALA LA 111 11.94 -86.34 -24.87
CA ALA LA 111 12.79 -87.48 -25.31
C ALA LA 111 11.95 -88.75 -25.45
N PHE LA 112 12.30 -89.58 -26.44
CA PHE LA 112 11.62 -90.85 -26.79
C PHE LA 112 12.56 -92.01 -26.43
N SER LA 113 12.07 -93.02 -25.68
CA SER LA 113 12.85 -94.21 -25.26
C SER LA 113 13.22 -95.07 -26.48
N SER LA 114 14.29 -95.85 -26.35
CA SER LA 114 14.84 -96.74 -27.41
C SER LA 114 13.81 -97.82 -27.80
N ASP LA 115 13.14 -98.41 -26.80
CA ASP LA 115 12.10 -99.47 -27.00
C ASP LA 115 10.75 -98.85 -27.37
N ASN LA 116 10.59 -97.52 -27.19
CA ASN LA 116 9.43 -96.70 -27.65
C ASN LA 116 8.22 -96.95 -26.74
N ARG LA 117 8.43 -97.24 -25.45
CA ARG LA 117 7.37 -97.52 -24.44
C ARG LA 117 7.39 -96.51 -23.28
N GLN LA 118 8.38 -95.61 -23.21
CA GLN LA 118 8.54 -94.61 -22.11
C GLN LA 118 8.89 -93.24 -22.69
N ILE LA 119 8.44 -92.18 -22.02
CA ILE LA 119 8.65 -90.74 -22.41
C ILE LA 119 9.18 -89.98 -21.18
N VAL LA 120 10.17 -89.09 -21.38
CA VAL LA 120 10.67 -88.13 -20.36
C VAL LA 120 10.64 -86.72 -20.98
N SER LA 121 10.13 -85.75 -20.22
CA SER LA 121 9.84 -84.35 -20.68
C SER LA 121 10.20 -83.35 -19.57
N GLY LA 122 10.91 -82.27 -19.95
CA GLY LA 122 11.33 -81.17 -19.05
C GLY LA 122 10.70 -79.84 -19.45
N SER LA 123 10.38 -79.00 -18.47
CA SER LA 123 9.64 -77.72 -18.62
C SER LA 123 10.34 -76.60 -17.84
N ARG LA 124 9.65 -75.47 -17.62
CA ARG LA 124 10.06 -74.39 -16.68
C ARG LA 124 9.50 -74.67 -15.28
N ASP LA 125 8.81 -75.81 -15.08
CA ASP LA 125 8.12 -76.20 -13.81
C ASP LA 125 9.12 -76.46 -12.69
N LYS LA 126 10.42 -76.64 -13.00
CA LYS LA 126 11.50 -77.04 -12.05
C LYS LA 126 11.35 -78.54 -11.74
N THR LA 127 10.79 -79.32 -12.68
CA THR LA 127 10.47 -80.77 -12.52
C THR LA 127 10.56 -81.50 -13.87
N ILE LA 128 10.89 -82.79 -13.82
CA ILE LA 128 10.86 -83.75 -14.98
C ILE LA 128 9.58 -84.58 -14.87
N LYS LA 129 8.91 -84.83 -15.99
CA LYS LA 129 7.67 -85.65 -16.09
C LYS LA 129 7.98 -86.95 -16.85
N LEU LA 130 7.76 -88.11 -16.22
CA LEU LA 130 7.80 -89.45 -16.87
C LEU LA 130 6.39 -89.83 -17.31
N TRP LA 131 6.13 -89.81 -18.63
CA TRP LA 131 4.85 -90.26 -19.25
C TRP LA 131 5.05 -91.66 -19.84
N ASN LA 132 3.97 -92.46 -19.86
CA ASN LA 132 3.92 -93.79 -20.55
C ASN LA 132 3.31 -93.58 -21.95
N THR LA 133 3.09 -94.66 -22.70
CA THR LA 133 2.66 -94.62 -24.13
C THR LA 133 1.19 -94.16 -24.23
N LEU LA 134 0.29 -94.74 -23.42
CA LEU LA 134 -1.18 -94.47 -23.47
C LEU LA 134 -1.46 -93.02 -23.05
N GLY LA 135 -0.59 -92.41 -22.24
CA GLY LA 135 -0.51 -90.94 -22.08
C GLY LA 135 -0.68 -90.43 -20.65
N VAL LA 136 -1.06 -91.28 -19.69
CA VAL LA 136 -1.20 -90.89 -18.26
C VAL LA 136 0.19 -90.62 -17.68
N CYS LA 137 0.31 -89.60 -16.83
CA CYS LA 137 1.56 -89.21 -16.12
C CYS LA 137 1.93 -90.32 -15.12
N LYS LA 138 3.17 -90.81 -15.17
CA LYS LA 138 3.66 -91.97 -14.36
C LYS LA 138 4.35 -91.46 -13.09
N TYR LA 139 5.33 -90.55 -13.23
CA TYR LA 139 6.18 -90.07 -12.11
C TYR LA 139 6.63 -88.62 -12.36
N THR LA 140 6.21 -87.70 -11.48
CA THR LA 140 6.66 -86.28 -11.43
C THR LA 140 7.74 -86.16 -10.33
N VAL LA 141 9.02 -86.12 -10.73
CA VAL LA 141 10.18 -86.05 -9.79
C VAL LA 141 10.29 -84.61 -9.26
N GLN LA 142 10.35 -84.47 -7.92
CA GLN LA 142 10.53 -83.17 -7.21
C GLN LA 142 11.53 -83.32 -6.05
N ASP LA 143 12.42 -84.33 -6.13
CA ASP LA 143 13.53 -84.55 -5.15
C ASP LA 143 14.75 -83.78 -5.64
N GLU LA 144 14.85 -82.49 -5.27
CA GLU LA 144 15.81 -81.48 -5.78
C GLU LA 144 16.05 -81.73 -7.27
N SER LA 145 15.00 -81.64 -8.08
CA SER LA 145 15.01 -81.87 -9.55
C SER LA 145 15.94 -80.85 -10.23
N HIS LA 146 15.56 -79.57 -10.23
CA HIS LA 146 16.38 -78.43 -10.71
C HIS LA 146 15.99 -77.16 -9.95
N SER LA 147 16.96 -76.34 -9.57
CA SER LA 147 16.75 -75.03 -8.88
C SER LA 147 16.15 -74.01 -9.84
N GLU LA 148 16.45 -74.14 -11.15
CA GLU LA 148 15.97 -73.24 -12.24
C GLU LA 148 15.27 -74.10 -13.30
N TRP LA 149 15.03 -73.56 -14.50
CA TRP LA 149 14.39 -74.26 -15.65
C TRP LA 149 15.21 -75.49 -16.06
N VAL LA 150 14.56 -76.44 -16.73
CA VAL LA 150 15.18 -77.65 -17.36
C VAL LA 150 15.20 -77.45 -18.87
N SER LA 151 16.39 -77.27 -19.45
CA SER LA 151 16.58 -76.83 -20.86
C SER LA 151 16.41 -78.01 -21.82
N CYS LA 152 17.17 -79.09 -21.61
CA CYS LA 152 17.17 -80.31 -22.47
C CYS LA 152 17.18 -81.57 -21.60
N VAL LA 153 16.34 -82.56 -21.94
CA VAL LA 153 16.32 -83.93 -21.36
C VAL LA 153 16.42 -84.93 -22.52
N ARG LA 154 17.24 -85.98 -22.37
CA ARG LA 154 17.47 -87.03 -23.40
C ARG LA 154 17.61 -88.42 -22.74
N PHE LA 155 17.47 -89.47 -23.55
CA PHE LA 155 17.68 -90.90 -23.19
C PHE LA 155 19.09 -91.34 -23.63
N SER LA 156 19.59 -92.42 -23.03
CA SER LA 156 20.88 -93.08 -23.37
C SER LA 156 20.62 -94.38 -24.12
N PRO LA 157 20.71 -94.40 -25.48
CA PRO LA 157 20.41 -95.61 -26.25
C PRO LA 157 21.52 -96.65 -26.15
N ASN LA 158 21.32 -97.66 -25.28
CA ASN LA 158 22.24 -98.82 -25.10
C ASN LA 158 21.48 -99.99 -24.46
N SER LA 159 22.05 -101.19 -24.53
CA SER LA 159 21.55 -102.43 -23.88
C SER LA 159 21.92 -102.44 -22.38
N SER LA 160 22.88 -101.59 -21.97
CA SER LA 160 23.33 -101.39 -20.56
C SER LA 160 22.23 -100.71 -19.74
N ASN LA 161 22.55 -100.31 -18.49
CA ASN LA 161 21.62 -99.61 -17.56
C ASN LA 161 21.06 -98.36 -18.27
N PRO LA 162 19.73 -98.26 -18.50
CA PRO LA 162 19.16 -97.10 -19.19
C PRO LA 162 19.05 -95.90 -18.25
N ILE LA 163 19.63 -94.76 -18.64
CA ILE LA 163 19.76 -93.52 -17.81
C ILE LA 163 19.38 -92.31 -18.67
N ILE LA 164 18.75 -91.30 -18.06
CA ILE LA 164 18.35 -90.02 -18.72
C ILE LA 164 19.27 -88.90 -18.23
N VAL LA 165 19.55 -87.93 -19.09
CA VAL LA 165 20.47 -86.77 -18.82
C VAL LA 165 19.64 -85.48 -18.93
N SER LA 166 19.81 -84.55 -17.98
CA SER LA 166 19.01 -83.31 -17.84
C SER LA 166 19.88 -82.12 -17.41
N CYS LA 167 20.09 -81.16 -18.30
CA CYS LA 167 20.73 -79.84 -18.02
C CYS LA 167 19.66 -78.81 -17.71
N GLY LA 168 20.05 -77.73 -17.03
CA GLY LA 168 19.15 -76.62 -16.62
C GLY LA 168 19.85 -75.28 -16.59
N TRP LA 169 19.14 -74.25 -16.09
CA TRP LA 169 19.65 -72.86 -15.93
C TRP LA 169 20.22 -72.66 -14.52
N ASP LA 170 20.39 -73.75 -13.75
CA ASP LA 170 21.03 -73.77 -12.41
C ASP LA 170 22.49 -74.22 -12.52
N LYS LA 171 23.01 -74.41 -13.75
CA LYS LA 171 24.42 -74.75 -14.10
C LYS LA 171 24.69 -76.27 -13.93
N LEU LA 172 23.67 -77.07 -13.61
CA LEU LA 172 23.81 -78.51 -13.23
C LEU LA 172 23.43 -79.39 -14.42
N VAL LA 173 24.25 -80.40 -14.72
CA VAL LA 173 23.92 -81.55 -15.63
C VAL LA 173 23.68 -82.77 -14.74
N LYS LA 174 22.42 -83.19 -14.60
CA LYS LA 174 21.96 -84.23 -13.64
C LYS LA 174 21.52 -85.47 -14.42
N VAL LA 175 21.85 -86.66 -13.91
CA VAL LA 175 21.56 -87.99 -14.54
C VAL LA 175 20.63 -88.79 -13.61
N TRP LA 176 19.44 -89.15 -14.10
CA TRP LA 176 18.44 -90.00 -13.39
C TRP LA 176 18.42 -91.40 -14.00
N ASN LA 177 17.91 -92.37 -13.24
CA ASN LA 177 17.62 -93.76 -13.69
C ASN LA 177 16.10 -93.92 -13.82
N LEU LA 178 15.61 -94.46 -14.93
CA LEU LA 178 14.17 -94.80 -15.12
C LEU LA 178 13.82 -96.00 -14.24
N ALA LA 179 12.62 -95.99 -13.63
CA ALA LA 179 12.06 -97.02 -12.72
C ALA LA 179 12.65 -96.92 -11.31
N ASN LA 180 13.71 -96.13 -11.10
CA ASN LA 180 14.40 -95.92 -9.80
C ASN LA 180 14.28 -94.45 -9.41
N CYS LA 181 14.71 -93.53 -10.29
CA CYS LA 181 14.58 -92.05 -10.20
C CYS LA 181 15.40 -91.52 -9.01
N LYS LA 182 16.68 -91.92 -8.95
CA LYS LA 182 17.71 -91.41 -8.01
C LYS LA 182 18.96 -91.00 -8.81
N LEU LA 183 19.78 -90.10 -8.25
CA LEU LA 183 20.95 -89.50 -8.94
C LEU LA 183 22.16 -90.46 -8.84
N LYS LA 184 22.94 -90.54 -9.92
CA LYS LA 184 24.28 -91.20 -9.95
C LYS LA 184 25.37 -90.12 -10.02
N THR LA 185 25.22 -89.15 -10.92
CA THR LA 185 26.16 -88.00 -11.11
C THR LA 185 25.37 -86.69 -11.17
N ASN LA 186 25.88 -85.66 -10.49
CA ASN LA 186 25.53 -84.23 -10.68
C ASN LA 186 26.83 -83.50 -11.08
N HIS LA 187 26.98 -83.15 -12.35
CA HIS LA 187 28.23 -82.56 -12.79
C HIS LA 187 28.27 -81.06 -12.61
N ILE LA 188 29.39 -80.52 -12.14
CA ILE LA 188 29.49 -79.08 -11.90
C ILE LA 188 30.43 -78.19 -12.71
N GLY LA 189 30.91 -78.63 -13.86
CA GLY LA 189 31.85 -77.81 -14.60
C GLY LA 189 31.57 -76.44 -15.17
N HIS LA 190 30.40 -76.20 -15.75
CA HIS LA 190 30.12 -74.96 -16.46
C HIS LA 190 29.96 -73.74 -15.67
N THR LA 191 29.99 -72.62 -16.37
CA THR LA 191 29.76 -71.34 -15.76
C THR LA 191 28.80 -70.55 -16.63
N GLY LA 192 27.52 -70.89 -16.66
CA GLY LA 192 26.58 -70.19 -17.50
C GLY LA 192 25.37 -71.06 -17.74
N TYR LA 193 24.21 -70.52 -18.09
CA TYR LA 193 23.04 -71.44 -18.23
C TYR LA 193 23.23 -72.35 -19.46
N LEU LA 194 22.70 -73.57 -19.40
CA LEU LA 194 22.84 -74.63 -20.44
C LEU LA 194 21.59 -74.66 -21.32
N ASN LA 195 21.77 -74.93 -22.61
CA ASN LA 195 20.69 -75.01 -23.64
C ASN LA 195 20.46 -76.46 -24.06
N THR LA 196 21.53 -77.24 -24.27
CA THR LA 196 21.50 -78.58 -24.94
C THR LA 196 22.37 -79.58 -24.16
N VAL LA 197 21.91 -80.83 -24.10
CA VAL LA 197 22.71 -82.03 -23.71
C VAL LA 197 22.39 -83.15 -24.71
N THR LA 198 23.42 -83.73 -25.34
CA THR LA 198 23.31 -84.82 -26.34
C THR LA 198 24.13 -86.03 -25.88
N VAL LA 199 23.62 -87.24 -26.14
CA VAL LA 199 24.29 -88.54 -25.86
C VAL LA 199 24.87 -89.07 -27.19
N SER LA 200 25.94 -89.87 -27.11
CA SER LA 200 26.65 -90.47 -28.28
C SER LA 200 25.75 -91.51 -28.96
N PRO LA 201 25.97 -91.83 -30.26
CA PRO LA 201 25.20 -92.87 -30.94
C PRO LA 201 25.40 -94.27 -30.32
N ASP LA 202 26.61 -94.54 -29.82
CA ASP LA 202 26.96 -95.77 -29.07
C ASP LA 202 26.31 -95.72 -27.69
N GLY LA 203 26.31 -94.55 -27.05
CA GLY LA 203 25.66 -94.27 -25.75
C GLY LA 203 26.65 -94.28 -24.59
N SER LA 204 27.86 -93.76 -24.80
CA SER LA 204 29.00 -93.79 -23.84
C SER LA 204 29.43 -92.37 -23.43
N LEU LA 205 29.28 -91.36 -24.30
CA LEU LA 205 29.70 -89.95 -24.06
C LEU LA 205 28.47 -89.05 -23.90
N CYS LA 206 28.56 -88.06 -23.00
CA CYS LA 206 27.56 -86.96 -22.81
C CYS LA 206 28.24 -85.61 -23.11
N ALA LA 207 27.64 -84.80 -23.98
CA ALA LA 207 28.11 -83.45 -24.38
C ALA LA 207 27.10 -82.39 -23.95
N SER LA 208 27.53 -81.44 -23.11
CA SER LA 208 26.70 -80.33 -22.54
C SER LA 208 27.27 -78.98 -23.00
N GLY LA 209 26.40 -78.07 -23.47
CA GLY LA 209 26.77 -76.72 -23.92
C GLY LA 209 25.66 -75.71 -23.65
N GLY LA 210 26.03 -74.42 -23.59
CA GLY LA 210 25.09 -73.31 -23.30
C GLY LA 210 25.71 -71.94 -23.48
N LYS LA 211 25.47 -71.02 -22.54
CA LYS LA 211 25.88 -69.58 -22.62
C LYS LA 211 27.41 -69.46 -22.52
N ASP LA 212 28.05 -70.27 -21.65
CA ASP LA 212 29.52 -70.32 -21.45
C ASP LA 212 30.23 -70.42 -22.81
N GLY LA 213 29.69 -71.21 -23.74
CA GLY LA 213 30.25 -71.40 -25.10
C GLY LA 213 31.42 -72.36 -25.11
N GLN LA 214 31.55 -73.20 -24.07
CA GLN LA 214 32.63 -74.22 -23.92
C GLN LA 214 31.96 -75.59 -23.70
N ALA LA 215 31.81 -76.38 -24.78
CA ALA LA 215 31.21 -77.72 -24.77
C ALA LA 215 32.10 -78.67 -23.95
N MET LA 216 31.53 -79.35 -22.95
CA MET LA 216 32.27 -80.24 -22.01
C MET LA 216 31.77 -81.68 -22.17
N LEU LA 217 32.71 -82.63 -22.31
CA LEU LA 217 32.44 -84.07 -22.57
C LEU LA 217 32.62 -84.87 -21.28
N TRP LA 218 31.67 -85.75 -20.97
CA TRP LA 218 31.69 -86.69 -19.81
C TRP LA 218 31.69 -88.14 -20.34
N ASP LA 219 31.74 -89.11 -19.42
CA ASP LA 219 31.55 -90.56 -19.72
C ASP LA 219 30.48 -91.11 -18.77
N LEU LA 220 29.46 -91.77 -19.31
CA LEU LA 220 28.28 -92.28 -18.56
C LEU LA 220 28.67 -93.52 -17.74
N ASN LA 221 29.65 -94.30 -18.21
CA ASN LA 221 30.08 -95.59 -17.57
C ASN LA 221 30.75 -95.31 -16.22
N GLU LA 222 31.58 -94.27 -16.12
CA GLU LA 222 32.29 -93.87 -14.87
C GLU LA 222 31.54 -92.73 -14.19
N GLY LA 223 31.44 -91.58 -14.87
CA GLY LA 223 30.92 -90.31 -14.31
C GLY LA 223 32.07 -89.38 -13.94
N LYS LA 224 32.77 -88.84 -14.94
CA LYS LA 224 33.99 -88.00 -14.79
C LYS LA 224 34.15 -87.10 -16.01
N HIS LA 225 34.91 -86.00 -15.88
CA HIS LA 225 35.24 -85.04 -16.97
C HIS LA 225 36.32 -85.62 -17.87
N LEU LA 226 36.19 -85.44 -19.20
CA LEU LA 226 37.15 -85.91 -20.23
C LEU LA 226 37.83 -84.70 -20.90
N TYR LA 227 37.03 -83.81 -21.51
CA TYR LA 227 37.49 -82.67 -22.35
C TYR LA 227 36.62 -81.42 -22.12
N THR LA 228 37.19 -80.24 -22.36
CA THR LA 228 36.49 -78.93 -22.48
C THR LA 228 36.78 -78.33 -23.86
N LEU LA 229 35.89 -78.58 -24.83
CA LEU LA 229 35.99 -78.07 -26.23
C LEU LA 229 35.61 -76.59 -26.24
N ASP LA 230 36.56 -75.71 -26.59
CA ASP LA 230 36.43 -74.23 -26.50
C ASP LA 230 35.74 -73.69 -27.77
N GLY LA 231 34.42 -73.48 -27.70
CA GLY LA 231 33.61 -72.88 -28.78
C GLY LA 231 33.66 -71.36 -28.75
N GLY LA 232 32.87 -70.71 -29.62
CA GLY LA 232 32.83 -69.24 -29.77
C GLY LA 232 31.76 -68.62 -28.89
N ASP LA 233 30.64 -68.21 -29.47
CA ASP LA 233 29.47 -67.59 -28.78
C ASP LA 233 28.63 -68.69 -28.11
N ILE LA 234 27.33 -68.47 -27.91
CA ILE LA 234 26.41 -69.34 -27.13
C ILE LA 234 26.13 -70.62 -27.95
N ILE LA 235 26.20 -71.79 -27.31
CA ILE LA 235 25.91 -73.13 -27.93
C ILE LA 235 24.40 -73.36 -27.87
N ASN LA 236 23.76 -73.48 -29.03
CA ASN LA 236 22.28 -73.66 -29.18
C ASN LA 236 21.91 -75.14 -29.31
N ALA LA 237 22.83 -75.98 -29.79
CA ALA LA 237 22.60 -77.42 -30.09
C ALA LA 237 23.93 -78.17 -30.24
N LEU LA 238 24.02 -79.35 -29.63
CA LEU LA 238 25.12 -80.34 -29.84
C LEU LA 238 24.52 -81.58 -30.52
N CYS LA 239 25.31 -82.28 -31.35
CA CYS LA 239 24.92 -83.54 -32.03
C CYS LA 239 26.16 -84.32 -32.47
N PHE LA 240 26.20 -85.63 -32.17
CA PHE LA 240 27.27 -86.56 -32.56
C PHE LA 240 26.94 -87.19 -33.93
N SER LA 241 27.94 -87.29 -34.82
CA SER LA 241 27.82 -87.98 -36.14
C SER LA 241 27.71 -89.48 -35.90
N PRO LA 242 26.68 -90.18 -36.44
CA PRO LA 242 26.50 -91.60 -36.16
C PRO LA 242 27.58 -92.50 -36.80
N ASN LA 243 28.22 -92.04 -37.88
CA ASN LA 243 29.25 -92.80 -38.65
C ASN LA 243 30.63 -92.15 -38.49
N ARG LA 244 30.73 -90.84 -38.75
CA ARG LA 244 32.03 -90.10 -38.93
C ARG LA 244 32.77 -89.94 -37.60
N TYR LA 245 32.08 -90.04 -36.46
CA TYR LA 245 32.62 -89.88 -35.08
C TYR LA 245 33.15 -88.44 -34.93
N TRP LA 246 32.24 -87.47 -35.09
CA TRP LA 246 32.47 -86.01 -34.93
C TRP LA 246 31.51 -85.46 -33.88
N LEU LA 247 31.76 -84.23 -33.41
CA LEU LA 247 30.87 -83.45 -32.50
C LEU LA 247 30.64 -82.06 -33.11
N CYS LA 248 29.38 -81.70 -33.35
CA CYS LA 248 28.96 -80.48 -34.08
C CYS LA 248 28.13 -79.57 -33.16
N ALA LA 249 28.63 -78.43 -32.77
CA ALA LA 249 27.85 -77.60 -31.88
C ALA LA 249 27.31 -76.43 -32.62
N ALA LA 250 26.71 -75.53 -31.89
CA ALA LA 250 26.22 -74.35 -32.57
C ALA LA 250 26.57 -73.02 -31.91
N THR LA 251 27.42 -72.28 -32.62
CA THR LA 251 27.75 -70.92 -32.27
C THR LA 251 26.64 -70.06 -32.89
N GLY LA 252 26.51 -68.81 -32.49
CA GLY LA 252 25.36 -68.05 -32.95
C GLY LA 252 25.15 -67.86 -34.42
N PRO LA 253 26.19 -67.51 -35.13
CA PRO LA 253 26.00 -67.36 -36.54
C PRO LA 253 26.73 -68.43 -37.27
N SER LA 254 27.32 -69.41 -36.61
CA SER LA 254 28.08 -70.42 -37.34
C SER LA 254 28.09 -71.77 -36.70
N ILE LA 255 28.30 -72.82 -37.48
CA ILE LA 255 28.27 -74.16 -36.93
C ILE LA 255 29.60 -74.80 -37.00
N LYS LA 256 30.06 -75.32 -35.88
CA LYS LA 256 31.38 -75.93 -35.76
C LYS LA 256 31.40 -77.42 -35.67
N ILE LA 257 32.07 -78.01 -36.63
CA ILE LA 257 32.24 -79.49 -36.84
C ILE LA 257 33.66 -79.85 -36.37
N TRP LA 258 33.80 -80.78 -35.42
CA TRP LA 258 35.09 -81.11 -34.73
C TRP LA 258 35.33 -82.62 -34.65
N ASP LA 259 36.62 -83.00 -34.58
CA ASP LA 259 37.12 -84.39 -34.44
C ASP LA 259 37.44 -84.65 -32.96
N LEU LA 260 37.32 -85.90 -32.50
CA LEU LA 260 37.38 -86.29 -31.07
C LEU LA 260 38.66 -87.09 -30.73
N GLU LA 261 39.48 -87.48 -31.71
CA GLU LA 261 40.85 -88.05 -31.48
C GLU LA 261 41.91 -86.97 -31.74
N GLY LA 262 41.65 -86.03 -32.66
CA GLY LA 262 42.53 -84.89 -32.98
C GLY LA 262 42.30 -83.71 -32.05
N LYS LA 263 41.04 -83.39 -31.76
CA LYS LA 263 40.59 -82.21 -30.96
C LYS LA 263 41.00 -80.92 -31.70
N ILE LA 264 40.74 -80.87 -33.00
CA ILE LA 264 41.17 -79.76 -33.92
C ILE LA 264 39.93 -79.17 -34.60
N ILE LA 265 40.13 -78.08 -35.37
CA ILE LA 265 39.07 -77.42 -36.18
C ILE LA 265 38.95 -78.20 -37.49
N VAL LA 266 37.84 -78.91 -37.71
CA VAL LA 266 37.59 -79.75 -38.93
C VAL LA 266 36.92 -78.88 -40.00
N ASP LA 267 35.91 -78.09 -39.63
CA ASP LA 267 35.16 -77.20 -40.57
C ASP LA 267 34.46 -76.06 -39.79
N GLU LA 268 34.09 -75.00 -40.52
CA GLU LA 268 33.37 -73.80 -40.00
C GLU LA 268 32.30 -73.39 -41.03
N LEU LA 269 31.02 -73.43 -40.66
CA LEU LA 269 29.87 -73.20 -41.58
C LEU LA 269 29.29 -71.80 -41.37
N LYS LA 270 29.63 -70.87 -42.27
CA LYS LA 270 29.12 -69.47 -42.30
C LYS LA 270 28.66 -69.14 -43.72
N GLN LA 271 27.37 -68.82 -43.89
CA GLN LA 271 26.74 -68.49 -45.20
C GLN LA 271 26.35 -67.00 -45.20
N GLU LA 272 27.32 -66.12 -45.46
CA GLU LA 272 27.14 -64.65 -45.61
C GLU LA 272 28.13 -64.11 -46.64
N VAL LA 273 27.72 -64.09 -47.92
CA VAL LA 273 28.50 -63.52 -49.06
C VAL LA 273 28.04 -62.07 -49.28
N ILE LA 274 26.73 -61.84 -49.33
CA ILE LA 274 26.09 -60.50 -49.48
C ILE LA 274 26.32 -59.68 -48.20
N SER LA 275 26.41 -58.35 -48.34
CA SER LA 275 26.59 -57.37 -47.23
C SER LA 275 25.43 -56.36 -47.22
N THR LA 276 24.22 -56.81 -47.53
CA THR LA 276 22.97 -56.00 -47.51
C THR LA 276 22.43 -55.91 -46.07
N SER LA 277 22.51 -57.01 -45.31
CA SER LA 277 22.08 -57.12 -43.89
C SER LA 277 23.29 -57.39 -42.98
N SER LA 278 24.48 -56.90 -43.36
CA SER LA 278 25.75 -57.06 -42.61
C SER LA 278 25.82 -56.08 -41.43
N LYS LA 279 25.06 -54.98 -41.50
CA LYS LA 279 24.93 -53.98 -40.40
C LYS LA 279 24.23 -54.63 -39.18
N ALA LA 280 23.17 -55.41 -39.44
CA ALA LA 280 22.40 -56.17 -38.42
C ALA LA 280 23.23 -57.35 -37.90
N GLU LA 281 22.78 -57.95 -36.79
CA GLU LA 281 23.36 -59.19 -36.22
C GLU LA 281 23.08 -60.35 -37.18
N PRO LA 282 23.98 -61.36 -37.28
CA PRO LA 282 23.78 -62.47 -38.21
C PRO LA 282 22.67 -63.42 -37.77
N PRO LA 283 22.07 -64.22 -38.69
CA PRO LA 283 20.95 -65.08 -38.33
C PRO LA 283 21.42 -66.32 -37.55
N GLN LA 284 20.89 -66.53 -36.36
CA GLN LA 284 21.39 -67.53 -35.38
C GLN LA 284 20.98 -68.95 -35.83
N CYS LA 285 21.87 -69.92 -35.64
CA CYS LA 285 21.64 -71.37 -35.90
C CYS LA 285 21.18 -72.04 -34.60
N THR LA 286 19.95 -72.56 -34.57
CA THR LA 286 19.26 -73.07 -33.36
C THR LA 286 19.34 -74.59 -33.30
N SER LA 287 18.89 -75.28 -34.36
CA SER LA 287 18.73 -76.77 -34.44
C SER LA 287 19.84 -77.39 -35.27
N LEU LA 288 20.29 -78.59 -34.90
CA LEU LA 288 21.22 -79.46 -35.67
C LEU LA 288 20.68 -80.89 -35.67
N ALA LA 289 20.50 -81.49 -36.85
CA ALA LA 289 20.02 -82.88 -37.05
C ALA LA 289 20.88 -83.56 -38.13
N TRP LA 290 21.04 -84.89 -38.01
CA TRP LA 290 21.80 -85.75 -38.95
C TRP LA 290 20.84 -86.50 -39.89
N SER LA 291 21.31 -86.87 -41.08
CA SER LA 291 20.58 -87.71 -42.06
C SER LA 291 20.62 -89.18 -41.63
N ALA LA 292 19.84 -90.03 -42.30
CA ALA LA 292 19.69 -91.48 -42.02
C ALA LA 292 21.05 -92.18 -42.10
N ASP LA 293 21.82 -91.91 -43.16
CA ASP LA 293 23.10 -92.60 -43.48
C ASP LA 293 24.30 -91.89 -42.80
N GLY LA 294 24.09 -90.73 -42.18
CA GLY LA 294 25.13 -89.96 -41.48
C GLY LA 294 26.14 -89.34 -42.43
N GLN LA 295 25.70 -89.00 -43.65
CA GLN LA 295 26.53 -88.38 -44.72
C GLN LA 295 26.25 -86.87 -44.82
N THR LA 296 25.10 -86.41 -44.31
CA THR LA 296 24.56 -85.03 -44.47
C THR LA 296 24.14 -84.47 -43.10
N LEU LA 297 24.19 -83.14 -42.96
CA LEU LA 297 23.77 -82.39 -41.74
C LEU LA 297 22.65 -81.41 -42.08
N PHE LA 298 21.65 -81.31 -41.20
CA PHE LA 298 20.48 -80.39 -41.30
C PHE LA 298 20.60 -79.31 -40.21
N ALA LA 299 20.72 -78.05 -40.61
CA ALA LA 299 20.91 -76.87 -39.72
C ALA LA 299 19.68 -75.96 -39.80
N GLY LA 300 19.01 -75.73 -38.65
CA GLY LA 300 17.84 -74.83 -38.52
C GLY LA 300 18.26 -73.46 -37.99
N TYR LA 301 17.93 -72.40 -38.73
CA TYR LA 301 18.32 -71.00 -38.45
C TYR LA 301 17.10 -70.17 -38.03
N THR LA 302 17.33 -68.98 -37.47
CA THR LA 302 16.30 -68.05 -36.93
C THR LA 302 15.71 -67.16 -38.04
N ASP LA 303 16.25 -67.21 -39.26
CA ASP LA 303 15.73 -66.47 -40.44
C ASP LA 303 14.72 -67.33 -41.22
N ASN LA 304 14.14 -68.36 -40.59
CA ASN LA 304 13.01 -69.19 -41.09
C ASN LA 304 13.48 -70.13 -42.21
N LEU LA 305 14.78 -70.44 -42.27
CA LEU LA 305 15.41 -71.27 -43.34
C LEU LA 305 16.09 -72.49 -42.72
N VAL LA 306 15.88 -73.67 -43.31
CA VAL LA 306 16.60 -74.94 -43.00
C VAL LA 306 17.62 -75.19 -44.12
N ARG LA 307 18.91 -75.26 -43.77
CA ARG LA 307 20.04 -75.47 -44.71
C ARG LA 307 20.54 -76.92 -44.58
N VAL LA 308 20.98 -77.51 -45.71
CA VAL LA 308 21.58 -78.87 -45.77
C VAL LA 308 23.08 -78.73 -46.07
N TRP LA 309 23.93 -79.47 -45.35
CA TRP LA 309 25.41 -79.43 -45.45
C TRP LA 309 25.93 -80.81 -45.86
N GLN LA 310 26.17 -81.01 -47.17
CA GLN LA 310 26.62 -82.30 -47.76
C GLN LA 310 28.14 -82.41 -47.62
N VAL LA 311 28.63 -83.58 -47.17
CA VAL LA 311 30.08 -83.88 -46.97
C VAL LA 311 30.67 -84.28 -48.34
N THR LA 312 31.40 -83.37 -48.97
CA THR LA 312 32.00 -83.53 -50.33
C THR LA 312 33.35 -84.26 -50.21
N ILE LA 313 33.34 -85.59 -50.44
CA ILE LA 313 34.54 -86.47 -50.36
C ILE LA 313 35.31 -86.42 -51.69
N GLY LA 314 36.60 -86.72 -51.66
CA GLY LA 314 37.51 -86.76 -52.83
C GLY LA 314 38.33 -88.03 -52.86
PG GNP MA . -49.76 63.67 29.22
O1G GNP MA . -50.29 62.67 28.23
O2G GNP MA . -50.07 63.18 30.62
O3G GNP MA . -48.26 63.75 29.08
N3B GNP MA . -50.45 65.12 28.97
PB GNP MA . -51.69 65.78 29.83
O1B GNP MA . -53.02 65.24 29.41
O2B GNP MA . -51.37 65.82 31.29
O3A GNP MA . -51.68 67.31 29.36
PA GNP MA . -50.64 68.48 29.77
O1A GNP MA . -49.29 68.01 29.33
O2A GNP MA . -50.87 68.78 31.21
O5' GNP MA . -51.12 69.72 28.87
C5' GNP MA . -50.15 70.56 28.17
C4' GNP MA . -50.27 72.00 28.63
O4' GNP MA . -51.66 72.39 28.68
C3' GNP MA . -49.72 72.32 30.02
O3' GNP MA . -49.11 73.60 30.05
C2' GNP MA . -50.97 72.26 30.90
O2' GNP MA . -50.85 73.00 32.10
C1' GNP MA . -51.99 72.87 29.96
N9 GNP MA . -53.38 72.51 30.23
C8 GNP MA . -53.89 71.26 30.06
N7 GNP MA . -55.17 71.18 30.32
C5 GNP MA . -55.52 72.47 30.69
C6 GNP MA . -56.78 72.98 31.07
O6 GNP MA . -57.87 72.38 31.12
N1 GNP MA . -56.72 74.35 31.33
C2 GNP MA . -55.59 75.13 31.26
N2 GNP MA . -55.76 76.42 31.57
N3 GNP MA . -54.38 74.65 30.92
C4 GNP MA . -54.43 73.32 30.63
P 5GP NA . -16.75 3.10 -20.70
O1P 5GP NA . -17.83 3.65 -21.61
O3P 5GP NA . -16.41 4.03 -19.54
O5' 5GP NA . -17.36 1.75 -20.03
C5' 5GP NA . -18.27 1.88 -18.91
C4' 5GP NA . -19.37 0.84 -19.01
O4' 5GP NA . -19.67 0.55 -20.39
C3' 5GP NA . -19.06 -0.54 -18.41
O3' 5GP NA . -19.24 -0.56 -17.00
C2' 5GP NA . -20.08 -1.41 -19.14
O2' 5GP NA . -21.37 -1.32 -18.59
C1' 5GP NA . -20.04 -0.80 -20.55
N9 5GP NA . -19.10 -1.47 -21.45
C8 5GP NA . -17.96 -0.94 -22.01
N7 5GP NA . -17.33 -1.79 -22.79
C5 5GP NA . -18.10 -2.94 -22.72
C6 5GP NA . -17.90 -4.20 -23.36
O6 5GP NA . -16.98 -4.54 -24.12
N1 5GP NA . -18.92 -5.09 -23.03
C2 5GP NA . -19.98 -4.83 -22.20
N2 5GP NA . -20.86 -5.82 -22.01
N3 5GP NA . -20.16 -3.65 -21.60
C4 5GP NA . -19.19 -2.76 -21.91
ZN ZN OA . 11.45 3.89 -39.68
ZN ZN PA . -36.18 -40.56 -3.50
ZN ZN QA . -81.04 -49.07 15.75
#